data_1P7G
#
_entry.id   1P7G
#
_cell.length_a   163.429
_cell.length_b   163.429
_cell.length_c   172.169
_cell.angle_alpha   90.00
_cell.angle_beta   90.00
_cell.angle_gamma   120.00
#
_symmetry.space_group_name_H-M   'P 32'
#
loop_
_entity.id
_entity.type
_entity.pdbx_description
1 polymer 'Superoxide dismutase'
2 non-polymer 'ACETATE ION'
3 non-polymer BETA-MERCAPTOETHANOL
4 water water
#
_entity_poly.entity_id   1
_entity_poly.type   'polypeptide(L)'
_entity_poly.pdbx_seq_one_letter_code
;MRGSHHHHHHGSVTTKRYTLPPLPYAYNALEPYISAEI(MSE)QLHHQKHHQGYVNGANAALEKLEKFRKGEAQIDIRAV
LRDLSFHLNGHILHSIFWPN(MSE)APPGKGGGKPGGKIADLINKFFGSFEKFKEEFSQAAKNVEGVGWAILVYEPLEEQ
LLILQIEKHNL(MSE)HAADAQVLLALDVWEHAYYLQYKNDRGSYVDNWWNVVNWDDVERRLQKALNGQIALKL
;
_entity_poly.pdbx_strand_id   A,B,C,D,E,F,G,H,I,J,K,L,M,N,O,P,Q,R,S,T,U,V,W,X
#
loop_
_chem_comp.id
_chem_comp.type
_chem_comp.name
_chem_comp.formula
ACT non-polymer 'ACETATE ION' 'C2 H3 O2 -1'
BME non-polymer BETA-MERCAPTOETHANOL 'C2 H6 O S'
#
# COMPACT_ATOMS: atom_id res chain seq x y z
N SER A 12 -118.55 -49.01 13.16
CA SER A 12 -119.43 -48.40 12.13
C SER A 12 -119.13 -46.90 11.99
N VAL A 13 -119.29 -46.16 13.09
CA VAL A 13 -119.02 -44.72 13.11
C VAL A 13 -117.66 -44.49 13.76
N THR A 14 -116.80 -43.71 13.13
CA THR A 14 -115.49 -43.45 13.69
C THR A 14 -115.04 -42.00 13.49
N THR A 15 -114.41 -41.43 14.53
CA THR A 15 -113.88 -40.08 14.44
C THR A 15 -112.43 -40.10 14.91
N LYS A 16 -111.59 -39.35 14.21
CA LYS A 16 -110.19 -39.24 14.54
C LYS A 16 -110.00 -38.12 15.56
N ARG A 17 -109.34 -38.44 16.66
CA ARG A 17 -109.12 -37.45 17.69
C ARG A 17 -107.78 -36.72 17.53
N TYR A 18 -107.67 -35.58 18.20
CA TYR A 18 -106.47 -34.75 18.15
C TYR A 18 -105.68 -34.86 19.44
N THR A 19 -104.39 -34.53 19.37
CA THR A 19 -103.51 -34.58 20.53
C THR A 19 -102.59 -33.37 20.47
N LEU A 20 -102.08 -32.94 21.64
CA LEU A 20 -101.18 -31.81 21.70
C LEU A 20 -99.80 -32.16 21.19
N PRO A 21 -99.31 -31.43 20.16
CA PRO A 21 -97.98 -31.72 19.63
C PRO A 21 -96.91 -31.19 20.58
N PRO A 22 -95.82 -31.95 20.79
CA PRO A 22 -94.78 -31.44 21.69
C PRO A 22 -94.13 -30.25 21.00
N LEU A 23 -93.58 -29.32 21.77
CA LEU A 23 -92.92 -28.16 21.16
C LEU A 23 -91.66 -28.67 20.46
N PRO A 24 -91.17 -27.94 19.43
CA PRO A 24 -89.97 -28.37 18.73
C PRO A 24 -88.70 -28.01 19.49
N TYR A 25 -88.86 -27.27 20.58
CA TYR A 25 -87.74 -26.79 21.37
C TYR A 25 -88.14 -26.59 22.83
N ALA A 26 -87.20 -26.12 23.65
CA ALA A 26 -87.46 -25.89 25.06
C ALA A 26 -88.33 -24.64 25.21
N TYR A 27 -89.16 -24.61 26.24
CA TYR A 27 -90.04 -23.45 26.48
C TYR A 27 -89.30 -22.11 26.57
N ASN A 28 -88.03 -22.14 26.94
CA ASN A 28 -87.26 -20.90 27.06
C ASN A 28 -86.37 -20.65 25.85
N ALA A 29 -86.47 -21.52 24.86
CA ALA A 29 -85.65 -21.45 23.65
C ALA A 29 -85.85 -20.22 22.78
N LEU A 30 -86.98 -19.54 22.90
CA LEU A 30 -87.23 -18.35 22.07
C LEU A 30 -86.91 -17.04 22.78
N GLU A 31 -86.51 -17.12 24.04
CA GLU A 31 -86.16 -15.92 24.80
C GLU A 31 -85.09 -15.18 24.00
N PRO A 32 -85.00 -13.85 24.15
CA PRO A 32 -85.83 -12.99 25.00
C PRO A 32 -87.06 -12.47 24.26
N TYR A 33 -87.31 -12.99 23.06
CA TYR A 33 -88.44 -12.55 22.25
C TYR A 33 -89.78 -12.97 22.83
N ILE A 34 -89.88 -14.21 23.29
CA ILE A 34 -91.10 -14.70 23.90
C ILE A 34 -90.69 -15.42 25.17
N SER A 35 -91.23 -14.97 26.30
CA SER A 35 -90.89 -15.52 27.60
C SER A 35 -91.18 -17.00 27.72
N ALA A 36 -90.45 -17.65 28.62
CA ALA A 36 -90.61 -19.07 28.87
C ALA A 36 -91.95 -19.30 29.55
N GLU A 37 -92.41 -18.35 30.35
CA GLU A 37 -93.69 -18.52 31.03
C GLU A 37 -94.85 -18.49 30.05
N ILE A 38 -94.77 -17.60 29.05
CA ILE A 38 -95.82 -17.53 28.05
C ILE A 38 -95.83 -18.85 27.28
N MSE A 39 -94.65 -19.26 26.82
CA MSE A 39 -94.51 -20.50 26.07
C MSE A 39 -95.16 -21.68 26.75
O MSE A 39 -95.81 -22.50 26.11
CB MSE A 39 -93.04 -20.82 25.80
CG MSE A 39 -92.35 -19.83 24.88
SE MSE A 39 -93.22 -19.62 23.15
CE MSE A 39 -93.38 -21.47 22.60
N GLN A 40 -94.99 -21.78 28.06
CA GLN A 40 -95.58 -22.90 28.80
C GLN A 40 -97.09 -22.76 28.89
N LEU A 41 -97.57 -21.60 29.32
CA LEU A 41 -99.00 -21.35 29.43
C LEU A 41 -99.66 -21.51 28.07
N HIS A 42 -99.09 -20.88 27.06
CA HIS A 42 -99.62 -20.94 25.70
C HIS A 42 -99.73 -22.39 25.22
N HIS A 43 -98.64 -23.13 25.33
CA HIS A 43 -98.62 -24.52 24.88
C HIS A 43 -99.41 -25.46 25.81
N GLN A 44 -99.03 -25.48 27.09
CA GLN A 44 -99.66 -26.36 28.05
C GLN A 44 -101.10 -26.08 28.45
N LYS A 45 -101.52 -24.82 28.41
CA LYS A 45 -102.87 -24.44 28.79
C LYS A 45 -103.79 -24.11 27.61
N HIS A 46 -103.42 -23.09 26.84
CA HIS A 46 -104.24 -22.68 25.71
C HIS A 46 -104.32 -23.69 24.58
N HIS A 47 -103.18 -24.05 23.99
CA HIS A 47 -103.23 -24.99 22.90
C HIS A 47 -103.92 -26.28 23.39
N GLN A 48 -103.52 -26.75 24.57
CA GLN A 48 -104.10 -27.96 25.13
C GLN A 48 -105.63 -27.86 25.21
N GLY A 49 -106.13 -26.67 25.52
CA GLY A 49 -107.57 -26.47 25.62
C GLY A 49 -108.30 -26.62 24.29
N TYR A 50 -107.63 -26.24 23.21
CA TYR A 50 -108.25 -26.34 21.88
C TYR A 50 -108.31 -27.80 21.45
N VAL A 51 -107.28 -28.55 21.80
CA VAL A 51 -107.27 -29.97 21.47
C VAL A 51 -108.50 -30.64 22.18
N ASN A 52 -108.68 -30.36 23.46
CA ASN A 52 -109.79 -30.91 24.23
C ASN A 52 -111.13 -30.46 23.66
N GLY A 53 -111.22 -29.18 23.34
CA GLY A 53 -112.45 -28.65 22.79
C GLY A 53 -112.79 -29.32 21.48
N ALA A 54 -111.78 -29.58 20.65
CA ALA A 54 -112.02 -30.23 19.37
C ALA A 54 -112.57 -31.64 19.59
N ASN A 55 -111.93 -32.38 20.49
CA ASN A 55 -112.38 -33.74 20.78
C ASN A 55 -113.76 -33.72 21.43
N ALA A 56 -113.99 -32.76 22.32
CA ALA A 56 -115.28 -32.67 22.99
C ALA A 56 -116.39 -32.54 21.95
N ALA A 57 -116.19 -31.66 20.97
CA ALA A 57 -117.20 -31.48 19.93
C ALA A 57 -117.33 -32.73 19.07
N LEU A 58 -116.19 -33.34 18.75
CA LEU A 58 -116.19 -34.55 17.92
C LEU A 58 -116.93 -35.69 18.59
N GLU A 59 -116.82 -35.78 19.91
CA GLU A 59 -117.49 -36.84 20.64
C GLU A 59 -119.01 -36.63 20.61
N LYS A 60 -119.45 -35.37 20.59
CA LYS A 60 -120.88 -35.07 20.54
C LYS A 60 -121.43 -35.49 19.18
N LEU A 61 -120.61 -35.27 18.15
CA LEU A 61 -120.95 -35.61 16.78
C LEU A 61 -121.02 -37.12 16.58
N GLU A 62 -120.12 -37.83 17.26
CA GLU A 62 -120.07 -39.28 17.16
C GLU A 62 -121.29 -39.88 17.86
N LYS A 63 -121.66 -39.28 19.00
CA LYS A 63 -122.82 -39.73 19.76
C LYS A 63 -124.07 -39.52 18.93
N PHE A 64 -124.05 -38.46 18.12
CA PHE A 64 -125.17 -38.14 17.23
C PHE A 64 -125.20 -39.11 16.05
N ARG A 65 -124.03 -39.33 15.46
CA ARG A 65 -123.89 -40.22 14.32
C ARG A 65 -124.24 -41.66 14.69
N LYS A 66 -123.92 -42.06 15.92
CA LYS A 66 -124.23 -43.40 16.39
C LYS A 66 -125.71 -43.53 16.75
N GLY A 67 -126.45 -42.43 16.65
CA GLY A 67 -127.87 -42.44 16.95
C GLY A 67 -128.12 -42.51 18.43
N GLU A 68 -127.06 -42.26 19.21
CA GLU A 68 -127.15 -42.30 20.66
C GLU A 68 -127.69 -41.01 21.28
N ALA A 69 -127.86 -39.97 20.48
CA ALA A 69 -128.35 -38.70 20.97
C ALA A 69 -128.63 -37.73 19.83
N GLN A 70 -129.44 -36.71 20.09
CA GLN A 70 -129.73 -35.69 19.08
C GLN A 70 -128.62 -34.66 19.17
N ILE A 71 -128.72 -33.58 18.40
CA ILE A 71 -127.65 -32.57 18.45
C ILE A 71 -128.03 -31.17 17.98
N ASP A 72 -127.42 -30.17 18.61
CA ASP A 72 -127.63 -28.79 18.20
C ASP A 72 -126.46 -28.62 17.24
N ILE A 73 -126.68 -28.98 15.99
CA ILE A 73 -125.63 -28.93 14.99
C ILE A 73 -124.95 -27.56 14.80
N ARG A 74 -125.70 -26.48 14.90
CA ARG A 74 -125.08 -25.16 14.73
C ARG A 74 -124.09 -24.88 15.86
N ALA A 75 -124.50 -25.15 17.09
CA ALA A 75 -123.66 -24.91 18.25
C ALA A 75 -122.39 -25.76 18.23
N VAL A 76 -122.56 -27.06 18.05
CA VAL A 76 -121.43 -27.98 18.02
C VAL A 76 -120.49 -27.77 16.84
N LEU A 77 -121.01 -27.38 15.68
CA LEU A 77 -120.15 -27.15 14.55
C LEU A 77 -119.41 -25.81 14.70
N ARG A 78 -119.98 -24.90 15.51
CA ARG A 78 -119.31 -23.64 15.76
C ARG A 78 -118.17 -23.97 16.71
N ASP A 79 -118.46 -24.82 17.71
CA ASP A 79 -117.45 -25.24 18.66
C ASP A 79 -116.31 -25.93 17.93
N LEU A 80 -116.67 -26.85 17.02
CA LEU A 80 -115.67 -27.58 16.24
C LEU A 80 -114.73 -26.63 15.49
N SER A 81 -115.32 -25.78 14.66
CA SER A 81 -114.52 -24.84 13.89
C SER A 81 -113.57 -24.02 14.75
N PHE A 82 -114.07 -23.45 15.84
CA PHE A 82 -113.22 -22.64 16.70
C PHE A 82 -112.01 -23.44 17.23
N HIS A 83 -112.30 -24.55 17.91
CA HIS A 83 -111.26 -25.38 18.50
C HIS A 83 -110.34 -26.06 17.48
N LEU A 84 -110.92 -26.61 16.42
CA LEU A 84 -110.11 -27.28 15.40
C LEU A 84 -109.09 -26.32 14.80
N ASN A 85 -109.50 -25.07 14.58
CA ASN A 85 -108.60 -24.06 14.02
C ASN A 85 -107.57 -23.60 15.02
N GLY A 86 -107.96 -23.49 16.28
CA GLY A 86 -106.99 -23.07 17.28
C GLY A 86 -105.85 -24.07 17.23
N HIS A 87 -106.22 -25.35 17.18
CA HIS A 87 -105.25 -26.43 17.14
C HIS A 87 -104.42 -26.44 15.86
N ILE A 88 -105.08 -26.38 14.71
CA ILE A 88 -104.36 -26.36 13.44
C ILE A 88 -103.37 -25.20 13.42
N LEU A 89 -103.83 -24.01 13.78
CA LEU A 89 -102.96 -22.84 13.75
C LEU A 89 -101.83 -22.87 14.79
N HIS A 90 -102.09 -23.41 15.97
CA HIS A 90 -101.01 -23.49 16.94
C HIS A 90 -99.97 -24.54 16.53
N SER A 91 -100.42 -25.58 15.83
CA SER A 91 -99.52 -26.63 15.39
C SER A 91 -98.55 -26.03 14.36
N ILE A 92 -99.05 -25.10 13.56
CA ILE A 92 -98.23 -24.42 12.55
C ILE A 92 -97.32 -23.38 13.19
N PHE A 93 -97.85 -22.69 14.20
CA PHE A 93 -97.16 -21.62 14.92
C PHE A 93 -95.84 -22.07 15.56
N TRP A 94 -95.87 -23.16 16.32
CA TRP A 94 -94.67 -23.63 17.00
C TRP A 94 -93.49 -23.90 16.04
N PRO A 95 -93.62 -24.85 15.10
CA PRO A 95 -92.52 -25.14 14.17
C PRO A 95 -92.21 -23.95 13.26
N ASN A 96 -93.17 -23.01 13.20
CA ASN A 96 -93.08 -21.79 12.42
C ASN A 96 -92.01 -20.90 13.05
N MSE A 97 -91.55 -21.29 14.23
CA MSE A 97 -90.53 -20.54 14.96
C MSE A 97 -89.39 -21.46 15.36
O MSE A 97 -89.49 -22.67 15.25
CB MSE A 97 -91.12 -19.92 16.23
CG MSE A 97 -92.35 -19.08 15.98
SE MSE A 97 -93.02 -18.26 17.59
CE MSE A 97 -93.85 -19.84 18.38
N ALA A 98 -88.31 -20.85 15.83
CA ALA A 98 -87.13 -21.60 16.26
C ALA A 98 -86.18 -20.64 16.98
N PRO A 99 -85.19 -21.18 17.71
CA PRO A 99 -84.25 -20.31 18.43
C PRO A 99 -83.53 -19.39 17.45
N PRO A 100 -83.19 -18.16 17.89
CA PRO A 100 -82.49 -17.25 16.97
C PRO A 100 -81.26 -17.96 16.42
N GLY A 101 -81.14 -17.93 15.10
CA GLY A 101 -80.05 -18.62 14.44
C GLY A 101 -80.76 -19.44 13.39
N LYS A 102 -81.52 -20.45 13.83
CA LYS A 102 -82.29 -21.26 12.90
C LYS A 102 -83.46 -20.36 12.51
N GLY A 103 -83.90 -19.55 13.47
CA GLY A 103 -84.99 -18.63 13.23
C GLY A 103 -84.48 -17.21 13.11
N GLY A 104 -85.31 -16.34 12.53
CA GLY A 104 -84.95 -14.95 12.35
C GLY A 104 -84.26 -14.66 11.05
N GLY A 105 -83.94 -13.39 10.82
CA GLY A 105 -83.25 -12.98 9.61
C GLY A 105 -84.14 -12.87 8.40
N LYS A 106 -83.51 -12.85 7.24
CA LYS A 106 -84.23 -12.75 5.98
C LYS A 106 -84.44 -14.14 5.40
N PRO A 107 -85.48 -14.30 4.56
CA PRO A 107 -85.73 -15.62 3.95
C PRO A 107 -84.96 -15.83 2.63
N GLY A 108 -84.55 -17.07 2.41
CA GLY A 108 -83.87 -17.39 1.17
C GLY A 108 -84.71 -18.42 0.45
N GLY A 109 -84.30 -18.80 -0.75
CA GLY A 109 -85.02 -19.82 -1.50
C GLY A 109 -86.29 -19.38 -2.20
N LYS A 110 -87.19 -20.34 -2.41
CA LYS A 110 -88.45 -20.07 -3.07
C LYS A 110 -89.25 -19.04 -2.29
N ILE A 111 -89.32 -19.18 -0.97
CA ILE A 111 -90.08 -18.23 -0.18
C ILE A 111 -89.55 -16.80 -0.40
N ALA A 112 -88.24 -16.66 -0.55
CA ALA A 112 -87.67 -15.33 -0.78
C ALA A 112 -88.05 -14.85 -2.19
N ASP A 113 -88.03 -15.75 -3.16
CA ASP A 113 -88.39 -15.42 -4.55
C ASP A 113 -89.82 -14.91 -4.63
N LEU A 114 -90.74 -15.77 -4.22
CA LEU A 114 -92.17 -15.46 -4.24
C LEU A 114 -92.55 -14.21 -3.45
N ILE A 115 -91.82 -13.92 -2.38
CA ILE A 115 -92.10 -12.74 -1.57
C ILE A 115 -91.81 -11.50 -2.41
N ASN A 116 -90.65 -11.46 -3.04
CA ASN A 116 -90.30 -10.31 -3.88
C ASN A 116 -91.27 -10.22 -5.04
N LYS A 117 -91.65 -11.36 -5.58
CA LYS A 117 -92.58 -11.40 -6.72
C LYS A 117 -93.95 -10.79 -6.42
N PHE A 118 -94.51 -11.16 -5.26
CA PHE A 118 -95.84 -10.67 -4.92
C PHE A 118 -95.88 -9.41 -4.07
N PHE A 119 -94.83 -9.14 -3.31
CA PHE A 119 -94.79 -7.96 -2.45
C PHE A 119 -93.77 -6.92 -2.91
N GLY A 120 -92.87 -7.34 -3.80
CA GLY A 120 -91.86 -6.44 -4.32
C GLY A 120 -90.58 -6.48 -3.52
N SER A 121 -90.67 -6.82 -2.25
CA SER A 121 -89.49 -6.90 -1.38
C SER A 121 -89.88 -7.50 -0.06
N PHE A 122 -88.88 -7.99 0.66
CA PHE A 122 -89.08 -8.58 1.97
C PHE A 122 -89.66 -7.53 2.91
N GLU A 123 -89.07 -6.35 2.89
CA GLU A 123 -89.49 -5.23 3.74
C GLU A 123 -90.97 -4.90 3.54
N LYS A 124 -91.40 -4.83 2.29
CA LYS A 124 -92.80 -4.55 1.99
C LYS A 124 -93.69 -5.71 2.47
N PHE A 125 -93.18 -6.94 2.38
CA PHE A 125 -93.94 -8.10 2.84
C PHE A 125 -94.10 -8.01 4.35
N LYS A 126 -93.02 -7.61 5.02
CA LYS A 126 -93.04 -7.47 6.48
C LYS A 126 -94.01 -6.38 6.87
N GLU A 127 -94.07 -5.31 6.08
CA GLU A 127 -94.98 -4.22 6.38
C GLU A 127 -96.42 -4.71 6.34
N GLU A 128 -96.79 -5.35 5.23
CA GLU A 128 -98.14 -5.84 5.08
C GLU A 128 -98.49 -6.84 6.21
N PHE A 129 -97.63 -7.84 6.41
CA PHE A 129 -97.89 -8.84 7.44
C PHE A 129 -97.95 -8.25 8.85
N SER A 130 -96.94 -7.47 9.22
CA SER A 130 -96.90 -6.86 10.55
C SER A 130 -98.08 -5.92 10.78
N GLN A 131 -98.45 -5.15 9.75
CA GLN A 131 -99.57 -4.25 9.91
C GLN A 131 -100.88 -5.02 10.08
N ALA A 132 -101.03 -6.11 9.34
CA ALA A 132 -102.21 -6.93 9.45
C ALA A 132 -102.29 -7.47 10.88
N ALA A 133 -101.16 -7.93 11.44
CA ALA A 133 -101.13 -8.49 12.81
C ALA A 133 -101.44 -7.46 13.89
N LYS A 134 -100.86 -6.27 13.73
CA LYS A 134 -101.05 -5.20 14.68
C LYS A 134 -102.47 -4.66 14.64
N ASN A 135 -103.14 -4.85 13.52
CA ASN A 135 -104.50 -4.34 13.39
C ASN A 135 -105.63 -5.36 13.37
N VAL A 136 -105.40 -6.50 14.05
CA VAL A 136 -106.43 -7.52 14.18
C VAL A 136 -107.32 -6.93 15.28
N GLU A 137 -108.63 -6.87 15.00
CA GLU A 137 -109.58 -6.35 15.98
C GLU A 137 -109.97 -7.51 16.90
N GLY A 138 -109.66 -7.38 18.18
CA GLY A 138 -109.95 -8.44 19.13
C GLY A 138 -108.81 -9.45 19.05
N VAL A 139 -109.09 -10.72 19.31
CA VAL A 139 -108.06 -11.75 19.23
C VAL A 139 -108.04 -12.37 17.82
N GLY A 140 -106.86 -12.84 17.40
CA GLY A 140 -106.75 -13.44 16.10
C GLY A 140 -105.31 -13.71 15.70
N TRP A 141 -105.09 -13.78 14.39
CA TRP A 141 -103.76 -14.06 13.84
C TRP A 141 -103.52 -13.30 12.56
N ALA A 142 -102.26 -13.25 12.16
CA ALA A 142 -101.85 -12.68 10.89
C ALA A 142 -101.22 -13.94 10.27
N ILE A 143 -101.53 -14.23 9.01
CA ILE A 143 -100.98 -15.41 8.37
C ILE A 143 -100.68 -15.16 6.89
N LEU A 144 -99.77 -15.96 6.36
CA LEU A 144 -99.42 -15.89 4.94
C LEU A 144 -99.88 -17.22 4.36
N VAL A 145 -100.64 -17.17 3.28
CA VAL A 145 -101.11 -18.41 2.68
C VAL A 145 -100.75 -18.45 1.21
N TYR A 146 -100.77 -19.64 0.65
CA TYR A 146 -100.53 -19.80 -0.76
C TYR A 146 -101.96 -20.00 -1.27
N GLU A 147 -102.36 -19.19 -2.24
CA GLU A 147 -103.70 -19.31 -2.79
C GLU A 147 -103.64 -20.17 -4.06
N PRO A 148 -104.03 -21.44 -3.94
CA PRO A 148 -104.06 -22.49 -4.98
C PRO A 148 -104.82 -22.20 -6.27
N LEU A 149 -106.00 -21.61 -6.16
CA LEU A 149 -106.81 -21.35 -7.33
C LEU A 149 -106.13 -20.49 -8.38
N GLU A 150 -105.59 -19.34 -7.97
CA GLU A 150 -104.89 -18.45 -8.88
C GLU A 150 -103.42 -18.40 -8.58
N GLU A 151 -102.95 -19.33 -7.76
CA GLU A 151 -101.54 -19.46 -7.41
C GLU A 151 -100.82 -18.17 -7.00
N GLN A 152 -101.14 -17.64 -5.83
CA GLN A 152 -100.47 -16.42 -5.39
C GLN A 152 -100.42 -16.35 -3.88
N LEU A 153 -99.43 -15.64 -3.36
CA LEU A 153 -99.28 -15.45 -1.92
C LEU A 153 -100.29 -14.39 -1.48
N LEU A 154 -100.94 -14.64 -0.36
CA LEU A 154 -101.91 -13.68 0.18
C LEU A 154 -101.78 -13.66 1.68
N ILE A 155 -101.74 -12.46 2.27
CA ILE A 155 -101.68 -12.33 3.72
C ILE A 155 -103.14 -12.14 4.19
N LEU A 156 -103.53 -12.86 5.23
CA LEU A 156 -104.88 -12.75 5.76
C LEU A 156 -104.86 -12.43 7.24
N GLN A 157 -105.96 -11.83 7.70
CA GLN A 157 -106.16 -11.51 9.10
C GLN A 157 -107.16 -12.58 9.49
N ILE A 158 -107.00 -13.13 10.68
CA ILE A 158 -107.91 -14.14 11.19
C ILE A 158 -108.41 -13.65 12.55
N GLU A 159 -109.73 -13.66 12.75
CA GLU A 159 -110.29 -13.25 14.03
C GLU A 159 -110.60 -14.55 14.78
N LYS A 160 -110.41 -14.52 16.10
CA LYS A 160 -110.53 -15.71 16.94
C LYS A 160 -109.52 -16.67 16.29
N HIS A 161 -109.96 -17.87 15.91
CA HIS A 161 -109.05 -18.82 15.23
C HIS A 161 -109.63 -19.28 13.89
N ASN A 162 -110.93 -19.04 13.71
CA ASN A 162 -111.64 -19.56 12.55
C ASN A 162 -112.31 -18.59 11.60
N LEU A 163 -112.21 -17.30 11.86
CA LEU A 163 -112.86 -16.35 10.97
C LEU A 163 -111.93 -15.82 9.92
N MSE A 164 -112.40 -15.88 8.68
CA MSE A 164 -111.74 -15.35 7.50
C MSE A 164 -110.62 -16.13 6.83
O MSE A 164 -109.79 -15.55 6.12
CB MSE A 164 -111.30 -13.92 7.76
CG MSE A 164 -112.43 -13.07 8.32
SE MSE A 164 -112.10 -11.20 8.12
CE MSE A 164 -110.17 -11.18 8.28
N HIS A 165 -110.59 -17.44 7.05
CA HIS A 165 -109.61 -18.28 6.38
C HIS A 165 -110.04 -18.38 4.93
N ALA A 166 -109.08 -18.59 4.03
CA ALA A 166 -109.36 -18.76 2.61
C ALA A 166 -109.58 -20.27 2.37
N ALA A 167 -110.81 -20.64 2.02
CA ALA A 167 -111.15 -22.04 1.78
C ALA A 167 -110.13 -22.70 0.86
N ASP A 168 -109.59 -23.84 1.31
CA ASP A 168 -108.59 -24.64 0.56
C ASP A 168 -107.14 -24.11 0.60
N ALA A 169 -106.94 -22.88 1.08
CA ALA A 169 -105.61 -22.28 1.13
C ALA A 169 -104.71 -22.92 2.19
N GLN A 170 -103.41 -22.87 1.95
CA GLN A 170 -102.44 -23.48 2.86
C GLN A 170 -101.65 -22.41 3.63
N VAL A 171 -101.68 -22.53 4.95
CA VAL A 171 -101.00 -21.59 5.83
C VAL A 171 -99.50 -21.87 5.87
N LEU A 172 -98.71 -20.92 5.38
CA LEU A 172 -97.25 -21.06 5.35
C LEU A 172 -96.61 -20.49 6.59
N LEU A 173 -97.18 -19.41 7.11
CA LEU A 173 -96.66 -18.74 8.29
C LEU A 173 -97.80 -18.06 9.05
N ALA A 174 -97.84 -18.26 10.36
CA ALA A 174 -98.89 -17.67 11.20
C ALA A 174 -98.32 -16.96 12.41
N LEU A 175 -98.89 -15.80 12.72
CA LEU A 175 -98.48 -15.05 13.90
C LEU A 175 -99.69 -14.90 14.79
N ASP A 176 -99.61 -15.49 15.98
CA ASP A 176 -100.69 -15.45 16.95
C ASP A 176 -100.66 -14.13 17.73
N VAL A 177 -101.71 -13.33 17.58
CA VAL A 177 -101.80 -12.07 18.33
C VAL A 177 -102.95 -12.09 19.36
N TRP A 178 -103.29 -13.29 19.84
CA TRP A 178 -104.28 -13.38 20.91
C TRP A 178 -103.48 -12.81 22.07
N GLU A 179 -104.12 -12.04 22.94
CA GLU A 179 -103.40 -11.43 24.06
C GLU A 179 -102.55 -12.42 24.87
N HIS A 180 -103.05 -13.62 25.11
CA HIS A 180 -102.28 -14.59 25.88
C HIS A 180 -100.97 -14.96 25.17
N ALA A 181 -100.81 -14.53 23.92
CA ALA A 181 -99.59 -14.82 23.17
C ALA A 181 -98.44 -13.84 23.49
N TYR A 182 -98.76 -12.73 24.17
CA TYR A 182 -97.74 -11.74 24.48
C TYR A 182 -97.92 -10.90 25.75
N TYR A 183 -99.13 -10.81 26.28
CA TYR A 183 -99.40 -9.94 27.42
C TYR A 183 -98.48 -9.94 28.65
N LEU A 184 -98.16 -11.11 29.20
CA LEU A 184 -97.29 -11.17 30.38
C LEU A 184 -95.95 -10.48 30.15
N GLN A 185 -95.48 -10.49 28.90
CA GLN A 185 -94.20 -9.89 28.54
C GLN A 185 -94.32 -8.47 28.03
N TYR A 186 -95.11 -8.29 26.96
CA TYR A 186 -95.31 -7.00 26.33
C TYR A 186 -96.51 -6.18 26.80
N LYS A 187 -97.34 -6.76 27.66
CA LYS A 187 -98.52 -6.05 28.13
C LYS A 187 -99.39 -5.67 26.93
N ASN A 188 -99.98 -4.48 26.98
CA ASN A 188 -100.85 -3.98 25.92
C ASN A 188 -100.11 -3.71 24.62
N ASP A 189 -98.77 -3.68 24.67
CA ASP A 189 -97.97 -3.39 23.50
C ASP A 189 -97.78 -4.55 22.52
N ARG A 190 -98.87 -4.89 21.83
CA ARG A 190 -98.86 -5.95 20.84
C ARG A 190 -97.87 -5.63 19.73
N GLY A 191 -97.79 -4.34 19.38
CA GLY A 191 -96.89 -3.90 18.32
C GLY A 191 -95.45 -4.32 18.51
N SER A 192 -94.93 -4.18 19.73
CA SER A 192 -93.55 -4.55 20.02
C SER A 192 -93.37 -6.08 19.95
N TYR A 193 -94.44 -6.79 20.24
CA TYR A 193 -94.44 -8.25 20.17
C TYR A 193 -94.29 -8.69 18.71
N VAL A 194 -95.14 -8.12 17.86
CA VAL A 194 -95.16 -8.40 16.43
C VAL A 194 -93.79 -8.13 15.80
N ASP A 195 -93.20 -6.99 16.13
CA ASP A 195 -91.91 -6.63 15.56
C ASP A 195 -90.79 -7.57 15.99
N ASN A 196 -90.72 -7.90 17.27
CA ASN A 196 -89.68 -8.79 17.77
C ASN A 196 -89.82 -10.22 17.26
N TRP A 197 -91.07 -10.64 17.03
CA TRP A 197 -91.36 -11.98 16.56
C TRP A 197 -90.58 -12.38 15.31
N TRP A 198 -90.29 -11.41 14.44
CA TRP A 198 -89.53 -11.71 13.23
C TRP A 198 -88.17 -12.37 13.55
N ASN A 199 -87.66 -12.16 14.76
CA ASN A 199 -86.38 -12.72 15.17
C ASN A 199 -86.38 -14.22 15.43
N VAL A 200 -87.57 -14.84 15.46
CA VAL A 200 -87.65 -16.27 15.70
C VAL A 200 -88.39 -17.04 14.60
N VAL A 201 -88.70 -16.38 13.49
CA VAL A 201 -89.40 -17.05 12.39
C VAL A 201 -88.49 -18.08 11.72
N ASN A 202 -89.00 -19.29 11.50
CA ASN A 202 -88.23 -20.34 10.86
C ASN A 202 -88.55 -20.42 9.38
N TRP A 203 -87.73 -19.77 8.56
CA TRP A 203 -87.99 -19.78 7.14
C TRP A 203 -87.81 -21.16 6.50
N ASP A 204 -87.06 -22.04 7.14
CA ASP A 204 -86.91 -23.39 6.59
C ASP A 204 -88.27 -24.06 6.66
N ASP A 205 -88.96 -23.84 7.77
CA ASP A 205 -90.29 -24.39 7.96
C ASP A 205 -91.24 -23.81 6.91
N VAL A 206 -91.19 -22.49 6.75
CA VAL A 206 -92.06 -21.82 5.79
C VAL A 206 -91.72 -22.25 4.35
N GLU A 207 -90.42 -22.33 4.05
CA GLU A 207 -89.99 -22.75 2.73
C GLU A 207 -90.49 -24.18 2.50
N ARG A 208 -90.42 -24.98 3.55
CA ARG A 208 -90.87 -26.37 3.52
C ARG A 208 -92.32 -26.39 3.02
N ARG A 209 -93.21 -25.72 3.75
CA ARG A 209 -94.62 -25.67 3.37
C ARG A 209 -94.82 -25.06 1.98
N LEU A 210 -94.11 -23.98 1.66
CA LEU A 210 -94.23 -23.37 0.34
C LEU A 210 -93.89 -24.40 -0.76
N GLN A 211 -92.88 -25.23 -0.49
CA GLN A 211 -92.47 -26.27 -1.44
C GLN A 211 -93.67 -27.17 -1.79
N LYS A 212 -94.46 -27.54 -0.79
CA LYS A 212 -95.62 -28.38 -1.01
C LYS A 212 -96.76 -27.66 -1.71
N ALA A 213 -97.13 -26.49 -1.17
CA ALA A 213 -98.21 -25.69 -1.75
C ALA A 213 -97.96 -25.37 -3.21
N LEU A 214 -96.70 -25.07 -3.52
CA LEU A 214 -96.29 -24.74 -4.87
C LEU A 214 -96.64 -25.88 -5.86
N ASN A 215 -96.57 -27.12 -5.39
CA ASN A 215 -96.87 -28.27 -6.23
C ASN A 215 -98.37 -28.63 -6.16
N GLY A 216 -99.15 -27.74 -5.56
CA GLY A 216 -100.58 -27.99 -5.47
C GLY A 216 -100.90 -28.99 -4.37
N GLN A 217 -100.02 -29.05 -3.39
CA GLN A 217 -100.20 -29.95 -2.25
C GLN A 217 -100.68 -29.24 -0.98
N ILE A 218 -101.14 -30.04 -0.03
CA ILE A 218 -101.57 -29.55 1.27
C ILE A 218 -100.23 -29.43 2.00
N ALA A 219 -100.05 -28.39 2.81
CA ALA A 219 -98.76 -28.21 3.48
C ALA A 219 -98.82 -28.11 5.00
N LEU A 220 -99.60 -28.98 5.63
CA LEU A 220 -99.76 -28.97 7.09
C LEU A 220 -98.74 -29.91 7.76
N LYS A 221 -98.60 -31.11 7.22
CA LYS A 221 -97.64 -32.09 7.75
C LYS A 221 -96.33 -31.82 7.03
N LEU A 222 -95.27 -31.56 7.81
CA LEU A 222 -93.94 -31.27 7.25
C LEU A 222 -93.87 -29.85 6.67
N SER B 12 -139.35 -19.27 42.80
CA SER B 12 -140.04 -19.48 41.49
C SER B 12 -139.33 -18.75 40.35
N VAL B 13 -139.56 -19.22 39.12
CA VAL B 13 -138.93 -18.62 37.94
C VAL B 13 -139.93 -18.34 36.80
N THR B 14 -139.91 -17.10 36.30
CA THR B 14 -140.78 -16.69 35.20
C THR B 14 -140.01 -15.87 34.19
N THR B 15 -140.26 -16.14 32.92
CA THR B 15 -139.63 -15.40 31.83
C THR B 15 -140.77 -14.84 30.97
N LYS B 16 -140.65 -13.60 30.54
CA LYS B 16 -141.68 -12.99 29.72
C LYS B 16 -141.43 -13.46 28.29
N ARG B 17 -142.51 -13.82 27.60
CA ARG B 17 -142.37 -14.28 26.23
C ARG B 17 -142.76 -13.21 25.22
N TYR B 18 -142.31 -13.39 23.99
CA TYR B 18 -142.58 -12.44 22.91
C TYR B 18 -143.69 -12.93 21.98
N THR B 19 -144.33 -11.98 21.32
CA THR B 19 -145.43 -12.27 20.41
C THR B 19 -145.33 -11.41 19.15
N LEU B 20 -145.84 -11.93 18.05
CA LEU B 20 -145.79 -11.22 16.78
C LEU B 20 -146.79 -10.07 16.77
N PRO B 21 -146.30 -8.83 16.64
CA PRO B 21 -147.20 -7.67 16.61
C PRO B 21 -147.80 -7.54 15.20
N PRO B 22 -149.04 -7.02 15.10
CA PRO B 22 -149.69 -6.85 13.79
C PRO B 22 -149.05 -5.70 13.02
N LEU B 23 -149.12 -5.77 11.70
CA LEU B 23 -148.58 -4.70 10.89
C LEU B 23 -149.45 -3.48 11.07
N PRO B 24 -148.87 -2.29 10.90
CA PRO B 24 -149.62 -1.04 11.06
C PRO B 24 -150.49 -0.74 9.83
N TYR B 25 -150.51 -1.67 8.88
CA TYR B 25 -151.25 -1.46 7.63
C TYR B 25 -151.41 -2.79 6.91
N ALA B 26 -152.12 -2.81 5.78
CA ALA B 26 -152.34 -4.05 5.03
C ALA B 26 -151.07 -4.56 4.35
N TYR B 27 -151.11 -5.79 3.86
CA TYR B 27 -149.96 -6.40 3.19
C TYR B 27 -149.55 -5.78 1.86
N ASN B 28 -150.41 -4.93 1.31
CA ASN B 28 -150.12 -4.29 0.03
C ASN B 28 -150.03 -2.78 0.16
N ALA B 29 -150.10 -2.30 1.40
CA ALA B 29 -150.07 -0.86 1.65
C ALA B 29 -148.81 -0.13 1.19
N LEU B 30 -147.69 -0.85 1.06
CA LEU B 30 -146.43 -0.21 0.66
C LEU B 30 -146.08 -0.30 -0.83
N GLU B 31 -146.96 -0.93 -1.61
CA GLU B 31 -146.71 -1.05 -3.05
C GLU B 31 -146.81 0.34 -3.69
N PRO B 32 -146.12 0.54 -4.84
CA PRO B 32 -145.29 -0.42 -5.57
C PRO B 32 -143.85 -0.47 -5.09
N TYR B 33 -143.61 -0.14 -3.83
CA TYR B 33 -142.26 -0.10 -3.30
C TYR B 33 -141.80 -1.42 -2.69
N ILE B 34 -142.73 -2.11 -2.06
CA ILE B 34 -142.47 -3.40 -1.45
C ILE B 34 -143.73 -4.22 -1.73
N SER B 35 -143.58 -5.28 -2.51
CA SER B 35 -144.71 -6.14 -2.88
C SER B 35 -145.39 -6.74 -1.67
N ALA B 36 -146.66 -7.07 -1.84
CA ALA B 36 -147.48 -7.67 -0.79
C ALA B 36 -146.99 -9.06 -0.44
N GLU B 37 -146.50 -9.81 -1.43
CA GLU B 37 -146.00 -11.17 -1.17
C GLU B 37 -144.81 -11.09 -0.21
N ILE B 38 -143.93 -10.14 -0.45
CA ILE B 38 -142.75 -9.94 0.41
C ILE B 38 -143.22 -9.58 1.82
N MSE B 39 -144.06 -8.56 1.92
CA MSE B 39 -144.60 -8.12 3.21
C MSE B 39 -145.23 -9.25 4.00
O MSE B 39 -145.07 -9.36 5.23
CB MSE B 39 -145.63 -7.02 3.01
CG MSE B 39 -145.06 -5.75 2.41
SE MSE B 39 -143.65 -5.02 3.53
CE MSE B 39 -144.66 -4.77 5.17
N GLN B 40 -145.98 -10.09 3.27
CA GLN B 40 -146.67 -11.24 3.84
C GLN B 40 -145.67 -12.24 4.44
N LEU B 41 -144.79 -12.75 3.59
CA LEU B 41 -143.76 -13.70 3.99
C LEU B 41 -142.89 -13.17 5.12
N HIS B 42 -142.34 -11.97 4.93
CA HIS B 42 -141.47 -11.32 5.88
C HIS B 42 -142.10 -11.18 7.27
N HIS B 43 -143.43 -11.04 7.29
CA HIS B 43 -144.13 -10.88 8.54
C HIS B 43 -144.55 -12.20 9.16
N GLN B 44 -145.37 -12.95 8.42
CA GLN B 44 -145.90 -14.23 8.90
C GLN B 44 -144.86 -15.35 9.03
N LYS B 45 -143.89 -15.39 8.13
CA LYS B 45 -142.88 -16.44 8.20
C LYS B 45 -141.61 -16.05 8.95
N HIS B 46 -140.91 -15.06 8.43
CA HIS B 46 -139.66 -14.65 9.04
C HIS B 46 -139.72 -14.02 10.42
N HIS B 47 -140.43 -12.90 10.55
CA HIS B 47 -140.54 -12.24 11.85
C HIS B 47 -141.07 -13.24 12.87
N GLN B 48 -142.11 -13.97 12.49
CA GLN B 48 -142.69 -14.96 13.37
C GLN B 48 -141.61 -15.95 13.83
N GLY B 49 -140.73 -16.31 12.90
CA GLY B 49 -139.66 -17.23 13.22
C GLY B 49 -138.76 -16.73 14.32
N TYR B 50 -138.51 -15.41 14.33
CA TYR B 50 -137.65 -14.79 15.33
C TYR B 50 -138.34 -14.76 16.69
N VAL B 51 -139.64 -14.43 16.70
CA VAL B 51 -140.40 -14.41 17.94
C VAL B 51 -140.32 -15.83 18.50
N ASN B 52 -140.54 -16.80 17.61
CA ASN B 52 -140.49 -18.22 17.97
C ASN B 52 -139.14 -18.62 18.55
N GLY B 53 -138.07 -18.16 17.91
CA GLY B 53 -136.72 -18.47 18.33
C GLY B 53 -136.39 -17.91 19.71
N ALA B 54 -136.82 -16.68 19.96
CA ALA B 54 -136.57 -16.03 21.24
C ALA B 54 -137.30 -16.76 22.38
N ASN B 55 -138.55 -17.16 22.15
CA ASN B 55 -139.29 -17.88 23.18
C ASN B 55 -138.65 -19.25 23.43
N ALA B 56 -138.21 -19.91 22.36
CA ALA B 56 -137.56 -21.23 22.46
C ALA B 56 -136.31 -21.13 23.31
N ALA B 57 -135.52 -20.09 23.08
CA ALA B 57 -134.30 -19.87 23.84
C ALA B 57 -134.65 -19.63 25.30
N LEU B 58 -135.68 -18.82 25.54
CA LEU B 58 -136.11 -18.52 26.90
C LEU B 58 -136.66 -19.74 27.62
N GLU B 59 -137.26 -20.67 26.89
CA GLU B 59 -137.79 -21.87 27.52
C GLU B 59 -136.65 -22.77 27.99
N LYS B 60 -135.52 -22.71 27.30
CA LYS B 60 -134.35 -23.52 27.66
C LYS B 60 -133.68 -22.89 28.87
N LEU B 61 -133.68 -21.55 28.90
CA LEU B 61 -133.09 -20.84 30.02
C LEU B 61 -133.95 -21.04 31.26
N GLU B 62 -135.27 -20.93 31.08
CA GLU B 62 -136.19 -21.11 32.19
C GLU B 62 -136.01 -22.48 32.81
N LYS B 63 -136.02 -23.52 31.98
CA LYS B 63 -135.83 -24.89 32.43
C LYS B 63 -134.54 -24.95 33.25
N PHE B 64 -133.50 -24.32 32.71
CA PHE B 64 -132.21 -24.26 33.34
C PHE B 64 -132.29 -23.60 34.72
N ARG B 65 -132.98 -22.46 34.80
CA ARG B 65 -133.13 -21.72 36.06
C ARG B 65 -133.97 -22.47 37.08
N LYS B 66 -134.83 -23.36 36.60
CA LYS B 66 -135.69 -24.15 37.48
C LYS B 66 -134.95 -25.43 37.87
N GLY B 67 -133.65 -25.45 37.61
CA GLY B 67 -132.84 -26.62 37.92
C GLY B 67 -133.34 -27.84 37.16
N GLU B 68 -134.40 -27.64 36.38
CA GLU B 68 -135.01 -28.71 35.59
C GLU B 68 -134.18 -29.19 34.40
N ALA B 69 -133.13 -28.47 34.05
CA ALA B 69 -132.31 -28.88 32.92
C ALA B 69 -130.90 -28.30 32.89
N GLN B 70 -130.11 -28.78 31.94
CA GLN B 70 -128.74 -28.35 31.74
C GLN B 70 -128.79 -27.28 30.65
N ILE B 71 -127.63 -26.72 30.29
CA ILE B 71 -127.61 -25.69 29.25
C ILE B 71 -126.21 -25.36 28.73
N ASP B 72 -126.10 -25.19 27.41
CA ASP B 72 -124.83 -24.78 26.80
C ASP B 72 -125.08 -23.28 26.75
N ILE B 73 -124.62 -22.57 27.77
CA ILE B 73 -124.86 -21.14 27.87
C ILE B 73 -124.47 -20.32 26.62
N ARG B 74 -123.36 -20.69 25.97
CA ARG B 74 -122.94 -19.96 24.78
C ARG B 74 -123.92 -20.18 23.62
N ALA B 75 -124.36 -21.42 23.43
CA ALA B 75 -125.28 -21.74 22.36
C ALA B 75 -126.63 -21.04 22.53
N VAL B 76 -127.21 -21.15 23.73
CA VAL B 76 -128.53 -20.53 23.94
C VAL B 76 -128.51 -19.00 23.95
N LEU B 77 -127.47 -18.39 24.50
CA LEU B 77 -127.42 -16.92 24.52
C LEU B 77 -127.11 -16.37 23.11
N ARG B 78 -126.46 -17.17 22.28
CA ARG B 78 -126.18 -16.75 20.91
C ARG B 78 -127.51 -16.80 20.14
N ASP B 79 -128.28 -17.87 20.37
CA ASP B 79 -129.60 -18.05 19.75
C ASP B 79 -130.53 -16.91 20.15
N LEU B 80 -130.62 -16.67 21.46
CA LEU B 80 -131.47 -15.62 22.00
C LEU B 80 -131.18 -14.25 21.40
N SER B 81 -129.92 -13.84 21.43
CA SER B 81 -129.52 -12.54 20.89
C SER B 81 -129.92 -12.33 19.44
N PHE B 82 -129.74 -13.37 18.62
CA PHE B 82 -130.11 -13.27 17.20
C PHE B 82 -131.60 -13.13 17.00
N HIS B 83 -132.36 -14.05 17.60
CA HIS B 83 -133.82 -14.06 17.46
C HIS B 83 -134.47 -12.87 18.13
N LEU B 84 -133.98 -12.52 19.33
CA LEU B 84 -134.52 -11.39 20.07
C LEU B 84 -134.32 -10.10 19.26
N ASN B 85 -133.15 -9.95 18.65
CA ASN B 85 -132.89 -8.76 17.83
C ASN B 85 -133.76 -8.82 16.60
N GLY B 86 -133.92 -10.03 16.04
CA GLY B 86 -134.77 -10.16 14.87
C GLY B 86 -136.15 -9.59 15.17
N HIS B 87 -136.69 -9.98 16.32
CA HIS B 87 -138.01 -9.52 16.77
C HIS B 87 -138.05 -8.02 17.04
N ILE B 88 -137.08 -7.52 17.81
CA ILE B 88 -137.02 -6.09 18.14
C ILE B 88 -136.88 -5.25 16.88
N LEU B 89 -135.92 -5.58 16.03
CA LEU B 89 -135.72 -4.80 14.79
C LEU B 89 -136.92 -4.85 13.85
N HIS B 90 -137.54 -6.01 13.70
CA HIS B 90 -138.70 -6.07 12.83
C HIS B 90 -139.86 -5.32 13.47
N SER B 91 -139.96 -5.39 14.80
CA SER B 91 -141.02 -4.68 15.51
C SER B 91 -140.91 -3.17 15.28
N ILE B 92 -139.68 -2.69 15.08
CA ILE B 92 -139.40 -1.28 14.82
C ILE B 92 -139.55 -0.96 13.32
N PHE B 93 -139.19 -1.93 12.49
CA PHE B 93 -139.24 -1.81 11.03
C PHE B 93 -140.63 -1.53 10.44
N TRP B 94 -141.65 -2.27 10.89
CA TRP B 94 -142.99 -2.08 10.36
C TRP B 94 -143.54 -0.69 10.60
N PRO B 95 -143.54 -0.22 11.87
CA PRO B 95 -144.06 1.12 12.14
C PRO B 95 -143.13 2.21 11.59
N ASN B 96 -141.93 1.82 11.19
CA ASN B 96 -140.94 2.74 10.62
C ASN B 96 -141.36 3.14 9.22
N MSE B 97 -142.31 2.40 8.66
CA MSE B 97 -142.82 2.66 7.30
C MSE B 97 -144.31 2.95 7.36
O MSE B 97 -144.98 2.74 8.38
CB MSE B 97 -142.58 1.46 6.39
CG MSE B 97 -141.14 0.98 6.31
SE MSE B 97 -140.86 -0.56 5.14
CE MSE B 97 -141.67 -1.93 6.27
N ALA B 98 -144.85 3.42 6.25
CA ALA B 98 -146.26 3.74 6.14
C ALA B 98 -146.60 3.93 4.67
N PRO B 99 -147.84 3.60 4.27
CA PRO B 99 -148.24 3.76 2.86
C PRO B 99 -147.85 5.13 2.34
N PRO B 100 -147.48 5.22 1.05
CA PRO B 100 -147.12 6.53 0.51
C PRO B 100 -148.13 7.57 0.96
N GLY B 101 -147.65 8.73 1.39
CA GLY B 101 -148.52 9.77 1.88
C GLY B 101 -148.04 10.06 3.30
N LYS B 102 -148.21 9.08 4.17
CA LYS B 102 -147.73 9.24 5.54
C LYS B 102 -146.22 8.99 5.48
N GLY B 103 -145.81 8.13 4.55
CA GLY B 103 -144.41 7.81 4.39
C GLY B 103 -143.81 8.51 3.19
N GLY B 104 -142.49 8.64 3.18
CA GLY B 104 -141.80 9.29 2.09
C GLY B 104 -141.49 10.74 2.39
N GLY B 105 -140.90 11.43 1.42
CA GLY B 105 -140.55 12.83 1.58
C GLY B 105 -139.44 13.08 2.58
N LYS B 106 -139.27 14.34 2.96
CA LYS B 106 -138.24 14.71 3.91
C LYS B 106 -138.79 14.84 5.33
N PRO B 107 -137.92 14.67 6.34
CA PRO B 107 -138.35 14.78 7.73
C PRO B 107 -138.50 16.24 8.16
N GLY B 108 -139.24 16.44 9.25
CA GLY B 108 -139.44 17.77 9.79
C GLY B 108 -139.15 17.68 11.26
N GLY B 109 -139.84 18.49 12.06
CA GLY B 109 -139.62 18.45 13.50
C GLY B 109 -138.18 18.27 13.94
N LYS B 110 -138.01 17.72 15.14
CA LYS B 110 -136.69 17.52 15.73
C LYS B 110 -135.75 16.64 14.92
N ILE B 111 -136.27 15.56 14.36
CA ILE B 111 -135.43 14.66 13.58
C ILE B 111 -134.81 15.38 12.38
N ALA B 112 -135.58 16.26 11.73
CA ALA B 112 -135.05 17.01 10.59
C ALA B 112 -133.95 17.93 11.10
N ASP B 113 -134.16 18.48 12.30
CA ASP B 113 -133.19 19.38 12.91
C ASP B 113 -131.90 18.63 13.27
N LEU B 114 -132.05 17.56 14.04
CA LEU B 114 -130.90 16.77 14.46
C LEU B 114 -130.15 16.19 13.26
N ILE B 115 -130.91 15.80 12.22
CA ILE B 115 -130.30 15.27 11.00
C ILE B 115 -129.41 16.34 10.35
N ASN B 116 -129.90 17.57 10.26
CA ASN B 116 -129.10 18.64 9.67
C ASN B 116 -127.88 18.95 10.53
N LYS B 117 -128.08 18.98 11.84
CA LYS B 117 -126.99 19.27 12.76
C LYS B 117 -125.81 18.30 12.63
N PHE B 118 -126.11 17.01 12.57
CA PHE B 118 -125.07 15.99 12.49
C PHE B 118 -124.59 15.56 11.11
N PHE B 119 -125.43 15.70 10.10
CA PHE B 119 -125.01 15.30 8.75
C PHE B 119 -124.89 16.46 7.77
N GLY B 120 -125.18 17.67 8.22
CA GLY B 120 -125.10 18.83 7.35
C GLY B 120 -126.42 19.07 6.65
N SER B 121 -127.02 18.00 6.12
CA SER B 121 -128.31 18.11 5.44
C SER B 121 -128.94 16.73 5.35
N PHE B 122 -130.24 16.71 5.05
CA PHE B 122 -130.96 15.46 4.91
C PHE B 122 -130.39 14.68 3.72
N GLU B 123 -129.96 15.40 2.68
CA GLU B 123 -129.40 14.77 1.49
C GLU B 123 -128.15 13.96 1.84
N LYS B 124 -127.25 14.54 2.63
CA LYS B 124 -126.05 13.85 3.02
C LYS B 124 -126.43 12.67 3.90
N PHE B 125 -127.32 12.91 4.87
CA PHE B 125 -127.76 11.84 5.76
C PHE B 125 -128.22 10.63 4.94
N LYS B 126 -129.13 10.89 4.01
CA LYS B 126 -129.66 9.85 3.14
C LYS B 126 -128.54 9.17 2.36
N GLU B 127 -127.48 9.92 2.04
CA GLU B 127 -126.35 9.36 1.32
C GLU B 127 -125.65 8.36 2.24
N GLU B 128 -125.29 8.80 3.45
CA GLU B 128 -124.61 7.94 4.41
C GLU B 128 -125.46 6.72 4.75
N PHE B 129 -126.73 6.96 5.03
CA PHE B 129 -127.63 5.87 5.37
C PHE B 129 -127.80 4.84 4.26
N SER B 130 -128.03 5.30 3.03
CA SER B 130 -128.21 4.40 1.90
C SER B 130 -126.92 3.61 1.63
N GLN B 131 -125.77 4.29 1.70
CA GLN B 131 -124.50 3.63 1.46
C GLN B 131 -124.19 2.61 2.53
N ALA B 132 -124.57 2.90 3.76
CA ALA B 132 -124.34 1.96 4.87
C ALA B 132 -125.18 0.71 4.60
N ALA B 133 -126.40 0.90 4.11
CA ALA B 133 -127.31 -0.21 3.81
C ALA B 133 -126.93 -0.98 2.54
N LYS B 134 -126.50 -0.24 1.51
CA LYS B 134 -126.09 -0.85 0.27
C LYS B 134 -124.76 -1.56 0.40
N ASN B 135 -124.05 -1.32 1.50
CA ASN B 135 -122.75 -1.93 1.67
C ASN B 135 -122.63 -2.94 2.81
N VAL B 136 -123.77 -3.34 3.36
CA VAL B 136 -123.74 -4.35 4.42
C VAL B 136 -123.20 -5.61 3.74
N GLU B 137 -122.27 -6.29 4.41
CA GLU B 137 -121.71 -7.52 3.87
C GLU B 137 -122.54 -8.70 4.36
N GLY B 138 -123.28 -9.32 3.44
CA GLY B 138 -124.13 -10.42 3.83
C GLY B 138 -125.46 -9.78 4.19
N VAL B 139 -126.26 -10.46 5.01
CA VAL B 139 -127.55 -9.94 5.43
C VAL B 139 -127.40 -9.07 6.69
N GLY B 140 -128.30 -8.11 6.85
CA GLY B 140 -128.22 -7.24 7.99
C GLY B 140 -129.11 -6.02 7.84
N TRP B 141 -128.73 -4.95 8.53
CA TRP B 141 -129.50 -3.71 8.54
C TRP B 141 -128.63 -2.47 8.50
N ALA B 142 -129.30 -1.35 8.29
CA ALA B 142 -128.71 -0.03 8.33
C ALA B 142 -129.64 0.58 9.38
N ILE B 143 -129.07 1.16 10.44
CA ILE B 143 -129.93 1.76 11.46
C ILE B 143 -129.43 3.13 11.87
N LEU B 144 -130.37 3.97 12.29
CA LEU B 144 -130.06 5.31 12.79
C LEU B 144 -130.42 5.22 14.27
N VAL B 145 -129.46 5.51 15.13
CA VAL B 145 -129.68 5.42 16.57
C VAL B 145 -129.33 6.74 17.24
N TYR B 146 -129.83 6.90 18.46
CA TYR B 146 -129.52 8.07 19.26
C TYR B 146 -128.53 7.54 20.29
N GLU B 147 -127.32 8.09 20.25
CA GLU B 147 -126.26 7.68 21.16
C GLU B 147 -126.43 8.49 22.44
N PRO B 148 -126.89 7.85 23.52
CA PRO B 148 -127.14 8.46 24.82
C PRO B 148 -125.94 9.07 25.52
N LEU B 149 -124.82 8.35 25.52
CA LEU B 149 -123.63 8.83 26.22
C LEU B 149 -123.20 10.23 25.84
N GLU B 150 -123.11 10.52 24.55
CA GLU B 150 -122.72 11.85 24.13
C GLU B 150 -123.79 12.56 23.32
N GLU B 151 -125.01 12.05 23.35
CA GLU B 151 -126.14 12.67 22.66
C GLU B 151 -125.96 13.11 21.20
N GLN B 152 -125.92 12.15 20.30
CA GLN B 152 -125.77 12.48 18.89
C GLN B 152 -126.34 11.37 18.03
N LEU B 153 -126.72 11.71 16.81
CA LEU B 153 -127.27 10.72 15.90
C LEU B 153 -126.10 9.94 15.29
N LEU B 154 -126.29 8.65 15.09
CA LEU B 154 -125.27 7.80 14.49
C LEU B 154 -125.97 6.77 13.62
N ILE B 155 -125.35 6.47 12.49
CA ILE B 155 -125.87 5.46 11.59
C ILE B 155 -124.91 4.29 11.80
N LEU B 156 -125.47 3.09 11.90
CA LEU B 156 -124.67 1.87 12.10
C LEU B 156 -125.06 0.75 11.14
N GLN B 157 -124.10 -0.12 10.85
CA GLN B 157 -124.35 -1.28 10.03
C GLN B 157 -124.57 -2.43 10.99
N ILE B 158 -125.60 -3.24 10.76
CA ILE B 158 -125.88 -4.39 11.60
C ILE B 158 -125.74 -5.63 10.72
N GLU B 159 -124.99 -6.64 11.18
CA GLU B 159 -124.87 -7.88 10.39
C GLU B 159 -125.81 -8.85 11.09
N LYS B 160 -126.55 -9.64 10.31
CA LYS B 160 -127.58 -10.52 10.87
C LYS B 160 -128.53 -9.56 11.61
N HIS B 161 -128.93 -9.85 12.83
CA HIS B 161 -129.81 -8.93 13.57
C HIS B 161 -129.12 -8.44 14.83
N ASN B 162 -128.04 -9.09 15.19
CA ASN B 162 -127.40 -8.81 16.46
C ASN B 162 -125.95 -8.39 16.48
N LEU B 163 -125.36 -8.20 15.32
CA LEU B 163 -123.96 -7.83 15.24
C LEU B 163 -123.71 -6.35 15.01
N MSE B 164 -123.07 -5.72 15.99
CA MSE B 164 -122.66 -4.31 15.97
C MSE B 164 -123.59 -3.22 16.50
O MSE B 164 -123.35 -2.03 16.27
CB MSE B 164 -122.15 -3.95 14.57
CG MSE B 164 -120.96 -4.83 14.19
SE MSE B 164 -119.98 -4.16 12.70
CE MSE B 164 -121.26 -4.58 11.30
N HIS B 165 -124.63 -3.62 17.23
CA HIS B 165 -125.52 -2.64 17.83
C HIS B 165 -124.70 -1.92 18.91
N ALA B 166 -125.05 -0.68 19.21
CA ALA B 166 -124.37 0.09 20.24
C ALA B 166 -125.11 -0.12 21.56
N ALA B 167 -124.38 -0.52 22.60
CA ALA B 167 -124.97 -0.74 23.92
C ALA B 167 -125.72 0.50 24.43
N ASP B 168 -126.97 0.29 24.84
CA ASP B 168 -127.83 1.36 25.37
C ASP B 168 -128.49 2.29 24.36
N ALA B 169 -127.95 2.38 23.15
CA ALA B 169 -128.51 3.29 22.14
C ALA B 169 -129.95 2.94 21.77
N GLN B 170 -130.69 3.94 21.27
CA GLN B 170 -132.08 3.72 20.86
C GLN B 170 -132.20 3.78 19.35
N VAL B 171 -132.73 2.72 18.76
CA VAL B 171 -132.90 2.65 17.32
C VAL B 171 -134.05 3.55 16.89
N LEU B 172 -133.77 4.47 15.97
CA LEU B 172 -134.80 5.40 15.51
C LEU B 172 -135.40 5.00 14.18
N LEU B 173 -134.53 4.59 13.25
CA LEU B 173 -134.96 4.17 11.91
C LEU B 173 -134.18 2.90 11.51
N ALA B 174 -134.90 1.90 11.00
CA ALA B 174 -134.30 0.63 10.61
C ALA B 174 -134.67 0.21 9.18
N LEU B 175 -133.67 -0.23 8.44
CA LEU B 175 -133.85 -0.71 7.06
C LEU B 175 -133.27 -2.12 6.93
N ASP B 176 -134.16 -3.09 6.72
CA ASP B 176 -133.80 -4.50 6.60
C ASP B 176 -133.21 -4.81 5.23
N VAL B 177 -131.93 -5.16 5.17
CA VAL B 177 -131.32 -5.50 3.88
C VAL B 177 -131.03 -7.00 3.74
N TRP B 178 -131.79 -7.81 4.47
CA TRP B 178 -131.68 -9.26 4.35
C TRP B 178 -132.37 -9.46 3.01
N GLU B 179 -131.95 -10.45 2.23
CA GLU B 179 -132.56 -10.67 0.92
C GLU B 179 -134.07 -10.93 0.91
N HIS B 180 -134.58 -11.61 1.94
CA HIS B 180 -136.01 -11.92 2.00
C HIS B 180 -136.88 -10.65 2.16
N ALA B 181 -136.23 -9.52 2.31
CA ALA B 181 -136.93 -8.25 2.46
C ALA B 181 -137.06 -7.50 1.14
N TYR B 182 -136.43 -8.03 0.08
CA TYR B 182 -136.47 -7.34 -1.21
C TYR B 182 -136.23 -8.21 -2.45
N TYR B 183 -135.74 -9.43 -2.28
CA TYR B 183 -135.40 -10.28 -3.42
C TYR B 183 -136.49 -10.60 -4.45
N LEU B 184 -137.67 -11.01 -3.98
CA LEU B 184 -138.74 -11.36 -4.89
C LEU B 184 -139.03 -10.27 -5.91
N GLN B 185 -138.88 -9.00 -5.51
CA GLN B 185 -139.17 -7.88 -6.39
C GLN B 185 -137.95 -7.24 -7.07
N TYR B 186 -136.90 -6.96 -6.30
CA TYR B 186 -135.71 -6.34 -6.86
C TYR B 186 -134.59 -7.33 -7.22
N LYS B 187 -134.76 -8.58 -6.82
CA LYS B 187 -133.79 -9.63 -7.08
C LYS B 187 -132.44 -9.28 -6.42
N ASN B 188 -131.39 -9.15 -7.21
CA ASN B 188 -130.08 -8.83 -6.65
C ASN B 188 -129.80 -7.32 -6.58
N ASP B 189 -130.80 -6.50 -6.94
CA ASP B 189 -130.57 -5.05 -6.91
C ASP B 189 -131.01 -4.41 -5.58
N ARG B 190 -130.30 -4.79 -4.52
CA ARG B 190 -130.56 -4.25 -3.19
C ARG B 190 -130.55 -2.72 -3.30
N GLY B 191 -129.61 -2.17 -4.07
CA GLY B 191 -129.52 -0.73 -4.24
C GLY B 191 -130.82 -0.08 -4.67
N SER B 192 -131.48 -0.66 -5.68
CA SER B 192 -132.73 -0.09 -6.13
C SER B 192 -133.74 -0.19 -4.99
N TYR B 193 -133.65 -1.28 -4.24
CA TYR B 193 -134.55 -1.51 -3.11
C TYR B 193 -134.39 -0.39 -2.09
N VAL B 194 -133.15 -0.14 -1.67
CA VAL B 194 -132.86 0.90 -0.68
C VAL B 194 -133.33 2.29 -1.13
N ASP B 195 -133.09 2.63 -2.40
CA ASP B 195 -133.51 3.92 -2.94
C ASP B 195 -135.02 4.10 -2.88
N ASN B 196 -135.76 3.05 -3.24
CA ASN B 196 -137.23 3.09 -3.23
C ASN B 196 -137.83 3.08 -1.83
N TRP B 197 -137.10 2.50 -0.89
CA TRP B 197 -137.54 2.42 0.51
C TRP B 197 -137.77 3.82 1.11
N TRP B 198 -137.07 4.83 0.61
CA TRP B 198 -137.23 6.17 1.14
C TRP B 198 -138.64 6.73 0.91
N ASN B 199 -139.38 6.11 -0.01
CA ASN B 199 -140.72 6.57 -0.35
C ASN B 199 -141.79 6.10 0.63
N VAL B 200 -141.44 5.20 1.53
CA VAL B 200 -142.40 4.71 2.50
C VAL B 200 -141.94 4.95 3.93
N VAL B 201 -140.84 5.69 4.10
CA VAL B 201 -140.32 5.96 5.44
C VAL B 201 -141.28 6.85 6.21
N ASN B 202 -141.84 6.29 7.28
CA ASN B 202 -142.78 7.02 8.13
C ASN B 202 -141.99 7.92 9.08
N TRP B 203 -141.78 9.17 8.64
CA TRP B 203 -141.03 10.13 9.42
C TRP B 203 -141.69 10.55 10.72
N ASP B 204 -142.99 10.24 10.85
CA ASP B 204 -143.68 10.59 12.07
C ASP B 204 -143.26 9.58 13.13
N ASP B 205 -143.06 8.34 12.70
CA ASP B 205 -142.63 7.28 13.60
C ASP B 205 -141.23 7.58 14.11
N VAL B 206 -140.32 7.84 13.17
CA VAL B 206 -138.92 8.15 13.50
C VAL B 206 -138.89 9.27 14.55
N GLU B 207 -139.62 10.34 14.26
CA GLU B 207 -139.72 11.51 15.12
C GLU B 207 -140.16 11.14 16.54
N ARG B 208 -141.21 10.34 16.66
CA ARG B 208 -141.69 9.94 17.97
C ARG B 208 -140.62 9.20 18.74
N ARG B 209 -139.87 8.35 18.06
CA ARG B 209 -138.81 7.58 18.71
C ARG B 209 -137.67 8.48 19.14
N LEU B 210 -137.34 9.45 18.30
CA LEU B 210 -136.27 10.39 18.63
C LEU B 210 -136.67 11.18 19.87
N GLN B 211 -137.91 11.65 19.89
CA GLN B 211 -138.39 12.43 21.03
C GLN B 211 -138.27 11.61 22.31
N LYS B 212 -138.58 10.32 22.22
CA LYS B 212 -138.47 9.50 23.42
C LYS B 212 -137.01 9.43 23.83
N ALA B 213 -136.12 9.23 22.86
CA ALA B 213 -134.69 9.15 23.15
C ALA B 213 -134.22 10.44 23.80
N LEU B 214 -134.65 11.56 23.23
CA LEU B 214 -134.28 12.87 23.75
C LEU B 214 -134.75 13.01 25.20
N ASN B 215 -135.92 12.44 25.50
CA ASN B 215 -136.48 12.48 26.86
C ASN B 215 -135.71 11.56 27.81
N GLY B 216 -134.66 10.93 27.32
CA GLY B 216 -133.89 10.00 28.13
C GLY B 216 -134.69 8.73 28.31
N GLN B 217 -135.65 8.49 27.42
CA GLN B 217 -136.50 7.31 27.48
C GLN B 217 -136.14 6.29 26.40
N ILE B 218 -136.64 5.06 26.57
CA ILE B 218 -136.46 3.97 25.61
C ILE B 218 -137.40 4.31 24.47
N ALA B 219 -136.88 4.27 23.24
CA ALA B 219 -137.67 4.61 22.06
C ALA B 219 -138.56 3.50 21.53
N LEU B 220 -139.44 2.99 22.40
CA LEU B 220 -140.38 1.93 22.04
C LEU B 220 -141.77 2.34 22.52
N LYS B 221 -142.79 1.57 22.10
CA LYS B 221 -144.19 1.81 22.45
C LYS B 221 -144.63 3.25 22.19
N LEU B 222 -144.71 3.59 20.89
CA LEU B 222 -145.13 4.91 20.38
C LEU B 222 -143.90 5.80 20.09
N SER C 12 -123.19 22.63 7.27
CA SER C 12 -122.39 22.47 8.54
C SER C 12 -122.80 21.24 9.33
N VAL C 13 -121.81 20.41 9.66
CA VAL C 13 -122.08 19.19 10.42
C VAL C 13 -121.21 19.17 11.67
N THR C 14 -121.71 18.53 12.71
CA THR C 14 -120.94 18.40 13.93
C THR C 14 -121.09 16.98 14.46
N THR C 15 -120.09 16.53 15.20
CA THR C 15 -120.13 15.21 15.80
C THR C 15 -119.75 15.48 17.26
N LYS C 16 -120.19 14.61 18.16
CA LYS C 16 -119.85 14.81 19.56
C LYS C 16 -118.74 13.81 19.90
N ARG C 17 -117.61 14.33 20.37
CA ARG C 17 -116.48 13.49 20.71
C ARG C 17 -116.54 12.90 22.11
N TYR C 18 -115.83 11.80 22.27
CA TYR C 18 -115.80 11.06 23.53
C TYR C 18 -114.51 11.32 24.28
N THR C 19 -114.56 11.14 25.60
CA THR C 19 -113.39 11.35 26.45
C THR C 19 -113.28 10.25 27.49
N LEU C 20 -112.04 9.95 27.89
CA LEU C 20 -111.81 8.93 28.89
C LEU C 20 -112.31 9.45 30.24
N PRO C 21 -113.23 8.70 30.87
CA PRO C 21 -113.75 9.12 32.17
C PRO C 21 -112.78 8.71 33.27
N PRO C 22 -112.69 9.49 34.35
CA PRO C 22 -111.75 9.09 35.40
C PRO C 22 -112.37 7.90 36.15
N LEU C 23 -111.55 7.09 36.80
CA LEU C 23 -112.10 5.97 37.56
C LEU C 23 -112.73 6.53 38.83
N PRO C 24 -113.70 5.81 39.43
CA PRO C 24 -114.36 6.30 40.64
C PRO C 24 -113.50 6.05 41.89
N TYR C 25 -112.37 5.37 41.70
CA TYR C 25 -111.49 5.01 42.79
C TYR C 25 -110.03 4.91 42.33
N ALA C 26 -109.15 4.65 43.29
CA ALA C 26 -107.72 4.51 43.01
C ALA C 26 -107.47 3.22 42.24
N TYR C 27 -106.35 3.17 41.53
CA TYR C 27 -106.00 1.99 40.75
C TYR C 27 -105.85 0.75 41.62
N ASN C 28 -105.34 0.96 42.83
CA ASN C 28 -105.13 -0.14 43.78
C ASN C 28 -106.38 -0.39 44.62
N ALA C 29 -107.40 0.42 44.43
CA ALA C 29 -108.65 0.32 45.19
C ALA C 29 -109.41 -1.01 45.13
N LEU C 30 -109.13 -1.85 44.14
CA LEU C 30 -109.84 -3.13 44.01
C LEU C 30 -109.00 -4.37 44.35
N GLU C 31 -107.77 -4.16 44.81
CA GLU C 31 -106.92 -5.28 45.16
C GLU C 31 -107.45 -5.94 46.42
N PRO C 32 -107.14 -7.23 46.64
CA PRO C 32 -106.33 -8.12 45.81
C PRO C 32 -107.07 -8.79 44.64
N TYR C 33 -108.36 -8.48 44.46
CA TYR C 33 -109.16 -9.08 43.39
C TYR C 33 -108.71 -8.76 41.96
N ILE C 34 -108.34 -7.50 41.72
CA ILE C 34 -107.85 -7.09 40.42
C ILE C 34 -106.66 -6.18 40.72
N SER C 35 -105.48 -6.57 40.23
CA SER C 35 -104.25 -5.81 40.46
C SER C 35 -104.29 -4.37 39.95
N ALA C 36 -103.49 -3.52 40.59
CA ALA C 36 -103.41 -2.12 40.21
C ALA C 36 -102.77 -1.95 38.84
N GLU C 37 -101.96 -2.94 38.42
CA GLU C 37 -101.34 -2.80 37.11
C GLU C 37 -102.40 -3.02 36.03
N ILE C 38 -103.26 -4.01 36.26
CA ILE C 38 -104.35 -4.29 35.34
C ILE C 38 -105.24 -3.05 35.26
N MSE C 39 -105.71 -2.58 36.42
CA MSE C 39 -106.57 -1.40 36.46
C MSE C 39 -105.96 -0.25 35.67
O MSE C 39 -106.63 0.37 34.87
CB MSE C 39 -106.82 -0.93 37.89
CG MSE C 39 -107.58 -1.91 38.76
SE MSE C 39 -109.25 -2.53 37.99
CE MSE C 39 -110.32 -0.91 38.13
N GLN C 40 -104.67 0.00 35.89
CA GLN C 40 -103.98 1.10 35.20
C GLN C 40 -103.87 0.89 33.69
N LEU C 41 -103.42 -0.29 33.29
CA LEU C 41 -103.30 -0.61 31.86
C LEU C 41 -104.66 -0.64 31.19
N HIS C 42 -105.62 -1.24 31.88
CA HIS C 42 -106.97 -1.39 31.38
C HIS C 42 -107.61 -0.04 31.10
N HIS C 43 -107.45 0.89 32.04
CA HIS C 43 -108.01 2.23 31.93
C HIS C 43 -107.22 3.13 30.98
N GLN C 44 -105.94 3.33 31.29
CA GLN C 44 -105.08 4.21 30.52
C GLN C 44 -104.72 3.78 29.11
N LYS C 45 -104.53 2.48 28.90
CA LYS C 45 -104.15 2.00 27.56
C LYS C 45 -105.33 1.48 26.73
N HIS C 46 -106.05 0.52 27.28
CA HIS C 46 -107.17 -0.09 26.58
C HIS C 46 -108.37 0.82 26.44
N HIS C 47 -108.93 1.28 27.55
CA HIS C 47 -110.11 2.15 27.45
C HIS C 47 -109.77 3.43 26.65
N GLN C 48 -108.60 4.00 26.90
CA GLN C 48 -108.20 5.19 26.17
C GLN C 48 -108.16 4.90 24.68
N GLY C 49 -107.73 3.69 24.33
CA GLY C 49 -107.64 3.30 22.93
C GLY C 49 -108.99 3.28 22.25
N TYR C 50 -110.02 2.81 22.94
CA TYR C 50 -111.37 2.76 22.36
C TYR C 50 -111.93 4.17 22.19
N VAL C 51 -111.77 5.01 23.21
CA VAL C 51 -112.24 6.40 23.09
C VAL C 51 -111.54 7.00 21.85
N ASN C 52 -110.22 6.83 21.80
CA ASN C 52 -109.42 7.34 20.69
C ASN C 52 -109.91 6.78 19.36
N GLY C 53 -110.19 5.48 19.35
CA GLY C 53 -110.66 4.81 18.15
C GLY C 53 -112.02 5.31 17.75
N ALA C 54 -112.88 5.58 18.74
CA ALA C 54 -114.22 6.07 18.47
C ALA C 54 -114.09 7.43 17.80
N ASN C 55 -113.28 8.28 18.38
CA ASN C 55 -113.05 9.61 17.84
C ASN C 55 -112.40 9.58 16.47
N ALA C 56 -111.48 8.64 16.27
CA ALA C 56 -110.80 8.53 14.98
C ALA C 56 -111.81 8.23 13.88
N ALA C 57 -112.83 7.43 14.19
CA ALA C 57 -113.85 7.08 13.21
C ALA C 57 -114.76 8.29 12.94
N LEU C 58 -115.08 9.02 14.01
CA LEU C 58 -115.92 10.21 13.90
C LEU C 58 -115.27 11.27 13.00
N GLU C 59 -113.94 11.35 13.06
CA GLU C 59 -113.20 12.31 12.24
C GLU C 59 -113.36 11.98 10.74
N LYS C 60 -113.36 10.70 10.40
CA LYS C 60 -113.53 10.27 9.02
C LYS C 60 -114.98 10.52 8.58
N LEU C 61 -115.91 10.26 9.49
CA LEU C 61 -117.31 10.46 9.20
C LEU C 61 -117.60 11.96 9.04
N GLU C 62 -116.95 12.78 9.87
CA GLU C 62 -117.18 14.21 9.79
C GLU C 62 -116.80 14.80 8.43
N LYS C 63 -115.59 14.52 7.95
CA LYS C 63 -115.20 15.07 6.65
C LYS C 63 -116.05 14.55 5.50
N PHE C 64 -116.48 13.29 5.59
CA PHE C 64 -117.34 12.72 4.56
C PHE C 64 -118.61 13.56 4.50
N ARG C 65 -119.17 13.86 5.66
CA ARG C 65 -120.40 14.65 5.76
C ARG C 65 -120.19 16.09 5.30
N LYS C 66 -118.98 16.61 5.47
CA LYS C 66 -118.63 17.96 5.05
C LYS C 66 -118.20 17.93 3.58
N GLY C 67 -118.47 16.82 2.89
CA GLY C 67 -118.11 16.69 1.49
C GLY C 67 -116.62 16.87 1.25
N GLU C 68 -115.84 16.78 2.30
CA GLU C 68 -114.40 16.96 2.20
C GLU C 68 -113.61 15.70 1.82
N ALA C 69 -114.28 14.57 1.68
CA ALA C 69 -113.59 13.33 1.33
C ALA C 69 -114.56 12.19 1.08
N GLN C 70 -114.01 11.09 0.59
CA GLN C 70 -114.79 9.90 0.32
C GLN C 70 -114.76 9.04 1.57
N ILE C 71 -115.51 7.94 1.56
CA ILE C 71 -115.52 7.10 2.74
C ILE C 71 -115.87 5.65 2.45
N ASP C 72 -115.21 4.75 3.18
CA ASP C 72 -115.47 3.33 3.08
C ASP C 72 -116.40 3.17 4.28
N ILE C 73 -117.68 3.34 4.03
CA ILE C 73 -118.70 3.30 5.08
C ILE C 73 -118.72 2.01 5.92
N ARG C 74 -118.57 0.85 5.28
CA ARG C 74 -118.54 -0.39 6.04
C ARG C 74 -117.32 -0.39 6.96
N ALA C 75 -116.17 -0.04 6.41
CA ALA C 75 -114.94 0.00 7.20
C ALA C 75 -115.08 0.88 8.43
N VAL C 76 -115.53 2.12 8.23
CA VAL C 76 -115.66 3.05 9.33
C VAL C 76 -116.78 2.73 10.31
N LEU C 77 -117.92 2.23 9.85
CA LEU C 77 -119.01 1.93 10.77
C LEU C 77 -118.67 0.68 11.60
N ARG C 78 -117.88 -0.21 11.02
CA ARG C 78 -117.44 -1.41 11.75
C ARG C 78 -116.53 -0.91 12.88
N ASP C 79 -115.63 0.00 12.53
CA ASP C 79 -114.69 0.59 13.49
C ASP C 79 -115.42 1.35 14.62
N LEU C 80 -116.39 2.16 14.23
CA LEU C 80 -117.18 2.94 15.19
C LEU C 80 -117.90 2.05 16.19
N SER C 81 -118.57 1.01 15.69
CA SER C 81 -119.29 0.10 16.57
C SER C 81 -118.38 -0.54 17.61
N PHE C 82 -117.24 -1.04 17.18
CA PHE C 82 -116.29 -1.67 18.09
C PHE C 82 -115.78 -0.71 19.16
N HIS C 83 -115.23 0.42 18.73
CA HIS C 83 -114.67 1.39 19.66
C HIS C 83 -115.70 2.08 20.54
N LEU C 84 -116.84 2.45 19.96
CA LEU C 84 -117.88 3.11 20.73
C LEU C 84 -118.35 2.15 21.85
N ASN C 85 -118.68 0.93 21.48
CA ASN C 85 -119.11 -0.06 22.48
C ASN C 85 -118.03 -0.27 23.54
N GLY C 86 -116.76 -0.32 23.14
CA GLY C 86 -115.71 -0.51 24.13
C GLY C 86 -115.74 0.59 25.18
N HIS C 87 -115.93 1.82 24.72
CA HIS C 87 -115.97 2.98 25.61
C HIS C 87 -117.20 2.93 26.51
N ILE C 88 -118.37 2.73 25.91
CA ILE C 88 -119.60 2.65 26.69
C ILE C 88 -119.51 1.56 27.74
N LEU C 89 -119.16 0.33 27.33
CA LEU C 89 -119.08 -0.80 28.26
C LEU C 89 -118.04 -0.60 29.36
N HIS C 90 -116.90 -0.01 29.05
CA HIS C 90 -115.92 0.24 30.10
C HIS C 90 -116.44 1.35 31.00
N SER C 91 -117.10 2.34 30.40
CA SER C 91 -117.66 3.46 31.15
C SER C 91 -118.67 2.96 32.18
N ILE C 92 -119.31 1.82 31.87
CA ILE C 92 -120.27 1.22 32.79
C ILE C 92 -119.51 0.30 33.78
N PHE C 93 -118.56 -0.44 33.23
CA PHE C 93 -117.71 -1.37 33.97
C PHE C 93 -117.04 -0.79 35.22
N TRP C 94 -116.47 0.40 35.10
CA TRP C 94 -115.77 1.02 36.22
C TRP C 94 -116.70 1.30 37.42
N PRO C 95 -117.76 2.11 37.24
CA PRO C 95 -118.63 2.37 38.38
C PRO C 95 -119.41 1.12 38.83
N ASN C 96 -119.43 0.09 37.98
CA ASN C 96 -120.11 -1.18 38.27
C ASN C 96 -119.37 -1.87 39.42
N MSE C 97 -118.15 -1.42 39.69
CA MSE C 97 -117.33 -2.00 40.75
C MSE C 97 -117.06 -0.95 41.84
O MSE C 97 -117.24 0.25 41.61
CB MSE C 97 -116.00 -2.52 40.20
CG MSE C 97 -116.15 -3.52 39.07
SE MSE C 97 -114.44 -4.22 38.46
CE MSE C 97 -113.88 -2.74 37.35
N ALA C 98 -116.61 -1.42 43.00
CA ALA C 98 -116.32 -0.52 44.10
C ALA C 98 -115.37 -1.21 45.05
N PRO C 99 -114.58 -0.45 45.81
CA PRO C 99 -113.62 -1.06 46.74
C PRO C 99 -114.38 -1.91 47.75
N PRO C 100 -113.86 -3.10 48.08
CA PRO C 100 -114.55 -3.97 49.04
C PRO C 100 -115.08 -3.17 50.22
N GLY C 101 -116.38 -3.29 50.44
CA GLY C 101 -117.07 -2.55 51.47
C GLY C 101 -118.30 -2.02 50.75
N LYS C 102 -118.09 -1.03 49.90
CA LYS C 102 -119.18 -0.47 49.11
C LYS C 102 -119.54 -1.49 48.03
N GLY C 103 -118.57 -2.33 47.70
CA GLY C 103 -118.77 -3.36 46.69
C GLY C 103 -118.69 -4.76 47.25
N GLY C 104 -119.33 -5.71 46.58
CA GLY C 104 -119.31 -7.09 47.04
C GLY C 104 -120.63 -7.51 47.66
N GLY C 105 -120.63 -8.64 48.34
CA GLY C 105 -121.85 -9.11 48.97
C GLY C 105 -122.94 -9.38 47.97
N LYS C 106 -124.16 -9.53 48.45
CA LYS C 106 -125.30 -9.79 47.57
C LYS C 106 -126.10 -8.53 47.29
N PRO C 107 -126.98 -8.56 46.27
CA PRO C 107 -127.78 -7.38 45.95
C PRO C 107 -128.94 -7.20 46.92
N GLY C 108 -129.56 -6.04 46.85
CA GLY C 108 -130.71 -5.71 47.70
C GLY C 108 -131.68 -4.88 46.89
N GLY C 109 -132.68 -4.31 47.58
CA GLY C 109 -133.66 -3.49 46.89
C GLY C 109 -134.34 -4.17 45.72
N LYS C 110 -134.58 -3.40 44.67
CA LYS C 110 -135.22 -3.88 43.45
C LYS C 110 -134.40 -4.95 42.70
N ILE C 111 -133.13 -4.66 42.47
CA ILE C 111 -132.31 -5.63 41.75
C ILE C 111 -132.33 -7.04 42.38
N ALA C 112 -132.18 -7.11 43.70
CA ALA C 112 -132.20 -8.40 44.40
C ALA C 112 -133.57 -9.02 44.21
N ASP C 113 -134.59 -8.18 44.26
CA ASP C 113 -135.96 -8.64 44.09
C ASP C 113 -136.22 -9.14 42.67
N LEU C 114 -135.70 -8.43 41.68
CA LEU C 114 -135.89 -8.83 40.28
C LEU C 114 -135.05 -10.05 39.91
N ILE C 115 -133.88 -10.17 40.52
CA ILE C 115 -133.01 -11.32 40.28
C ILE C 115 -133.72 -12.60 40.75
N ASN C 116 -134.57 -12.50 41.77
CA ASN C 116 -135.28 -13.68 42.26
C ASN C 116 -136.45 -14.00 41.35
N LYS C 117 -137.08 -12.98 40.77
CA LYS C 117 -138.22 -13.21 39.91
C LYS C 117 -137.85 -13.94 38.63
N PHE C 118 -136.81 -13.46 37.96
CA PHE C 118 -136.40 -14.06 36.70
C PHE C 118 -135.45 -15.25 36.81
N PHE C 119 -134.65 -15.30 37.87
CA PHE C 119 -133.71 -16.42 38.05
C PHE C 119 -134.04 -17.35 39.20
N GLY C 120 -134.96 -16.93 40.08
CA GLY C 120 -135.32 -17.77 41.20
C GLY C 120 -134.54 -17.44 42.46
N SER C 121 -133.23 -17.28 42.33
CA SER C 121 -132.37 -16.94 43.47
C SER C 121 -131.08 -16.25 43.01
N PHE C 122 -130.37 -15.64 43.95
CA PHE C 122 -129.10 -14.98 43.60
C PHE C 122 -128.12 -16.05 43.16
N GLU C 123 -128.23 -17.23 43.77
CA GLU C 123 -127.36 -18.35 43.45
C GLU C 123 -127.45 -18.74 41.99
N LYS C 124 -128.68 -18.87 41.49
CA LYS C 124 -128.92 -19.25 40.10
C LYS C 124 -128.44 -18.16 39.16
N PHE C 125 -128.76 -16.92 39.47
CA PHE C 125 -128.35 -15.78 38.65
C PHE C 125 -126.83 -15.78 38.52
N LYS C 126 -126.14 -16.05 39.63
CA LYS C 126 -124.69 -16.08 39.68
C LYS C 126 -124.13 -17.18 38.78
N GLU C 127 -124.85 -18.29 38.70
CA GLU C 127 -124.45 -19.42 37.87
C GLU C 127 -124.60 -19.05 36.38
N GLU C 128 -125.75 -18.50 36.02
CA GLU C 128 -126.00 -18.12 34.63
C GLU C 128 -125.02 -17.06 34.14
N PHE C 129 -124.77 -16.05 34.98
CA PHE C 129 -123.86 -14.96 34.66
C PHE C 129 -122.41 -15.46 34.61
N SER C 130 -122.01 -16.20 35.64
CA SER C 130 -120.65 -16.75 35.71
C SER C 130 -120.33 -17.70 34.55
N GLN C 131 -121.28 -18.54 34.20
CA GLN C 131 -121.08 -19.47 33.10
C GLN C 131 -121.00 -18.75 31.76
N ALA C 132 -121.77 -17.68 31.61
CA ALA C 132 -121.74 -16.92 30.37
C ALA C 132 -120.39 -16.22 30.22
N ALA C 133 -119.88 -15.65 31.32
CA ALA C 133 -118.61 -14.95 31.29
C ALA C 133 -117.41 -15.90 31.08
N LYS C 134 -117.41 -17.03 31.78
CA LYS C 134 -116.33 -18.01 31.65
C LYS C 134 -116.33 -18.69 30.29
N ASN C 135 -117.49 -18.73 29.65
CA ASN C 135 -117.58 -19.40 28.36
C ASN C 135 -117.72 -18.51 27.13
N VAL C 136 -117.29 -17.26 27.24
CA VAL C 136 -117.32 -16.39 26.08
C VAL C 136 -116.17 -16.91 25.24
N GLU C 137 -116.45 -17.22 23.97
CA GLU C 137 -115.43 -17.73 23.08
C GLU C 137 -114.59 -16.58 22.54
N GLY C 138 -113.33 -16.54 22.94
CA GLY C 138 -112.45 -15.47 22.50
C GLY C 138 -112.54 -14.37 23.55
N VAL C 139 -112.58 -13.11 23.13
CA VAL C 139 -112.65 -12.03 24.11
C VAL C 139 -114.04 -11.42 24.13
N GLY C 140 -114.49 -10.98 25.30
CA GLY C 140 -115.79 -10.38 25.37
C GLY C 140 -116.26 -9.97 26.76
N TRP C 141 -117.57 -9.98 26.93
CA TRP C 141 -118.21 -9.63 28.19
C TRP C 141 -119.41 -10.50 28.46
N ALA C 142 -119.84 -10.48 29.72
CA ALA C 142 -121.07 -11.12 30.12
C ALA C 142 -121.79 -9.87 30.59
N ILE C 143 -123.06 -9.73 30.23
CA ILE C 143 -123.79 -8.57 30.70
C ILE C 143 -125.18 -8.96 31.17
N LEU C 144 -125.71 -8.15 32.08
CA LEU C 144 -127.05 -8.30 32.59
C LEU C 144 -127.74 -7.02 32.12
N VAL C 145 -128.76 -7.18 31.29
CA VAL C 145 -129.49 -6.03 30.78
C VAL C 145 -130.95 -6.12 31.17
N TYR C 146 -131.67 -5.03 30.92
CA TYR C 146 -133.11 -4.98 31.15
C TYR C 146 -133.69 -4.87 29.74
N GLU C 147 -134.44 -5.89 29.32
CA GLU C 147 -135.04 -5.90 27.99
C GLU C 147 -136.40 -5.21 28.10
N PRO C 148 -136.50 -3.96 27.62
CA PRO C 148 -137.73 -3.15 27.67
C PRO C 148 -139.01 -3.70 27.04
N LEU C 149 -138.90 -4.25 25.83
CA LEU C 149 -140.06 -4.77 25.11
C LEU C 149 -140.99 -5.63 25.97
N GLU C 150 -140.46 -6.68 26.59
CA GLU C 150 -141.29 -7.52 27.45
C GLU C 150 -140.92 -7.33 28.91
N GLU C 151 -140.09 -6.33 29.17
CA GLU C 151 -139.68 -5.98 30.53
C GLU C 151 -139.15 -7.11 31.40
N GLN C 152 -137.97 -7.65 31.06
CA GLN C 152 -137.39 -8.71 31.87
C GLN C 152 -135.87 -8.63 31.89
N LEU C 153 -135.28 -9.26 32.90
CA LEU C 153 -133.83 -9.30 33.06
C LEU C 153 -133.28 -10.41 32.16
N LEU C 154 -132.25 -10.11 31.38
CA LEU C 154 -131.64 -11.10 30.50
C LEU C 154 -130.14 -11.02 30.58
N ILE C 155 -129.49 -12.17 30.51
CA ILE C 155 -128.04 -12.19 30.52
C ILE C 155 -127.63 -12.53 29.09
N LEU C 156 -126.63 -11.83 28.59
CA LEU C 156 -126.14 -12.07 27.24
C LEU C 156 -124.62 -12.14 27.21
N GLN C 157 -124.11 -12.83 26.20
CA GLN C 157 -122.67 -12.93 25.96
C GLN C 157 -122.42 -11.91 24.85
N ILE C 158 -121.32 -11.18 24.98
CA ILE C 158 -120.94 -10.19 23.97
C ILE C 158 -119.55 -10.62 23.51
N GLU C 159 -119.30 -10.61 22.21
CA GLU C 159 -117.97 -10.94 21.72
C GLU C 159 -117.32 -9.63 21.25
N LYS C 160 -116.03 -9.49 21.53
CA LYS C 160 -115.28 -8.24 21.27
C LYS C 160 -116.05 -7.27 22.17
N HIS C 161 -116.56 -6.15 21.64
CA HIS C 161 -117.35 -5.23 22.46
C HIS C 161 -118.70 -5.00 21.79
N ASN C 162 -118.78 -5.38 20.52
CA ASN C 162 -119.97 -5.05 19.74
C ASN C 162 -120.86 -6.10 19.11
N LEU C 163 -120.66 -7.37 19.46
CA LEU C 163 -121.47 -8.41 18.86
C LEU C 163 -122.46 -8.98 19.85
N MSE C 164 -123.70 -9.13 19.38
CA MSE C 164 -124.81 -9.72 20.13
C MSE C 164 -125.62 -8.89 21.11
O MSE C 164 -126.51 -9.43 21.76
CB MSE C 164 -124.34 -11.00 20.81
CG MSE C 164 -123.73 -11.98 19.83
SE MSE C 164 -123.47 -13.70 20.61
CE MSE C 164 -121.93 -13.30 21.73
N HIS C 165 -125.32 -7.60 21.23
CA HIS C 165 -126.11 -6.73 22.10
C HIS C 165 -127.56 -6.80 21.61
N ALA C 166 -128.50 -6.55 22.51
CA ALA C 166 -129.92 -6.55 22.14
C ALA C 166 -130.28 -5.07 21.97
N ALA C 167 -130.73 -4.71 20.77
CA ALA C 167 -131.11 -3.35 20.45
C ALA C 167 -131.98 -2.73 21.56
N ASP C 168 -131.70 -1.45 21.87
CA ASP C 168 -132.41 -0.68 22.90
C ASP C 168 -132.23 -1.13 24.35
N ALA C 169 -131.74 -2.36 24.55
CA ALA C 169 -131.57 -2.88 25.91
C ALA C 169 -130.61 -2.04 26.73
N GLN C 170 -130.92 -1.89 28.01
CA GLN C 170 -130.07 -1.12 28.93
C GLN C 170 -129.24 -2.07 29.77
N VAL C 171 -127.92 -1.90 29.67
CA VAL C 171 -126.97 -2.73 30.39
C VAL C 171 -126.98 -2.32 31.86
N LEU C 172 -127.16 -3.29 32.75
CA LEU C 172 -127.19 -3.01 34.19
C LEU C 172 -125.86 -3.35 34.90
N LEU C 173 -125.29 -4.49 34.54
CA LEU C 173 -124.02 -4.94 35.11
C LEU C 173 -123.22 -5.58 33.99
N ALA C 174 -121.95 -5.22 33.87
CA ALA C 174 -121.12 -5.76 32.82
C ALA C 174 -119.82 -6.31 33.38
N LEU C 175 -119.41 -7.48 32.86
CA LEU C 175 -118.17 -8.10 33.29
C LEU C 175 -117.30 -8.26 32.07
N ASP C 176 -116.09 -7.73 32.15
CA ASP C 176 -115.14 -7.77 31.06
C ASP C 176 -114.30 -9.04 31.11
N VAL C 177 -114.41 -9.89 30.08
CA VAL C 177 -113.57 -11.09 30.05
C VAL C 177 -112.56 -11.08 28.91
N TRP C 178 -112.11 -9.90 28.51
CA TRP C 178 -111.04 -9.77 27.52
C TRP C 178 -109.85 -10.18 28.40
N GLU C 179 -108.89 -10.90 27.82
CA GLU C 179 -107.76 -11.34 28.61
C GLU C 179 -106.98 -10.19 29.30
N HIS C 180 -106.94 -9.01 28.69
CA HIS C 180 -106.19 -7.92 29.33
C HIS C 180 -106.80 -7.50 30.66
N ALA C 181 -108.05 -7.88 30.88
CA ALA C 181 -108.74 -7.55 32.13
C ALA C 181 -108.30 -8.47 33.27
N TYR C 182 -107.51 -9.51 32.99
CA TYR C 182 -107.12 -10.43 34.05
C TYR C 182 -105.82 -11.22 33.91
N TYR C 183 -105.37 -11.42 32.68
CA TYR C 183 -104.19 -12.23 32.41
C TYR C 183 -102.91 -11.98 33.21
N LEU C 184 -102.60 -10.71 33.49
CA LEU C 184 -101.39 -10.41 34.25
C LEU C 184 -101.46 -11.00 35.65
N GLN C 185 -102.66 -11.13 36.19
CA GLN C 185 -102.83 -11.65 37.54
C GLN C 185 -103.30 -13.09 37.56
N TYR C 186 -104.35 -13.39 36.82
CA TYR C 186 -104.92 -14.72 36.79
C TYR C 186 -104.41 -15.63 35.70
N LYS C 187 -103.56 -15.12 34.83
CA LYS C 187 -103.04 -15.93 33.73
C LYS C 187 -104.25 -16.45 32.95
N ASN C 188 -104.18 -17.71 32.54
CA ASN C 188 -105.23 -18.38 31.77
C ASN C 188 -106.51 -18.72 32.54
N ASP C 189 -106.46 -18.63 33.86
CA ASP C 189 -107.61 -18.98 34.70
C ASP C 189 -108.67 -17.88 34.75
N ARG C 190 -109.50 -17.84 33.71
CA ARG C 190 -110.57 -16.86 33.61
C ARG C 190 -111.61 -17.14 34.71
N GLY C 191 -111.76 -18.43 35.03
CA GLY C 191 -112.71 -18.84 36.05
C GLY C 191 -112.48 -18.20 37.42
N SER C 192 -111.24 -18.21 37.90
CA SER C 192 -110.92 -17.61 39.20
C SER C 192 -111.20 -16.10 39.15
N TYR C 193 -110.78 -15.46 38.06
CA TYR C 193 -111.02 -14.03 37.88
C TYR C 193 -112.52 -13.71 37.96
N VAL C 194 -113.32 -14.47 37.23
CA VAL C 194 -114.77 -14.26 37.22
C VAL C 194 -115.35 -14.43 38.63
N ASP C 195 -114.92 -15.48 39.34
CA ASP C 195 -115.43 -15.72 40.69
C ASP C 195 -114.99 -14.64 41.68
N ASN C 196 -113.74 -14.21 41.59
CA ASN C 196 -113.22 -13.20 42.51
C ASN C 196 -113.77 -11.80 42.29
N TRP C 197 -114.32 -11.57 41.11
CA TRP C 197 -114.87 -10.28 40.72
C TRP C 197 -116.13 -9.88 41.48
N TRP C 198 -116.95 -10.86 41.84
CA TRP C 198 -118.18 -10.57 42.59
C TRP C 198 -117.87 -9.77 43.85
N ASN C 199 -116.68 -10.01 44.40
CA ASN C 199 -116.22 -9.36 45.63
C ASN C 199 -116.04 -7.85 45.53
N VAL C 200 -116.24 -7.29 44.34
CA VAL C 200 -116.09 -5.86 44.14
C VAL C 200 -117.28 -5.26 43.39
N VAL C 201 -118.32 -6.05 43.19
CA VAL C 201 -119.51 -5.58 42.47
C VAL C 201 -120.23 -4.50 43.25
N ASN C 202 -120.60 -3.43 42.56
CA ASN C 202 -121.29 -2.30 43.16
C ASN C 202 -122.78 -2.48 42.92
N TRP C 203 -123.44 -3.22 43.80
CA TRP C 203 -124.85 -3.48 43.65
C TRP C 203 -125.74 -2.24 43.71
N ASP C 204 -125.23 -1.17 44.29
CA ASP C 204 -126.02 0.05 44.38
C ASP C 204 -126.07 0.70 42.99
N ASP C 205 -125.02 0.49 42.21
CA ASP C 205 -124.94 1.01 40.85
C ASP C 205 -125.93 0.25 39.97
N VAL C 206 -125.86 -1.08 40.04
CA VAL C 206 -126.76 -1.92 39.25
C VAL C 206 -128.18 -1.55 39.65
N GLU C 207 -128.36 -1.22 40.92
CA GLU C 207 -129.66 -0.85 41.45
C GLU C 207 -130.20 0.39 40.77
N ARG C 208 -129.39 1.45 40.74
CA ARG C 208 -129.81 2.70 40.12
C ARG C 208 -130.11 2.55 38.62
N ARG C 209 -129.23 1.87 37.89
CA ARG C 209 -129.47 1.66 36.46
C ARG C 209 -130.76 0.91 36.24
N LEU C 210 -131.03 -0.07 37.12
CA LEU C 210 -132.27 -0.85 37.04
C LEU C 210 -133.46 0.07 37.30
N GLN C 211 -133.27 1.03 38.20
CA GLN C 211 -134.33 2.00 38.51
C GLN C 211 -134.69 2.74 37.22
N LYS C 212 -133.66 3.23 36.53
CA LYS C 212 -133.85 3.94 35.27
C LYS C 212 -134.62 3.06 34.30
N ALA C 213 -134.04 1.89 33.99
CA ALA C 213 -134.67 0.94 33.08
C ALA C 213 -136.11 0.64 33.50
N LEU C 214 -136.33 0.42 34.80
CA LEU C 214 -137.66 0.16 35.31
C LEU C 214 -138.53 1.37 35.03
N ASN C 215 -137.90 2.53 34.96
CA ASN C 215 -138.61 3.78 34.69
C ASN C 215 -138.69 4.02 33.17
N GLY C 216 -138.49 2.96 32.40
CA GLY C 216 -138.55 3.05 30.95
C GLY C 216 -137.57 4.07 30.41
N GLN C 217 -136.47 4.26 31.14
CA GLN C 217 -135.44 5.22 30.76
C GLN C 217 -134.11 4.55 30.44
N ILE C 218 -133.19 5.33 29.89
CA ILE C 218 -131.85 4.88 29.54
C ILE C 218 -131.06 4.83 30.85
N ALA C 219 -130.23 3.80 31.01
CA ALA C 219 -129.46 3.63 32.24
C ALA C 219 -128.05 4.20 32.18
N LEU C 220 -127.93 5.49 31.97
CA LEU C 220 -126.63 6.14 31.93
C LEU C 220 -126.67 7.48 32.63
N LYS C 221 -125.49 8.06 32.84
CA LYS C 221 -125.37 9.35 33.50
C LYS C 221 -126.15 9.32 34.80
N LEU C 222 -126.04 8.18 35.49
CA LEU C 222 -126.70 7.91 36.77
C LEU C 222 -126.87 6.39 36.92
N SER D 12 -92.27 -5.23 -10.52
CA SER D 12 -91.64 -5.82 -9.29
C SER D 12 -92.70 -6.38 -8.34
N VAL D 13 -93.97 -6.00 -8.56
CA VAL D 13 -95.09 -6.47 -7.74
C VAL D 13 -96.24 -6.99 -8.62
N THR D 14 -96.73 -8.20 -8.33
CA THR D 14 -97.82 -8.76 -9.11
C THR D 14 -98.92 -9.38 -8.25
N THR D 15 -100.15 -9.29 -8.72
CA THR D 15 -101.30 -9.88 -8.02
C THR D 15 -102.19 -10.58 -9.06
N LYS D 16 -102.33 -11.91 -8.92
CA LYS D 16 -103.14 -12.70 -9.83
C LYS D 16 -104.61 -12.34 -9.70
N ARG D 17 -105.30 -12.18 -10.83
CA ARG D 17 -106.72 -11.84 -10.79
C ARG D 17 -107.62 -13.04 -11.07
N TYR D 18 -108.86 -12.94 -10.64
CA TYR D 18 -109.83 -14.01 -10.79
C TYR D 18 -110.86 -13.71 -11.87
N THR D 19 -111.44 -14.77 -12.44
CA THR D 19 -112.46 -14.63 -13.47
C THR D 19 -113.63 -15.59 -13.21
N LEU D 20 -114.82 -15.20 -13.65
CA LEU D 20 -116.01 -16.02 -13.45
C LEU D 20 -115.92 -17.32 -14.26
N PRO D 21 -115.91 -18.48 -13.57
CA PRO D 21 -115.83 -19.75 -14.29
C PRO D 21 -117.16 -20.02 -15.00
N PRO D 22 -117.10 -20.69 -16.18
CA PRO D 22 -118.30 -21.01 -16.94
C PRO D 22 -119.01 -22.17 -16.28
N LEU D 23 -120.34 -22.13 -16.25
CA LEU D 23 -121.09 -23.23 -15.66
C LEU D 23 -120.83 -24.49 -16.49
N PRO D 24 -120.92 -25.66 -15.86
CA PRO D 24 -120.69 -26.91 -16.60
C PRO D 24 -121.95 -27.31 -17.37
N TYR D 25 -122.98 -26.47 -17.31
CA TYR D 25 -124.25 -26.80 -17.95
C TYR D 25 -125.18 -25.60 -18.18
N ALA D 26 -126.37 -25.89 -18.69
CA ALA D 26 -127.38 -24.88 -18.95
C ALA D 26 -127.98 -24.49 -17.62
N TYR D 27 -128.65 -23.35 -17.58
CA TYR D 27 -129.26 -22.86 -16.36
C TYR D 27 -130.42 -23.73 -15.89
N ASN D 28 -131.16 -24.27 -16.85
CA ASN D 28 -132.31 -25.11 -16.57
C ASN D 28 -131.97 -26.57 -16.28
N ALA D 29 -130.66 -26.87 -16.21
CA ALA D 29 -130.20 -28.23 -15.97
C ALA D 29 -130.62 -28.86 -14.63
N LEU D 30 -130.78 -28.05 -13.59
CA LEU D 30 -131.15 -28.57 -12.27
C LEU D 30 -132.64 -28.50 -11.92
N GLU D 31 -133.46 -28.04 -12.87
CA GLU D 31 -134.91 -27.93 -12.66
C GLU D 31 -135.54 -29.31 -12.49
N PRO D 32 -136.59 -29.44 -11.65
CA PRO D 32 -137.24 -28.39 -10.84
C PRO D 32 -136.60 -28.27 -9.45
N TYR D 33 -135.32 -28.60 -9.34
CA TYR D 33 -134.61 -28.53 -8.07
C TYR D 33 -134.05 -27.13 -7.86
N ILE D 34 -133.59 -26.52 -8.94
CA ILE D 34 -133.07 -25.16 -8.88
C ILE D 34 -133.41 -24.49 -10.21
N SER D 35 -134.37 -23.57 -10.18
CA SER D 35 -134.82 -22.87 -11.38
C SER D 35 -133.71 -22.26 -12.21
N ALA D 36 -134.00 -22.02 -13.49
CA ALA D 36 -133.04 -21.44 -14.40
C ALA D 36 -132.87 -19.96 -14.07
N GLU D 37 -133.91 -19.34 -13.51
CA GLU D 37 -133.79 -17.95 -13.15
C GLU D 37 -132.76 -17.82 -12.03
N ILE D 38 -132.92 -18.65 -11.00
CA ILE D 38 -132.00 -18.64 -9.87
C ILE D 38 -130.59 -18.97 -10.34
N MSE D 39 -130.46 -19.97 -11.21
CA MSE D 39 -129.14 -20.35 -11.72
C MSE D 39 -128.48 -19.21 -12.47
O MSE D 39 -127.28 -18.99 -12.34
CB MSE D 39 -129.27 -21.57 -12.64
CG MSE D 39 -129.71 -22.84 -11.92
SE MSE D 39 -128.49 -23.43 -10.50
CE MSE D 39 -126.80 -23.00 -11.38
N GLN D 40 -129.27 -18.46 -13.23
CA GLN D 40 -128.72 -17.34 -13.98
C GLN D 40 -128.28 -16.21 -13.07
N LEU D 41 -129.15 -15.79 -12.16
CA LEU D 41 -128.85 -14.69 -11.24
C LEU D 41 -127.65 -15.05 -10.38
N HIS D 42 -127.76 -16.18 -9.66
CA HIS D 42 -126.72 -16.68 -8.78
C HIS D 42 -125.34 -16.65 -9.45
N HIS D 43 -125.28 -17.11 -10.70
CA HIS D 43 -124.03 -17.14 -11.43
C HIS D 43 -123.61 -15.81 -12.07
N GLN D 44 -124.46 -15.27 -12.95
CA GLN D 44 -124.15 -14.02 -13.64
C GLN D 44 -123.99 -12.80 -12.75
N LYS D 45 -124.90 -12.67 -11.78
CA LYS D 45 -124.85 -11.51 -10.89
C LYS D 45 -124.02 -11.73 -9.64
N HIS D 46 -124.54 -12.57 -8.75
CA HIS D 46 -123.87 -12.85 -7.48
C HIS D 46 -122.42 -13.32 -7.58
N HIS D 47 -122.17 -14.43 -8.27
CA HIS D 47 -120.80 -14.94 -8.38
C HIS D 47 -119.87 -13.93 -9.07
N GLN D 48 -120.35 -13.27 -10.10
CA GLN D 48 -119.56 -12.27 -10.79
C GLN D 48 -119.17 -11.18 -9.79
N GLY D 49 -120.10 -10.86 -8.89
CA GLY D 49 -119.82 -9.83 -7.90
C GLY D 49 -118.63 -10.19 -7.04
N TYR D 50 -118.55 -11.46 -6.65
CA TYR D 50 -117.45 -11.91 -5.80
C TYR D 50 -116.13 -11.87 -6.54
N VAL D 51 -116.16 -12.21 -7.83
CA VAL D 51 -114.94 -12.16 -8.62
C VAL D 51 -114.48 -10.71 -8.64
N ASN D 52 -115.43 -9.81 -8.86
CA ASN D 52 -115.14 -8.38 -8.90
C ASN D 52 -114.62 -7.87 -7.57
N GLY D 53 -115.32 -8.20 -6.48
CA GLY D 53 -114.89 -7.77 -5.17
C GLY D 53 -113.49 -8.23 -4.81
N ALA D 54 -113.18 -9.48 -5.13
CA ALA D 54 -111.86 -10.03 -4.84
C ALA D 54 -110.80 -9.22 -5.59
N ASN D 55 -111.04 -8.99 -6.88
CA ASN D 55 -110.11 -8.25 -7.71
C ASN D 55 -109.94 -6.82 -7.27
N ALA D 56 -111.03 -6.19 -6.84
CA ALA D 56 -110.98 -4.80 -6.38
C ALA D 56 -110.09 -4.72 -5.13
N ALA D 57 -110.21 -5.72 -4.27
CA ALA D 57 -109.40 -5.76 -3.06
C ALA D 57 -107.93 -5.94 -3.43
N LEU D 58 -107.64 -6.80 -4.41
CA LEU D 58 -106.27 -7.04 -4.83
C LEU D 58 -105.69 -5.77 -5.43
N GLU D 59 -106.52 -5.04 -6.17
CA GLU D 59 -106.07 -3.81 -6.79
C GLU D 59 -105.55 -2.88 -5.69
N LYS D 60 -106.27 -2.80 -4.57
CA LYS D 60 -105.87 -1.94 -3.47
C LYS D 60 -104.56 -2.42 -2.85
N LEU D 61 -104.44 -3.73 -2.71
CA LEU D 61 -103.23 -4.30 -2.15
C LEU D 61 -102.05 -4.08 -3.09
N GLU D 62 -102.28 -4.28 -4.39
CA GLU D 62 -101.22 -4.11 -5.36
C GLU D 62 -100.70 -2.68 -5.31
N LYS D 63 -101.61 -1.71 -5.26
CA LYS D 63 -101.26 -0.29 -5.20
C LYS D 63 -100.41 -0.02 -3.96
N PHE D 64 -100.84 -0.60 -2.83
CA PHE D 64 -100.14 -0.46 -1.56
C PHE D 64 -98.73 -1.01 -1.67
N ARG D 65 -98.62 -2.26 -2.11
CA ARG D 65 -97.32 -2.91 -2.24
C ARG D 65 -96.37 -2.14 -3.17
N LYS D 66 -96.93 -1.46 -4.17
CA LYS D 66 -96.11 -0.69 -5.09
C LYS D 66 -95.73 0.64 -4.47
N GLY D 67 -96.46 1.05 -3.44
CA GLY D 67 -96.16 2.30 -2.78
C GLY D 67 -96.89 3.46 -3.45
N GLU D 68 -97.78 3.14 -4.38
CA GLU D 68 -98.57 4.15 -5.08
C GLU D 68 -99.74 4.62 -4.23
N ALA D 69 -99.94 3.97 -3.08
CA ALA D 69 -101.05 4.35 -2.20
C ALA D 69 -100.94 3.69 -0.84
N GLN D 70 -101.73 4.21 0.11
CA GLN D 70 -101.80 3.70 1.47
C GLN D 70 -102.78 2.53 1.52
N ILE D 71 -103.25 2.19 2.72
CA ILE D 71 -104.23 1.11 2.87
C ILE D 71 -104.75 0.93 4.28
N ASP D 72 -106.02 0.55 4.37
CA ASP D 72 -106.73 0.23 5.62
C ASP D 72 -106.65 -1.30 5.56
N ILE D 73 -105.56 -1.86 6.09
CA ILE D 73 -105.35 -3.29 6.02
C ILE D 73 -106.47 -4.19 6.55
N ARG D 74 -107.10 -3.79 7.66
CA ARG D 74 -108.19 -4.58 8.24
C ARG D 74 -109.33 -4.61 7.25
N ALA D 75 -109.74 -3.43 6.79
CA ALA D 75 -110.83 -3.28 5.84
C ALA D 75 -110.64 -4.10 4.56
N VAL D 76 -109.48 -3.94 3.92
CA VAL D 76 -109.21 -4.66 2.68
C VAL D 76 -109.06 -6.17 2.86
N LEU D 77 -108.42 -6.59 3.96
CA LEU D 77 -108.26 -8.02 4.21
C LEU D 77 -109.61 -8.65 4.57
N ARG D 78 -110.48 -7.88 5.22
CA ARG D 78 -111.81 -8.38 5.52
C ARG D 78 -112.55 -8.50 4.16
N ASP D 79 -112.39 -7.49 3.30
CA ASP D 79 -113.03 -7.50 1.98
C ASP D 79 -112.57 -8.68 1.14
N LEU D 80 -111.25 -8.78 1.00
CA LEU D 80 -110.63 -9.85 0.22
C LEU D 80 -111.09 -11.22 0.69
N SER D 81 -111.06 -11.44 2.00
CA SER D 81 -111.48 -12.72 2.53
C SER D 81 -112.91 -13.08 2.13
N PHE D 82 -113.81 -12.10 2.21
CA PHE D 82 -115.21 -12.32 1.86
C PHE D 82 -115.41 -12.69 0.39
N HIS D 83 -114.95 -11.82 -0.51
CA HIS D 83 -115.11 -12.05 -1.94
C HIS D 83 -114.35 -13.25 -2.45
N LEU D 84 -113.10 -13.42 -2.02
CA LEU D 84 -112.30 -14.57 -2.44
C LEU D 84 -113.06 -15.88 -2.13
N ASN D 85 -113.51 -16.04 -0.89
CA ASN D 85 -114.26 -17.24 -0.50
C ASN D 85 -115.55 -17.35 -1.30
N GLY D 86 -116.18 -16.21 -1.59
CA GLY D 86 -117.41 -16.26 -2.38
C GLY D 86 -117.10 -16.90 -3.72
N HIS D 87 -115.98 -16.50 -4.31
CA HIS D 87 -115.54 -17.02 -5.61
C HIS D 87 -115.16 -18.50 -5.55
N ILE D 88 -114.30 -18.88 -4.60
CA ILE D 88 -113.87 -20.27 -4.46
C ILE D 88 -115.07 -21.20 -4.20
N LEU D 89 -115.88 -20.89 -3.20
CA LEU D 89 -117.02 -21.74 -2.90
C LEU D 89 -118.03 -21.91 -4.06
N HIS D 90 -118.26 -20.85 -4.82
CA HIS D 90 -119.21 -20.96 -5.92
C HIS D 90 -118.60 -21.78 -7.06
N SER D 91 -117.28 -21.67 -7.23
CA SER D 91 -116.55 -22.41 -8.27
C SER D 91 -116.59 -23.92 -7.97
N ILE D 92 -116.68 -24.27 -6.69
CA ILE D 92 -116.76 -25.67 -6.28
C ILE D 92 -118.23 -26.10 -6.31
N PHE D 93 -119.11 -25.16 -5.97
CA PHE D 93 -120.56 -25.36 -5.92
C PHE D 93 -121.17 -25.84 -7.24
N TRP D 94 -120.80 -25.19 -8.34
CA TRP D 94 -121.35 -25.53 -9.66
C TRP D 94 -121.03 -26.98 -10.04
N PRO D 95 -119.74 -27.33 -10.13
CA PRO D 95 -119.41 -28.72 -10.49
C PRO D 95 -119.81 -29.75 -9.42
N ASN D 96 -120.22 -29.29 -8.24
CA ASN D 96 -120.66 -30.19 -7.17
C ASN D 96 -122.06 -30.69 -7.53
N MSE D 97 -122.60 -30.16 -8.62
CA MSE D 97 -123.93 -30.53 -9.08
C MSE D 97 -123.90 -30.89 -10.56
O MSE D 97 -122.94 -30.56 -11.27
CB MSE D 97 -124.91 -29.37 -8.88
CG MSE D 97 -125.06 -28.90 -7.43
SE MSE D 97 -126.29 -27.40 -7.23
CE MSE D 97 -125.25 -26.06 -8.25
N ALA D 98 -124.95 -31.56 -11.01
CA ALA D 98 -125.06 -31.98 -12.41
C ALA D 98 -126.52 -32.31 -12.74
N PRO D 99 -126.87 -32.28 -14.03
CA PRO D 99 -128.25 -32.60 -14.40
C PRO D 99 -128.60 -33.97 -13.86
N PRO D 100 -129.77 -34.10 -13.19
CA PRO D 100 -130.19 -35.39 -12.63
C PRO D 100 -129.84 -36.56 -13.55
N GLY D 101 -129.47 -37.68 -12.95
CA GLY D 101 -129.06 -38.84 -13.71
C GLY D 101 -127.55 -38.86 -13.50
N LYS D 102 -126.91 -37.79 -13.97
CA LYS D 102 -125.48 -37.64 -13.78
C LYS D 102 -125.33 -37.13 -12.35
N GLY D 103 -126.38 -36.46 -11.87
CA GLY D 103 -126.37 -35.94 -10.52
C GLY D 103 -127.44 -36.57 -9.67
N GLY D 104 -127.12 -36.82 -8.41
CA GLY D 104 -128.08 -37.42 -7.50
C GLY D 104 -127.72 -38.85 -7.18
N GLY D 105 -128.69 -39.59 -6.65
CA GLY D 105 -128.46 -40.98 -6.30
C GLY D 105 -127.81 -41.18 -4.95
N LYS D 106 -126.60 -41.74 -4.96
CA LYS D 106 -125.88 -41.98 -3.72
C LYS D 106 -124.37 -41.96 -3.98
N PRO D 107 -123.57 -41.87 -2.91
CA PRO D 107 -122.12 -41.84 -3.06
C PRO D 107 -121.50 -43.18 -3.47
N GLY D 108 -120.42 -43.10 -4.22
CA GLY D 108 -119.74 -44.30 -4.66
C GLY D 108 -118.26 -44.01 -4.70
N GLY D 109 -117.45 -45.04 -4.45
CA GLY D 109 -116.00 -44.88 -4.46
C GLY D 109 -115.40 -44.64 -3.08
N LYS D 110 -114.21 -44.07 -3.06
CA LYS D 110 -113.53 -43.76 -1.80
C LYS D 110 -114.43 -42.92 -0.89
N ILE D 111 -115.26 -42.07 -1.50
CA ILE D 111 -116.15 -41.20 -0.72
C ILE D 111 -117.29 -41.97 -0.06
N ALA D 112 -117.81 -43.00 -0.72
CA ALA D 112 -118.87 -43.80 -0.13
C ALA D 112 -118.27 -44.55 1.07
N ASP D 113 -117.02 -44.97 0.92
CA ASP D 113 -116.30 -45.69 1.96
C ASP D 113 -116.03 -44.81 3.18
N LEU D 114 -115.50 -43.61 2.93
CA LEU D 114 -115.20 -42.66 4.00
C LEU D 114 -116.45 -42.15 4.71
N ILE D 115 -117.48 -41.82 3.92
CA ILE D 115 -118.74 -41.34 4.49
C ILE D 115 -119.30 -42.40 5.43
N ASN D 116 -119.21 -43.66 5.05
CA ASN D 116 -119.73 -44.70 5.91
C ASN D 116 -118.78 -44.89 7.09
N LYS D 117 -117.50 -44.64 6.87
CA LYS D 117 -116.50 -44.77 7.91
C LYS D 117 -116.71 -43.75 9.03
N PHE D 118 -116.76 -42.48 8.65
CA PHE D 118 -116.92 -41.40 9.62
C PHE D 118 -118.34 -41.09 10.09
N PHE D 119 -119.35 -41.45 9.28
CA PHE D 119 -120.75 -41.19 9.64
C PHE D 119 -121.58 -42.46 9.84
N GLY D 120 -121.06 -43.60 9.41
CA GLY D 120 -121.78 -44.85 9.59
C GLY D 120 -122.69 -45.24 8.43
N SER D 121 -123.22 -44.25 7.72
CA SER D 121 -124.10 -44.52 6.59
C SER D 121 -124.25 -43.25 5.78
N PHE D 122 -124.87 -43.36 4.62
CA PHE D 122 -125.08 -42.19 3.79
C PHE D 122 -126.26 -41.42 4.34
N GLU D 123 -127.16 -42.13 5.02
CA GLU D 123 -128.33 -41.49 5.59
C GLU D 123 -127.97 -40.68 6.83
N LYS D 124 -126.97 -41.15 7.58
CA LYS D 124 -126.54 -40.42 8.76
C LYS D 124 -125.82 -39.17 8.28
N PHE D 125 -125.07 -39.30 7.19
CA PHE D 125 -124.33 -38.19 6.60
C PHE D 125 -125.31 -37.13 6.07
N LYS D 126 -126.29 -37.59 5.29
CA LYS D 126 -127.29 -36.70 4.72
C LYS D 126 -128.04 -35.95 5.81
N GLU D 127 -128.22 -36.62 6.94
CA GLU D 127 -128.92 -36.02 8.07
C GLU D 127 -128.09 -34.91 8.72
N GLU D 128 -126.80 -35.19 8.94
CA GLU D 128 -125.90 -34.21 9.55
C GLU D 128 -125.68 -33.02 8.62
N PHE D 129 -125.34 -33.31 7.37
CA PHE D 129 -125.12 -32.26 6.38
C PHE D 129 -126.36 -31.43 6.15
N SER D 130 -127.51 -32.08 5.95
CA SER D 130 -128.76 -31.36 5.71
C SER D 130 -129.17 -30.50 6.90
N GLN D 131 -128.89 -30.99 8.11
CA GLN D 131 -129.24 -30.22 9.28
C GLN D 131 -128.30 -29.04 9.48
N ALA D 132 -127.03 -29.21 9.14
CA ALA D 132 -126.06 -28.13 9.26
C ALA D 132 -126.54 -27.04 8.30
N ALA D 133 -126.97 -27.46 7.11
CA ALA D 133 -127.42 -26.52 6.09
C ALA D 133 -128.66 -25.77 6.55
N LYS D 134 -129.69 -26.52 6.92
CA LYS D 134 -130.95 -25.92 7.36
C LYS D 134 -130.80 -25.05 8.61
N ASN D 135 -129.82 -25.37 9.45
CA ASN D 135 -129.60 -24.61 10.68
C ASN D 135 -128.53 -23.51 10.64
N VAL D 136 -128.17 -23.07 9.43
CA VAL D 136 -127.20 -21.99 9.30
C VAL D 136 -127.94 -20.73 9.77
N GLU D 137 -127.27 -19.88 10.55
CA GLU D 137 -127.88 -18.66 11.05
C GLU D 137 -127.55 -17.51 10.09
N GLY D 138 -128.57 -16.98 9.42
CA GLY D 138 -128.34 -15.92 8.46
C GLY D 138 -128.00 -16.54 7.12
N VAL D 139 -126.95 -16.05 6.46
CA VAL D 139 -126.54 -16.58 5.16
C VAL D 139 -125.22 -17.35 5.27
N GLY D 140 -125.13 -18.47 4.57
CA GLY D 140 -123.90 -19.24 4.61
C GLY D 140 -123.89 -20.49 3.75
N TRP D 141 -123.15 -21.49 4.23
CA TRP D 141 -123.02 -22.77 3.55
C TRP D 141 -122.91 -23.92 4.55
N ALA D 142 -123.12 -25.13 4.03
CA ALA D 142 -122.95 -26.35 4.78
C ALA D 142 -121.93 -27.07 3.89
N ILE D 143 -120.73 -27.32 4.41
CA ILE D 143 -119.72 -27.99 3.61
C ILE D 143 -119.21 -29.31 4.18
N LEU D 144 -118.56 -30.06 3.30
CA LEU D 144 -117.93 -31.33 3.64
C LEU D 144 -116.47 -31.11 3.24
N VAL D 145 -115.57 -31.30 4.19
CA VAL D 145 -114.15 -31.12 3.92
C VAL D 145 -113.34 -32.33 4.41
N TYR D 146 -112.13 -32.45 3.88
CA TYR D 146 -111.20 -33.49 4.30
C TYR D 146 -110.28 -32.74 5.26
N GLU D 147 -110.18 -33.21 6.49
CA GLU D 147 -109.35 -32.55 7.48
C GLU D 147 -107.98 -33.26 7.49
N PRO D 148 -106.95 -32.58 6.97
CA PRO D 148 -105.57 -33.10 6.87
C PRO D 148 -104.73 -33.37 8.12
N LEU D 149 -105.06 -32.78 9.27
CA LEU D 149 -104.24 -33.04 10.45
C LEU D 149 -104.47 -34.44 11.01
N GLU D 150 -105.73 -34.87 11.06
CA GLU D 150 -106.04 -36.22 11.52
C GLU D 150 -106.72 -37.01 10.40
N GLU D 151 -106.59 -36.50 9.18
CA GLU D 151 -107.12 -37.14 7.99
C GLU D 151 -108.51 -37.77 8.16
N GLN D 152 -109.52 -36.92 8.39
CA GLN D 152 -110.88 -37.41 8.54
C GLN D 152 -111.81 -36.46 7.83
N LEU D 153 -112.99 -36.93 7.47
CA LEU D 153 -113.98 -36.06 6.81
C LEU D 153 -114.79 -35.34 7.90
N LEU D 154 -115.11 -34.07 7.64
CA LEU D 154 -115.90 -33.27 8.59
C LEU D 154 -116.90 -32.37 7.86
N ILE D 155 -118.04 -32.15 8.49
CA ILE D 155 -119.05 -31.26 7.93
C ILE D 155 -118.93 -30.00 8.78
N LEU D 156 -118.96 -28.85 8.13
CA LEU D 156 -118.87 -27.57 8.84
C LEU D 156 -119.93 -26.64 8.32
N GLN D 157 -120.24 -25.64 9.14
CA GLN D 157 -121.18 -24.59 8.76
C GLN D 157 -120.27 -23.40 8.47
N ILE D 158 -120.59 -22.65 7.43
CA ILE D 158 -119.84 -21.45 7.06
C ILE D 158 -120.85 -20.30 7.05
N GLU D 159 -120.57 -19.24 7.80
CA GLU D 159 -121.47 -18.10 7.79
C GLU D 159 -120.91 -17.12 6.76
N LYS D 160 -121.80 -16.46 6.02
CA LYS D 160 -121.40 -15.58 4.91
C LYS D 160 -120.59 -16.50 3.97
N HIS D 161 -119.38 -16.10 3.60
CA HIS D 161 -118.56 -16.96 2.74
C HIS D 161 -117.26 -17.34 3.43
N ASN D 162 -116.90 -16.57 4.45
CA ASN D 162 -115.61 -16.72 5.09
C ASN D 162 -115.53 -17.05 6.57
N LEU D 163 -116.67 -17.29 7.22
CA LEU D 163 -116.62 -17.58 8.63
C LEU D 163 -116.70 -19.07 8.96
N MSE D 164 -115.71 -19.54 9.71
CA MSE D 164 -115.61 -20.91 10.20
C MSE D 164 -114.94 -21.98 9.33
O MSE D 164 -114.99 -23.16 9.66
CB MSE D 164 -116.99 -21.38 10.67
CG MSE D 164 -117.49 -20.47 11.79
SE MSE D 164 -119.01 -21.13 12.77
CE MSE D 164 -120.38 -20.97 11.37
N HIS D 165 -114.31 -21.58 8.24
CA HIS D 165 -113.59 -22.56 7.42
C HIS D 165 -112.52 -23.19 8.33
N ALA D 166 -112.08 -24.40 7.97
CA ALA D 166 -111.03 -25.07 8.73
C ALA D 166 -109.75 -24.82 7.92
N ALA D 167 -108.78 -24.14 8.53
CA ALA D 167 -107.52 -23.82 7.84
C ALA D 167 -106.87 -25.05 7.21
N ASP D 168 -106.49 -24.92 5.93
CA ASP D 168 -105.84 -26.00 5.17
C ASP D 168 -106.77 -27.09 4.63
N ALA D 169 -107.91 -27.28 5.29
CA ALA D 169 -108.86 -28.33 4.87
C ALA D 169 -109.29 -28.20 3.42
N GLN D 170 -109.69 -29.31 2.82
CA GLN D 170 -110.13 -29.31 1.43
C GLN D 170 -111.62 -29.51 1.33
N VAL D 171 -112.29 -28.54 0.71
CA VAL D 171 -113.74 -28.56 0.53
C VAL D 171 -114.07 -29.54 -0.59
N LEU D 172 -114.82 -30.58 -0.24
CA LEU D 172 -115.20 -31.60 -1.23
C LEU D 172 -116.62 -31.42 -1.78
N LEU D 173 -117.54 -30.98 -0.91
CA LEU D 173 -118.94 -30.77 -1.27
C LEU D 173 -119.47 -29.52 -0.57
N ALA D 174 -119.99 -28.58 -1.36
CA ALA D 174 -120.53 -27.33 -0.84
C ALA D 174 -122.01 -27.12 -1.18
N LEU D 175 -122.79 -26.72 -0.19
CA LEU D 175 -124.21 -26.44 -0.39
C LEU D 175 -124.50 -25.00 0.09
N ASP D 176 -124.74 -24.12 -0.85
CA ASP D 176 -125.04 -22.71 -0.58
C ASP D 176 -126.45 -22.51 -0.02
N VAL D 177 -126.57 -21.93 1.17
CA VAL D 177 -127.88 -21.68 1.75
C VAL D 177 -128.15 -20.18 1.89
N TRP D 178 -127.51 -19.37 1.06
CA TRP D 178 -127.77 -17.94 1.06
C TRP D 178 -129.17 -17.86 0.44
N GLU D 179 -129.97 -16.90 0.87
CA GLU D 179 -131.31 -16.79 0.33
C GLU D 179 -131.35 -16.73 -1.21
N HIS D 180 -130.42 -16.01 -1.83
CA HIS D 180 -130.46 -15.93 -3.30
C HIS D 180 -130.24 -17.27 -4.01
N ALA D 181 -129.91 -18.30 -3.25
CA ALA D 181 -129.71 -19.63 -3.83
C ALA D 181 -131.04 -20.38 -3.92
N TYR D 182 -132.09 -19.88 -3.26
CA TYR D 182 -133.38 -20.59 -3.27
C TYR D 182 -134.68 -19.79 -3.17
N TYR D 183 -134.65 -18.62 -2.53
CA TYR D 183 -135.86 -17.79 -2.33
C TYR D 183 -136.85 -17.64 -3.50
N LEU D 184 -136.37 -17.26 -4.69
CA LEU D 184 -137.26 -17.10 -5.85
C LEU D 184 -138.11 -18.35 -6.08
N GLN D 185 -137.54 -19.51 -5.79
CA GLN D 185 -138.26 -20.76 -5.99
C GLN D 185 -138.96 -21.27 -4.73
N TYR D 186 -138.19 -21.47 -3.66
CA TYR D 186 -138.72 -22.00 -2.41
C TYR D 186 -139.13 -20.97 -1.36
N LYS D 187 -138.93 -19.69 -1.66
CA LYS D 187 -139.24 -18.64 -0.70
C LYS D 187 -138.52 -18.92 0.62
N ASN D 188 -139.27 -18.94 1.72
CA ASN D 188 -138.70 -19.19 3.05
C ASN D 188 -138.40 -20.67 3.33
N ASP D 189 -138.96 -21.57 2.55
CA ASP D 189 -138.74 -23.00 2.76
C ASP D 189 -137.34 -23.42 2.35
N ARG D 190 -136.36 -23.11 3.19
CA ARG D 190 -134.98 -23.46 2.91
C ARG D 190 -134.86 -24.97 3.06
N GLY D 191 -135.68 -25.52 3.95
CA GLY D 191 -135.66 -26.95 4.20
C GLY D 191 -135.89 -27.79 2.97
N SER D 192 -136.89 -27.43 2.16
CA SER D 192 -137.19 -28.18 0.94
C SER D 192 -136.15 -27.93 -0.14
N TYR D 193 -135.52 -26.77 -0.10
CA TYR D 193 -134.48 -26.45 -1.07
C TYR D 193 -133.33 -27.42 -0.80
N VAL D 194 -133.07 -27.64 0.49
CA VAL D 194 -132.00 -28.54 0.94
C VAL D 194 -132.28 -29.98 0.53
N ASP D 195 -133.50 -30.44 0.81
CA ASP D 195 -133.87 -31.80 0.49
C ASP D 195 -133.80 -32.12 -1.00
N ASN D 196 -134.25 -31.20 -1.85
CA ASN D 196 -134.23 -31.41 -3.29
C ASN D 196 -132.83 -31.37 -3.89
N TRP D 197 -131.96 -30.57 -3.28
CA TRP D 197 -130.59 -30.40 -3.73
C TRP D 197 -129.81 -31.70 -3.93
N TRP D 198 -130.08 -32.71 -3.11
CA TRP D 198 -129.36 -33.98 -3.21
C TRP D 198 -129.60 -34.68 -4.56
N ASN D 199 -130.68 -34.31 -5.23
CA ASN D 199 -131.04 -34.91 -6.52
C ASN D 199 -130.18 -34.32 -7.65
N VAL D 200 -129.26 -33.43 -7.31
CA VAL D 200 -128.40 -32.83 -8.32
C VAL D 200 -126.93 -32.93 -7.96
N VAL D 201 -126.65 -33.38 -6.75
CA VAL D 201 -125.26 -33.52 -6.31
C VAL D 201 -124.47 -34.39 -7.27
N ASN D 202 -123.38 -33.84 -7.79
CA ASN D 202 -122.53 -34.57 -8.70
C ASN D 202 -121.50 -35.33 -7.87
N TRP D 203 -121.84 -36.54 -7.46
CA TRP D 203 -120.94 -37.36 -6.65
C TRP D 203 -119.68 -37.76 -7.39
N ASP D 204 -119.65 -37.57 -8.70
CA ASP D 204 -118.48 -37.89 -9.50
C ASP D 204 -117.44 -36.80 -9.24
N ASP D 205 -117.94 -35.59 -9.03
CA ASP D 205 -117.08 -34.44 -8.74
C ASP D 205 -116.51 -34.56 -7.34
N VAL D 206 -117.38 -34.86 -6.38
CA VAL D 206 -116.96 -35.00 -4.99
C VAL D 206 -115.89 -36.09 -4.85
N GLU D 207 -116.08 -37.20 -5.55
CA GLU D 207 -115.11 -38.29 -5.49
C GLU D 207 -113.75 -37.81 -5.98
N ARG D 208 -113.74 -37.09 -7.09
CA ARG D 208 -112.48 -36.58 -7.64
C ARG D 208 -111.78 -35.69 -6.63
N ARG D 209 -112.55 -34.85 -5.94
CA ARG D 209 -111.98 -33.95 -4.96
C ARG D 209 -111.38 -34.72 -3.79
N LEU D 210 -112.07 -35.77 -3.36
CA LEU D 210 -111.58 -36.61 -2.26
C LEU D 210 -110.29 -37.32 -2.63
N GLN D 211 -110.19 -37.73 -3.89
CA GLN D 211 -109.00 -38.42 -4.38
C GLN D 211 -107.78 -37.50 -4.29
N LYS D 212 -107.96 -36.25 -4.71
CA LYS D 212 -106.85 -35.30 -4.64
C LYS D 212 -106.47 -35.06 -3.20
N ALA D 213 -107.48 -34.91 -2.35
CA ALA D 213 -107.30 -34.68 -0.92
C ALA D 213 -106.49 -35.81 -0.29
N LEU D 214 -106.86 -37.04 -0.63
CA LEU D 214 -106.18 -38.22 -0.09
C LEU D 214 -104.73 -38.31 -0.56
N ASN D 215 -104.45 -37.76 -1.75
CA ASN D 215 -103.09 -37.79 -2.29
C ASN D 215 -102.24 -36.73 -1.64
N GLY D 216 -102.87 -35.95 -0.76
CA GLY D 216 -102.16 -34.88 -0.07
C GLY D 216 -102.14 -33.69 -1.01
N GLN D 217 -103.13 -33.61 -1.89
CA GLN D 217 -103.21 -32.53 -2.86
C GLN D 217 -104.40 -31.61 -2.60
N ILE D 218 -104.38 -30.46 -3.28
CA ILE D 218 -105.45 -29.48 -3.17
C ILE D 218 -106.61 -29.94 -4.04
N ALA D 219 -107.81 -29.91 -3.45
CA ALA D 219 -109.04 -30.34 -4.10
C ALA D 219 -109.56 -29.38 -5.16
N LEU D 220 -108.66 -28.87 -5.99
CA LEU D 220 -109.03 -27.95 -7.06
C LEU D 220 -108.43 -28.45 -8.38
N LYS D 221 -108.85 -27.84 -9.48
CA LYS D 221 -108.35 -28.20 -10.81
C LYS D 221 -108.41 -29.70 -11.09
N LEU D 222 -109.57 -30.31 -10.82
CA LEU D 222 -109.78 -31.74 -11.04
C LEU D 222 -111.17 -32.13 -10.55
N SER E 12 -69.82 -17.67 35.58
CA SER E 12 -69.95 -17.48 34.10
C SER E 12 -69.89 -15.99 33.71
N VAL E 13 -68.87 -15.61 32.95
CA VAL E 13 -68.72 -14.23 32.50
C VAL E 13 -68.55 -14.11 30.98
N THR E 14 -69.50 -13.48 30.31
CA THR E 14 -69.44 -13.30 28.87
C THR E 14 -69.78 -11.87 28.45
N THR E 15 -68.89 -11.24 27.68
CA THR E 15 -69.14 -9.89 27.18
C THR E 15 -69.33 -10.00 25.66
N LYS E 16 -70.40 -9.40 25.17
CA LYS E 16 -70.69 -9.42 23.75
C LYS E 16 -69.72 -8.48 23.05
N ARG E 17 -69.19 -8.90 21.91
CA ARG E 17 -68.26 -8.07 21.17
C ARG E 17 -68.89 -7.45 19.93
N TYR E 18 -68.36 -6.30 19.53
CA TYR E 18 -68.90 -5.59 18.38
C TYR E 18 -68.13 -5.93 17.11
N THR E 19 -68.76 -5.63 15.97
CA THR E 19 -68.19 -5.87 14.66
C THR E 19 -68.57 -4.71 13.76
N LEU E 20 -67.79 -4.50 12.71
CA LEU E 20 -68.06 -3.42 11.76
C LEU E 20 -69.16 -3.82 10.79
N PRO E 21 -70.19 -2.97 10.65
CA PRO E 21 -71.28 -3.29 9.72
C PRO E 21 -70.79 -2.94 8.31
N PRO E 22 -71.36 -3.58 7.26
CA PRO E 22 -70.91 -3.26 5.89
C PRO E 22 -71.62 -1.99 5.44
N LEU E 23 -71.08 -1.31 4.44
CA LEU E 23 -71.78 -0.11 3.96
C LEU E 23 -73.01 -0.52 3.17
N PRO E 24 -74.06 0.31 3.19
CA PRO E 24 -75.29 -0.01 2.46
C PRO E 24 -75.10 0.30 0.97
N TYR E 25 -73.89 0.75 0.62
CA TYR E 25 -73.58 1.15 -0.74
C TYR E 25 -72.10 1.23 -1.02
N ALA E 26 -71.76 1.53 -2.27
CA ALA E 26 -70.37 1.65 -2.71
C ALA E 26 -69.70 2.84 -2.05
N TYR E 27 -68.40 2.73 -1.82
CA TYR E 27 -67.64 3.81 -1.21
C TYR E 27 -67.71 5.09 -2.01
N ASN E 28 -68.21 4.98 -3.24
CA ASN E 28 -68.35 6.14 -4.12
C ASN E 28 -69.80 6.43 -4.52
N ALA E 29 -70.75 5.80 -3.82
CA ALA E 29 -72.17 6.00 -4.10
C ALA E 29 -72.69 7.36 -3.63
N LEU E 30 -71.92 8.01 -2.75
CA LEU E 30 -72.34 9.31 -2.24
C LEU E 30 -71.70 10.49 -2.97
N GLU E 31 -70.92 10.18 -4.00
CA GLU E 31 -70.29 11.23 -4.79
C GLU E 31 -71.39 12.06 -5.45
N PRO E 32 -71.13 13.36 -5.69
CA PRO E 32 -69.88 14.07 -5.40
C PRO E 32 -69.89 14.64 -3.98
N TYR E 33 -70.96 14.40 -3.25
CA TYR E 33 -71.12 14.93 -1.91
C TYR E 33 -70.04 14.51 -0.91
N ILE E 34 -69.66 13.23 -0.94
CA ILE E 34 -68.62 12.72 -0.07
C ILE E 34 -67.76 11.82 -0.93
N SER E 35 -66.47 12.16 -1.05
CA SER E 35 -65.54 11.38 -1.87
C SER E 35 -65.39 9.93 -1.41
N ALA E 36 -65.10 9.04 -2.37
CA ALA E 36 -64.93 7.63 -2.07
C ALA E 36 -63.69 7.48 -1.20
N GLU E 37 -62.79 8.45 -1.35
CA GLU E 37 -61.54 8.49 -0.60
C GLU E 37 -61.85 8.60 0.88
N ILE E 38 -62.81 9.47 1.21
CA ILE E 38 -63.21 9.68 2.59
C ILE E 38 -64.05 8.52 3.10
N MSE E 39 -65.07 8.13 2.35
CA MSE E 39 -65.95 7.02 2.74
C MSE E 39 -65.15 5.79 3.14
O MSE E 39 -65.40 5.21 4.21
CB MSE E 39 -66.89 6.63 1.59
CG MSE E 39 -67.97 7.65 1.24
SE MSE E 39 -69.19 8.11 2.69
CE MSE E 39 -70.03 6.38 3.02
N GLN E 40 -64.20 5.40 2.31
CA GLN E 40 -63.41 4.22 2.61
C GLN E 40 -62.59 4.37 3.88
N LEU E 41 -61.93 5.51 4.04
CA LEU E 41 -61.13 5.75 5.26
C LEU E 41 -62.06 5.79 6.47
N HIS E 42 -63.09 6.62 6.37
CA HIS E 42 -64.03 6.81 7.46
C HIS E 42 -64.70 5.53 7.95
N HIS E 43 -65.06 4.66 6.99
CA HIS E 43 -65.71 3.39 7.32
C HIS E 43 -64.73 2.26 7.64
N GLN E 44 -63.70 2.13 6.82
CA GLN E 44 -62.70 1.07 6.99
C GLN E 44 -61.60 1.34 8.01
N LYS E 45 -61.36 2.61 8.31
CA LYS E 45 -60.32 2.96 9.25
C LYS E 45 -60.87 3.48 10.57
N HIS E 46 -61.56 4.62 10.51
CA HIS E 46 -62.11 5.24 11.70
C HIS E 46 -63.20 4.42 12.37
N HIS E 47 -64.20 3.98 11.61
CA HIS E 47 -65.28 3.20 12.20
C HIS E 47 -64.70 1.91 12.77
N GLN E 48 -63.81 1.26 12.02
CA GLN E 48 -63.18 0.03 12.47
C GLN E 48 -62.49 0.25 13.83
N GLY E 49 -61.78 1.36 13.95
CA GLY E 49 -61.08 1.67 15.18
C GLY E 49 -61.98 1.67 16.41
N TYR E 50 -63.16 2.26 16.29
CA TYR E 50 -64.11 2.33 17.41
C TYR E 50 -64.65 0.95 17.77
N VAL E 51 -64.67 0.04 16.79
CA VAL E 51 -65.14 -1.32 17.04
C VAL E 51 -64.09 -2.08 17.83
N ASN E 52 -62.83 -1.85 17.50
CA ASN E 52 -61.72 -2.50 18.20
C ASN E 52 -61.61 -1.86 19.57
N GLY E 53 -61.82 -0.56 19.61
CA GLY E 53 -61.75 0.18 20.87
C GLY E 53 -62.78 -0.32 21.85
N ALA E 54 -64.03 -0.46 21.42
CA ALA E 54 -65.10 -0.93 22.31
C ALA E 54 -64.79 -2.34 22.79
N ASN E 55 -64.32 -3.20 21.87
CA ASN E 55 -63.98 -4.57 22.22
C ASN E 55 -62.84 -4.61 23.22
N ALA E 56 -61.83 -3.78 22.99
CA ALA E 56 -60.68 -3.72 23.90
C ALA E 56 -61.12 -3.40 25.31
N ALA E 57 -61.97 -2.37 25.46
CA ALA E 57 -62.45 -1.98 26.78
C ALA E 57 -63.32 -3.06 27.42
N LEU E 58 -64.02 -3.84 26.59
CA LEU E 58 -64.87 -4.91 27.11
C LEU E 58 -64.02 -6.06 27.61
N GLU E 59 -62.95 -6.36 26.88
CA GLU E 59 -62.06 -7.44 27.24
C GLU E 59 -61.43 -7.19 28.62
N LYS E 60 -61.07 -5.93 28.90
CA LYS E 60 -60.49 -5.56 30.19
C LYS E 60 -61.52 -5.76 31.29
N LEU E 61 -62.75 -5.32 31.03
CA LEU E 61 -63.82 -5.47 31.99
C LEU E 61 -64.11 -6.97 32.21
N GLU E 62 -63.99 -7.76 31.15
CA GLU E 62 -64.23 -9.20 31.27
C GLU E 62 -63.13 -9.86 32.10
N LYS E 63 -61.90 -9.41 31.92
CA LYS E 63 -60.77 -9.96 32.67
C LYS E 63 -60.75 -9.40 34.08
N PHE E 64 -61.65 -8.47 34.36
CA PHE E 64 -61.78 -7.87 35.69
C PHE E 64 -62.91 -8.61 36.40
N ARG E 65 -63.95 -8.94 35.64
CA ARG E 65 -65.11 -9.66 36.20
C ARG E 65 -64.75 -11.10 36.53
N LYS E 66 -63.68 -11.57 35.89
CA LYS E 66 -63.20 -12.93 36.10
C LYS E 66 -62.08 -12.93 37.17
N GLY E 67 -61.98 -11.84 37.91
CA GLY E 67 -60.97 -11.72 38.95
C GLY E 67 -59.56 -12.00 38.46
N GLU E 68 -59.42 -12.18 37.16
CA GLU E 68 -58.13 -12.47 36.55
C GLU E 68 -57.36 -11.19 36.24
N ALA E 69 -57.84 -10.06 36.73
CA ALA E 69 -57.21 -8.77 36.51
C ALA E 69 -57.98 -7.66 37.22
N GLN E 70 -57.26 -6.61 37.64
CA GLN E 70 -57.89 -5.49 38.33
C GLN E 70 -58.43 -4.53 37.26
N ILE E 71 -58.56 -3.23 37.60
CA ILE E 71 -59.04 -2.26 36.62
C ILE E 71 -59.23 -0.82 37.09
N ASP E 72 -58.78 0.14 36.26
CA ASP E 72 -58.98 1.55 36.55
C ASP E 72 -60.35 1.74 35.94
N ILE E 73 -61.37 1.59 36.77
CA ILE E 73 -62.75 1.66 36.32
C ILE E 73 -63.11 2.93 35.55
N ARG E 74 -62.60 4.08 35.99
CA ARG E 74 -62.89 5.33 35.32
C ARG E 74 -62.23 5.45 33.96
N ALA E 75 -61.01 4.94 33.83
CA ALA E 75 -60.30 4.99 32.57
C ALA E 75 -61.03 4.14 31.54
N VAL E 76 -61.30 2.89 31.90
CA VAL E 76 -61.96 1.95 31.00
C VAL E 76 -63.39 2.32 30.60
N LEU E 77 -64.17 2.89 31.53
CA LEU E 77 -65.55 3.26 31.19
C LEU E 77 -65.53 4.49 30.28
N ARG E 78 -64.47 5.28 30.39
CA ARG E 78 -64.31 6.45 29.54
C ARG E 78 -63.97 5.93 28.14
N ASP E 79 -63.09 4.92 28.07
CA ASP E 79 -62.72 4.34 26.77
C ASP E 79 -63.90 3.63 26.12
N LEU E 80 -64.61 2.83 26.92
CA LEU E 80 -65.77 2.10 26.42
C LEU E 80 -66.86 3.07 25.93
N SER E 81 -67.19 4.05 26.76
CA SER E 81 -68.20 5.02 26.42
C SER E 81 -67.84 5.73 25.11
N PHE E 82 -66.57 6.05 24.95
CA PHE E 82 -66.11 6.72 23.73
C PHE E 82 -66.27 5.85 22.49
N HIS E 83 -65.61 4.70 22.48
CA HIS E 83 -65.66 3.80 21.34
C HIS E 83 -67.03 3.19 21.11
N LEU E 84 -67.75 2.90 22.20
CA LEU E 84 -69.07 2.33 22.04
C LEU E 84 -69.94 3.31 21.27
N ASN E 85 -69.90 4.58 21.64
CA ASN E 85 -70.69 5.58 20.94
C ASN E 85 -70.14 5.79 19.54
N GLY E 86 -68.82 5.73 19.39
CA GLY E 86 -68.25 5.90 18.08
C GLY E 86 -68.84 4.84 17.15
N HIS E 87 -69.00 3.63 17.69
CA HIS E 87 -69.54 2.52 16.92
C HIS E 87 -71.05 2.61 16.69
N ILE E 88 -71.78 3.04 17.72
CA ILE E 88 -73.23 3.19 17.60
C ILE E 88 -73.62 4.27 16.60
N LEU E 89 -73.05 5.47 16.75
CA LEU E 89 -73.37 6.56 15.84
C LEU E 89 -72.96 6.26 14.40
N HIS E 90 -71.81 5.62 14.19
CA HIS E 90 -71.44 5.31 12.82
C HIS E 90 -72.40 4.31 12.18
N SER E 91 -72.87 3.36 12.98
CA SER E 91 -73.80 2.35 12.50
C SER E 91 -75.08 3.00 11.98
N ILE E 92 -75.50 4.09 12.63
CA ILE E 92 -76.71 4.82 12.23
C ILE E 92 -76.39 5.80 11.06
N PHE E 93 -75.16 6.32 11.05
CA PHE E 93 -74.71 7.26 10.03
C PHE E 93 -74.88 6.72 8.61
N TRP E 94 -74.26 5.58 8.31
CA TRP E 94 -74.31 4.99 6.97
C TRP E 94 -75.72 4.79 6.39
N PRO E 95 -76.62 4.10 7.12
CA PRO E 95 -77.98 3.92 6.57
C PRO E 95 -78.80 5.22 6.60
N ASN E 96 -78.38 6.18 7.41
CA ASN E 96 -79.03 7.49 7.49
C ASN E 96 -78.80 8.19 6.15
N MSE E 97 -77.99 7.58 5.30
CA MSE E 97 -77.68 8.14 3.97
C MSE E 97 -77.93 7.12 2.86
O MSE E 97 -77.91 5.92 3.08
CB MSE E 97 -76.21 8.60 3.91
CG MSE E 97 -75.80 9.56 5.04
SE MSE E 97 -74.02 10.31 4.83
CE MSE E 97 -72.93 8.76 5.21
N ALA E 98 -78.16 7.63 1.66
CA ALA E 98 -78.43 6.79 0.48
C ALA E 98 -78.05 7.59 -0.76
N PRO E 99 -77.54 6.91 -1.80
CA PRO E 99 -77.15 7.58 -3.04
C PRO E 99 -78.24 8.52 -3.56
N PRO E 100 -77.84 9.62 -4.23
CA PRO E 100 -78.78 10.61 -4.78
C PRO E 100 -79.94 9.91 -5.46
N GLY E 101 -81.16 10.25 -5.01
CA GLY E 101 -82.36 9.62 -5.53
C GLY E 101 -83.07 9.06 -4.31
N LYS E 102 -82.51 8.02 -3.71
CA LYS E 102 -83.10 7.45 -2.50
C LYS E 102 -82.86 8.47 -1.40
N GLY E 103 -81.66 9.05 -1.42
CA GLY E 103 -81.30 10.05 -0.43
C GLY E 103 -81.43 11.44 -1.04
N GLY E 104 -81.99 12.37 -0.28
CA GLY E 104 -82.16 13.72 -0.79
C GLY E 104 -83.57 14.25 -0.67
N GLY E 105 -83.79 15.45 -1.19
CA GLY E 105 -85.11 16.06 -1.13
C GLY E 105 -85.63 16.20 0.27
N LYS E 106 -86.90 16.52 0.40
CA LYS E 106 -87.53 16.69 1.69
C LYS E 106 -88.17 15.38 2.16
N PRO E 107 -88.32 15.21 3.48
CA PRO E 107 -88.91 14.00 4.06
C PRO E 107 -90.44 13.96 3.96
N GLY E 108 -91.02 12.78 4.22
CA GLY E 108 -92.46 12.63 4.16
C GLY E 108 -93.01 12.00 5.43
N GLY E 109 -93.91 11.02 5.27
CA GLY E 109 -94.50 10.32 6.39
C GLY E 109 -94.62 11.05 7.71
N LYS E 110 -94.58 10.30 8.80
CA LYS E 110 -94.70 10.87 10.13
C LYS E 110 -93.51 11.79 10.42
N ILE E 111 -92.37 11.49 9.81
CA ILE E 111 -91.16 12.29 10.03
C ILE E 111 -91.40 13.76 9.63
N ALA E 112 -91.83 13.98 8.39
CA ALA E 112 -92.10 15.32 7.90
C ALA E 112 -93.16 16.05 8.71
N ASP E 113 -94.14 15.30 9.21
CA ASP E 113 -95.23 15.88 10.00
C ASP E 113 -94.77 16.27 11.39
N LEU E 114 -93.96 15.41 12.03
CA LEU E 114 -93.47 15.72 13.37
C LEU E 114 -92.49 16.89 13.29
N ILE E 115 -91.76 16.97 12.19
CA ILE E 115 -90.80 18.06 11.98
C ILE E 115 -91.52 19.40 12.01
N ASN E 116 -92.68 19.48 11.38
CA ASN E 116 -93.43 20.74 11.37
C ASN E 116 -94.10 20.97 12.72
N LYS E 117 -94.51 19.88 13.36
CA LYS E 117 -95.15 19.97 14.66
C LYS E 117 -94.22 20.66 15.63
N PHE E 118 -92.98 20.20 15.67
CA PHE E 118 -91.98 20.74 16.59
C PHE E 118 -91.06 21.82 16.03
N PHE E 119 -90.91 21.89 14.72
CA PHE E 119 -90.04 22.90 14.11
C PHE E 119 -90.77 23.99 13.32
N GLY E 120 -91.97 23.66 12.86
CA GLY E 120 -92.75 24.62 12.11
C GLY E 120 -92.67 24.38 10.62
N SER E 121 -91.51 23.96 10.15
CA SER E 121 -91.29 23.70 8.72
C SER E 121 -89.98 22.95 8.52
N PHE E 122 -89.83 22.31 7.36
CA PHE E 122 -88.60 21.57 7.06
C PHE E 122 -87.41 22.53 6.98
N GLU E 123 -87.68 23.77 6.59
CA GLU E 123 -86.63 24.78 6.48
C GLU E 123 -86.05 25.17 7.83
N LYS E 124 -86.92 25.35 8.83
CA LYS E 124 -86.48 25.72 10.18
C LYS E 124 -85.72 24.55 10.81
N PHE E 125 -86.08 23.34 10.39
CA PHE E 125 -85.43 22.14 10.88
C PHE E 125 -84.04 22.09 10.29
N LYS E 126 -83.99 22.13 8.96
CA LYS E 126 -82.74 22.10 8.21
C LYS E 126 -81.82 23.22 8.66
N GLU E 127 -82.41 24.32 9.11
CA GLU E 127 -81.62 25.45 9.58
C GLU E 127 -81.11 25.15 10.99
N GLU E 128 -81.96 24.61 11.85
CA GLU E 128 -81.55 24.32 13.22
C GLU E 128 -80.50 23.20 13.26
N PHE E 129 -80.70 22.17 12.45
CA PHE E 129 -79.77 21.03 12.39
C PHE E 129 -78.42 21.42 11.80
N SER E 130 -78.45 22.15 10.69
CA SER E 130 -77.20 22.57 10.04
C SER E 130 -76.39 23.47 10.97
N GLN E 131 -77.09 24.35 11.68
CA GLN E 131 -76.44 25.26 12.61
C GLN E 131 -75.86 24.52 13.79
N ALA E 132 -76.56 23.49 14.25
CA ALA E 132 -76.08 22.69 15.35
C ALA E 132 -74.79 22.03 14.89
N ALA E 133 -74.81 21.46 13.70
CA ALA E 133 -73.63 20.79 13.16
C ALA E 133 -72.48 21.78 12.93
N LYS E 134 -72.74 22.83 12.15
CA LYS E 134 -71.72 23.82 11.86
C LYS E 134 -71.10 24.42 13.13
N ASN E 135 -71.86 24.46 14.21
CA ASN E 135 -71.34 25.04 15.44
C ASN E 135 -70.84 24.09 16.51
N VAL E 136 -70.65 22.83 16.14
CA VAL E 136 -70.10 21.88 17.10
C VAL E 136 -68.70 22.39 17.38
N GLU E 137 -68.34 22.51 18.66
CA GLU E 137 -67.01 22.99 19.01
C GLU E 137 -66.10 21.78 19.11
N GLY E 138 -65.09 21.75 18.25
CA GLY E 138 -64.18 20.61 18.24
C GLY E 138 -64.88 19.58 17.38
N VAL E 139 -64.54 18.30 17.53
CA VAL E 139 -65.20 17.29 16.71
C VAL E 139 -66.48 16.87 17.40
N GLY E 140 -67.41 16.30 16.63
CA GLY E 140 -68.66 15.89 17.23
C GLY E 140 -69.71 15.56 16.21
N TRP E 141 -70.98 15.61 16.63
CA TRP E 141 -72.09 15.29 15.76
C TRP E 141 -73.27 16.22 15.96
N ALA E 142 -74.16 16.21 14.98
CA ALA E 142 -75.42 16.93 15.05
C ALA E 142 -76.35 15.71 14.93
N ILE E 143 -77.34 15.61 15.81
CA ILE E 143 -78.27 14.50 15.72
C ILE E 143 -79.71 14.89 16.02
N LEU E 144 -80.63 14.23 15.32
CA LEU E 144 -82.05 14.44 15.52
C LEU E 144 -82.47 13.22 16.31
N VAL E 145 -83.06 13.45 17.48
CA VAL E 145 -83.51 12.35 18.31
C VAL E 145 -84.99 12.48 18.66
N TYR E 146 -85.57 11.37 19.07
CA TYR E 146 -86.95 11.39 19.51
C TYR E 146 -86.79 11.30 21.04
N GLU E 147 -87.31 12.28 21.76
CA GLU E 147 -87.20 12.29 23.21
C GLU E 147 -88.40 11.57 23.79
N PRO E 148 -88.20 10.33 24.29
CA PRO E 148 -89.24 9.48 24.89
C PRO E 148 -90.11 10.13 25.98
N LEU E 149 -89.48 10.50 27.10
CA LEU E 149 -90.18 11.09 28.24
C LEU E 149 -91.32 12.06 27.94
N GLU E 150 -91.17 12.91 26.93
CA GLU E 150 -92.24 13.84 26.60
C GLU E 150 -92.62 13.81 25.13
N GLU E 151 -92.15 12.79 24.44
CA GLU E 151 -92.48 12.61 23.04
C GLU E 151 -92.37 13.90 22.24
N GLN E 152 -91.20 14.09 21.63
CA GLN E 152 -90.92 15.27 20.81
C GLN E 152 -89.53 15.12 20.19
N LEU E 153 -89.37 15.65 18.98
CA LEU E 153 -88.08 15.59 18.31
C LEU E 153 -87.21 16.70 18.88
N LEU E 154 -85.93 16.42 19.05
CA LEU E 154 -84.97 17.40 19.55
C LEU E 154 -83.70 17.27 18.74
N ILE E 155 -83.04 18.40 18.51
CA ILE E 155 -81.78 18.39 17.82
C ILE E 155 -80.77 18.51 18.95
N LEU E 156 -79.76 17.64 18.94
CA LEU E 156 -78.73 17.65 19.97
C LEU E 156 -77.33 17.76 19.36
N GLN E 157 -76.45 18.48 20.05
CA GLN E 157 -75.06 18.65 19.63
C GLN E 157 -74.26 17.62 20.44
N ILE E 158 -73.48 16.81 19.76
CA ILE E 158 -72.65 15.82 20.43
C ILE E 158 -71.17 16.21 20.30
N GLU E 159 -70.45 16.20 21.43
CA GLU E 159 -69.03 16.53 21.43
C GLU E 159 -68.35 15.15 21.40
N LYS E 160 -67.25 15.05 20.65
CA LYS E 160 -66.56 13.77 20.43
C LYS E 160 -67.65 12.80 19.94
N HIS E 161 -67.79 11.63 20.55
CA HIS E 161 -68.85 10.70 20.13
C HIS E 161 -69.87 10.45 21.23
N ASN E 162 -69.46 10.70 22.48
CA ASN E 162 -70.30 10.38 23.62
C ASN E 162 -70.68 11.51 24.55
N LEU E 163 -70.36 12.74 24.16
CA LEU E 163 -70.66 13.88 25.02
C LEU E 163 -71.95 14.61 24.69
N MSE E 164 -72.88 14.55 25.65
CA MSE E 164 -74.18 15.22 25.61
C MSE E 164 -75.36 14.48 24.98
O MSE E 164 -76.33 15.11 24.55
CB MSE E 164 -74.03 16.62 25.01
CG MSE E 164 -73.01 17.48 25.78
SE MSE E 164 -73.11 19.36 25.32
CE MSE E 164 -71.92 19.35 23.75
N HIS E 165 -75.30 13.16 24.96
CA HIS E 165 -76.39 12.35 24.45
C HIS E 165 -77.55 12.45 25.45
N ALA E 166 -78.76 12.27 24.96
CA ALA E 166 -79.94 12.31 25.82
C ALA E 166 -80.15 10.87 26.29
N ALA E 167 -80.11 10.63 27.60
CA ALA E 167 -80.30 9.29 28.13
C ALA E 167 -81.65 8.73 27.67
N ASP E 168 -81.63 7.50 27.14
CA ASP E 168 -82.84 6.80 26.64
C ASP E 168 -83.38 7.28 25.30
N ALA E 169 -83.04 8.51 24.88
CA ALA E 169 -83.54 9.07 23.62
C ALA E 169 -83.10 8.26 22.40
N GLN E 170 -83.93 8.29 21.36
CA GLN E 170 -83.64 7.55 20.14
C GLN E 170 -83.14 8.40 18.98
N VAL E 171 -81.98 8.03 18.46
CA VAL E 171 -81.37 8.75 17.35
C VAL E 171 -82.01 8.42 16.02
N LEU E 172 -82.58 9.43 15.37
CA LEU E 172 -83.25 9.25 14.08
C LEU E 172 -82.34 9.60 12.91
N LEU E 173 -81.55 10.67 13.05
CA LEU E 173 -80.64 11.12 11.99
C LEU E 173 -79.39 11.70 12.64
N ALA E 174 -78.22 11.33 12.12
CA ALA E 174 -76.97 11.82 12.66
C ALA E 174 -76.07 12.38 11.57
N LEU E 175 -75.31 13.42 11.90
CA LEU E 175 -74.39 14.04 10.95
C LEU E 175 -73.02 14.17 11.60
N ASP E 176 -72.07 13.41 11.08
CA ASP E 176 -70.70 13.41 11.61
C ASP E 176 -69.93 14.64 11.16
N VAL E 177 -69.50 15.48 12.11
CA VAL E 177 -68.69 16.65 11.76
C VAL E 177 -67.27 16.57 12.31
N TRP E 178 -66.76 15.36 12.51
CA TRP E 178 -65.37 15.18 12.92
C TRP E 178 -64.64 15.59 11.65
N GLU E 179 -63.39 16.02 11.78
CA GLU E 179 -62.67 16.46 10.60
C GLU E 179 -62.45 15.34 9.59
N HIS E 180 -62.28 14.11 10.05
CA HIS E 180 -62.06 13.02 9.12
C HIS E 180 -63.32 12.65 8.33
N ALA E 181 -64.40 13.39 8.59
CA ALA E 181 -65.65 13.16 7.89
C ALA E 181 -65.80 14.12 6.71
N TYR E 182 -64.91 15.10 6.60
CA TYR E 182 -65.03 16.07 5.51
C TYR E 182 -63.76 16.77 5.05
N TYR E 183 -62.72 16.77 5.89
CA TYR E 183 -61.49 17.49 5.57
C TYR E 183 -60.82 17.23 4.22
N LEU E 184 -60.48 15.99 3.91
CA LEU E 184 -59.82 15.70 2.65
C LEU E 184 -60.50 16.42 1.48
N GLN E 185 -61.83 16.41 1.48
CA GLN E 185 -62.61 17.02 0.42
C GLN E 185 -62.92 18.51 0.60
N TYR E 186 -63.37 18.87 1.79
CA TYR E 186 -63.75 20.26 2.05
C TYR E 186 -62.77 21.05 2.90
N LYS E 187 -61.72 20.39 3.40
CA LYS E 187 -60.75 21.05 4.25
C LYS E 187 -61.47 21.74 5.42
N ASN E 188 -61.07 22.97 5.73
CA ASN E 188 -61.68 23.70 6.85
C ASN E 188 -63.14 24.07 6.65
N ASP E 189 -63.65 24.01 5.41
CA ASP E 189 -65.04 24.40 5.16
C ASP E 189 -66.07 23.33 5.50
N ARG E 190 -66.28 23.15 6.82
CA ARG E 190 -67.23 22.20 7.35
C ARG E 190 -68.63 22.65 6.94
N GLY E 191 -68.80 23.96 6.79
CA GLY E 191 -70.10 24.53 6.40
C GLY E 191 -70.61 24.01 5.07
N SER E 192 -69.73 23.96 4.06
CA SER E 192 -70.13 23.46 2.75
C SER E 192 -70.45 21.97 2.84
N TYR E 193 -69.66 21.22 3.59
CA TYR E 193 -69.90 19.78 3.78
C TYR E 193 -71.30 19.56 4.33
N VAL E 194 -71.62 20.29 5.40
CA VAL E 194 -72.93 20.19 6.04
C VAL E 194 -74.06 20.47 5.05
N ASP E 195 -73.89 21.48 4.21
CA ASP E 195 -74.92 21.82 3.25
C ASP E 195 -75.03 20.79 2.11
N ASN E 196 -73.89 20.31 1.63
CA ASN E 196 -73.88 19.32 0.55
C ASN E 196 -74.49 17.99 1.00
N TRP E 197 -74.29 17.67 2.28
CA TRP E 197 -74.75 16.43 2.90
C TRP E 197 -76.23 16.10 2.74
N TRP E 198 -77.10 17.10 2.81
CA TRP E 198 -78.52 16.86 2.70
C TRP E 198 -78.90 16.19 1.38
N ASN E 199 -77.94 16.07 0.48
CA ASN E 199 -78.16 15.45 -0.83
C ASN E 199 -78.09 13.93 -0.78
N VAL E 200 -77.57 13.41 0.33
CA VAL E 200 -77.45 11.96 0.50
C VAL E 200 -78.25 11.44 1.69
N VAL E 201 -79.05 12.30 2.32
CA VAL E 201 -79.84 11.89 3.47
C VAL E 201 -80.92 10.89 3.06
N ASN E 202 -80.82 9.67 3.59
CA ASN E 202 -81.78 8.60 3.30
C ASN E 202 -82.97 8.76 4.23
N TRP E 203 -83.98 9.49 3.77
CA TRP E 203 -85.16 9.73 4.59
C TRP E 203 -86.01 8.50 4.86
N ASP E 204 -85.83 7.45 4.07
CA ASP E 204 -86.60 6.22 4.32
C ASP E 204 -86.07 5.63 5.63
N ASP E 205 -84.75 5.54 5.71
CA ASP E 205 -84.11 5.03 6.91
C ASP E 205 -84.48 5.86 8.13
N VAL E 206 -84.57 7.17 7.95
CA VAL E 206 -84.93 8.07 9.04
C VAL E 206 -86.34 7.76 9.52
N GLU E 207 -87.28 7.69 8.58
CA GLU E 207 -88.68 7.41 8.87
C GLU E 207 -88.81 6.03 9.53
N ARG E 208 -88.00 5.08 9.08
CA ARG E 208 -88.03 3.74 9.65
C ARG E 208 -87.60 3.74 11.12
N ARG E 209 -86.71 4.67 11.48
CA ARG E 209 -86.25 4.76 12.86
C ARG E 209 -87.30 5.44 13.71
N LEU E 210 -87.90 6.50 13.16
CA LEU E 210 -88.96 7.27 13.85
C LEU E 210 -90.20 6.44 14.11
N GLN E 211 -90.55 5.59 13.15
CA GLN E 211 -91.72 4.73 13.26
C GLN E 211 -91.61 3.91 14.55
N LYS E 212 -90.42 3.35 14.78
CA LYS E 212 -90.17 2.55 15.97
C LYS E 212 -90.20 3.46 17.19
N ALA E 213 -89.63 4.65 17.05
CA ALA E 213 -89.57 5.62 18.13
C ALA E 213 -90.96 6.02 18.59
N LEU E 214 -91.85 6.25 17.63
CA LEU E 214 -93.22 6.65 17.93
C LEU E 214 -93.94 5.56 18.73
N ASN E 215 -93.62 4.31 18.44
CA ASN E 215 -94.25 3.18 19.12
C ASN E 215 -93.64 2.90 20.51
N GLY E 216 -92.62 3.67 20.88
CA GLY E 216 -91.98 3.49 22.16
C GLY E 216 -90.92 2.40 22.10
N GLN E 217 -90.37 2.18 20.91
CA GLN E 217 -89.34 1.17 20.72
C GLN E 217 -87.97 1.80 20.49
N ILE E 218 -86.93 0.96 20.55
CA ILE E 218 -85.55 1.37 20.34
C ILE E 218 -85.35 1.35 18.82
N ALA E 219 -84.91 2.48 18.28
CA ALA E 219 -84.73 2.62 16.84
C ALA E 219 -83.48 1.96 16.27
N LEU E 220 -83.35 0.65 16.48
CA LEU E 220 -82.21 -0.09 15.96
C LEU E 220 -82.75 -1.36 15.34
N LYS E 221 -81.89 -2.07 14.62
CA LYS E 221 -82.29 -3.31 13.99
C LYS E 221 -83.60 -3.11 13.23
N LEU E 222 -83.48 -2.33 12.15
CA LEU E 222 -84.56 -1.95 11.24
C LEU E 222 -85.09 -0.53 11.51
N SER F 12 -30.89 8.96 37.21
CA SER F 12 -31.73 9.19 35.98
C SER F 12 -33.07 9.83 36.32
N VAL F 13 -34.14 9.04 36.21
CA VAL F 13 -35.50 9.52 36.49
C VAL F 13 -35.74 9.89 37.95
N THR F 14 -36.26 11.09 38.20
CA THR F 14 -36.57 11.58 39.54
C THR F 14 -37.61 12.71 39.47
N THR F 15 -38.78 12.51 40.07
CA THR F 15 -39.84 13.51 40.06
C THR F 15 -40.02 14.23 41.41
N LYS F 16 -40.69 15.39 41.37
CA LYS F 16 -40.94 16.18 42.58
C LYS F 16 -42.37 15.92 43.08
N ARG F 17 -42.57 16.00 44.39
CA ARG F 17 -43.89 15.75 44.96
C ARG F 17 -44.55 16.97 45.60
N TYR F 18 -45.86 16.87 45.86
CA TYR F 18 -46.63 17.98 46.44
C TYR F 18 -47.15 17.66 47.84
N THR F 19 -47.58 18.69 48.57
CA THR F 19 -48.11 18.52 49.93
C THR F 19 -49.23 19.53 50.29
N LEU F 20 -50.06 19.19 51.28
CA LEU F 20 -51.17 20.03 51.70
C LEU F 20 -50.69 21.19 52.55
N PRO F 21 -50.70 22.39 51.98
CA PRO F 21 -50.27 23.61 52.68
C PRO F 21 -50.91 23.75 54.07
N PRO F 22 -50.39 24.67 54.90
CA PRO F 22 -50.89 24.91 56.24
C PRO F 22 -52.37 25.18 56.46
N LEU F 23 -52.92 26.15 55.73
CA LEU F 23 -54.33 26.54 55.87
C LEU F 23 -54.48 27.95 56.51
N PRO F 24 -53.45 28.45 57.22
CA PRO F 24 -53.38 29.75 57.89
C PRO F 24 -54.22 30.96 57.54
N TYR F 25 -54.67 31.61 58.62
CA TYR F 25 -55.56 32.78 58.69
C TYR F 25 -56.72 31.98 59.25
N ALA F 26 -56.36 30.74 59.54
CA ALA F 26 -57.15 29.67 60.12
C ALA F 26 -58.50 29.96 60.73
N TYR F 27 -59.34 28.94 60.69
CA TYR F 27 -60.71 28.84 61.22
C TYR F 27 -61.55 29.97 61.71
N ASN F 28 -62.74 30.01 61.13
CA ASN F 28 -63.71 31.04 61.41
C ASN F 28 -63.04 32.37 61.59
N ALA F 29 -61.71 32.36 61.48
CA ALA F 29 -61.00 33.62 61.48
C ALA F 29 -61.31 33.62 59.99
N LEU F 30 -62.60 33.70 59.72
CA LEU F 30 -63.16 33.67 58.40
C LEU F 30 -64.66 33.58 58.57
N GLU F 31 -65.31 34.51 57.90
CA GLU F 31 -66.74 34.68 57.86
C GLU F 31 -67.62 33.53 58.35
N PRO F 32 -68.70 33.85 59.08
CA PRO F 32 -69.59 32.80 59.57
C PRO F 32 -70.23 32.28 58.27
N TYR F 33 -69.84 32.93 57.18
CA TYR F 33 -70.32 32.60 55.84
C TYR F 33 -69.71 31.24 55.45
N ILE F 34 -68.67 30.83 56.16
CA ILE F 34 -68.04 29.54 55.87
C ILE F 34 -67.65 28.75 57.13
N SER F 35 -68.46 27.73 57.43
CA SER F 35 -68.27 26.85 58.58
C SER F 35 -66.84 26.43 58.85
N ALA F 36 -66.59 26.00 60.08
CA ALA F 36 -65.27 25.54 60.50
C ALA F 36 -65.09 24.12 59.98
N GLU F 37 -66.20 23.40 59.87
CA GLU F 37 -66.18 22.04 59.36
C GLU F 37 -65.97 22.11 57.85
N ILE F 38 -66.69 23.03 57.19
CA ILE F 38 -66.54 23.20 55.75
C ILE F 38 -65.06 23.46 55.47
N MSE F 39 -64.51 24.46 56.15
CA MSE F 39 -63.10 24.78 55.98
C MSE F 39 -62.23 23.57 56.30
O MSE F 39 -61.23 23.32 55.64
CB MSE F 39 -62.71 25.95 56.90
CG MSE F 39 -63.45 27.26 56.66
SE MSE F 39 -63.16 28.06 54.91
CE MSE F 39 -61.28 28.49 55.08
N GLN F 40 -62.64 22.80 57.30
CA GLN F 40 -61.90 21.63 57.73
C GLN F 40 -61.89 20.49 56.71
N LEU F 41 -63.10 20.06 56.35
CA LEU F 41 -63.29 18.99 55.38
C LEU F 41 -62.75 19.39 54.02
N HIS F 42 -62.71 20.70 53.77
CA HIS F 42 -62.23 21.22 52.52
C HIS F 42 -60.71 21.16 52.41
N HIS F 43 -60.02 21.46 53.51
CA HIS F 43 -58.56 21.45 53.52
C HIS F 43 -57.90 20.12 53.87
N GLN F 44 -58.24 19.58 55.04
CA GLN F 44 -57.65 18.33 55.48
C GLN F 44 -58.18 17.10 54.77
N LYS F 45 -59.40 17.20 54.21
CA LYS F 45 -59.99 16.06 53.52
C LYS F 45 -59.86 16.12 52.01
N HIS F 46 -60.54 17.08 51.40
CA HIS F 46 -60.50 17.22 49.95
C HIS F 46 -59.11 17.58 49.43
N HIS F 47 -58.66 18.80 49.76
CA HIS F 47 -57.37 19.27 49.30
C HIS F 47 -56.30 18.19 49.41
N GLN F 48 -56.24 17.50 50.54
CA GLN F 48 -55.27 16.43 50.75
C GLN F 48 -55.46 15.35 49.68
N GLY F 49 -56.71 15.03 49.40
CA GLY F 49 -57.02 14.01 48.40
C GLY F 49 -56.39 14.31 47.05
N TYR F 50 -56.40 15.58 46.66
CA TYR F 50 -55.82 16.00 45.38
C TYR F 50 -54.31 15.85 45.41
N VAL F 51 -53.72 16.16 46.57
CA VAL F 51 -52.29 16.04 46.76
C VAL F 51 -51.88 14.59 46.52
N ASN F 52 -52.68 13.67 47.06
CA ASN F 52 -52.40 12.25 46.92
C ASN F 52 -52.52 11.77 45.48
N GLY F 53 -53.57 12.21 44.80
CA GLY F 53 -53.77 11.82 43.42
C GLY F 53 -52.57 12.18 42.56
N ALA F 54 -52.15 13.44 42.64
CA ALA F 54 -51.00 13.90 41.87
C ALA F 54 -49.79 13.02 42.12
N ASN F 55 -49.42 12.85 43.39
CA ASN F 55 -48.27 12.03 43.76
C ASN F 55 -48.44 10.64 43.17
N ALA F 56 -49.67 10.13 43.26
CA ALA F 56 -50.01 8.80 42.76
C ALA F 56 -49.83 8.72 41.24
N ALA F 57 -50.21 9.77 40.53
CA ALA F 57 -50.07 9.79 39.08
C ALA F 57 -48.57 9.83 38.74
N LEU F 58 -47.83 10.70 39.44
CA LEU F 58 -46.39 10.85 39.22
C LEU F 58 -45.65 9.54 39.45
N GLU F 59 -46.10 8.76 40.42
CA GLU F 59 -45.46 7.48 40.69
C GLU F 59 -45.69 6.54 39.53
N LYS F 60 -46.86 6.65 38.90
CA LYS F 60 -47.20 5.79 37.76
C LYS F 60 -46.38 6.15 36.53
N LEU F 61 -46.04 7.42 36.40
CA LEU F 61 -45.25 7.90 35.28
C LEU F 61 -43.77 7.56 35.50
N GLU F 62 -43.31 7.74 36.72
CA GLU F 62 -41.94 7.45 37.08
C GLU F 62 -41.62 5.98 36.78
N LYS F 63 -42.47 5.08 37.27
CA LYS F 63 -42.28 3.66 37.04
C LYS F 63 -42.28 3.34 35.55
N PHE F 64 -43.06 4.11 34.80
CA PHE F 64 -43.13 3.94 33.35
C PHE F 64 -41.80 4.37 32.76
N ARG F 65 -41.34 5.55 33.18
CA ARG F 65 -40.07 6.12 32.71
C ARG F 65 -38.88 5.26 33.07
N LYS F 66 -38.89 4.71 34.29
CA LYS F 66 -37.80 3.86 34.73
C LYS F 66 -37.72 2.63 33.84
N GLY F 67 -38.89 2.14 33.45
CA GLY F 67 -38.95 0.98 32.59
C GLY F 67 -39.39 -0.22 33.39
N GLU F 68 -40.17 0.06 34.44
CA GLU F 68 -40.68 -0.98 35.31
C GLU F 68 -41.99 -1.58 34.79
N ALA F 69 -42.99 -0.72 34.61
CA ALA F 69 -44.28 -1.18 34.12
C ALA F 69 -44.75 -0.34 32.95
N GLN F 70 -45.69 -0.87 32.18
CA GLN F 70 -46.26 -0.16 31.03
C GLN F 70 -47.15 0.96 31.54
N ILE F 71 -47.88 1.63 30.64
CA ILE F 71 -48.73 2.73 31.09
C ILE F 71 -49.82 3.14 30.11
N ASP F 72 -50.94 3.61 30.65
CA ASP F 72 -52.02 4.13 29.81
C ASP F 72 -51.83 5.63 29.99
N ILE F 73 -51.05 6.23 29.09
CA ILE F 73 -50.74 7.64 29.17
C ILE F 73 -51.95 8.56 29.30
N ARG F 74 -52.98 8.36 28.48
CA ARG F 74 -54.17 9.20 28.54
C ARG F 74 -54.84 9.16 29.91
N ALA F 75 -54.91 7.98 30.51
CA ALA F 75 -55.56 7.85 31.82
C ALA F 75 -54.77 8.57 32.90
N VAL F 76 -53.45 8.38 32.91
CA VAL F 76 -52.60 8.99 33.93
C VAL F 76 -52.59 10.51 33.84
N LEU F 77 -52.42 11.05 32.63
CA LEU F 77 -52.38 12.50 32.45
C LEU F 77 -53.73 13.14 32.76
N ARG F 78 -54.81 12.41 32.49
CA ARG F 78 -56.14 12.93 32.81
C ARG F 78 -56.20 13.09 34.33
N ASP F 79 -55.69 12.11 35.06
CA ASP F 79 -55.70 12.18 36.52
C ASP F 79 -54.75 13.25 37.05
N LEU F 80 -53.51 13.27 36.55
CA LEU F 80 -52.51 14.25 36.99
C LEU F 80 -53.06 15.65 36.81
N SER F 81 -53.61 15.91 35.63
CA SER F 81 -54.17 17.22 35.33
C SER F 81 -55.27 17.60 36.33
N PHE F 82 -56.19 16.67 36.58
CA PHE F 82 -57.27 16.92 37.52
C PHE F 82 -56.75 17.24 38.91
N HIS F 83 -55.89 16.35 39.42
CA HIS F 83 -55.33 16.53 40.77
C HIS F 83 -54.34 17.69 40.92
N LEU F 84 -53.46 17.87 39.94
CA LEU F 84 -52.49 18.95 40.00
C LEU F 84 -53.18 20.30 40.03
N ASN F 85 -54.37 20.39 39.41
CA ASN F 85 -55.11 21.65 39.41
C ASN F 85 -55.99 21.77 40.64
N GLY F 86 -56.37 20.63 41.22
CA GLY F 86 -57.18 20.67 42.42
C GLY F 86 -56.34 21.20 43.57
N HIS F 87 -55.03 21.00 43.44
CA HIS F 87 -54.07 21.46 44.44
C HIS F 87 -53.68 22.90 44.15
N ILE F 88 -53.14 23.14 42.96
CA ILE F 88 -52.74 24.49 42.60
C ILE F 88 -53.84 25.51 42.90
N LEU F 89 -55.10 25.16 42.61
CA LEU F 89 -56.19 26.10 42.85
C LEU F 89 -56.52 26.28 44.33
N HIS F 90 -56.52 25.20 45.09
CA HIS F 90 -56.81 25.32 46.51
C HIS F 90 -55.68 26.11 47.17
N SER F 91 -54.43 25.82 46.79
CA SER F 91 -53.25 26.49 47.34
C SER F 91 -53.32 28.01 47.11
N ILE F 92 -54.26 28.45 46.29
CA ILE F 92 -54.44 29.86 45.99
C ILE F 92 -55.74 30.37 46.64
N PHE F 93 -56.76 29.52 46.60
CA PHE F 93 -58.07 29.81 47.17
C PHE F 93 -57.99 30.23 48.64
N TRP F 94 -57.09 29.58 49.38
CA TRP F 94 -56.90 29.86 50.80
C TRP F 94 -56.32 31.26 50.97
N PRO F 95 -55.08 31.48 50.49
CA PRO F 95 -54.43 32.80 50.61
C PRO F 95 -55.28 33.92 50.02
N ASN F 96 -56.07 33.60 49.00
CA ASN F 96 -56.94 34.57 48.35
C ASN F 96 -57.89 35.21 49.36
N MSE F 97 -58.28 34.43 50.35
CA MSE F 97 -59.19 34.92 51.38
C MSE F 97 -58.40 35.26 52.63
O MSE F 97 -57.27 34.80 52.81
CB MSE F 97 -60.26 33.87 51.69
CG MSE F 97 -61.22 33.58 50.54
SE MSE F 97 -62.46 32.13 50.91
CE MSE F 97 -63.91 33.14 51.70
N ALA F 98 -59.00 36.07 53.50
CA ALA F 98 -58.34 36.45 54.73
C ALA F 98 -59.36 36.82 55.79
N PRO F 99 -59.00 36.65 57.07
CA PRO F 99 -59.91 36.97 58.17
C PRO F 99 -60.41 38.39 57.95
N PRO F 100 -61.73 38.61 58.12
CA PRO F 100 -62.30 39.95 57.93
C PRO F 100 -61.40 41.06 58.52
N GLY F 101 -61.64 42.30 58.10
CA GLY F 101 -60.82 43.40 58.58
C GLY F 101 -59.45 43.28 57.93
N LYS F 102 -58.63 42.37 58.43
CA LYS F 102 -57.28 42.15 57.90
C LYS F 102 -57.39 41.93 56.40
N GLY F 103 -58.55 41.45 55.97
CA GLY F 103 -58.80 41.22 54.55
C GLY F 103 -60.28 41.10 54.28
N GLY F 104 -60.73 41.57 53.11
CA GLY F 104 -62.14 41.48 52.79
C GLY F 104 -62.84 42.81 52.64
N GLY F 105 -62.53 43.53 51.57
CA GLY F 105 -63.15 44.82 51.32
C GLY F 105 -63.24 45.10 49.84
N LYS F 106 -62.65 46.19 49.38
CA LYS F 106 -62.66 46.53 47.96
C LYS F 106 -61.24 46.50 47.40
N PRO F 107 -61.10 46.47 46.07
CA PRO F 107 -59.77 46.44 45.43
C PRO F 107 -58.86 47.62 45.81
N GLY F 108 -57.57 47.34 45.98
CA GLY F 108 -56.62 48.36 46.37
C GLY F 108 -55.79 48.99 45.26
N GLY F 109 -54.46 48.84 45.36
CA GLY F 109 -53.55 49.40 44.38
C GLY F 109 -53.83 49.19 42.90
N LYS F 110 -52.80 48.74 42.19
CA LYS F 110 -52.89 48.49 40.75
C LYS F 110 -54.00 47.51 40.41
N ILE F 111 -54.34 46.65 41.38
CA ILE F 111 -55.39 45.66 41.18
C ILE F 111 -56.73 46.34 40.98
N ALA F 112 -57.00 47.38 41.77
CA ALA F 112 -58.26 48.11 41.63
C ALA F 112 -58.24 48.87 40.31
N ASP F 113 -57.08 49.42 39.98
CA ASP F 113 -56.94 50.17 38.75
C ASP F 113 -57.31 49.32 37.55
N LEU F 114 -56.61 48.20 37.36
CA LEU F 114 -56.87 47.32 36.23
C LEU F 114 -58.32 46.84 36.22
N ILE F 115 -58.84 46.48 37.39
CA ILE F 115 -60.23 46.02 37.50
C ILE F 115 -61.15 47.11 36.94
N ASN F 116 -60.68 48.35 36.98
CA ASN F 116 -61.45 49.47 36.48
C ASN F 116 -61.34 49.55 34.97
N LYS F 117 -60.11 49.59 34.47
CA LYS F 117 -59.89 49.67 33.04
C LYS F 117 -60.67 48.64 32.21
N PHE F 118 -60.55 47.37 32.58
CA PHE F 118 -61.20 46.30 31.84
C PHE F 118 -62.67 46.06 32.21
N PHE F 119 -63.03 46.31 33.46
CA PHE F 119 -64.40 46.10 33.90
C PHE F 119 -65.15 47.37 34.25
N GLY F 120 -64.55 48.52 33.94
CA GLY F 120 -65.19 49.79 34.23
C GLY F 120 -65.27 50.14 35.71
N SER F 121 -65.85 49.25 36.50
CA SER F 121 -66.00 49.47 37.92
C SER F 121 -65.77 48.17 38.67
N PHE F 122 -65.75 48.24 40.00
CA PHE F 122 -65.58 47.05 40.81
C PHE F 122 -66.92 46.32 40.88
N GLU F 123 -68.01 47.07 40.77
CA GLU F 123 -69.34 46.49 40.80
C GLU F 123 -69.63 45.71 39.52
N LYS F 124 -69.13 46.22 38.39
CA LYS F 124 -69.34 45.55 37.12
C LYS F 124 -68.51 44.27 37.12
N PHE F 125 -67.30 44.36 37.67
CA PHE F 125 -66.41 43.21 37.76
C PHE F 125 -67.02 42.20 38.73
N LYS F 126 -67.46 42.70 39.87
CA LYS F 126 -68.06 41.87 40.90
C LYS F 126 -69.25 41.11 40.33
N GLU F 127 -69.92 41.71 39.36
CA GLU F 127 -71.07 41.07 38.73
C GLU F 127 -70.58 39.91 37.85
N GLU F 128 -69.61 40.19 36.99
CA GLU F 128 -69.09 39.17 36.11
C GLU F 128 -68.49 38.01 36.90
N PHE F 129 -67.65 38.32 37.88
CA PHE F 129 -67.02 37.27 38.68
C PHE F 129 -68.00 36.35 39.40
N SER F 130 -69.03 36.94 40.01
CA SER F 130 -70.03 36.15 40.73
C SER F 130 -71.10 35.60 39.78
N GLN F 131 -71.39 36.32 38.71
CA GLN F 131 -72.38 35.86 37.75
C GLN F 131 -71.82 34.64 37.02
N ALA F 132 -70.50 34.57 36.94
CA ALA F 132 -69.83 33.45 36.30
C ALA F 132 -69.67 32.34 37.32
N ALA F 133 -69.30 32.73 38.54
CA ALA F 133 -69.10 31.78 39.62
C ALA F 133 -70.35 30.97 39.87
N LYS F 134 -71.48 31.66 39.95
CA LYS F 134 -72.75 31.01 40.20
C LYS F 134 -73.26 30.20 39.02
N ASN F 135 -73.09 30.71 37.81
CA ASN F 135 -73.54 30.02 36.60
C ASN F 135 -72.62 28.91 36.11
N VAL F 136 -71.78 28.39 36.99
CA VAL F 136 -70.88 27.29 36.64
C VAL F 136 -71.59 25.95 36.69
N GLU F 137 -71.98 25.44 35.52
CA GLU F 137 -72.66 24.16 35.38
C GLU F 137 -71.85 23.03 36.00
N GLY F 138 -72.25 22.57 37.18
CA GLY F 138 -71.52 21.51 37.86
C GLY F 138 -70.47 22.08 38.81
N VAL F 139 -69.58 21.24 39.32
CA VAL F 139 -68.55 21.70 40.24
C VAL F 139 -67.31 22.24 39.51
N GLY F 140 -66.82 23.39 39.98
CA GLY F 140 -65.64 23.97 39.35
C GLY F 140 -65.17 25.23 40.05
N TRP F 141 -64.82 26.25 39.27
CA TRP F 141 -64.34 27.51 39.81
C TRP F 141 -64.74 28.70 38.93
N ALA F 142 -64.41 29.89 39.43
CA ALA F 142 -64.62 31.15 38.74
C ALA F 142 -63.30 31.81 39.09
N ILE F 143 -62.55 32.24 38.09
CA ILE F 143 -61.25 32.84 38.39
C ILE F 143 -60.97 34.16 37.68
N LEU F 144 -60.05 34.92 38.25
CA LEU F 144 -59.61 36.18 37.68
C LEU F 144 -58.16 35.90 37.36
N VAL F 145 -57.81 36.00 36.08
CA VAL F 145 -56.45 35.73 35.65
C VAL F 145 -55.86 36.90 34.88
N TYR F 146 -54.54 36.87 34.75
CA TYR F 146 -53.83 37.88 33.98
C TYR F 146 -53.42 37.13 32.71
N GLU F 147 -53.95 37.59 31.58
CA GLU F 147 -53.67 36.97 30.29
C GLU F 147 -52.41 37.64 29.72
N PRO F 148 -51.25 36.95 29.82
CA PRO F 148 -49.95 37.45 29.35
C PRO F 148 -49.78 37.79 27.87
N LEU F 149 -50.47 37.08 26.97
CA LEU F 149 -50.31 37.34 25.55
C LEU F 149 -50.63 38.80 25.21
N GLU F 150 -51.87 39.22 25.45
CA GLU F 150 -52.24 40.61 25.17
C GLU F 150 -52.43 41.41 26.46
N GLU F 151 -51.74 40.96 27.50
CA GLU F 151 -51.72 41.63 28.80
C GLU F 151 -53.01 42.30 29.27
N GLN F 152 -53.97 41.49 29.67
CA GLN F 152 -55.23 42.02 30.16
C GLN F 152 -55.82 41.06 31.20
N LEU F 153 -56.81 41.55 31.94
CA LEU F 153 -57.48 40.73 32.94
C LEU F 153 -58.69 40.08 32.28
N LEU F 154 -58.90 38.81 32.61
CA LEU F 154 -60.03 38.05 32.09
C LEU F 154 -60.62 37.22 33.23
N ILE F 155 -61.94 37.06 33.22
CA ILE F 155 -62.63 36.24 34.21
C ILE F 155 -63.00 34.98 33.45
N LEU F 156 -62.55 33.83 33.95
CA LEU F 156 -62.84 32.56 33.30
C LEU F 156 -63.62 31.65 34.22
N GLN F 157 -64.36 30.74 33.61
CA GLN F 157 -65.14 29.77 34.34
C GLN F 157 -64.41 28.44 34.19
N ILE F 158 -64.17 27.76 35.30
CA ILE F 158 -63.46 26.49 35.28
C ILE F 158 -64.32 25.32 35.76
N GLU F 159 -64.48 24.31 34.90
CA GLU F 159 -65.25 23.14 35.29
C GLU F 159 -64.31 22.12 35.92
N LYS F 160 -64.73 21.56 37.05
CA LYS F 160 -63.92 20.63 37.82
C LYS F 160 -62.69 21.39 38.33
N HIS F 161 -61.49 21.00 37.94
CA HIS F 161 -60.28 21.69 38.39
C HIS F 161 -59.30 21.96 37.25
N ASN F 162 -59.56 21.37 36.10
CA ASN F 162 -58.66 21.49 34.97
C ASN F 162 -59.30 21.83 33.63
N LEU F 163 -60.61 22.03 33.62
CA LEU F 163 -61.28 22.32 32.37
C LEU F 163 -61.47 23.79 32.07
N MSE F 164 -60.83 24.23 30.98
CA MSE F 164 -60.89 25.59 30.47
C MSE F 164 -59.90 26.64 30.97
O MSE F 164 -60.15 27.83 30.88
CB MSE F 164 -62.32 26.13 30.60
CG MSE F 164 -63.31 25.21 29.90
SE MSE F 164 -65.00 26.05 29.67
CE MSE F 164 -65.75 25.71 31.43
N HIS F 165 -58.76 26.20 31.49
CA HIS F 165 -57.76 27.15 31.94
C HIS F 165 -57.13 27.83 30.70
N ALA F 166 -56.63 29.04 30.88
CA ALA F 166 -55.98 29.76 29.79
C ALA F 166 -54.50 29.42 29.90
N ALA F 167 -53.95 28.83 28.83
CA ALA F 167 -52.53 28.46 28.80
C ALA F 167 -51.64 29.66 29.16
N ASP F 168 -50.73 29.43 30.10
CA ASP F 168 -49.76 30.43 30.60
C ASP F 168 -50.32 31.53 31.48
N ALA F 169 -51.64 31.70 31.51
CA ALA F 169 -52.24 32.74 32.33
C ALA F 169 -51.91 32.53 33.81
N GLN F 170 -51.99 33.60 34.60
CA GLN F 170 -51.70 33.51 36.02
C GLN F 170 -52.94 33.81 36.85
N VAL F 171 -53.26 32.89 37.76
CA VAL F 171 -54.43 33.02 38.62
C VAL F 171 -54.20 34.03 39.76
N LEU F 172 -55.04 35.05 39.83
CA LEU F 172 -54.92 36.09 40.84
C LEU F 172 -55.99 35.92 41.93
N LEU F 173 -57.16 35.41 41.53
CA LEU F 173 -58.27 35.20 42.46
C LEU F 173 -59.07 33.98 42.02
N ALA F 174 -59.16 32.98 42.89
CA ALA F 174 -59.90 31.74 42.60
C ALA F 174 -61.04 31.53 43.60
N LEU F 175 -62.24 31.27 43.08
CA LEU F 175 -63.41 31.01 43.92
C LEU F 175 -64.01 29.63 43.65
N ASP F 176 -63.91 28.76 44.65
CA ASP F 176 -64.40 27.38 44.59
C ASP F 176 -65.93 27.30 44.58
N VAL F 177 -66.49 26.75 43.51
CA VAL F 177 -67.93 26.58 43.39
C VAL F 177 -68.35 25.10 43.48
N TRP F 178 -67.41 24.25 43.91
CA TRP F 178 -67.73 22.83 44.10
C TRP F 178 -68.67 22.83 45.29
N GLU F 179 -69.67 21.96 45.28
CA GLU F 179 -70.64 21.89 46.38
C GLU F 179 -69.99 21.71 47.76
N HIS F 180 -68.87 20.98 47.81
CA HIS F 180 -68.18 20.72 49.07
C HIS F 180 -67.43 21.93 49.63
N ALA F 181 -67.91 23.12 49.31
CA ALA F 181 -67.29 24.35 49.79
C ALA F 181 -68.39 25.30 50.25
N TYR F 182 -69.63 24.91 50.01
CA TYR F 182 -70.78 25.72 50.41
C TYR F 182 -71.97 24.85 50.85
N TYR F 183 -72.21 23.75 50.14
CA TYR F 183 -73.29 22.85 50.52
C TYR F 183 -72.86 22.34 51.88
N LEU F 184 -73.76 22.45 52.86
CA LEU F 184 -73.52 22.04 54.25
C LEU F 184 -73.96 23.23 55.08
N GLN F 185 -73.85 24.40 54.47
CA GLN F 185 -74.24 25.65 55.11
C GLN F 185 -75.29 26.39 54.26
N TYR F 186 -74.98 26.57 52.98
CA TYR F 186 -75.90 27.29 52.09
C TYR F 186 -76.87 26.37 51.36
N LYS F 187 -76.59 25.07 51.38
CA LYS F 187 -77.46 24.11 50.68
C LYS F 187 -77.53 24.46 49.20
N ASN F 188 -78.74 24.44 48.63
CA ASN F 188 -78.92 24.72 47.22
C ASN F 188 -78.76 26.19 46.82
N ASP F 189 -78.29 27.03 47.74
CA ASP F 189 -78.09 28.44 47.43
C ASP F 189 -76.61 28.79 47.33
N ARG F 190 -76.03 28.50 46.16
CA ARG F 190 -74.61 28.78 45.92
C ARG F 190 -74.46 30.30 45.79
N GLY F 191 -75.50 30.92 45.23
CA GLY F 191 -75.51 32.36 45.04
C GLY F 191 -75.65 33.12 46.34
N SER F 192 -74.92 32.67 47.36
CA SER F 192 -74.92 33.30 48.69
C SER F 192 -73.60 32.90 49.31
N TYR F 193 -73.02 31.84 48.80
CA TYR F 193 -71.72 31.41 49.26
C TYR F 193 -70.72 32.28 48.52
N VAL F 194 -71.16 32.77 47.36
CA VAL F 194 -70.33 33.61 46.50
C VAL F 194 -70.31 35.05 47.01
N ASP F 195 -71.48 35.64 47.18
CA ASP F 195 -71.56 37.01 47.66
C ASP F 195 -70.86 37.13 48.99
N ASN F 196 -71.39 36.43 49.98
CA ASN F 196 -70.84 36.45 51.31
C ASN F 196 -69.37 36.03 51.30
N TRP F 197 -68.90 35.62 50.12
CA TRP F 197 -67.51 35.21 49.93
C TRP F 197 -66.60 36.45 49.77
N TRP F 198 -67.11 37.45 49.06
CA TRP F 198 -66.37 38.68 48.84
C TRP F 198 -65.99 39.30 50.18
N ASN F 199 -66.87 39.14 51.16
CA ASN F 199 -66.61 39.71 52.49
C ASN F 199 -65.41 39.07 53.17
N VAL F 200 -64.60 38.34 52.40
CA VAL F 200 -63.40 37.71 52.96
C VAL F 200 -62.24 37.59 51.98
N VAL F 201 -62.28 38.35 50.89
CA VAL F 201 -61.17 38.27 49.94
C VAL F 201 -59.99 39.13 50.37
N ASN F 202 -58.81 38.52 50.42
CA ASN F 202 -57.58 39.22 50.81
C ASN F 202 -56.93 39.86 49.58
N TRP F 203 -57.33 41.08 49.26
CA TRP F 203 -56.81 41.79 48.10
C TRP F 203 -55.32 42.12 48.12
N ASP F 204 -54.70 42.01 49.30
CA ASP F 204 -53.27 42.28 49.39
C ASP F 204 -52.54 41.10 48.75
N ASP F 205 -53.16 39.93 48.85
CA ASP F 205 -52.60 38.71 48.27
C ASP F 205 -52.89 38.72 46.78
N VAL F 206 -54.07 39.21 46.41
CA VAL F 206 -54.46 39.30 45.01
C VAL F 206 -53.56 40.35 44.36
N GLU F 207 -53.14 41.32 45.17
CA GLU F 207 -52.28 42.38 44.70
C GLU F 207 -50.91 41.85 44.30
N ARG F 208 -50.28 41.11 45.20
CA ARG F 208 -48.96 40.54 44.96
C ARG F 208 -48.95 39.67 43.71
N ARG F 209 -50.01 38.89 43.53
CA ARG F 209 -50.12 38.01 42.38
C ARG F 209 -50.17 38.82 41.08
N LEU F 210 -50.93 39.90 41.09
CA LEU F 210 -51.04 40.75 39.92
C LEU F 210 -49.72 41.49 39.63
N GLN F 211 -49.01 41.88 40.69
CA GLN F 211 -47.75 42.58 40.51
C GLN F 211 -46.74 41.63 39.90
N LYS F 212 -46.74 40.38 40.38
CA LYS F 212 -45.81 39.38 39.86
C LYS F 212 -46.13 39.07 38.40
N ALA F 213 -47.42 39.07 38.06
CA ALA F 213 -47.84 38.82 36.69
C ALA F 213 -47.41 40.02 35.85
N LEU F 214 -47.63 41.22 36.38
CA LEU F 214 -47.25 42.44 35.70
C LEU F 214 -45.75 42.47 35.45
N ASN F 215 -45.00 41.75 36.28
CA ASN F 215 -43.54 41.66 36.14
C ASN F 215 -43.17 40.55 35.20
N GLY F 216 -44.17 39.85 34.67
CA GLY F 216 -43.92 38.74 33.77
C GLY F 216 -43.43 37.57 34.61
N GLN F 217 -43.88 37.53 35.85
CA GLN F 217 -43.49 36.46 36.77
C GLN F 217 -44.69 35.61 37.17
N ILE F 218 -44.40 34.38 37.58
CA ILE F 218 -45.45 33.47 38.03
C ILE F 218 -46.07 34.07 39.29
N ALA F 219 -47.39 33.91 39.42
CA ALA F 219 -48.11 34.43 40.57
C ALA F 219 -48.14 33.40 41.70
N LEU F 220 -46.99 32.79 41.95
CA LEU F 220 -46.82 31.79 43.01
C LEU F 220 -45.48 32.08 43.71
N LYS F 221 -45.29 31.50 44.89
CA LYS F 221 -44.05 31.69 45.63
C LYS F 221 -44.01 33.10 46.24
N LEU F 222 -45.15 33.78 46.24
CA LEU F 222 -45.25 35.15 46.79
C LEU F 222 -46.64 35.76 46.55
N SER G 12 -64.93 53.68 32.42
CA SER G 12 -64.45 53.34 31.04
C SER G 12 -64.08 51.86 30.96
N VAL G 13 -64.57 51.17 29.93
CA VAL G 13 -64.28 49.74 29.77
C VAL G 13 -63.60 49.42 28.45
N THR G 14 -62.54 48.63 28.51
CA THR G 14 -61.83 48.23 27.31
C THR G 14 -61.36 46.79 27.42
N THR G 15 -61.10 46.19 26.27
CA THR G 15 -60.60 44.83 26.19
C THR G 15 -59.49 44.85 25.14
N LYS G 16 -58.40 44.15 25.41
CA LYS G 16 -57.32 44.10 24.44
C LYS G 16 -57.73 43.08 23.39
N ARG G 17 -57.57 43.42 22.12
CA ARG G 17 -57.93 42.48 21.07
C ARG G 17 -56.74 41.65 20.62
N TYR G 18 -57.03 40.48 20.05
CA TYR G 18 -56.01 39.56 19.59
C TYR G 18 -55.84 39.64 18.08
N THR G 19 -54.62 39.35 17.62
CA THR G 19 -54.32 39.38 16.20
C THR G 19 -53.52 38.13 15.80
N LEU G 20 -53.62 37.75 14.54
CA LEU G 20 -52.90 36.58 14.02
C LEU G 20 -51.44 36.93 13.81
N PRO G 21 -50.52 36.15 14.42
CA PRO G 21 -49.10 36.43 14.25
C PRO G 21 -48.57 35.83 12.93
N PRO G 22 -47.50 36.40 12.38
CA PRO G 22 -46.94 35.87 11.13
C PRO G 22 -46.15 34.60 11.45
N LEU G 23 -45.90 33.75 10.46
CA LEU G 23 -45.12 32.54 10.69
C LEU G 23 -43.64 32.92 10.64
N PRO G 24 -42.81 32.25 11.43
CA PRO G 24 -41.37 32.55 11.44
C PRO G 24 -40.70 32.01 10.18
N TYR G 25 -41.50 31.59 9.21
CA TYR G 25 -40.97 30.99 7.97
C TYR G 25 -42.04 30.85 6.88
N ALA G 26 -41.62 30.44 5.69
CA ALA G 26 -42.52 30.24 4.56
C ALA G 26 -43.40 29.01 4.79
N TYR G 27 -44.50 28.92 4.06
CA TYR G 27 -45.43 27.80 4.20
C TYR G 27 -44.84 26.42 3.89
N ASN G 28 -43.92 26.35 2.94
CA ASN G 28 -43.32 25.07 2.57
C ASN G 28 -42.00 24.80 3.27
N ALA G 29 -41.67 25.62 4.26
CA ALA G 29 -40.41 25.48 4.98
C ALA G 29 -40.21 24.23 5.82
N LEU G 30 -41.29 23.54 6.20
CA LEU G 30 -41.17 22.34 7.03
C LEU G 30 -41.32 21.02 6.27
N GLU G 31 -41.47 21.09 4.95
CA GLU G 31 -41.62 19.89 4.15
C GLU G 31 -40.35 19.04 4.21
N PRO G 32 -40.47 17.73 3.98
CA PRO G 32 -41.70 17.00 3.67
C PRO G 32 -42.45 16.60 4.95
N TYR G 33 -41.91 17.00 6.10
CA TYR G 33 -42.50 16.66 7.39
C TYR G 33 -43.92 17.16 7.54
N ILE G 34 -44.17 18.41 7.13
CA ILE G 34 -45.51 18.98 7.18
C ILE G 34 -45.65 19.81 5.90
N SER G 35 -46.67 19.48 5.11
CA SER G 35 -46.92 20.16 3.83
C SER G 35 -47.29 21.63 3.93
N ALA G 36 -46.92 22.39 2.90
CA ALA G 36 -47.22 23.81 2.84
C ALA G 36 -48.73 23.92 2.69
N GLU G 37 -49.33 22.86 2.16
CA GLU G 37 -50.77 22.78 1.98
C GLU G 37 -51.39 22.91 3.37
N ILE G 38 -50.92 22.08 4.29
CA ILE G 38 -51.39 22.07 5.67
C ILE G 38 -51.02 23.35 6.40
N MSE G 39 -49.76 23.74 6.32
CA MSE G 39 -49.28 24.95 6.99
C MSE G 39 -50.11 26.19 6.67
O MSE G 39 -50.47 26.95 7.58
CB MSE G 39 -47.81 25.23 6.62
CG MSE G 39 -46.81 24.18 7.11
SE MSE G 39 -46.75 23.93 9.05
CE MSE G 39 -45.98 25.63 9.59
N GLN G 40 -50.43 26.40 5.40
CA GLN G 40 -51.20 27.58 5.03
C GLN G 40 -52.64 27.53 5.52
N LEU G 41 -53.29 26.38 5.36
CA LEU G 41 -54.67 26.22 5.80
C LEU G 41 -54.78 26.36 7.33
N HIS G 42 -53.83 25.73 8.02
CA HIS G 42 -53.79 25.72 9.48
C HIS G 42 -53.58 27.10 10.07
N HIS G 43 -52.78 27.91 9.39
CA HIS G 43 -52.49 29.27 9.84
C HIS G 43 -53.57 30.28 9.44
N GLN G 44 -53.80 30.40 8.13
CA GLN G 44 -54.78 31.36 7.61
C GLN G 44 -56.23 31.11 7.94
N LYS G 45 -56.63 29.84 7.99
CA LYS G 45 -58.01 29.51 8.29
C LYS G 45 -58.23 29.19 9.78
N HIS G 46 -57.69 28.06 10.22
CA HIS G 46 -57.86 27.61 11.60
C HIS G 46 -57.37 28.61 12.64
N HIS G 47 -56.08 28.95 12.62
CA HIS G 47 -55.60 29.91 13.62
C HIS G 47 -56.33 31.24 13.49
N GLN G 48 -56.48 31.73 12.27
CA GLN G 48 -57.18 33.00 12.07
C GLN G 48 -58.53 32.94 12.75
N GLY G 49 -59.22 31.81 12.60
CA GLY G 49 -60.52 31.63 13.21
C GLY G 49 -60.52 31.72 14.73
N TYR G 50 -59.43 31.28 15.37
CA TYR G 50 -59.36 31.33 16.84
C TYR G 50 -59.14 32.75 17.30
N VAL G 51 -58.32 33.49 16.58
CA VAL G 51 -58.11 34.90 16.91
C VAL G 51 -59.50 35.54 16.78
N ASN G 52 -60.18 35.26 15.67
CA ASN G 52 -61.50 35.81 15.40
C ASN G 52 -62.54 35.53 16.49
N GLY G 53 -62.68 34.26 16.85
CA GLY G 53 -63.63 33.87 17.87
C GLY G 53 -63.27 34.41 19.25
N ALA G 54 -61.97 34.55 19.53
CA ALA G 54 -61.54 35.09 20.81
C ALA G 54 -62.01 36.53 20.93
N ASN G 55 -61.83 37.29 19.86
CA ASN G 55 -62.24 38.69 19.85
C ASN G 55 -63.75 38.83 19.88
N ALA G 56 -64.46 37.89 19.25
CA ALA G 56 -65.92 37.91 19.24
C ALA G 56 -66.39 37.74 20.69
N ALA G 57 -65.69 36.90 21.44
CA ALA G 57 -66.04 36.67 22.83
C ALA G 57 -65.79 37.94 23.65
N LEU G 58 -64.66 38.59 23.41
CA LEU G 58 -64.31 39.83 24.13
C LEU G 58 -65.30 40.97 23.85
N GLU G 59 -65.81 41.04 22.62
CA GLU G 59 -66.78 42.07 22.27
C GLU G 59 -68.03 41.90 23.15
N LYS G 60 -68.58 40.69 23.14
CA LYS G 60 -69.76 40.38 23.94
C LYS G 60 -69.51 40.75 25.40
N LEU G 61 -68.30 40.46 25.89
CA LEU G 61 -67.93 40.77 27.27
C LEU G 61 -67.84 42.27 27.51
N GLU G 62 -67.51 43.01 26.45
CA GLU G 62 -67.40 44.45 26.54
C GLU G 62 -68.79 45.08 26.53
N LYS G 63 -69.67 44.58 25.66
CA LYS G 63 -71.03 45.09 25.58
C LYS G 63 -71.80 44.77 26.84
N PHE G 64 -71.20 43.96 27.70
CA PHE G 64 -71.81 43.60 28.97
C PHE G 64 -71.28 44.59 30.02
N ARG G 65 -69.96 44.74 30.05
CA ARG G 65 -69.31 45.63 31.00
C ARG G 65 -69.67 47.08 30.71
N LYS G 66 -70.36 47.31 29.60
CA LYS G 66 -70.77 48.64 29.20
C LYS G 66 -72.29 48.76 29.27
N GLY G 67 -72.89 47.82 30.01
CA GLY G 67 -74.33 47.79 30.18
C GLY G 67 -75.15 47.97 28.92
N GLU G 68 -74.54 47.71 27.77
CA GLU G 68 -75.24 47.84 26.49
C GLU G 68 -76.19 46.68 26.25
N ALA G 69 -75.88 45.53 26.82
CA ALA G 69 -76.72 44.35 26.65
C ALA G 69 -76.47 43.29 27.72
N GLN G 70 -77.20 42.18 27.59
CA GLN G 70 -77.08 41.06 28.51
C GLN G 70 -75.98 40.14 28.00
N ILE G 71 -75.53 39.21 28.83
CA ILE G 71 -74.48 38.28 28.42
C ILE G 71 -74.66 36.91 29.06
N ASP G 72 -74.51 35.87 28.25
CA ASP G 72 -74.61 34.50 28.74
C ASP G 72 -73.21 34.23 29.28
N ILE G 73 -72.99 34.61 30.53
CA ILE G 73 -71.68 34.45 31.17
C ILE G 73 -71.02 33.09 30.89
N ARG G 74 -71.73 31.99 31.12
CA ARG G 74 -71.19 30.65 30.90
C ARG G 74 -70.88 30.33 29.45
N ALA G 75 -71.74 30.79 28.54
CA ALA G 75 -71.54 30.56 27.12
C ALA G 75 -70.36 31.35 26.60
N VAL G 76 -70.35 32.65 26.89
CA VAL G 76 -69.28 33.52 26.42
C VAL G 76 -67.91 33.08 26.95
N LEU G 77 -67.81 32.72 28.23
CA LEU G 77 -66.53 32.32 28.77
C LEU G 77 -66.09 30.96 28.21
N ARG G 78 -67.03 30.09 27.90
CA ARG G 78 -66.71 28.79 27.30
C ARG G 78 -66.10 29.02 25.92
N ASP G 79 -66.68 29.98 25.19
CA ASP G 79 -66.21 30.31 23.85
C ASP G 79 -64.85 30.99 23.91
N LEU G 80 -64.74 32.02 24.74
CA LEU G 80 -63.49 32.76 24.89
C LEU G 80 -62.36 31.80 25.26
N SER G 81 -62.63 30.92 26.22
CA SER G 81 -61.65 29.96 26.69
C SER G 81 -61.11 29.05 25.56
N PHE G 82 -62.02 28.64 24.68
CA PHE G 82 -61.65 27.78 23.56
C PHE G 82 -60.79 28.51 22.53
N HIS G 83 -61.29 29.62 22.02
CA HIS G 83 -60.56 30.40 21.02
C HIS G 83 -59.28 31.03 21.54
N LEU G 84 -59.33 31.55 22.76
CA LEU G 84 -58.13 32.17 23.34
C LEU G 84 -57.04 31.11 23.45
N ASN G 85 -57.40 29.91 23.92
CA ASN G 85 -56.41 28.85 24.04
C ASN G 85 -55.96 28.42 22.66
N GLY G 86 -56.87 28.42 21.70
CA GLY G 86 -56.49 28.03 20.35
C GLY G 86 -55.45 29.01 19.83
N HIS G 87 -55.64 30.27 20.18
CA HIS G 87 -54.73 31.35 19.77
C HIS G 87 -53.37 31.28 20.47
N ILE G 88 -53.39 31.03 21.78
CA ILE G 88 -52.16 30.93 22.55
C ILE G 88 -51.33 29.74 22.12
N LEU G 89 -51.95 28.56 22.08
CA LEU G 89 -51.24 27.34 21.70
C LEU G 89 -50.64 27.44 20.29
N HIS G 90 -51.39 27.99 19.35
CA HIS G 90 -50.84 28.12 18.02
C HIS G 90 -49.71 29.15 17.97
N SER G 91 -49.84 30.21 18.74
CA SER G 91 -48.82 31.26 18.79
C SER G 91 -47.49 30.69 19.28
N ILE G 92 -47.57 29.64 20.09
CA ILE G 92 -46.37 28.99 20.61
C ILE G 92 -45.96 27.90 19.61
N PHE G 93 -46.95 27.22 19.04
CA PHE G 93 -46.74 26.14 18.08
C PHE G 93 -45.88 26.52 16.87
N TRP G 94 -46.10 27.68 16.29
CA TRP G 94 -45.32 28.06 15.10
C TRP G 94 -43.82 28.21 15.40
N PRO G 95 -43.46 29.03 16.41
CA PRO G 95 -42.04 29.19 16.73
C PRO G 95 -41.42 27.93 17.36
N ASN G 96 -42.27 27.01 17.83
CA ASN G 96 -41.81 25.76 18.43
C ASN G 96 -41.13 24.90 17.37
N MSE G 97 -41.41 25.20 16.10
CA MSE G 97 -40.82 24.44 15.00
C MSE G 97 -39.87 25.32 14.20
O MSE G 97 -39.95 26.54 14.25
CB MSE G 97 -41.91 23.87 14.09
CG MSE G 97 -42.95 23.00 14.80
SE MSE G 97 -44.28 22.18 13.62
CE MSE G 97 -45.29 23.81 13.15
N ALA G 98 -38.96 24.67 13.49
CA ALA G 98 -37.98 25.36 12.66
C ALA G 98 -37.68 24.50 11.43
N PRO G 99 -37.42 25.14 10.27
CA PRO G 99 -37.12 24.42 9.02
C PRO G 99 -36.10 23.32 9.24
N PRO G 100 -36.28 22.17 8.56
CA PRO G 100 -35.36 21.04 8.70
C PRO G 100 -33.92 21.55 8.79
N GLY G 101 -33.19 21.09 9.79
CA GLY G 101 -31.82 21.54 9.98
C GLY G 101 -31.75 22.34 11.25
N LYS G 102 -32.19 23.61 11.18
CA LYS G 102 -32.20 24.46 12.37
C LYS G 102 -33.05 23.73 13.40
N GLY G 103 -34.13 23.11 12.94
CA GLY G 103 -35.01 22.37 13.82
C GLY G 103 -34.69 20.89 13.75
N GLY G 104 -35.15 20.14 14.75
CA GLY G 104 -34.92 18.70 14.77
C GLY G 104 -33.71 18.32 15.58
N GLY G 105 -33.54 17.02 15.81
CA GLY G 105 -32.40 16.53 16.56
C GLY G 105 -32.69 16.42 18.04
N LYS G 106 -31.65 16.20 18.83
CA LYS G 106 -31.82 16.08 20.28
C LYS G 106 -31.70 17.48 20.90
N PRO G 107 -32.19 17.65 22.13
CA PRO G 107 -32.08 18.96 22.78
C PRO G 107 -30.69 19.25 23.35
N GLY G 108 -30.52 20.49 23.82
CA GLY G 108 -29.25 20.90 24.41
C GLY G 108 -29.55 21.79 25.61
N GLY G 109 -28.64 22.70 25.93
CA GLY G 109 -28.85 23.61 27.05
C GLY G 109 -29.56 23.01 28.25
N LYS G 110 -30.20 23.86 29.05
CA LYS G 110 -30.91 23.39 30.23
C LYS G 110 -32.15 22.57 29.92
N ILE G 111 -32.52 22.48 28.64
CA ILE G 111 -33.70 21.69 28.26
C ILE G 111 -33.31 20.23 28.07
N ALA G 112 -32.20 19.99 27.37
CA ALA G 112 -31.75 18.62 27.18
C ALA G 112 -31.36 18.11 28.56
N ASP G 113 -30.93 19.05 29.40
CA ASP G 113 -30.51 18.75 30.76
C ASP G 113 -31.68 18.39 31.68
N LEU G 114 -32.73 19.21 31.70
CA LEU G 114 -33.88 18.91 32.55
C LEU G 114 -34.66 17.70 31.99
N ILE G 115 -34.56 17.49 30.68
CA ILE G 115 -35.24 16.36 30.06
C ILE G 115 -34.52 15.06 30.44
N ASN G 116 -33.19 15.13 30.56
CA ASN G 116 -32.42 13.95 30.93
C ASN G 116 -32.76 13.55 32.35
N LYS G 117 -33.03 14.54 33.19
CA LYS G 117 -33.36 14.30 34.58
C LYS G 117 -34.68 13.57 34.75
N PHE G 118 -35.77 14.33 34.75
CA PHE G 118 -37.11 13.77 34.93
C PHE G 118 -37.51 12.60 34.04
N PHE G 119 -36.88 12.48 32.88
CA PHE G 119 -37.20 11.39 31.94
C PHE G 119 -36.09 10.36 31.80
N GLY G 120 -34.90 10.70 32.28
CA GLY G 120 -33.77 9.79 32.21
C GLY G 120 -33.12 9.70 30.84
N SER G 121 -33.64 10.47 29.89
CA SER G 121 -33.07 10.48 28.53
C SER G 121 -34.02 11.10 27.53
N PHE G 122 -33.50 11.42 26.34
CA PHE G 122 -34.33 11.99 25.30
C PHE G 122 -35.24 10.90 24.73
N GLU G 123 -34.70 9.68 24.60
CA GLU G 123 -35.47 8.55 24.06
C GLU G 123 -36.72 8.29 24.89
N LYS G 124 -36.60 8.31 26.21
CA LYS G 124 -37.76 8.06 27.08
C LYS G 124 -38.76 9.20 26.95
N PHE G 125 -38.26 10.44 27.01
CA PHE G 125 -39.12 11.62 26.89
C PHE G 125 -39.88 11.58 25.58
N LYS G 126 -39.16 11.27 24.51
CA LYS G 126 -39.75 11.20 23.19
C LYS G 126 -40.89 10.18 23.16
N GLU G 127 -40.79 9.15 24.00
CA GLU G 127 -41.83 8.13 24.07
C GLU G 127 -43.05 8.56 24.86
N GLU G 128 -42.84 9.25 25.98
CA GLU G 128 -43.95 9.70 26.80
C GLU G 128 -44.69 10.85 26.10
N PHE G 129 -43.95 11.65 25.32
CA PHE G 129 -44.56 12.76 24.62
C PHE G 129 -45.28 12.22 23.37
N SER G 130 -44.67 11.24 22.72
CA SER G 130 -45.23 10.64 21.52
C SER G 130 -46.50 9.88 21.84
N GLN G 131 -46.49 9.17 22.97
CA GLN G 131 -47.65 8.40 23.40
C GLN G 131 -48.77 9.33 23.85
N ALA G 132 -48.40 10.44 24.47
CA ALA G 132 -49.40 11.39 24.92
C ALA G 132 -50.09 11.96 23.69
N ALA G 133 -49.33 12.21 22.62
CA ALA G 133 -49.90 12.77 21.40
C ALA G 133 -50.80 11.79 20.65
N LYS G 134 -50.27 10.59 20.36
CA LYS G 134 -51.03 9.58 19.63
C LYS G 134 -52.28 9.11 20.38
N ASN G 135 -52.29 9.28 21.69
CA ASN G 135 -53.43 8.84 22.49
C ASN G 135 -54.44 9.89 22.91
N VAL G 136 -54.35 11.09 22.34
CA VAL G 136 -55.33 12.11 22.69
C VAL G 136 -56.64 11.61 22.06
N GLU G 137 -57.68 11.56 22.87
CA GLU G 137 -58.98 11.10 22.41
C GLU G 137 -59.68 12.24 21.71
N GLY G 138 -59.89 12.08 20.41
CA GLY G 138 -60.51 13.14 19.64
C GLY G 138 -59.41 14.09 19.19
N VAL G 139 -59.68 15.38 19.21
CA VAL G 139 -58.66 16.36 18.81
C VAL G 139 -58.06 17.05 20.04
N GLY G 140 -56.81 17.48 19.92
CA GLY G 140 -56.17 18.14 21.04
C GLY G 140 -54.69 18.34 20.86
N TRP G 141 -53.97 18.38 21.98
CA TRP G 141 -52.52 18.61 21.99
C TRP G 141 -51.78 17.78 23.02
N ALA G 142 -50.47 17.67 22.80
CA ALA G 142 -49.58 17.05 23.76
C ALA G 142 -48.71 18.27 24.04
N ILE G 143 -48.52 18.62 25.31
CA ILE G 143 -47.69 19.76 25.63
C ILE G 143 -46.66 19.40 26.70
N LEU G 144 -45.54 20.11 26.66
CA LEU G 144 -44.49 19.96 27.64
C LEU G 144 -44.56 21.26 28.41
N VAL G 145 -44.95 21.19 29.67
CA VAL G 145 -45.07 22.38 30.49
C VAL G 145 -44.03 22.38 31.59
N TYR G 146 -43.82 23.56 32.18
CA TYR G 146 -42.93 23.67 33.31
C TYR G 146 -43.88 23.98 34.43
N GLU G 147 -44.00 23.05 35.38
CA GLU G 147 -44.90 23.19 36.52
C GLU G 147 -44.19 24.03 37.58
N PRO G 148 -44.70 25.25 37.82
CA PRO G 148 -44.17 26.22 38.78
C PRO G 148 -43.97 25.69 40.19
N LEU G 149 -45.08 25.44 40.88
CA LEU G 149 -45.10 24.96 42.25
C LEU G 149 -43.91 24.13 42.69
N GLU G 150 -43.74 22.92 42.13
CA GLU G 150 -42.62 22.08 42.52
C GLU G 150 -41.50 22.14 41.50
N GLU G 151 -41.65 23.06 40.55
CA GLU G 151 -40.65 23.28 39.52
C GLU G 151 -40.19 22.02 38.77
N GLN G 152 -41.10 21.43 38.02
CA GLN G 152 -40.73 20.24 37.26
C GLN G 152 -41.25 20.24 35.82
N LEU G 153 -40.69 19.35 35.01
CA LEU G 153 -41.10 19.21 33.63
C LEU G 153 -42.19 18.16 33.54
N LEU G 154 -43.40 18.59 33.20
CA LEU G 154 -44.54 17.67 33.06
C LEU G 154 -45.09 17.70 31.65
N ILE G 155 -45.56 16.55 31.19
CA ILE G 155 -46.19 16.43 29.87
C ILE G 155 -47.67 16.25 30.21
N LEU G 156 -48.53 16.94 29.47
CA LEU G 156 -49.95 16.86 29.70
C LEU G 156 -50.73 16.69 28.41
N GLN G 157 -51.90 16.07 28.51
CA GLN G 157 -52.78 15.89 27.37
C GLN G 157 -53.84 16.98 27.41
N ILE G 158 -54.02 17.66 26.29
CA ILE G 158 -55.04 18.71 26.20
C ILE G 158 -56.05 18.25 25.15
N GLU G 159 -57.34 18.39 25.45
CA GLU G 159 -58.38 18.05 24.50
C GLU G 159 -58.94 19.38 23.99
N LYS G 160 -59.17 19.46 22.68
CA LYS G 160 -59.59 20.70 22.03
C LYS G 160 -58.38 21.60 22.28
N HIS G 161 -58.56 22.82 22.76
CA HIS G 161 -57.41 23.68 23.06
C HIS G 161 -57.38 24.03 24.53
N ASN G 162 -58.53 23.86 25.19
CA ASN G 162 -58.68 24.30 26.56
C ASN G 162 -59.05 23.28 27.62
N LEU G 163 -58.81 21.99 27.37
CA LEU G 163 -59.16 20.99 28.35
C LEU G 163 -57.95 20.33 28.96
N MSE G 164 -57.83 20.50 30.28
CA MSE G 164 -56.76 19.92 31.09
C MSE G 164 -55.48 20.71 31.28
O MSE G 164 -54.49 20.16 31.77
CB MSE G 164 -56.43 18.52 30.60
CG MSE G 164 -57.64 17.60 30.59
SE MSE G 164 -57.19 15.79 30.07
CE MSE G 164 -57.27 16.01 28.14
N HIS G 165 -55.47 21.98 30.91
CA HIS G 165 -54.27 22.79 31.12
C HIS G 165 -54.01 22.85 32.63
N ALA G 166 -52.75 23.07 32.99
CA ALA G 166 -52.33 23.19 34.39
C ALA G 166 -52.28 24.69 34.73
N ALA G 167 -53.00 25.09 35.77
CA ALA G 167 -53.01 26.49 36.17
C ALA G 167 -51.58 26.97 36.35
N ASP G 168 -51.32 28.20 35.90
CA ASP G 168 -50.00 28.85 36.01
C ASP G 168 -48.83 28.19 35.28
N ALA G 169 -48.97 26.93 34.87
CA ALA G 169 -47.89 26.22 34.19
C ALA G 169 -47.51 26.89 32.87
N GLN G 170 -46.22 26.87 32.54
CA GLN G 170 -45.73 27.48 31.31
C GLN G 170 -45.40 26.46 30.24
N VAL G 171 -46.08 26.59 29.10
CA VAL G 171 -45.90 25.69 27.97
C VAL G 171 -44.54 25.90 27.28
N LEU G 172 -43.77 24.81 27.15
CA LEU G 172 -42.46 24.87 26.53
C LEU G 172 -42.47 24.33 25.10
N LEU G 173 -43.15 23.20 24.93
CA LEU G 173 -43.26 22.51 23.64
C LEU G 173 -44.73 22.09 23.44
N ALA G 174 -45.23 22.29 22.24
CA ALA G 174 -46.62 21.94 21.94
C ALA G 174 -46.77 21.26 20.59
N LEU G 175 -47.52 20.16 20.55
CA LEU G 175 -47.77 19.44 19.32
C LEU G 175 -49.27 19.33 19.13
N ASP G 176 -49.76 19.93 18.05
CA ASP G 176 -51.16 19.95 17.70
C ASP G 176 -51.57 18.62 17.04
N VAL G 177 -52.54 17.92 17.62
CA VAL G 177 -53.01 16.68 17.01
C VAL G 177 -54.47 16.75 16.53
N TRP G 178 -54.92 17.96 16.20
CA TRP G 178 -56.26 18.13 15.63
C TRP G 178 -56.06 17.53 14.24
N GLU G 179 -57.08 16.90 13.68
CA GLU G 179 -56.91 16.29 12.37
C GLU G 179 -56.51 17.28 11.28
N HIS G 180 -56.92 18.54 11.43
CA HIS G 180 -56.56 19.55 10.43
C HIS G 180 -55.08 19.91 10.45
N ALA G 181 -54.35 19.30 11.39
CA ALA G 181 -52.91 19.53 11.51
C ALA G 181 -52.14 18.47 10.70
N TYR G 182 -52.82 17.40 10.27
CA TYR G 182 -52.13 16.33 9.56
C TYR G 182 -52.89 15.52 8.51
N TYR G 183 -54.23 15.55 8.57
CA TYR G 183 -55.03 14.72 7.69
C TYR G 183 -54.82 14.79 6.18
N LEU G 184 -54.68 15.99 5.64
CA LEU G 184 -54.46 16.15 4.20
C LEU G 184 -53.23 15.38 3.70
N GLN G 185 -52.21 15.25 4.57
CA GLN G 185 -50.97 14.57 4.22
C GLN G 185 -50.84 13.14 4.71
N TYR G 186 -51.08 12.96 6.01
CA TYR G 186 -50.98 11.66 6.65
C TYR G 186 -52.31 10.91 6.81
N LYS G 187 -53.41 11.58 6.49
CA LYS G 187 -54.72 10.95 6.63
C LYS G 187 -54.97 10.49 8.07
N ASN G 188 -55.43 9.26 8.26
CA ASN G 188 -55.73 8.72 9.60
C ASN G 188 -54.49 8.37 10.42
N ASP G 189 -53.33 8.38 9.79
CA ASP G 189 -52.09 8.01 10.48
C ASP G 189 -51.48 9.11 11.31
N ARG G 190 -52.11 9.41 12.44
CA ARG G 190 -51.63 10.44 13.37
C ARG G 190 -50.23 10.05 13.85
N GLY G 191 -50.03 8.75 14.07
CA GLY G 191 -48.74 8.25 14.55
C GLY G 191 -47.53 8.66 13.74
N SER G 192 -47.61 8.53 12.41
CA SER G 192 -46.50 8.88 11.53
C SER G 192 -46.29 10.40 11.52
N TYR G 193 -47.39 11.14 11.64
CA TYR G 193 -47.33 12.59 11.68
C TYR G 193 -46.50 12.99 12.90
N VAL G 194 -46.86 12.41 14.05
CA VAL G 194 -46.16 12.68 15.32
C VAL G 194 -44.69 12.32 15.18
N ASP G 195 -44.43 11.13 14.66
CA ASP G 195 -43.06 10.68 14.48
C ASP G 195 -42.24 11.64 13.63
N ASN G 196 -42.78 12.02 12.46
CA ASN G 196 -42.09 12.93 11.55
C ASN G 196 -41.94 14.35 12.06
N TRP G 197 -42.74 14.71 13.07
CA TRP G 197 -42.73 16.04 13.64
C TRP G 197 -41.43 16.37 14.35
N TRP G 198 -40.82 15.39 15.01
CA TRP G 198 -39.56 15.63 15.73
C TRP G 198 -38.45 16.14 14.82
N ASN G 199 -38.64 16.03 13.52
CA ASN G 199 -37.63 16.50 12.57
C ASN G 199 -37.67 18.02 12.41
N VAL G 200 -38.77 18.65 12.82
CA VAL G 200 -38.89 20.11 12.70
C VAL G 200 -38.94 20.83 14.05
N VAL G 201 -38.74 20.12 15.15
CA VAL G 201 -38.76 20.77 16.45
C VAL G 201 -37.63 21.78 16.56
N ASN G 202 -37.98 23.01 16.94
CA ASN G 202 -37.02 24.11 17.09
C ASN G 202 -36.59 24.15 18.56
N TRP G 203 -35.61 23.34 18.91
CA TRP G 203 -35.14 23.28 20.29
C TRP G 203 -34.66 24.60 20.86
N ASP G 204 -34.19 25.49 19.99
CA ASP G 204 -33.72 26.78 20.43
C ASP G 204 -34.88 27.59 21.00
N ASP G 205 -36.06 27.39 20.41
CA ASP G 205 -37.28 28.07 20.88
C ASP G 205 -37.66 27.52 22.26
N VAL G 206 -37.67 26.19 22.38
CA VAL G 206 -38.00 25.55 23.65
C VAL G 206 -37.08 26.06 24.75
N GLU G 207 -35.80 26.19 24.42
CA GLU G 207 -34.81 26.67 25.39
C GLU G 207 -35.16 28.07 25.92
N ARG G 208 -35.45 29.01 25.02
CA ARG G 208 -35.81 30.36 25.45
C ARG G 208 -36.97 30.33 26.47
N ARG G 209 -37.95 29.47 26.24
CA ARG G 209 -39.10 29.33 27.13
C ARG G 209 -38.76 28.67 28.47
N LEU G 210 -37.94 27.62 28.45
CA LEU G 210 -37.55 26.96 29.70
C LEU G 210 -36.67 27.87 30.57
N GLN G 211 -35.70 28.53 29.94
CA GLN G 211 -34.81 29.44 30.67
C GLN G 211 -35.65 30.45 31.43
N LYS G 212 -36.67 31.00 30.76
CA LYS G 212 -37.55 31.97 31.40
C LYS G 212 -38.35 31.27 32.49
N ALA G 213 -38.82 30.07 32.20
CA ALA G 213 -39.58 29.29 33.17
C ALA G 213 -38.73 28.99 34.41
N LEU G 214 -37.50 28.56 34.18
CA LEU G 214 -36.58 28.24 35.27
C LEU G 214 -36.43 29.38 36.28
N ASN G 215 -36.52 30.61 35.79
CA ASN G 215 -36.40 31.79 36.66
C ASN G 215 -37.78 32.26 37.11
N GLY G 216 -38.71 31.32 37.16
CA GLY G 216 -40.06 31.62 37.60
C GLY G 216 -40.75 32.75 36.86
N GLN G 217 -40.54 32.83 35.55
CA GLN G 217 -41.18 33.86 34.75
C GLN G 217 -42.16 33.22 33.78
N ILE G 218 -43.14 34.01 33.35
CA ILE G 218 -44.09 33.52 32.35
C ILE G 218 -43.20 33.34 31.11
N ALA G 219 -43.46 32.32 30.31
CA ALA G 219 -42.64 32.05 29.14
C ALA G 219 -43.39 32.11 27.81
N LEU G 220 -44.14 33.18 27.59
CA LEU G 220 -44.90 33.29 26.35
C LEU G 220 -44.31 34.28 25.33
N LYS G 221 -44.01 35.49 25.79
CA LYS G 221 -43.46 36.52 24.92
C LYS G 221 -41.94 36.42 24.80
N LEU G 222 -41.48 36.06 23.61
CA LEU G 222 -40.04 35.89 23.36
C LEU G 222 -39.47 34.80 24.26
N SER H 12 -97.11 27.49 14.62
CA SER H 12 -97.21 26.02 14.38
C SER H 12 -96.03 25.30 15.03
N VAL H 13 -95.27 26.05 15.82
CA VAL H 13 -94.10 25.50 16.51
C VAL H 13 -94.42 25.27 17.98
N THR H 14 -94.35 24.02 18.41
CA THR H 14 -94.61 23.68 19.79
C THR H 14 -93.51 22.78 20.33
N THR H 15 -93.29 22.86 21.64
CA THR H 15 -92.28 22.06 22.31
C THR H 15 -92.87 21.60 23.64
N LYS H 16 -92.82 20.29 23.88
CA LYS H 16 -93.33 19.74 25.13
C LYS H 16 -92.45 20.19 26.29
N ARG H 17 -93.06 20.48 27.43
CA ARG H 17 -92.30 20.89 28.61
C ARG H 17 -92.25 19.75 29.59
N TYR H 18 -91.53 19.95 30.69
CA TYR H 18 -91.41 18.91 31.70
C TYR H 18 -91.92 19.38 33.06
N THR H 19 -91.92 18.47 34.03
CA THR H 19 -92.39 18.77 35.38
C THR H 19 -91.66 17.90 36.39
N LEU H 20 -91.80 18.24 37.67
CA LEU H 20 -91.15 17.49 38.75
C LEU H 20 -92.03 16.34 39.21
N PRO H 21 -91.74 15.10 38.76
CA PRO H 21 -92.52 13.93 39.16
C PRO H 21 -92.51 13.75 40.68
N PRO H 22 -93.62 13.28 41.26
CA PRO H 22 -93.65 13.08 42.71
C PRO H 22 -92.79 11.87 43.06
N LEU H 23 -92.33 11.78 44.30
CA LEU H 23 -91.54 10.63 44.70
C LEU H 23 -92.52 9.52 45.01
N PRO H 24 -92.45 8.41 44.26
CA PRO H 24 -93.36 7.27 44.47
C PRO H 24 -93.51 6.93 45.95
N TYR H 25 -92.49 7.29 46.73
CA TYR H 25 -92.48 7.03 48.17
C TYR H 25 -92.61 8.34 48.95
N ALA H 26 -92.01 8.39 50.14
CA ALA H 26 -92.08 9.58 50.98
C ALA H 26 -90.80 10.41 50.88
N TYR H 27 -90.80 11.57 51.53
CA TYR H 27 -89.62 12.43 51.55
C TYR H 27 -88.69 11.91 52.62
N ASN H 28 -89.26 11.22 53.61
CA ASN H 28 -88.51 10.65 54.72
C ASN H 28 -88.48 9.14 54.51
N ALA H 29 -89.08 8.72 53.41
CA ALA H 29 -89.18 7.31 53.07
C ALA H 29 -87.89 6.48 53.19
N LEU H 30 -86.78 6.93 52.59
CA LEU H 30 -85.51 6.16 52.59
C LEU H 30 -84.57 6.38 53.76
N GLU H 31 -85.06 7.07 54.78
CA GLU H 31 -84.24 7.38 55.96
C GLU H 31 -83.63 6.09 56.54
N PRO H 32 -82.38 6.18 57.09
CA PRO H 32 -81.10 5.94 57.74
C PRO H 32 -80.03 5.84 56.65
N TYR H 33 -80.49 6.06 55.41
CA TYR H 33 -79.64 6.02 54.24
C TYR H 33 -79.64 7.40 53.59
N ILE H 34 -80.83 7.97 53.46
CA ILE H 34 -80.96 9.29 52.89
C ILE H 34 -82.04 10.03 53.68
N SER H 35 -81.66 11.18 54.24
CA SER H 35 -82.55 11.99 55.06
C SER H 35 -83.60 12.73 54.28
N ALA H 36 -84.76 12.98 54.91
CA ALA H 36 -85.80 13.73 54.26
C ALA H 36 -85.23 15.13 54.11
N GLU H 37 -83.94 15.24 54.43
CA GLU H 37 -83.18 16.48 54.34
C GLU H 37 -82.56 16.50 52.94
N ILE H 38 -81.51 15.71 52.76
CA ILE H 38 -80.85 15.59 51.46
C ILE H 38 -82.00 15.24 50.54
N MSE H 39 -82.65 14.15 50.90
CA MSE H 39 -83.80 13.60 50.20
C MSE H 39 -84.99 14.55 50.32
O MSE H 39 -86.02 14.19 50.88
CB MSE H 39 -84.15 12.26 50.83
CG MSE H 39 -85.26 11.52 50.16
SE MSE H 39 -84.69 10.98 48.43
CE MSE H 39 -83.35 9.69 48.93
N GLN H 40 -84.83 15.76 49.80
CA GLN H 40 -85.89 16.76 49.87
C GLN H 40 -85.49 17.93 48.97
N LEU H 41 -84.34 18.51 49.29
CA LEU H 41 -83.78 19.61 48.53
C LEU H 41 -83.52 19.04 47.13
N HIS H 42 -82.90 17.86 47.15
CA HIS H 42 -82.54 17.10 45.96
C HIS H 42 -83.69 17.06 44.97
N HIS H 43 -84.89 16.82 45.48
CA HIS H 43 -86.08 16.73 44.64
C HIS H 43 -86.75 18.08 44.41
N GLN H 44 -87.01 18.82 45.49
CA GLN H 44 -87.66 20.12 45.43
C GLN H 44 -86.80 21.24 44.86
N LYS H 45 -85.51 21.20 45.16
CA LYS H 45 -84.60 22.23 44.68
C LYS H 45 -83.85 21.82 43.41
N HIS H 46 -82.98 20.83 43.53
CA HIS H 46 -82.18 20.34 42.42
C HIS H 46 -82.97 19.75 41.26
N HIS H 47 -83.69 18.66 41.51
CA HIS H 47 -84.47 18.03 40.44
C HIS H 47 -85.39 19.02 39.73
N GLN H 48 -86.04 19.89 40.49
CA GLN H 48 -86.92 20.87 39.86
C GLN H 48 -86.07 21.83 39.04
N GLY H 49 -84.86 22.12 39.55
CA GLY H 49 -83.95 23.02 38.87
C GLY H 49 -83.69 22.60 37.45
N TYR H 50 -83.48 21.30 37.25
CA TYR H 50 -83.20 20.77 35.91
C TYR H 50 -84.46 20.83 35.05
N VAL H 51 -85.63 20.71 35.69
CA VAL H 51 -86.88 20.79 34.98
C VAL H 51 -86.98 22.23 34.47
N ASN H 52 -86.67 23.17 35.36
CA ASN H 52 -86.70 24.59 35.00
C ASN H 52 -85.76 24.86 33.83
N GLY H 53 -84.47 24.58 34.03
CA GLY H 53 -83.47 24.81 32.99
C GLY H 53 -83.84 24.23 31.64
N ALA H 54 -84.42 23.04 31.65
CA ALA H 54 -84.86 22.38 30.43
C ALA H 54 -85.91 23.24 29.74
N ASN H 55 -86.93 23.64 30.49
CA ASN H 55 -88.00 24.47 29.94
C ASN H 55 -87.43 25.78 29.39
N ALA H 56 -86.49 26.36 30.13
CA ALA H 56 -85.84 27.61 29.72
C ALA H 56 -85.14 27.42 28.38
N ALA H 57 -84.60 26.23 28.17
CA ALA H 57 -83.91 25.91 26.92
C ALA H 57 -84.92 25.72 25.79
N LEU H 58 -85.96 24.93 26.06
CA LEU H 58 -86.99 24.70 25.05
C LEU H 58 -87.65 26.02 24.65
N GLU H 59 -87.83 26.92 25.61
CA GLU H 59 -88.45 28.19 25.30
C GLU H 59 -87.59 28.96 24.30
N LYS H 60 -86.28 28.98 24.53
CA LYS H 60 -85.35 29.67 23.63
C LYS H 60 -85.39 29.07 22.23
N LEU H 61 -85.48 27.75 22.16
CA LEU H 61 -85.53 27.06 20.87
C LEU H 61 -86.89 27.30 20.20
N GLU H 62 -87.87 27.67 21.00
CA GLU H 62 -89.21 27.92 20.48
C GLU H 62 -89.26 29.31 19.87
N LYS H 63 -88.69 30.29 20.56
CA LYS H 63 -88.65 31.67 20.09
C LYS H 63 -87.72 31.82 18.90
N PHE H 64 -86.88 30.81 18.68
CA PHE H 64 -85.95 30.79 17.55
C PHE H 64 -86.71 30.23 16.36
N ARG H 65 -87.47 29.17 16.64
CA ARG H 65 -88.28 28.51 15.62
C ARG H 65 -89.45 29.39 15.21
N LYS H 66 -89.97 30.15 16.16
CA LYS H 66 -91.08 31.08 15.91
C LYS H 66 -90.48 32.37 15.35
N GLY H 67 -89.23 32.28 14.91
CA GLY H 67 -88.53 33.43 14.35
C GLY H 67 -88.67 34.71 15.14
N GLU H 68 -88.74 34.61 16.46
CA GLU H 68 -88.88 35.79 17.30
C GLU H 68 -87.54 36.28 17.85
N ALA H 69 -86.46 35.65 17.42
CA ALA H 69 -85.12 36.00 17.85
C ALA H 69 -84.12 34.92 17.48
N GLN H 70 -82.90 35.33 17.13
CA GLN H 70 -81.86 34.40 16.76
C GLN H 70 -81.53 33.48 17.93
N ILE H 71 -80.49 32.66 17.80
CA ILE H 71 -80.13 31.75 18.89
C ILE H 71 -78.67 31.30 18.91
N ASP H 72 -78.14 31.11 20.12
CA ASP H 72 -76.77 30.63 20.30
C ASP H 72 -76.97 29.11 20.42
N ILE H 73 -77.20 28.47 19.29
CA ILE H 73 -77.48 27.03 19.25
C ILE H 73 -76.55 26.14 20.08
N ARG H 74 -75.24 26.41 20.08
CA ARG H 74 -74.35 25.59 20.88
C ARG H 74 -74.65 25.78 22.35
N ALA H 75 -74.77 27.04 22.78
CA ALA H 75 -75.07 27.34 24.16
C ALA H 75 -76.40 26.72 24.58
N VAL H 76 -77.44 26.97 23.80
CA VAL H 76 -78.76 26.45 24.10
C VAL H 76 -78.77 24.93 24.18
N LEU H 77 -78.23 24.28 23.14
CA LEU H 77 -78.20 22.82 23.13
C LEU H 77 -77.38 22.26 24.28
N ARG H 78 -76.24 22.87 24.60
CA ARG H 78 -75.43 22.40 25.72
C ARG H 78 -76.29 22.43 26.99
N ASP H 79 -77.04 23.51 27.18
CA ASP H 79 -77.91 23.65 28.34
C ASP H 79 -79.01 22.60 28.34
N LEU H 80 -79.69 22.46 27.21
CA LEU H 80 -80.76 21.47 27.09
C LEU H 80 -80.21 20.10 27.46
N SER H 81 -79.04 19.78 26.90
CA SER H 81 -78.41 18.50 27.18
C SER H 81 -78.26 18.25 28.68
N PHE H 82 -77.62 19.18 29.37
CA PHE H 82 -77.40 19.07 30.82
C PHE H 82 -78.68 18.95 31.64
N HIS H 83 -79.66 19.81 31.35
CA HIS H 83 -80.94 19.83 32.07
C HIS H 83 -81.91 18.70 31.78
N LEU H 84 -82.08 18.38 30.50
CA LEU H 84 -82.98 17.31 30.10
C LEU H 84 -82.47 16.02 30.73
N ASN H 85 -81.15 15.84 30.72
CA ASN H 85 -80.54 14.64 31.30
C ASN H 85 -80.65 14.66 32.81
N GLY H 86 -80.50 15.83 33.41
CA GLY H 86 -80.60 15.92 34.86
C GLY H 86 -81.98 15.44 35.28
N HIS H 87 -82.96 15.78 34.46
CA HIS H 87 -84.35 15.42 34.67
C HIS H 87 -84.64 13.93 34.47
N ILE H 88 -84.25 13.40 33.31
CA ILE H 88 -84.47 11.99 32.98
C ILE H 88 -83.85 11.10 34.05
N LEU H 89 -82.58 11.33 34.34
CA LEU H 89 -81.88 10.55 35.35
C LEU H 89 -82.53 10.68 36.72
N HIS H 90 -83.04 11.86 37.04
CA HIS H 90 -83.70 12.02 38.33
C HIS H 90 -85.05 11.34 38.29
N SER H 91 -85.70 11.39 37.14
CA SER H 91 -87.01 10.76 36.98
C SER H 91 -86.87 9.24 37.04
N ILE H 92 -85.63 8.77 37.19
CA ILE H 92 -85.38 7.32 37.26
C ILE H 92 -84.71 6.98 38.59
N PHE H 93 -84.00 7.95 39.16
CA PHE H 93 -83.30 7.76 40.43
C PHE H 93 -84.27 7.51 41.59
N TRP H 94 -85.40 8.22 41.59
CA TRP H 94 -86.40 8.08 42.66
C TRP H 94 -87.07 6.70 42.66
N PRO H 95 -87.69 6.30 41.54
CA PRO H 95 -88.33 4.98 41.49
C PRO H 95 -87.33 3.83 41.59
N ASN H 96 -86.06 4.13 41.38
CA ASN H 96 -85.00 3.13 41.48
C ASN H 96 -84.74 2.82 42.95
N MSE H 97 -85.52 3.44 43.83
CA MSE H 97 -85.38 3.21 45.27
C MSE H 97 -86.73 3.06 45.98
O MSE H 97 -87.72 3.71 45.61
CB MSE H 97 -84.60 4.36 45.91
CG MSE H 97 -83.25 4.63 45.27
SE MSE H 97 -82.26 6.01 46.21
CE MSE H 97 -83.25 7.56 45.65
N ALA H 98 -86.75 2.20 47.00
CA ALA H 98 -87.96 1.96 47.80
C ALA H 98 -87.55 1.84 49.27
N PRO H 99 -88.47 2.16 50.20
CA PRO H 99 -88.16 2.09 51.62
C PRO H 99 -87.36 0.85 52.04
N PRO H 100 -86.44 1.04 53.01
CA PRO H 100 -85.56 0.01 53.58
C PRO H 100 -86.25 -1.32 53.78
N GLY H 101 -85.51 -2.42 53.59
CA GLY H 101 -86.09 -3.74 53.75
C GLY H 101 -87.13 -4.05 52.69
N LYS H 102 -87.95 -3.05 52.35
CA LYS H 102 -88.97 -3.18 51.33
C LYS H 102 -88.28 -3.15 49.96
N GLY H 103 -87.02 -2.69 49.96
CA GLY H 103 -86.25 -2.61 48.74
C GLY H 103 -84.78 -2.44 49.05
N GLY H 104 -83.98 -3.45 48.71
CA GLY H 104 -82.55 -3.35 48.98
C GLY H 104 -81.86 -4.68 49.24
N GLY H 105 -82.09 -5.66 48.37
CA GLY H 105 -81.46 -6.96 48.55
C GLY H 105 -80.95 -7.55 47.24
N LYS H 106 -80.34 -8.73 47.33
CA LYS H 106 -79.80 -9.42 46.15
C LYS H 106 -80.93 -9.64 45.13
N PRO H 107 -80.85 -9.00 43.96
CA PRO H 107 -81.87 -9.12 42.91
C PRO H 107 -82.23 -10.53 42.44
N GLY H 108 -83.41 -10.63 41.84
CA GLY H 108 -83.91 -11.89 41.31
C GLY H 108 -84.47 -11.61 39.93
N GLY H 109 -85.36 -12.48 39.46
CA GLY H 109 -85.93 -12.27 38.15
C GLY H 109 -84.90 -12.17 37.04
N LYS H 110 -85.32 -11.67 35.88
CA LYS H 110 -84.45 -11.52 34.72
C LYS H 110 -83.20 -10.70 35.05
N ILE H 111 -83.38 -9.59 35.74
CA ILE H 111 -82.28 -8.71 36.10
C ILE H 111 -81.20 -9.51 36.83
N ALA H 112 -81.62 -10.49 37.62
CA ALA H 112 -80.65 -11.32 38.35
C ALA H 112 -79.88 -12.22 37.38
N ASP H 113 -80.60 -12.82 36.43
CA ASP H 113 -79.99 -13.71 35.45
C ASP H 113 -79.00 -13.03 34.50
N LEU H 114 -79.31 -11.81 34.05
CA LEU H 114 -78.39 -11.12 33.16
C LEU H 114 -77.18 -10.60 33.95
N ILE H 115 -77.41 -10.15 35.18
CA ILE H 115 -76.32 -9.66 36.01
C ILE H 115 -75.32 -10.82 36.20
N ASN H 116 -75.86 -12.02 36.28
CA ASN H 116 -75.02 -13.19 36.44
C ASN H 116 -74.30 -13.62 35.17
N LYS H 117 -74.94 -13.41 34.02
CA LYS H 117 -74.31 -13.78 32.74
C LYS H 117 -73.15 -12.88 32.35
N PHE H 118 -73.39 -11.57 32.32
CA PHE H 118 -72.37 -10.61 31.90
C PHE H 118 -71.32 -10.26 32.96
N PHE H 119 -71.69 -10.38 34.23
CA PHE H 119 -70.77 -10.07 35.32
C PHE H 119 -70.24 -11.29 36.07
N GLY H 120 -71.03 -12.37 36.07
CA GLY H 120 -70.63 -13.57 36.78
C GLY H 120 -71.50 -13.77 37.99
N SER H 121 -71.60 -12.74 38.83
CA SER H 121 -72.41 -12.80 40.04
C SER H 121 -72.82 -11.40 40.48
N PHE H 122 -73.78 -11.34 41.40
CA PHE H 122 -74.25 -10.07 41.90
C PHE H 122 -73.16 -9.37 42.70
N GLU H 123 -72.25 -10.15 43.27
CA GLU H 123 -71.15 -9.58 44.04
C GLU H 123 -70.19 -8.87 43.09
N LYS H 124 -69.79 -9.55 42.02
CA LYS H 124 -68.88 -8.98 41.03
C LYS H 124 -69.49 -7.73 40.39
N PHE H 125 -70.80 -7.78 40.14
CA PHE H 125 -71.52 -6.65 39.56
C PHE H 125 -71.56 -5.50 40.55
N LYS H 126 -71.81 -5.83 41.81
CA LYS H 126 -71.89 -4.83 42.87
C LYS H 126 -70.55 -4.08 42.97
N GLU H 127 -69.46 -4.82 42.82
CA GLU H 127 -68.12 -4.24 42.89
C GLU H 127 -67.96 -3.25 41.75
N GLU H 128 -67.98 -3.75 40.52
CA GLU H 128 -67.83 -2.90 39.34
C GLU H 128 -68.75 -1.69 39.41
N PHE H 129 -70.00 -1.89 39.82
CA PHE H 129 -70.93 -0.76 39.90
C PHE H 129 -70.57 0.24 41.00
N SER H 130 -70.05 -0.25 42.12
CA SER H 130 -69.67 0.61 43.23
C SER H 130 -68.35 1.28 42.92
N GLN H 131 -67.41 0.50 42.42
CA GLN H 131 -66.10 1.02 42.05
C GLN H 131 -66.35 2.19 41.11
N ALA H 132 -67.23 1.98 40.14
CA ALA H 132 -67.57 2.98 39.14
C ALA H 132 -68.06 4.30 39.73
N ALA H 133 -69.11 4.21 40.56
CA ALA H 133 -69.70 5.40 41.19
C ALA H 133 -68.73 6.12 42.13
N LYS H 134 -67.94 5.35 42.87
CA LYS H 134 -66.99 5.92 43.80
C LYS H 134 -65.91 6.70 43.07
N ASN H 135 -65.53 6.21 41.89
CA ASN H 135 -64.47 6.85 41.10
C ASN H 135 -64.95 7.81 40.03
N VAL H 136 -66.11 8.42 40.25
CA VAL H 136 -66.64 9.41 39.32
C VAL H 136 -65.95 10.74 39.63
N GLU H 137 -65.11 11.21 38.70
CA GLU H 137 -64.38 12.46 38.87
C GLU H 137 -65.31 13.67 38.85
N GLY H 138 -65.40 14.36 39.98
CA GLY H 138 -66.30 15.50 40.07
C GLY H 138 -67.68 14.93 40.30
N VAL H 139 -68.72 15.68 39.96
CA VAL H 139 -70.09 15.19 40.13
C VAL H 139 -70.49 14.30 38.94
N GLY H 140 -71.49 13.45 39.15
CA GLY H 140 -71.93 12.58 38.08
C GLY H 140 -72.80 11.42 38.53
N TRP H 141 -72.92 10.42 37.66
CA TRP H 141 -73.71 9.23 37.95
C TRP H 141 -72.99 7.95 37.60
N ALA H 142 -73.52 6.86 38.14
CA ALA H 142 -73.03 5.52 37.86
C ALA H 142 -74.33 4.89 37.38
N ILE H 143 -74.34 4.38 36.15
CA ILE H 143 -75.57 3.79 35.66
C ILE H 143 -75.38 2.41 35.06
N LEU H 144 -76.46 1.64 35.11
CA LEU H 144 -76.50 0.31 34.54
C LEU H 144 -77.45 0.47 33.38
N VAL H 145 -77.00 0.07 32.20
CA VAL H 145 -77.84 0.20 31.02
C VAL H 145 -77.92 -1.07 30.22
N TYR H 146 -78.95 -1.15 29.39
CA TYR H 146 -79.08 -2.28 28.50
C TYR H 146 -78.63 -1.66 27.18
N GLU H 147 -77.60 -2.24 26.58
CA GLU H 147 -77.07 -1.76 25.32
C GLU H 147 -77.69 -2.61 24.20
N PRO H 148 -78.65 -2.04 23.44
CA PRO H 148 -79.39 -2.66 22.33
C PRO H 148 -78.62 -3.24 21.14
N LEU H 149 -77.52 -2.61 20.73
CA LEU H 149 -76.79 -3.13 19.58
C LEU H 149 -76.38 -4.59 19.74
N GLU H 150 -75.48 -4.87 20.69
CA GLU H 150 -75.06 -6.25 20.92
C GLU H 150 -75.83 -6.88 22.08
N GLU H 151 -76.83 -6.14 22.57
CA GLU H 151 -77.72 -6.58 23.64
C GLU H 151 -77.14 -7.16 24.93
N GLN H 152 -76.56 -6.30 25.75
CA GLN H 152 -75.97 -6.74 26.99
C GLN H 152 -76.09 -5.63 28.02
N LEU H 153 -75.82 -5.95 29.28
CA LEU H 153 -75.87 -4.95 30.33
C LEU H 153 -74.47 -4.35 30.37
N LEU H 154 -74.40 -3.05 30.62
CA LEU H 154 -73.13 -2.37 30.74
C LEU H 154 -73.26 -1.35 31.84
N ILE H 155 -72.16 -1.11 32.55
CA ILE H 155 -72.15 -0.10 33.60
C ILE H 155 -71.36 1.03 32.96
N LEU H 156 -71.78 2.27 33.19
CA LEU H 156 -71.08 3.42 32.62
C LEU H 156 -70.94 4.52 33.66
N GLN H 157 -69.92 5.35 33.47
CA GLN H 157 -69.69 6.50 34.32
C GLN H 157 -70.21 7.70 33.56
N ILE H 158 -71.03 8.53 34.22
CA ILE H 158 -71.54 9.72 33.58
C ILE H 158 -71.01 10.91 34.37
N GLU H 159 -70.46 11.91 33.69
CA GLU H 159 -69.98 13.09 34.40
C GLU H 159 -71.07 14.14 34.22
N LYS H 160 -71.36 14.87 35.30
CA LYS H 160 -72.45 15.86 35.31
C LYS H 160 -73.71 14.99 35.15
N HIS H 161 -74.55 15.28 34.16
CA HIS H 161 -75.74 14.45 33.93
C HIS H 161 -75.78 13.96 32.49
N ASN H 162 -74.97 14.58 31.65
CA ASN H 162 -74.97 14.29 30.22
C ASN H 162 -73.68 13.85 29.55
N LEU H 163 -72.66 13.52 30.32
CA LEU H 163 -71.40 13.11 29.70
C LEU H 163 -71.10 11.63 29.78
N MSE H 164 -71.01 11.01 28.61
CA MSE H 164 -70.68 9.59 28.43
C MSE H 164 -71.83 8.58 28.28
O MSE H 164 -71.60 7.38 28.23
CB MSE H 164 -69.72 9.13 29.53
CG MSE H 164 -68.42 9.92 29.52
SE MSE H 164 -67.09 9.24 30.73
CE MSE H 164 -67.60 10.21 32.32
N HIS H 165 -73.06 9.08 28.19
CA HIS H 165 -74.18 8.18 27.98
C HIS H 165 -73.96 7.37 26.70
N ALA H 166 -74.61 6.22 26.60
CA ALA H 166 -74.53 5.37 25.42
C ALA H 166 -75.76 5.67 24.56
N ALA H 167 -75.53 6.17 23.35
CA ALA H 167 -76.63 6.49 22.41
C ALA H 167 -77.64 5.33 22.37
N ASP H 168 -78.92 5.68 22.44
CA ASP H 168 -80.04 4.71 22.40
C ASP H 168 -80.12 3.73 23.58
N ALA H 169 -79.09 3.67 24.42
CA ALA H 169 -79.09 2.74 25.55
C ALA H 169 -80.16 3.06 26.58
N GLN H 170 -80.81 2.01 27.08
CA GLN H 170 -81.86 2.16 28.08
C GLN H 170 -81.27 2.01 29.47
N VAL H 171 -81.50 3.02 30.31
CA VAL H 171 -80.99 3.03 31.67
C VAL H 171 -81.90 2.19 32.55
N LEU H 172 -81.31 1.29 33.30
CA LEU H 172 -82.08 0.42 34.17
C LEU H 172 -81.90 0.82 35.64
N LEU H 173 -80.67 1.17 36.01
CA LEU H 173 -80.36 1.55 37.39
C LEU H 173 -79.38 2.73 37.40
N ALA H 174 -79.67 3.72 38.23
CA ALA H 174 -78.81 4.89 38.31
C ALA H 174 -78.50 5.35 39.74
N LEU H 175 -77.22 5.59 40.01
CA LEU H 175 -76.79 6.08 41.31
C LEU H 175 -76.22 7.48 41.13
N ASP H 176 -76.87 8.46 41.73
CA ASP H 176 -76.46 9.86 41.64
C ASP H 176 -75.39 10.16 42.68
N VAL H 177 -74.16 10.36 42.22
CA VAL H 177 -73.06 10.67 43.12
C VAL H 177 -72.66 12.14 43.14
N TRP H 178 -73.62 13.01 42.82
CA TRP H 178 -73.37 14.45 42.86
C TRP H 178 -73.27 14.74 44.35
N GLU H 179 -72.33 15.60 44.75
CA GLU H 179 -72.16 15.93 46.16
C GLU H 179 -73.48 16.20 46.90
N HIS H 180 -74.45 16.82 46.23
CA HIS H 180 -75.73 17.13 46.87
C HIS H 180 -76.65 15.91 47.06
N ALA H 181 -76.18 14.74 46.63
CA ALA H 181 -76.93 13.51 46.77
C ALA H 181 -76.65 12.98 48.17
N TYR H 182 -75.59 13.52 48.77
CA TYR H 182 -75.18 13.15 50.12
C TYR H 182 -74.57 14.38 50.81
N TYR H 183 -73.35 14.22 51.32
CA TYR H 183 -72.66 15.31 52.01
C TYR H 183 -73.49 15.82 53.20
N LEU H 184 -74.58 16.52 52.89
CA LEU H 184 -75.47 17.05 53.92
C LEU H 184 -75.74 15.99 54.98
N GLN H 185 -75.47 14.73 54.65
CA GLN H 185 -75.66 13.63 55.59
C GLN H 185 -74.40 12.78 55.71
N TYR H 186 -73.74 12.49 54.59
CA TYR H 186 -72.53 11.68 54.60
C TYR H 186 -71.26 12.50 54.45
N LYS H 187 -71.40 13.82 54.40
CA LYS H 187 -70.26 14.70 54.21
C LYS H 187 -69.48 14.22 52.99
N ASN H 188 -68.23 13.81 53.19
CA ASN H 188 -67.39 13.36 52.08
C ASN H 188 -67.31 11.86 51.83
N ASP H 189 -67.74 11.04 52.78
CA ASP H 189 -67.69 9.59 52.60
C ASP H 189 -68.57 9.11 51.44
N ARG H 190 -68.02 9.20 50.23
CA ARG H 190 -68.75 8.76 49.05
C ARG H 190 -68.99 7.25 49.15
N GLY H 191 -68.01 6.54 49.70
CA GLY H 191 -68.15 5.10 49.83
C GLY H 191 -69.36 4.66 50.64
N SER H 192 -69.33 4.93 51.94
CA SER H 192 -70.42 4.56 52.84
C SER H 192 -71.79 4.84 52.23
N TYR H 193 -71.94 6.04 51.70
CA TYR H 193 -73.18 6.45 51.06
C TYR H 193 -73.57 5.45 49.96
N VAL H 194 -72.59 5.17 49.09
CA VAL H 194 -72.77 4.24 47.99
C VAL H 194 -73.11 2.84 48.50
N ASP H 195 -72.42 2.43 49.56
CA ASP H 195 -72.65 1.11 50.14
C ASP H 195 -74.01 1.07 50.84
N ASN H 196 -74.34 2.15 51.57
CA ASN H 196 -75.60 2.26 52.28
C ASN H 196 -76.75 2.46 51.30
N TRP H 197 -76.40 2.71 50.04
CA TRP H 197 -77.39 2.92 48.99
C TRP H 197 -78.00 1.57 48.59
N TRP H 198 -77.15 0.57 48.40
CA TRP H 198 -77.61 -0.76 47.99
C TRP H 198 -78.78 -1.26 48.83
N ASN H 199 -78.91 -0.73 50.05
CA ASN H 199 -79.99 -1.13 50.95
C ASN H 199 -81.29 -0.40 50.66
N VAL H 200 -81.36 0.30 49.52
CA VAL H 200 -82.57 1.03 49.15
C VAL H 200 -82.98 0.76 47.70
N VAL H 201 -82.09 0.16 46.92
CA VAL H 201 -82.38 -0.14 45.53
C VAL H 201 -83.65 -0.95 45.34
N ASN H 202 -84.57 -0.43 44.54
CA ASN H 202 -85.84 -1.09 44.24
C ASN H 202 -85.66 -1.98 43.01
N TRP H 203 -85.20 -3.22 43.24
CA TRP H 203 -84.95 -4.15 42.16
C TRP H 203 -86.16 -4.61 41.34
N ASP H 204 -87.35 -4.14 41.70
CA ASP H 204 -88.52 -4.53 40.92
C ASP H 204 -88.63 -3.52 39.80
N ASP H 205 -88.26 -2.28 40.12
CA ASP H 205 -88.27 -1.20 39.13
C ASP H 205 -87.19 -1.49 38.10
N VAL H 206 -86.02 -1.89 38.58
CA VAL H 206 -84.91 -2.22 37.69
C VAL H 206 -85.38 -3.33 36.75
N GLU H 207 -86.00 -4.36 37.33
CA GLU H 207 -86.52 -5.49 36.57
C GLU H 207 -87.52 -5.05 35.49
N ARG H 208 -88.45 -4.18 35.86
CA ARG H 208 -89.44 -3.71 34.90
C ARG H 208 -88.78 -2.96 33.74
N ARG H 209 -87.70 -2.24 34.05
CA ARG H 209 -86.98 -1.47 33.04
C ARG H 209 -86.21 -2.39 32.12
N LEU H 210 -85.53 -3.38 32.68
CA LEU H 210 -84.78 -4.33 31.87
C LEU H 210 -85.70 -5.08 30.90
N GLN H 211 -86.82 -5.59 31.40
CA GLN H 211 -87.75 -6.33 30.56
C GLN H 211 -88.19 -5.50 29.36
N LYS H 212 -88.63 -4.27 29.62
CA LYS H 212 -89.06 -3.38 28.55
C LYS H 212 -87.92 -3.20 27.55
N ALA H 213 -86.69 -3.19 28.05
CA ALA H 213 -85.52 -3.04 27.18
C ALA H 213 -85.35 -4.32 26.39
N LEU H 214 -85.52 -5.47 27.05
CA LEU H 214 -85.41 -6.74 26.37
C LEU H 214 -86.53 -6.90 25.34
N ASN H 215 -87.62 -6.15 25.51
CA ASN H 215 -88.76 -6.19 24.59
C ASN H 215 -88.54 -5.29 23.37
N GLY H 216 -87.45 -4.54 23.38
CA GLY H 216 -87.17 -3.61 22.30
C GLY H 216 -87.95 -2.34 22.60
N GLN H 217 -88.29 -2.15 23.86
CA GLN H 217 -89.04 -0.97 24.28
C GLN H 217 -88.20 0.00 25.10
N ILE H 218 -88.58 1.28 25.08
CA ILE H 218 -87.89 2.30 25.85
C ILE H 218 -88.24 2.01 27.30
N ALA H 219 -87.23 1.98 28.18
CA ALA H 219 -87.44 1.68 29.59
C ALA H 219 -87.95 2.83 30.47
N LEU H 220 -88.98 3.52 29.99
CA LEU H 220 -89.61 4.63 30.73
C LEU H 220 -91.14 4.45 30.72
N LYS H 221 -91.85 5.56 30.98
CA LYS H 221 -93.32 5.62 30.99
C LYS H 221 -94.05 4.29 30.90
N SER I 12 -29.66 -50.18 -10.82
CA SER I 12 -28.41 -49.97 -10.03
C SER I 12 -27.86 -48.55 -10.21
N VAL I 13 -27.63 -47.86 -9.10
CA VAL I 13 -27.12 -46.49 -9.12
C VAL I 13 -25.73 -46.37 -8.51
N THR I 14 -24.80 -45.82 -9.29
CA THR I 14 -23.42 -45.65 -8.83
C THR I 14 -22.96 -44.20 -8.95
N THR I 15 -22.57 -43.60 -7.83
CA THR I 15 -22.03 -42.23 -7.88
C THR I 15 -20.59 -42.29 -7.38
N LYS I 16 -19.75 -41.39 -7.90
CA LYS I 16 -18.36 -41.33 -7.50
C LYS I 16 -18.25 -40.30 -6.38
N ARG I 17 -17.52 -40.65 -5.31
CA ARG I 17 -17.36 -39.74 -4.19
C ARG I 17 -16.01 -39.05 -4.18
N TYR I 18 -15.96 -37.89 -3.54
CA TYR I 18 -14.76 -37.08 -3.49
C TYR I 18 -14.04 -37.18 -2.15
N THR I 19 -12.73 -36.96 -2.17
CA THR I 19 -11.92 -37.02 -0.97
C THR I 19 -10.98 -35.82 -0.96
N LEU I 20 -10.52 -35.43 0.22
CA LEU I 20 -9.61 -34.31 0.35
C LEU I 20 -8.21 -34.72 -0.08
N PRO I 21 -7.59 -33.95 -0.99
CA PRO I 21 -6.24 -34.32 -1.42
C PRO I 21 -5.24 -33.77 -0.41
N PRO I 22 -4.19 -34.54 -0.09
CA PRO I 22 -3.22 -34.01 0.88
C PRO I 22 -2.47 -32.86 0.20
N LEU I 23 -2.01 -31.86 0.94
CA LEU I 23 -1.26 -30.77 0.33
C LEU I 23 0.01 -31.36 -0.24
N PRO I 24 0.66 -30.67 -1.18
CA PRO I 24 1.91 -31.16 -1.78
C PRO I 24 3.13 -30.71 -0.97
N TYR I 25 2.89 -29.89 0.06
CA TYR I 25 3.95 -29.33 0.89
C TYR I 25 3.45 -29.11 2.31
N ALA I 26 4.36 -28.86 3.23
CA ALA I 26 4.02 -28.64 4.64
C ALA I 26 3.12 -27.41 4.84
N TYR I 27 2.27 -27.45 5.86
CA TYR I 27 1.37 -26.34 6.16
C TYR I 27 2.09 -25.02 6.40
N ASN I 28 3.37 -25.08 6.77
CA ASN I 28 4.12 -23.86 7.01
C ASN I 28 5.07 -23.60 5.84
N ALA I 29 4.95 -24.42 4.80
CA ALA I 29 5.82 -24.30 3.63
C ALA I 29 5.72 -22.99 2.85
N LEU I 30 4.55 -22.36 2.85
CA LEU I 30 4.41 -21.10 2.11
C LEU I 30 4.64 -19.83 2.93
N GLU I 31 5.12 -20.00 4.16
CA GLU I 31 5.39 -18.85 5.00
C GLU I 31 6.62 -18.13 4.43
N PRO I 32 6.74 -16.81 4.65
CA PRO I 32 5.83 -15.89 5.34
C PRO I 32 4.74 -15.29 4.48
N TYR I 33 4.47 -15.89 3.33
CA TYR I 33 3.46 -15.36 2.44
C TYR I 33 2.04 -15.72 2.83
N ILE I 34 1.87 -16.95 3.33
CA ILE I 34 0.58 -17.42 3.80
C ILE I 34 0.86 -18.24 5.06
N SER I 35 0.28 -17.82 6.18
CA SER I 35 0.49 -18.47 7.47
C SER I 35 0.11 -19.94 7.55
N ALA I 36 0.88 -20.66 8.35
CA ALA I 36 0.66 -22.07 8.57
C ALA I 36 -0.72 -22.28 9.14
N GLU I 37 -1.17 -21.34 9.96
CA GLU I 37 -2.50 -21.46 10.55
C GLU I 37 -3.58 -21.37 9.47
N ILE I 38 -3.38 -20.46 8.51
CA ILE I 38 -4.34 -20.30 7.41
C ILE I 38 -4.34 -21.59 6.58
N MSE I 39 -3.16 -22.05 6.19
CA MSE I 39 -3.03 -23.26 5.40
C MSE I 39 -3.75 -24.45 6.03
O MSE I 39 -4.49 -25.18 5.35
CB MSE I 39 -1.55 -23.62 5.21
CG MSE I 39 -0.74 -22.63 4.36
SE MSE I 39 -1.49 -22.29 2.58
CE MSE I 39 -1.28 -24.08 1.84
N GLN I 40 -3.55 -24.65 7.32
CA GLN I 40 -4.20 -25.77 8.00
C GLN I 40 -5.73 -25.64 8.09
N LEU I 41 -6.20 -24.44 8.44
CA LEU I 41 -7.64 -24.23 8.53
C LEU I 41 -8.28 -24.38 7.15
N HIS I 42 -7.67 -23.70 6.18
CA HIS I 42 -8.16 -23.69 4.80
C HIS I 42 -8.27 -25.09 4.23
N HIS I 43 -7.26 -25.90 4.50
CA HIS I 43 -7.21 -27.28 4.00
C HIS I 43 -8.09 -28.24 4.80
N GLN I 44 -7.76 -28.42 6.08
CA GLN I 44 -8.48 -29.34 6.94
C GLN I 44 -9.90 -28.96 7.34
N LYS I 45 -10.23 -27.67 7.23
CA LYS I 45 -11.56 -27.23 7.58
C LYS I 45 -12.42 -26.83 6.39
N HIS I 46 -11.99 -25.80 5.67
CA HIS I 46 -12.75 -25.31 4.53
C HIS I 46 -12.79 -26.29 3.35
N HIS I 47 -11.63 -26.71 2.87
CA HIS I 47 -11.63 -27.64 1.74
C HIS I 47 -12.37 -28.93 2.12
N GLN I 48 -12.15 -29.40 3.34
CA GLN I 48 -12.82 -30.61 3.82
C GLN I 48 -14.33 -30.45 3.84
N GLY I 49 -14.80 -29.25 4.15
CA GLY I 49 -16.24 -29.02 4.19
C GLY I 49 -16.88 -29.11 2.81
N TYR I 50 -16.16 -28.65 1.79
CA TYR I 50 -16.71 -28.71 0.44
C TYR I 50 -16.74 -30.15 0.00
N VAL I 51 -15.72 -30.93 0.35
CA VAL I 51 -15.72 -32.33 0.00
C VAL I 51 -16.97 -32.99 0.62
N ASN I 52 -17.20 -32.77 1.92
CA ASN I 52 -18.35 -33.35 2.60
C ASN I 52 -19.65 -32.83 1.95
N GLY I 53 -19.68 -31.54 1.63
CA GLY I 53 -20.85 -30.94 1.01
C GLY I 53 -21.17 -31.54 -0.34
N ALA I 54 -20.15 -31.84 -1.13
CA ALA I 54 -20.40 -32.44 -2.43
C ALA I 54 -20.95 -33.86 -2.23
N ASN I 55 -20.31 -34.63 -1.36
CA ASN I 55 -20.76 -36.00 -1.11
C ASN I 55 -22.17 -36.06 -0.53
N ALA I 56 -22.53 -35.04 0.27
CA ALA I 56 -23.86 -34.97 0.87
C ALA I 56 -24.91 -34.80 -0.22
N ALA I 57 -24.69 -33.84 -1.12
CA ALA I 57 -25.63 -33.60 -2.21
C ALA I 57 -25.71 -34.83 -3.11
N LEU I 58 -24.57 -35.46 -3.37
CA LEU I 58 -24.53 -36.67 -4.20
C LEU I 58 -25.28 -37.82 -3.54
N GLU I 59 -25.19 -37.90 -2.22
CA GLU I 59 -25.87 -38.97 -1.49
C GLU I 59 -27.40 -38.78 -1.62
N LYS I 60 -27.85 -37.53 -1.71
CA LYS I 60 -29.27 -37.24 -1.87
C LYS I 60 -29.76 -37.62 -3.27
N LEU I 61 -28.91 -37.36 -4.27
CA LEU I 61 -29.21 -37.66 -5.66
C LEU I 61 -29.23 -39.16 -5.89
N GLU I 62 -28.34 -39.86 -5.20
CA GLU I 62 -28.26 -41.31 -5.32
C GLU I 62 -29.53 -41.95 -4.76
N LYS I 63 -30.03 -41.42 -3.65
CA LYS I 63 -31.26 -41.92 -3.01
C LYS I 63 -32.48 -41.56 -3.83
N PHE I 64 -32.36 -40.51 -4.61
CA PHE I 64 -33.45 -40.08 -5.47
C PHE I 64 -33.41 -40.97 -6.70
N ARG I 65 -32.21 -41.19 -7.23
CA ARG I 65 -32.04 -42.03 -8.41
C ARG I 65 -32.47 -43.46 -8.13
N LYS I 66 -32.29 -43.91 -6.88
CA LYS I 66 -32.70 -45.26 -6.48
C LYS I 66 -34.20 -45.29 -6.27
N GLY I 67 -34.83 -44.13 -6.43
CA GLY I 67 -36.26 -44.04 -6.23
C GLY I 67 -36.63 -44.21 -4.77
N GLU I 68 -35.63 -44.12 -3.89
CA GLU I 68 -35.84 -44.27 -2.46
C GLU I 68 -36.24 -42.96 -1.78
N ALA I 69 -36.36 -41.89 -2.56
CA ALA I 69 -36.73 -40.60 -2.00
C ALA I 69 -36.90 -39.54 -3.07
N GLN I 70 -37.75 -38.55 -2.77
CA GLN I 70 -38.02 -37.44 -3.69
C GLN I 70 -36.84 -36.47 -3.63
N ILE I 71 -36.98 -35.29 -4.21
CA ILE I 71 -35.87 -34.36 -4.19
C ILE I 71 -36.18 -32.96 -4.67
N ASP I 72 -35.67 -31.96 -3.95
CA ASP I 72 -35.82 -30.57 -4.35
C ASP I 72 -34.61 -30.45 -5.25
N ILE I 73 -34.76 -30.85 -6.51
CA ILE I 73 -33.67 -30.85 -7.47
C ILE I 73 -32.92 -29.53 -7.60
N ARG I 74 -33.63 -28.41 -7.49
CA ARG I 74 -32.96 -27.12 -7.59
C ARG I 74 -32.06 -26.90 -6.38
N ALA I 75 -32.60 -27.17 -5.20
CA ALA I 75 -31.84 -27.00 -3.97
C ALA I 75 -30.60 -27.87 -3.94
N VAL I 76 -30.71 -29.13 -4.34
CA VAL I 76 -29.55 -30.01 -4.30
C VAL I 76 -28.56 -29.75 -5.42
N LEU I 77 -29.03 -29.34 -6.59
CA LEU I 77 -28.10 -29.06 -7.68
C LEU I 77 -27.35 -27.76 -7.41
N ARG I 78 -27.96 -26.84 -6.65
CA ARG I 78 -27.27 -25.60 -6.26
C ARG I 78 -26.20 -26.02 -5.25
N ASP I 79 -26.60 -26.87 -4.30
CA ASP I 79 -25.70 -27.39 -3.28
C ASP I 79 -24.50 -28.07 -3.92
N LEU I 80 -24.79 -28.94 -4.88
CA LEU I 80 -23.74 -29.67 -5.59
C LEU I 80 -22.79 -28.73 -6.32
N SER I 81 -23.35 -27.79 -7.08
CA SER I 81 -22.53 -26.86 -7.83
C SER I 81 -21.54 -26.11 -6.94
N PHE I 82 -22.05 -25.55 -5.85
CA PHE I 82 -21.24 -24.80 -4.90
C PHE I 82 -20.10 -25.62 -4.28
N HIS I 83 -20.44 -26.77 -3.69
CA HIS I 83 -19.44 -27.62 -3.04
C HIS I 83 -18.49 -28.28 -4.02
N LEU I 84 -19.02 -28.81 -5.12
CA LEU I 84 -18.17 -29.46 -6.13
C LEU I 84 -17.11 -28.48 -6.62
N ASN I 85 -17.49 -27.25 -6.93
CA ASN I 85 -16.51 -26.26 -7.41
C ASN I 85 -15.51 -25.89 -6.32
N GLY I 86 -15.97 -25.79 -5.08
CA GLY I 86 -15.05 -25.46 -4.00
C GLY I 86 -13.92 -26.48 -3.97
N HIS I 87 -14.28 -27.76 -4.09
CA HIS I 87 -13.31 -28.85 -4.08
C HIS I 87 -12.43 -28.80 -5.34
N ILE I 88 -13.04 -28.75 -6.52
CA ILE I 88 -12.27 -28.69 -7.76
C ILE I 88 -11.28 -27.54 -7.67
N LEU I 89 -11.78 -26.34 -7.36
CA LEU I 89 -10.92 -25.17 -7.30
C LEU I 89 -9.84 -25.21 -6.22
N HIS I 90 -10.11 -25.85 -5.08
CA HIS I 90 -9.07 -25.94 -4.05
C HIS I 90 -8.04 -27.00 -4.43
N SER I 91 -8.47 -28.00 -5.17
CA SER I 91 -7.56 -29.06 -5.61
C SER I 91 -6.52 -28.47 -6.56
N ILE I 92 -6.91 -27.43 -7.29
CA ILE I 92 -6.01 -26.77 -8.22
C ILE I 92 -5.16 -25.74 -7.48
N PHE I 93 -5.80 -25.06 -6.52
CA PHE I 93 -5.17 -24.03 -5.72
C PHE I 93 -3.88 -24.47 -5.02
N TRP I 94 -3.90 -25.62 -4.34
CA TRP I 94 -2.71 -26.07 -3.61
C TRP I 94 -1.49 -26.34 -4.52
N PRO I 95 -1.61 -27.25 -5.50
CA PRO I 95 -0.46 -27.51 -6.36
C PRO I 95 -0.07 -26.28 -7.18
N ASN I 96 -1.00 -25.34 -7.35
CA ASN I 96 -0.74 -24.09 -8.07
C ASN I 96 0.33 -23.28 -7.32
N MSE I 97 0.61 -23.68 -6.08
CA MSE I 97 1.60 -23.01 -5.25
C MSE I 97 2.72 -23.97 -4.85
O MSE I 97 2.57 -25.18 -4.96
CB MSE I 97 0.93 -22.46 -3.99
CG MSE I 97 -0.25 -21.53 -4.24
SE MSE I 97 -1.05 -20.82 -2.60
CE MSE I 97 -1.99 -22.44 -2.05
N ALA I 98 3.82 -23.39 -4.38
CA ALA I 98 4.97 -24.17 -3.94
C ALA I 98 5.87 -23.26 -3.11
N PRO I 99 6.74 -23.85 -2.27
CA PRO I 99 7.63 -23.04 -1.44
C PRO I 99 8.47 -22.11 -2.31
N PRO I 100 8.77 -20.90 -1.83
CA PRO I 100 9.58 -19.98 -2.64
C PRO I 100 10.79 -20.71 -3.22
N GLY I 101 11.14 -20.36 -4.45
CA GLY I 101 12.24 -21.02 -5.13
C GLY I 101 11.54 -21.89 -6.15
N LYS I 102 10.96 -22.98 -5.67
CA LYS I 102 10.19 -23.86 -6.55
C LYS I 102 8.94 -23.06 -6.92
N GLY I 103 8.63 -22.07 -6.09
CA GLY I 103 7.49 -21.20 -6.33
C GLY I 103 7.90 -19.73 -6.37
N GLY I 104 7.14 -18.94 -7.12
CA GLY I 104 7.42 -17.52 -7.24
C GLY I 104 8.08 -17.15 -8.56
N GLY I 105 8.60 -15.92 -8.63
CA GLY I 105 9.27 -15.47 -9.83
C GLY I 105 8.39 -15.40 -11.05
N LYS I 106 9.02 -15.29 -12.23
CA LYS I 106 8.28 -15.20 -13.48
C LYS I 106 8.13 -16.55 -14.17
N PRO I 107 7.15 -16.66 -15.08
CA PRO I 107 6.87 -17.88 -15.83
C PRO I 107 7.83 -18.19 -16.99
N GLY I 108 7.85 -19.44 -17.41
CA GLY I 108 8.68 -19.85 -18.52
C GLY I 108 7.87 -20.77 -19.42
N GLY I 109 8.49 -21.24 -20.49
CA GLY I 109 7.78 -22.16 -21.37
C GLY I 109 6.66 -21.60 -22.22
N LYS I 110 5.68 -22.44 -22.50
CA LYS I 110 4.53 -22.06 -23.31
C LYS I 110 3.65 -21.06 -22.57
N ILE I 111 3.62 -21.15 -21.24
CA ILE I 111 2.78 -20.24 -20.48
C ILE I 111 3.36 -18.83 -20.56
N ALA I 112 4.68 -18.71 -20.45
CA ALA I 112 5.33 -17.41 -20.52
C ALA I 112 5.06 -16.78 -21.90
N ASP I 113 5.17 -17.59 -22.96
CA ASP I 113 4.93 -17.07 -24.30
C ASP I 113 3.49 -16.65 -24.52
N LEU I 114 2.56 -17.54 -24.18
CA LEU I 114 1.14 -17.26 -24.32
C LEU I 114 0.69 -16.09 -23.43
N ILE I 115 1.39 -15.87 -22.31
CA ILE I 115 1.05 -14.77 -21.43
C ILE I 115 1.45 -13.47 -22.13
N ASN I 116 2.53 -13.52 -22.91
CA ASN I 116 2.95 -12.34 -23.63
C ASN I 116 2.09 -12.19 -24.87
N LYS I 117 1.77 -13.32 -25.49
CA LYS I 117 0.94 -13.30 -26.69
C LYS I 117 -0.41 -12.67 -26.45
N PHE I 118 -1.04 -12.99 -25.32
CA PHE I 118 -2.36 -12.46 -25.04
C PHE I 118 -2.46 -11.25 -24.10
N PHE I 119 -1.42 -11.00 -23.31
CA PHE I 119 -1.46 -9.84 -22.42
C PHE I 119 -0.36 -8.84 -22.77
N GLY I 120 0.53 -9.26 -23.67
CA GLY I 120 1.63 -8.41 -24.10
C GLY I 120 2.87 -8.62 -23.25
N SER I 121 2.67 -8.85 -21.96
CA SER I 121 3.76 -9.05 -21.02
C SER I 121 3.27 -9.63 -19.70
N PHE I 122 4.16 -10.30 -18.98
CA PHE I 122 3.84 -10.86 -17.68
C PHE I 122 3.38 -9.74 -16.75
N GLU I 123 3.94 -8.55 -16.96
CA GLU I 123 3.59 -7.40 -16.16
C GLU I 123 2.11 -7.02 -16.35
N LYS I 124 1.65 -7.02 -17.60
CA LYS I 124 0.26 -6.67 -17.89
C LYS I 124 -0.65 -7.78 -17.37
N PHE I 125 -0.18 -9.02 -17.49
CA PHE I 125 -0.94 -10.16 -17.02
C PHE I 125 -1.11 -10.03 -15.51
N LYS I 126 0.00 -9.79 -14.82
CA LYS I 126 -0.03 -9.64 -13.37
C LYS I 126 -0.96 -8.50 -12.96
N GLU I 127 -1.02 -7.46 -13.79
CA GLU I 127 -1.90 -6.33 -13.48
C GLU I 127 -3.36 -6.72 -13.60
N GLU I 128 -3.70 -7.38 -14.70
CA GLU I 128 -5.07 -7.80 -14.95
C GLU I 128 -5.55 -8.84 -13.93
N PHE I 129 -4.70 -9.82 -13.65
CA PHE I 129 -5.04 -10.89 -12.71
C PHE I 129 -5.21 -10.40 -11.28
N SER I 130 -4.26 -9.60 -10.80
CA SER I 130 -4.33 -9.07 -9.44
C SER I 130 -5.52 -8.14 -9.26
N GLN I 131 -5.86 -7.40 -10.31
CA GLN I 131 -7.00 -6.50 -10.25
C GLN I 131 -8.31 -7.29 -10.23
N ALA I 132 -8.39 -8.37 -10.99
CA ALA I 132 -9.58 -9.18 -11.00
C ALA I 132 -9.78 -9.78 -9.62
N ALA I 133 -8.67 -10.23 -9.02
CA ALA I 133 -8.70 -10.82 -7.68
C ALA I 133 -9.08 -9.81 -6.60
N LYS I 134 -8.46 -8.64 -6.66
CA LYS I 134 -8.72 -7.59 -5.69
C LYS I 134 -10.14 -7.02 -5.79
N ASN I 135 -10.71 -7.07 -7.00
CA ASN I 135 -12.06 -6.56 -7.20
C ASN I 135 -13.20 -7.57 -7.21
N VAL I 136 -12.97 -8.76 -6.69
CA VAL I 136 -14.04 -9.75 -6.60
C VAL I 136 -15.00 -9.20 -5.55
N GLU I 137 -16.27 -9.06 -5.92
CA GLU I 137 -17.28 -8.56 -4.99
C GLU I 137 -17.71 -9.72 -4.12
N GLY I 138 -17.49 -9.59 -2.82
CA GLY I 138 -17.83 -10.67 -1.92
C GLY I 138 -16.66 -11.65 -1.96
N VAL I 139 -16.94 -12.93 -1.72
CA VAL I 139 -15.87 -13.93 -1.74
C VAL I 139 -15.79 -14.59 -3.13
N GLY I 140 -14.60 -15.03 -3.50
CA GLY I 140 -14.46 -15.66 -4.80
C GLY I 140 -13.01 -15.94 -5.17
N TRP I 141 -12.77 -16.01 -6.48
CA TRP I 141 -11.44 -16.30 -7.01
C TRP I 141 -11.14 -15.45 -8.24
N ALA I 142 -9.88 -15.43 -8.62
CA ALA I 142 -9.45 -14.78 -9.85
C ALA I 142 -8.82 -16.02 -10.49
N ILE I 143 -9.14 -16.31 -11.75
CA ILE I 143 -8.55 -17.47 -12.38
C ILE I 143 -8.09 -17.21 -13.81
N LEU I 144 -7.05 -17.92 -14.22
CA LEU I 144 -6.56 -17.82 -15.58
C LEU I 144 -7.02 -19.14 -16.20
N VAL I 145 -7.72 -19.06 -17.32
CA VAL I 145 -8.22 -20.26 -18.00
C VAL I 145 -7.78 -20.32 -19.47
N TYR I 146 -7.74 -21.53 -20.00
CA TYR I 146 -7.45 -21.70 -21.43
C TYR I 146 -8.85 -21.89 -21.97
N GLU I 147 -9.26 -21.02 -22.88
CA GLU I 147 -10.59 -21.08 -23.50
C GLU I 147 -10.44 -21.90 -24.78
N PRO I 148 -10.97 -23.14 -24.78
CA PRO I 148 -10.95 -24.12 -25.88
C PRO I 148 -11.62 -23.78 -27.21
N LEU I 149 -12.59 -22.87 -27.21
CA LEU I 149 -13.29 -22.53 -28.45
C LEU I 149 -12.46 -21.68 -29.41
N GLU I 150 -11.87 -20.59 -28.93
CA GLU I 150 -11.04 -19.78 -29.79
C GLU I 150 -9.58 -19.84 -29.37
N GLU I 151 -9.27 -20.81 -28.52
CA GLU I 151 -7.91 -21.07 -28.08
C GLU I 151 -7.12 -19.85 -27.60
N GLN I 152 -7.57 -19.24 -26.50
CA GLN I 152 -6.88 -18.08 -25.96
C GLN I 152 -6.97 -18.08 -24.45
N LEU I 153 -6.02 -17.41 -23.81
CA LEU I 153 -6.03 -17.33 -22.37
C LEU I 153 -6.95 -16.18 -22.01
N LEU I 154 -7.67 -16.33 -20.89
CA LEU I 154 -8.61 -15.30 -20.41
C LEU I 154 -8.56 -15.28 -18.90
N ILE I 155 -8.74 -14.12 -18.30
CA ILE I 155 -8.78 -14.02 -16.85
C ILE I 155 -10.25 -13.86 -16.48
N LEU I 156 -10.70 -14.56 -15.45
CA LEU I 156 -12.10 -14.45 -15.03
C LEU I 156 -12.19 -14.27 -13.53
N GLN I 157 -13.32 -13.72 -13.10
CA GLN I 157 -13.61 -13.56 -11.68
C GLN I 157 -14.65 -14.64 -11.41
N ILE I 158 -14.56 -15.25 -10.23
CA ILE I 158 -15.51 -16.27 -9.81
C ILE I 158 -16.11 -15.81 -8.48
N GLU I 159 -17.43 -15.80 -8.39
CA GLU I 159 -18.12 -15.43 -7.16
C GLU I 159 -18.48 -16.75 -6.44
N LYS I 160 -18.34 -16.74 -5.11
CA LYS I 160 -18.52 -17.95 -4.30
C LYS I 160 -17.50 -18.92 -4.90
N HIS I 161 -17.92 -20.12 -5.29
CA HIS I 161 -17.00 -21.08 -5.92
C HIS I 161 -17.48 -21.49 -7.31
N ASN I 162 -18.75 -21.18 -7.59
CA ASN I 162 -19.41 -21.63 -8.80
C ASN I 162 -20.04 -20.59 -9.71
N LEU I 163 -19.85 -19.31 -9.42
CA LEU I 163 -20.45 -18.28 -10.24
C LEU I 163 -19.50 -17.68 -11.26
N MSE I 164 -19.87 -17.83 -12.53
CA MSE I 164 -19.16 -17.28 -13.68
C MSE I 164 -18.00 -18.02 -14.33
O MSE I 164 -17.16 -17.41 -14.99
CB MSE I 164 -18.73 -15.84 -13.37
CG MSE I 164 -19.94 -15.00 -12.99
SE MSE I 164 -19.54 -13.13 -13.06
CE MSE I 164 -18.49 -12.91 -11.42
N HIS I 165 -17.97 -19.35 -14.17
CA HIS I 165 -16.95 -20.16 -14.82
C HIS I 165 -17.31 -20.22 -16.30
N ALA I 166 -16.31 -20.43 -17.16
CA ALA I 166 -16.58 -20.55 -18.58
C ALA I 166 -16.73 -22.05 -18.90
N ALA I 167 -17.96 -22.48 -19.16
CA ALA I 167 -18.25 -23.88 -19.47
C ALA I 167 -17.16 -24.48 -20.36
N ASP I 168 -16.66 -25.65 -19.99
CA ASP I 168 -15.61 -26.35 -20.75
C ASP I 168 -14.21 -25.79 -20.62
N ALA I 169 -14.07 -24.55 -20.17
CA ALA I 169 -12.72 -23.96 -20.06
C ALA I 169 -11.88 -24.71 -19.05
N GLN I 170 -10.56 -24.58 -19.14
CA GLN I 170 -9.68 -25.26 -18.20
C GLN I 170 -8.91 -24.29 -17.32
N VAL I 171 -9.08 -24.44 -16.01
CA VAL I 171 -8.41 -23.59 -15.03
C VAL I 171 -6.92 -23.92 -15.01
N LEU I 172 -6.08 -22.91 -15.19
CA LEU I 172 -4.63 -23.12 -15.18
C LEU I 172 -4.01 -22.62 -13.88
N LEU I 173 -4.54 -21.51 -13.38
CA LEU I 173 -4.06 -20.88 -12.16
C LEU I 173 -5.23 -20.21 -11.46
N ALA I 174 -5.42 -20.54 -10.19
CA ALA I 174 -6.52 -19.98 -9.42
C ALA I 174 -6.02 -19.29 -8.15
N LEU I 175 -6.55 -18.11 -7.88
CA LEU I 175 -6.18 -17.38 -6.68
C LEU I 175 -7.44 -17.24 -5.83
N ASP I 176 -7.40 -17.80 -4.63
CA ASP I 176 -8.54 -17.74 -3.73
C ASP I 176 -8.53 -16.44 -2.93
N VAL I 177 -9.61 -15.67 -3.06
CA VAL I 177 -9.74 -14.43 -2.32
C VAL I 177 -10.94 -14.47 -1.37
N TRP I 178 -11.35 -15.68 -0.99
CA TRP I 178 -12.41 -15.82 0.01
C TRP I 178 -11.69 -15.25 1.23
N GLU I 179 -12.43 -14.65 2.16
CA GLU I 179 -11.79 -14.06 3.32
C GLU I 179 -10.96 -15.05 4.15
N HIS I 180 -11.46 -16.28 4.33
CA HIS I 180 -10.72 -17.28 5.12
C HIS I 180 -9.37 -17.61 4.50
N ALA I 181 -9.15 -17.20 3.26
CA ALA I 181 -7.90 -17.46 2.57
C ALA I 181 -6.78 -16.51 3.00
N TYR I 182 -7.14 -15.42 3.69
CA TYR I 182 -6.12 -14.45 4.10
C TYR I 182 -6.37 -13.64 5.35
N TYR I 183 -7.64 -13.55 5.78
CA TYR I 183 -7.96 -12.70 6.91
C TYR I 183 -7.11 -12.81 8.17
N LEU I 184 -6.84 -14.02 8.65
CA LEU I 184 -6.04 -14.16 9.87
C LEU I 184 -4.76 -13.36 9.83
N GLN I 185 -4.06 -13.41 8.69
CA GLN I 185 -2.79 -12.73 8.53
C GLN I 185 -2.86 -11.32 7.98
N TYR I 186 -3.61 -11.14 6.90
CA TYR I 186 -3.74 -9.85 6.25
C TYR I 186 -4.99 -9.05 6.66
N LYS I 187 -5.82 -9.63 7.51
CA LYS I 187 -7.04 -8.96 7.91
C LYS I 187 -7.80 -8.50 6.65
N ASN I 188 -8.40 -7.31 6.68
CA ASN I 188 -9.16 -6.79 5.55
C ASN I 188 -8.34 -6.44 4.31
N ASP I 189 -7.01 -6.39 4.46
CA ASP I 189 -6.16 -6.04 3.34
C ASP I 189 -5.90 -7.16 2.35
N ARG I 190 -6.91 -7.45 1.53
CA ARG I 190 -6.85 -8.48 0.50
C ARG I 190 -5.80 -8.11 -0.55
N GLY I 191 -5.59 -6.81 -0.74
CA GLY I 191 -4.61 -6.34 -1.71
C GLY I 191 -3.20 -6.85 -1.45
N SER I 192 -2.73 -6.70 -0.21
CA SER I 192 -1.39 -7.15 0.15
C SER I 192 -1.29 -8.67 0.05
N TYR I 193 -2.39 -9.34 0.36
CA TYR I 193 -2.40 -10.79 0.25
C TYR I 193 -2.22 -11.14 -1.23
N VAL I 194 -2.97 -10.49 -2.12
CA VAL I 194 -2.88 -10.77 -3.55
C VAL I 194 -1.49 -10.46 -4.12
N ASP I 195 -0.89 -9.37 -3.66
CA ASP I 195 0.43 -9.02 -4.15
C ASP I 195 1.50 -9.96 -3.61
N ASN I 196 1.35 -10.40 -2.37
CA ASN I 196 2.34 -11.31 -1.76
C ASN I 196 2.23 -12.71 -2.35
N TRP I 197 1.01 -13.11 -2.69
CA TRP I 197 0.75 -14.42 -3.26
C TRP I 197 1.66 -14.81 -4.41
N TRP I 198 2.02 -13.85 -5.25
CA TRP I 198 2.88 -14.14 -6.41
C TRP I 198 4.18 -14.85 -6.04
N ASN I 199 4.68 -14.59 -4.83
CA ASN I 199 5.92 -15.21 -4.36
C ASN I 199 5.86 -16.71 -4.21
N VAL I 200 4.65 -17.27 -4.13
CA VAL I 200 4.53 -18.72 -3.97
C VAL I 200 3.81 -19.42 -5.12
N VAL I 201 3.68 -18.74 -6.26
CA VAL I 201 3.03 -19.32 -7.43
C VAL I 201 3.95 -20.37 -8.07
N ASN I 202 3.41 -21.56 -8.30
CA ASN I 202 4.17 -22.63 -8.92
C ASN I 202 3.89 -22.56 -10.43
N TRP I 203 4.72 -21.80 -11.12
CA TRP I 203 4.55 -21.63 -12.54
C TRP I 203 4.78 -22.92 -13.30
N ASP I 204 5.47 -23.85 -12.64
CA ASP I 204 5.74 -25.14 -13.25
C ASP I 204 4.44 -25.93 -13.35
N ASP I 205 3.63 -25.80 -12.32
CA ASP I 205 2.33 -26.48 -12.27
C ASP I 205 1.42 -25.91 -13.35
N VAL I 206 1.44 -24.59 -13.48
CA VAL I 206 0.63 -23.91 -14.47
C VAL I 206 1.07 -24.40 -15.83
N GLU I 207 2.39 -24.47 -16.03
CA GLU I 207 2.96 -24.93 -17.29
C GLU I 207 2.39 -26.30 -17.68
N ARG I 208 2.40 -27.22 -16.73
CA ARG I 208 1.86 -28.56 -16.96
C ARG I 208 0.41 -28.52 -17.44
N ARG I 209 -0.44 -27.80 -16.70
CA ARG I 209 -1.86 -27.69 -17.07
C ARG I 209 -2.02 -27.08 -18.45
N LEU I 210 -1.23 -26.06 -18.75
CA LEU I 210 -1.30 -25.41 -20.05
C LEU I 210 -0.92 -26.38 -21.16
N GLN I 211 0.06 -27.23 -20.88
CA GLN I 211 0.52 -28.21 -21.88
C GLN I 211 -0.63 -29.07 -22.37
N LYS I 212 -1.37 -29.64 -21.42
CA LYS I 212 -2.52 -30.49 -21.75
C LYS I 212 -3.61 -29.66 -22.42
N ALA I 213 -3.82 -28.44 -21.92
CA ALA I 213 -4.82 -27.56 -22.48
C ALA I 213 -4.50 -27.31 -23.95
N LEU I 214 -3.28 -26.89 -24.24
CA LEU I 214 -2.90 -26.60 -25.62
C LEU I 214 -3.15 -27.84 -26.48
N ASN I 215 -2.91 -29.01 -25.91
CA ASN I 215 -3.13 -30.26 -26.63
C ASN I 215 -4.62 -30.63 -26.66
N GLY I 216 -5.47 -29.64 -26.37
CA GLY I 216 -6.92 -29.85 -26.38
C GLY I 216 -7.40 -30.82 -25.33
N GLN I 217 -6.71 -30.88 -24.19
CA GLN I 217 -7.12 -31.79 -23.14
C GLN I 217 -7.67 -31.10 -21.89
N ILE I 218 -8.09 -31.90 -20.92
CA ILE I 218 -8.60 -31.42 -19.65
C ILE I 218 -7.34 -31.30 -18.80
N ALA I 219 -7.13 -30.13 -18.21
CA ALA I 219 -5.93 -29.87 -17.41
C ALA I 219 -6.04 -30.18 -15.92
N LEU I 220 -6.41 -31.42 -15.62
CA LEU I 220 -6.52 -31.89 -14.23
C LEU I 220 -5.64 -33.12 -14.07
N LYS I 221 -5.51 -33.62 -12.84
CA LYS I 221 -4.67 -34.78 -12.60
C LYS I 221 -3.34 -34.50 -13.31
N LEU I 222 -2.59 -33.56 -12.73
CA LEU I 222 -1.28 -33.10 -13.24
C LEU I 222 -1.45 -31.74 -13.94
N SER J 12 -48.87 -22.01 19.84
CA SER J 12 -49.28 -22.26 18.43
C SER J 12 -48.45 -21.43 17.45
N VAL J 13 -48.66 -21.68 16.16
CA VAL J 13 -47.94 -20.97 15.10
C VAL J 13 -48.94 -20.34 14.15
N THR J 14 -48.62 -19.15 13.65
CA THR J 14 -49.50 -18.44 12.73
C THR J 14 -48.70 -17.76 11.61
N THR J 15 -49.09 -18.03 10.36
CA THR J 15 -48.44 -17.39 9.20
C THR J 15 -49.52 -16.91 8.24
N LYS J 16 -49.28 -15.77 7.60
CA LYS J 16 -50.25 -15.21 6.67
C LYS J 16 -49.99 -15.71 5.23
N ARG J 17 -51.05 -15.82 4.45
CA ARG J 17 -50.93 -16.28 3.08
C ARG J 17 -51.16 -15.17 2.07
N TYR J 18 -50.68 -15.38 0.85
CA TYR J 18 -50.82 -14.37 -0.19
C TYR J 18 -51.84 -14.77 -1.23
N THR J 19 -52.48 -13.75 -1.83
CA THR J 19 -53.50 -13.96 -2.83
C THR J 19 -53.25 -13.05 -4.03
N LEU J 20 -53.66 -13.52 -5.21
CA LEU J 20 -53.47 -12.74 -6.43
C LEU J 20 -54.44 -11.54 -6.50
N PRO J 21 -53.90 -10.31 -6.50
CA PRO J 21 -54.77 -9.14 -6.56
C PRO J 21 -55.36 -9.02 -7.98
N PRO J 22 -56.55 -8.40 -8.10
CA PRO J 22 -57.11 -8.30 -9.44
C PRO J 22 -56.44 -7.15 -10.17
N LEU J 23 -56.52 -7.15 -11.50
CA LEU J 23 -55.93 -6.06 -12.26
C LEU J 23 -56.81 -4.83 -12.08
N PRO J 24 -56.22 -3.63 -12.23
CA PRO J 24 -57.00 -2.40 -12.08
C PRO J 24 -57.77 -2.08 -13.38
N TYR J 25 -57.66 -2.94 -14.38
CA TYR J 25 -58.27 -2.70 -15.67
C TYR J 25 -58.42 -3.98 -16.49
N ALA J 26 -59.15 -3.92 -17.60
CA ALA J 26 -59.35 -5.10 -18.43
C ALA J 26 -57.98 -5.56 -18.96
N TYR J 27 -57.90 -6.83 -19.38
CA TYR J 27 -56.67 -7.37 -19.92
C TYR J 27 -56.21 -6.69 -21.21
N ASN J 28 -57.11 -5.99 -21.89
CA ASN J 28 -56.73 -5.32 -23.13
C ASN J 28 -56.67 -3.80 -22.96
N ALA J 29 -56.71 -3.36 -21.71
CA ALA J 29 -56.69 -1.94 -21.41
C ALA J 29 -55.37 -1.21 -21.73
N LEU J 30 -54.28 -1.95 -21.87
CA LEU J 30 -53.01 -1.29 -22.14
C LEU J 30 -52.53 -1.36 -23.59
N GLU J 31 -53.36 -1.90 -24.48
CA GLU J 31 -52.99 -1.97 -25.88
C GLU J 31 -53.01 -0.54 -26.46
N PRO J 32 -52.24 -0.29 -27.53
CA PRO J 32 -51.36 -1.24 -28.23
C PRO J 32 -49.95 -1.40 -27.64
N TYR J 33 -49.74 -0.85 -26.44
CA TYR J 33 -48.43 -0.90 -25.80
C TYR J 33 -48.09 -2.28 -25.24
N ILE J 34 -49.05 -2.92 -24.58
CA ILE J 34 -48.84 -4.27 -24.05
C ILE J 34 -50.10 -5.04 -24.43
N SER J 35 -49.93 -6.15 -25.14
CA SER J 35 -51.08 -6.95 -25.60
C SER J 35 -51.92 -7.58 -24.51
N ALA J 36 -53.13 -7.98 -24.89
CA ALA J 36 -54.06 -8.62 -23.96
C ALA J 36 -53.52 -9.98 -23.58
N GLU J 37 -53.00 -10.71 -24.56
CA GLU J 37 -52.45 -12.04 -24.27
C GLU J 37 -51.34 -11.95 -23.24
N ILE J 38 -50.43 -11.00 -23.40
CA ILE J 38 -49.35 -10.84 -22.44
C ILE J 38 -49.93 -10.52 -21.05
N MSE J 39 -50.94 -9.67 -21.01
CA MSE J 39 -51.53 -9.29 -19.73
C MSE J 39 -52.17 -10.47 -18.99
O MSE J 39 -51.96 -10.65 -17.80
CB MSE J 39 -52.56 -8.18 -19.93
CG MSE J 39 -51.95 -6.86 -20.42
SE MSE J 39 -50.53 -6.14 -19.27
CE MSE J 39 -51.60 -5.13 -18.02
N GLN J 40 -52.93 -11.28 -19.71
CA GLN J 40 -53.58 -12.43 -19.07
C GLN J 40 -52.58 -13.51 -18.65
N LEU J 41 -51.61 -13.79 -19.51
CA LEU J 41 -50.61 -14.79 -19.16
C LEU J 41 -49.79 -14.28 -17.98
N HIS J 42 -49.39 -13.02 -18.06
CA HIS J 42 -48.57 -12.41 -17.02
C HIS J 42 -49.27 -12.35 -15.67
N HIS J 43 -50.57 -12.10 -15.69
CA HIS J 43 -51.34 -11.99 -14.46
C HIS J 43 -51.86 -13.33 -13.95
N GLN J 44 -52.66 -14.01 -14.77
CA GLN J 44 -53.24 -15.28 -14.38
C GLN J 44 -52.30 -16.44 -14.26
N LYS J 45 -51.21 -16.41 -15.03
CA LYS J 45 -50.23 -17.48 -15.01
C LYS J 45 -49.00 -17.17 -14.18
N HIS J 46 -48.19 -16.23 -14.67
CA HIS J 46 -46.94 -15.89 -13.99
C HIS J 46 -47.10 -15.32 -12.59
N HIS J 47 -47.91 -14.28 -12.42
CA HIS J 47 -48.08 -13.68 -11.09
C HIS J 47 -48.69 -14.72 -10.13
N GLN J 48 -49.69 -15.46 -10.61
CA GLN J 48 -50.32 -16.48 -9.79
C GLN J 48 -49.27 -17.49 -9.31
N GLY J 49 -48.32 -17.80 -10.20
CA GLY J 49 -47.28 -18.74 -9.85
C GLY J 49 -46.46 -18.30 -8.66
N TYR J 50 -46.16 -17.00 -8.58
CA TYR J 50 -45.38 -16.47 -7.46
C TYR J 50 -46.22 -16.42 -6.18
N VAL J 51 -47.53 -16.27 -6.36
CA VAL J 51 -48.43 -16.26 -5.21
C VAL J 51 -48.39 -17.67 -4.60
N ASN J 52 -48.57 -18.67 -5.45
CA ASN J 52 -48.53 -20.05 -4.99
C ASN J 52 -47.16 -20.37 -4.40
N GLY J 53 -46.12 -19.98 -5.13
CA GLY J 53 -44.76 -20.24 -4.69
C GLY J 53 -44.48 -19.73 -3.28
N ALA J 54 -44.85 -18.47 -3.04
CA ALA J 54 -44.65 -17.85 -1.74
C ALA J 54 -45.41 -18.62 -0.66
N ASN J 55 -46.65 -18.98 -0.94
CA ASN J 55 -47.46 -19.73 0.02
C ASN J 55 -46.88 -21.14 0.24
N ALA J 56 -46.42 -21.77 -0.83
CA ALA J 56 -45.82 -23.10 -0.74
C ALA J 56 -44.62 -23.08 0.21
N ALA J 57 -43.86 -21.98 0.19
CA ALA J 57 -42.70 -21.85 1.09
C ALA J 57 -43.16 -21.57 2.51
N LEU J 58 -44.27 -20.86 2.65
CA LEU J 58 -44.80 -20.55 3.96
C LEU J 58 -45.30 -21.83 4.63
N GLU J 59 -45.89 -22.72 3.85
CA GLU J 59 -46.39 -23.97 4.39
C GLU J 59 -45.24 -24.84 4.93
N LYS J 60 -44.09 -24.81 4.27
CA LYS J 60 -42.95 -25.59 4.71
C LYS J 60 -42.39 -25.01 6.01
N LEU J 61 -42.28 -23.69 6.07
CA LEU J 61 -41.79 -23.02 7.27
C LEU J 61 -42.78 -23.28 8.42
N GLU J 62 -44.06 -23.12 8.13
CA GLU J 62 -45.10 -23.33 9.12
C GLU J 62 -44.94 -24.66 9.86
N LYS J 63 -44.96 -25.76 9.10
CA LYS J 63 -44.81 -27.08 9.70
C LYS J 63 -43.52 -27.21 10.51
N PHE J 64 -42.41 -26.69 9.98
CA PHE J 64 -41.13 -26.73 10.69
C PHE J 64 -41.27 -26.04 12.04
N ARG J 65 -41.95 -24.89 12.04
CA ARG J 65 -42.14 -24.11 13.26
C ARG J 65 -43.04 -24.80 14.29
N LYS J 66 -43.93 -25.67 13.83
CA LYS J 66 -44.81 -26.39 14.73
C LYS J 66 -44.13 -27.66 15.22
N GLY J 67 -43.17 -28.15 14.44
CA GLY J 67 -42.45 -29.36 14.81
C GLY J 67 -42.83 -30.55 13.95
N GLU J 68 -43.73 -30.31 13.01
CA GLU J 68 -44.23 -31.36 12.10
C GLU J 68 -43.23 -31.86 11.06
N ALA J 69 -42.13 -31.14 10.88
CA ALA J 69 -41.12 -31.54 9.91
C ALA J 69 -39.82 -30.81 10.09
N GLN J 70 -38.82 -31.22 9.31
CA GLN J 70 -37.51 -30.59 9.33
C GLN J 70 -37.53 -29.55 8.22
N ILE J 71 -36.40 -28.90 7.95
CA ILE J 71 -36.37 -27.91 6.89
C ILE J 71 -34.97 -27.56 6.40
N ASP J 72 -34.82 -27.44 5.08
CA ASP J 72 -33.55 -27.03 4.48
C ASP J 72 -33.75 -25.53 4.47
N ILE J 73 -33.34 -24.88 5.55
CA ILE J 73 -33.55 -23.45 5.71
C ILE J 73 -33.02 -22.59 4.54
N ARG J 74 -31.89 -22.98 3.96
CA ARG J 74 -31.35 -22.21 2.84
C ARG J 74 -32.25 -22.30 1.61
N ALA J 75 -32.67 -23.53 1.29
CA ALA J 75 -33.52 -23.75 0.14
C ALA J 75 -34.86 -23.04 0.26
N VAL J 76 -35.50 -23.16 1.42
CA VAL J 76 -36.81 -22.57 1.61
C VAL J 76 -36.78 -21.05 1.63
N LEU J 77 -35.78 -20.46 2.28
CA LEU J 77 -35.71 -19.01 2.33
C LEU J 77 -35.32 -18.41 0.97
N ARG J 78 -34.69 -19.23 0.12
CA ARG J 78 -34.34 -18.80 -1.23
C ARG J 78 -35.62 -18.77 -2.08
N ASP J 79 -36.46 -19.79 -1.93
CA ASP J 79 -37.72 -19.84 -2.69
C ASP J 79 -38.68 -18.75 -2.26
N LEU J 80 -38.74 -18.51 -0.95
CA LEU J 80 -39.63 -17.50 -0.40
C LEU J 80 -39.26 -16.11 -0.91
N SER J 81 -37.98 -15.75 -0.80
CA SER J 81 -37.54 -14.45 -1.24
C SER J 81 -37.90 -14.24 -2.70
N PHE J 82 -37.67 -15.26 -3.53
CA PHE J 82 -37.97 -15.16 -4.94
C PHE J 82 -39.45 -14.92 -5.20
N HIS J 83 -40.27 -15.85 -4.72
CA HIS J 83 -41.71 -15.77 -4.92
C HIS J 83 -42.37 -14.59 -4.25
N LEU J 84 -41.94 -14.27 -3.04
CA LEU J 84 -42.50 -13.14 -2.32
C LEU J 84 -42.24 -11.88 -3.12
N ASN J 85 -40.99 -11.66 -3.53
CA ASN J 85 -40.67 -10.47 -4.30
C ASN J 85 -41.42 -10.43 -5.63
N GLY J 86 -41.52 -11.57 -6.30
CA GLY J 86 -42.24 -11.61 -7.57
C GLY J 86 -43.69 -11.19 -7.33
N HIS J 87 -44.24 -11.60 -6.18
CA HIS J 87 -45.60 -11.25 -5.82
C HIS J 87 -45.71 -9.77 -5.46
N ILE J 88 -44.80 -9.28 -4.61
CA ILE J 88 -44.80 -7.88 -4.23
C ILE J 88 -44.57 -6.98 -5.44
N LEU J 89 -43.53 -7.25 -6.23
CA LEU J 89 -43.25 -6.40 -7.39
C LEU J 89 -44.38 -6.39 -8.43
N HIS J 90 -45.00 -7.54 -8.68
CA HIS J 90 -46.08 -7.56 -9.67
C HIS J 90 -47.28 -6.79 -9.14
N SER J 91 -47.49 -6.85 -7.83
CA SER J 91 -48.60 -6.15 -7.19
C SER J 91 -48.46 -4.65 -7.37
N ILE J 92 -47.23 -4.15 -7.43
CA ILE J 92 -46.95 -2.72 -7.60
C ILE J 92 -47.01 -2.37 -9.08
N PHE J 93 -46.51 -3.29 -9.91
CA PHE J 93 -46.47 -3.18 -11.37
C PHE J 93 -47.83 -2.88 -12.00
N TRP J 94 -48.87 -3.60 -11.59
CA TRP J 94 -50.21 -3.41 -12.16
C TRP J 94 -50.72 -1.98 -11.96
N PRO J 95 -50.91 -1.53 -10.71
CA PRO J 95 -51.41 -0.17 -10.49
C PRO J 95 -50.41 0.90 -10.96
N ASN J 96 -49.16 0.51 -11.18
CA ASN J 96 -48.14 1.42 -11.67
C ASN J 96 -48.48 1.84 -13.10
N MSE J 97 -49.39 1.09 -13.74
CA MSE J 97 -49.78 1.39 -15.11
C MSE J 97 -51.27 1.70 -15.21
O MSE J 97 -52.06 1.39 -14.30
CB MSE J 97 -49.45 0.20 -16.02
CG MSE J 97 -47.97 -0.20 -16.03
SE MSE J 97 -47.61 -1.68 -17.27
CE MSE J 97 -48.57 -3.10 -16.30
N ALA J 98 -51.67 2.32 -16.32
CA ALA J 98 -53.07 2.67 -16.52
C ALA J 98 -53.26 3.04 -17.99
N PRO J 99 -54.47 2.81 -18.54
CA PRO J 99 -54.73 3.13 -19.94
C PRO J 99 -54.31 4.56 -20.28
N PRO J 100 -53.78 4.78 -21.50
CA PRO J 100 -53.33 6.10 -21.96
C PRO J 100 -54.28 7.20 -21.51
N GLY J 101 -53.71 8.35 -21.14
CA GLY J 101 -54.51 9.45 -20.64
C GLY J 101 -54.25 9.40 -19.15
N LYS J 102 -54.89 8.45 -18.47
CA LYS J 102 -54.67 8.25 -17.04
C LYS J 102 -53.22 7.79 -16.96
N GLY J 103 -52.83 6.98 -17.94
CA GLY J 103 -51.47 6.49 -18.02
C GLY J 103 -50.73 7.27 -19.09
N GLY J 104 -49.41 7.34 -19.00
CA GLY J 104 -48.65 8.07 -20.01
C GLY J 104 -48.37 9.50 -19.60
N GLY J 105 -47.61 10.21 -20.43
CA GLY J 105 -47.28 11.58 -20.12
C GLY J 105 -46.15 11.73 -19.13
N LYS J 106 -45.89 12.97 -18.72
CA LYS J 106 -44.84 13.27 -17.77
C LYS J 106 -45.36 13.27 -16.33
N PRO J 107 -44.45 13.30 -15.35
CA PRO J 107 -44.85 13.31 -13.94
C PRO J 107 -45.25 14.72 -13.46
N GLY J 108 -46.00 14.76 -12.37
CA GLY J 108 -46.42 16.03 -11.79
C GLY J 108 -46.16 15.97 -10.30
N GLY J 109 -46.89 16.75 -9.52
CA GLY J 109 -46.71 16.75 -8.08
C GLY J 109 -45.27 16.79 -7.60
N LYS J 110 -45.01 16.22 -6.43
CA LYS J 110 -43.67 16.20 -5.86
C LYS J 110 -42.74 15.20 -6.57
N ILE J 111 -43.32 14.15 -7.16
CA ILE J 111 -42.52 13.16 -7.89
C ILE J 111 -41.83 13.83 -9.08
N ALA J 112 -42.55 14.71 -9.76
CA ALA J 112 -41.99 15.43 -10.89
C ALA J 112 -40.89 16.34 -10.34
N ASP J 113 -41.14 16.90 -9.16
CA ASP J 113 -40.18 17.78 -8.53
C ASP J 113 -38.93 17.04 -8.03
N LEU J 114 -39.11 15.91 -7.34
CA LEU J 114 -37.97 15.13 -6.85
C LEU J 114 -37.15 14.55 -8.00
N ILE J 115 -37.82 14.25 -9.11
CA ILE J 115 -37.15 13.71 -10.27
C ILE J 115 -36.25 14.81 -10.84
N ASN J 116 -36.75 16.04 -10.84
CA ASN J 116 -35.96 17.14 -11.36
C ASN J 116 -34.77 17.38 -10.45
N LYS J 117 -35.00 17.27 -9.15
CA LYS J 117 -33.96 17.50 -8.17
C LYS J 117 -32.79 16.53 -8.31
N PHE J 118 -33.09 15.25 -8.36
CA PHE J 118 -32.08 14.21 -8.43
C PHE J 118 -31.58 13.82 -9.82
N PHE J 119 -32.43 13.94 -10.82
CA PHE J 119 -32.04 13.57 -12.18
C PHE J 119 -31.89 14.76 -13.13
N GLY J 120 -32.07 15.97 -12.60
CA GLY J 120 -31.96 17.15 -13.43
C GLY J 120 -33.25 17.44 -14.15
N SER J 121 -33.75 16.46 -14.90
CA SER J 121 -35.00 16.61 -15.66
C SER J 121 -35.68 15.26 -15.77
N PHE J 122 -36.93 15.27 -16.24
CA PHE J 122 -37.64 14.01 -16.41
C PHE J 122 -37.01 13.22 -17.55
N GLU J 123 -36.50 13.94 -18.54
CA GLU J 123 -35.87 13.32 -19.71
C GLU J 123 -34.57 12.61 -19.31
N LYS J 124 -33.85 13.16 -18.34
CA LYS J 124 -32.61 12.53 -17.88
C LYS J 124 -32.95 11.33 -17.00
N PHE J 125 -34.08 11.44 -16.29
CA PHE J 125 -34.54 10.33 -15.46
C PHE J 125 -35.00 9.20 -16.38
N LYS J 126 -35.73 9.55 -17.43
CA LYS J 126 -36.21 8.56 -18.38
C LYS J 126 -35.03 7.87 -19.08
N GLU J 127 -33.93 8.60 -19.22
CA GLU J 127 -32.75 8.05 -19.85
C GLU J 127 -32.13 7.01 -18.94
N GLU J 128 -31.92 7.37 -17.68
CA GLU J 128 -31.33 6.47 -16.71
C GLU J 128 -32.22 5.26 -16.49
N PHE J 129 -33.50 5.51 -16.25
CA PHE J 129 -34.44 4.42 -16.02
C PHE J 129 -34.53 3.47 -17.21
N SER J 130 -34.64 4.02 -18.41
CA SER J 130 -34.73 3.22 -19.64
C SER J 130 -33.50 2.33 -19.81
N GLN J 131 -32.33 2.94 -19.67
CA GLN J 131 -31.09 2.20 -19.82
C GLN J 131 -30.88 1.13 -18.75
N ALA J 132 -31.39 1.37 -17.55
CA ALA J 132 -31.23 0.39 -16.48
C ALA J 132 -32.09 -0.83 -16.83
N ALA J 133 -33.28 -0.56 -17.37
CA ALA J 133 -34.20 -1.64 -17.75
C ALA J 133 -33.66 -2.38 -18.98
N LYS J 134 -33.26 -1.61 -20.00
CA LYS J 134 -32.75 -2.21 -21.23
C LYS J 134 -31.49 -3.03 -21.03
N ASN J 135 -30.73 -2.67 -20.01
CA ASN J 135 -29.50 -3.37 -19.73
C ASN J 135 -29.50 -4.38 -18.57
N VAL J 136 -30.68 -4.86 -18.19
CA VAL J 136 -30.76 -5.87 -17.14
C VAL J 136 -30.21 -7.13 -17.79
N GLU J 137 -29.30 -7.82 -17.12
CA GLU J 137 -28.72 -9.03 -17.68
C GLU J 137 -29.56 -10.22 -17.24
N GLY J 138 -30.17 -10.89 -18.23
CA GLY J 138 -31.04 -12.01 -17.93
C GLY J 138 -32.43 -11.44 -17.77
N VAL J 139 -33.14 -11.89 -16.74
CA VAL J 139 -34.48 -11.37 -16.49
C VAL J 139 -34.45 -10.53 -15.22
N GLY J 140 -35.29 -9.50 -15.17
CA GLY J 140 -35.32 -8.67 -13.99
C GLY J 140 -36.27 -7.48 -14.07
N TRP J 141 -35.94 -6.45 -13.31
CA TRP J 141 -36.72 -5.22 -13.25
C TRP J 141 -35.83 -3.98 -13.13
N ALA J 142 -36.39 -2.84 -13.51
CA ALA J 142 -35.74 -1.56 -13.34
C ALA J 142 -36.74 -0.94 -12.37
N ILE J 143 -36.27 -0.42 -11.24
CA ILE J 143 -37.16 0.20 -10.27
C ILE J 143 -36.71 1.58 -9.78
N LEU J 144 -37.68 2.38 -9.37
CA LEU J 144 -37.39 3.70 -8.82
C LEU J 144 -37.74 3.52 -7.36
N VAL J 145 -36.81 3.89 -6.48
CA VAL J 145 -37.08 3.75 -5.06
C VAL J 145 -36.80 5.03 -4.30
N TYR J 146 -37.39 5.10 -3.11
CA TYR J 146 -37.18 6.21 -2.20
C TYR J 146 -36.27 5.59 -1.14
N GLU J 147 -35.02 6.06 -1.09
CA GLU J 147 -34.04 5.56 -0.13
C GLU J 147 -34.15 6.35 1.19
N PRO J 148 -34.82 5.76 2.19
CA PRO J 148 -35.09 6.27 3.54
C PRO J 148 -33.92 6.76 4.39
N LEU J 149 -32.78 6.08 4.30
CA LEU J 149 -31.65 6.47 5.12
C LEU J 149 -31.09 7.87 4.82
N GLU J 150 -31.02 8.25 3.54
CA GLU J 150 -30.54 9.58 3.22
C GLU J 150 -31.55 10.35 2.38
N GLU J 151 -32.76 9.80 2.30
CA GLU J 151 -33.87 10.45 1.60
C GLU J 151 -33.65 10.91 0.17
N GLN J 152 -33.40 9.96 -0.74
CA GLN J 152 -33.20 10.34 -2.12
C GLN J 152 -33.77 9.27 -3.03
N LEU J 153 -34.12 9.67 -4.25
CA LEU J 153 -34.66 8.73 -5.21
C LEU J 153 -33.47 8.02 -5.86
N LEU J 154 -33.61 6.72 -6.09
CA LEU J 154 -32.55 5.95 -6.73
C LEU J 154 -33.19 4.94 -7.66
N ILE J 155 -32.57 4.75 -8.83
CA ILE J 155 -33.04 3.75 -9.77
C ILE J 155 -32.14 2.55 -9.49
N LEU J 156 -32.75 1.38 -9.38
CA LEU J 156 -31.99 0.16 -9.13
C LEU J 156 -32.35 -0.86 -10.18
N GLN J 157 -31.38 -1.71 -10.49
CA GLN J 157 -31.60 -2.80 -11.43
C GLN J 157 -31.85 -4.01 -10.53
N ILE J 158 -32.88 -4.78 -10.87
CA ILE J 158 -33.18 -6.00 -10.11
C ILE J 158 -33.00 -7.21 -11.03
N GLU J 159 -32.28 -8.22 -10.56
CA GLU J 159 -32.11 -9.44 -11.34
C GLU J 159 -33.13 -10.41 -10.75
N LYS J 160 -33.80 -11.18 -11.61
CA LYS J 160 -34.87 -12.07 -11.18
C LYS J 160 -35.91 -11.11 -10.55
N HIS J 161 -36.38 -11.39 -9.33
CA HIS J 161 -37.34 -10.49 -8.66
C HIS J 161 -36.75 -10.11 -7.31
N ASN J 162 -35.78 -10.89 -6.86
CA ASN J 162 -35.22 -10.72 -5.53
C ASN J 162 -33.78 -10.30 -5.36
N LEU J 163 -33.07 -10.08 -6.46
CA LEU J 163 -31.67 -9.70 -6.39
C LEU J 163 -31.40 -8.21 -6.56
N MSE J 164 -30.69 -7.66 -5.57
CA MSE J 164 -30.26 -6.25 -5.54
C MSE J 164 -31.19 -5.17 -5.02
O MSE J 164 -31.01 -3.99 -5.33
CB MSE J 164 -29.68 -5.89 -6.90
CG MSE J 164 -28.63 -6.88 -7.34
SE MSE J 164 -27.49 -6.14 -8.64
CE MSE J 164 -28.54 -6.50 -10.24
N HIS J 165 -32.18 -5.55 -4.23
CA HIS J 165 -33.09 -4.58 -3.64
C HIS J 165 -32.34 -3.85 -2.52
N ALA J 166 -32.74 -2.62 -2.25
CA ALA J 166 -32.13 -1.83 -1.18
C ALA J 166 -32.97 -2.10 0.07
N ALA J 167 -32.32 -2.55 1.13
CA ALA J 167 -33.01 -2.84 2.39
C ALA J 167 -33.80 -1.63 2.90
N ASP J 168 -35.05 -1.84 3.29
CA ASP J 168 -35.92 -0.78 3.82
C ASP J 168 -36.53 0.20 2.81
N ALA J 169 -35.87 0.39 1.67
CA ALA J 169 -36.33 1.32 0.62
C ALA J 169 -37.75 1.02 0.13
N GLN J 170 -38.42 2.04 -0.42
CA GLN J 170 -39.78 1.87 -0.94
C GLN J 170 -39.84 2.00 -2.46
N VAL J 171 -40.37 0.96 -3.10
CA VAL J 171 -40.51 0.91 -4.55
C VAL J 171 -41.67 1.82 -4.97
N LEU J 172 -41.37 2.81 -5.81
CA LEU J 172 -42.40 3.74 -6.28
C LEU J 172 -42.89 3.40 -7.68
N LEU J 173 -41.96 2.91 -8.52
CA LEU J 173 -42.28 2.54 -9.90
C LEU J 173 -41.40 1.34 -10.30
N ALA J 174 -42.03 0.34 -10.90
CA ALA J 174 -41.33 -0.85 -11.32
C ALA J 174 -41.69 -1.26 -12.75
N LEU J 175 -40.68 -1.57 -13.55
CA LEU J 175 -40.88 -2.03 -14.92
C LEU J 175 -40.28 -3.44 -15.00
N ASP J 176 -41.12 -4.40 -15.34
CA ASP J 176 -40.74 -5.79 -15.47
C ASP J 176 -40.11 -6.05 -16.84
N VAL J 177 -38.88 -6.54 -16.86
CA VAL J 177 -38.23 -6.86 -18.13
C VAL J 177 -37.95 -8.34 -18.30
N TRP J 178 -38.73 -9.18 -17.62
CA TRP J 178 -38.61 -10.62 -17.81
C TRP J 178 -39.15 -10.76 -19.23
N GLU J 179 -38.68 -11.77 -19.96
CA GLU J 179 -39.15 -11.90 -21.34
C GLU J 179 -40.66 -12.08 -21.45
N HIS J 180 -41.28 -12.79 -20.51
CA HIS J 180 -42.72 -13.01 -20.56
C HIS J 180 -43.52 -11.71 -20.41
N ALA J 181 -42.83 -10.61 -20.13
CA ALA J 181 -43.48 -9.31 -20.00
C ALA J 181 -43.63 -8.64 -21.37
N TYR J 182 -42.88 -9.10 -22.37
CA TYR J 182 -42.93 -8.48 -23.69
C TYR J 182 -42.73 -9.39 -24.91
N TYR J 183 -42.10 -10.56 -24.75
CA TYR J 183 -41.79 -11.41 -25.90
C TYR J 183 -42.87 -11.70 -26.95
N LEU J 184 -44.05 -12.16 -26.54
CA LEU J 184 -45.12 -12.46 -27.50
C LEU J 184 -45.40 -11.32 -28.47
N GLN J 185 -45.30 -10.09 -27.97
CA GLN J 185 -45.55 -8.91 -28.78
C GLN J 185 -44.31 -8.32 -29.43
N TYR J 186 -43.27 -8.12 -28.63
CA TYR J 186 -42.04 -7.51 -29.13
C TYR J 186 -40.89 -8.46 -29.48
N LYS J 187 -40.99 -9.73 -29.10
CA LYS J 187 -39.91 -10.70 -29.34
C LYS J 187 -38.66 -10.21 -28.61
N ASN J 188 -37.52 -10.29 -29.29
CA ASN J 188 -36.23 -9.88 -28.76
C ASN J 188 -36.06 -8.37 -28.55
N ASP J 189 -36.95 -7.57 -29.14
CA ASP J 189 -36.82 -6.13 -29.01
C ASP J 189 -37.30 -5.59 -27.68
N ARG J 190 -36.58 -5.92 -26.62
CA ARG J 190 -36.95 -5.44 -25.29
C ARG J 190 -36.92 -3.91 -25.30
N GLY J 191 -35.94 -3.32 -25.99
CA GLY J 191 -35.82 -1.88 -26.04
C GLY J 191 -37.07 -1.18 -26.52
N SER J 192 -37.72 -1.77 -27.53
CA SER J 192 -38.95 -1.20 -28.07
C SER J 192 -40.06 -1.26 -27.02
N TYR J 193 -40.10 -2.38 -26.27
CA TYR J 193 -41.08 -2.58 -25.22
C TYR J 193 -40.89 -1.51 -24.13
N VAL J 194 -39.63 -1.28 -23.74
CA VAL J 194 -39.31 -0.29 -22.71
C VAL J 194 -39.76 1.10 -23.15
N ASP J 195 -39.47 1.46 -24.40
CA ASP J 195 -39.87 2.76 -24.89
C ASP J 195 -41.40 2.92 -24.85
N ASN J 196 -42.12 1.95 -25.38
CA ASN J 196 -43.59 2.00 -25.39
C ASN J 196 -44.19 2.10 -23.99
N TRP J 197 -43.56 1.39 -23.04
CA TRP J 197 -44.03 1.34 -21.65
C TRP J 197 -44.37 2.71 -21.04
N TRP J 198 -43.58 3.72 -21.34
CA TRP J 198 -43.81 5.05 -20.80
C TRP J 198 -45.22 5.58 -21.06
N ASN J 199 -45.85 5.08 -22.12
CA ASN J 199 -47.19 5.53 -22.49
C ASN J 199 -48.30 5.08 -21.55
N VAL J 200 -47.97 4.19 -20.61
CA VAL J 200 -48.97 3.70 -19.67
C VAL J 200 -48.57 3.90 -18.22
N VAL J 201 -47.50 4.66 -18.00
CA VAL J 201 -47.05 4.92 -16.65
C VAL J 201 -48.11 5.75 -15.92
N ASN J 202 -48.64 5.21 -14.84
CA ASN J 202 -49.66 5.87 -14.02
C ASN J 202 -48.94 6.70 -12.95
N TRP J 203 -48.51 7.91 -13.33
CA TRP J 203 -47.79 8.80 -12.43
C TRP J 203 -48.57 9.22 -11.21
N ASP J 204 -49.88 8.96 -11.26
CA ASP J 204 -50.78 9.26 -10.17
C ASP J 204 -50.49 8.24 -9.07
N ASP J 205 -50.31 6.99 -9.49
CA ASP J 205 -50.01 5.89 -8.59
C ASP J 205 -48.62 6.09 -7.96
N VAL J 206 -47.64 6.43 -8.79
CA VAL J 206 -46.28 6.65 -8.30
C VAL J 206 -46.31 7.76 -7.25
N GLU J 207 -47.07 8.82 -7.52
CA GLU J 207 -47.19 9.94 -6.59
C GLU J 207 -47.71 9.50 -5.20
N ARG J 208 -48.75 8.67 -5.16
CA ARG J 208 -49.26 8.21 -3.87
C ARG J 208 -48.16 7.49 -3.07
N ARG J 209 -47.42 6.63 -3.78
CA ARG J 209 -46.34 5.87 -3.15
C ARG J 209 -45.26 6.81 -2.66
N LEU J 210 -44.90 7.81 -3.46
CA LEU J 210 -43.88 8.74 -3.02
C LEU J 210 -44.35 9.50 -1.79
N GLN J 211 -45.65 9.80 -1.72
CA GLN J 211 -46.17 10.54 -0.58
C GLN J 211 -46.06 9.68 0.68
N LYS J 212 -46.44 8.40 0.57
CA LYS J 212 -46.34 7.51 1.72
C LYS J 212 -44.88 7.48 2.18
N ALA J 213 -43.96 7.35 1.22
CA ALA J 213 -42.55 7.30 1.54
C ALA J 213 -42.11 8.60 2.22
N LEU J 214 -42.57 9.75 1.73
CA LEU J 214 -42.20 11.02 2.35
C LEU J 214 -42.72 11.11 3.78
N ASN J 215 -43.83 10.45 4.07
CA ASN J 215 -44.42 10.46 5.42
C ASN J 215 -43.70 9.48 6.32
N GLY J 216 -42.65 8.84 5.79
CA GLY J 216 -41.93 7.85 6.55
C GLY J 216 -42.77 6.59 6.62
N GLN J 217 -43.62 6.41 5.61
CA GLN J 217 -44.51 5.25 5.54
C GLN J 217 -44.14 4.22 4.48
N ILE J 218 -44.74 3.03 4.59
CA ILE J 218 -44.54 1.93 3.65
C ILE J 218 -45.36 2.30 2.41
N ALA J 219 -44.72 2.30 1.25
CA ALA J 219 -45.40 2.65 0.00
C ALA J 219 -46.31 1.55 -0.57
N LEU J 220 -47.21 1.02 0.27
CA LEU J 220 -48.16 -0.01 -0.13
C LEU J 220 -49.58 0.34 0.36
N LYS J 221 -50.57 -0.34 -0.20
CA LYS J 221 -51.98 -0.16 0.15
C LYS J 221 -52.35 1.31 0.22
N LEU J 222 -52.64 1.88 -0.95
CA LEU J 222 -53.00 3.29 -1.10
C LEU J 222 -51.76 4.18 -0.97
N SER K 12 -30.53 21.01 -13.20
CA SER K 12 -29.74 20.94 -11.92
C SER K 12 -29.84 19.55 -11.30
N VAL K 13 -28.68 18.95 -11.01
CA VAL K 13 -28.63 17.60 -10.44
C VAL K 13 -27.99 17.56 -9.07
N THR K 14 -28.52 16.68 -8.22
CA THR K 14 -27.99 16.49 -6.87
C THR K 14 -28.23 15.05 -6.41
N THR K 15 -27.43 14.62 -5.44
CA THR K 15 -27.55 13.28 -4.86
C THR K 15 -27.22 13.44 -3.37
N LYS K 16 -27.80 12.61 -2.52
CA LYS K 16 -27.51 12.68 -1.10
C LYS K 16 -26.43 11.64 -0.77
N ARG K 17 -25.30 12.12 -0.28
CA ARG K 17 -24.20 11.22 0.05
C ARG K 17 -24.39 10.52 1.41
N TYR K 18 -23.58 9.49 1.65
CA TYR K 18 -23.65 8.73 2.89
C TYR K 18 -22.38 8.89 3.72
N THR K 19 -22.48 8.66 5.02
CA THR K 19 -21.33 8.75 5.91
C THR K 19 -21.34 7.61 6.92
N LEU K 20 -20.17 7.30 7.45
CA LEU K 20 -20.02 6.24 8.44
C LEU K 20 -20.60 6.71 9.76
N PRO K 21 -21.63 6.02 10.28
CA PRO K 21 -22.26 6.38 11.55
C PRO K 21 -21.43 5.93 12.75
N PRO K 22 -21.32 6.78 13.78
CA PRO K 22 -20.53 6.39 14.96
C PRO K 22 -21.12 5.14 15.59
N LEU K 23 -20.29 4.37 16.30
CA LEU K 23 -20.79 3.18 16.99
C LEU K 23 -21.51 3.67 18.25
N PRO K 24 -22.50 2.91 18.73
CA PRO K 24 -23.22 3.34 19.93
C PRO K 24 -22.43 3.04 21.22
N TYR K 25 -21.45 2.16 21.10
CA TYR K 25 -20.64 1.72 22.23
C TYR K 25 -19.18 1.59 21.83
N ALA K 26 -18.32 1.35 22.82
CA ALA K 26 -16.88 1.20 22.58
C ALA K 26 -16.60 -0.10 21.85
N TYR K 27 -15.46 -0.17 21.15
CA TYR K 27 -15.07 -1.35 20.42
C TYR K 27 -15.09 -2.65 21.23
N ASN K 28 -14.87 -2.53 22.54
CA ASN K 28 -14.82 -3.71 23.42
C ASN K 28 -16.08 -3.97 24.23
N ALA K 29 -17.14 -3.21 24.00
CA ALA K 29 -18.38 -3.39 24.76
C ALA K 29 -19.07 -4.75 24.61
N LEU K 30 -18.79 -5.44 23.52
CA LEU K 30 -19.43 -6.73 23.25
C LEU K 30 -18.61 -7.98 23.58
N GLU K 31 -17.43 -7.78 24.15
CA GLU K 31 -16.61 -8.94 24.50
C GLU K 31 -17.26 -9.70 25.66
N PRO K 32 -16.98 -11.01 25.76
CA PRO K 32 -16.10 -11.82 24.92
C PRO K 32 -16.73 -12.24 23.59
N TYR K 33 -18.05 -12.13 23.50
CA TYR K 33 -18.82 -12.53 22.32
C TYR K 33 -18.25 -12.09 20.96
N ILE K 34 -17.86 -10.82 20.85
CA ILE K 34 -17.25 -10.30 19.64
C ILE K 34 -16.07 -9.47 20.12
N SER K 35 -14.86 -9.84 19.69
CA SER K 35 -13.65 -9.14 20.10
C SER K 35 -13.62 -7.67 19.68
N ALA K 36 -12.90 -6.86 20.45
CA ALA K 36 -12.77 -5.43 20.17
C ALA K 36 -12.01 -5.24 18.86
N GLU K 37 -11.16 -6.21 18.53
CA GLU K 37 -10.39 -6.12 17.30
C GLU K 37 -11.33 -6.24 16.08
N ILE K 38 -12.23 -7.22 16.15
CA ILE K 38 -13.19 -7.44 15.07
C ILE K 38 -14.11 -6.23 14.93
N MSE K 39 -14.54 -5.69 16.06
CA MSE K 39 -15.41 -4.53 16.05
C MSE K 39 -14.76 -3.36 15.36
O MSE K 39 -15.41 -2.67 14.58
CB MSE K 39 -15.78 -4.12 17.48
CG MSE K 39 -16.64 -5.11 18.23
SE MSE K 39 -18.29 -5.55 17.30
CE MSE K 39 -19.24 -3.83 17.37
N GLN K 40 -13.48 -3.13 15.63
CA GLN K 40 -12.78 -2.00 15.04
C GLN K 40 -12.50 -2.16 13.55
N LEU K 41 -12.12 -3.36 13.13
CA LEU K 41 -11.85 -3.57 11.70
C LEU K 41 -13.15 -3.52 10.92
N HIS K 42 -14.16 -4.19 11.47
CA HIS K 42 -15.47 -4.27 10.85
C HIS K 42 -16.06 -2.87 10.65
N HIS K 43 -15.76 -1.96 11.58
CA HIS K 43 -16.28 -0.60 11.50
C HIS K 43 -15.41 0.31 10.64
N GLN K 44 -14.21 0.61 11.14
CA GLN K 44 -13.27 1.49 10.43
C GLN K 44 -12.93 1.12 9.00
N LYS K 45 -12.76 -0.17 8.73
CA LYS K 45 -12.39 -0.59 7.38
C LYS K 45 -13.56 -1.07 6.53
N HIS K 46 -14.25 -2.09 7.00
CA HIS K 46 -15.36 -2.65 6.24
C HIS K 46 -16.57 -1.75 6.03
N HIS K 47 -17.22 -1.35 7.11
CA HIS K 47 -18.38 -0.48 6.99
C HIS K 47 -18.00 0.81 6.25
N GLN K 48 -16.85 1.40 6.59
CA GLN K 48 -16.40 2.62 5.93
C GLN K 48 -16.21 2.36 4.43
N GLY K 49 -15.76 1.15 4.11
CA GLY K 49 -15.55 0.78 2.72
C GLY K 49 -16.84 0.75 1.91
N TYR K 50 -17.96 0.42 2.54
CA TYR K 50 -19.24 0.37 1.82
C TYR K 50 -19.76 1.79 1.65
N VAL K 51 -19.64 2.60 2.68
CA VAL K 51 -20.07 3.99 2.58
C VAL K 51 -19.31 4.60 1.39
N ASN K 52 -18.00 4.39 1.36
CA ASN K 52 -17.14 4.90 0.28
C ASN K 52 -17.54 4.39 -1.09
N GLY K 53 -17.79 3.08 -1.16
CA GLY K 53 -18.22 2.47 -2.40
C GLY K 53 -19.55 3.06 -2.86
N ALA K 54 -20.48 3.25 -1.92
CA ALA K 54 -21.79 3.80 -2.26
C ALA K 54 -21.61 5.18 -2.86
N ASN K 55 -20.88 6.03 -2.15
CA ASN K 55 -20.66 7.38 -2.64
C ASN K 55 -19.90 7.43 -3.96
N ALA K 56 -18.96 6.51 -4.15
CA ALA K 56 -18.22 6.50 -5.41
C ALA K 56 -19.17 6.19 -6.57
N ALA K 57 -20.21 5.37 -6.30
CA ALA K 57 -21.17 5.01 -7.32
C ALA K 57 -22.14 6.18 -7.58
N LEU K 58 -22.45 6.93 -6.53
CA LEU K 58 -23.33 8.08 -6.64
C LEU K 58 -22.68 9.18 -7.45
N GLU K 59 -21.35 9.23 -7.37
CA GLU K 59 -20.56 10.21 -8.09
C GLU K 59 -20.64 9.96 -9.60
N LYS K 60 -20.58 8.70 -9.99
CA LYS K 60 -20.67 8.31 -11.39
C LYS K 60 -22.06 8.60 -11.92
N LEU K 61 -23.06 8.33 -11.10
CA LEU K 61 -24.44 8.57 -11.47
C LEU K 61 -24.63 10.08 -11.65
N GLU K 62 -24.13 10.85 -10.69
CA GLU K 62 -24.24 12.32 -10.74
C GLU K 62 -23.55 12.90 -11.99
N LYS K 63 -22.32 12.47 -12.27
CA LYS K 63 -21.61 12.96 -13.46
C LYS K 63 -22.45 12.63 -14.68
N PHE K 64 -22.98 11.41 -14.72
CA PHE K 64 -23.81 10.99 -15.84
C PHE K 64 -25.04 11.89 -15.97
N ARG K 65 -25.78 12.07 -14.87
CA ARG K 65 -26.99 12.90 -14.87
C ARG K 65 -26.73 14.34 -15.33
N LYS K 66 -25.62 14.90 -14.89
CA LYS K 66 -25.27 16.26 -15.29
C LYS K 66 -24.82 16.29 -16.75
N GLY K 67 -24.88 15.13 -17.40
CA GLY K 67 -24.48 15.04 -18.80
C GLY K 67 -23.00 15.29 -19.01
N GLU K 68 -22.22 15.10 -17.93
CA GLU K 68 -20.77 15.30 -18.01
C GLU K 68 -20.05 14.01 -18.38
N ALA K 69 -20.72 12.87 -18.22
CA ALA K 69 -20.10 11.59 -18.52
C ALA K 69 -21.05 10.52 -19.03
N GLN K 70 -20.46 9.41 -19.47
CA GLN K 70 -21.21 8.27 -19.94
C GLN K 70 -21.30 7.32 -18.75
N ILE K 71 -21.95 6.18 -18.93
CA ILE K 71 -22.09 5.29 -17.80
C ILE K 71 -22.48 3.86 -18.16
N ASP K 72 -21.85 2.91 -17.49
CA ASP K 72 -22.17 1.48 -17.65
C ASP K 72 -23.21 1.38 -16.56
N ILE K 73 -24.47 1.60 -16.92
CA ILE K 73 -25.54 1.61 -15.93
C ILE K 73 -25.70 0.32 -15.14
N ARG K 74 -25.48 -0.83 -15.78
CA ARG K 74 -25.60 -2.10 -15.06
C ARG K 74 -24.49 -2.21 -14.04
N ALA K 75 -23.29 -1.82 -14.45
CA ALA K 75 -22.13 -1.87 -13.59
C ALA K 75 -22.27 -1.00 -12.34
N VAL K 76 -22.60 0.27 -12.54
CA VAL K 76 -22.71 1.17 -11.42
C VAL K 76 -23.90 0.85 -10.51
N LEU K 77 -25.01 0.39 -11.09
CA LEU K 77 -26.17 0.07 -10.27
C LEU K 77 -25.96 -1.24 -9.47
N ARG K 78 -25.15 -2.15 -10.00
CA ARG K 78 -24.86 -3.39 -9.28
C ARG K 78 -23.99 -2.96 -8.11
N ASP K 79 -23.02 -2.09 -8.38
CA ASP K 79 -22.11 -1.57 -7.36
C ASP K 79 -22.92 -0.85 -6.26
N LEU K 80 -23.69 0.16 -6.68
CA LEU K 80 -24.48 0.93 -5.72
C LEU K 80 -25.29 0.02 -4.80
N SER K 81 -26.00 -0.94 -5.38
CA SER K 81 -26.82 -1.86 -4.58
C SER K 81 -26.00 -2.56 -3.50
N PHE K 82 -24.89 -3.15 -3.90
CA PHE K 82 -24.00 -3.85 -2.97
C PHE K 82 -23.53 -2.95 -1.83
N HIS K 83 -22.94 -1.81 -2.19
CA HIS K 83 -22.41 -0.87 -1.21
C HIS K 83 -23.48 -0.22 -0.34
N LEU K 84 -24.57 0.20 -0.96
CA LEU K 84 -25.62 0.85 -0.18
C LEU K 84 -26.19 -0.15 0.84
N ASN K 85 -26.42 -1.38 0.40
CA ASN K 85 -26.95 -2.42 1.29
C ASN K 85 -25.97 -2.70 2.43
N GLY K 86 -24.68 -2.66 2.12
CA GLY K 86 -23.68 -2.90 3.17
C GLY K 86 -23.76 -1.83 4.24
N HIS K 87 -23.85 -0.57 3.81
CA HIS K 87 -23.94 0.56 4.71
C HIS K 87 -25.21 0.50 5.57
N ILE K 88 -26.36 0.35 4.91
CA ILE K 88 -27.64 0.26 5.60
C ILE K 88 -27.70 -0.89 6.60
N LEU K 89 -27.28 -2.09 6.17
CA LEU K 89 -27.32 -3.23 7.07
C LEU K 89 -26.41 -3.04 8.27
N HIS K 90 -25.18 -2.55 8.03
CA HIS K 90 -24.30 -2.33 9.15
C HIS K 90 -24.87 -1.25 10.08
N SER K 91 -25.46 -0.22 9.49
CA SER K 91 -26.05 0.87 10.26
C SER K 91 -27.13 0.35 11.20
N ILE K 92 -27.72 -0.79 10.83
CA ILE K 92 -28.76 -1.43 11.65
C ILE K 92 -28.06 -2.43 12.58
N PHE K 93 -27.04 -3.12 12.06
CA PHE K 93 -26.28 -4.12 12.80
C PHE K 93 -25.69 -3.59 14.11
N TRP K 94 -25.12 -2.39 14.07
CA TRP K 94 -24.52 -1.78 15.26
C TRP K 94 -25.53 -1.51 16.38
N PRO K 95 -26.57 -0.69 16.12
CA PRO K 95 -27.55 -0.44 17.20
C PRO K 95 -28.36 -1.71 17.56
N ASN K 96 -28.41 -2.66 16.64
CA ASN K 96 -29.11 -3.93 16.86
C ASN K 96 -28.52 -4.66 18.08
N MSE K 97 -27.27 -4.33 18.42
CA MSE K 97 -26.59 -4.96 19.56
C MSE K 97 -26.41 -4.00 20.71
O MSE K 97 -26.74 -2.82 20.63
CB MSE K 97 -25.21 -5.49 19.12
CG MSE K 97 -25.23 -6.41 17.91
SE MSE K 97 -23.45 -6.97 17.36
CE MSE K 97 -22.92 -5.42 16.33
N ALA K 98 -25.85 -4.53 21.81
CA ALA K 98 -25.61 -3.74 23.01
C ALA K 98 -24.85 -4.59 24.02
N PRO K 99 -24.06 -3.96 24.91
CA PRO K 99 -23.30 -4.71 25.92
C PRO K 99 -24.24 -5.57 26.75
N PRO K 100 -23.83 -6.79 27.13
CA PRO K 100 -24.70 -7.66 27.93
C PRO K 100 -25.36 -6.85 29.06
N GLY K 101 -26.63 -7.10 29.29
CA GLY K 101 -27.38 -6.35 30.29
C GLY K 101 -28.45 -5.67 29.47
N LYS K 102 -28.04 -4.67 28.69
CA LYS K 102 -28.97 -3.99 27.81
C LYS K 102 -29.22 -4.92 26.62
N GLY K 103 -28.21 -5.74 26.31
CA GLY K 103 -28.31 -6.68 25.22
C GLY K 103 -28.38 -8.08 25.79
N GLY K 104 -28.97 -9.02 25.04
CA GLY K 104 -29.07 -10.38 25.51
C GLY K 104 -30.44 -10.75 26.07
N GLY K 105 -30.57 -11.98 26.53
CA GLY K 105 -31.83 -12.42 27.11
C GLY K 105 -32.95 -12.71 26.13
N LYS K 106 -34.16 -12.80 26.66
CA LYS K 106 -35.35 -13.06 25.85
C LYS K 106 -36.09 -11.75 25.55
N PRO K 107 -36.77 -11.68 24.40
CA PRO K 107 -37.49 -10.47 24.05
C PRO K 107 -38.82 -10.31 24.80
N GLY K 108 -39.28 -9.06 24.88
CA GLY K 108 -40.54 -8.76 25.54
C GLY K 108 -41.32 -7.81 24.65
N GLY K 109 -42.42 -7.28 25.17
CA GLY K 109 -43.22 -6.35 24.40
C GLY K 109 -43.89 -6.93 23.17
N LYS K 110 -44.01 -6.11 22.13
CA LYS K 110 -44.66 -6.50 20.89
C LYS K 110 -43.85 -7.57 20.14
N ILE K 111 -42.52 -7.40 20.12
CA ILE K 111 -41.68 -8.35 19.42
C ILE K 111 -41.84 -9.75 19.99
N ALA K 112 -41.79 -9.85 21.31
CA ALA K 112 -41.94 -11.12 21.98
C ALA K 112 -43.29 -11.73 21.58
N ASP K 113 -44.31 -10.87 21.55
CA ASP K 113 -45.66 -11.29 21.18
C ASP K 113 -45.74 -11.84 19.77
N LEU K 114 -45.27 -11.06 18.79
CA LEU K 114 -45.30 -11.48 17.39
C LEU K 114 -44.43 -12.70 17.16
N ILE K 115 -43.30 -12.77 17.88
CA ILE K 115 -42.40 -13.91 17.75
C ILE K 115 -43.14 -15.20 18.11
N ASN K 116 -43.88 -15.20 19.22
CA ASN K 116 -44.62 -16.41 19.59
C ASN K 116 -45.77 -16.67 18.60
N LYS K 117 -46.32 -15.60 18.04
CA LYS K 117 -47.42 -15.77 17.10
C LYS K 117 -47.01 -16.49 15.81
N PHE K 118 -45.99 -15.94 15.15
CA PHE K 118 -45.51 -16.47 13.89
C PHE K 118 -44.53 -17.63 14.01
N PHE K 119 -43.89 -17.76 15.17
CA PHE K 119 -42.91 -18.82 15.38
C PHE K 119 -43.34 -19.85 16.44
N GLY K 120 -44.32 -19.46 17.24
CA GLY K 120 -44.81 -20.34 18.27
C GLY K 120 -44.05 -20.14 19.58
N SER K 121 -42.80 -19.74 19.49
CA SER K 121 -41.99 -19.53 20.69
C SER K 121 -40.66 -18.90 20.34
N PHE K 122 -40.01 -18.32 21.33
CA PHE K 122 -38.72 -17.69 21.13
C PHE K 122 -37.72 -18.78 20.76
N GLU K 123 -37.81 -19.92 21.44
CA GLU K 123 -36.90 -21.03 21.19
C GLU K 123 -36.89 -21.39 19.70
N LYS K 124 -38.07 -21.57 19.12
CA LYS K 124 -38.17 -21.92 17.70
C LYS K 124 -37.67 -20.77 16.83
N PHE K 125 -38.09 -19.54 17.13
CA PHE K 125 -37.62 -18.39 16.38
C PHE K 125 -36.09 -18.39 16.35
N LYS K 126 -35.50 -18.69 17.52
CA LYS K 126 -34.05 -18.75 17.66
C LYS K 126 -33.46 -19.86 16.78
N GLU K 127 -34.07 -21.04 16.80
CA GLU K 127 -33.59 -22.14 15.96
C GLU K 127 -33.66 -21.72 14.48
N GLU K 128 -34.77 -21.10 14.08
CA GLU K 128 -34.93 -20.69 12.69
C GLU K 128 -33.89 -19.66 12.28
N PHE K 129 -33.83 -18.57 13.04
CA PHE K 129 -32.88 -17.49 12.77
C PHE K 129 -31.43 -18.00 12.76
N SER K 130 -31.06 -18.77 13.77
CA SER K 130 -29.71 -19.32 13.87
C SER K 130 -29.40 -20.21 12.67
N GLN K 131 -30.31 -21.12 12.37
CA GLN K 131 -30.12 -22.03 11.26
C GLN K 131 -29.89 -21.29 9.94
N ALA K 132 -30.64 -20.20 9.74
CA ALA K 132 -30.51 -19.41 8.54
C ALA K 132 -29.13 -18.75 8.47
N ALA K 133 -28.65 -18.26 9.62
CA ALA K 133 -27.36 -17.57 9.66
C ALA K 133 -26.18 -18.51 9.46
N LYS K 134 -26.28 -19.68 10.10
CA LYS K 134 -25.24 -20.70 10.01
C LYS K 134 -25.19 -21.30 8.62
N ASN K 135 -26.31 -21.26 7.92
CA ASN K 135 -26.39 -21.86 6.60
C ASN K 135 -26.33 -20.93 5.40
N VAL K 136 -25.93 -19.69 5.62
CA VAL K 136 -25.79 -18.80 4.50
C VAL K 136 -24.62 -19.38 3.71
N GLU K 137 -24.79 -19.52 2.42
CA GLU K 137 -23.75 -20.04 1.55
C GLU K 137 -22.85 -18.88 1.12
N GLY K 138 -21.61 -18.90 1.59
CA GLY K 138 -20.68 -17.84 1.24
C GLY K 138 -20.76 -16.76 2.30
N VAL K 139 -20.86 -15.50 1.90
CA VAL K 139 -20.95 -14.42 2.88
C VAL K 139 -22.30 -13.72 2.81
N GLY K 140 -22.82 -13.34 3.96
CA GLY K 140 -24.10 -12.67 3.95
C GLY K 140 -24.62 -12.36 5.33
N TRP K 141 -25.93 -12.44 5.48
CA TRP K 141 -26.61 -12.14 6.74
C TRP K 141 -27.83 -13.01 6.92
N ALA K 142 -28.35 -13.00 8.15
CA ALA K 142 -29.62 -13.65 8.46
C ALA K 142 -30.35 -12.42 9.01
N ILE K 143 -31.55 -12.15 8.53
CA ILE K 143 -32.29 -10.99 9.02
C ILE K 143 -33.74 -11.33 9.31
N LEU K 144 -34.32 -10.58 10.23
CA LEU K 144 -35.72 -10.73 10.62
C LEU K 144 -36.43 -9.50 10.04
N VAL K 145 -37.44 -9.72 9.21
CA VAL K 145 -38.13 -8.58 8.64
C VAL K 145 -39.61 -8.56 8.96
N TYR K 146 -40.21 -7.39 8.75
CA TYR K 146 -41.64 -7.26 8.91
C TYR K 146 -42.14 -7.15 7.48
N GLU K 147 -42.82 -8.18 7.01
CA GLU K 147 -43.36 -8.18 5.67
C GLU K 147 -44.66 -7.38 5.83
N PRO K 148 -44.73 -6.20 5.18
CA PRO K 148 -45.91 -5.33 5.26
C PRO K 148 -47.13 -5.68 4.41
N LEU K 149 -46.92 -6.41 3.32
CA LEU K 149 -48.05 -6.76 2.46
C LEU K 149 -49.09 -7.59 3.20
N GLU K 150 -48.67 -8.73 3.76
CA GLU K 150 -49.60 -9.55 4.52
C GLU K 150 -49.34 -9.43 6.03
N GLU K 151 -48.52 -8.45 6.39
CA GLU K 151 -48.21 -8.15 7.79
C GLU K 151 -47.80 -9.32 8.67
N GLN K 152 -46.61 -9.87 8.43
CA GLN K 152 -46.12 -10.99 9.22
C GLN K 152 -44.61 -10.94 9.32
N LEU K 153 -44.07 -11.59 10.34
CA LEU K 153 -42.63 -11.66 10.56
C LEU K 153 -42.06 -12.72 9.64
N LEU K 154 -40.89 -12.45 9.07
CA LEU K 154 -40.24 -13.44 8.22
C LEU K 154 -38.75 -13.35 8.43
N ILE K 155 -38.08 -14.49 8.40
CA ILE K 155 -36.65 -14.52 8.52
C ILE K 155 -36.19 -14.77 7.10
N LEU K 156 -35.13 -14.07 6.68
CA LEU K 156 -34.59 -14.25 5.35
C LEU K 156 -33.09 -14.41 5.38
N GLN K 157 -32.56 -15.02 4.32
CA GLN K 157 -31.13 -15.16 4.18
C GLN K 157 -30.78 -14.10 3.13
N ILE K 158 -29.65 -13.45 3.31
CA ILE K 158 -29.17 -12.44 2.37
C ILE K 158 -27.76 -12.87 1.99
N GLU K 159 -27.42 -12.86 0.70
CA GLU K 159 -26.07 -13.21 0.29
C GLU K 159 -25.40 -11.87 -0.10
N LYS K 160 -24.11 -11.76 0.20
CA LYS K 160 -23.36 -10.50 0.03
C LYS K 160 -24.18 -9.54 0.92
N HIS K 161 -24.61 -8.39 0.42
CA HIS K 161 -25.43 -7.50 1.24
C HIS K 161 -26.74 -7.25 0.51
N ASN K 162 -26.77 -7.59 -0.78
CA ASN K 162 -27.89 -7.23 -1.62
C ASN K 162 -28.75 -8.28 -2.32
N LEU K 163 -28.56 -9.55 -1.99
CA LEU K 163 -29.35 -10.57 -2.65
C LEU K 163 -30.36 -11.19 -1.68
N MSE K 164 -31.61 -11.27 -2.15
CA MSE K 164 -32.71 -11.89 -1.41
C MSE K 164 -33.60 -10.98 -0.53
O MSE K 164 -34.57 -11.47 0.06
CB MSE K 164 -32.16 -13.05 -0.56
CG MSE K 164 -32.82 -14.38 -0.79
SE MSE K 164 -31.61 -15.86 -1.24
CE MSE K 164 -30.55 -15.96 0.37
N HIS K 165 -33.28 -9.68 -0.45
CA HIS K 165 -34.12 -8.75 0.34
C HIS K 165 -35.54 -8.74 -0.22
N ALA K 166 -36.52 -8.58 0.67
CA ALA K 166 -37.93 -8.53 0.27
C ALA K 166 -38.27 -7.06 0.02
N ALA K 167 -38.69 -6.73 -1.19
CA ALA K 167 -39.02 -5.35 -1.55
C ALA K 167 -39.98 -4.70 -0.55
N ASP K 168 -39.60 -3.52 -0.07
CA ASP K 168 -40.37 -2.71 0.89
C ASP K 168 -40.29 -3.15 2.36
N ALA K 169 -39.95 -4.41 2.61
CA ALA K 169 -39.87 -4.92 3.98
C ALA K 169 -38.89 -4.14 4.85
N GLN K 170 -39.20 -4.07 6.15
CA GLN K 170 -38.35 -3.38 7.09
C GLN K 170 -37.50 -4.36 7.89
N VAL K 171 -36.20 -4.09 7.95
CA VAL K 171 -35.28 -4.95 8.69
C VAL K 171 -35.40 -4.64 10.19
N LEU K 172 -35.74 -5.66 10.97
CA LEU K 172 -35.88 -5.48 12.42
C LEU K 172 -34.60 -5.90 13.16
N LEU K 173 -34.07 -7.07 12.79
CA LEU K 173 -32.86 -7.59 13.43
C LEU K 173 -31.96 -8.21 12.37
N ALA K 174 -30.69 -7.84 12.36
CA ALA K 174 -29.74 -8.34 11.36
C ALA K 174 -28.45 -8.88 11.95
N LEU K 175 -28.07 -10.08 11.53
CA LEU K 175 -26.84 -10.70 12.00
C LEU K 175 -25.89 -10.86 10.81
N ASP K 176 -24.72 -10.25 10.93
CA ASP K 176 -23.71 -10.30 9.87
C ASP K 176 -22.97 -11.63 9.90
N VAL K 177 -23.02 -12.36 8.79
CA VAL K 177 -22.34 -13.63 8.69
C VAL K 177 -21.19 -13.62 7.66
N TRP K 178 -20.69 -12.43 7.34
CA TRP K 178 -19.54 -12.31 6.44
C TRP K 178 -18.42 -12.85 7.32
N GLU K 179 -17.45 -13.54 6.72
CA GLU K 179 -16.35 -14.07 7.53
C GLU K 179 -15.59 -12.99 8.29
N HIS K 180 -15.52 -11.78 7.75
CA HIS K 180 -14.77 -10.75 8.44
C HIS K 180 -15.41 -10.34 9.76
N ALA K 181 -16.70 -10.64 9.92
CA ALA K 181 -17.40 -10.29 11.16
C ALA K 181 -17.06 -11.26 12.29
N TYR K 182 -16.27 -12.30 12.00
CA TYR K 182 -15.95 -13.27 13.05
C TYR K 182 -14.64 -14.06 12.96
N TYR K 183 -14.14 -14.26 11.75
CA TYR K 183 -12.96 -15.09 11.54
C TYR K 183 -11.71 -14.89 12.42
N LEU K 184 -11.43 -13.66 12.83
CA LEU K 184 -10.25 -13.43 13.67
C LEU K 184 -10.39 -14.13 15.02
N GLN K 185 -11.61 -14.18 15.53
CA GLN K 185 -11.89 -14.79 16.82
C GLN K 185 -12.36 -16.24 16.73
N TYR K 186 -13.37 -16.48 15.89
CA TYR K 186 -13.94 -17.81 15.76
C TYR K 186 -13.42 -18.69 14.63
N LYS K 187 -12.52 -18.16 13.81
CA LYS K 187 -12.01 -18.93 12.67
C LYS K 187 -13.19 -19.46 11.86
N ASN K 188 -13.07 -20.68 11.35
CA ASN K 188 -14.12 -21.30 10.55
C ASN K 188 -15.43 -21.59 11.30
N ASP K 189 -15.37 -21.59 12.62
CA ASP K 189 -16.55 -21.92 13.42
C ASP K 189 -17.61 -20.81 13.47
N ARG K 190 -18.33 -20.64 12.36
CA ARG K 190 -19.40 -19.65 12.26
C ARG K 190 -20.51 -19.94 13.27
N GLY K 191 -20.87 -21.21 13.42
CA GLY K 191 -21.94 -21.58 14.34
C GLY K 191 -21.80 -21.05 15.75
N SER K 192 -20.59 -21.10 16.31
CA SER K 192 -20.37 -20.61 17.66
C SER K 192 -20.51 -19.09 17.71
N TYR K 193 -20.13 -18.44 16.61
CA TYR K 193 -20.25 -16.99 16.49
C TYR K 193 -21.73 -16.67 16.55
N VAL K 194 -22.51 -17.40 15.76
CA VAL K 194 -23.96 -17.19 15.72
C VAL K 194 -24.58 -17.41 17.10
N ASP K 195 -24.14 -18.47 17.78
CA ASP K 195 -24.67 -18.80 19.10
C ASP K 195 -24.37 -17.78 20.18
N ASN K 196 -23.14 -17.26 20.17
CA ASN K 196 -22.71 -16.28 21.17
C ASN K 196 -23.35 -14.91 20.94
N TRP K 197 -23.67 -14.60 19.69
CA TRP K 197 -24.27 -13.32 19.33
C TRP K 197 -25.57 -13.02 20.04
N TRP K 198 -26.36 -14.04 20.34
CA TRP K 198 -27.62 -13.84 21.04
C TRP K 198 -27.43 -13.17 22.39
N ASN K 199 -26.22 -13.27 22.95
CA ASN K 199 -25.92 -12.68 24.25
C ASN K 199 -25.91 -11.15 24.24
N VAL K 200 -25.83 -10.57 23.04
CA VAL K 200 -25.79 -9.11 22.93
C VAL K 200 -26.89 -8.51 22.05
N VAL K 201 -27.97 -9.25 21.82
CA VAL K 201 -29.06 -8.72 21.00
C VAL K 201 -29.83 -7.65 21.77
N ASN K 202 -29.82 -6.43 21.23
CA ASN K 202 -30.50 -5.29 21.85
C ASN K 202 -31.98 -5.36 21.48
N TRP K 203 -32.74 -6.14 22.22
CA TRP K 203 -34.15 -6.30 21.92
C TRP K 203 -34.96 -5.01 22.00
N ASP K 204 -34.48 -4.03 22.75
CA ASP K 204 -35.22 -2.77 22.86
C ASP K 204 -35.15 -2.07 21.50
N ASP K 205 -34.04 -2.27 20.82
CA ASP K 205 -33.83 -1.69 19.49
C ASP K 205 -34.75 -2.40 18.49
N VAL K 206 -34.77 -3.72 18.59
CA VAL K 206 -35.60 -4.53 17.70
C VAL K 206 -37.06 -4.22 17.94
N GLU K 207 -37.40 -3.87 19.17
CA GLU K 207 -38.78 -3.54 19.54
C GLU K 207 -39.20 -2.21 18.90
N ARG K 208 -38.31 -1.23 18.91
CA ARG K 208 -38.60 0.07 18.35
C ARG K 208 -38.86 -0.04 16.85
N ARG K 209 -38.00 -0.80 16.16
CA ARG K 209 -38.15 -1.00 14.73
C ARG K 209 -39.46 -1.70 14.45
N LEU K 210 -39.81 -2.69 15.26
CA LEU K 210 -41.09 -3.39 15.09
C LEU K 210 -42.24 -2.42 15.27
N GLN K 211 -42.07 -1.47 16.18
CA GLN K 211 -43.09 -0.47 16.49
C GLN K 211 -43.46 0.30 15.23
N LYS K 212 -42.44 0.82 14.55
CA LYS K 212 -42.66 1.57 13.31
C LYS K 212 -43.38 0.68 12.30
N ALA K 213 -42.76 -0.45 11.99
CA ALA K 213 -43.29 -1.40 11.03
C ALA K 213 -44.74 -1.79 11.29
N LEU K 214 -45.06 -2.04 12.56
CA LEU K 214 -46.42 -2.40 12.94
C LEU K 214 -47.37 -1.26 12.57
N ASN K 215 -46.85 -0.04 12.59
CA ASN K 215 -47.63 1.13 12.26
C ASN K 215 -47.56 1.46 10.76
N GLY K 216 -46.99 0.53 9.98
CA GLY K 216 -46.87 0.73 8.55
C GLY K 216 -45.85 1.82 8.23
N GLN K 217 -44.83 1.91 9.08
CA GLN K 217 -43.78 2.90 8.92
C GLN K 217 -42.42 2.24 8.61
N ILE K 218 -41.46 3.06 8.21
CA ILE K 218 -40.11 2.64 7.90
C ILE K 218 -39.42 2.47 9.25
N ALA K 219 -38.49 1.54 9.35
CA ALA K 219 -37.78 1.30 10.61
C ALA K 219 -36.35 1.85 10.57
N LEU K 220 -36.22 3.17 10.49
CA LEU K 220 -34.92 3.82 10.47
C LEU K 220 -35.00 5.13 11.23
N LYS K 221 -33.85 5.74 11.50
CA LYS K 221 -33.77 7.00 12.22
C LYS K 221 -34.69 6.96 13.43
N LEU K 222 -34.34 6.06 14.36
CA LEU K 222 -35.09 5.81 15.58
C LEU K 222 -36.16 4.77 15.29
N SER L 12 1.87 -7.25 -30.29
CA SER L 12 2.30 -7.44 -28.87
C SER L 12 1.14 -8.07 -28.09
N VAL L 13 -0.07 -7.55 -28.29
CA VAL L 13 -1.26 -8.06 -27.62
C VAL L 13 -2.22 -8.66 -28.65
N THR L 14 -2.84 -9.77 -28.31
CA THR L 14 -3.82 -10.39 -29.20
C THR L 14 -4.98 -10.96 -28.39
N THR L 15 -6.19 -10.82 -28.93
CA THR L 15 -7.39 -11.35 -28.32
C THR L 15 -8.15 -11.98 -29.47
N LYS L 16 -8.42 -13.28 -29.37
CA LYS L 16 -9.17 -14.00 -30.41
C LYS L 16 -10.65 -13.66 -30.30
N ARG L 17 -11.27 -13.34 -31.43
CA ARG L 17 -12.69 -13.00 -31.44
C ARG L 17 -13.60 -14.17 -31.78
N TYR L 18 -14.86 -14.06 -31.38
CA TYR L 18 -15.86 -15.10 -31.62
C TYR L 18 -16.79 -14.79 -32.77
N THR L 19 -17.33 -15.86 -33.38
CA THR L 19 -18.25 -15.74 -34.52
C THR L 19 -19.45 -16.67 -34.35
N LEU L 20 -20.57 -16.28 -34.94
CA LEU L 20 -21.78 -17.07 -34.87
C LEU L 20 -21.68 -18.28 -35.79
N PRO L 21 -21.85 -19.49 -35.25
CA PRO L 21 -21.75 -20.65 -36.14
C PRO L 21 -23.06 -20.91 -36.90
N PRO L 22 -22.96 -21.41 -38.14
CA PRO L 22 -24.19 -21.69 -38.89
C PRO L 22 -24.91 -22.81 -38.17
N LEU L 23 -26.24 -22.81 -38.22
CA LEU L 23 -27.01 -23.87 -37.60
C LEU L 23 -26.66 -25.14 -38.38
N PRO L 24 -26.79 -26.32 -37.76
CA PRO L 24 -26.48 -27.55 -38.48
C PRO L 24 -27.57 -27.94 -39.49
N TYR L 25 -28.70 -27.27 -39.42
CA TYR L 25 -29.84 -27.57 -40.29
C TYR L 25 -30.65 -26.32 -40.59
N ALA L 26 -31.77 -26.50 -41.29
CA ALA L 26 -32.63 -25.38 -41.63
C ALA L 26 -33.34 -24.90 -40.37
N TYR L 27 -33.77 -23.65 -40.37
CA TYR L 27 -34.47 -23.10 -39.21
C TYR L 27 -35.77 -23.85 -38.92
N ASN L 28 -36.35 -24.47 -39.93
CA ASN L 28 -37.60 -25.20 -39.74
C ASN L 28 -37.38 -26.71 -39.64
N ALA L 29 -36.12 -27.12 -39.51
CA ALA L 29 -35.76 -28.53 -39.43
C ALA L 29 -36.17 -29.25 -38.15
N LEU L 30 -36.49 -28.51 -37.10
CA LEU L 30 -36.90 -29.14 -35.85
C LEU L 30 -38.40 -29.05 -35.63
N GLU L 31 -39.09 -28.59 -36.67
CA GLU L 31 -40.54 -28.50 -36.64
C GLU L 31 -41.03 -29.93 -36.47
N PRO L 32 -42.14 -30.13 -35.75
CA PRO L 32 -42.97 -29.12 -35.09
C PRO L 32 -42.65 -28.91 -33.61
N TYR L 33 -41.60 -29.56 -33.10
CA TYR L 33 -41.24 -29.44 -31.68
C TYR L 33 -40.71 -28.05 -31.29
N ILE L 34 -40.12 -27.35 -32.26
CA ILE L 34 -39.60 -26.01 -32.06
C ILE L 34 -39.80 -25.27 -33.39
N SER L 35 -40.67 -24.26 -33.39
CA SER L 35 -40.99 -23.49 -34.58
C SER L 35 -39.79 -22.83 -35.24
N ALA L 36 -39.89 -22.65 -36.55
CA ALA L 36 -38.82 -22.02 -37.30
C ALA L 36 -38.73 -20.58 -36.83
N GLU L 37 -39.85 -20.08 -36.34
CA GLU L 37 -39.96 -18.72 -35.83
C GLU L 37 -39.00 -18.55 -34.66
N ILE L 38 -39.11 -19.45 -33.68
CA ILE L 38 -38.25 -19.44 -32.50
C ILE L 38 -36.79 -19.71 -32.91
N MSE L 39 -36.59 -20.73 -33.74
CA MSE L 39 -35.24 -21.05 -34.17
C MSE L 39 -34.45 -19.87 -34.79
O MSE L 39 -33.28 -19.69 -34.51
CB MSE L 39 -35.28 -22.21 -35.18
CG MSE L 39 -35.70 -23.57 -34.60
SE MSE L 39 -34.57 -24.20 -33.14
CE MSE L 39 -32.89 -24.41 -34.13
N GLN L 40 -35.11 -19.08 -35.64
CA GLN L 40 -34.42 -17.96 -36.29
C GLN L 40 -34.11 -16.81 -35.34
N LEU L 41 -35.07 -16.45 -34.51
CA LEU L 41 -34.88 -15.38 -33.53
C LEU L 41 -33.75 -15.80 -32.57
N HIS L 42 -33.83 -17.03 -32.09
CA HIS L 42 -32.89 -17.59 -31.13
C HIS L 42 -31.46 -17.57 -31.65
N HIS L 43 -31.31 -17.84 -32.95
CA HIS L 43 -30.02 -17.90 -33.60
C HIS L 43 -29.47 -16.54 -34.06
N GLN L 44 -30.22 -15.86 -34.94
CA GLN L 44 -29.81 -14.57 -35.49
C GLN L 44 -29.84 -13.37 -34.55
N LYS L 45 -30.69 -13.44 -33.52
CA LYS L 45 -30.79 -12.35 -32.57
C LYS L 45 -30.10 -12.64 -31.25
N HIS L 46 -30.58 -13.65 -30.54
CA HIS L 46 -30.00 -14.00 -29.24
C HIS L 46 -28.55 -14.51 -29.23
N HIS L 47 -28.28 -15.59 -29.95
CA HIS L 47 -26.93 -16.12 -29.97
C HIS L 47 -25.98 -15.08 -30.58
N GLN L 48 -26.41 -14.45 -31.67
CA GLN L 48 -25.60 -13.40 -32.32
C GLN L 48 -25.25 -12.32 -31.29
N GLY L 49 -26.21 -12.03 -30.41
CA GLY L 49 -26.00 -11.03 -29.38
C GLY L 49 -24.91 -11.42 -28.39
N TYR L 50 -24.84 -12.71 -28.06
CA TYR L 50 -23.81 -13.18 -27.12
C TYR L 50 -22.44 -13.10 -27.76
N VAL L 51 -22.37 -13.46 -29.03
CA VAL L 51 -21.12 -13.40 -29.80
C VAL L 51 -20.61 -11.96 -29.77
N ASN L 52 -21.51 -11.02 -30.07
CA ASN L 52 -21.16 -9.60 -30.10
C ASN L 52 -20.77 -9.10 -28.72
N GLY L 53 -21.55 -9.48 -27.71
CA GLY L 53 -21.24 -9.06 -26.35
C GLY L 53 -19.88 -9.56 -25.89
N ALA L 54 -19.55 -10.79 -26.27
CA ALA L 54 -18.26 -11.39 -25.89
C ALA L 54 -17.12 -10.65 -26.57
N ASN L 55 -17.32 -10.32 -27.85
CA ASN L 55 -16.31 -9.62 -28.61
C ASN L 55 -16.11 -8.21 -28.09
N ALA L 56 -17.21 -7.57 -27.68
CA ALA L 56 -17.14 -6.21 -27.15
C ALA L 56 -16.34 -6.20 -25.83
N ALA L 57 -16.50 -7.24 -25.01
CA ALA L 57 -15.75 -7.31 -23.77
C ALA L 57 -14.26 -7.51 -24.12
N LEU L 58 -14.00 -8.38 -25.09
CA LEU L 58 -12.63 -8.64 -25.52
C LEU L 58 -11.97 -7.37 -26.04
N GLU L 59 -12.72 -6.56 -26.76
CA GLU L 59 -12.21 -5.30 -27.28
C GLU L 59 -11.69 -4.45 -26.10
N LYS L 60 -12.50 -4.36 -25.05
CA LYS L 60 -12.15 -3.59 -23.85
C LYS L 60 -10.91 -4.12 -23.15
N LEU L 61 -10.80 -5.44 -23.04
CA LEU L 61 -9.63 -6.04 -22.42
C LEU L 61 -8.42 -5.79 -23.29
N GLU L 62 -8.61 -5.86 -24.61
CA GLU L 62 -7.52 -5.63 -25.56
C GLU L 62 -6.96 -4.21 -25.41
N LYS L 63 -7.85 -3.23 -25.29
CA LYS L 63 -7.43 -1.85 -25.11
C LYS L 63 -6.72 -1.68 -23.76
N PHE L 64 -7.20 -2.39 -22.75
CA PHE L 64 -6.59 -2.32 -21.43
C PHE L 64 -5.20 -2.94 -21.50
N ARG L 65 -5.09 -4.11 -22.12
CA ARG L 65 -3.80 -4.79 -22.23
C ARG L 65 -2.78 -4.02 -23.06
N LYS L 66 -3.25 -3.35 -24.12
CA LYS L 66 -2.36 -2.55 -24.95
C LYS L 66 -1.97 -1.29 -24.20
N GLY L 67 -2.64 -1.06 -23.07
CA GLY L 67 -2.38 0.12 -22.27
C GLY L 67 -3.11 1.32 -22.82
N GLU L 68 -3.90 1.10 -23.88
CA GLU L 68 -4.66 2.16 -24.53
C GLU L 68 -5.82 2.69 -23.70
N ALA L 69 -6.15 2.01 -22.60
CA ALA L 69 -7.25 2.46 -21.75
C ALA L 69 -7.28 1.72 -20.43
N GLN L 70 -7.99 2.30 -19.47
CA GLN L 70 -8.15 1.69 -18.15
C GLN L 70 -9.28 0.66 -18.32
N ILE L 71 -9.85 0.21 -17.21
CA ILE L 71 -10.91 -0.79 -17.32
C ILE L 71 -11.61 -1.04 -15.98
N ASP L 72 -12.91 -1.30 -16.04
CA ASP L 72 -13.70 -1.64 -14.84
C ASP L 72 -13.62 -3.16 -14.90
N ILE L 73 -12.54 -3.71 -14.36
CA ILE L 73 -12.29 -5.14 -14.40
C ILE L 73 -13.47 -6.05 -14.00
N ARG L 74 -14.20 -5.70 -12.96
CA ARG L 74 -15.34 -6.52 -12.52
C ARG L 74 -16.47 -6.55 -13.56
N ALA L 75 -16.90 -5.38 -13.99
CA ALA L 75 -17.96 -5.24 -14.98
C ALA L 75 -17.59 -5.98 -16.25
N VAL L 76 -16.34 -5.79 -16.67
CA VAL L 76 -15.86 -6.41 -17.90
C VAL L 76 -15.80 -7.93 -17.83
N LEU L 77 -15.33 -8.47 -16.71
CA LEU L 77 -15.26 -9.92 -16.61
C LEU L 77 -16.65 -10.52 -16.39
N ARG L 78 -17.53 -9.78 -15.72
CA ARG L 78 -18.91 -10.25 -15.53
C ARG L 78 -19.57 -10.29 -16.89
N ASP L 79 -19.32 -9.25 -17.68
CA ASP L 79 -19.86 -9.16 -19.04
C ASP L 79 -19.31 -10.32 -19.85
N LEU L 80 -17.98 -10.45 -19.83
CA LEU L 80 -17.36 -11.52 -20.61
C LEU L 80 -17.94 -12.88 -20.24
N SER L 81 -17.99 -13.18 -18.95
CA SER L 81 -18.51 -14.47 -18.52
C SER L 81 -19.90 -14.75 -19.09
N PHE L 82 -20.82 -13.79 -18.92
CA PHE L 82 -22.17 -13.95 -19.40
C PHE L 82 -22.23 -14.27 -20.89
N HIS L 83 -21.65 -13.39 -21.72
CA HIS L 83 -21.68 -13.57 -23.17
C HIS L 83 -20.89 -14.77 -23.69
N LEU L 84 -19.71 -15.01 -23.12
CA LEU L 84 -18.91 -16.15 -23.55
C LEU L 84 -19.71 -17.43 -23.30
N ASN L 85 -20.32 -17.54 -22.13
CA ASN L 85 -21.11 -18.73 -21.82
C ASN L 85 -22.33 -18.86 -22.71
N GLY L 86 -22.99 -17.74 -23.00
CA GLY L 86 -24.16 -17.79 -23.86
C GLY L 86 -23.76 -18.36 -25.22
N HIS L 87 -22.63 -17.90 -25.72
CA HIS L 87 -22.13 -18.33 -27.02
C HIS L 87 -21.73 -19.82 -27.00
N ILE L 88 -20.94 -20.23 -26.02
CA ILE L 88 -20.51 -21.63 -25.93
C ILE L 88 -21.70 -22.57 -25.78
N LEU L 89 -22.61 -22.26 -24.85
CA LEU L 89 -23.77 -23.12 -24.63
C LEU L 89 -24.65 -23.21 -25.88
N HIS L 90 -24.85 -22.09 -26.58
CA HIS L 90 -25.65 -22.13 -27.81
C HIS L 90 -24.93 -22.90 -28.90
N SER L 91 -23.60 -22.82 -28.92
CA SER L 91 -22.80 -23.53 -29.91
C SER L 91 -22.94 -25.04 -29.73
N ILE L 92 -23.08 -25.46 -28.48
CA ILE L 92 -23.26 -26.87 -28.15
C ILE L 92 -24.74 -27.22 -28.30
N PHE L 93 -25.60 -26.25 -28.00
CA PHE L 93 -27.05 -26.40 -28.07
C PHE L 93 -27.59 -26.81 -29.43
N TRP L 94 -27.10 -26.16 -30.49
CA TRP L 94 -27.56 -26.45 -31.86
C TRP L 94 -27.21 -27.86 -32.33
N PRO L 95 -25.92 -28.25 -32.29
CA PRO L 95 -25.61 -29.62 -32.75
C PRO L 95 -26.16 -30.69 -31.79
N ASN L 96 -26.56 -30.25 -30.60
CA ASN L 96 -27.12 -31.13 -29.58
C ASN L 96 -28.48 -31.65 -30.04
N MSE L 97 -29.04 -31.01 -31.06
CA MSE L 97 -30.35 -31.41 -31.57
C MSE L 97 -30.24 -31.81 -33.04
O MSE L 97 -29.24 -31.57 -33.69
CB MSE L 97 -31.35 -30.26 -31.42
CG MSE L 97 -31.53 -29.73 -29.99
SE MSE L 97 -32.89 -28.31 -29.82
CE MSE L 97 -31.94 -26.83 -30.67
N ALA L 98 -31.29 -32.43 -33.56
CA ALA L 98 -31.31 -32.86 -34.96
C ALA L 98 -32.76 -33.10 -35.39
N PRO L 99 -33.05 -32.90 -36.70
CA PRO L 99 -34.40 -33.10 -37.24
C PRO L 99 -35.00 -34.42 -36.76
N PRO L 100 -36.28 -34.40 -36.33
CA PRO L 100 -36.95 -35.62 -35.86
C PRO L 100 -36.62 -36.78 -36.82
N GLY L 101 -36.21 -37.91 -36.25
CA GLY L 101 -35.83 -39.05 -37.06
C GLY L 101 -34.38 -39.31 -36.73
N LYS L 102 -33.54 -38.31 -36.98
CA LYS L 102 -32.12 -38.42 -36.67
C LYS L 102 -32.04 -38.03 -35.19
N GLY L 103 -32.87 -37.07 -34.81
CA GLY L 103 -32.92 -36.63 -33.44
C GLY L 103 -34.08 -37.33 -32.77
N GLY L 104 -34.00 -37.50 -31.44
CA GLY L 104 -35.07 -38.16 -30.72
C GLY L 104 -34.64 -39.53 -30.23
N GLY L 105 -35.59 -40.29 -29.69
CA GLY L 105 -35.28 -41.63 -29.23
C GLY L 105 -34.40 -41.73 -28.00
N LYS L 106 -34.07 -42.98 -27.63
CA LYS L 106 -33.24 -43.25 -26.47
C LYS L 106 -31.77 -43.30 -26.84
N PRO L 107 -30.88 -43.09 -25.86
CA PRO L 107 -29.43 -43.13 -26.13
C PRO L 107 -28.87 -44.54 -26.34
N GLY L 108 -27.65 -44.60 -26.87
CA GLY L 108 -26.96 -45.85 -27.11
C GLY L 108 -25.47 -45.72 -26.85
N GLY L 109 -24.70 -46.76 -27.17
CA GLY L 109 -23.27 -46.71 -26.96
C GLY L 109 -22.80 -46.38 -25.56
N LYS L 110 -21.65 -45.73 -25.47
CA LYS L 110 -21.06 -45.35 -24.18
C LYS L 110 -21.98 -44.45 -23.36
N ILE L 111 -22.69 -43.54 -24.03
CA ILE L 111 -23.58 -42.63 -23.32
C ILE L 111 -24.72 -43.43 -22.68
N ALA L 112 -25.21 -44.45 -23.39
CA ALA L 112 -26.28 -45.28 -22.88
C ALA L 112 -25.80 -46.03 -21.64
N ASP L 113 -24.58 -46.54 -21.70
CA ASP L 113 -23.99 -47.26 -20.58
C ASP L 113 -23.87 -46.38 -19.34
N LEU L 114 -23.11 -45.29 -19.46
CA LEU L 114 -22.90 -44.38 -18.34
C LEU L 114 -24.20 -43.83 -17.76
N ILE L 115 -25.18 -43.56 -18.61
CA ILE L 115 -26.46 -43.05 -18.11
C ILE L 115 -27.07 -44.12 -17.22
N ASN L 116 -26.95 -45.38 -17.64
CA ASN L 116 -27.48 -46.47 -16.85
C ASN L 116 -26.63 -46.65 -15.61
N LYS L 117 -25.32 -46.44 -15.77
CA LYS L 117 -24.38 -46.58 -14.67
C LYS L 117 -24.53 -45.55 -13.54
N PHE L 118 -24.69 -44.28 -13.91
CA PHE L 118 -24.80 -43.22 -12.91
C PHE L 118 -26.22 -42.85 -12.51
N PHE L 119 -27.19 -43.14 -13.36
CA PHE L 119 -28.60 -42.82 -13.06
C PHE L 119 -29.49 -44.04 -12.98
N GLY L 120 -28.90 -45.23 -13.16
CA GLY L 120 -29.68 -46.46 -13.10
C GLY L 120 -30.42 -46.79 -14.38
N SER L 121 -30.96 -45.77 -15.05
CA SER L 121 -31.71 -45.98 -16.29
C SER L 121 -32.03 -44.66 -16.97
N PHE L 122 -32.26 -44.72 -18.28
CA PHE L 122 -32.59 -43.52 -19.03
C PHE L 122 -33.84 -42.87 -18.45
N GLU L 123 -34.75 -43.68 -17.93
CA GLU L 123 -35.98 -43.15 -17.35
C GLU L 123 -35.65 -42.22 -16.19
N LYS L 124 -34.90 -42.72 -15.21
CA LYS L 124 -34.52 -41.91 -14.06
C LYS L 124 -33.72 -40.69 -14.50
N PHE L 125 -32.79 -40.87 -15.44
CA PHE L 125 -31.99 -39.77 -15.96
C PHE L 125 -32.86 -38.70 -16.62
N LYS L 126 -33.79 -39.15 -17.48
CA LYS L 126 -34.69 -38.24 -18.17
C LYS L 126 -35.51 -37.44 -17.16
N GLU L 127 -35.85 -38.06 -16.04
CA GLU L 127 -36.64 -37.40 -15.00
C GLU L 127 -35.79 -36.38 -14.23
N GLU L 128 -34.55 -36.75 -13.89
CA GLU L 128 -33.68 -35.83 -13.19
C GLU L 128 -33.42 -34.63 -14.09
N PHE L 129 -33.00 -34.89 -15.33
CA PHE L 129 -32.71 -33.82 -16.27
C PHE L 129 -33.94 -32.95 -16.52
N SER L 130 -35.09 -33.60 -16.69
CA SER L 130 -36.36 -32.89 -16.94
C SER L 130 -36.75 -32.00 -15.77
N GLN L 131 -36.73 -32.55 -14.56
CA GLN L 131 -37.06 -31.77 -13.40
C GLN L 131 -36.08 -30.62 -13.21
N ALA L 132 -34.80 -30.87 -13.46
CA ALA L 132 -33.79 -29.85 -13.33
C ALA L 132 -34.15 -28.66 -14.23
N ALA L 133 -34.50 -28.95 -15.47
CA ALA L 133 -34.86 -27.92 -16.44
C ALA L 133 -36.15 -27.20 -16.08
N LYS L 134 -37.19 -27.98 -15.80
CA LYS L 134 -38.49 -27.42 -15.47
C LYS L 134 -38.46 -26.64 -14.17
N ASN L 135 -37.36 -26.75 -13.43
CA ASN L 135 -37.26 -26.05 -12.16
C ASN L 135 -36.19 -24.98 -12.07
N VAL L 136 -35.69 -24.54 -13.22
CA VAL L 136 -34.70 -23.48 -13.22
C VAL L 136 -35.45 -22.24 -12.75
N GLU L 137 -34.86 -21.50 -11.81
CA GLU L 137 -35.48 -20.28 -11.29
C GLU L 137 -35.09 -19.12 -12.19
N GLY L 138 -36.06 -18.57 -12.90
CA GLY L 138 -35.79 -17.46 -13.82
C GLY L 138 -35.35 -18.01 -15.17
N VAL L 139 -34.19 -17.60 -15.68
CA VAL L 139 -33.72 -18.13 -16.96
C VAL L 139 -32.45 -18.95 -16.76
N GLY L 140 -32.19 -19.87 -17.69
CA GLY L 140 -31.01 -20.70 -17.57
C GLY L 140 -31.08 -21.97 -18.39
N TRP L 141 -30.34 -22.98 -17.95
CA TRP L 141 -30.26 -24.26 -18.65
C TRP L 141 -30.15 -25.42 -17.69
N ALA L 142 -30.33 -26.61 -18.25
CA ALA L 142 -30.13 -27.85 -17.53
C ALA L 142 -29.03 -28.43 -18.42
N ILE L 143 -27.93 -28.87 -17.83
CA ILE L 143 -26.85 -29.42 -18.64
C ILE L 143 -26.34 -30.75 -18.09
N LEU L 144 -25.85 -31.59 -19.00
CA LEU L 144 -25.27 -32.88 -18.65
C LEU L 144 -23.77 -32.71 -18.91
N VAL L 145 -22.96 -32.95 -17.89
CA VAL L 145 -21.51 -32.80 -18.05
C VAL L 145 -20.76 -34.04 -17.57
N TYR L 146 -19.52 -34.16 -18.05
CA TYR L 146 -18.65 -35.23 -17.60
C TYR L 146 -17.79 -34.49 -16.57
N GLU L 147 -17.82 -34.96 -15.33
CA GLU L 147 -17.05 -34.37 -14.25
C GLU L 147 -15.72 -35.13 -14.21
N PRO L 148 -14.64 -34.50 -14.72
CA PRO L 148 -13.27 -35.05 -14.79
C PRO L 148 -12.53 -35.39 -13.50
N LEU L 149 -12.88 -34.78 -12.38
CA LEU L 149 -12.16 -35.07 -11.14
C LEU L 149 -12.43 -36.49 -10.65
N GLU L 150 -13.71 -36.86 -10.51
CA GLU L 150 -14.04 -38.22 -10.07
C GLU L 150 -14.64 -39.03 -11.21
N GLU L 151 -14.51 -38.49 -12.41
CA GLU L 151 -14.95 -39.14 -13.63
C GLU L 151 -16.36 -39.70 -13.64
N GLN L 152 -17.35 -38.82 -13.56
CA GLN L 152 -18.73 -39.25 -13.58
C GLN L 152 -19.60 -38.24 -14.31
N LEU L 153 -20.85 -38.61 -14.55
CA LEU L 153 -21.81 -37.75 -15.22
C LEU L 153 -22.66 -37.09 -14.16
N LEU L 154 -22.91 -35.80 -14.32
CA LEU L 154 -23.75 -35.05 -13.39
C LEU L 154 -24.68 -34.13 -14.18
N ILE L 155 -25.85 -33.89 -13.62
CA ILE L 155 -26.80 -32.97 -14.23
C ILE L 155 -26.72 -31.75 -13.32
N LEU L 156 -26.64 -30.58 -13.93
CA LEU L 156 -26.55 -29.33 -13.20
C LEU L 156 -27.57 -28.36 -13.76
N GLN L 157 -27.93 -27.40 -12.91
CA GLN L 157 -28.82 -26.31 -13.30
C GLN L 157 -27.90 -25.12 -13.49
N ILE L 158 -28.14 -24.35 -14.55
CA ILE L 158 -27.35 -23.15 -14.81
C ILE L 158 -28.34 -21.97 -14.85
N GLU L 159 -28.04 -20.89 -14.13
CA GLU L 159 -28.92 -19.73 -14.17
C GLU L 159 -28.26 -18.72 -15.09
N LYS L 160 -29.05 -18.02 -15.90
CA LYS L 160 -28.51 -17.13 -16.90
C LYS L 160 -27.67 -18.08 -17.77
N HIS L 161 -26.45 -17.70 -18.16
CA HIS L 161 -25.64 -18.62 -18.96
C HIS L 161 -24.37 -19.02 -18.22
N ASN L 162 -24.08 -18.28 -17.15
CA ASN L 162 -22.85 -18.45 -16.44
C ASN L 162 -22.87 -18.77 -14.96
N LEU L 163 -24.04 -19.11 -14.43
CA LEU L 163 -24.13 -19.42 -13.01
C LEU L 163 -24.30 -20.90 -12.74
N MSE L 164 -23.32 -21.45 -12.02
CA MSE L 164 -23.25 -22.84 -11.56
C MSE L 164 -22.59 -23.92 -12.44
O MSE L 164 -22.86 -25.10 -12.27
CB MSE L 164 -24.62 -23.31 -11.10
CG MSE L 164 -25.15 -22.43 -9.99
SE MSE L 164 -26.76 -23.07 -9.17
CE MSE L 164 -28.04 -22.58 -10.55
N HIS L 165 -21.72 -23.51 -13.35
CA HIS L 165 -21.00 -24.47 -14.17
C HIS L 165 -19.94 -25.10 -13.25
N ALA L 166 -19.43 -26.27 -13.62
CA ALA L 166 -18.38 -26.89 -12.82
C ALA L 166 -17.06 -26.65 -13.55
N ALA L 167 -16.11 -26.02 -12.87
CA ALA L 167 -14.82 -25.72 -13.48
C ALA L 167 -14.23 -26.97 -14.15
N ASP L 168 -13.69 -26.80 -15.35
CA ASP L 168 -13.07 -27.89 -16.12
C ASP L 168 -14.03 -28.94 -16.72
N ALA L 169 -15.23 -29.06 -16.16
CA ALA L 169 -16.20 -30.05 -16.66
C ALA L 169 -16.56 -29.85 -18.12
N GLN L 170 -16.96 -30.94 -18.79
CA GLN L 170 -17.31 -30.86 -20.20
C GLN L 170 -18.79 -31.08 -20.39
N VAL L 171 -19.43 -30.14 -21.10
CA VAL L 171 -20.87 -30.21 -21.36
C VAL L 171 -21.14 -31.16 -22.51
N LEU L 172 -21.99 -32.15 -22.25
CA LEU L 172 -22.33 -33.16 -23.25
C LEU L 172 -23.70 -32.90 -23.88
N LEU L 173 -24.63 -32.43 -23.05
CA LEU L 173 -25.98 -32.13 -23.51
C LEU L 173 -26.47 -30.90 -22.76
N ALA L 174 -27.11 -29.98 -23.48
CA ALA L 174 -27.62 -28.72 -22.90
C ALA L 174 -29.03 -28.41 -23.35
N LEU L 175 -29.87 -28.01 -22.40
CA LEU L 175 -31.25 -27.64 -22.70
C LEU L 175 -31.46 -26.21 -22.22
N ASP L 176 -31.71 -25.33 -23.17
CA ASP L 176 -31.93 -23.91 -22.93
C ASP L 176 -33.38 -23.66 -22.52
N VAL L 177 -33.60 -23.19 -21.30
CA VAL L 177 -34.95 -22.87 -20.87
C VAL L 177 -35.13 -21.37 -20.60
N TRP L 178 -34.39 -20.55 -21.36
CA TRP L 178 -34.58 -19.12 -21.27
C TRP L 178 -35.93 -19.03 -21.98
N GLU L 179 -36.77 -18.05 -21.63
CA GLU L 179 -38.07 -17.97 -22.28
C GLU L 179 -38.04 -17.75 -23.80
N HIS L 180 -37.00 -17.10 -24.31
CA HIS L 180 -36.93 -16.89 -25.75
C HIS L 180 -36.65 -18.21 -26.48
N ALA L 181 -36.42 -19.29 -25.74
CA ALA L 181 -36.18 -20.59 -26.37
C ALA L 181 -37.51 -21.33 -26.59
N TYR L 182 -38.61 -20.82 -26.04
CA TYR L 182 -39.90 -21.52 -26.16
C TYR L 182 -41.19 -20.71 -26.07
N TYR L 183 -41.13 -19.51 -25.50
CA TYR L 183 -42.35 -18.74 -25.30
C TYR L 183 -43.32 -18.55 -26.47
N LEU L 184 -42.82 -18.15 -27.63
CA LEU L 184 -43.70 -17.93 -28.77
C LEU L 184 -44.54 -19.16 -29.10
N GLN L 185 -43.99 -20.35 -28.88
CA GLN L 185 -44.70 -21.58 -29.19
C GLN L 185 -45.44 -22.16 -28.00
N TYR L 186 -44.72 -22.38 -26.89
CA TYR L 186 -45.31 -22.98 -25.71
C TYR L 186 -45.81 -22.00 -24.65
N LYS L 187 -45.63 -20.71 -24.89
CA LYS L 187 -46.04 -19.69 -23.95
C LYS L 187 -45.43 -20.02 -22.59
N ASN L 188 -46.23 -19.88 -21.53
CA ASN L 188 -45.76 -20.15 -20.16
C ASN L 188 -45.51 -21.62 -19.88
N ASP L 189 -45.95 -22.50 -20.78
CA ASP L 189 -45.77 -23.92 -20.54
C ASP L 189 -44.42 -24.50 -20.91
N ARG L 190 -43.42 -24.14 -20.11
CA ARG L 190 -42.05 -24.61 -20.28
C ARG L 190 -42.02 -26.14 -20.12
N GLY L 191 -42.90 -26.66 -19.28
CA GLY L 191 -42.98 -28.09 -19.06
C GLY L 191 -43.15 -28.91 -20.33
N SER L 192 -44.07 -28.50 -21.20
CA SER L 192 -44.32 -29.20 -22.46
C SER L 192 -43.18 -29.01 -23.43
N TYR L 193 -42.56 -27.83 -23.39
CA TYR L 193 -41.41 -27.56 -24.24
C TYR L 193 -40.33 -28.57 -23.91
N VAL L 194 -39.92 -28.63 -22.65
CA VAL L 194 -38.89 -29.56 -22.21
C VAL L 194 -39.24 -30.98 -22.67
N ASP L 195 -40.50 -31.37 -22.47
CA ASP L 195 -40.98 -32.70 -22.85
C ASP L 195 -40.83 -32.99 -24.33
N ASN L 196 -41.22 -32.04 -25.17
CA ASN L 196 -41.10 -32.27 -26.61
C ASN L 196 -39.65 -32.25 -27.09
N TRP L 197 -38.83 -31.45 -26.42
CA TRP L 197 -37.42 -31.31 -26.75
C TRP L 197 -36.72 -32.66 -26.90
N TRP L 198 -37.09 -33.62 -26.07
CA TRP L 198 -36.49 -34.94 -26.16
C TRP L 198 -36.58 -35.51 -27.57
N ASN L 199 -37.69 -35.20 -28.23
CA ASN L 199 -37.95 -35.68 -29.58
C ASN L 199 -36.95 -35.23 -30.65
N VAL L 200 -36.05 -34.33 -30.26
CA VAL L 200 -35.05 -33.83 -31.20
C VAL L 200 -33.62 -33.94 -30.67
N VAL L 201 -33.46 -34.57 -29.51
CA VAL L 201 -32.12 -34.75 -28.92
C VAL L 201 -31.24 -35.58 -29.86
N ASN L 202 -30.13 -35.00 -30.29
CA ASN L 202 -29.21 -35.69 -31.17
C ASN L 202 -28.18 -36.46 -30.31
N TRP L 203 -28.55 -37.68 -29.91
CA TRP L 203 -27.67 -38.51 -29.10
C TRP L 203 -26.38 -38.88 -29.81
N ASP L 204 -26.36 -38.72 -31.13
CA ASP L 204 -25.15 -39.00 -31.90
C ASP L 204 -24.10 -38.00 -31.39
N ASP L 205 -24.52 -36.73 -31.29
CA ASP L 205 -23.65 -35.66 -30.84
C ASP L 205 -23.22 -35.86 -29.38
N VAL L 206 -24.18 -36.17 -28.52
CA VAL L 206 -23.89 -36.37 -27.10
C VAL L 206 -22.86 -37.48 -26.93
N GLU L 207 -23.09 -38.56 -27.66
CA GLU L 207 -22.20 -39.72 -27.65
C GLU L 207 -20.78 -39.29 -27.99
N ARG L 208 -20.68 -38.46 -29.03
CA ARG L 208 -19.38 -37.97 -29.48
C ARG L 208 -18.71 -37.11 -28.41
N ARG L 209 -19.48 -36.23 -27.78
CA ARG L 209 -18.92 -35.37 -26.76
C ARG L 209 -18.46 -36.18 -25.54
N LEU L 210 -19.26 -37.15 -25.13
CA LEU L 210 -18.88 -37.99 -24.00
C LEU L 210 -17.58 -38.75 -24.30
N GLN L 211 -17.43 -39.16 -25.56
CA GLN L 211 -16.24 -39.90 -25.96
C GLN L 211 -14.99 -39.08 -25.74
N LYS L 212 -15.03 -37.81 -26.16
CA LYS L 212 -13.89 -36.93 -25.98
C LYS L 212 -13.58 -36.79 -24.48
N ALA L 213 -14.59 -36.48 -23.69
CA ALA L 213 -14.41 -36.30 -22.25
C ALA L 213 -13.75 -37.52 -21.62
N LEU L 214 -14.22 -38.72 -22.01
CA LEU L 214 -13.65 -39.96 -21.50
C LEU L 214 -12.18 -40.07 -21.90
N ASN L 215 -11.84 -39.58 -23.10
CA ASN L 215 -10.45 -39.60 -23.56
C ASN L 215 -9.64 -38.54 -22.80
N GLY L 216 -10.33 -37.78 -21.97
CA GLY L 216 -9.67 -36.72 -21.22
C GLY L 216 -9.51 -35.53 -22.15
N GLN L 217 -10.36 -35.49 -23.18
CA GLN L 217 -10.31 -34.40 -24.16
C GLN L 217 -11.43 -33.39 -23.93
N ILE L 218 -11.27 -32.21 -24.52
CA ILE L 218 -12.27 -31.15 -24.44
C ILE L 218 -13.41 -31.58 -25.40
N ALA L 219 -14.65 -31.50 -24.93
CA ALA L 219 -15.81 -31.92 -25.72
C ALA L 219 -16.32 -30.91 -26.76
N LEU L 220 -15.41 -30.38 -27.58
CA LEU L 220 -15.72 -29.44 -28.63
C LEU L 220 -15.02 -29.88 -29.93
N LYS L 221 -15.25 -29.16 -31.04
CA LYS L 221 -14.63 -29.49 -32.32
C LYS L 221 -14.62 -30.97 -32.59
N LEU L 222 -15.81 -31.57 -32.59
CA LEU L 222 -16.03 -33.01 -32.86
C LEU L 222 -17.21 -33.50 -32.00
N SER M 12 28.55 50.73 8.41
CA SER M 12 28.79 50.25 9.80
C SER M 12 28.97 48.73 9.80
N VAL M 13 28.53 48.09 8.73
CA VAL M 13 28.63 46.64 8.60
C VAL M 13 29.33 46.23 7.31
N THR M 14 30.46 45.56 7.43
CA THR M 14 31.20 45.11 6.27
C THR M 14 31.55 43.63 6.35
N THR M 15 31.83 43.04 5.20
CA THR M 15 32.23 41.63 5.11
C THR M 15 33.22 41.48 3.96
N LYS M 16 34.41 40.96 4.26
CA LYS M 16 35.42 40.75 3.22
C LYS M 16 34.89 39.72 2.21
N ARG M 17 35.03 40.02 0.92
CA ARG M 17 34.57 39.10 -0.11
C ARG M 17 35.71 38.27 -0.63
N TYR M 18 35.39 37.10 -1.19
CA TYR M 18 36.40 36.20 -1.73
C TYR M 18 36.49 36.26 -3.25
N THR M 19 37.65 35.90 -3.77
CA THR M 19 37.90 35.91 -5.21
C THR M 19 38.68 34.67 -5.64
N LEU M 20 38.47 34.25 -6.88
CA LEU M 20 39.17 33.08 -7.42
C LEU M 20 40.65 33.40 -7.64
N PRO M 21 41.55 32.68 -6.97
CA PRO M 21 42.98 32.93 -7.14
C PRO M 21 43.52 32.34 -8.45
N PRO M 22 44.59 32.93 -8.99
CA PRO M 22 45.18 32.43 -10.24
C PRO M 22 45.94 31.13 -10.00
N LEU M 23 46.07 30.29 -11.03
CA LEU M 23 46.83 29.05 -10.91
C LEU M 23 48.31 29.40 -11.05
N PRO M 24 49.20 28.68 -10.35
CA PRO M 24 50.64 28.96 -10.44
C PRO M 24 51.27 28.40 -11.72
N TYR M 25 50.45 27.84 -12.59
CA TYR M 25 50.93 27.22 -13.82
C TYR M 25 49.82 27.11 -14.87
N ALA M 26 50.20 26.68 -16.07
CA ALA M 26 49.25 26.52 -17.17
C ALA M 26 48.30 25.34 -16.87
N TYR M 27 47.13 25.32 -17.50
CA TYR M 27 46.18 24.25 -17.27
C TYR M 27 46.64 22.86 -17.72
N ASN M 28 47.61 22.81 -18.63
CA ASN M 28 48.11 21.53 -19.14
C ASN M 28 49.42 21.14 -18.47
N ALA M 29 49.90 21.97 -17.56
CA ALA M 29 51.17 21.75 -16.89
C ALA M 29 51.32 20.49 -16.03
N LEU M 30 50.22 19.85 -15.67
CA LEU M 30 50.30 18.65 -14.84
C LEU M 30 50.11 17.33 -15.59
N GLU M 31 49.94 17.42 -16.91
CA GLU M 31 49.78 16.22 -17.71
C GLU M 31 51.07 15.40 -17.55
N PRO M 32 50.97 14.08 -17.73
CA PRO M 32 49.78 13.29 -18.08
C PRO M 32 48.95 12.85 -16.87
N TYR M 33 49.39 13.24 -15.67
CA TYR M 33 48.73 12.84 -14.42
C TYR M 33 47.35 13.45 -14.24
N ILE M 34 47.23 14.75 -14.49
CA ILE M 34 45.95 15.41 -14.41
C ILE M 34 45.82 16.21 -15.69
N SER M 35 44.78 15.91 -16.48
CA SER M 35 44.56 16.56 -17.76
C SER M 35 44.19 18.05 -17.69
N ALA M 36 44.44 18.76 -18.79
CA ALA M 36 44.11 20.17 -18.88
C ALA M 36 42.61 20.33 -18.81
N GLU M 37 41.90 19.37 -19.40
CA GLU M 37 40.44 19.35 -19.40
C GLU M 37 39.92 19.49 -17.97
N ILE M 38 40.39 18.61 -17.08
CA ILE M 38 39.95 18.64 -15.69
C ILE M 38 40.43 19.88 -14.93
N MSE M 39 41.71 20.22 -15.07
CA MSE M 39 42.26 21.38 -14.37
C MSE M 39 41.44 22.63 -14.67
O MSE M 39 41.10 23.37 -13.75
CB MSE M 39 43.71 21.62 -14.79
CG MSE M 39 44.68 20.52 -14.37
SE MSE M 39 44.83 20.32 -12.42
CE MSE M 39 45.47 22.11 -12.00
N GLN M 40 41.11 22.84 -15.93
CA GLN M 40 40.33 24.01 -16.34
C GLN M 40 38.94 24.06 -15.69
N LEU M 41 38.17 22.98 -15.84
CA LEU M 41 36.83 22.92 -15.26
C LEU M 41 36.88 23.02 -13.74
N HIS M 42 37.85 22.33 -13.15
CA HIS M 42 38.05 22.32 -11.72
C HIS M 42 38.28 23.74 -11.18
N HIS M 43 39.11 24.51 -11.87
CA HIS M 43 39.42 25.88 -11.49
C HIS M 43 38.32 26.87 -11.92
N GLN M 44 38.10 26.95 -13.23
CA GLN M 44 37.12 27.86 -13.82
C GLN M 44 35.70 27.75 -13.30
N LYS M 45 35.16 26.53 -13.31
CA LYS M 45 33.79 26.29 -12.89
C LYS M 45 33.61 25.92 -11.42
N HIS M 46 34.17 24.78 -11.02
CA HIS M 46 34.01 24.30 -9.65
C HIS M 46 34.54 25.27 -8.59
N HIS M 47 35.85 25.51 -8.58
CA HIS M 47 36.41 26.41 -7.59
C HIS M 47 35.70 27.77 -7.64
N GLN M 48 35.51 28.31 -8.84
CA GLN M 48 34.83 29.59 -8.97
C GLN M 48 33.49 29.56 -8.24
N GLY M 49 32.77 28.45 -8.42
CA GLY M 49 31.48 28.29 -7.79
C GLY M 49 31.53 28.41 -6.28
N TYR M 50 32.61 27.95 -5.66
CA TYR M 50 32.75 28.04 -4.21
C TYR M 50 33.02 29.48 -3.81
N VAL M 51 33.83 30.18 -4.58
CA VAL M 51 34.07 31.59 -4.26
C VAL M 51 32.72 32.31 -4.36
N ASN M 52 31.97 32.03 -5.42
CA ASN M 52 30.66 32.66 -5.62
C ASN M 52 29.67 32.34 -4.50
N GLY M 53 29.65 31.08 -4.09
CA GLY M 53 28.76 30.66 -3.03
C GLY M 53 29.11 31.23 -1.68
N ALA M 54 30.40 31.29 -1.37
CA ALA M 54 30.87 31.85 -0.10
C ALA M 54 30.40 33.32 -0.04
N ASN M 55 30.57 34.03 -1.16
CA ASN M 55 30.16 35.43 -1.20
C ASN M 55 28.65 35.60 -1.10
N ALA M 56 27.88 34.70 -1.73
CA ALA M 56 26.42 34.76 -1.66
C ALA M 56 25.97 34.65 -0.21
N ALA M 57 26.65 33.81 0.56
CA ALA M 57 26.34 33.63 1.97
C ALA M 57 26.66 34.92 2.73
N LEU M 58 27.81 35.53 2.43
CA LEU M 58 28.23 36.78 3.07
C LEU M 58 27.20 37.88 2.86
N GLU M 59 26.64 37.97 1.66
CA GLU M 59 25.63 38.99 1.37
C GLU M 59 24.42 38.81 2.26
N LYS M 60 23.90 37.57 2.34
CA LYS M 60 22.74 37.29 3.18
C LYS M 60 23.05 37.69 4.63
N LEU M 61 24.26 37.40 5.08
CA LEU M 61 24.68 37.75 6.43
C LEU M 61 24.79 39.26 6.56
N GLU M 62 25.27 39.91 5.50
CA GLU M 62 25.43 41.36 5.52
C GLU M 62 24.07 42.06 5.61
N LYS M 63 23.12 41.64 4.79
CA LYS M 63 21.78 42.24 4.83
C LYS M 63 21.24 42.12 6.25
N PHE M 64 21.22 40.89 6.76
CA PHE M 64 20.74 40.63 8.11
C PHE M 64 21.39 41.54 9.15
N ARG M 65 22.72 41.61 9.15
CA ARG M 65 23.45 42.43 10.09
C ARG M 65 23.11 43.93 9.93
N LYS M 66 22.75 44.33 8.72
CA LYS M 66 22.38 45.72 8.44
C LYS M 66 20.87 45.91 8.65
N GLY M 67 20.23 44.86 9.16
CA GLY M 67 18.80 44.91 9.42
C GLY M 67 17.96 45.12 8.18
N GLU M 68 18.52 44.87 7.01
CA GLU M 68 17.79 45.04 5.76
C GLU M 68 17.01 43.78 5.40
N ALA M 69 17.34 42.67 6.06
CA ALA M 69 16.66 41.40 5.76
C ALA M 69 16.69 40.39 6.90
N GLN M 70 15.72 39.47 6.85
CA GLN M 70 15.63 38.40 7.83
C GLN M 70 16.63 37.32 7.37
N ILE M 71 16.82 36.27 8.17
CA ILE M 71 17.78 35.23 7.79
C ILE M 71 17.60 33.91 8.52
N ASP M 72 17.78 32.82 7.78
CA ASP M 72 17.69 31.46 8.33
C ASP M 72 19.15 31.17 8.67
N ILE M 73 19.53 31.43 9.92
CA ILE M 73 20.90 31.29 10.38
C ILE M 73 21.52 29.91 10.15
N ARG M 74 20.80 28.84 10.46
CA ARG M 74 21.35 27.49 10.26
C ARG M 74 21.69 27.24 8.79
N ALA M 75 20.77 27.57 7.90
CA ALA M 75 20.99 27.36 6.48
C ALA M 75 22.17 28.16 5.94
N VAL M 76 22.17 29.45 6.24
CA VAL M 76 23.22 30.37 5.78
C VAL M 76 24.62 29.94 6.19
N LEU M 77 24.80 29.59 7.47
CA LEU M 77 26.10 29.16 7.95
C LEU M 77 26.49 27.79 7.40
N ARG M 78 25.49 26.95 7.12
CA ARG M 78 25.76 25.63 6.52
C ARG M 78 26.38 25.84 5.13
N ASP M 79 25.84 26.81 4.41
CA ASP M 79 26.30 27.14 3.07
C ASP M 79 27.67 27.81 3.10
N LEU M 80 27.81 28.76 4.01
CA LEU M 80 29.07 29.49 4.15
C LEU M 80 30.21 28.52 4.42
N SER M 81 30.00 27.64 5.39
CA SER M 81 31.00 26.65 5.77
C SER M 81 31.44 25.77 4.60
N PHE M 82 30.48 25.34 3.79
CA PHE M 82 30.75 24.50 2.63
C PHE M 82 31.62 25.21 1.57
N HIS M 83 31.11 26.32 1.04
CA HIS M 83 31.83 27.06 0.00
C HIS M 83 33.16 27.63 0.47
N LEU M 84 33.15 28.20 1.68
CA LEU M 84 34.37 28.79 2.23
C LEU M 84 35.45 27.71 2.28
N ASN M 85 35.10 26.52 2.76
CA ASN M 85 36.07 25.44 2.82
C ASN M 85 36.40 24.96 1.41
N GLY M 86 35.44 25.06 0.50
CA GLY M 86 35.71 24.65 -0.87
C GLY M 86 36.73 25.60 -1.49
N HIS M 87 36.65 26.86 -1.07
CA HIS M 87 37.54 27.89 -1.57
C HIS M 87 38.93 27.76 -0.94
N ILE M 88 38.96 27.62 0.38
CA ILE M 88 40.21 27.48 1.13
C ILE M 88 41.01 26.24 0.68
N LEU M 89 40.37 25.07 0.69
CA LEU M 89 41.10 23.87 0.31
C LEU M 89 41.64 23.97 -1.11
N HIS M 90 40.83 24.46 -2.05
CA HIS M 90 41.30 24.60 -3.42
C HIS M 90 42.47 25.58 -3.50
N SER M 91 42.33 26.72 -2.83
CA SER M 91 43.38 27.75 -2.80
C SER M 91 44.70 27.19 -2.26
N ILE M 92 44.64 26.08 -1.56
CA ILE M 92 45.85 25.45 -1.03
C ILE M 92 46.24 24.32 -2.00
N PHE M 93 45.24 23.60 -2.47
CA PHE M 93 45.42 22.49 -3.39
C PHE M 93 46.23 22.87 -4.63
N TRP M 94 45.95 24.04 -5.21
CA TRP M 94 46.67 24.46 -6.42
C TRP M 94 48.18 24.58 -6.20
N PRO M 95 48.60 25.41 -5.22
CA PRO M 95 50.04 25.54 -4.99
C PRO M 95 50.67 24.30 -4.35
N ASN M 96 49.85 23.31 -4.01
CA ASN M 96 50.32 22.07 -3.42
C ASN M 96 50.91 21.17 -4.51
N MSE M 97 50.64 21.53 -5.76
CA MSE M 97 51.14 20.76 -6.89
C MSE M 97 52.07 21.60 -7.75
O MSE M 97 52.17 22.83 -7.56
CB MSE M 97 49.96 20.27 -7.73
CG MSE M 97 48.96 19.42 -6.95
SE MSE M 97 47.54 18.62 -8.01
CE MSE M 97 46.50 20.21 -8.43
N ALA M 98 52.76 20.95 -8.68
CA ALA M 98 53.69 21.62 -9.59
C ALA M 98 54.02 20.68 -10.74
N PRO M 99 54.35 21.24 -11.91
CA PRO M 99 54.69 20.46 -13.10
C PRO M 99 55.78 19.44 -12.77
N PRO M 100 55.68 18.22 -13.31
CA PRO M 100 56.71 17.22 -13.01
C PRO M 100 58.11 17.84 -13.14
N GLY M 101 58.91 17.68 -12.08
CA GLY M 101 60.24 18.26 -12.02
C GLY M 101 60.24 18.93 -10.66
N LYS M 102 59.61 20.10 -10.57
CA LYS M 102 59.51 20.79 -9.29
C LYS M 102 58.57 19.92 -8.44
N GLY M 103 57.56 19.37 -9.10
CA GLY M 103 56.61 18.51 -8.43
C GLY M 103 57.03 17.04 -8.53
N GLY M 104 56.66 16.28 -7.51
CA GLY M 104 56.99 14.87 -7.49
C GLY M 104 58.17 14.57 -6.57
N GLY M 105 58.57 13.30 -6.56
CA GLY M 105 59.70 12.89 -5.74
C GLY M 105 59.38 12.77 -4.27
N LYS M 106 60.33 12.26 -3.50
CA LYS M 106 60.16 12.10 -2.06
C LYS M 106 60.44 13.45 -1.43
N PRO M 107 59.83 13.73 -0.26
CA PRO M 107 60.04 15.00 0.44
C PRO M 107 61.42 15.11 1.11
N GLY M 108 61.95 16.32 1.15
CA GLY M 108 63.24 16.55 1.78
C GLY M 108 62.99 17.46 2.97
N GLY M 109 64.03 18.16 3.42
CA GLY M 109 63.90 19.09 4.52
C GLY M 109 63.09 18.65 5.73
N LYS M 110 62.48 19.63 6.41
CA LYS M 110 61.69 19.36 7.60
C LYS M 110 60.47 18.47 7.38
N ILE M 111 59.75 18.72 6.30
CA ILE M 111 58.56 17.93 6.02
C ILE M 111 58.94 16.45 6.00
N ALA M 112 60.10 16.14 5.43
CA ALA M 112 60.55 14.76 5.38
C ALA M 112 60.90 14.30 6.78
N ASP M 113 61.54 15.18 7.56
CA ASP M 113 61.93 14.84 8.93
C ASP M 113 60.72 14.46 9.78
N LEU M 114 59.74 15.36 9.87
CA LEU M 114 58.56 15.05 10.67
C LEU M 114 57.78 13.86 10.11
N ILE M 115 57.72 13.70 8.79
CA ILE M 115 57.01 12.54 8.29
C ILE M 115 57.69 11.30 8.90
N ASN M 116 59.02 11.28 8.83
CA ASN M 116 59.78 10.17 9.39
C ASN M 116 59.46 9.91 10.86
N LYS M 117 59.30 10.99 11.62
CA LYS M 117 59.03 10.87 13.05
C LYS M 117 57.69 10.26 13.43
N PHE M 118 56.62 10.81 12.86
CA PHE M 118 55.26 10.38 13.16
C PHE M 118 54.74 9.16 12.39
N PHE M 119 55.29 8.89 11.22
CA PHE M 119 54.86 7.77 10.39
C PHE M 119 55.95 6.71 10.23
N GLY M 120 57.18 7.07 10.59
CA GLY M 120 58.29 6.14 10.52
C GLY M 120 59.05 6.15 9.21
N SER M 121 58.36 6.43 8.11
CA SER M 121 58.97 6.47 6.79
C SER M 121 58.03 7.12 5.79
N PHE M 122 58.56 7.50 4.64
CA PHE M 122 57.73 8.12 3.61
C PHE M 122 56.75 7.07 3.07
N GLU M 123 57.21 5.83 2.89
CA GLU M 123 56.35 4.75 2.39
C GLU M 123 55.09 4.56 3.24
N LYS M 124 55.24 4.55 4.56
CA LYS M 124 54.08 4.36 5.43
C LYS M 124 53.18 5.60 5.39
N PHE M 125 53.78 6.78 5.41
CA PHE M 125 53.00 8.01 5.32
C PHE M 125 52.16 7.95 4.03
N LYS M 126 52.80 7.54 2.94
CA LYS M 126 52.15 7.44 1.64
C LYS M 126 50.98 6.50 1.71
N GLU M 127 51.16 5.40 2.43
CA GLU M 127 50.11 4.40 2.59
C GLU M 127 48.90 4.97 3.32
N GLU M 128 49.15 5.61 4.47
CA GLU M 128 48.05 6.18 5.24
C GLU M 128 47.36 7.30 4.45
N PHE M 129 48.13 8.24 3.92
CA PHE M 129 47.51 9.34 3.16
C PHE M 129 46.73 8.77 1.97
N SER M 130 47.35 7.82 1.26
CA SER M 130 46.74 7.16 0.10
C SER M 130 45.43 6.50 0.48
N GLN M 131 45.48 5.64 1.49
CA GLN M 131 44.28 4.93 1.95
C GLN M 131 43.19 5.88 2.44
N ALA M 132 43.59 6.93 3.15
CA ALA M 132 42.63 7.92 3.63
C ALA M 132 41.86 8.49 2.43
N ALA M 133 42.58 8.94 1.40
CA ALA M 133 41.96 9.49 0.20
C ALA M 133 41.10 8.46 -0.54
N LYS M 134 41.66 7.29 -0.82
CA LYS M 134 40.91 6.25 -1.54
C LYS M 134 39.65 5.80 -0.79
N ASN M 135 39.68 5.89 0.53
CA ASN M 135 38.55 5.47 1.36
C ASN M 135 37.58 6.54 1.83
N VAL M 136 37.66 7.73 1.25
CA VAL M 136 36.70 8.77 1.61
C VAL M 136 35.39 8.22 1.03
N GLU M 137 34.33 8.29 1.81
CA GLU M 137 33.03 7.80 1.37
C GLU M 137 32.27 8.99 0.81
N GLY M 138 31.97 8.92 -0.49
CA GLY M 138 31.30 10.02 -1.17
C GLY M 138 32.40 10.89 -1.73
N VAL M 139 32.23 12.20 -1.64
CA VAL M 139 33.25 13.14 -2.13
C VAL M 139 33.88 13.79 -0.89
N GLY M 140 35.13 14.21 -1.02
CA GLY M 140 35.80 14.84 0.10
C GLY M 140 37.27 15.03 -0.18
N TRP M 141 38.08 15.05 0.88
CA TRP M 141 39.51 15.25 0.77
C TRP M 141 40.29 14.38 1.76
N ALA M 142 41.60 14.32 1.54
CA ALA M 142 42.51 13.65 2.47
C ALA M 142 43.41 14.86 2.74
N ILE M 143 43.77 15.10 3.99
CA ILE M 143 44.63 16.23 4.26
C ILE M 143 45.70 15.93 5.32
N LEU M 144 46.82 16.62 5.19
CA LEU M 144 47.90 16.49 6.15
C LEU M 144 47.86 17.84 6.86
N VAL M 145 47.65 17.81 8.17
CA VAL M 145 47.60 19.05 8.92
C VAL M 145 48.65 19.00 10.01
N TYR M 146 48.91 20.16 10.60
CA TYR M 146 49.82 20.22 11.73
C TYR M 146 48.86 20.59 12.85
N GLU M 147 48.73 19.69 13.82
CA GLU M 147 47.84 19.89 14.95
C GLU M 147 48.67 20.65 16.01
N PRO M 148 48.39 21.95 16.20
CA PRO M 148 49.09 22.82 17.15
C PRO M 148 49.04 22.49 18.63
N LEU M 149 47.88 22.06 19.12
CA LEU M 149 47.74 21.76 20.55
C LEU M 149 48.86 20.87 21.10
N GLU M 150 49.01 19.67 20.55
CA GLU M 150 50.06 18.78 21.03
C GLU M 150 51.18 18.67 20.02
N GLU M 151 51.12 19.55 19.02
CA GLU M 151 52.14 19.65 17.98
C GLU M 151 52.57 18.36 17.26
N GLN M 152 51.78 17.95 16.28
CA GLN M 152 52.11 16.76 15.50
C GLN M 152 51.40 16.73 14.16
N LEU M 153 51.96 15.97 13.25
CA LEU M 153 51.37 15.81 11.94
C LEU M 153 50.23 14.82 12.05
N LEU M 154 49.12 15.10 11.36
CA LEU M 154 47.97 14.23 11.36
C LEU M 154 47.34 14.23 10.00
N ILE M 155 46.81 13.08 9.60
CA ILE M 155 46.11 12.97 8.34
C ILE M 155 44.65 12.88 8.77
N LEU M 156 43.79 13.62 8.08
CA LEU M 156 42.38 13.61 8.40
C LEU M 156 41.57 13.43 7.12
N GLN M 157 40.45 12.72 7.25
CA GLN M 157 39.54 12.51 6.15
C GLN M 157 38.49 13.60 6.24
N ILE M 158 38.28 14.31 5.13
CA ILE M 158 37.27 15.37 5.06
C ILE M 158 36.19 14.92 4.07
N GLU M 159 34.92 15.04 4.45
CA GLU M 159 33.82 14.72 3.55
C GLU M 159 33.28 16.06 3.05
N LYS M 160 32.92 16.10 1.76
CA LYS M 160 32.50 17.35 1.10
C LYS M 160 33.73 18.25 1.29
N HIS M 161 33.56 19.47 1.80
CA HIS M 161 34.72 20.34 2.03
C HIS M 161 34.82 20.72 3.50
N ASN M 162 33.69 20.64 4.19
CA ASN M 162 33.58 21.11 5.56
C ASN M 162 33.30 20.12 6.67
N LEU M 163 33.43 18.83 6.40
CA LEU M 163 33.18 17.84 7.44
C LEU M 163 34.45 17.18 7.95
N MSE M 164 34.65 17.23 9.26
CA MSE M 164 35.77 16.63 9.98
C MSE M 164 37.11 17.37 10.12
O MSE M 164 38.07 16.82 10.68
CB MSE M 164 36.02 15.22 9.44
CG MSE M 164 34.79 14.34 9.57
SE MSE M 164 35.15 12.49 9.18
CE MSE M 164 35.03 12.58 7.24
N HIS M 165 37.18 18.61 9.65
CA HIS M 165 38.40 19.40 9.83
C HIS M 165 38.73 19.49 11.32
N ALA M 166 40.01 19.65 11.64
CA ALA M 166 40.40 19.79 13.06
C ALA M 166 40.47 21.28 13.40
N ALA M 167 39.71 21.71 14.41
CA ALA M 167 39.71 23.11 14.82
C ALA M 167 41.13 23.60 15.09
N ASP M 168 41.46 24.77 14.52
CA ASP M 168 42.78 25.42 14.66
C ASP M 168 43.93 24.81 13.88
N ALA M 169 43.81 23.55 13.46
CA ALA M 169 44.90 22.87 12.75
C ALA M 169 45.23 23.48 11.40
N GLN M 170 46.52 23.45 11.04
CA GLN M 170 46.99 24.01 9.77
C GLN M 170 47.20 22.98 8.69
N VAL M 171 46.51 23.16 7.58
CA VAL M 171 46.58 22.24 6.45
C VAL M 171 47.90 22.42 5.69
N LEU M 172 48.67 21.34 5.62
CA LEU M 172 49.96 21.36 4.95
C LEU M 172 49.89 20.75 3.54
N LEU M 173 49.08 19.71 3.39
CA LEU M 173 48.91 19.03 2.10
C LEU M 173 47.45 18.66 1.92
N ALA M 174 46.93 18.85 0.71
CA ALA M 174 45.52 18.54 0.45
C ALA M 174 45.36 17.77 -0.86
N LEU M 175 44.47 16.76 -0.86
CA LEU M 175 44.20 15.98 -2.07
C LEU M 175 42.69 15.86 -2.24
N ASP M 176 42.19 16.48 -3.30
CA ASP M 176 40.77 16.49 -3.65
C ASP M 176 40.33 15.19 -4.30
N VAL M 177 39.37 14.50 -3.68
CA VAL M 177 38.85 13.27 -4.25
C VAL M 177 37.37 13.37 -4.62
N TRP M 178 36.95 14.58 -5.02
CA TRP M 178 35.59 14.80 -5.52
C TRP M 178 35.71 14.23 -6.93
N GLU M 179 34.68 13.56 -7.42
CA GLU M 179 34.77 12.96 -8.75
C GLU M 179 35.15 13.94 -9.84
N HIS M 180 34.77 15.21 -9.69
CA HIS M 180 35.10 16.21 -10.72
C HIS M 180 36.60 16.53 -10.74
N ALA M 181 37.34 15.95 -9.80
CA ALA M 181 38.79 16.14 -9.72
C ALA M 181 39.53 15.12 -10.58
N TYR M 182 38.88 14.02 -10.95
CA TYR M 182 39.56 12.98 -11.72
C TYR M 182 38.74 12.15 -12.69
N TYR M 183 37.41 12.21 -12.57
CA TYR M 183 36.56 11.37 -13.41
C TYR M 183 36.71 11.47 -14.93
N LEU M 184 36.84 12.68 -15.46
CA LEU M 184 36.97 12.80 -16.92
C LEU M 184 38.20 12.07 -17.45
N GLN M 185 39.13 11.72 -16.57
CA GLN M 185 40.34 11.04 -17.00
C GLN M 185 40.47 9.63 -16.47
N TYR M 186 40.17 9.45 -15.19
CA TYR M 186 40.31 8.16 -14.53
C TYR M 186 39.01 7.42 -14.32
N LYS M 187 37.89 8.00 -14.71
CA LYS M 187 36.60 7.36 -14.51
C LYS M 187 36.43 7.03 -13.02
N ASN M 188 35.90 5.84 -12.74
CA ASN M 188 35.67 5.39 -11.36
C ASN M 188 36.94 5.04 -10.61
N ASP M 189 38.06 4.98 -11.31
CA ASP M 189 39.33 4.60 -10.67
C ASP M 189 40.03 5.71 -9.88
N ARG M 190 39.45 6.04 -8.73
CA ARG M 190 40.00 7.05 -7.85
C ARG M 190 41.39 6.59 -7.38
N GLY M 191 41.53 5.27 -7.20
CA GLY M 191 42.81 4.70 -6.78
C GLY M 191 44.00 5.07 -7.67
N SER M 192 43.85 4.91 -8.98
CA SER M 192 44.94 5.24 -9.90
C SER M 192 45.17 6.76 -9.89
N TYR M 193 44.11 7.55 -9.76
CA TYR M 193 44.24 9.01 -9.69
C TYR M 193 45.11 9.41 -8.49
N VAL M 194 44.80 8.85 -7.31
CA VAL M 194 45.58 9.17 -6.11
C VAL M 194 47.05 8.80 -6.31
N ASP M 195 47.29 7.57 -6.74
CA ASP M 195 48.66 7.12 -6.96
C ASP M 195 49.43 8.05 -7.90
N ASN M 196 48.80 8.45 -9.00
CA ASN M 196 49.47 9.30 -9.98
C ASN M 196 49.66 10.74 -9.53
N TRP M 197 48.86 11.16 -8.55
CA TRP M 197 48.92 12.52 -8.04
C TRP M 197 50.24 12.81 -7.31
N TRP M 198 50.87 11.78 -6.75
CA TRP M 198 52.11 11.98 -6.03
C TRP M 198 53.21 12.52 -6.94
N ASN M 199 53.11 12.22 -8.23
CA ASN M 199 54.08 12.69 -9.23
C ASN M 199 54.08 14.21 -9.41
N VAL M 200 53.24 14.92 -8.66
CA VAL M 200 53.17 16.38 -8.79
C VAL M 200 53.10 17.15 -7.48
N VAL M 201 53.20 16.46 -6.35
CA VAL M 201 53.16 17.16 -5.06
C VAL M 201 54.36 18.11 -5.01
N ASN M 202 54.07 19.38 -4.75
CA ASN M 202 55.08 20.44 -4.67
C ASN M 202 55.57 20.50 -3.23
N TRP M 203 56.51 19.63 -2.90
CA TRP M 203 57.05 19.56 -1.56
C TRP M 203 57.59 20.87 -1.00
N ASP M 204 58.03 21.77 -1.89
CA ASP M 204 58.54 23.05 -1.41
C ASP M 204 57.39 23.87 -0.82
N ASP M 205 56.22 23.79 -1.45
CA ASP M 205 55.04 24.48 -0.94
C ASP M 205 54.63 23.89 0.41
N VAL M 206 54.68 22.56 0.52
CA VAL M 206 54.32 21.90 1.76
C VAL M 206 55.31 22.25 2.86
N GLU M 207 56.58 22.41 2.51
CA GLU M 207 57.60 22.76 3.51
C GLU M 207 57.33 24.15 4.04
N ARG M 208 57.09 25.11 3.15
CA ARG M 208 56.81 26.48 3.56
C ARG M 208 55.61 26.58 4.51
N ARG M 209 54.68 25.62 4.41
CA ARG M 209 53.50 25.60 5.26
C ARG M 209 53.85 24.99 6.62
N LEU M 210 54.62 23.91 6.61
CA LEU M 210 55.01 23.26 7.85
C LEU M 210 55.84 24.23 8.68
N GLN M 211 56.71 24.98 8.02
CA GLN M 211 57.58 25.93 8.70
C GLN M 211 56.80 27.00 9.44
N LYS M 212 55.74 27.53 8.80
CA LYS M 212 54.92 28.54 9.45
C LYS M 212 54.22 27.88 10.63
N ALA M 213 53.65 26.70 10.36
CA ALA M 213 52.97 25.93 11.39
C ALA M 213 53.94 25.67 12.54
N LEU M 214 55.16 25.29 12.21
CA LEU M 214 56.18 25.01 13.23
C LEU M 214 56.49 26.22 14.10
N ASN M 215 56.34 27.40 13.53
CA ASN M 215 56.59 28.65 14.26
C ASN M 215 55.31 29.21 14.92
N GLY M 216 54.32 28.36 15.17
CA GLY M 216 53.08 28.79 15.79
C GLY M 216 52.26 29.74 14.94
N GLN M 217 52.39 29.61 13.62
CA GLN M 217 51.66 30.47 12.71
C GLN M 217 50.61 29.76 11.83
N ILE M 218 49.74 30.57 11.23
CA ILE M 218 48.72 30.10 10.31
C ILE M 218 49.43 29.85 8.98
N ALA M 219 49.26 28.65 8.42
CA ALA M 219 49.93 28.26 7.19
C ALA M 219 49.32 28.80 5.89
N LEU M 220 49.12 30.12 5.85
CA LEU M 220 48.59 30.80 4.68
C LEU M 220 49.52 31.98 4.38
N LYS M 221 49.21 32.75 3.34
CA LYS M 221 50.05 33.89 2.97
C LYS M 221 51.51 33.45 2.90
N LEU M 222 51.85 32.83 1.77
CA LEU M 222 53.19 32.34 1.51
C LEU M 222 53.52 31.19 2.46
N SER N 12 -5.75 24.23 -5.09
CA SER N 12 -5.33 23.06 -5.91
C SER N 12 -4.08 22.41 -5.32
N VAL N 13 -3.52 23.05 -4.29
CA VAL N 13 -2.31 22.55 -3.62
C VAL N 13 -2.61 22.21 -2.17
N THR N 14 -2.61 20.91 -1.87
CA THR N 14 -2.88 20.46 -0.51
C THR N 14 -1.62 19.92 0.17
N THR N 15 -1.55 20.12 1.49
CA THR N 15 -0.44 19.63 2.29
C THR N 15 -0.99 19.08 3.60
N LYS N 16 -0.69 17.82 3.90
CA LYS N 16 -1.16 17.20 5.14
C LYS N 16 -0.27 17.66 6.28
N ARG N 17 -0.86 17.88 7.45
CA ARG N 17 -0.09 18.32 8.61
C ARG N 17 0.03 17.20 9.64
N TYR N 18 0.99 17.34 10.54
CA TYR N 18 1.21 16.33 11.56
C TYR N 18 0.73 16.77 12.95
N THR N 19 0.51 15.80 13.82
CA THR N 19 0.06 16.08 15.17
C THR N 19 0.79 15.18 16.16
N LEU N 20 0.94 15.68 17.39
CA LEU N 20 1.60 14.93 18.46
C LEU N 20 0.66 13.82 18.91
N PRO N 21 1.13 12.57 18.91
CA PRO N 21 0.22 11.50 19.35
C PRO N 21 0.25 11.41 20.88
N PRO N 22 -0.88 11.08 21.51
CA PRO N 22 -0.87 10.97 22.97
C PRO N 22 -0.07 9.73 23.35
N LEU N 23 0.57 9.73 24.51
CA LEU N 23 1.32 8.56 24.96
C LEU N 23 0.37 7.38 25.23
N PRO N 24 0.88 6.14 25.13
CA PRO N 24 0.04 4.95 25.37
C PRO N 24 -0.14 4.67 26.88
N TYR N 25 0.60 5.41 27.71
CA TYR N 25 0.58 5.22 29.16
C TYR N 25 0.88 6.54 29.86
N ALA N 26 0.78 6.54 31.19
CA ALA N 26 1.05 7.73 31.99
C ALA N 26 2.53 8.06 31.94
N TYR N 27 2.88 9.31 32.21
CA TYR N 27 4.27 9.74 32.19
C TYR N 27 5.19 8.97 33.15
N ASN N 28 4.65 8.58 34.30
CA ASN N 28 5.46 7.86 35.28
C ASN N 28 5.28 6.36 35.18
N ALA N 29 4.79 5.88 34.04
CA ALA N 29 4.54 4.45 33.84
C ALA N 29 5.74 3.56 33.52
N LEU N 30 6.87 4.16 33.12
CA LEU N 30 8.06 3.38 32.78
C LEU N 30 9.15 3.42 33.85
N GLU N 31 8.80 3.91 35.04
CA GLU N 31 9.77 3.98 36.13
C GLU N 31 9.88 2.56 36.73
N PRO N 32 11.00 2.26 37.40
CA PRO N 32 12.15 3.13 37.64
C PRO N 32 13.15 3.16 36.46
N TYR N 33 12.69 2.75 35.29
CA TYR N 33 13.58 2.72 34.13
C TYR N 33 13.79 4.06 33.46
N ILE N 34 12.71 4.81 33.24
CA ILE N 34 12.79 6.14 32.64
C ILE N 34 11.86 7.05 33.46
N SER N 35 12.44 8.00 34.16
CA SER N 35 11.66 8.89 35.02
C SER N 35 10.52 9.66 34.34
N ALA N 36 9.50 9.98 35.13
CA ALA N 36 8.34 10.71 34.66
C ALA N 36 8.75 12.07 34.10
N GLU N 37 9.74 12.71 34.73
CA GLU N 37 10.21 14.00 34.24
C GLU N 37 10.74 13.88 32.81
N ILE N 38 11.53 12.86 32.54
CA ILE N 38 12.04 12.68 31.18
C ILE N 38 10.86 12.44 30.24
N MSE N 39 10.05 11.43 30.56
CA MSE N 39 8.89 11.10 29.72
C MSE N 39 8.07 12.33 29.37
O MSE N 39 7.68 12.51 28.22
CB MSE N 39 8.00 10.08 30.42
CG MSE N 39 8.62 8.69 30.58
SE MSE N 39 9.17 7.84 28.90
CE MSE N 39 7.47 7.91 27.94
N GLN N 40 7.81 13.17 30.36
CA GLN N 40 7.02 14.37 30.14
C GLN N 40 7.71 15.36 29.21
N LEU N 41 8.93 15.74 29.56
CA LEU N 41 9.70 16.68 28.74
C LEU N 41 9.93 16.17 27.31
N HIS N 42 10.26 14.89 27.21
CA HIS N 42 10.55 14.27 25.93
C HIS N 42 9.36 14.32 24.98
N HIS N 43 8.18 14.03 25.51
CA HIS N 43 6.94 14.02 24.74
C HIS N 43 6.40 15.42 24.50
N GLN N 44 6.15 16.14 25.60
CA GLN N 44 5.59 17.48 25.55
C GLN N 44 6.44 18.55 24.89
N LYS N 45 7.75 18.47 25.08
CA LYS N 45 8.63 19.47 24.51
C LYS N 45 9.34 19.03 23.24
N HIS N 46 10.18 18.02 23.37
CA HIS N 46 10.96 17.53 22.25
C HIS N 46 10.12 16.98 21.09
N HIS N 47 9.40 15.88 21.31
CA HIS N 47 8.58 15.35 20.21
C HIS N 47 7.67 16.45 19.64
N GLN N 48 7.03 17.23 20.51
CA GLN N 48 6.15 18.33 20.08
C GLN N 48 6.90 19.27 19.12
N GLY N 49 8.14 19.60 19.45
CA GLY N 49 8.92 20.48 18.60
C GLY N 49 9.12 19.91 17.21
N TYR N 50 9.31 18.59 17.12
CA TYR N 50 9.51 17.95 15.83
C TYR N 50 8.22 18.00 14.98
N VAL N 51 7.06 17.88 15.63
CA VAL N 51 5.82 17.96 14.87
C VAL N 51 5.71 19.43 14.42
N ASN N 52 6.06 20.35 15.31
CA ASN N 52 6.01 21.77 14.99
C ASN N 52 6.91 22.10 13.79
N GLY N 53 8.13 21.56 13.81
CA GLY N 53 9.08 21.83 12.74
C GLY N 53 8.73 21.20 11.40
N ALA N 54 8.12 20.02 11.43
CA ALA N 54 7.74 19.34 10.19
C ALA N 54 6.62 20.18 9.57
N ASN N 55 5.74 20.71 10.41
CA ASN N 55 4.63 21.55 9.94
C ASN N 55 5.13 22.89 9.39
N ALA N 56 6.14 23.46 10.04
CA ALA N 56 6.73 24.72 9.60
C ALA N 56 7.34 24.54 8.21
N ALA N 57 8.05 23.43 8.02
CA ALA N 57 8.66 23.16 6.71
C ALA N 57 7.58 22.96 5.65
N LEU N 58 6.55 22.20 6.01
CA LEU N 58 5.44 21.92 5.10
C LEU N 58 4.76 23.22 4.67
N GLU N 59 4.62 24.14 5.61
CA GLU N 59 4.01 25.44 5.30
C GLU N 59 4.80 26.12 4.18
N LYS N 60 6.12 26.23 4.38
CA LYS N 60 6.99 26.87 3.39
C LYS N 60 6.87 26.25 2.01
N LEU N 61 6.73 24.93 1.96
CA LEU N 61 6.58 24.23 0.69
C LEU N 61 5.23 24.53 0.04
N GLU N 62 4.21 24.72 0.88
CA GLU N 62 2.89 25.03 0.34
C GLU N 62 2.91 26.44 -0.24
N LYS N 63 3.52 27.38 0.48
CA LYS N 63 3.62 28.76 -0.01
C LYS N 63 4.41 28.81 -1.31
N PHE N 64 5.36 27.89 -1.48
CA PHE N 64 6.18 27.81 -2.68
C PHE N 64 5.36 27.20 -3.82
N ARG N 65 4.64 26.12 -3.52
CA ARG N 65 3.82 25.46 -4.52
C ARG N 65 2.65 26.37 -4.94
N LYS N 66 2.11 27.14 -4.01
CA LYS N 66 1.02 28.04 -4.34
C LYS N 66 1.54 29.29 -5.05
N GLY N 67 2.78 29.20 -5.56
CA GLY N 67 3.39 30.32 -6.26
C GLY N 67 3.43 31.60 -5.44
N GLU N 68 3.18 31.48 -4.13
CA GLU N 68 3.16 32.66 -3.26
C GLU N 68 4.47 33.01 -2.53
N ALA N 69 5.53 32.25 -2.76
CA ALA N 69 6.80 32.54 -2.10
C ALA N 69 7.92 31.68 -2.63
N GLN N 70 9.08 32.30 -2.86
CA GLN N 70 10.24 31.55 -3.34
C GLN N 70 10.67 30.65 -2.19
N ILE N 71 11.74 29.88 -2.36
CA ILE N 71 12.16 28.99 -1.28
C ILE N 71 13.62 28.54 -1.38
N ASP N 72 14.21 28.22 -0.23
CA ASP N 72 15.57 27.71 -0.14
C ASP N 72 15.28 26.22 -0.01
N ILE N 73 15.15 25.56 -1.14
CA ILE N 73 14.79 24.15 -1.16
C ILE N 73 15.69 23.24 -0.30
N ARG N 74 17.01 23.43 -0.38
CA ARG N 74 17.91 22.59 0.40
C ARG N 74 17.69 22.78 1.89
N ALA N 75 17.60 24.04 2.31
CA ALA N 75 17.39 24.37 3.72
C ALA N 75 16.08 23.78 4.23
N VAL N 76 15.01 23.90 3.45
CA VAL N 76 13.72 23.41 3.89
C VAL N 76 13.61 21.89 3.83
N LEU N 77 14.28 21.27 2.87
CA LEU N 77 14.19 19.82 2.78
C LEU N 77 15.09 19.21 3.85
N ARG N 78 16.13 19.92 4.24
CA ARG N 78 16.98 19.44 5.33
C ARG N 78 16.11 19.53 6.57
N ASP N 79 15.47 20.68 6.77
CA ASP N 79 14.59 20.87 7.92
C ASP N 79 13.49 19.79 7.93
N LEU N 80 12.75 19.69 6.83
CA LEU N 80 11.68 18.70 6.71
C LEU N 80 12.13 17.30 7.13
N SER N 81 13.25 16.87 6.55
CA SER N 81 13.82 15.56 6.84
C SER N 81 14.09 15.33 8.33
N PHE N 82 14.76 16.28 8.97
CA PHE N 82 15.07 16.14 10.39
C PHE N 82 13.82 16.06 11.25
N HIS N 83 12.89 17.01 11.04
CA HIS N 83 11.67 17.04 11.84
C HIS N 83 10.70 15.91 11.58
N LEU N 84 10.49 15.57 10.33
CA LEU N 84 9.57 14.49 10.00
C LEU N 84 10.08 13.19 10.62
N ASN N 85 11.41 13.01 10.59
CA ASN N 85 11.99 11.80 11.17
C ASN N 85 11.91 11.85 12.70
N GLY N 86 12.01 13.04 13.26
CA GLY N 86 11.88 13.16 14.71
C GLY N 86 10.48 12.66 15.07
N HIS N 87 9.48 13.13 14.34
CA HIS N 87 8.10 12.74 14.56
C HIS N 87 7.83 11.24 14.35
N ILE N 88 8.28 10.69 13.24
CA ILE N 88 8.07 9.27 12.96
C ILE N 88 8.70 8.37 14.04
N LEU N 89 10.00 8.56 14.29
CA LEU N 89 10.68 7.73 15.27
C LEU N 89 10.09 7.85 16.67
N HIS N 90 9.70 9.06 17.07
CA HIS N 90 9.10 9.21 18.39
C HIS N 90 7.72 8.56 18.43
N SER N 91 7.01 8.60 17.32
CA SER N 91 5.68 8.00 17.27
C SER N 91 5.76 6.47 17.38
N ILE N 92 6.90 5.91 16.98
CA ILE N 92 7.15 4.47 17.04
C ILE N 92 7.75 4.12 18.42
N PHE N 93 8.59 5.02 18.92
CA PHE N 93 9.28 4.88 20.20
C PHE N 93 8.34 4.71 21.40
N TRP N 94 7.29 5.53 21.48
CA TRP N 94 6.36 5.43 22.60
C TRP N 94 5.66 4.07 22.66
N PRO N 95 4.98 3.65 21.57
CA PRO N 95 4.33 2.34 21.64
C PRO N 95 5.32 1.16 21.66
N ASN N 96 6.59 1.44 21.36
CA ASN N 96 7.64 0.41 21.39
C ASN N 96 7.88 0.04 22.84
N MSE N 97 7.42 0.88 23.76
CA MSE N 97 7.60 0.61 25.18
C MSE N 97 6.23 0.43 25.85
O MSE N 97 5.20 0.82 25.31
CB MSE N 97 8.35 1.76 25.85
CG MSE N 97 9.72 2.02 25.25
SE MSE N 97 10.67 3.49 26.13
CE MSE N 97 9.58 5.02 25.56
N ALA N 98 6.25 -0.18 27.03
CA ALA N 98 5.04 -0.44 27.79
C ALA N 98 5.43 -0.60 29.25
N PRO N 99 4.49 -0.35 30.19
CA PRO N 99 4.82 -0.48 31.62
C PRO N 99 5.40 -1.86 31.93
N PRO N 100 6.38 -1.91 32.84
CA PRO N 100 6.98 -3.22 33.18
C PRO N 100 5.86 -4.26 33.39
N GLY N 101 6.13 -5.50 33.01
CA GLY N 101 5.10 -6.52 33.13
C GLY N 101 4.50 -6.73 31.74
N LYS N 102 3.99 -5.63 31.17
CA LYS N 102 3.43 -5.66 29.83
C LYS N 102 4.60 -5.38 28.89
N GLY N 103 5.69 -4.89 29.48
CA GLY N 103 6.90 -4.59 28.75
C GLY N 103 8.05 -5.36 29.37
N GLY N 104 9.13 -5.55 28.61
CA GLY N 104 10.28 -6.26 29.14
C GLY N 104 10.34 -7.71 28.70
N GLY N 105 11.23 -8.46 29.35
CA GLY N 105 11.38 -9.86 29.04
C GLY N 105 11.96 -10.15 27.68
N LYS N 106 11.70 -11.37 27.20
CA LYS N 106 12.18 -11.83 25.90
C LYS N 106 11.08 -11.77 24.84
N PRO N 107 11.45 -11.79 23.56
CA PRO N 107 10.44 -11.75 22.52
C PRO N 107 9.93 -13.15 22.16
N GLY N 108 8.76 -13.21 21.55
CA GLY N 108 8.19 -14.49 21.15
C GLY N 108 7.74 -14.37 19.71
N GLY N 109 6.77 -15.18 19.31
CA GLY N 109 6.25 -15.13 17.96
C GLY N 109 7.30 -15.11 16.86
N LYS N 110 6.92 -14.56 15.71
CA LYS N 110 7.79 -14.47 14.54
C LYS N 110 9.02 -13.59 14.74
N ILE N 111 8.90 -12.53 15.54
CA ILE N 111 10.05 -11.66 15.77
C ILE N 111 11.12 -12.47 16.49
N ALA N 112 10.71 -13.32 17.42
CA ALA N 112 11.68 -14.15 18.13
C ALA N 112 12.36 -15.11 17.16
N ASP N 113 11.56 -15.72 16.27
CA ASP N 113 12.12 -16.67 15.30
C ASP N 113 13.14 -16.03 14.37
N LEU N 114 12.82 -14.85 13.83
CA LEU N 114 13.71 -14.13 12.91
C LEU N 114 14.95 -13.63 13.64
N ILE N 115 14.76 -13.19 14.89
CA ILE N 115 15.89 -12.72 15.67
C ILE N 115 16.90 -13.88 15.79
N ASN N 116 16.40 -15.08 16.06
CA ASN N 116 17.28 -16.25 16.17
C ASN N 116 17.89 -16.61 14.82
N LYS N 117 17.11 -16.44 13.76
CA LYS N 117 17.58 -16.76 12.42
C LYS N 117 18.75 -15.88 11.94
N PHE N 118 18.58 -14.57 12.06
CA PHE N 118 19.59 -13.62 11.61
C PHE N 118 20.70 -13.28 12.61
N PHE N 119 20.47 -13.52 13.91
CA PHE N 119 21.48 -13.23 14.91
C PHE N 119 21.93 -14.45 15.69
N GLY N 120 21.22 -15.56 15.55
CA GLY N 120 21.58 -16.76 16.28
C GLY N 120 20.78 -16.93 17.56
N SER N 121 20.75 -15.88 18.39
CA SER N 121 20.02 -15.93 19.64
C SER N 121 19.61 -14.53 20.07
N PHE N 122 18.71 -14.45 21.05
CA PHE N 122 18.27 -13.15 21.52
C PHE N 122 19.45 -12.43 22.17
N GLU N 123 20.30 -13.18 22.85
CA GLU N 123 21.48 -12.66 23.52
C GLU N 123 22.38 -11.88 22.55
N LYS N 124 22.69 -12.50 21.40
CA LYS N 124 23.53 -11.84 20.40
C LYS N 124 22.81 -10.63 19.83
N PHE N 125 21.52 -10.74 19.52
CA PHE N 125 20.77 -9.60 19.01
C PHE N 125 20.91 -8.46 20.02
N LYS N 126 20.62 -8.75 21.28
CA LYS N 126 20.72 -7.74 22.34
C LYS N 126 22.09 -7.04 22.33
N GLU N 127 23.16 -7.83 22.26
CA GLU N 127 24.52 -7.30 22.26
C GLU N 127 24.75 -6.34 21.11
N GLU N 128 24.40 -6.78 19.90
CA GLU N 128 24.56 -5.95 18.71
C GLU N 128 23.71 -4.69 18.80
N PHE N 129 22.48 -4.82 19.30
CA PHE N 129 21.60 -3.67 19.41
C PHE N 129 22.13 -2.70 20.45
N SER N 130 22.43 -3.20 21.66
CA SER N 130 22.97 -2.36 22.72
C SER N 130 24.31 -1.73 22.33
N GLN N 131 25.14 -2.50 21.64
CA GLN N 131 26.44 -2.00 21.18
C GLN N 131 26.21 -0.82 20.24
N ALA N 132 25.26 -0.98 19.33
CA ALA N 132 24.93 0.06 18.38
C ALA N 132 24.43 1.31 19.11
N ALA N 133 23.49 1.13 20.03
CA ALA N 133 22.94 2.25 20.80
C ALA N 133 24.01 2.96 21.63
N LYS N 134 24.82 2.18 22.34
CA LYS N 134 25.86 2.75 23.18
C LYS N 134 26.95 3.46 22.39
N ASN N 135 27.15 3.04 21.15
CA ASN N 135 28.19 3.64 20.33
C ASN N 135 27.77 4.67 19.28
N VAL N 136 26.57 5.22 19.45
CA VAL N 136 26.10 6.27 18.56
C VAL N 136 27.03 7.44 18.89
N GLU N 137 27.58 8.06 17.86
CA GLU N 137 28.46 9.22 18.07
C GLU N 137 27.54 10.44 18.04
N GLY N 138 27.50 11.17 19.16
CA GLY N 138 26.61 12.32 19.24
C GLY N 138 25.22 11.79 19.56
N VAL N 139 24.19 12.48 19.07
CA VAL N 139 22.83 12.01 19.32
C VAL N 139 22.32 11.13 18.18
N GLY N 140 21.39 10.24 18.48
CA GLY N 140 20.86 9.36 17.46
C GLY N 140 19.98 8.24 18.01
N TRP N 141 19.91 7.16 17.24
CA TRP N 141 19.11 6.01 17.60
C TRP N 141 19.80 4.72 17.19
N ALA N 142 19.28 3.61 17.70
CA ALA N 142 19.69 2.27 17.33
C ALA N 142 18.30 1.78 16.92
N ILE N 143 18.13 1.32 15.70
CA ILE N 143 16.83 0.81 15.27
C ILE N 143 16.95 -0.55 14.63
N LEU N 144 15.90 -1.36 14.78
CA LEU N 144 15.85 -2.68 14.18
C LEU N 144 14.87 -2.50 13.04
N VAL N 145 15.32 -2.79 11.82
CA VAL N 145 14.45 -2.66 10.66
C VAL N 145 14.28 -3.97 9.90
N TYR N 146 13.23 -4.01 9.09
CA TYR N 146 12.99 -5.13 8.23
C TYR N 146 13.40 -4.56 6.87
N GLU N 147 14.42 -5.17 6.27
CA GLU N 147 14.93 -4.75 4.96
C GLU N 147 14.17 -5.54 3.90
N PRO N 148 13.20 -4.91 3.23
CA PRO N 148 12.39 -5.55 2.19
C PRO N 148 13.06 -6.12 0.96
N LEU N 149 14.19 -5.57 0.53
CA LEU N 149 14.84 -6.07 -0.67
C LEU N 149 15.25 -7.52 -0.53
N GLU N 150 16.06 -7.82 0.49
CA GLU N 150 16.48 -9.20 0.73
C GLU N 150 15.66 -9.79 1.87
N GLU N 151 14.68 -9.01 2.33
CA GLU N 151 13.75 -9.43 3.38
C GLU N 151 14.36 -10.02 4.65
N GLN N 152 15.16 -9.21 5.34
CA GLN N 152 15.81 -9.66 6.56
C GLN N 152 15.80 -8.56 7.60
N LEU N 153 16.20 -8.92 8.82
CA LEU N 153 16.25 -7.97 9.92
C LEU N 153 17.65 -7.42 9.96
N LEU N 154 17.76 -6.11 10.17
CA LEU N 154 19.07 -5.47 10.28
C LEU N 154 18.97 -4.46 11.42
N ILE N 155 20.10 -4.20 12.05
CA ILE N 155 20.17 -3.20 13.10
C ILE N 155 21.02 -2.09 12.47
N LEU N 156 20.60 -0.84 12.65
CA LEU N 156 21.35 0.27 12.10
C LEU N 156 21.46 1.37 13.15
N GLN N 157 22.44 2.25 12.94
CA GLN N 157 22.64 3.41 13.78
C GLN N 157 22.08 4.60 13.00
N ILE N 158 21.32 5.47 13.65
CA ILE N 158 20.81 6.66 12.98
C ILE N 158 21.39 7.83 13.78
N GLU N 159 21.94 8.84 13.08
CA GLU N 159 22.45 10.01 13.78
C GLU N 159 21.38 11.09 13.67
N LYS N 160 21.27 11.92 14.70
CA LYS N 160 20.23 12.94 14.76
C LYS N 160 18.92 12.13 14.64
N HIS N 161 18.06 12.42 13.66
CA HIS N 161 16.84 11.61 13.49
C HIS N 161 16.73 11.11 12.09
N ASN N 162 17.59 11.62 11.21
CA ASN N 162 17.49 11.33 9.79
C ASN N 162 18.74 10.90 9.05
N LEU N 163 19.78 10.54 9.77
CA LEU N 163 21.01 10.12 9.11
C LEU N 163 21.24 8.62 9.18
N MSE N 164 21.26 7.98 8.01
CA MSE N 164 21.52 6.55 7.83
C MSE N 164 20.34 5.56 7.72
O MSE N 164 20.55 4.35 7.68
CB MSE N 164 22.53 6.04 8.87
CG MSE N 164 23.84 6.78 8.73
SE MSE N 164 25.30 6.03 9.74
CE MSE N 164 24.89 6.81 11.49
N HIS N 165 19.12 6.08 7.67
CA HIS N 165 17.97 5.19 7.48
C HIS N 165 18.18 4.42 6.18
N ALA N 166 17.65 3.21 6.12
CA ALA N 166 17.72 2.38 4.92
C ALA N 166 16.41 2.64 4.18
N ALA N 167 16.50 3.23 2.99
CA ALA N 167 15.32 3.54 2.18
C ALA N 167 14.29 2.40 2.15
N ASP N 168 13.01 2.76 2.23
CA ASP N 168 11.87 1.81 2.20
C ASP N 168 11.80 0.84 3.38
N ALA N 169 12.89 0.68 4.11
CA ALA N 169 12.94 -0.24 5.25
C ALA N 169 11.89 0.11 6.29
N GLN N 170 11.37 -0.93 6.96
CA GLN N 170 10.35 -0.76 7.99
C GLN N 170 10.95 -0.86 9.38
N VAL N 171 10.75 0.20 10.15
CA VAL N 171 11.26 0.29 11.51
C VAL N 171 10.42 -0.58 12.45
N LEU N 172 11.09 -1.49 13.14
CA LEU N 172 10.43 -2.40 14.07
C LEU N 172 10.57 -2.02 15.53
N LEU N 173 11.81 -1.74 15.94
CA LEU N 173 12.13 -1.36 17.31
C LEU N 173 13.08 -0.17 17.27
N ALA N 174 12.82 0.84 18.09
CA ALA N 174 13.64 2.04 18.12
C ALA N 174 14.08 2.40 19.55
N LEU N 175 15.36 2.77 19.69
CA LEU N 175 15.92 3.16 20.97
C LEU N 175 16.56 4.54 20.80
N ASP N 176 15.95 5.54 21.41
CA ASP N 176 16.41 6.91 21.32
C ASP N 176 17.55 7.14 22.31
N VAL N 177 18.71 7.57 21.82
CA VAL N 177 19.83 7.84 22.72
C VAL N 177 20.28 9.31 22.65
N TRP N 178 19.34 10.19 22.30
CA TRP N 178 19.61 11.63 22.35
C TRP N 178 19.78 11.79 23.86
N GLU N 179 20.63 12.71 24.29
CA GLU N 179 20.85 12.89 25.71
C GLU N 179 19.57 13.24 26.50
N HIS N 180 18.63 13.93 25.87
CA HIS N 180 17.41 14.29 26.58
C HIS N 180 16.50 13.08 26.84
N ALA N 181 16.85 11.93 26.27
CA ALA N 181 16.09 10.70 26.46
C ALA N 181 16.51 10.01 27.78
N TYR N 182 17.67 10.40 28.34
CA TYR N 182 18.15 9.75 29.56
C TYR N 182 18.99 10.58 30.54
N TYR N 183 19.54 11.71 30.09
CA TYR N 183 20.43 12.48 30.96
C TYR N 183 19.95 12.91 32.35
N LEU N 184 18.69 13.33 32.51
CA LEU N 184 18.24 13.75 33.85
C LEU N 184 18.35 12.60 34.84
N GLN N 185 18.16 11.38 34.35
CA GLN N 185 18.22 10.23 35.24
C GLN N 185 19.59 9.55 35.27
N TYR N 186 20.12 9.25 34.10
CA TYR N 186 21.39 8.54 34.01
C TYR N 186 22.63 9.38 33.75
N LYS N 187 22.45 10.70 33.66
CA LYS N 187 23.57 11.60 33.39
C LYS N 187 24.35 11.17 32.14
N ASN N 188 25.67 11.11 32.26
CA ASN N 188 26.54 10.72 31.16
C ASN N 188 26.52 9.20 30.94
N ASP N 189 25.92 8.48 31.87
CA ASP N 189 25.88 7.03 31.80
C ASP N 189 24.83 6.46 30.85
N ARG N 190 25.04 6.70 29.55
CA ARG N 190 24.11 6.19 28.54
C ARG N 190 24.05 4.66 28.61
N GLY N 191 25.19 4.02 28.88
CA GLY N 191 25.22 2.57 28.96
C GLY N 191 24.17 1.97 29.88
N SER N 192 24.07 2.47 31.11
CA SER N 192 23.09 1.94 32.05
C SER N 192 21.67 2.26 31.63
N TYR N 193 21.49 3.34 30.87
CA TYR N 193 20.17 3.71 30.37
C TYR N 193 19.74 2.65 29.36
N VAL N 194 20.64 2.34 28.43
CA VAL N 194 20.39 1.35 27.39
C VAL N 194 20.13 -0.03 28.03
N ASP N 195 20.94 -0.36 29.03
CA ASP N 195 20.77 -1.63 29.73
C ASP N 195 19.39 -1.73 30.37
N ASN N 196 18.98 -0.66 31.03
CA ASN N 196 17.69 -0.63 31.72
C ASN N 196 16.47 -0.54 30.81
N TRP N 197 16.68 -0.07 29.59
CA TRP N 197 15.60 0.09 28.63
C TRP N 197 14.93 -1.21 28.19
N TRP N 198 15.70 -2.29 28.12
CA TRP N 198 15.17 -3.58 27.73
C TRP N 198 13.97 -3.99 28.60
N ASN N 199 13.96 -3.52 29.84
CA ASN N 199 12.90 -3.84 30.78
C ASN N 199 11.57 -3.17 30.45
N VAL N 200 11.53 -2.38 29.38
CA VAL N 200 10.29 -1.71 29.01
C VAL N 200 9.92 -1.94 27.56
N VAL N 201 10.72 -2.73 26.84
CA VAL N 201 10.45 -3.01 25.44
C VAL N 201 9.12 -3.76 25.29
N ASN N 202 8.23 -3.19 24.48
CA ASN N 202 6.92 -3.78 24.23
C ASN N 202 7.01 -4.69 22.99
N TRP N 203 7.39 -5.94 23.21
CA TRP N 203 7.53 -6.88 22.11
C TRP N 203 6.23 -7.18 21.36
N ASP N 204 5.08 -6.96 22.00
CA ASP N 204 3.82 -7.20 21.30
C ASP N 204 3.76 -6.16 20.18
N ASP N 205 4.25 -4.97 20.47
CA ASP N 205 4.27 -3.90 19.48
C ASP N 205 5.23 -4.27 18.36
N VAL N 206 6.42 -4.73 18.73
CA VAL N 206 7.43 -5.11 17.74
C VAL N 206 6.91 -6.25 16.87
N GLU N 207 6.32 -7.26 17.50
CA GLU N 207 5.76 -8.40 16.78
C GLU N 207 4.72 -7.93 15.74
N ARG N 208 3.90 -6.96 16.11
CA ARG N 208 2.89 -6.43 15.21
C ARG N 208 3.50 -5.70 14.02
N ARG N 209 4.53 -4.89 14.29
CA ARG N 209 5.17 -4.16 13.21
C ARG N 209 5.81 -5.13 12.24
N LEU N 210 6.49 -6.15 12.77
CA LEU N 210 7.15 -7.13 11.92
C LEU N 210 6.15 -7.87 11.04
N GLN N 211 5.00 -8.24 11.61
CA GLN N 211 4.03 -8.98 10.82
C GLN N 211 3.60 -8.16 9.62
N LYS N 212 3.28 -6.88 9.86
CA LYS N 212 2.86 -6.04 8.76
C LYS N 212 3.94 -5.97 7.69
N ALA N 213 5.21 -5.86 8.09
CA ALA N 213 6.32 -5.81 7.14
C ALA N 213 6.39 -7.10 6.33
N LEU N 214 6.18 -8.23 7.00
CA LEU N 214 6.20 -9.55 6.36
C LEU N 214 5.03 -9.66 5.37
N ASN N 215 3.96 -8.90 5.66
CA ASN N 215 2.77 -8.87 4.81
C ASN N 215 3.01 -7.97 3.62
N GLY N 216 4.15 -7.29 3.63
CA GLY N 216 4.48 -6.36 2.56
C GLY N 216 3.80 -5.04 2.82
N GLN N 217 3.56 -4.74 4.09
CA GLN N 217 2.88 -3.51 4.48
C GLN N 217 3.77 -2.60 5.35
N ILE N 218 3.45 -1.30 5.31
CA ILE N 218 4.16 -0.31 6.09
C ILE N 218 3.89 -0.65 7.58
N ALA N 219 4.95 -0.63 8.38
CA ALA N 219 4.84 -0.96 9.81
C ALA N 219 4.32 0.18 10.67
N LEU N 220 3.22 0.79 10.25
CA LEU N 220 2.59 1.88 10.99
C LEU N 220 1.09 1.65 10.97
N LYS N 221 0.38 2.33 11.87
CA LYS N 221 -1.08 2.23 11.95
C LYS N 221 -1.54 0.85 12.39
N LEU N 222 -1.14 0.48 13.61
CA LEU N 222 -1.46 -0.80 14.25
C LEU N 222 -0.22 -1.71 14.35
N SER O 12 22.11 -21.52 13.49
CA SER O 12 23.27 -20.58 13.48
C SER O 12 22.80 -19.20 13.05
N VAL O 13 23.69 -18.50 12.34
CA VAL O 13 23.45 -17.15 11.85
C VAL O 13 23.34 -17.21 10.33
N THR O 14 22.40 -16.46 9.76
CA THR O 14 22.24 -16.45 8.32
C THR O 14 21.87 -15.08 7.75
N THR O 15 22.87 -14.34 7.26
CA THR O 15 22.60 -13.04 6.66
C THR O 15 22.33 -13.27 5.17
N LYS O 16 21.42 -12.50 4.60
CA LYS O 16 21.12 -12.64 3.19
C LYS O 16 21.99 -11.66 2.42
N ARG O 17 22.54 -12.12 1.29
CA ARG O 17 23.38 -11.26 0.50
C ARG O 17 22.65 -10.63 -0.68
N TYR O 18 23.13 -9.46 -1.10
CA TYR O 18 22.53 -8.71 -2.20
C TYR O 18 23.22 -9.01 -3.53
N THR O 19 22.53 -8.71 -4.63
CA THR O 19 23.09 -8.96 -5.95
C THR O 19 22.77 -7.80 -6.89
N LEU O 20 23.62 -7.60 -7.89
CA LEU O 20 23.40 -6.53 -8.86
C LEU O 20 22.27 -6.94 -9.82
N PRO O 21 21.20 -6.13 -9.90
CA PRO O 21 20.08 -6.45 -10.80
C PRO O 21 20.42 -6.05 -12.24
N PRO O 22 19.80 -6.68 -13.23
CA PRO O 22 20.10 -6.32 -14.62
C PRO O 22 19.38 -5.01 -14.98
N LEU O 23 19.90 -4.27 -15.97
CA LEU O 23 19.23 -3.05 -16.41
C LEU O 23 18.00 -3.53 -17.17
N PRO O 24 16.93 -2.72 -17.18
CA PRO O 24 15.70 -3.11 -17.89
C PRO O 24 15.84 -2.83 -19.39
N TYR O 25 17.02 -2.44 -19.84
CA TYR O 25 17.24 -2.09 -21.23
C TYR O 25 18.73 -2.05 -21.56
N ALA O 26 19.05 -1.76 -22.82
CA ALA O 26 20.44 -1.71 -23.26
C ALA O 26 21.14 -0.50 -22.65
N TYR O 27 22.46 -0.58 -22.49
CA TYR O 27 23.23 0.51 -21.91
C TYR O 27 23.13 1.78 -22.74
N ASN O 28 22.85 1.65 -24.03
CA ASN O 28 22.74 2.81 -24.89
C ASN O 28 21.29 3.21 -25.13
N ALA O 29 20.36 2.48 -24.52
CA ALA O 29 18.93 2.74 -24.70
C ALA O 29 18.40 4.10 -24.25
N LEU O 30 19.16 4.84 -23.43
CA LEU O 30 18.67 6.14 -22.97
C LEU O 30 19.36 7.33 -23.61
N GLU O 31 20.14 7.07 -24.66
CA GLU O 31 20.81 8.17 -25.34
C GLU O 31 19.74 8.96 -26.12
N PRO O 32 20.01 10.25 -26.38
CA PRO O 32 21.24 10.95 -26.00
C PRO O 32 21.20 11.56 -24.61
N TYR O 33 20.12 11.29 -23.87
CA TYR O 33 19.96 11.87 -22.52
C TYR O 33 21.05 11.42 -21.55
N ILE O 34 21.37 10.12 -21.58
CA ILE O 34 22.45 9.60 -20.74
C ILE O 34 23.29 8.67 -21.61
N SER O 35 24.56 9.01 -21.80
CA SER O 35 25.44 8.21 -22.64
C SER O 35 25.61 6.77 -22.12
N ALA O 36 25.84 5.85 -23.06
CA ALA O 36 26.03 4.44 -22.74
C ALA O 36 27.35 4.27 -21.97
N GLU O 37 28.27 5.21 -22.18
CA GLU O 37 29.57 5.19 -21.51
C GLU O 37 29.34 5.37 -20.01
N ILE O 38 28.39 6.22 -19.66
CA ILE O 38 28.04 6.46 -18.27
C ILE O 38 27.19 5.31 -17.74
N MSE O 39 26.16 4.96 -18.49
CA MSE O 39 25.27 3.90 -18.07
C MSE O 39 26.04 2.65 -17.67
O MSE O 39 25.82 2.11 -16.58
CB MSE O 39 24.28 3.58 -19.20
CG MSE O 39 22.87 3.33 -18.71
SE MSE O 39 22.03 4.91 -17.94
CE MSE O 39 21.35 5.69 -19.57
N GLN O 40 26.97 2.21 -18.52
CA GLN O 40 27.76 1.01 -18.22
C GLN O 40 28.61 1.17 -16.97
N LEU O 41 29.31 2.29 -16.85
CA LEU O 41 30.14 2.50 -15.67
C LEU O 41 29.27 2.56 -14.42
N HIS O 42 28.25 3.41 -14.46
CA HIS O 42 27.35 3.58 -13.35
C HIS O 42 26.76 2.26 -12.87
N HIS O 43 26.23 1.49 -13.81
CA HIS O 43 25.62 0.21 -13.45
C HIS O 43 26.64 -0.88 -13.12
N GLN O 44 27.57 -1.12 -14.03
CA GLN O 44 28.57 -2.16 -13.84
C GLN O 44 29.68 -1.91 -12.81
N LYS O 45 30.12 -0.66 -12.67
CA LYS O 45 31.17 -0.34 -11.71
C LYS O 45 30.59 0.14 -10.38
N HIS O 46 29.98 1.32 -10.42
CA HIS O 46 29.41 1.95 -9.25
C HIS O 46 28.34 1.19 -8.49
N HIS O 47 27.29 0.74 -9.19
CA HIS O 47 26.26 0.00 -8.49
C HIS O 47 26.85 -1.31 -7.95
N GLN O 48 27.62 -2.01 -8.78
CA GLN O 48 28.24 -3.25 -8.36
C GLN O 48 29.00 -3.04 -7.07
N GLY O 49 29.72 -1.93 -6.99
CA GLY O 49 30.50 -1.61 -5.81
C GLY O 49 29.67 -1.52 -4.54
N TYR O 50 28.46 -0.99 -4.64
CA TYR O 50 27.61 -0.88 -3.45
C TYR O 50 27.08 -2.26 -3.05
N VAL O 51 26.89 -3.14 -4.03
CA VAL O 51 26.43 -4.49 -3.75
C VAL O 51 27.56 -5.21 -2.98
N ASN O 52 28.80 -5.03 -3.44
CA ASN O 52 29.93 -5.67 -2.78
C ASN O 52 30.12 -5.08 -1.39
N GLY O 53 29.88 -3.77 -1.29
CA GLY O 53 30.03 -3.08 -0.02
C GLY O 53 29.05 -3.58 1.01
N ALA O 54 27.78 -3.69 0.63
CA ALA O 54 26.72 -4.15 1.52
C ALA O 54 27.02 -5.57 1.98
N ASN O 55 27.46 -6.40 1.03
CA ASN O 55 27.80 -7.79 1.35
C ASN O 55 29.02 -7.88 2.26
N ALA O 56 30.01 -7.04 2.00
CA ALA O 56 31.21 -7.03 2.83
C ALA O 56 30.90 -6.62 4.28
N ALA O 57 29.95 -5.71 4.46
CA ALA O 57 29.59 -5.27 5.80
C ALA O 57 28.78 -6.38 6.52
N LEU O 58 27.87 -7.03 5.79
CA LEU O 58 27.06 -8.09 6.36
C LEU O 58 27.94 -9.25 6.78
N GLU O 59 29.05 -9.44 6.08
CA GLU O 59 29.97 -10.53 6.39
C GLU O 59 30.64 -10.30 7.75
N LYS O 60 31.03 -9.07 8.04
CA LYS O 60 31.64 -8.74 9.32
C LYS O 60 30.61 -8.94 10.43
N LEU O 61 29.38 -8.57 10.13
CA LEU O 61 28.30 -8.71 11.09
C LEU O 61 27.97 -10.17 11.33
N GLU O 62 28.02 -10.97 10.26
CA GLU O 62 27.72 -12.40 10.41
C GLU O 62 28.80 -13.08 11.27
N LYS O 63 30.07 -12.73 11.07
CA LYS O 63 31.14 -13.32 11.87
C LYS O 63 31.08 -12.80 13.30
N PHE O 64 30.64 -11.57 13.48
CA PHE O 64 30.50 -11.02 14.83
C PHE O 64 29.39 -11.80 15.53
N ARG O 65 28.31 -12.08 14.79
CA ARG O 65 27.18 -12.83 15.32
C ARG O 65 27.54 -14.29 15.58
N LYS O 66 28.54 -14.77 14.85
CA LYS O 66 29.02 -16.14 15.00
C LYS O 66 30.05 -16.26 16.12
N GLY O 67 30.36 -15.13 16.75
CA GLY O 67 31.33 -15.12 17.84
C GLY O 67 32.76 -15.32 17.39
N GLU O 68 32.97 -15.39 16.08
CA GLU O 68 34.31 -15.59 15.53
C GLU O 68 35.10 -14.29 15.37
N ALA O 69 34.55 -13.19 15.87
CA ALA O 69 35.20 -11.89 15.76
C ALA O 69 34.31 -10.81 16.34
N GLN O 70 34.92 -9.89 17.07
CA GLN O 70 34.18 -8.78 17.67
C GLN O 70 33.77 -7.86 16.53
N ILE O 71 33.74 -6.56 16.77
CA ILE O 71 33.35 -5.66 15.69
C ILE O 71 33.25 -4.21 16.13
N ASP O 72 33.61 -3.31 15.21
CA ASP O 72 33.48 -1.87 15.47
C ASP O 72 32.09 -1.64 14.91
N ILE O 73 31.08 -1.74 15.77
CA ILE O 73 29.70 -1.59 15.35
C ILE O 73 29.38 -0.29 14.62
N ARG O 74 29.87 0.84 15.14
CA ARG O 74 29.59 2.12 14.50
C ARG O 74 30.12 2.14 13.07
N ALA O 75 31.39 1.77 12.91
CA ALA O 75 32.01 1.75 11.59
C ALA O 75 31.24 0.83 10.63
N VAL O 76 30.99 -0.40 11.07
CA VAL O 76 30.28 -1.34 10.23
C VAL O 76 28.85 -0.91 9.88
N LEU O 77 28.12 -0.35 10.85
CA LEU O 77 26.76 0.06 10.53
C LEU O 77 26.78 1.28 9.60
N ARG O 78 27.81 2.12 9.73
CA ARG O 78 27.93 3.26 8.84
C ARG O 78 28.20 2.76 7.43
N ASP O 79 29.06 1.74 7.30
CA ASP O 79 29.38 1.17 5.99
C ASP O 79 28.13 0.51 5.39
N LEU O 80 27.44 -0.27 6.21
CA LEU O 80 26.25 -0.97 5.76
C LEU O 80 25.20 0.01 5.29
N SER O 81 24.92 1.04 6.09
CA SER O 81 23.92 2.02 5.71
C SER O 81 24.23 2.63 4.36
N PHE O 82 25.48 3.03 4.16
CA PHE O 82 25.90 3.65 2.91
C PHE O 82 25.66 2.76 1.70
N HIS O 83 26.27 1.57 1.73
CA HIS O 83 26.16 0.66 0.61
C HIS O 83 24.80 0.07 0.42
N LEU O 84 24.13 -0.29 1.51
CA LEU O 84 22.81 -0.87 1.36
C LEU O 84 21.93 0.14 0.61
N ASN O 85 21.93 1.39 1.06
CA ASN O 85 21.12 2.41 0.38
C ASN O 85 21.62 2.63 -1.04
N GLY O 86 22.93 2.61 -1.23
CA GLY O 86 23.43 2.78 -2.58
C GLY O 86 22.72 1.77 -3.47
N HIS O 87 22.75 0.51 -3.05
CA HIS O 87 22.14 -0.58 -3.80
C HIS O 87 20.62 -0.43 -3.95
N ILE O 88 19.94 -0.08 -2.85
CA ILE O 88 18.49 0.11 -2.87
C ILE O 88 18.05 1.22 -3.83
N LEU O 89 18.70 2.38 -3.74
CA LEU O 89 18.35 3.51 -4.58
C LEU O 89 18.70 3.24 -6.03
N HIS O 90 19.81 2.55 -6.28
CA HIS O 90 20.14 2.24 -7.67
C HIS O 90 19.18 1.19 -8.22
N SER O 91 18.68 0.32 -7.36
CA SER O 91 17.74 -0.72 -7.79
C SER O 91 16.46 -0.09 -8.31
N ILE O 92 16.09 1.05 -7.73
CA ILE O 92 14.89 1.77 -8.13
C ILE O 92 15.15 2.66 -9.35
N PHE O 93 16.30 3.34 -9.35
CA PHE O 93 16.73 4.25 -10.40
C PHE O 93 16.60 3.72 -11.85
N TRP O 94 17.10 2.51 -12.08
CA TRP O 94 17.07 1.94 -13.42
C TRP O 94 15.65 1.75 -13.99
N PRO O 95 14.73 1.12 -13.22
CA PRO O 95 13.38 0.93 -13.74
C PRO O 95 12.55 2.24 -13.75
N ASN O 96 13.05 3.27 -13.03
CA ASN O 96 12.40 4.58 -12.98
C ASN O 96 12.62 5.25 -14.34
N MSE O 97 13.43 4.63 -15.18
CA MSE O 97 13.74 5.19 -16.49
C MSE O 97 13.45 4.18 -17.60
O MSE O 97 13.42 2.96 -17.37
CB MSE O 97 15.21 5.62 -16.56
CG MSE O 97 15.59 6.64 -15.52
SE MSE O 97 17.39 7.31 -15.74
CE MSE O 97 18.38 5.69 -15.27
N ALA O 98 13.23 4.70 -18.80
CA ALA O 98 12.92 3.85 -19.94
C ALA O 98 13.15 4.62 -21.23
N PRO O 99 13.45 3.90 -22.32
CA PRO O 99 13.69 4.55 -23.61
C PRO O 99 12.54 5.53 -23.91
N PRO O 100 12.85 6.69 -24.50
CA PRO O 100 11.82 7.69 -24.83
C PRO O 100 10.58 7.00 -25.43
N GLY O 101 9.41 7.52 -25.08
CA GLY O 101 8.18 6.90 -25.54
C GLY O 101 7.62 6.30 -24.27
N LYS O 102 8.17 5.16 -23.86
CA LYS O 102 7.75 4.55 -22.61
C LYS O 102 8.18 5.52 -21.52
N GLY O 103 9.29 6.21 -21.79
CA GLY O 103 9.82 7.19 -20.85
C GLY O 103 9.65 8.59 -21.41
N GLY O 104 9.63 9.58 -20.53
CA GLY O 104 9.47 10.95 -20.99
C GLY O 104 8.03 11.44 -20.93
N GLY O 105 7.82 12.69 -21.33
CA GLY O 105 6.48 13.25 -21.32
C GLY O 105 5.84 13.32 -19.95
N LYS O 106 4.63 13.87 -19.89
CA LYS O 106 3.90 13.99 -18.64
C LYS O 106 3.33 12.65 -18.19
N PRO O 107 3.09 12.50 -16.87
CA PRO O 107 2.55 11.26 -16.31
C PRO O 107 1.02 11.21 -16.29
N GLY O 108 0.47 10.00 -16.21
CA GLY O 108 -0.97 9.82 -16.17
C GLY O 108 -1.40 9.18 -14.86
N GLY O 109 -2.36 8.26 -14.93
CA GLY O 109 -2.85 7.56 -13.75
C GLY O 109 -2.95 8.35 -12.45
N LYS O 110 -2.89 7.64 -11.33
CA LYS O 110 -2.96 8.29 -10.03
C LYS O 110 -1.72 9.10 -9.75
N ILE O 111 -0.61 8.73 -10.39
CA ILE O 111 0.63 9.44 -10.16
C ILE O 111 0.43 10.89 -10.59
N ALA O 112 -0.38 11.10 -11.63
CA ALA O 112 -0.66 12.45 -12.11
C ALA O 112 -1.66 13.13 -11.17
N ASP O 113 -2.70 12.40 -10.77
CA ASP O 113 -3.71 12.93 -9.87
C ASP O 113 -3.06 13.39 -8.57
N LEU O 114 -2.35 12.48 -7.92
CA LEU O 114 -1.68 12.78 -6.67
C LEU O 114 -0.68 13.92 -6.81
N ILE O 115 0.01 13.98 -7.95
CA ILE O 115 0.97 15.06 -8.19
C ILE O 115 0.19 16.39 -8.31
N ASN O 116 -0.99 16.34 -8.91
CA ASN O 116 -1.79 17.54 -9.03
C ASN O 116 -2.36 17.96 -7.68
N LYS O 117 -2.68 16.99 -6.84
CA LYS O 117 -3.26 17.28 -5.53
C LYS O 117 -2.28 17.97 -4.58
N PHE O 118 -1.05 17.47 -4.52
CA PHE O 118 -0.06 18.02 -3.61
C PHE O 118 0.85 19.13 -4.16
N PHE O 119 1.00 19.19 -5.48
CA PHE O 119 1.85 20.23 -6.08
C PHE O 119 1.06 21.21 -6.98
N GLY O 120 -0.20 20.89 -7.21
CA GLY O 120 -1.02 21.75 -8.06
C GLY O 120 -0.92 21.39 -9.53
N SER O 121 0.30 21.16 -10.00
CA SER O 121 0.50 20.79 -11.40
C SER O 121 1.79 20.02 -11.59
N PHE O 122 1.92 19.37 -12.75
CA PHE O 122 3.12 18.61 -13.05
C PHE O 122 4.28 19.60 -13.17
N GLU O 123 3.98 20.82 -13.61
CA GLU O 123 5.02 21.84 -13.74
C GLU O 123 5.60 22.25 -12.40
N LYS O 124 4.75 22.42 -11.40
CA LYS O 124 5.24 22.83 -10.08
C LYS O 124 6.03 21.69 -9.45
N PHE O 125 5.56 20.46 -9.66
CA PHE O 125 6.23 19.28 -9.14
C PHE O 125 7.62 19.19 -9.76
N LYS O 126 7.64 19.22 -11.10
CA LYS O 126 8.86 19.15 -11.87
C LYS O 126 9.83 20.25 -11.41
N GLU O 127 9.29 21.42 -11.08
CA GLU O 127 10.10 22.53 -10.61
C GLU O 127 10.73 22.21 -9.23
N GLU O 128 9.90 21.82 -8.28
CA GLU O 128 10.40 21.51 -6.93
C GLU O 128 11.39 20.35 -6.95
N PHE O 129 11.13 19.35 -7.80
CA PHE O 129 12.00 18.18 -7.88
C PHE O 129 13.33 18.52 -8.58
N SER O 130 13.25 19.22 -9.71
CA SER O 130 14.45 19.61 -10.45
C SER O 130 15.32 20.51 -9.58
N GLN O 131 14.69 21.43 -8.86
CA GLN O 131 15.47 22.33 -8.02
C GLN O 131 16.03 21.58 -6.82
N ALA O 132 15.27 20.61 -6.31
CA ALA O 132 15.75 19.82 -5.19
C ALA O 132 17.01 19.08 -5.65
N ALA O 133 16.99 18.56 -6.88
CA ALA O 133 18.13 17.82 -7.43
C ALA O 133 19.33 18.73 -7.70
N LYS O 134 19.06 19.87 -8.33
CA LYS O 134 20.09 20.82 -8.67
C LYS O 134 20.74 21.45 -7.46
N ASN O 135 20.05 21.39 -6.32
CA ASN O 135 20.59 22.00 -5.10
C ASN O 135 21.04 21.07 -4.00
N VAL O 136 21.41 19.85 -4.40
CA VAL O 136 21.94 18.90 -3.45
C VAL O 136 23.38 19.38 -3.23
N GLU O 137 23.82 19.38 -1.99
CA GLU O 137 25.18 19.80 -1.68
C GLU O 137 26.04 18.55 -1.69
N GLY O 138 27.03 18.53 -2.57
CA GLY O 138 27.90 17.37 -2.70
C GLY O 138 27.11 16.39 -3.54
N VAL O 139 27.39 15.11 -3.38
CA VAL O 139 26.68 14.09 -4.14
C VAL O 139 25.40 13.73 -3.40
N GLY O 140 24.47 13.13 -4.12
CA GLY O 140 23.22 12.75 -3.49
C GLY O 140 22.15 12.45 -4.52
N TRP O 141 20.89 12.56 -4.07
CA TRP O 141 19.73 12.28 -4.90
C TRP O 141 18.61 13.25 -4.57
N ALA O 142 17.61 13.28 -5.44
CA ALA O 142 16.40 14.04 -5.21
C ALA O 142 15.47 12.82 -5.32
N ILE O 143 14.51 12.68 -4.42
CA ILE O 143 13.60 11.54 -4.50
C ILE O 143 12.17 11.95 -4.21
N LEU O 144 11.22 11.27 -4.86
CA LEU O 144 9.80 11.52 -4.62
C LEU O 144 9.37 10.34 -3.75
N VAL O 145 8.84 10.61 -2.56
CA VAL O 145 8.40 9.51 -1.73
C VAL O 145 6.95 9.66 -1.30
N TYR O 146 6.35 8.56 -0.86
CA TYR O 146 5.00 8.61 -0.36
C TYR O 146 5.23 8.48 1.14
N GLU O 147 4.77 9.47 1.88
CA GLU O 147 4.91 9.48 3.33
C GLU O 147 3.63 8.83 3.90
N PRO O 148 3.73 7.55 4.34
CA PRO O 148 2.62 6.76 4.89
C PRO O 148 1.96 7.18 6.20
N LEU O 149 2.65 7.96 7.03
CA LEU O 149 2.03 8.37 8.30
C LEU O 149 0.84 9.31 8.10
N GLU O 150 1.00 10.34 7.27
CA GLU O 150 -0.09 11.26 7.03
C GLU O 150 -0.54 11.23 5.56
N GLU O 151 -0.09 10.20 4.83
CA GLU O 151 -0.48 10.01 3.45
C GLU O 151 -0.36 11.21 2.51
N GLN O 152 0.83 11.41 1.95
CA GLN O 152 1.07 12.51 1.00
C GLN O 152 2.41 12.35 0.28
N LEU O 153 2.54 13.04 -0.85
CA LEU O 153 3.77 13.00 -1.61
C LEU O 153 4.69 14.11 -1.10
N LEU O 154 5.98 13.80 -0.97
CA LEU O 154 6.98 14.76 -0.54
C LEU O 154 8.22 14.54 -1.37
N ILE O 155 8.96 15.61 -1.61
CA ILE O 155 10.21 15.50 -2.35
C ILE O 155 11.26 15.66 -1.27
N LEU O 156 12.28 14.80 -1.28
CA LEU O 156 13.35 14.87 -0.29
C LEU O 156 14.70 14.93 -1.00
N GLN O 157 15.67 15.58 -0.34
CA GLN O 157 17.03 15.65 -0.86
C GLN O 157 17.80 14.61 -0.04
N ILE O 158 18.52 13.72 -0.73
CA ILE O 158 19.32 12.70 -0.06
C ILE O 158 20.79 13.07 -0.29
N GLU O 159 21.58 13.05 0.79
CA GLU O 159 23.00 13.34 0.71
C GLU O 159 23.70 11.97 0.69
N LYS O 160 24.74 11.85 -0.15
CA LYS O 160 25.44 10.58 -0.34
C LYS O 160 24.31 9.62 -0.78
N HIS O 161 24.16 8.48 -0.12
CA HIS O 161 23.10 7.55 -0.48
C HIS O 161 22.09 7.33 0.64
N ASN O 162 22.51 7.65 1.85
CA ASN O 162 21.72 7.35 3.04
C ASN O 162 21.45 8.48 4.01
N LEU O 163 21.79 9.70 3.62
CA LEU O 163 21.59 10.83 4.51
C LEU O 163 20.29 11.57 4.22
N MSE O 164 19.39 11.52 5.21
CA MSE O 164 18.09 12.22 5.18
C MSE O 164 16.84 11.50 4.65
O MSE O 164 15.81 12.15 4.43
CB MSE O 164 18.24 13.58 4.49
CG MSE O 164 19.32 14.43 5.14
SE MSE O 164 19.15 16.31 4.73
CE MSE O 164 19.97 16.32 2.96
N HIS O 165 16.92 10.19 4.45
CA HIS O 165 15.75 9.43 4.02
C HIS O 165 14.65 9.65 5.08
N ALA O 166 13.41 9.36 4.71
CA ALA O 166 12.28 9.48 5.64
C ALA O 166 11.96 8.07 6.10
N ALA O 167 12.16 7.78 7.39
CA ALA O 167 11.90 6.44 7.92
C ALA O 167 10.52 5.87 7.51
N ASP O 168 10.53 4.65 6.96
CA ASP O 168 9.30 3.97 6.53
C ASP O 168 8.71 4.45 5.20
N ALA O 169 8.97 5.71 4.82
CA ALA O 169 8.44 6.25 3.57
C ALA O 169 8.92 5.42 2.38
N GLN O 170 8.07 5.30 1.37
CA GLN O 170 8.39 4.53 0.17
C GLN O 170 8.80 5.45 -0.98
N VAL O 171 9.93 5.13 -1.59
CA VAL O 171 10.48 5.89 -2.71
C VAL O 171 9.76 5.52 -3.99
N LEU O 172 9.19 6.51 -4.66
CA LEU O 172 8.45 6.32 -5.90
C LEU O 172 9.25 6.72 -7.14
N LEU O 173 10.12 7.71 -6.99
CA LEU O 173 10.96 8.19 -8.08
C LEU O 173 12.29 8.70 -7.52
N ALA O 174 13.40 8.38 -8.19
CA ALA O 174 14.69 8.81 -7.72
C ALA O 174 15.54 9.34 -8.85
N LEU O 175 16.29 10.41 -8.56
CA LEU O 175 17.19 11.00 -9.54
C LEU O 175 18.55 11.11 -8.88
N ASP O 176 19.51 10.40 -9.45
CA ASP O 176 20.88 10.35 -8.92
C ASP O 176 21.72 11.48 -9.46
N VAL O 177 22.15 12.38 -8.58
CA VAL O 177 23.01 13.48 -9.01
C VAL O 177 24.45 13.36 -8.52
N TRP O 178 24.90 12.14 -8.28
CA TRP O 178 26.30 11.94 -7.92
C TRP O 178 27.04 12.35 -9.21
N GLU O 179 28.25 12.86 -9.08
CA GLU O 179 28.97 13.28 -10.28
C GLU O 179 29.14 12.15 -11.30
N HIS O 180 29.33 10.91 -10.84
CA HIS O 180 29.52 9.81 -11.79
C HIS O 180 28.23 9.48 -12.55
N ALA O 181 27.14 10.18 -12.24
CA ALA O 181 25.88 9.95 -12.93
C ALA O 181 25.71 10.86 -14.14
N TYR O 182 26.55 11.90 -14.25
CA TYR O 182 26.42 12.83 -15.37
C TYR O 182 27.70 13.53 -15.84
N TYR O 183 28.76 13.48 -15.03
CA TYR O 183 29.97 14.19 -15.39
C TYR O 183 30.64 13.98 -16.76
N LEU O 184 30.88 12.73 -17.15
CA LEU O 184 31.52 12.45 -18.43
C LEU O 184 30.80 13.11 -19.61
N GLN O 185 29.49 13.30 -19.47
CA GLN O 185 28.67 13.89 -20.53
C GLN O 185 28.36 15.37 -20.32
N TYR O 186 27.88 15.71 -19.12
CA TYR O 186 27.50 17.07 -18.79
C TYR O 186 28.52 17.88 -17.99
N LYS O 187 29.62 17.26 -17.59
CA LYS O 187 30.67 17.91 -16.80
C LYS O 187 30.05 18.57 -15.55
N ASN O 188 30.44 19.81 -15.26
CA ASN O 188 29.92 20.53 -14.10
C ASN O 188 28.44 20.93 -14.22
N ASP O 189 27.88 20.83 -15.42
CA ASP O 189 26.48 21.23 -15.63
C ASP O 189 25.45 20.18 -15.25
N ARG O 190 25.34 19.93 -13.95
CA ARG O 190 24.37 18.97 -13.41
C ARG O 190 22.98 19.43 -13.81
N GLY O 191 22.80 20.74 -13.87
CA GLY O 191 21.51 21.30 -14.22
C GLY O 191 20.98 20.85 -15.57
N SER O 192 21.83 20.82 -16.59
CA SER O 192 21.39 20.39 -17.92
C SER O 192 21.06 18.90 -17.87
N TYR O 193 21.83 18.16 -17.08
CA TYR O 193 21.60 16.73 -16.94
C TYR O 193 20.22 16.53 -16.36
N VAL O 194 19.97 17.15 -15.21
CA VAL O 194 18.68 17.04 -14.55
C VAL O 194 17.52 17.37 -15.47
N ASP O 195 17.62 18.47 -16.21
CA ASP O 195 16.54 18.86 -17.11
C ASP O 195 16.28 17.82 -18.20
N ASN O 196 17.35 17.18 -18.67
CA ASN O 196 17.24 16.17 -19.72
C ASN O 196 16.70 14.83 -19.24
N TRP O 197 17.07 14.47 -18.01
CA TRP O 197 16.65 13.21 -17.40
C TRP O 197 15.15 12.96 -17.49
N TRP O 198 14.36 14.04 -17.52
CA TRP O 198 12.92 13.90 -17.59
C TRP O 198 12.45 13.15 -18.84
N ASN O 199 13.30 13.14 -19.87
CA ASN O 199 12.97 12.47 -21.12
C ASN O 199 13.10 10.95 -21.06
N VAL O 200 13.49 10.40 -19.91
CA VAL O 200 13.62 8.94 -19.79
C VAL O 200 12.79 8.41 -18.61
N VAL O 201 12.15 9.29 -17.87
CA VAL O 201 11.34 8.87 -16.71
C VAL O 201 10.26 7.87 -17.14
N ASN O 202 10.23 6.74 -16.44
CA ASN O 202 9.27 5.67 -16.71
C ASN O 202 8.13 5.78 -15.72
N TRP O 203 7.04 6.40 -16.14
CA TRP O 203 5.89 6.56 -15.25
C TRP O 203 5.15 5.25 -14.99
N ASP O 204 5.33 4.26 -15.86
CA ASP O 204 4.68 2.96 -15.63
C ASP O 204 5.18 2.46 -14.26
N ASP O 205 6.50 2.50 -14.10
CA ASP O 205 7.14 2.06 -12.87
C ASP O 205 6.68 2.90 -11.67
N VAL O 206 6.79 4.22 -11.80
CA VAL O 206 6.39 5.12 -10.73
C VAL O 206 4.97 4.81 -10.28
N GLU O 207 4.08 4.67 -11.24
CA GLU O 207 2.67 4.36 -10.98
C GLU O 207 2.52 3.05 -10.19
N ARG O 208 3.29 2.03 -10.58
CA ARG O 208 3.25 0.74 -9.90
C ARG O 208 3.67 0.86 -8.44
N ARG O 209 4.60 1.76 -8.15
CA ARG O 209 5.05 1.97 -6.78
C ARG O 209 3.99 2.76 -6.02
N LEU O 210 3.47 3.82 -6.64
CA LEU O 210 2.45 4.62 -5.97
C LEU O 210 1.22 3.77 -5.62
N GLN O 211 0.70 3.02 -6.59
CA GLN O 211 -0.47 2.17 -6.34
C GLN O 211 -0.25 1.32 -5.09
N LYS O 212 0.93 0.73 -4.96
CA LYS O 212 1.21 -0.07 -3.77
C LYS O 212 1.30 0.83 -2.54
N ALA O 213 1.95 1.97 -2.70
CA ALA O 213 2.14 2.91 -1.60
C ALA O 213 0.82 3.41 -1.05
N LEU O 214 -0.08 3.80 -1.95
CA LEU O 214 -1.40 4.30 -1.55
C LEU O 214 -2.18 3.30 -0.65
N ASN O 215 -1.87 2.01 -0.74
CA ASN O 215 -2.55 1.00 0.07
C ASN O 215 -1.72 0.58 1.28
N GLY O 216 -0.82 1.45 1.72
CA GLY O 216 0.02 1.14 2.87
C GLY O 216 0.93 -0.05 2.65
N GLN O 217 1.47 -0.18 1.45
CA GLN O 217 2.36 -1.29 1.16
C GLN O 217 3.77 -0.78 0.89
N ILE O 218 4.72 -1.70 0.97
CA ILE O 218 6.13 -1.45 0.71
C ILE O 218 6.18 -1.48 -0.81
N ALA O 219 6.61 -0.37 -1.41
CA ALA O 219 6.64 -0.27 -2.87
C ALA O 219 7.87 -0.81 -3.56
N LEU O 220 8.25 -2.04 -3.21
CA LEU O 220 9.39 -2.69 -3.85
C LEU O 220 8.93 -3.96 -4.56
N LYS O 221 9.82 -4.54 -5.35
CA LYS O 221 9.50 -5.75 -6.08
C LYS O 221 8.24 -5.56 -6.94
N LEU O 222 8.22 -4.46 -7.69
CA LEU O 222 7.13 -4.05 -8.60
C LEU O 222 7.10 -2.52 -8.74
N SER P 12 61.48 4.80 13.62
CA SER P 12 60.59 4.72 14.83
C SER P 12 59.29 5.51 14.66
N VAL P 13 58.22 5.07 15.32
CA VAL P 13 56.93 5.73 15.23
C VAL P 13 56.40 6.22 16.58
N THR P 14 56.28 7.54 16.72
CA THR P 14 55.76 8.12 17.96
C THR P 14 54.68 9.14 17.64
N THR P 15 53.58 9.08 18.39
CA THR P 15 52.48 10.02 18.24
C THR P 15 52.42 10.80 19.56
N LYS P 16 51.86 12.00 19.53
CA LYS P 16 51.75 12.81 20.76
C LYS P 16 50.37 12.53 21.34
N ARG P 17 50.31 12.38 22.66
CA ARG P 17 49.03 12.10 23.30
C ARG P 17 48.43 13.34 23.93
N TYR P 18 47.13 13.31 24.16
CA TYR P 18 46.45 14.44 24.76
C TYR P 18 46.09 14.14 26.22
N THR P 19 45.85 15.20 26.99
CA THR P 19 45.49 15.06 28.40
C THR P 19 44.43 16.07 28.77
N LEU P 20 43.66 15.75 29.79
CA LEU P 20 42.59 16.62 30.28
C LEU P 20 43.20 17.85 30.96
N PRO P 21 42.85 19.05 30.50
CA PRO P 21 43.43 20.23 31.17
C PRO P 21 42.62 20.60 32.41
N PRO P 22 43.28 21.17 33.43
CA PRO P 22 42.53 21.55 34.63
C PRO P 22 41.70 22.77 34.27
N LEU P 23 40.56 22.95 34.96
CA LEU P 23 39.74 24.11 34.68
C LEU P 23 40.48 25.32 35.23
N PRO P 24 40.20 26.51 34.69
CA PRO P 24 40.90 27.70 35.21
C PRO P 24 40.25 28.14 36.52
N TYR P 25 39.22 27.40 36.94
CA TYR P 25 38.46 27.74 38.15
C TYR P 25 37.71 26.55 38.76
N ALA P 26 37.14 26.80 39.93
CA ALA P 26 36.38 25.78 40.67
C ALA P 26 35.15 25.37 39.88
N TYR P 27 34.66 24.17 40.16
CA TYR P 27 33.47 23.62 39.49
C TYR P 27 32.21 24.43 39.74
N ASN P 28 32.17 25.15 40.86
CA ASN P 28 31.00 25.95 41.19
C ASN P 28 31.24 27.43 40.91
N ALA P 29 32.40 27.74 40.34
CA ALA P 29 32.80 29.10 40.04
C ALA P 29 31.95 29.85 39.03
N LEU P 30 31.29 29.11 38.14
CA LEU P 30 30.46 29.76 37.12
C LEU P 30 29.01 29.89 37.52
N GLU P 31 28.69 29.41 38.72
CA GLU P 31 27.33 29.50 39.23
C GLU P 31 26.99 30.97 39.51
N PRO P 32 25.69 31.31 39.51
CA PRO P 32 24.54 30.42 39.27
C PRO P 32 24.22 30.12 37.81
N TYR P 33 25.01 30.65 36.89
CA TYR P 33 24.76 30.46 35.47
C TYR P 33 24.94 29.04 34.95
N ILE P 34 25.92 28.32 35.49
CA ILE P 34 26.15 26.93 35.10
C ILE P 34 26.48 26.17 36.39
N SER P 35 25.61 25.22 36.74
CA SER P 35 25.74 24.41 37.96
C SER P 35 27.07 23.70 38.15
N ALA P 36 27.47 23.54 39.41
CA ALA P 36 28.71 22.86 39.70
C ALA P 36 28.61 21.43 39.18
N GLU P 37 27.42 20.86 39.29
CA GLU P 37 27.17 19.50 38.85
C GLU P 37 27.51 19.33 37.36
N ILE P 38 26.98 20.25 36.55
CA ILE P 38 27.23 20.23 35.12
C ILE P 38 28.73 20.38 34.85
N MSE P 39 29.35 21.38 35.45
CA MSE P 39 30.78 21.59 35.25
C MSE P 39 31.57 20.31 35.51
O MSE P 39 32.37 19.88 34.66
CB MSE P 39 31.30 22.70 36.17
CG MSE P 39 30.71 24.07 35.92
SE MSE P 39 30.99 24.69 34.09
CE MSE P 39 29.59 23.67 33.24
N GLN P 40 31.33 19.70 36.67
CA GLN P 40 32.03 18.48 37.06
C GLN P 40 31.87 17.35 36.04
N LEU P 41 30.64 16.96 35.75
CA LEU P 41 30.36 15.91 34.77
C LEU P 41 30.93 16.26 33.41
N HIS P 42 30.63 17.48 32.96
CA HIS P 42 31.08 17.98 31.66
C HIS P 42 32.59 17.88 31.50
N HIS P 43 33.32 18.26 32.54
CA HIS P 43 34.78 18.24 32.49
C HIS P 43 35.36 16.85 32.78
N GLN P 44 35.03 16.28 33.92
CA GLN P 44 35.57 14.99 34.34
C GLN P 44 35.06 13.78 33.58
N LYS P 45 33.83 13.85 33.10
CA LYS P 45 33.26 12.74 32.37
C LYS P 45 33.27 12.95 30.87
N HIS P 46 32.59 13.99 30.40
CA HIS P 46 32.54 14.23 28.97
C HIS P 46 33.86 14.63 28.31
N HIS P 47 34.45 15.74 28.74
CA HIS P 47 35.70 16.18 28.15
C HIS P 47 36.75 15.06 28.25
N GLN P 48 36.82 14.42 29.42
CA GLN P 48 37.76 13.32 29.63
C GLN P 48 37.54 12.25 28.56
N GLY P 49 36.27 11.94 28.31
CA GLY P 49 35.93 10.95 27.30
C GLY P 49 36.53 11.26 25.93
N TYR P 50 36.55 12.53 25.56
CA TYR P 50 37.10 12.94 24.27
C TYR P 50 38.61 12.79 24.28
N VAL P 51 39.22 13.03 25.43
CA VAL P 51 40.67 12.89 25.55
C VAL P 51 40.98 11.40 25.30
N ASN P 52 40.21 10.54 25.96
CA ASN P 52 40.36 9.08 25.83
C ASN P 52 40.17 8.60 24.39
N GLY P 53 39.10 9.05 23.75
CA GLY P 53 38.83 8.66 22.37
C GLY P 53 39.93 9.11 21.43
N ALA P 54 40.40 10.34 21.59
CA ALA P 54 41.47 10.84 20.75
C ALA P 54 42.67 9.90 20.91
N ASN P 55 43.09 9.70 22.15
CA ASN P 55 44.23 8.83 22.40
C ASN P 55 44.01 7.43 21.88
N ALA P 56 42.77 6.96 21.92
CA ALA P 56 42.45 5.62 21.43
C ALA P 56 42.67 5.53 19.90
N ALA P 57 42.23 6.54 19.16
CA ALA P 57 42.41 6.51 17.70
C ALA P 57 43.89 6.60 17.35
N LEU P 58 44.63 7.44 18.09
CA LEU P 58 46.06 7.58 17.83
C LEU P 58 46.84 6.30 18.13
N GLU P 59 46.38 5.55 19.13
CA GLU P 59 46.99 4.28 19.49
C GLU P 59 46.79 3.29 18.33
N LYS P 60 45.59 3.30 17.75
CA LYS P 60 45.28 2.43 16.61
C LYS P 60 46.15 2.80 15.41
N LEU P 61 46.29 4.10 15.15
CA LEU P 61 47.10 4.55 14.03
C LEU P 61 48.57 4.20 14.26
N GLU P 62 49.05 4.38 15.49
CA GLU P 62 50.45 4.08 15.79
C GLU P 62 50.77 2.62 15.51
N LYS P 63 49.93 1.71 16.00
CA LYS P 63 50.13 0.27 15.77
C LYS P 63 50.13 -0.05 14.27
N PHE P 64 49.29 0.66 13.52
CA PHE P 64 49.21 0.48 12.07
C PHE P 64 50.52 0.98 11.45
N ARG P 65 50.97 2.16 11.89
CA ARG P 65 52.21 2.74 11.37
C ARG P 65 53.41 1.85 11.70
N LYS P 66 53.37 1.20 12.86
CA LYS P 66 54.45 0.30 13.28
C LYS P 66 54.35 -1.04 12.56
N GLY P 67 53.41 -1.13 11.63
CA GLY P 67 53.23 -2.36 10.88
C GLY P 67 52.75 -3.50 11.75
N GLU P 68 52.21 -3.17 12.93
CA GLU P 68 51.73 -4.19 13.86
C GLU P 68 50.24 -4.52 13.72
N ALA P 69 49.53 -3.75 12.89
CA ALA P 69 48.11 -3.99 12.72
C ALA P 69 47.58 -3.43 11.42
N GLN P 70 46.39 -3.87 11.05
CA GLN P 70 45.73 -3.38 9.85
C GLN P 70 44.79 -2.29 10.35
N ILE P 71 44.30 -1.44 9.46
CA ILE P 71 43.45 -0.35 9.90
C ILE P 71 42.36 0.08 8.93
N ASP P 72 41.14 0.27 9.44
CA ASP P 72 40.06 0.78 8.60
C ASP P 72 40.32 2.27 8.78
N ILE P 73 40.98 2.87 7.79
CA ILE P 73 41.33 4.28 7.91
C ILE P 73 40.14 5.22 8.06
N ARG P 74 39.09 5.03 7.26
CA ARG P 74 37.92 5.89 7.38
C ARG P 74 37.30 5.84 8.79
N ALA P 75 37.26 4.64 9.38
CA ALA P 75 36.70 4.47 10.73
C ALA P 75 37.51 5.20 11.81
N VAL P 76 38.81 4.93 11.83
CA VAL P 76 39.66 5.55 12.83
C VAL P 76 39.84 7.05 12.65
N LEU P 77 39.90 7.52 11.40
CA LEU P 77 40.05 8.96 11.23
C LEU P 77 38.74 9.67 11.56
N ARG P 78 37.61 8.99 11.37
CA ARG P 78 36.33 9.59 11.75
C ARG P 78 36.35 9.76 13.28
N ASP P 79 36.83 8.72 13.96
CA ASP P 79 36.92 8.73 15.42
C ASP P 79 37.87 9.82 15.90
N LEU P 80 39.07 9.85 15.32
CA LEU P 80 40.07 10.84 15.71
C LEU P 80 39.55 12.27 15.57
N SER P 81 38.90 12.54 14.43
CA SER P 81 38.37 13.86 14.16
C SER P 81 37.33 14.27 15.21
N PHE P 82 36.37 13.40 15.46
CA PHE P 82 35.33 13.71 16.43
C PHE P 82 35.94 13.98 17.80
N HIS P 83 36.72 13.03 18.29
CA HIS P 83 37.33 13.18 19.62
C HIS P 83 38.36 14.29 19.78
N LEU P 84 39.29 14.41 18.83
CA LEU P 84 40.28 15.46 18.91
C LEU P 84 39.58 16.81 18.97
N ASN P 85 38.52 16.98 18.18
CA ASN P 85 37.79 18.25 18.19
C ASN P 85 37.02 18.47 19.48
N GLY P 86 36.45 17.40 20.02
CA GLY P 86 35.74 17.52 21.27
C GLY P 86 36.75 18.00 22.31
N HIS P 87 37.98 17.52 22.18
CA HIS P 87 39.03 17.92 23.11
C HIS P 87 39.52 19.33 22.83
N ILE P 88 39.66 19.69 21.57
CA ILE P 88 40.14 21.03 21.23
C ILE P 88 39.13 22.09 21.62
N LEU P 89 37.86 21.90 21.26
CA LEU P 89 36.86 22.91 21.57
C LEU P 89 36.60 23.04 23.06
N HIS P 90 36.70 21.95 23.82
CA HIS P 90 36.48 22.07 25.25
C HIS P 90 37.63 22.85 25.89
N SER P 91 38.86 22.57 25.44
CA SER P 91 40.05 23.25 25.94
C SER P 91 39.98 24.77 25.74
N ILE P 92 39.21 25.21 24.76
CA ILE P 92 39.02 26.63 24.48
C ILE P 92 37.84 27.15 25.31
N PHE P 93 36.81 26.31 25.40
CA PHE P 93 35.57 26.63 26.11
C PHE P 93 35.75 27.03 27.58
N TRP P 94 36.52 26.25 28.32
CA TRP P 94 36.74 26.51 29.74
C TRP P 94 37.35 27.91 30.00
N PRO P 95 38.50 28.23 29.38
CA PRO P 95 39.09 29.56 29.60
C PRO P 95 38.34 30.69 28.90
N ASN P 96 37.40 30.30 28.03
CA ASN P 96 36.55 31.25 27.29
C ASN P 96 35.56 31.86 28.29
N MSE P 97 35.44 31.24 29.46
CA MSE P 97 34.53 31.71 30.49
C MSE P 97 35.32 32.06 31.73
O MSE P 97 36.48 31.67 31.85
CB MSE P 97 33.49 30.64 30.84
CG MSE P 97 32.81 29.95 29.65
SE MSE P 97 31.50 28.61 30.25
CE MSE P 97 32.71 27.16 30.74
N ALA P 98 34.68 32.75 32.66
CA ALA P 98 35.33 33.14 33.90
C ALA P 98 34.25 33.55 34.90
N PRO P 99 34.51 33.36 36.21
CA PRO P 99 33.52 33.72 37.24
C PRO P 99 32.92 35.10 36.98
N PRO P 100 31.60 35.25 37.20
CA PRO P 100 30.93 36.53 36.99
C PRO P 100 31.76 37.64 37.64
N GLY P 101 31.95 38.73 36.91
CA GLY P 101 32.77 39.83 37.40
C GLY P 101 33.97 39.84 36.46
N LYS P 102 34.83 38.84 36.60
CA LYS P 102 35.99 38.72 35.74
C LYS P 102 35.45 38.34 34.36
N GLY P 103 34.25 37.73 34.37
CA GLY P 103 33.60 37.33 33.13
C GLY P 103 32.25 38.02 33.06
N GLY P 104 31.74 38.21 31.85
CA GLY P 104 30.46 38.86 31.68
C GLY P 104 30.62 40.22 31.03
N GLY P 105 29.51 40.92 30.86
CA GLY P 105 29.56 42.25 30.26
C GLY P 105 29.80 42.28 28.76
N LYS P 106 30.39 43.37 28.30
CA LYS P 106 30.67 43.56 26.88
C LYS P 106 32.17 43.44 26.58
N PRO P 107 32.51 43.21 25.30
CA PRO P 107 33.92 43.08 24.91
C PRO P 107 34.61 44.44 24.79
N GLY P 108 35.94 44.42 24.80
CA GLY P 108 36.70 45.64 24.67
C GLY P 108 37.82 45.40 23.68
N GLY P 109 38.87 46.22 23.74
CA GLY P 109 40.00 46.06 22.85
C GLY P 109 39.67 45.84 21.38
N LYS P 110 40.54 45.11 20.68
CA LYS P 110 40.36 44.85 19.26
C LYS P 110 39.18 43.94 18.94
N ILE P 111 38.73 43.14 19.91
CA ILE P 111 37.59 42.26 19.67
C ILE P 111 36.32 43.10 19.63
N ALA P 112 36.26 44.14 20.47
CA ALA P 112 35.10 45.02 20.48
C ALA P 112 35.06 45.75 19.14
N ASP P 113 36.24 46.22 18.73
CA ASP P 113 36.38 46.95 17.47
C ASP P 113 36.06 46.10 16.26
N LEU P 114 36.59 44.88 16.23
CA LEU P 114 36.35 43.99 15.11
C LEU P 114 34.88 43.52 15.06
N ILE P 115 34.26 43.34 16.22
CA ILE P 115 32.86 42.92 16.22
C ILE P 115 32.03 44.06 15.63
N ASN P 116 32.35 45.30 15.98
CA ASN P 116 31.62 46.43 15.43
C ASN P 116 31.81 46.51 13.94
N LYS P 117 33.04 46.34 13.48
CA LYS P 117 33.31 46.41 12.04
C LYS P 117 32.48 45.46 11.20
N PHE P 118 32.45 44.20 11.61
CA PHE P 118 31.75 43.18 10.85
C PHE P 118 30.28 42.97 11.19
N PHE P 119 29.90 43.22 12.43
CA PHE P 119 28.51 43.02 12.85
C PHE P 119 27.74 44.31 13.11
N GLY P 120 28.44 45.45 13.07
CA GLY P 120 27.79 46.73 13.30
C GLY P 120 27.80 47.12 14.78
N SER P 121 27.54 46.15 15.65
CA SER P 121 27.51 46.39 17.09
C SER P 121 27.58 45.06 17.82
N PHE P 122 27.84 45.13 19.13
CA PHE P 122 27.90 43.94 19.95
C PHE P 122 26.52 43.29 20.02
N GLU P 123 25.49 44.12 20.16
CA GLU P 123 24.13 43.59 20.21
C GLU P 123 23.83 42.70 19.00
N LYS P 124 24.15 43.18 17.79
CA LYS P 124 23.90 42.38 16.59
C LYS P 124 24.74 41.10 16.62
N PHE P 125 25.99 41.22 17.01
CA PHE P 125 26.88 40.06 17.13
C PHE P 125 26.23 39.01 18.04
N LYS P 126 25.80 39.45 19.22
CA LYS P 126 25.16 38.56 20.18
C LYS P 126 23.94 37.87 19.57
N GLU P 127 23.14 38.62 18.80
CA GLU P 127 21.97 38.05 18.17
C GLU P 127 22.38 36.92 17.22
N GLU P 128 23.31 37.22 16.32
CA GLU P 128 23.77 36.24 15.35
C GLU P 128 24.44 35.04 16.03
N PHE P 129 25.27 35.30 17.04
CA PHE P 129 25.95 34.22 17.74
C PHE P 129 24.95 33.38 18.54
N SER P 130 24.05 34.07 19.24
CA SER P 130 23.02 33.41 20.03
C SER P 130 22.00 32.66 19.16
N GLN P 131 21.69 33.21 17.99
CA GLN P 131 20.75 32.55 17.09
C GLN P 131 21.40 31.31 16.48
N ALA P 132 22.69 31.41 16.17
CA ALA P 132 23.41 30.27 15.62
C ALA P 132 23.42 29.15 16.66
N ALA P 133 23.71 29.50 17.92
CA ALA P 133 23.76 28.52 19.00
C ALA P 133 22.41 27.87 19.30
N LYS P 134 21.37 28.68 19.35
CA LYS P 134 20.04 28.18 19.64
C LYS P 134 19.50 27.29 18.51
N ASN P 135 19.92 27.59 17.28
CA ASN P 135 19.44 26.83 16.15
C ASN P 135 20.36 25.74 15.63
N VAL P 136 21.25 25.25 16.49
CA VAL P 136 22.12 24.15 16.11
C VAL P 136 21.17 22.95 16.04
N GLU P 137 21.24 22.16 14.98
CA GLU P 137 20.34 21.00 14.85
C GLU P 137 21.04 19.79 15.47
N GLY P 138 20.52 19.32 16.60
CA GLY P 138 21.14 18.21 17.31
C GLY P 138 22.16 18.82 18.25
N VAL P 139 23.22 18.09 18.58
CA VAL P 139 24.24 18.66 19.47
C VAL P 139 25.32 19.37 18.65
N GLY P 140 25.94 20.39 19.23
CA GLY P 140 26.96 21.12 18.51
C GLY P 140 27.50 22.32 19.25
N TRP P 141 27.99 23.30 18.50
CA TRP P 141 28.57 24.51 19.05
C TRP P 141 28.28 25.68 18.15
N ALA P 142 28.41 26.87 18.72
CA ALA P 142 28.31 28.12 17.99
C ALA P 142 29.72 28.63 18.28
N ILE P 143 30.44 29.09 17.26
CA ILE P 143 31.78 29.59 17.49
C ILE P 143 32.08 30.83 16.67
N LEU P 144 32.93 31.68 17.23
CA LEU P 144 33.36 32.88 16.55
C LEU P 144 34.81 32.59 16.12
N VAL P 145 35.07 32.67 14.82
CA VAL P 145 36.42 32.41 14.34
C VAL P 145 36.98 33.61 13.57
N TYR P 146 38.30 33.67 13.49
CA TYR P 146 38.95 34.71 12.69
C TYR P 146 39.36 33.89 11.47
N GLU P 147 38.85 34.31 10.30
CA GLU P 147 39.13 33.63 9.04
C GLU P 147 40.37 34.29 8.46
N PRO P 148 41.51 33.56 8.46
CA PRO P 148 42.82 33.97 7.98
C PRO P 148 42.88 34.50 6.55
N LEU P 149 42.42 33.68 5.61
CA LEU P 149 42.46 34.00 4.19
C LEU P 149 42.09 35.43 3.83
N GLU P 150 40.87 35.86 4.18
CA GLU P 150 40.47 37.22 3.87
C GLU P 150 40.34 38.12 5.10
N GLU P 151 40.90 37.62 6.21
CA GLU P 151 40.95 38.35 7.47
C GLU P 151 39.65 38.97 7.96
N GLN P 152 38.73 38.12 8.40
CA GLN P 152 37.48 38.61 8.92
C GLN P 152 36.90 37.71 10.00
N LEU P 153 35.96 38.26 10.73
CA LEU P 153 35.29 37.53 11.80
C LEU P 153 34.12 36.79 11.18
N LEU P 154 33.96 35.53 11.55
CA LEU P 154 32.86 34.73 11.04
C LEU P 154 32.32 33.88 12.18
N ILE P 155 31.00 33.77 12.25
CA ILE P 155 30.39 32.91 13.25
C ILE P 155 29.99 31.66 12.46
N LEU P 156 30.30 30.50 13.01
CA LEU P 156 29.95 29.26 12.35
C LEU P 156 29.19 28.36 13.32
N GLN P 157 28.31 27.53 12.75
CA GLN P 157 27.57 26.56 13.54
C GLN P 157 28.36 25.26 13.38
N ILE P 158 28.65 24.58 14.48
CA ILE P 158 29.37 23.31 14.43
C ILE P 158 28.39 22.17 14.84
N GLU P 159 28.41 21.05 14.13
CA GLU P 159 27.57 19.89 14.46
C GLU P 159 28.50 18.87 15.12
N LYS P 160 28.01 18.21 16.17
CA LYS P 160 28.81 17.27 16.94
C LYS P 160 29.99 18.11 17.45
N HIS P 161 31.22 17.78 17.05
CA HIS P 161 32.40 18.56 17.45
C HIS P 161 33.26 18.93 16.25
N ASN P 162 33.05 18.22 15.14
CA ASN P 162 33.91 18.35 13.97
C ASN P 162 33.29 18.64 12.63
N LEU P 163 31.99 18.91 12.61
CA LEU P 163 31.33 19.17 11.34
C LEU P 163 31.13 20.65 11.07
N MSE P 164 31.72 21.09 9.96
CA MSE P 164 31.64 22.44 9.44
C MSE P 164 32.66 23.50 9.87
O MSE P 164 32.47 24.69 9.64
CB MSE P 164 30.23 22.97 9.62
CG MSE P 164 29.24 22.05 8.94
SE MSE P 164 27.55 22.90 8.73
CE MSE P 164 26.97 22.92 10.60
N HIS P 165 33.76 23.06 10.47
CA HIS P 165 34.82 23.99 10.85
C HIS P 165 35.38 24.61 9.57
N ALA P 166 35.99 25.78 9.70
CA ALA P 166 36.62 26.44 8.56
C ALA P 166 38.11 26.08 8.63
N ALA P 167 38.62 25.42 7.60
CA ALA P 167 40.02 25.04 7.55
C ALA P 167 40.91 26.24 7.84
N ASP P 168 41.91 26.03 8.70
CA ASP P 168 42.90 27.03 9.08
C ASP P 168 42.39 28.13 10.02
N ALA P 169 41.07 28.26 10.15
CA ALA P 169 40.50 29.31 10.99
C ALA P 169 40.82 29.13 12.46
N GLN P 170 40.90 30.25 13.19
CA GLN P 170 41.22 30.20 14.61
C GLN P 170 39.98 30.46 15.43
N VAL P 171 39.67 29.54 16.34
CA VAL P 171 38.51 29.67 17.21
C VAL P 171 38.81 30.68 18.32
N LEU P 172 37.99 31.72 18.39
CA LEU P 172 38.16 32.79 19.38
C LEU P 172 37.17 32.67 20.55
N LEU P 173 35.97 32.15 20.28
CA LEU P 173 34.96 31.98 21.30
C LEU P 173 34.09 30.80 20.92
N ALA P 174 33.85 29.90 21.88
CA ALA P 174 33.02 28.72 21.63
C ALA P 174 31.96 28.57 22.71
N LEU P 175 30.75 28.21 22.29
CA LEU P 175 29.64 27.99 23.20
C LEU P 175 29.08 26.60 22.90
N ASP P 176 29.21 25.71 23.87
CA ASP P 176 28.76 24.33 23.77
C ASP P 176 27.24 24.20 23.88
N VAL P 177 26.57 23.66 22.86
CA VAL P 177 25.12 23.46 22.96
C VAL P 177 24.76 21.97 22.93
N TRP P 178 25.68 21.13 23.37
CA TRP P 178 25.39 19.71 23.49
C TRP P 178 24.47 19.72 24.71
N GLU P 179 23.50 18.83 24.79
CA GLU P 179 22.59 18.80 25.92
C GLU P 179 23.27 18.68 27.29
N HIS P 180 24.33 17.88 27.38
CA HIS P 180 24.99 17.72 28.67
C HIS P 180 25.57 19.04 29.20
N ALA P 181 25.75 20.01 28.31
CA ALA P 181 26.27 21.31 28.71
C ALA P 181 25.23 22.15 29.46
N TYR P 182 23.97 21.72 29.48
CA TYR P 182 22.93 22.52 30.15
C TYR P 182 21.68 21.82 30.70
N TYR P 183 21.32 20.69 30.11
CA TYR P 183 20.10 19.96 30.49
C TYR P 183 19.77 19.79 31.99
N LEU P 184 20.75 19.37 32.78
CA LEU P 184 20.48 19.18 34.21
C LEU P 184 19.88 20.44 34.80
N GLN P 185 20.41 21.59 34.41
CA GLN P 185 19.94 22.86 34.94
C GLN P 185 18.82 23.55 34.16
N TYR P 186 18.92 23.60 32.84
CA TYR P 186 17.91 24.28 32.04
C TYR P 186 16.91 23.38 31.34
N LYS P 187 17.06 22.08 31.51
CA LYS P 187 16.18 21.10 30.86
C LYS P 187 16.25 21.38 29.36
N ASN P 188 15.09 21.34 28.69
CA ASN P 188 15.01 21.58 27.25
C ASN P 188 15.19 23.04 26.87
N ASP P 189 15.20 23.93 27.85
CA ASP P 189 15.33 25.34 27.55
C ASP P 189 16.74 25.80 27.17
N ARG P 190 17.18 25.37 25.99
CA ARG P 190 18.49 25.74 25.48
C ARG P 190 18.61 27.25 25.34
N GLY P 191 17.53 27.89 24.92
CA GLY P 191 17.52 29.33 24.74
C GLY P 191 17.97 30.06 25.99
N SER P 192 17.41 29.67 27.14
CA SER P 192 17.74 30.28 28.42
C SER P 192 19.23 30.08 28.78
N TYR P 193 19.75 28.89 28.48
CA TYR P 193 21.14 28.58 28.75
C TYR P 193 22.06 29.49 27.93
N VAL P 194 21.73 29.70 26.66
CA VAL P 194 22.53 30.56 25.79
C VAL P 194 22.47 31.99 26.32
N ASP P 195 21.26 32.50 26.55
CA ASP P 195 21.10 33.85 27.07
C ASP P 195 21.89 34.05 28.37
N ASN P 196 21.91 33.04 29.24
CA ASN P 196 22.62 33.14 30.51
C ASN P 196 24.15 33.07 30.40
N TRP P 197 24.61 32.27 29.43
CA TRP P 197 26.04 32.06 29.20
C TRP P 197 26.84 33.33 28.98
N TRP P 198 26.24 34.33 28.35
CA TRP P 198 26.92 35.60 28.10
C TRP P 198 27.48 36.22 29.38
N ASN P 199 26.89 35.85 30.53
CA ASN P 199 27.31 36.40 31.82
C ASN P 199 28.61 35.82 32.40
N VAL P 200 29.15 34.78 31.78
CA VAL P 200 30.39 34.20 32.28
C VAL P 200 31.47 34.19 31.20
N VAL P 201 31.19 34.85 30.08
CA VAL P 201 32.18 34.90 29.01
C VAL P 201 33.37 35.74 29.46
N ASN P 202 34.56 35.20 29.23
CA ASN P 202 35.79 35.87 29.61
C ASN P 202 36.33 36.61 28.37
N TRP P 203 35.87 37.84 28.16
CA TRP P 203 36.28 38.62 27.00
C TRP P 203 37.78 38.94 26.95
N ASP P 204 38.49 38.76 28.06
CA ASP P 204 39.94 38.98 28.06
C ASP P 204 40.59 37.81 27.33
N ASP P 205 40.04 36.62 27.53
CA ASP P 205 40.55 35.43 26.89
C ASP P 205 40.23 35.50 25.40
N VAL P 206 39.01 35.93 25.08
CA VAL P 206 38.60 36.05 23.69
C VAL P 206 39.56 37.03 23.02
N GLU P 207 39.89 38.09 23.75
CA GLU P 207 40.81 39.11 23.27
C GLU P 207 42.20 38.53 22.97
N ARG P 208 42.74 37.75 23.91
CA ARG P 208 44.07 37.15 23.72
C ARG P 208 44.12 36.25 22.48
N ARG P 209 43.03 35.55 22.18
CA ARG P 209 42.99 34.68 21.01
C ARG P 209 42.92 35.50 19.72
N LEU P 210 42.04 36.49 19.71
CA LEU P 210 41.91 37.35 18.54
C LEU P 210 43.25 37.98 18.16
N GLN P 211 43.95 38.55 19.15
CA GLN P 211 45.21 39.21 18.85
C GLN P 211 46.17 38.24 18.17
N LYS P 212 46.30 37.03 18.72
CA LYS P 212 47.17 36.05 18.12
C LYS P 212 46.77 35.79 16.68
N ALA P 213 45.48 35.65 16.43
CA ALA P 213 44.98 35.41 15.08
C ALA P 213 45.39 36.58 14.18
N LEU P 214 45.19 37.80 14.66
CA LEU P 214 45.55 39.00 13.91
C LEU P 214 47.02 38.97 13.53
N ASN P 215 47.85 38.43 14.41
CA ASN P 215 49.29 38.32 14.17
C ASN P 215 49.66 37.22 13.18
N GLY P 216 48.67 36.48 12.70
CA GLY P 216 48.94 35.39 11.79
C GLY P 216 49.45 34.19 12.59
N GLN P 217 49.10 34.15 13.87
CA GLN P 217 49.52 33.06 14.75
C GLN P 217 48.30 32.22 15.16
N ILE P 218 48.57 31.03 15.67
CA ILE P 218 47.51 30.13 16.14
C ILE P 218 46.97 30.62 17.49
N ALA P 219 45.64 30.70 17.61
CA ALA P 219 44.98 31.16 18.83
C ALA P 219 44.98 30.15 19.97
N LEU P 220 46.15 29.64 20.33
CA LEU P 220 46.27 28.68 21.40
C LEU P 220 47.53 28.99 22.20
N LYS P 221 47.73 28.26 23.29
CA LYS P 221 48.88 28.44 24.17
C LYS P 221 48.95 29.90 24.61
N LEU P 222 47.93 30.66 24.25
CA LEU P 222 47.82 32.08 24.57
C LEU P 222 46.41 32.57 24.22
N SER Q 12 60.64 17.68 -34.51
CA SER Q 12 61.17 17.56 -33.12
C SER Q 12 61.02 16.14 -32.57
N VAL Q 13 62.16 15.48 -32.35
CA VAL Q 13 62.18 14.11 -31.85
C VAL Q 13 62.92 14.02 -30.52
N THR Q 14 62.32 13.35 -29.55
CA THR Q 14 62.99 13.19 -28.26
C THR Q 14 62.84 11.76 -27.77
N THR Q 15 63.78 11.34 -26.93
CA THR Q 15 63.77 10.02 -26.32
C THR Q 15 64.07 10.21 -24.83
N LYS Q 16 63.40 9.45 -23.97
CA LYS Q 16 63.63 9.53 -22.54
C LYS Q 16 64.72 8.52 -22.14
N ARG Q 17 65.92 9.02 -21.92
CA ARG Q 17 67.04 8.18 -21.54
C ARG Q 17 66.91 7.58 -20.14
N TYR Q 18 67.63 6.49 -19.93
CA TYR Q 18 67.63 5.76 -18.67
C TYR Q 18 68.92 6.00 -17.88
N THR Q 19 68.86 5.82 -16.56
CA THR Q 19 70.05 6.01 -15.73
C THR Q 19 70.12 4.91 -14.67
N LEU Q 20 71.32 4.68 -14.15
CA LEU Q 20 71.52 3.67 -13.11
C LEU Q 20 70.97 4.20 -11.79
N PRO Q 21 70.04 3.47 -11.17
CA PRO Q 21 69.44 3.88 -9.90
C PRO Q 21 70.31 3.44 -8.72
N PRO Q 22 70.45 4.31 -7.71
CA PRO Q 22 71.25 3.89 -6.56
C PRO Q 22 70.55 2.74 -5.83
N LEU Q 23 71.32 1.83 -5.23
CA LEU Q 23 70.71 0.74 -4.49
C LEU Q 23 70.02 1.34 -3.26
N PRO Q 24 69.04 0.64 -2.70
CA PRO Q 24 68.36 1.19 -1.53
C PRO Q 24 69.14 0.90 -0.25
N TYR Q 25 70.24 0.17 -0.36
CA TYR Q 25 71.05 -0.21 0.79
C TYR Q 25 72.53 -0.30 0.37
N ALA Q 26 73.40 -0.66 1.32
CA ALA Q 26 74.83 -0.76 1.05
C ALA Q 26 75.20 -2.09 0.39
N TYR Q 27 76.29 -2.10 -0.37
CA TYR Q 27 76.75 -3.30 -1.08
C TYR Q 27 76.88 -4.54 -0.20
N ASN Q 28 77.16 -4.34 1.08
CA ASN Q 28 77.34 -5.46 2.00
C ASN Q 28 76.10 -5.77 2.83
N ALA Q 29 74.99 -5.09 2.55
CA ALA Q 29 73.77 -5.28 3.33
C ALA Q 29 73.08 -6.64 3.24
N LEU Q 30 73.28 -7.37 2.14
CA LEU Q 30 72.61 -8.66 1.97
C LEU Q 30 73.40 -9.89 2.41
N GLU Q 31 74.63 -9.70 2.86
CA GLU Q 31 75.44 -10.83 3.29
C GLU Q 31 74.76 -11.56 4.45
N PRO Q 32 75.09 -12.85 4.63
CA PRO Q 32 76.04 -13.67 3.86
C PRO Q 32 75.43 -14.23 2.58
N TYR Q 33 74.12 -14.08 2.44
CA TYR Q 33 73.36 -14.58 1.29
C TYR Q 33 73.92 -14.15 -0.07
N ILE Q 34 74.21 -12.86 -0.23
CA ILE Q 34 74.80 -12.35 -1.46
C ILE Q 34 75.96 -11.45 -1.04
N SER Q 35 77.17 -11.76 -1.50
CA SER Q 35 78.33 -10.97 -1.11
C SER Q 35 78.36 -9.52 -1.59
N ALA Q 36 79.14 -8.70 -0.87
CA ALA Q 36 79.28 -7.28 -1.18
C ALA Q 36 79.94 -7.12 -2.55
N GLU Q 37 80.85 -8.04 -2.88
CA GLU Q 37 81.57 -8.00 -4.16
C GLU Q 37 80.57 -8.19 -5.30
N ILE Q 38 79.73 -9.22 -5.17
CA ILE Q 38 78.72 -9.50 -6.18
C ILE Q 38 77.78 -8.30 -6.30
N MSE Q 39 77.27 -7.81 -5.18
CA MSE Q 39 76.38 -6.67 -5.21
C MSE Q 39 76.96 -5.49 -5.96
O MSE Q 39 76.28 -4.84 -6.75
CB MSE Q 39 75.99 -6.26 -3.80
CG MSE Q 39 75.18 -7.32 -3.05
SE MSE Q 39 73.51 -7.83 -3.96
CE MSE Q 39 72.57 -6.13 -3.92
N GLN Q 40 78.24 -5.19 -5.70
CA GLN Q 40 78.90 -4.07 -6.35
C GLN Q 40 79.18 -4.27 -7.84
N LEU Q 41 79.65 -5.46 -8.22
CA LEU Q 41 79.93 -5.73 -9.64
C LEU Q 41 78.64 -5.74 -10.44
N HIS Q 42 77.63 -6.34 -9.84
CA HIS Q 42 76.34 -6.49 -10.45
C HIS Q 42 75.69 -5.13 -10.73
N HIS Q 43 75.81 -4.21 -9.77
CA HIS Q 43 75.23 -2.88 -9.90
C HIS Q 43 76.07 -1.96 -10.77
N GLN Q 44 77.32 -1.71 -10.36
CA GLN Q 44 78.24 -0.83 -11.07
C GLN Q 44 78.62 -1.25 -12.48
N LYS Q 45 78.78 -2.55 -12.70
CA LYS Q 45 79.17 -3.04 -14.01
C LYS Q 45 78.05 -3.57 -14.90
N HIS Q 46 77.33 -4.59 -14.42
CA HIS Q 46 76.26 -5.20 -15.19
C HIS Q 46 75.04 -4.32 -15.41
N HIS Q 47 74.39 -3.94 -14.31
CA HIS Q 47 73.21 -3.10 -14.41
C HIS Q 47 73.53 -1.79 -15.15
N GLN Q 48 74.70 -1.21 -14.87
CA GLN Q 48 75.10 0.04 -15.53
C GLN Q 48 75.25 -0.19 -17.04
N GLY Q 49 75.69 -1.38 -17.41
CA GLY Q 49 75.86 -1.72 -18.81
C GLY Q 49 74.53 -1.74 -19.56
N TYR Q 50 73.48 -2.27 -18.92
CA TYR Q 50 72.18 -2.34 -19.58
C TYR Q 50 71.62 -0.94 -19.78
N VAL Q 51 71.70 -0.11 -18.75
CA VAL Q 51 71.21 1.25 -18.87
C VAL Q 51 71.97 1.89 -20.04
N ASN Q 52 73.28 1.66 -20.10
CA ASN Q 52 74.10 2.20 -21.18
C ASN Q 52 73.68 1.64 -22.54
N GLY Q 53 73.54 0.32 -22.61
CA GLY Q 53 73.14 -0.33 -23.84
C GLY Q 53 71.76 0.13 -24.29
N ALA Q 54 70.85 0.34 -23.33
CA ALA Q 54 69.51 0.80 -23.66
C ALA Q 54 69.62 2.19 -24.27
N ASN Q 55 70.47 3.02 -23.68
CA ASN Q 55 70.65 4.38 -24.19
C ASN Q 55 71.35 4.45 -25.55
N ALA Q 56 72.26 3.52 -25.81
CA ALA Q 56 72.96 3.50 -27.08
C ALA Q 56 71.96 3.16 -28.18
N ALA Q 57 71.00 2.31 -27.87
CA ALA Q 57 69.98 1.91 -28.82
C ALA Q 57 69.06 3.10 -29.10
N LEU Q 58 68.78 3.89 -28.05
CA LEU Q 58 67.93 5.07 -28.18
C LEU Q 58 68.61 6.13 -29.03
N GLU Q 59 69.92 6.29 -28.86
CA GLU Q 59 70.66 7.27 -29.63
C GLU Q 59 70.57 6.94 -31.13
N LYS Q 60 70.69 5.66 -31.47
CA LYS Q 60 70.58 5.21 -32.86
C LYS Q 60 69.17 5.44 -33.37
N LEU Q 61 68.18 5.19 -32.52
CA LEU Q 61 66.79 5.37 -32.90
C LEU Q 61 66.48 6.85 -33.06
N GLU Q 62 67.15 7.69 -32.27
CA GLU Q 62 66.95 9.14 -32.34
C GLU Q 62 67.55 9.72 -33.63
N LYS Q 63 68.79 9.34 -33.95
CA LYS Q 63 69.45 9.80 -35.15
C LYS Q 63 68.64 9.39 -36.38
N PHE Q 64 67.97 8.27 -36.28
CA PHE Q 64 67.14 7.74 -37.36
C PHE Q 64 65.82 8.51 -37.52
N ARG Q 65 65.14 8.78 -36.40
CA ARG Q 65 63.87 9.51 -36.41
C ARG Q 65 64.05 10.93 -36.90
N LYS Q 66 65.21 11.51 -36.60
CA LYS Q 66 65.53 12.86 -37.02
C LYS Q 66 66.01 12.84 -38.46
N GLY Q 67 65.89 11.67 -39.10
CA GLY Q 67 66.31 11.52 -40.47
C GLY Q 67 67.79 11.76 -40.62
N GLU Q 68 68.46 11.87 -39.47
CA GLU Q 68 69.91 12.10 -39.44
C GLU Q 68 70.78 10.89 -39.74
N ALA Q 69 70.20 9.69 -39.75
CA ALA Q 69 70.98 8.50 -40.02
C ALA Q 69 70.15 7.33 -40.52
N GLN Q 70 70.85 6.25 -40.88
CA GLN Q 70 70.23 5.03 -41.36
C GLN Q 70 70.19 4.01 -40.21
N ILE Q 71 69.30 3.03 -40.29
CA ILE Q 71 69.18 2.08 -39.19
C ILE Q 71 68.74 0.65 -39.54
N ASP Q 72 69.37 -0.33 -38.88
CA ASP Q 72 69.05 -1.75 -39.03
C ASP Q 72 68.04 -1.93 -37.91
N ILE Q 73 66.77 -1.68 -38.22
CA ILE Q 73 65.71 -1.75 -37.24
C ILE Q 73 65.69 -3.04 -36.42
N ARG Q 74 65.92 -4.17 -37.07
CA ARG Q 74 65.91 -5.45 -36.35
C ARG Q 74 67.02 -5.53 -35.32
N ALA Q 75 68.22 -5.15 -35.73
CA ALA Q 75 69.39 -5.18 -34.85
C ALA Q 75 69.23 -4.30 -33.61
N VAL Q 76 68.80 -3.06 -33.81
CA VAL Q 76 68.62 -2.11 -32.72
C VAL Q 76 67.46 -2.42 -31.77
N LEU Q 77 66.35 -2.90 -32.33
CA LEU Q 77 65.19 -3.22 -31.51
C LEU Q 77 65.43 -4.49 -30.68
N ARG Q 78 66.32 -5.34 -31.17
CA ARG Q 78 66.67 -6.54 -30.44
C ARG Q 78 67.50 -6.06 -29.25
N ASP Q 79 68.43 -5.16 -29.55
CA ASP Q 79 69.32 -4.57 -28.53
C ASP Q 79 68.52 -3.84 -27.46
N LEU Q 80 67.60 -2.98 -27.90
CA LEU Q 80 66.78 -2.22 -26.97
C LEU Q 80 66.07 -3.19 -26.02
N SER Q 81 65.33 -4.14 -26.59
CA SER Q 81 64.59 -5.10 -25.80
C SER Q 81 65.47 -5.75 -24.75
N PHE Q 82 66.68 -6.15 -25.15
CA PHE Q 82 67.59 -6.80 -24.22
C PHE Q 82 68.05 -5.88 -23.08
N HIS Q 83 68.60 -4.73 -23.44
CA HIS Q 83 69.12 -3.81 -22.43
C HIS Q 83 68.03 -3.16 -21.61
N LEU Q 84 66.91 -2.83 -22.24
CA LEU Q 84 65.81 -2.20 -21.52
C LEU Q 84 65.27 -3.15 -20.44
N ASN Q 85 65.15 -4.43 -20.76
CA ASN Q 85 64.65 -5.39 -19.79
C ASN Q 85 65.67 -5.66 -18.70
N GLY Q 86 66.94 -5.66 -19.07
CA GLY Q 86 67.98 -5.88 -18.07
C GLY Q 86 67.90 -4.74 -17.06
N HIS Q 87 67.61 -3.53 -17.55
CA HIS Q 87 67.51 -2.35 -16.69
C HIS Q 87 66.28 -2.44 -15.79
N ILE Q 88 65.11 -2.64 -16.39
CA ILE Q 88 63.87 -2.74 -15.63
C ILE Q 88 63.90 -3.86 -14.58
N LEU Q 89 64.29 -5.06 -15.00
CA LEU Q 89 64.32 -6.19 -14.08
C LEU Q 89 65.25 -5.94 -12.91
N HIS Q 90 66.43 -5.39 -13.19
CA HIS Q 90 67.35 -5.08 -12.11
C HIS Q 90 66.76 -3.99 -11.21
N SER Q 91 66.11 -3.00 -11.83
CA SER Q 91 65.50 -1.90 -11.08
C SER Q 91 64.43 -2.43 -10.11
N ILE Q 92 63.83 -3.57 -10.46
CA ILE Q 92 62.83 -4.19 -9.60
C ILE Q 92 63.58 -5.10 -8.62
N PHE Q 93 64.61 -5.76 -9.13
CA PHE Q 93 65.44 -6.69 -8.36
C PHE Q 93 66.06 -6.10 -7.10
N TRP Q 94 66.58 -4.88 -7.20
CA TRP Q 94 67.23 -4.24 -6.06
C TRP Q 94 66.28 -3.94 -4.88
N PRO Q 95 65.13 -3.26 -5.13
CA PRO Q 95 64.23 -2.98 -4.01
C PRO Q 95 63.38 -4.20 -3.64
N ASN Q 96 63.45 -5.25 -4.46
CA ASN Q 96 62.74 -6.50 -4.24
C ASN Q 96 63.36 -7.17 -3.00
N MSE Q 97 64.60 -6.77 -2.69
CA MSE Q 97 65.30 -7.35 -1.56
C MSE Q 97 65.51 -6.30 -0.47
O MSE Q 97 65.36 -5.10 -0.71
CB MSE Q 97 66.66 -7.92 -2.00
CG MSE Q 97 66.60 -8.96 -3.11
SE MSE Q 97 68.38 -9.47 -3.76
CE MSE Q 97 68.81 -7.88 -4.81
N ALA Q 98 65.87 -6.77 0.72
CA ALA Q 98 66.12 -5.90 1.87
C ALA Q 98 67.08 -6.62 2.82
N PRO Q 99 67.88 -5.85 3.60
CA PRO Q 99 68.83 -6.45 4.53
C PRO Q 99 68.15 -7.41 5.50
N PRO Q 100 68.81 -8.55 5.80
CA PRO Q 100 68.20 -9.51 6.73
C PRO Q 100 67.66 -8.73 7.92
N GLY Q 101 66.36 -8.84 8.14
CA GLY Q 101 65.68 -8.14 9.21
C GLY Q 101 64.40 -7.58 8.61
N LYS Q 102 64.58 -6.83 7.52
CA LYS Q 102 63.45 -6.23 6.79
C LYS Q 102 63.04 -7.17 5.66
N GLY Q 103 63.97 -8.06 5.30
CA GLY Q 103 63.72 -9.03 4.25
C GLY Q 103 63.68 -10.42 4.85
N GLY Q 104 63.18 -11.38 4.07
CA GLY Q 104 63.11 -12.75 4.57
C GLY Q 104 61.73 -13.08 5.09
N GLY Q 105 61.64 -14.19 5.83
CA GLY Q 105 60.37 -14.60 6.40
C GLY Q 105 59.35 -15.12 5.40
N LYS Q 106 58.09 -14.83 5.67
CA LYS Q 106 56.99 -15.27 4.82
C LYS Q 106 56.22 -14.06 4.29
N PRO Q 107 55.40 -14.25 3.25
CA PRO Q 107 54.62 -13.13 2.70
C PRO Q 107 53.57 -12.70 3.71
N GLY Q 108 52.95 -11.55 3.46
CA GLY Q 108 51.93 -11.07 4.37
C GLY Q 108 51.06 -10.01 3.71
N GLY Q 109 49.75 -10.17 3.84
CA GLY Q 109 48.83 -9.21 3.25
C GLY Q 109 48.15 -9.78 2.02
N LYS Q 110 47.91 -8.92 1.03
CA LYS Q 110 47.27 -9.37 -0.20
C LYS Q 110 48.17 -10.39 -0.90
N ILE Q 111 49.48 -10.24 -0.75
CA ILE Q 111 50.41 -11.16 -1.40
C ILE Q 111 50.31 -12.54 -0.75
N ALA Q 112 50.34 -12.58 0.57
CA ALA Q 112 50.24 -13.84 1.28
C ALA Q 112 48.93 -14.50 0.89
N ASP Q 113 47.88 -13.69 0.77
CA ASP Q 113 46.56 -14.18 0.40
C ASP Q 113 46.52 -14.79 -0.99
N LEU Q 114 46.94 -14.03 -1.99
CA LEU Q 114 46.93 -14.52 -3.37
C LEU Q 114 47.82 -15.72 -3.58
N ILE Q 115 48.95 -15.77 -2.87
CA ILE Q 115 49.85 -16.90 -3.00
C ILE Q 115 49.09 -18.20 -2.69
N ASN Q 116 48.41 -18.25 -1.55
CA ASN Q 116 47.67 -19.46 -1.19
C ASN Q 116 46.54 -19.77 -2.17
N LYS Q 117 45.85 -18.73 -2.64
CA LYS Q 117 44.76 -18.94 -3.57
C LYS Q 117 45.21 -19.65 -4.84
N PHE Q 118 46.20 -19.08 -5.52
CA PHE Q 118 46.69 -19.65 -6.77
C PHE Q 118 47.69 -20.80 -6.66
N PHE Q 119 48.30 -20.98 -5.48
CA PHE Q 119 49.27 -22.05 -5.31
C PHE Q 119 48.87 -23.10 -4.29
N GLY Q 120 47.94 -22.73 -3.42
CA GLY Q 120 47.49 -23.66 -2.39
C GLY Q 120 48.20 -23.38 -1.08
N SER Q 121 49.41 -22.82 -1.17
CA SER Q 121 50.19 -22.50 0.02
C SER Q 121 51.50 -21.85 -0.38
N PHE Q 122 52.13 -21.14 0.56
CA PHE Q 122 53.42 -20.51 0.32
C PHE Q 122 54.42 -21.58 -0.03
N GLU Q 123 54.36 -22.69 0.70
CA GLU Q 123 55.26 -23.82 0.49
C GLU Q 123 55.28 -24.27 -0.97
N LYS Q 124 54.11 -24.40 -1.59
CA LYS Q 124 54.03 -24.82 -2.99
C LYS Q 124 54.49 -23.70 -3.91
N PHE Q 125 54.32 -22.46 -3.45
CA PHE Q 125 54.76 -21.30 -4.21
C PHE Q 125 56.30 -21.32 -4.30
N LYS Q 126 56.93 -21.54 -3.15
CA LYS Q 126 58.37 -21.61 -3.01
C LYS Q 126 58.96 -22.72 -3.88
N GLU Q 127 58.25 -23.86 -3.92
CA GLU Q 127 58.67 -25.00 -4.72
C GLU Q 127 58.62 -24.66 -6.21
N GLU Q 128 57.54 -24.00 -6.62
CA GLU Q 128 57.37 -23.63 -8.03
C GLU Q 128 58.37 -22.56 -8.44
N PHE Q 129 58.44 -21.49 -7.66
CA PHE Q 129 59.34 -20.37 -7.95
C PHE Q 129 60.81 -20.83 -7.99
N SER Q 130 61.20 -21.63 -7.00
CA SER Q 130 62.57 -22.12 -6.93
C SER Q 130 62.93 -23.08 -8.07
N GLN Q 131 62.03 -24.00 -8.39
CA GLN Q 131 62.27 -24.94 -9.47
C GLN Q 131 62.49 -24.23 -10.79
N ALA Q 132 61.73 -23.15 -11.00
CA ALA Q 132 61.85 -22.36 -12.21
C ALA Q 132 63.22 -21.67 -12.29
N ALA Q 133 63.63 -21.04 -11.18
CA ALA Q 133 64.92 -20.33 -11.14
C ALA Q 133 66.15 -21.24 -11.23
N LYS Q 134 66.10 -22.39 -10.59
CA LYS Q 134 67.22 -23.32 -10.65
C LYS Q 134 67.27 -24.02 -11.99
N ASN Q 135 66.13 -24.05 -12.69
CA ASN Q 135 66.09 -24.72 -13.98
C ASN Q 135 66.01 -23.83 -15.22
N VAL Q 136 66.37 -22.56 -15.06
CA VAL Q 136 66.40 -21.64 -16.18
C VAL Q 136 67.59 -22.16 -17.02
N GLU Q 137 67.35 -22.38 -18.30
CA GLU Q 137 68.40 -22.87 -19.19
C GLU Q 137 69.24 -21.71 -19.67
N GLY Q 138 70.50 -21.68 -19.26
CA GLY Q 138 71.38 -20.59 -19.65
C GLY Q 138 71.22 -19.53 -18.58
N VAL Q 139 71.24 -18.26 -18.95
CA VAL Q 139 71.09 -17.20 -17.96
C VAL Q 139 69.70 -16.61 -18.06
N GLY Q 140 69.14 -16.19 -16.93
CA GLY Q 140 67.80 -15.63 -16.98
C GLY Q 140 67.26 -15.24 -15.63
N TRP Q 141 65.93 -15.32 -15.49
CA TRP Q 141 65.27 -14.96 -14.24
C TRP Q 141 64.04 -15.83 -13.97
N ALA Q 142 63.61 -15.85 -12.70
CA ALA Q 142 62.37 -16.51 -12.32
C ALA Q 142 61.61 -15.29 -11.84
N ILE Q 143 60.38 -15.11 -12.30
CA ILE Q 143 59.59 -13.98 -11.86
C ILE Q 143 58.17 -14.36 -11.49
N LEU Q 144 57.58 -13.55 -10.62
CA LEU Q 144 56.19 -13.73 -10.19
C LEU Q 144 55.48 -12.53 -10.80
N VAL Q 145 54.50 -12.76 -11.66
CA VAL Q 145 53.80 -11.63 -12.25
C VAL Q 145 52.32 -11.71 -11.95
N TYR Q 146 51.64 -10.61 -12.21
CA TYR Q 146 50.21 -10.53 -12.03
C TYR Q 146 49.71 -10.47 -13.46
N GLU Q 147 48.92 -11.46 -13.85
CA GLU Q 147 48.38 -11.52 -15.18
C GLU Q 147 47.05 -10.75 -15.19
N PRO Q 148 47.02 -9.58 -15.88
CA PRO Q 148 45.88 -8.66 -16.03
C PRO Q 148 44.61 -9.22 -16.67
N LEU Q 149 44.76 -9.88 -17.81
CA LEU Q 149 43.62 -10.42 -18.54
C LEU Q 149 42.69 -11.26 -17.68
N GLU Q 150 43.21 -12.32 -17.06
CA GLU Q 150 42.38 -13.14 -16.21
C GLU Q 150 42.68 -12.96 -14.72
N GLU Q 151 43.26 -11.81 -14.38
CA GLU Q 151 43.59 -11.44 -12.99
C GLU Q 151 44.04 -12.61 -12.12
N GLN Q 152 45.27 -13.09 -12.33
CA GLN Q 152 45.79 -14.19 -11.53
C GLN Q 152 47.31 -14.11 -11.47
N LEU Q 153 47.89 -14.82 -10.51
CA LEU Q 153 49.33 -14.84 -10.37
C LEU Q 153 49.89 -15.88 -11.32
N LEU Q 154 51.13 -15.68 -11.75
CA LEU Q 154 51.81 -16.60 -12.64
C LEU Q 154 53.30 -16.49 -12.41
N ILE Q 155 53.97 -17.63 -12.42
CA ILE Q 155 55.42 -17.70 -12.26
C ILE Q 155 55.95 -18.06 -13.65
N LEU Q 156 56.85 -17.23 -14.19
CA LEU Q 156 57.40 -17.48 -15.50
C LEU Q 156 58.92 -17.53 -15.46
N GLN Q 157 59.50 -18.16 -16.46
CA GLN Q 157 60.95 -18.22 -16.62
C GLN Q 157 61.26 -17.18 -17.68
N ILE Q 158 62.39 -16.51 -17.54
CA ILE Q 158 62.84 -15.52 -18.51
C ILE Q 158 64.26 -15.92 -18.89
N GLU Q 159 64.57 -15.98 -20.18
CA GLU Q 159 65.93 -16.30 -20.60
C GLU Q 159 66.53 -14.95 -21.03
N LYS Q 160 67.81 -14.75 -20.70
CA LYS Q 160 68.49 -13.47 -20.94
C LYS Q 160 67.65 -12.51 -20.10
N HIS Q 161 67.24 -11.36 -20.61
CA HIS Q 161 66.39 -10.47 -19.81
C HIS Q 161 65.06 -10.23 -20.53
N ASN Q 162 64.98 -10.67 -21.78
CA ASN Q 162 63.83 -10.35 -22.61
C ASN Q 162 63.02 -11.44 -23.30
N LEU Q 163 63.23 -12.70 -22.93
CA LEU Q 163 62.48 -13.76 -23.58
C LEU Q 163 61.46 -14.38 -22.64
N MSE Q 164 60.24 -14.52 -23.15
CA MSE Q 164 59.11 -15.14 -22.44
C MSE Q 164 58.28 -14.28 -21.47
O MSE Q 164 57.45 -14.81 -20.72
CB MSE Q 164 59.55 -16.43 -21.76
CG MSE Q 164 60.18 -17.41 -22.74
SE MSE Q 164 60.55 -19.14 -21.97
CE MSE Q 164 62.30 -18.77 -21.22
N HIS Q 165 58.48 -12.96 -21.47
CA HIS Q 165 57.69 -12.09 -20.62
C HIS Q 165 56.24 -12.13 -21.13
N ALA Q 166 55.28 -11.92 -20.23
CA ALA Q 166 53.87 -11.91 -20.63
C ALA Q 166 53.49 -10.47 -20.92
N ALA Q 167 53.07 -10.19 -22.15
CA ALA Q 167 52.66 -8.85 -22.57
C ALA Q 167 51.73 -8.22 -21.53
N ASP Q 168 52.02 -7.00 -21.15
CA ASP Q 168 51.24 -6.21 -20.17
C ASP Q 168 51.38 -6.63 -18.71
N ALA Q 169 51.82 -7.84 -18.43
CA ALA Q 169 51.96 -8.33 -17.06
C ALA Q 169 52.89 -7.52 -16.16
N GLN Q 170 52.54 -7.47 -14.87
CA GLN Q 170 53.31 -6.74 -13.87
C GLN Q 170 54.16 -7.63 -12.99
N VAL Q 171 55.46 -7.36 -12.99
CA VAL Q 171 56.41 -8.14 -12.19
C VAL Q 171 56.31 -7.75 -10.71
N LEU Q 172 56.06 -8.74 -9.87
CA LEU Q 172 55.92 -8.53 -8.42
C LEU Q 172 57.21 -8.86 -7.69
N LEU Q 173 57.85 -9.95 -8.10
CA LEU Q 173 59.11 -10.41 -7.49
C LEU Q 173 59.96 -11.06 -8.58
N ALA Q 174 61.24 -10.69 -8.65
CA ALA Q 174 62.13 -11.25 -9.67
C ALA Q 174 63.43 -11.76 -9.07
N LEU Q 175 63.84 -12.96 -9.48
CA LEU Q 175 65.08 -13.54 -8.99
C LEU Q 175 66.03 -13.64 -10.17
N ASP Q 176 67.17 -12.98 -10.09
CA ASP Q 176 68.14 -12.99 -11.17
C ASP Q 176 68.90 -14.30 -11.18
N VAL Q 177 68.85 -15.01 -12.31
CA VAL Q 177 69.55 -16.28 -12.42
C VAL Q 177 70.75 -16.23 -13.37
N TRP Q 178 71.25 -15.04 -13.69
CA TRP Q 178 72.45 -14.93 -14.51
C TRP Q 178 73.60 -15.35 -13.61
N GLU Q 179 74.62 -15.98 -14.17
CA GLU Q 179 75.76 -16.42 -13.37
C GLU Q 179 76.50 -15.26 -12.67
N HIS Q 180 76.49 -14.06 -13.24
CA HIS Q 180 77.18 -12.95 -12.59
C HIS Q 180 76.49 -12.56 -11.29
N ALA Q 181 75.26 -13.05 -11.09
CA ALA Q 181 74.49 -12.76 -9.88
C ALA Q 181 74.85 -13.69 -8.72
N TYR Q 182 75.74 -14.66 -8.96
CA TYR Q 182 76.09 -15.61 -7.91
C TYR Q 182 77.40 -16.38 -8.01
N TYR Q 183 77.94 -16.53 -9.22
CA TYR Q 183 79.15 -17.34 -9.41
C TYR Q 183 80.39 -17.08 -8.55
N LEU Q 184 80.63 -15.83 -8.16
CA LEU Q 184 81.80 -15.53 -7.35
C LEU Q 184 81.67 -16.23 -5.99
N GLN Q 185 80.48 -16.16 -5.43
CA GLN Q 185 80.21 -16.75 -4.13
C GLN Q 185 79.78 -18.22 -4.17
N TYR Q 186 78.81 -18.55 -5.02
CA TYR Q 186 78.31 -19.92 -5.10
C TYR Q 186 78.85 -20.78 -6.23
N LYS Q 187 79.72 -20.21 -7.06
CA LYS Q 187 80.25 -20.96 -8.20
C LYS Q 187 79.10 -21.57 -8.98
N ASN Q 188 79.26 -22.82 -9.38
CA ASN Q 188 78.24 -23.53 -10.15
C ASN Q 188 76.92 -23.80 -9.39
N ASP Q 189 76.96 -23.79 -8.07
CA ASP Q 189 75.76 -24.11 -7.27
C ASP Q 189 74.68 -23.04 -7.27
N ARG Q 190 73.91 -23.01 -8.37
CA ARG Q 190 72.82 -22.06 -8.54
C ARG Q 190 71.74 -22.33 -7.48
N GLY Q 191 71.49 -23.60 -7.21
CA GLY Q 191 70.48 -23.99 -6.24
C GLY Q 191 70.65 -23.43 -4.83
N SER Q 192 71.88 -23.36 -4.34
CA SER Q 192 72.12 -22.83 -2.99
C SER Q 192 71.88 -21.34 -2.99
N TYR Q 193 72.14 -20.72 -4.13
CA TYR Q 193 71.94 -19.28 -4.30
C TYR Q 193 70.44 -19.01 -4.29
N VAL Q 194 69.70 -19.81 -5.03
CA VAL Q 194 68.24 -19.67 -5.12
C VAL Q 194 67.61 -19.85 -3.74
N ASP Q 195 68.13 -20.80 -2.98
CA ASP Q 195 67.61 -21.08 -1.64
C ASP Q 195 67.93 -19.99 -0.62
N ASN Q 196 69.17 -19.54 -0.62
CA ASN Q 196 69.62 -18.52 0.32
C ASN Q 196 69.02 -17.16 0.03
N TRP Q 197 68.48 -17.01 -1.18
CA TRP Q 197 67.89 -15.75 -1.61
C TRP Q 197 66.62 -15.37 -0.85
N TRP Q 198 65.79 -16.37 -0.53
CA TRP Q 198 64.53 -16.11 0.18
C TRP Q 198 64.73 -15.36 1.49
N ASN Q 199 65.93 -15.47 2.07
CA ASN Q 199 66.23 -14.80 3.33
C ASN Q 199 66.20 -13.29 3.22
N VAL Q 200 66.31 -12.77 1.99
CA VAL Q 200 66.34 -11.34 1.79
C VAL Q 200 65.19 -10.76 0.95
N VAL Q 201 64.16 -11.56 0.70
CA VAL Q 201 63.01 -11.10 -0.07
C VAL Q 201 62.24 -10.02 0.69
N ASN Q 202 62.15 -8.84 0.08
CA ASN Q 202 61.46 -7.71 0.69
C ASN Q 202 59.95 -7.87 0.41
N TRP Q 203 59.31 -8.74 1.16
CA TRP Q 203 57.89 -8.99 0.98
C TRP Q 203 57.00 -7.76 1.05
N ASP Q 204 57.49 -6.71 1.71
CA ASP Q 204 56.71 -5.48 1.80
C ASP Q 204 56.75 -4.78 0.45
N ASP Q 205 57.86 -4.97 -0.27
CA ASP Q 205 58.00 -4.38 -1.59
C ASP Q 205 57.06 -5.11 -2.55
N VAL Q 206 57.06 -6.43 -2.45
CA VAL Q 206 56.21 -7.27 -3.29
C VAL Q 206 54.73 -7.05 -2.97
N GLU Q 207 54.45 -6.49 -1.81
CA GLU Q 207 53.07 -6.23 -1.40
C GLU Q 207 52.61 -4.93 -2.05
N ARG Q 208 53.45 -3.91 -2.03
CA ARG Q 208 53.11 -2.65 -2.66
C ARG Q 208 52.83 -2.91 -4.15
N ARG Q 209 53.68 -3.70 -4.81
CA ARG Q 209 53.49 -3.99 -6.23
C ARG Q 209 52.19 -4.75 -6.48
N LEU Q 210 51.86 -5.71 -5.62
CA LEU Q 210 50.61 -6.45 -5.76
C LEU Q 210 49.42 -5.50 -5.56
N GLN Q 211 49.58 -4.52 -4.68
CA GLN Q 211 48.51 -3.54 -4.41
C GLN Q 211 48.07 -2.86 -5.69
N LYS Q 212 49.02 -2.30 -6.41
CA LYS Q 212 48.68 -1.62 -7.66
C LYS Q 212 48.11 -2.61 -8.68
N ALA Q 213 48.86 -3.67 -8.97
CA ALA Q 213 48.41 -4.67 -9.93
C ALA Q 213 46.98 -5.13 -9.63
N LEU Q 214 46.65 -5.28 -8.35
CA LEU Q 214 45.31 -5.71 -7.94
C LEU Q 214 44.20 -4.76 -8.42
N ASN Q 215 44.53 -3.48 -8.55
CA ASN Q 215 43.56 -2.49 -9.02
C ASN Q 215 43.73 -2.25 -10.52
N GLY Q 216 44.40 -3.19 -11.17
CA GLY Q 216 44.62 -3.08 -12.61
C GLY Q 216 45.57 -1.95 -12.95
N GLN Q 217 46.54 -1.70 -12.07
CA GLN Q 217 47.51 -0.65 -12.30
C GLN Q 217 48.89 -1.24 -12.61
N ILE Q 218 49.75 -0.41 -13.20
CA ILE Q 218 51.11 -0.78 -13.51
C ILE Q 218 51.82 -0.67 -12.17
N ALA Q 219 52.83 -1.50 -11.92
CA ALA Q 219 53.52 -1.47 -10.64
C ALA Q 219 55.01 -1.21 -10.77
N LEU Q 220 55.36 0.00 -11.21
CA LEU Q 220 56.74 0.39 -11.39
C LEU Q 220 57.01 1.74 -10.74
N LYS Q 221 56.22 2.10 -9.74
CA LYS Q 221 56.42 3.39 -9.10
C LYS Q 221 56.56 3.36 -7.59
N LEU Q 222 55.61 2.76 -6.89
CA LEU Q 222 55.70 2.67 -5.44
C LEU Q 222 55.46 1.24 -4.98
N SER R 12 93.57 -9.51 -51.11
CA SER R 12 93.99 -10.51 -50.08
C SER R 12 92.81 -10.97 -49.20
N VAL R 13 91.59 -10.56 -49.56
CA VAL R 13 90.38 -10.94 -48.81
C VAL R 13 89.24 -11.41 -49.72
N THR R 14 88.96 -12.71 -49.71
CA THR R 14 87.88 -13.25 -50.54
C THR R 14 86.73 -13.77 -49.70
N THR R 15 85.56 -13.91 -50.33
CA THR R 15 84.37 -14.44 -49.67
C THR R 15 83.55 -15.24 -50.68
N LYS R 16 83.38 -16.53 -50.42
CA LYS R 16 82.61 -17.40 -51.32
C LYS R 16 81.13 -17.02 -51.24
N ARG R 17 80.52 -16.71 -52.38
CA ARG R 17 79.11 -16.34 -52.40
C ARG R 17 78.23 -17.56 -52.67
N TYR R 18 76.92 -17.39 -52.47
CA TYR R 18 75.96 -18.48 -52.67
C TYR R 18 74.97 -18.26 -53.82
N THR R 19 74.49 -19.36 -54.39
CA THR R 19 73.55 -19.30 -55.50
C THR R 19 72.40 -20.25 -55.26
N LEU R 20 71.26 -19.95 -55.88
CA LEU R 20 70.08 -20.78 -55.76
C LEU R 20 70.23 -22.01 -56.66
N PRO R 21 70.02 -23.20 -56.09
CA PRO R 21 70.15 -24.43 -56.88
C PRO R 21 68.81 -24.71 -57.59
N PRO R 22 68.84 -25.44 -58.72
CA PRO R 22 67.59 -25.73 -59.42
C PRO R 22 66.91 -26.91 -58.70
N LEU R 23 65.60 -27.02 -58.83
CA LEU R 23 64.90 -28.13 -58.20
C LEU R 23 65.32 -29.40 -58.93
N PRO R 24 65.07 -30.57 -58.31
CA PRO R 24 65.42 -31.88 -58.90
C PRO R 24 64.34 -32.35 -59.88
N TYR R 25 63.27 -31.57 -59.97
CA TYR R 25 62.14 -31.89 -60.83
C TYR R 25 61.42 -30.60 -61.21
N ALA R 26 60.23 -30.74 -61.82
CA ALA R 26 59.43 -29.58 -62.23
C ALA R 26 58.67 -29.03 -61.02
N TYR R 27 58.34 -27.75 -61.07
CA TYR R 27 57.62 -27.09 -59.97
C TYR R 27 56.31 -27.78 -59.61
N ASN R 28 55.78 -28.56 -60.55
CA ASN R 28 54.53 -29.27 -60.32
C ASN R 28 54.76 -30.78 -60.24
N ALA R 29 56.00 -31.19 -60.01
CA ALA R 29 56.35 -32.61 -59.94
C ALA R 29 55.76 -33.31 -58.72
N LEU R 30 55.54 -32.55 -57.66
CA LEU R 30 54.97 -33.09 -56.43
C LEU R 30 53.55 -32.55 -56.34
N GLU R 31 53.02 -32.15 -57.50
CA GLU R 31 51.68 -31.59 -57.61
C GLU R 31 50.63 -32.25 -56.73
N PRO R 32 50.69 -33.58 -56.58
CA PRO R 32 49.69 -34.21 -55.73
C PRO R 32 49.70 -33.65 -54.31
N TYR R 33 50.76 -33.98 -53.58
CA TYR R 33 50.89 -33.58 -52.18
C TYR R 33 51.37 -32.15 -51.91
N ILE R 34 52.09 -31.55 -52.85
CA ILE R 34 52.56 -30.17 -52.66
C ILE R 34 52.35 -29.32 -53.91
N SER R 35 51.44 -28.37 -53.78
CA SER R 35 51.05 -27.43 -54.82
C SER R 35 52.19 -26.89 -55.69
N ALA R 36 51.91 -26.67 -56.96
CA ALA R 36 52.91 -26.13 -57.87
C ALA R 36 53.11 -24.67 -57.46
N GLU R 37 52.02 -24.06 -57.03
CA GLU R 37 52.03 -22.68 -56.57
C GLU R 37 53.01 -22.55 -55.40
N ILE R 38 52.86 -23.44 -54.42
CA ILE R 38 53.74 -23.46 -53.25
C ILE R 38 55.21 -23.62 -53.69
N MSE R 39 55.50 -24.68 -54.44
CA MSE R 39 56.85 -24.95 -54.90
C MSE R 39 57.55 -23.75 -55.55
O MSE R 39 58.74 -23.51 -55.29
CB MSE R 39 56.85 -26.15 -55.87
CG MSE R 39 56.38 -27.48 -55.26
SE MSE R 39 57.49 -28.16 -53.78
CE MSE R 39 59.20 -28.24 -54.72
N GLN R 40 56.84 -23.02 -56.39
CA GLN R 40 57.43 -21.87 -57.07
C GLN R 40 57.74 -20.70 -56.14
N LEU R 41 56.82 -20.41 -55.22
CA LEU R 41 57.03 -19.33 -54.26
C LEU R 41 58.15 -19.76 -53.32
N HIS R 42 57.97 -20.93 -52.70
CA HIS R 42 58.94 -21.48 -51.77
C HIS R 42 60.35 -21.47 -52.37
N HIS R 43 60.46 -21.93 -53.61
CA HIS R 43 61.75 -21.99 -54.29
C HIS R 43 62.26 -20.67 -54.87
N GLN R 44 61.43 -19.99 -55.65
CA GLN R 44 61.84 -18.75 -56.30
C GLN R 44 61.79 -17.47 -55.49
N LYS R 45 60.96 -17.44 -54.45
CA LYS R 45 60.83 -16.26 -53.59
C LYS R 45 61.56 -16.50 -52.26
N HIS R 46 61.08 -17.45 -51.48
CA HIS R 46 61.67 -17.77 -50.19
C HIS R 46 63.13 -18.24 -50.21
N HIS R 47 63.41 -19.34 -50.90
CA HIS R 47 64.78 -19.83 -50.95
C HIS R 47 65.71 -18.79 -51.58
N GLN R 48 65.26 -18.15 -52.64
CA GLN R 48 66.07 -17.13 -53.30
C GLN R 48 66.45 -16.05 -52.28
N GLY R 49 65.48 -15.69 -51.45
CA GLY R 49 65.71 -14.67 -50.44
C GLY R 49 66.82 -15.01 -49.47
N TYR R 50 66.88 -16.28 -49.05
CA TYR R 50 67.92 -16.72 -48.13
C TYR R 50 69.29 -16.68 -48.79
N VAL R 51 69.34 -17.01 -50.08
CA VAL R 51 70.61 -16.96 -50.80
C VAL R 51 71.10 -15.52 -50.83
N ASN R 52 70.19 -14.61 -51.16
CA ASN R 52 70.53 -13.18 -51.22
C ASN R 52 70.90 -12.65 -49.82
N GLY R 53 70.10 -13.01 -48.82
CA GLY R 53 70.36 -12.57 -47.46
C GLY R 53 71.74 -13.03 -47.00
N ALA R 54 72.08 -14.27 -47.33
CA ALA R 54 73.38 -14.83 -46.95
C ALA R 54 74.52 -14.07 -47.62
N ASN R 55 74.33 -13.74 -48.90
CA ASN R 55 75.33 -13.02 -49.65
C ASN R 55 75.45 -11.56 -49.19
N ALA R 56 74.33 -11.01 -48.72
CA ALA R 56 74.33 -9.62 -48.23
C ALA R 56 75.19 -9.52 -46.96
N ALA R 57 75.15 -10.56 -46.15
CA ALA R 57 75.94 -10.58 -44.92
C ALA R 57 77.41 -10.70 -45.29
N LEU R 58 77.72 -11.56 -46.25
CA LEU R 58 79.09 -11.76 -46.69
C LEU R 58 79.71 -10.45 -47.19
N GLU R 59 78.92 -9.69 -47.95
CA GLU R 59 79.38 -8.40 -48.47
C GLU R 59 79.84 -7.53 -47.28
N LYS R 60 79.00 -7.44 -46.24
CA LYS R 60 79.34 -6.65 -45.06
C LYS R 60 80.60 -7.18 -44.39
N LEU R 61 80.70 -8.49 -44.27
CA LEU R 61 81.89 -9.10 -43.66
C LEU R 61 83.12 -8.84 -44.54
N GLU R 62 82.96 -9.01 -45.84
CA GLU R 62 84.06 -8.79 -46.79
C GLU R 62 84.55 -7.36 -46.68
N LYS R 63 83.60 -6.44 -46.62
CA LYS R 63 83.89 -5.02 -46.52
C LYS R 63 84.61 -4.68 -45.20
N PHE R 64 84.14 -5.30 -44.13
CA PHE R 64 84.74 -5.10 -42.81
C PHE R 64 86.16 -5.66 -42.78
N ARG R 65 86.34 -6.81 -43.42
CA ARG R 65 87.66 -7.48 -43.45
C ARG R 65 88.66 -6.75 -44.34
N LYS R 66 88.15 -6.13 -45.41
CA LYS R 66 88.99 -5.37 -46.31
C LYS R 66 89.32 -4.03 -45.64
N GLY R 67 88.50 -3.67 -44.66
CA GLY R 67 88.70 -2.42 -43.94
C GLY R 67 87.85 -1.32 -44.56
N GLU R 68 87.08 -1.67 -45.59
CA GLU R 68 86.23 -0.71 -46.29
C GLU R 68 85.17 -0.04 -45.42
N ALA R 69 84.82 -0.69 -44.31
CA ALA R 69 83.81 -0.14 -43.40
C ALA R 69 83.78 -0.93 -42.13
N GLN R 70 82.99 -0.46 -41.16
CA GLN R 70 82.87 -1.15 -39.89
C GLN R 70 81.82 -2.25 -39.97
N ILE R 71 81.37 -2.73 -38.80
CA ILE R 71 80.38 -3.80 -38.80
C ILE R 71 79.71 -4.03 -37.44
N ASP R 72 78.44 -4.42 -37.47
CA ASP R 72 77.66 -4.76 -36.27
C ASP R 72 77.85 -6.28 -36.28
N ILE R 73 78.95 -6.75 -35.68
CA ILE R 73 79.25 -8.18 -35.69
C ILE R 73 78.11 -9.09 -35.28
N ARG R 74 77.41 -8.76 -34.21
CA ARG R 74 76.29 -9.58 -33.74
C ARG R 74 75.14 -9.62 -34.72
N ALA R 75 74.78 -8.46 -35.25
CA ALA R 75 73.67 -8.37 -36.20
C ALA R 75 73.99 -9.14 -37.48
N VAL R 76 75.19 -8.94 -38.00
CA VAL R 76 75.60 -9.61 -39.23
C VAL R 76 75.70 -11.12 -39.08
N LEU R 77 76.30 -11.59 -37.99
CA LEU R 77 76.44 -13.02 -37.79
C LEU R 77 75.11 -13.68 -37.44
N ARG R 78 74.18 -12.94 -36.86
CA ARG R 78 72.86 -13.51 -36.57
C ARG R 78 72.12 -13.61 -37.92
N ASP R 79 72.30 -12.59 -38.75
CA ASP R 79 71.68 -12.59 -40.08
C ASP R 79 72.30 -13.71 -40.90
N LEU R 80 73.62 -13.76 -40.94
CA LEU R 80 74.33 -14.79 -41.70
C LEU R 80 73.80 -16.17 -41.33
N SER R 81 73.82 -16.47 -40.03
CA SER R 81 73.33 -17.75 -39.56
C SER R 81 71.93 -18.04 -40.07
N PHE R 82 71.04 -17.06 -39.97
CA PHE R 82 69.66 -17.25 -40.40
C PHE R 82 69.54 -17.62 -41.87
N HIS R 83 70.10 -16.78 -42.74
CA HIS R 83 70.03 -17.01 -44.18
C HIS R 83 70.90 -18.17 -44.67
N LEU R 84 72.04 -18.39 -44.03
CA LEU R 84 72.91 -19.50 -44.43
C LEU R 84 72.19 -20.83 -44.22
N ASN R 85 71.59 -21.02 -43.05
CA ASN R 85 70.86 -22.25 -42.78
C ASN R 85 69.65 -22.33 -43.68
N GLY R 86 68.96 -21.20 -43.84
CA GLY R 86 67.81 -21.19 -44.71
C GLY R 86 68.19 -21.85 -46.03
N HIS R 87 69.29 -21.39 -46.59
CA HIS R 87 69.81 -21.88 -47.86
C HIS R 87 70.22 -23.35 -47.77
N ILE R 88 71.04 -23.70 -46.80
CA ILE R 88 71.48 -25.09 -46.67
C ILE R 88 70.32 -26.06 -46.50
N LEU R 89 69.40 -25.76 -45.61
CA LEU R 89 68.27 -26.65 -45.36
C LEU R 89 67.33 -26.79 -46.55
N HIS R 90 67.12 -25.71 -47.31
CA HIS R 90 66.25 -25.80 -48.48
C HIS R 90 67.00 -26.62 -49.53
N SER R 91 68.30 -26.37 -49.68
CA SER R 91 69.13 -27.10 -50.65
C SER R 91 69.00 -28.61 -50.45
N ILE R 92 68.86 -29.04 -49.20
CA ILE R 92 68.70 -30.45 -48.86
C ILE R 92 67.23 -30.86 -49.04
N PHE R 93 66.33 -29.97 -48.61
CA PHE R 93 64.89 -30.18 -48.67
C PHE R 93 64.39 -30.65 -50.04
N TRP R 94 64.76 -29.93 -51.09
CA TRP R 94 64.31 -30.27 -52.44
C TRP R 94 64.66 -31.71 -52.84
N PRO R 95 65.97 -32.05 -52.94
CA PRO R 95 66.32 -33.43 -53.32
C PRO R 95 65.91 -34.47 -52.29
N ASN R 96 65.48 -34.00 -51.11
CA ASN R 96 65.03 -34.88 -50.03
C ASN R 96 63.66 -35.41 -50.43
N MSE R 97 63.11 -34.85 -51.51
CA MSE R 97 61.80 -35.27 -52.00
C MSE R 97 61.88 -35.77 -53.44
O MSE R 97 62.84 -35.48 -54.16
CB MSE R 97 60.81 -34.11 -51.91
CG MSE R 97 60.71 -33.48 -50.53
SE MSE R 97 59.31 -32.12 -50.44
CE MSE R 97 60.30 -30.62 -51.16
N ALA R 98 60.87 -36.52 -53.85
CA ALA R 98 60.83 -37.06 -55.20
C ALA R 98 59.39 -37.33 -55.61
N PRO R 99 59.07 -37.19 -56.91
CA PRO R 99 57.70 -37.43 -57.37
C PRO R 99 57.22 -38.82 -56.95
N PRO R 100 55.98 -38.90 -56.41
CA PRO R 100 55.46 -40.20 -55.99
C PRO R 100 55.83 -41.27 -57.00
N GLY R 101 55.99 -42.49 -56.53
CA GLY R 101 56.40 -43.57 -57.42
C GLY R 101 57.86 -43.77 -57.04
N LYS R 102 58.65 -42.72 -57.22
CA LYS R 102 60.06 -42.78 -56.85
C LYS R 102 60.10 -42.47 -55.34
N GLY R 103 59.56 -41.30 -54.98
CA GLY R 103 59.53 -40.91 -53.58
C GLY R 103 58.38 -41.57 -52.84
N GLY R 104 58.45 -41.55 -51.51
CA GLY R 104 57.40 -42.16 -50.71
C GLY R 104 57.77 -43.56 -50.27
N GLY R 105 56.84 -44.22 -49.59
CA GLY R 105 57.06 -45.57 -49.13
C GLY R 105 58.03 -45.67 -47.96
N LYS R 106 58.32 -46.91 -47.57
CA LYS R 106 59.23 -47.18 -46.47
C LYS R 106 60.69 -47.16 -46.94
N PRO R 107 61.62 -46.85 -46.01
CA PRO R 107 63.05 -46.79 -46.30
C PRO R 107 63.71 -48.18 -46.39
N GLY R 108 64.90 -48.20 -47.01
CA GLY R 108 65.66 -49.43 -47.16
C GLY R 108 67.12 -49.19 -46.81
N GLY R 109 68.01 -49.94 -47.46
CA GLY R 109 69.45 -49.80 -47.23
C GLY R 109 69.87 -49.66 -45.78
N LYS R 110 70.94 -48.90 -45.56
CA LYS R 110 71.45 -48.66 -44.22
C LYS R 110 70.50 -47.77 -43.43
N ILE R 111 69.82 -46.87 -44.14
CA ILE R 111 68.89 -45.95 -43.49
C ILE R 111 67.81 -46.78 -42.80
N ALA R 112 67.32 -47.82 -43.46
CA ALA R 112 66.30 -48.69 -42.86
C ALA R 112 66.88 -49.42 -41.65
N ASP R 113 68.12 -49.90 -41.77
CA ASP R 113 68.79 -50.64 -40.69
C ASP R 113 69.01 -49.79 -39.44
N LEU R 114 69.45 -48.56 -39.62
CA LEU R 114 69.68 -47.67 -38.49
C LEU R 114 68.38 -47.20 -37.86
N ILE R 115 67.38 -46.93 -38.68
CA ILE R 115 66.10 -46.50 -38.16
C ILE R 115 65.55 -47.60 -37.24
N ASN R 116 65.77 -48.86 -37.61
CA ASN R 116 65.30 -49.96 -36.79
C ASN R 116 66.16 -50.12 -35.56
N LYS R 117 67.43 -49.74 -35.67
CA LYS R 117 68.35 -49.86 -34.54
C LYS R 117 68.10 -48.83 -33.46
N PHE R 118 67.93 -47.59 -33.88
CA PHE R 118 67.72 -46.50 -32.93
C PHE R 118 66.27 -46.13 -32.60
N PHE R 119 65.32 -46.58 -33.39
CA PHE R 119 63.90 -46.28 -33.10
C PHE R 119 63.05 -47.55 -32.97
N GLY R 120 63.64 -48.71 -33.29
CA GLY R 120 62.93 -49.96 -33.18
C GLY R 120 62.17 -50.37 -34.43
N SER R 121 61.67 -49.39 -35.17
CA SER R 121 60.93 -49.65 -36.40
C SER R 121 60.73 -48.34 -37.12
N PHE R 122 60.33 -48.42 -38.38
CA PHE R 122 60.08 -47.24 -39.18
C PHE R 122 58.80 -46.57 -38.68
N GLU R 123 57.92 -47.37 -38.09
CA GLU R 123 56.66 -46.85 -37.57
C GLU R 123 56.91 -45.89 -36.42
N LYS R 124 57.76 -46.30 -35.48
CA LYS R 124 58.09 -45.47 -34.33
C LYS R 124 58.90 -44.23 -34.77
N PHE R 125 59.81 -44.41 -35.72
CA PHE R 125 60.62 -43.29 -36.21
C PHE R 125 59.68 -42.28 -36.84
N LYS R 126 58.74 -42.77 -37.63
CA LYS R 126 57.75 -41.94 -38.30
C LYS R 126 56.98 -41.14 -37.23
N GLU R 127 56.68 -41.80 -36.11
CA GLU R 127 55.97 -41.16 -35.03
C GLU R 127 56.79 -40.02 -34.40
N GLU R 128 58.03 -40.32 -34.05
CA GLU R 128 58.89 -39.30 -33.46
C GLU R 128 59.09 -38.13 -34.42
N PHE R 129 59.43 -38.42 -35.67
CA PHE R 129 59.66 -37.38 -36.64
C PHE R 129 58.41 -36.52 -36.90
N SER R 130 57.26 -37.18 -37.08
CA SER R 130 56.01 -36.47 -37.32
C SER R 130 55.63 -35.61 -36.14
N GLN R 131 55.72 -36.15 -34.93
CA GLN R 131 55.40 -35.42 -33.72
C GLN R 131 56.31 -34.20 -33.57
N ALA R 132 57.58 -34.36 -33.93
CA ALA R 132 58.54 -33.26 -33.84
C ALA R 132 58.20 -32.16 -34.86
N ALA R 133 57.78 -32.57 -36.05
CA ALA R 133 57.44 -31.60 -37.09
C ALA R 133 56.16 -30.84 -36.74
N LYS R 134 55.18 -31.60 -36.27
CA LYS R 134 53.89 -31.03 -35.92
C LYS R 134 53.92 -30.21 -34.64
N ASN R 135 54.90 -30.45 -33.80
CA ASN R 135 55.00 -29.70 -32.55
C ASN R 135 56.07 -28.64 -32.55
N VAL R 136 56.44 -28.18 -33.74
CA VAL R 136 57.41 -27.08 -33.85
C VAL R 136 56.61 -25.85 -33.43
N GLU R 137 57.17 -25.05 -32.53
CA GLU R 137 56.53 -23.85 -32.03
C GLU R 137 56.92 -22.69 -32.94
N GLY R 138 55.94 -22.10 -33.63
CA GLY R 138 56.23 -21.03 -34.56
C GLY R 138 56.66 -21.67 -35.87
N VAL R 139 57.68 -21.12 -36.53
CA VAL R 139 58.14 -21.69 -37.79
C VAL R 139 59.45 -22.47 -37.61
N GLY R 140 59.72 -23.39 -38.54
CA GLY R 140 60.94 -24.17 -38.44
C GLY R 140 60.93 -25.50 -39.19
N TRP R 141 61.71 -26.44 -38.68
CA TRP R 141 61.86 -27.76 -39.29
C TRP R 141 61.92 -28.88 -38.26
N ALA R 142 61.94 -30.09 -38.79
CA ALA R 142 62.10 -31.32 -38.04
C ALA R 142 63.17 -31.95 -38.92
N ILE R 143 64.28 -32.38 -38.32
CA ILE R 143 65.34 -32.97 -39.12
C ILE R 143 65.87 -34.27 -38.57
N LEU R 144 66.45 -35.06 -39.46
CA LEU R 144 67.08 -36.31 -39.10
C LEU R 144 68.56 -36.07 -39.35
N VAL R 145 69.39 -36.33 -38.35
CA VAL R 145 70.81 -36.11 -38.51
C VAL R 145 71.60 -37.33 -38.04
N TYR R 146 72.86 -37.39 -38.46
CA TYR R 146 73.75 -38.42 -38.00
C TYR R 146 74.65 -37.65 -37.04
N GLU R 147 74.59 -38.02 -35.77
CA GLU R 147 75.38 -37.39 -34.73
C GLU R 147 76.71 -38.16 -34.70
N PRO R 148 77.79 -37.57 -35.23
CA PRO R 148 79.15 -38.11 -35.34
C PRO R 148 79.91 -38.42 -34.05
N LEU R 149 79.58 -37.78 -32.94
CA LEU R 149 80.33 -38.02 -31.72
C LEU R 149 80.12 -39.41 -31.13
N GLU R 150 78.87 -39.85 -31.04
CA GLU R 150 78.62 -41.19 -30.52
C GLU R 150 77.98 -42.08 -31.57
N GLU R 151 77.95 -41.55 -32.80
CA GLU R 151 77.45 -42.27 -33.96
C GLU R 151 76.07 -42.89 -33.87
N GLN R 152 75.05 -42.04 -33.85
CA GLN R 152 73.68 -42.52 -33.79
C GLN R 152 72.80 -41.55 -34.53
N LEU R 153 71.61 -42.00 -34.91
CA LEU R 153 70.68 -41.14 -35.60
C LEU R 153 69.88 -40.38 -34.54
N LEU R 154 69.54 -39.14 -34.87
CA LEU R 154 68.78 -38.30 -33.97
C LEU R 154 67.79 -37.46 -34.73
N ILE R 155 66.63 -37.22 -34.13
CA ILE R 155 65.65 -36.34 -34.74
C ILE R 155 65.77 -35.08 -33.88
N LEU R 156 65.76 -33.92 -34.52
CA LEU R 156 65.83 -32.64 -33.83
C LEU R 156 64.79 -31.68 -34.38
N GLN R 157 64.37 -30.74 -33.54
CA GLN R 157 63.44 -29.68 -33.93
C GLN R 157 64.32 -28.46 -34.15
N ILE R 158 64.05 -27.71 -35.21
CA ILE R 158 64.80 -26.49 -35.52
C ILE R 158 63.79 -25.36 -35.63
N GLU R 159 63.93 -24.30 -34.83
CA GLU R 159 63.02 -23.16 -34.92
C GLU R 159 63.67 -22.17 -35.88
N LYS R 160 62.85 -21.48 -36.68
CA LYS R 160 63.35 -20.61 -37.75
C LYS R 160 64.20 -21.54 -38.63
N HIS R 161 65.44 -21.19 -38.95
CA HIS R 161 66.31 -22.06 -39.76
C HIS R 161 67.58 -22.45 -39.00
N ASN R 162 67.94 -21.59 -38.04
CA ASN R 162 69.18 -21.72 -37.32
C ASN R 162 69.16 -22.06 -35.84
N LEU R 163 67.99 -22.38 -35.29
CA LEU R 163 67.91 -22.66 -33.87
C LEU R 163 67.79 -24.14 -33.52
N MSE R 164 68.78 -24.62 -32.77
CA MSE R 164 68.86 -25.99 -32.27
C MSE R 164 69.55 -27.09 -33.09
O MSE R 164 69.36 -28.26 -32.81
CB MSE R 164 67.47 -26.47 -31.82
CG MSE R 164 66.93 -25.63 -30.67
SE MSE R 164 65.33 -26.38 -29.90
CE MSE R 164 64.04 -25.85 -31.26
N HIS R 165 70.34 -26.71 -34.08
CA HIS R 165 71.07 -27.70 -34.87
C HIS R 165 72.09 -28.36 -33.94
N ALA R 166 72.68 -29.47 -34.39
CA ALA R 166 73.71 -30.15 -33.62
C ALA R 166 75.04 -29.80 -34.29
N ALA R 167 75.95 -29.19 -33.54
CA ALA R 167 77.25 -28.83 -34.10
C ALA R 167 77.90 -30.04 -34.75
N ASP R 168 78.32 -29.89 -36.01
CA ASP R 168 78.99 -30.94 -36.77
C ASP R 168 78.09 -32.04 -37.34
N ALA R 169 76.91 -32.26 -36.75
CA ALA R 169 76.00 -33.31 -37.22
C ALA R 169 75.65 -33.17 -38.69
N GLN R 170 75.32 -34.29 -39.33
CA GLN R 170 74.98 -34.28 -40.74
C GLN R 170 73.49 -34.48 -40.95
N VAL R 171 72.87 -33.55 -41.66
CA VAL R 171 71.43 -33.60 -41.93
C VAL R 171 71.15 -34.63 -43.03
N LEU R 172 70.31 -35.61 -42.72
CA LEU R 172 69.96 -36.65 -43.68
C LEU R 172 68.62 -36.37 -44.34
N LEU R 173 67.64 -36.02 -43.51
CA LEU R 173 66.29 -35.74 -43.97
C LEU R 173 65.77 -34.49 -43.25
N ALA R 174 65.14 -33.59 -44.01
CA ALA R 174 64.60 -32.36 -43.45
C ALA R 174 63.17 -32.12 -43.94
N LEU R 175 62.30 -31.73 -43.03
CA LEU R 175 60.90 -31.41 -43.32
C LEU R 175 60.63 -29.97 -42.88
N ASP R 176 60.31 -29.12 -43.83
CA ASP R 176 60.04 -27.70 -43.57
C ASP R 176 58.59 -27.45 -43.19
N VAL R 177 58.37 -27.02 -41.96
CA VAL R 177 57.03 -26.71 -41.48
C VAL R 177 56.81 -25.21 -41.27
N TRP R 178 57.46 -24.40 -42.10
CA TRP R 178 57.25 -22.96 -42.05
C TRP R 178 55.91 -22.89 -42.74
N GLU R 179 55.06 -21.92 -42.38
CA GLU R 179 53.75 -21.85 -43.02
C GLU R 179 53.85 -21.66 -44.55
N HIS R 180 54.85 -20.91 -45.02
CA HIS R 180 54.99 -20.69 -46.47
C HIS R 180 55.35 -21.96 -47.24
N ALA R 181 55.40 -23.08 -46.54
CA ALA R 181 55.73 -24.34 -47.17
C ALA R 181 54.46 -25.16 -47.37
N TYR R 182 53.32 -24.65 -46.90
CA TYR R 182 52.08 -25.42 -47.01
C TYR R 182 50.76 -24.69 -46.86
N TYR R 183 50.80 -23.46 -46.35
CA TYR R 183 49.57 -22.71 -46.09
C TYR R 183 48.64 -22.50 -47.29
N LEU R 184 49.18 -22.12 -48.43
CA LEU R 184 48.33 -21.90 -49.61
C LEU R 184 47.46 -23.10 -49.89
N GLN R 185 47.99 -24.29 -49.59
CA GLN R 185 47.27 -25.53 -49.87
C GLN R 185 46.61 -26.21 -48.67
N TYR R 186 47.35 -26.37 -47.58
CA TYR R 186 46.82 -27.02 -46.40
C TYR R 186 46.29 -26.02 -45.37
N LYS R 187 46.50 -24.74 -45.64
CA LYS R 187 46.07 -23.69 -44.73
C LYS R 187 46.68 -23.94 -43.35
N ASN R 188 45.85 -23.87 -42.31
CA ASN R 188 46.33 -24.07 -40.95
C ASN R 188 46.58 -25.53 -40.60
N ASP R 189 46.14 -26.44 -41.44
CA ASP R 189 46.32 -27.86 -41.15
C ASP R 189 47.72 -28.39 -41.43
N ARG R 190 48.67 -28.00 -40.57
CA ARG R 190 50.05 -28.45 -40.70
C ARG R 190 50.15 -29.96 -40.55
N GLY R 191 49.24 -30.54 -39.78
CA GLY R 191 49.27 -31.98 -39.55
C GLY R 191 49.13 -32.81 -40.82
N SER R 192 48.18 -32.43 -41.67
CA SER R 192 47.93 -33.16 -42.91
C SER R 192 48.99 -32.90 -43.95
N TYR R 193 49.71 -31.79 -43.80
CA TYR R 193 50.79 -31.47 -44.71
C TYR R 193 51.93 -32.43 -44.42
N VAL R 194 52.24 -32.61 -43.13
CA VAL R 194 53.31 -33.51 -42.71
C VAL R 194 52.94 -34.94 -43.11
N ASP R 195 51.69 -35.33 -42.83
CA ASP R 195 51.20 -36.67 -43.15
C ASP R 195 51.37 -37.02 -44.62
N ASN R 196 51.02 -36.08 -45.49
CA ASN R 196 51.10 -36.27 -46.92
C ASN R 196 52.51 -36.16 -47.46
N TRP R 197 53.35 -35.47 -46.70
CA TRP R 197 54.74 -35.27 -47.08
C TRP R 197 55.45 -36.61 -47.29
N TRP R 198 55.19 -37.56 -46.40
CA TRP R 198 55.81 -38.88 -46.47
C TRP R 198 55.71 -39.56 -47.85
N ASN R 199 54.70 -39.20 -48.64
CA ASN R 199 54.53 -39.81 -49.95
C ASN R 199 55.52 -39.30 -51.00
N VAL R 200 56.25 -38.24 -50.67
CA VAL R 200 57.23 -37.71 -51.62
C VAL R 200 58.66 -37.79 -51.08
N VAL R 201 58.86 -38.46 -49.95
CA VAL R 201 60.21 -38.56 -49.39
C VAL R 201 61.06 -39.48 -50.25
N ASN R 202 62.23 -38.99 -50.64
CA ASN R 202 63.15 -39.74 -51.47
C ASN R 202 64.20 -40.42 -50.58
N TRP R 203 63.89 -41.65 -50.17
CA TRP R 203 64.79 -42.38 -49.29
C TRP R 203 66.14 -42.73 -49.92
N ASP R 204 66.23 -42.62 -51.25
CA ASP R 204 67.51 -42.90 -51.90
C ASP R 204 68.43 -41.74 -51.55
N ASP R 205 67.88 -40.53 -51.57
CA ASP R 205 68.65 -39.33 -51.24
C ASP R 205 69.10 -39.40 -49.79
N VAL R 206 68.21 -39.84 -48.92
CA VAL R 206 68.52 -39.94 -47.50
C VAL R 206 69.60 -41.00 -47.31
N GLU R 207 69.44 -42.10 -48.05
CA GLU R 207 70.39 -43.21 -48.04
C GLU R 207 71.76 -42.68 -48.44
N ARG R 208 71.81 -41.94 -49.54
CA ARG R 208 73.06 -41.37 -50.00
C ARG R 208 73.71 -40.48 -48.96
N ARG R 209 72.90 -39.67 -48.27
CA ARG R 209 73.42 -38.78 -47.23
C ARG R 209 73.90 -39.54 -46.01
N LEU R 210 73.16 -40.57 -45.60
CA LEU R 210 73.57 -41.36 -44.44
C LEU R 210 74.94 -42.03 -44.62
N GLN R 211 75.15 -42.69 -45.76
CA GLN R 211 76.43 -43.36 -45.96
C GLN R 211 77.58 -42.35 -45.92
N LYS R 212 77.35 -41.15 -46.42
CA LYS R 212 78.40 -40.14 -46.39
C LYS R 212 78.78 -39.91 -44.93
N ALA R 213 77.77 -39.73 -44.07
CA ALA R 213 78.00 -39.52 -42.64
C ALA R 213 78.71 -40.73 -42.00
N LEU R 214 78.20 -41.92 -42.29
CA LEU R 214 78.78 -43.17 -41.76
C LEU R 214 80.25 -43.30 -42.18
N ASN R 215 80.59 -42.78 -43.37
CA ASN R 215 81.97 -42.83 -43.87
C ASN R 215 82.81 -41.72 -43.21
N GLY R 216 82.17 -40.90 -42.39
CA GLY R 216 82.88 -39.81 -41.75
C GLY R 216 82.95 -38.62 -42.68
N GLN R 217 82.10 -38.64 -43.72
CA GLN R 217 82.06 -37.57 -44.72
C GLN R 217 80.88 -36.61 -44.54
N ILE R 218 81.05 -35.40 -45.05
CA ILE R 218 80.00 -34.40 -44.98
C ILE R 218 78.90 -34.84 -45.98
N ALA R 219 77.66 -34.90 -45.52
CA ALA R 219 76.54 -35.35 -46.33
C ALA R 219 76.02 -34.36 -47.38
N LEU R 220 76.90 -33.89 -48.25
CA LEU R 220 76.49 -32.96 -49.29
C LEU R 220 76.99 -33.39 -50.67
N LYS R 221 76.48 -32.70 -51.70
CA LYS R 221 76.81 -32.96 -53.10
C LYS R 221 76.67 -34.43 -53.50
N LEU R 222 75.61 -35.07 -53.01
CA LEU R 222 75.35 -36.49 -53.31
C LEU R 222 74.25 -36.98 -52.36
N SER S 12 63.09 -53.70 -31.04
CA SER S 12 64.44 -53.46 -30.44
C SER S 12 64.89 -52.02 -30.57
N VAL S 13 65.17 -51.36 -29.45
CA VAL S 13 65.62 -49.97 -29.48
C VAL S 13 66.86 -49.73 -28.65
N THR S 14 67.79 -48.98 -29.20
CA THR S 14 69.01 -48.67 -28.48
C THR S 14 69.45 -47.25 -28.78
N THR S 15 70.06 -46.61 -27.80
CA THR S 15 70.58 -45.26 -27.97
C THR S 15 72.01 -45.26 -27.45
N LYS S 16 72.86 -44.45 -28.09
CA LYS S 16 74.26 -44.32 -27.70
C LYS S 16 74.34 -43.19 -26.67
N ARG S 17 75.07 -43.41 -25.59
CA ARG S 17 75.19 -42.38 -24.56
C ARG S 17 76.54 -41.68 -24.63
N TYR S 18 76.69 -40.60 -23.87
CA TYR S 18 77.92 -39.81 -23.89
C TYR S 18 78.70 -39.82 -22.57
N THR S 19 79.99 -39.51 -22.64
CA THR S 19 80.82 -39.48 -21.44
C THR S 19 81.74 -38.27 -21.44
N LEU S 20 82.12 -37.84 -20.25
CA LEU S 20 83.02 -36.69 -20.10
C LEU S 20 84.43 -37.03 -20.54
N PRO S 21 84.96 -36.34 -21.57
CA PRO S 21 86.32 -36.67 -21.99
C PRO S 21 87.34 -36.02 -21.04
N PRO S 22 88.49 -36.67 -20.82
CA PRO S 22 89.49 -36.08 -19.91
C PRO S 22 90.13 -34.87 -20.59
N LEU S 23 90.58 -33.89 -19.82
CA LEU S 23 91.25 -32.74 -20.43
C LEU S 23 92.54 -33.29 -21.06
N PRO S 24 93.09 -32.60 -22.06
CA PRO S 24 94.33 -33.09 -22.67
C PRO S 24 95.55 -32.63 -21.87
N TYR S 25 95.30 -32.01 -20.72
CA TYR S 25 96.37 -31.46 -19.89
C TYR S 25 95.88 -31.24 -18.48
N ALA S 26 96.79 -30.85 -17.59
CA ALA S 26 96.44 -30.63 -16.18
C ALA S 26 95.59 -29.38 -15.99
N TYR S 27 94.74 -29.39 -14.97
CA TYR S 27 93.87 -28.27 -14.67
C TYR S 27 94.58 -26.91 -14.66
N ASN S 28 95.80 -26.87 -14.15
CA ASN S 28 96.52 -25.60 -14.09
C ASN S 28 97.43 -25.34 -15.28
N ALA S 29 97.32 -26.19 -16.30
CA ALA S 29 98.15 -26.07 -17.50
C ALA S 29 97.95 -24.80 -18.33
N LEU S 30 96.80 -24.15 -18.18
CA LEU S 30 96.53 -22.96 -18.97
C LEU S 30 96.74 -21.67 -18.20
N GLU S 31 97.23 -21.78 -16.97
CA GLU S 31 97.48 -20.60 -16.16
C GLU S 31 98.66 -19.85 -16.76
N PRO S 32 98.71 -18.52 -16.57
CA PRO S 32 97.71 -17.73 -15.85
C PRO S 32 96.53 -17.24 -16.69
N TYR S 33 96.39 -17.76 -17.92
CA TYR S 33 95.33 -17.32 -18.83
C TYR S 33 93.92 -17.76 -18.42
N ILE S 34 93.83 -18.95 -17.85
CA ILE S 34 92.57 -19.46 -17.35
C ILE S 34 92.93 -20.17 -16.06
N SER S 35 92.36 -19.74 -14.95
CA SER S 35 92.66 -20.32 -13.65
C SER S 35 92.34 -21.80 -13.55
N ALA S 36 93.14 -22.52 -12.75
CA ALA S 36 92.94 -23.95 -12.56
C ALA S 36 91.58 -24.19 -11.93
N GLU S 37 91.13 -23.27 -11.08
CA GLU S 37 89.83 -23.44 -10.45
C GLU S 37 88.75 -23.44 -11.53
N ILE S 38 88.80 -22.47 -12.44
CA ILE S 38 87.84 -22.42 -13.54
C ILE S 38 87.89 -23.75 -14.32
N MSE S 39 89.10 -24.16 -14.72
CA MSE S 39 89.26 -25.39 -15.49
C MSE S 39 88.56 -26.58 -14.83
O MSE S 39 87.80 -27.29 -15.50
CB MSE S 39 90.74 -25.73 -15.71
CG MSE S 39 91.48 -24.72 -16.55
SE MSE S 39 90.71 -24.46 -18.33
CE MSE S 39 91.09 -26.22 -19.07
N GLN S 40 88.83 -26.79 -13.55
CA GLN S 40 88.21 -27.92 -12.85
C GLN S 40 86.69 -27.79 -12.71
N LEU S 41 86.22 -26.59 -12.38
CA LEU S 41 84.77 -26.37 -12.26
C LEU S 41 84.11 -26.52 -13.63
N HIS S 42 84.70 -25.87 -14.62
CA HIS S 42 84.18 -25.89 -15.97
C HIS S 42 84.06 -27.32 -16.54
N HIS S 43 85.12 -28.10 -16.37
CA HIS S 43 85.16 -29.48 -16.85
C HIS S 43 84.38 -30.46 -15.99
N GLN S 44 84.65 -30.45 -14.68
CA GLN S 44 84.01 -31.38 -13.74
C GLN S 44 82.57 -31.11 -13.34
N LYS S 45 82.11 -29.88 -13.48
CA LYS S 45 80.75 -29.54 -13.10
C LYS S 45 79.88 -29.21 -14.31
N HIS S 46 80.28 -28.20 -15.08
CA HIS S 46 79.48 -27.80 -16.23
C HIS S 46 79.47 -28.79 -17.38
N HIS S 47 80.63 -29.23 -17.83
CA HIS S 47 80.67 -30.18 -18.93
C HIS S 47 80.06 -31.50 -18.45
N GLN S 48 80.32 -31.89 -17.21
CA GLN S 48 79.74 -33.13 -16.73
C GLN S 48 78.21 -33.00 -16.73
N GLY S 49 77.72 -31.79 -16.44
CA GLY S 49 76.29 -31.57 -16.42
C GLY S 49 75.62 -31.72 -17.79
N TYR S 50 76.30 -31.29 -18.85
CA TYR S 50 75.73 -31.40 -20.18
C TYR S 50 75.71 -32.86 -20.59
N VAL S 51 76.75 -33.60 -20.19
CA VAL S 51 76.78 -35.02 -20.51
C VAL S 51 75.54 -35.66 -19.88
N ASN S 52 75.35 -35.46 -18.58
CA ASN S 52 74.19 -36.00 -17.87
C ASN S 52 72.88 -35.57 -18.52
N GLY S 53 72.79 -34.29 -18.89
CA GLY S 53 71.58 -33.79 -19.52
C GLY S 53 71.30 -34.40 -20.89
N ALA S 54 72.35 -34.74 -21.63
CA ALA S 54 72.17 -35.34 -22.94
C ALA S 54 71.68 -36.78 -22.74
N ASN S 55 72.34 -37.50 -21.85
CA ASN S 55 71.95 -38.87 -21.55
C ASN S 55 70.56 -38.93 -20.93
N ALA S 56 70.21 -37.92 -20.13
CA ALA S 56 68.89 -37.89 -19.51
C ALA S 56 67.84 -37.79 -20.61
N ALA S 57 68.05 -36.85 -21.54
CA ALA S 57 67.12 -36.66 -22.64
C ALA S 57 67.01 -37.94 -23.48
N LEU S 58 68.15 -38.56 -23.78
CA LEU S 58 68.15 -39.79 -24.59
C LEU S 58 67.40 -40.92 -23.90
N GLU S 59 67.52 -40.99 -22.58
CA GLU S 59 66.83 -42.02 -21.82
C GLU S 59 65.31 -41.89 -22.02
N LYS S 60 64.80 -40.67 -22.00
CA LYS S 60 63.38 -40.44 -22.19
C LYS S 60 62.97 -40.83 -23.60
N LEU S 61 63.83 -40.50 -24.56
CA LEU S 61 63.55 -40.82 -25.96
C LEU S 61 63.52 -42.33 -26.16
N GLU S 62 64.42 -43.02 -25.47
CA GLU S 62 64.48 -44.48 -25.56
C GLU S 62 63.18 -45.07 -25.03
N LYS S 63 62.78 -44.66 -23.82
CA LYS S 63 61.54 -45.15 -23.21
C LYS S 63 60.33 -44.86 -24.09
N PHE S 64 60.32 -43.70 -24.74
CA PHE S 64 59.22 -43.35 -25.64
C PHE S 64 59.25 -44.29 -26.85
N ARG S 65 60.45 -44.59 -27.33
CA ARG S 65 60.63 -45.46 -28.49
C ARG S 65 60.36 -46.92 -28.16
N LYS S 66 60.58 -47.30 -26.90
CA LYS S 66 60.33 -48.66 -26.44
C LYS S 66 58.85 -48.79 -26.09
N GLY S 67 58.08 -47.77 -26.47
CA GLY S 67 56.65 -47.77 -26.19
C GLY S 67 56.31 -47.86 -24.71
N GLU S 68 57.22 -47.39 -23.85
CA GLU S 68 57.01 -47.45 -22.40
C GLU S 68 56.29 -46.23 -21.84
N ALA S 69 56.38 -45.10 -22.56
CA ALA S 69 55.74 -43.86 -22.12
C ALA S 69 55.55 -42.92 -23.31
N GLN S 70 54.74 -41.89 -23.12
CA GLN S 70 54.50 -40.90 -24.15
C GLN S 70 55.65 -39.90 -24.03
N ILE S 71 55.63 -38.82 -24.79
CA ILE S 71 56.71 -37.85 -24.70
C ILE S 71 56.37 -36.47 -25.23
N ASP S 72 56.76 -35.44 -24.48
CA ASP S 72 56.54 -34.05 -24.91
C ASP S 72 57.71 -33.85 -25.85
N ILE S 73 57.56 -34.26 -27.11
CA ILE S 73 58.64 -34.18 -28.08
C ILE S 73 59.41 -32.86 -28.14
N ARG S 74 58.69 -31.74 -28.14
CA ARG S 74 59.34 -30.43 -28.19
C ARG S 74 60.21 -30.20 -26.97
N ALA S 75 59.71 -30.56 -25.79
CA ALA S 75 60.47 -30.38 -24.55
C ALA S 75 61.76 -31.16 -24.57
N VAL S 76 61.68 -32.45 -24.88
CA VAL S 76 62.86 -33.30 -24.87
C VAL S 76 63.87 -33.00 -25.98
N LEU S 77 63.38 -32.58 -27.15
CA LEU S 77 64.29 -32.26 -28.23
C LEU S 77 64.98 -30.91 -27.95
N ARG S 78 64.35 -30.08 -27.14
CA ARG S 78 64.96 -28.81 -26.78
C ARG S 78 66.04 -29.14 -25.77
N ASP S 79 65.71 -30.04 -24.86
CA ASP S 79 66.63 -30.49 -23.83
C ASP S 79 67.84 -31.16 -24.47
N LEU S 80 67.57 -32.00 -25.46
CA LEU S 80 68.61 -32.74 -26.16
C LEU S 80 69.56 -31.80 -26.88
N SER S 81 69.00 -30.93 -27.71
CA SER S 81 69.81 -29.98 -28.45
C SER S 81 70.71 -29.16 -27.54
N PHE S 82 70.15 -28.57 -26.49
CA PHE S 82 70.96 -27.78 -25.57
C PHE S 82 72.13 -28.56 -24.96
N HIS S 83 71.84 -29.72 -24.37
CA HIS S 83 72.86 -30.54 -23.73
C HIS S 83 73.85 -31.20 -24.68
N LEU S 84 73.36 -31.71 -25.80
CA LEU S 84 74.24 -32.36 -26.77
C LEU S 84 75.24 -31.34 -27.29
N ASN S 85 74.77 -30.14 -27.56
CA ASN S 85 75.67 -29.11 -28.06
C ASN S 85 76.68 -28.71 -27.01
N GLY S 86 76.26 -28.58 -25.76
CA GLY S 86 77.20 -28.23 -24.71
C GLY S 86 78.32 -29.27 -24.70
N HIS S 87 77.93 -30.54 -24.81
CA HIS S 87 78.89 -31.63 -24.81
C HIS S 87 79.82 -31.57 -26.01
N ILE S 88 79.24 -31.50 -27.21
CA ILE S 88 80.05 -31.44 -28.43
C ILE S 88 81.02 -30.26 -28.40
N LEU S 89 80.51 -29.08 -28.05
CA LEU S 89 81.34 -27.88 -28.02
C LEU S 89 82.42 -27.88 -26.94
N HIS S 90 82.17 -28.49 -25.79
CA HIS S 90 83.22 -28.53 -24.78
C HIS S 90 84.28 -29.55 -25.17
N SER S 91 83.87 -30.59 -25.90
CA SER S 91 84.80 -31.62 -26.34
C SER S 91 85.81 -31.03 -27.33
N ILE S 92 85.37 -30.05 -28.13
CA ILE S 92 86.26 -29.37 -29.09
C ILE S 92 87.09 -28.27 -28.38
N PHE S 93 86.48 -27.66 -27.38
CA PHE S 93 87.07 -26.57 -26.61
C PHE S 93 88.35 -26.94 -25.86
N TRP S 94 88.37 -28.10 -25.22
CA TRP S 94 89.55 -28.50 -24.45
C TRP S 94 90.79 -28.76 -25.33
N PRO S 95 90.62 -29.50 -26.44
CA PRO S 95 91.75 -29.77 -27.34
C PRO S 95 92.17 -28.53 -28.13
N ASN S 96 91.20 -27.65 -28.40
CA ASN S 96 91.45 -26.39 -29.11
C ASN S 96 92.45 -25.54 -28.30
N MSE S 97 92.80 -25.99 -27.10
CA MSE S 97 93.73 -25.27 -26.25
C MSE S 97 94.89 -26.14 -25.80
O MSE S 97 94.78 -27.37 -25.77
CB MSE S 97 93.03 -24.71 -25.01
CG MSE S 97 91.80 -23.88 -25.30
SE MSE S 97 91.08 -23.05 -23.69
CE MSE S 97 90.16 -24.59 -22.95
N ALA S 98 95.99 -25.50 -25.41
CA ALA S 98 97.17 -26.20 -24.96
C ALA S 98 98.09 -25.24 -24.24
N PRO S 99 99.00 -25.77 -23.40
CA PRO S 99 99.93 -24.93 -22.66
C PRO S 99 100.72 -24.05 -23.63
N PRO S 100 101.03 -22.80 -23.23
CA PRO S 100 101.79 -21.92 -24.12
C PRO S 100 103.02 -22.65 -24.71
N GLY S 101 103.26 -22.43 -26.00
CA GLY S 101 104.34 -23.11 -26.69
C GLY S 101 103.59 -24.02 -27.65
N LYS S 102 102.93 -25.04 -27.11
CA LYS S 102 102.12 -25.93 -27.92
C LYS S 102 100.87 -25.10 -28.21
N GLY S 103 100.62 -24.12 -27.35
CA GLY S 103 99.47 -23.24 -27.51
C GLY S 103 99.90 -21.78 -27.55
N GLY S 104 99.19 -20.98 -28.35
CA GLY S 104 99.51 -19.57 -28.45
C GLY S 104 100.12 -19.18 -29.79
N GLY S 105 100.54 -17.92 -29.88
CA GLY S 105 101.16 -17.41 -31.10
C GLY S 105 100.28 -17.39 -32.32
N LYS S 106 100.93 -17.39 -33.50
CA LYS S 106 100.23 -17.38 -34.77
C LYS S 106 100.05 -18.79 -35.30
N PRO S 107 99.13 -18.98 -36.26
CA PRO S 107 98.87 -20.30 -36.85
C PRO S 107 99.75 -20.53 -38.09
N GLY S 108 99.74 -21.77 -38.58
CA GLY S 108 100.52 -22.11 -39.77
C GLY S 108 99.77 -23.09 -40.64
N GLY S 109 100.44 -23.66 -41.64
CA GLY S 109 99.81 -24.64 -42.50
C GLY S 109 98.64 -24.15 -43.35
N LYS S 110 97.67 -25.04 -43.58
CA LYS S 110 96.49 -24.72 -44.36
C LYS S 110 95.62 -23.68 -43.65
N ILE S 111 95.61 -23.72 -42.32
CA ILE S 111 94.78 -22.79 -41.56
C ILE S 111 95.30 -21.35 -41.69
N ALA S 112 96.62 -21.20 -41.72
CA ALA S 112 97.20 -19.86 -41.85
C ALA S 112 96.84 -19.27 -43.22
N ASP S 113 96.90 -20.10 -44.27
CA ASP S 113 96.58 -19.64 -45.62
C ASP S 113 95.11 -19.31 -45.78
N LEU S 114 94.25 -20.23 -45.32
CA LEU S 114 92.81 -20.03 -45.40
C LEU S 114 92.42 -18.81 -44.57
N ILE S 115 93.05 -18.63 -43.42
CA ILE S 115 92.73 -17.48 -42.60
C ILE S 115 93.13 -16.19 -43.36
N ASN S 116 94.26 -16.24 -44.08
CA ASN S 116 94.68 -15.07 -44.84
C ASN S 116 93.83 -14.92 -46.07
N LYS S 117 93.40 -16.06 -46.60
CA LYS S 117 92.57 -16.07 -47.81
C LYS S 117 91.21 -15.41 -47.61
N PHE S 118 90.52 -15.80 -46.53
CA PHE S 118 89.19 -15.30 -46.23
C PHE S 118 89.12 -14.07 -45.33
N PHE S 119 90.21 -13.75 -44.64
CA PHE S 119 90.22 -12.58 -43.75
C PHE S 119 91.31 -11.58 -44.12
N GLY S 120 92.23 -12.01 -44.97
CA GLY S 120 93.32 -11.15 -45.41
C GLY S 120 94.53 -11.17 -44.51
N SER S 121 94.34 -11.49 -43.24
CA SER S 121 95.43 -11.52 -42.28
C SER S 121 94.97 -12.12 -40.97
N PHE S 122 95.90 -12.76 -40.26
CA PHE S 122 95.61 -13.36 -38.96
C PHE S 122 95.13 -12.27 -38.00
N GLU S 123 95.57 -11.04 -38.23
CA GLU S 123 95.19 -9.91 -37.40
C GLU S 123 93.71 -9.52 -37.58
N LYS S 124 93.23 -9.56 -38.82
CA LYS S 124 91.83 -9.23 -39.07
C LYS S 124 90.97 -10.38 -38.54
N PHE S 125 91.40 -11.61 -38.79
CA PHE S 125 90.68 -12.79 -38.30
C PHE S 125 90.54 -12.71 -36.78
N LYS S 126 91.66 -12.39 -36.13
CA LYS S 126 91.73 -12.27 -34.68
C LYS S 126 90.74 -11.21 -34.23
N GLU S 127 90.60 -10.15 -35.02
CA GLU S 127 89.67 -9.08 -34.68
C GLU S 127 88.22 -9.50 -34.86
N GLU S 128 87.93 -10.16 -35.98
CA GLU S 128 86.57 -10.60 -36.26
C GLU S 128 86.08 -11.62 -35.24
N PHE S 129 86.96 -12.54 -34.87
CA PHE S 129 86.62 -13.59 -33.91
C PHE S 129 86.45 -13.05 -32.49
N SER S 130 87.40 -12.23 -32.06
CA SER S 130 87.35 -11.64 -30.73
C SER S 130 86.13 -10.75 -30.59
N GLN S 131 85.74 -10.09 -31.68
CA GLN S 131 84.57 -9.22 -31.65
C GLN S 131 83.28 -10.05 -31.51
N ALA S 132 83.21 -11.14 -32.27
CA ALA S 132 82.06 -12.03 -32.23
C ALA S 132 81.95 -12.62 -30.80
N ALA S 133 83.09 -12.94 -30.21
CA ALA S 133 83.11 -13.47 -28.84
C ALA S 133 82.67 -12.42 -27.82
N LYS S 134 83.32 -11.26 -27.89
CA LYS S 134 83.01 -10.19 -26.95
C LYS S 134 81.56 -9.72 -27.03
N ASN S 135 80.95 -9.82 -28.21
CA ASN S 135 79.58 -9.35 -28.40
C ASN S 135 78.44 -10.35 -28.39
N VAL S 136 78.70 -11.56 -27.92
CA VAL S 136 77.63 -12.56 -27.81
C VAL S 136 76.70 -12.00 -26.72
N GLU S 137 75.41 -11.90 -27.03
CA GLU S 137 74.42 -11.40 -26.08
C GLU S 137 74.01 -12.59 -25.21
N GLY S 138 74.15 -12.43 -23.90
CA GLY S 138 73.84 -13.51 -22.97
C GLY S 138 75.03 -14.46 -23.01
N VAL S 139 74.80 -15.75 -22.78
CA VAL S 139 75.93 -16.69 -22.82
C VAL S 139 76.04 -17.37 -24.20
N GLY S 140 77.23 -17.86 -24.51
CA GLY S 140 77.40 -18.51 -25.79
C GLY S 140 78.84 -18.74 -26.19
N TRP S 141 79.10 -18.80 -27.49
CA TRP S 141 80.42 -19.06 -28.04
C TRP S 141 80.72 -18.28 -29.31
N ALA S 142 82.00 -18.15 -29.60
CA ALA S 142 82.44 -17.55 -30.86
C ALA S 142 83.10 -18.80 -31.44
N ILE S 143 82.71 -19.20 -32.65
CA ILE S 143 83.32 -20.38 -33.26
C ILE S 143 83.74 -20.12 -34.71
N LEU S 144 84.80 -20.79 -35.12
CA LEU S 144 85.29 -20.70 -36.49
C LEU S 144 84.90 -22.02 -37.14
N VAL S 145 84.21 -21.96 -38.27
CA VAL S 145 83.76 -23.16 -38.95
C VAL S 145 84.13 -23.22 -40.42
N TYR S 146 84.18 -24.44 -40.94
CA TYR S 146 84.45 -24.65 -42.35
C TYR S 146 83.05 -24.91 -42.92
N GLU S 147 82.60 -24.02 -43.81
CA GLU S 147 81.28 -24.14 -44.43
C GLU S 147 81.50 -24.96 -45.70
N PRO S 148 81.13 -26.26 -45.66
CA PRO S 148 81.27 -27.22 -46.77
C PRO S 148 80.52 -26.98 -48.06
N LEU S 149 79.40 -26.27 -48.03
CA LEU S 149 78.63 -26.05 -49.25
C LEU S 149 79.39 -25.17 -50.24
N GLU S 150 80.00 -24.10 -49.76
CA GLU S 150 80.77 -23.22 -50.62
C GLU S 150 82.26 -23.24 -50.29
N GLU S 151 82.63 -24.12 -49.36
CA GLU S 151 84.02 -24.30 -48.96
C GLU S 151 84.77 -23.05 -48.47
N GLN S 152 84.29 -22.44 -47.41
CA GLN S 152 84.96 -21.26 -46.88
C GLN S 152 84.93 -21.23 -45.36
N LEU S 153 85.78 -20.38 -44.79
CA LEU S 153 85.83 -20.23 -43.34
C LEU S 153 84.84 -19.13 -42.96
N LEU S 154 84.06 -19.37 -41.91
CA LEU S 154 83.09 -18.40 -41.43
C LEU S 154 83.15 -18.34 -39.90
N ILE S 155 83.07 -17.14 -39.33
CA ILE S 155 83.07 -17.00 -37.88
C ILE S 155 81.58 -16.86 -37.52
N LEU S 156 81.13 -17.59 -36.52
CA LEU S 156 79.75 -17.51 -36.09
C LEU S 156 79.65 -17.28 -34.60
N GLN S 157 78.52 -16.72 -34.19
CA GLN S 157 78.23 -16.52 -32.78
C GLN S 157 77.24 -17.63 -32.45
N ILE S 158 77.29 -18.13 -31.23
CA ILE S 158 76.39 -19.18 -30.78
C ILE S 158 75.82 -18.73 -29.44
N GLU S 159 74.49 -18.69 -29.32
CA GLU S 159 73.84 -18.29 -28.07
C GLU S 159 73.49 -19.60 -27.34
N LYS S 160 73.68 -19.62 -26.02
CA LYS S 160 73.52 -20.84 -25.20
C LYS S 160 74.56 -21.81 -25.79
N HIS S 161 74.16 -23.02 -26.16
CA HIS S 161 75.10 -23.95 -26.81
C HIS S 161 74.61 -24.38 -28.18
N ASN S 162 73.34 -24.10 -28.45
CA ASN S 162 72.70 -24.61 -29.65
C ASN S 162 72.04 -23.65 -30.64
N LEU S 163 72.11 -22.35 -30.37
CA LEU S 163 71.47 -21.40 -31.25
C LEU S 163 72.40 -20.78 -32.27
N MSE S 164 72.04 -20.98 -33.54
CA MSE S 164 72.75 -20.43 -34.70
C MSE S 164 73.92 -21.18 -35.33
O MSE S 164 74.72 -20.61 -36.05
CB MSE S 164 73.14 -18.98 -34.40
CG MSE S 164 71.96 -18.19 -33.89
SE MSE S 164 72.21 -16.31 -34.02
CE MSE S 164 73.48 -16.00 -32.58
N HIS S 165 73.99 -22.48 -35.05
CA HIS S 165 75.02 -23.31 -35.66
C HIS S 165 74.68 -23.42 -37.13
N ALA S 166 75.71 -23.63 -37.95
CA ALA S 166 75.48 -23.78 -39.38
C ALA S 166 75.29 -25.27 -39.66
N ALA S 167 74.09 -25.68 -40.06
CA ALA S 167 73.81 -27.08 -40.38
C ALA S 167 74.93 -27.69 -41.23
N ASP S 168 75.42 -28.86 -40.81
CA ASP S 168 76.50 -29.57 -41.52
C ASP S 168 77.91 -28.95 -41.40
N ALA S 169 78.00 -27.72 -40.88
CA ALA S 169 79.29 -27.04 -40.76
C ALA S 169 80.19 -27.76 -39.77
N GLN S 170 81.51 -27.64 -39.96
CA GLN S 170 82.47 -28.29 -39.07
C GLN S 170 83.21 -27.30 -38.18
N VAL S 171 83.06 -27.47 -36.88
CA VAL S 171 83.67 -26.58 -35.92
C VAL S 171 85.16 -26.87 -35.87
N LEU S 172 85.96 -25.83 -36.07
CA LEU S 172 87.42 -25.95 -36.05
C LEU S 172 88.04 -25.35 -34.78
N LEU S 173 87.47 -24.24 -34.33
CA LEU S 173 87.96 -23.54 -33.13
C LEU S 173 86.78 -22.89 -32.44
N ALA S 174 86.65 -23.13 -31.13
CA ALA S 174 85.53 -22.56 -30.38
C ALA S 174 85.99 -21.86 -29.11
N LEU S 175 85.46 -20.68 -28.87
CA LEU S 175 85.78 -19.93 -27.66
C LEU S 175 84.51 -19.82 -26.85
N ASP S 176 84.54 -20.35 -25.63
CA ASP S 176 83.39 -20.34 -24.73
C ASP S 176 83.33 -19.03 -23.96
N VAL S 177 82.26 -18.28 -24.14
CA VAL S 177 82.11 -17.03 -23.40
C VAL S 177 80.89 -17.06 -22.48
N TRP S 178 80.58 -18.24 -21.96
CA TRP S 178 79.53 -18.40 -20.96
C TRP S 178 80.24 -17.77 -19.76
N GLU S 179 79.50 -17.14 -18.86
CA GLU S 179 80.11 -16.48 -17.73
C GLU S 179 80.99 -17.41 -16.89
N HIS S 180 80.58 -18.66 -16.71
CA HIS S 180 81.37 -19.61 -15.91
C HIS S 180 82.72 -19.93 -16.54
N ALA S 181 82.90 -19.53 -17.79
CA ALA S 181 84.16 -19.76 -18.48
C ALA S 181 85.21 -18.72 -18.08
N TYR S 182 84.81 -17.68 -17.37
CA TYR S 182 85.78 -16.64 -17.02
C TYR S 182 85.51 -15.81 -15.77
N TYR S 183 84.25 -15.75 -15.36
CA TYR S 183 83.90 -14.90 -14.23
C TYR S 183 84.77 -14.92 -12.98
N LEU S 184 85.13 -16.09 -12.48
CA LEU S 184 85.94 -16.15 -11.26
C LEU S 184 87.22 -15.35 -11.38
N GLN S 185 87.81 -15.35 -12.57
CA GLN S 185 89.08 -14.66 -12.80
C GLN S 185 88.99 -13.25 -13.38
N TYR S 186 88.20 -13.09 -14.43
CA TYR S 186 88.05 -11.81 -15.10
C TYR S 186 86.82 -11.03 -14.67
N LYS S 187 85.98 -11.65 -13.85
CA LYS S 187 84.76 -11.00 -13.40
C LYS S 187 83.93 -10.65 -14.64
N ASN S 188 83.38 -9.45 -14.67
CA ASN S 188 82.55 -9.02 -15.78
C ASN S 188 83.36 -8.66 -17.02
N ASP S 189 84.69 -8.63 -16.90
CA ASP S 189 85.51 -8.26 -18.06
C ASP S 189 85.82 -9.41 -19.01
N ARG S 190 84.80 -9.84 -19.74
CA ARG S 190 84.92 -10.93 -20.70
C ARG S 190 85.90 -10.52 -21.81
N GLY S 191 85.93 -9.23 -22.12
CA GLY S 191 86.83 -8.72 -23.15
C GLY S 191 88.29 -9.12 -22.91
N SER S 192 88.75 -8.98 -21.67
CA SER S 192 90.14 -9.33 -21.35
C SER S 192 90.32 -10.85 -21.38
N TYR S 193 89.24 -11.57 -21.05
CA TYR S 193 89.29 -13.04 -21.09
C TYR S 193 89.48 -13.45 -22.55
N VAL S 194 88.69 -12.88 -23.44
CA VAL S 194 88.77 -13.21 -24.87
C VAL S 194 90.14 -12.89 -25.49
N ASP S 195 90.71 -11.76 -25.11
CA ASP S 195 92.01 -11.37 -25.65
C ASP S 195 93.15 -12.19 -25.07
N ASN S 196 93.02 -12.63 -23.82
CA ASN S 196 94.07 -13.44 -23.20
C ASN S 196 94.04 -14.86 -23.73
N TRP S 197 92.83 -15.38 -23.92
CA TRP S 197 92.61 -16.72 -24.43
C TRP S 197 93.54 -17.11 -25.58
N TRP S 198 93.89 -16.16 -26.44
CA TRP S 198 94.76 -16.43 -27.58
C TRP S 198 96.10 -17.04 -27.19
N ASN S 199 96.51 -16.85 -25.95
CA ASN S 199 97.78 -17.39 -25.46
C ASN S 199 97.77 -18.90 -25.25
N VAL S 200 96.58 -19.50 -25.21
CA VAL S 200 96.47 -20.94 -25.03
C VAL S 200 95.83 -21.66 -26.21
N VAL S 201 95.71 -20.97 -27.34
CA VAL S 201 95.12 -21.57 -28.54
C VAL S 201 96.06 -22.63 -29.12
N ASN S 202 95.53 -23.81 -29.39
CA ASN S 202 96.31 -24.92 -29.96
C ASN S 202 96.03 -24.96 -31.46
N TRP S 203 96.83 -24.21 -32.20
CA TRP S 203 96.67 -24.12 -33.63
C TRP S 203 96.90 -25.44 -34.37
N ASP S 204 97.54 -26.39 -33.70
CA ASP S 204 97.80 -27.67 -34.33
C ASP S 204 96.50 -28.46 -34.41
N ASP S 205 95.74 -28.42 -33.32
CA ASP S 205 94.45 -29.10 -33.27
C ASP S 205 93.53 -28.51 -34.33
N VAL S 206 93.50 -27.18 -34.42
CA VAL S 206 92.67 -26.51 -35.40
C VAL S 206 93.10 -26.96 -36.78
N GLU S 207 94.41 -26.96 -37.04
CA GLU S 207 94.91 -27.36 -38.36
C GLU S 207 94.46 -28.78 -38.70
N ARG S 208 94.57 -29.68 -37.74
CA ARG S 208 94.15 -31.05 -37.96
C ARG S 208 92.69 -31.09 -38.36
N ARG S 209 91.82 -30.46 -37.57
CA ARG S 209 90.39 -30.43 -37.89
C ARG S 209 90.15 -29.81 -39.26
N LEU S 210 90.87 -28.75 -39.58
CA LEU S 210 90.71 -28.11 -40.90
C LEU S 210 91.10 -29.11 -41.99
N GLN S 211 92.10 -29.93 -41.69
CA GLN S 211 92.58 -30.93 -42.64
C GLN S 211 91.46 -31.85 -43.04
N LYS S 212 90.81 -32.45 -42.05
CA LYS S 212 89.69 -33.36 -42.30
C LYS S 212 88.56 -32.62 -43.01
N ALA S 213 88.26 -31.41 -42.55
CA ALA S 213 87.21 -30.61 -43.16
C ALA S 213 87.51 -30.41 -44.65
N LEU S 214 88.74 -30.00 -44.95
CA LEU S 214 89.15 -29.74 -46.32
C LEU S 214 89.02 -30.94 -47.24
N ASN S 215 89.08 -32.15 -46.68
CA ASN S 215 88.93 -33.35 -47.50
C ASN S 215 87.46 -33.76 -47.57
N GLY S 216 86.59 -32.88 -47.11
CA GLY S 216 85.16 -33.15 -47.11
C GLY S 216 84.74 -34.06 -45.99
N GLN S 217 85.49 -34.05 -44.89
CA GLN S 217 85.20 -34.90 -43.76
C GLN S 217 84.74 -34.14 -42.50
N ILE S 218 84.18 -34.90 -41.56
CA ILE S 218 83.74 -34.38 -40.27
C ILE S 218 85.02 -34.20 -39.44
N ALA S 219 85.22 -33.00 -38.91
CA ALA S 219 86.42 -32.70 -38.14
C ALA S 219 86.29 -33.11 -36.67
N LEU S 220 86.26 -34.42 -36.43
CA LEU S 220 86.14 -34.98 -35.09
C LEU S 220 86.96 -36.26 -34.95
N LYS S 221 87.12 -36.69 -33.70
CA LYS S 221 87.86 -37.91 -33.39
C LYS S 221 89.27 -37.91 -33.99
N LEU S 222 90.25 -37.64 -33.14
CA LEU S 222 91.66 -37.61 -33.53
C LEU S 222 91.89 -36.88 -34.83
N SER T 12 43.91 -25.37 -0.79
CA SER T 12 43.35 -25.63 -2.15
C SER T 12 44.01 -24.74 -3.21
N VAL T 13 43.91 -25.16 -4.47
CA VAL T 13 44.49 -24.42 -5.59
C VAL T 13 43.43 -24.06 -6.62
N THR T 14 43.48 -22.83 -7.12
CA THR T 14 42.52 -22.40 -8.13
C THR T 14 43.14 -21.42 -9.11
N THR T 15 43.34 -21.88 -10.35
CA THR T 15 43.90 -21.04 -11.41
C THR T 15 42.75 -20.40 -12.20
N LYS T 16 43.08 -19.63 -13.23
CA LYS T 16 42.07 -18.98 -14.05
C LYS T 16 42.29 -19.36 -15.50
N ARG T 17 41.20 -19.58 -16.25
CA ARG T 17 41.32 -19.96 -17.64
C ARG T 17 41.01 -18.85 -18.61
N TYR T 18 41.32 -19.07 -19.89
CA TYR T 18 41.10 -18.05 -20.90
C TYR T 18 40.12 -18.52 -21.97
N THR T 19 39.52 -17.56 -22.67
CA THR T 19 38.55 -17.87 -23.70
C THR T 19 38.77 -17.01 -24.92
N LEU T 20 38.21 -17.46 -26.05
CA LEU T 20 38.34 -16.76 -27.32
C LEU T 20 37.34 -15.61 -27.44
N PRO T 21 37.84 -14.37 -27.49
CA PRO T 21 36.90 -13.25 -27.62
C PRO T 21 36.41 -13.11 -29.07
N PRO T 22 35.13 -12.78 -29.26
CA PRO T 22 34.59 -12.62 -30.61
C PRO T 22 35.18 -11.36 -31.25
N LEU T 23 35.13 -11.27 -32.57
CA LEU T 23 35.65 -10.10 -33.26
C LEU T 23 34.70 -8.91 -33.14
N PRO T 24 35.22 -7.70 -33.29
CA PRO T 24 34.41 -6.47 -33.21
C PRO T 24 33.66 -6.26 -34.52
N TYR T 25 33.80 -7.21 -35.45
CA TYR T 25 33.19 -7.11 -36.77
C TYR T 25 33.13 -8.45 -37.52
N ALA T 26 32.65 -8.40 -38.76
CA ALA T 26 32.52 -9.60 -39.60
C ALA T 26 33.88 -9.97 -40.17
N TYR T 27 34.08 -11.25 -40.45
CA TYR T 27 35.34 -11.74 -40.98
C TYR T 27 35.69 -11.10 -42.34
N ASN T 28 34.69 -10.50 -42.97
CA ASN T 28 34.85 -9.86 -44.27
C ASN T 28 34.96 -8.35 -44.16
N ALA T 29 34.75 -7.83 -42.95
CA ALA T 29 34.77 -6.39 -42.69
C ALA T 29 36.06 -5.65 -43.01
N LEU T 30 37.19 -6.37 -43.12
CA LEU T 30 38.44 -5.69 -43.40
C LEU T 30 38.94 -5.81 -44.83
N GLU T 31 38.12 -6.40 -45.70
CA GLU T 31 38.52 -6.53 -47.10
C GLU T 31 38.49 -5.15 -47.75
N PRO T 32 39.26 -4.93 -48.83
CA PRO T 32 40.16 -5.91 -49.46
C PRO T 32 41.56 -5.91 -48.83
N TYR T 33 41.68 -5.35 -47.64
CA TYR T 33 42.97 -5.27 -46.95
C TYR T 33 43.37 -6.62 -46.40
N ILE T 34 42.44 -7.27 -45.71
CA ILE T 34 42.69 -8.60 -45.16
C ILE T 34 41.46 -9.42 -45.57
N SER T 35 41.68 -10.49 -46.32
CA SER T 35 40.59 -11.34 -46.80
C SER T 35 39.78 -11.94 -45.66
N ALA T 36 38.52 -12.25 -45.95
CA ALA T 36 37.63 -12.84 -44.96
C ALA T 36 38.14 -14.23 -44.52
N GLU T 37 38.84 -14.92 -45.42
CA GLU T 37 39.37 -16.24 -45.11
C GLU T 37 40.54 -16.14 -44.14
N ILE T 38 41.36 -15.11 -44.33
CA ILE T 38 42.51 -14.89 -43.44
C ILE T 38 42.02 -14.43 -42.08
N MSE T 39 40.78 -13.94 -42.01
CA MSE T 39 40.22 -13.48 -40.74
C MSE T 39 39.58 -14.59 -39.93
O MSE T 39 39.74 -14.66 -38.72
CB MSE T 39 39.19 -12.36 -40.98
CG MSE T 39 39.77 -11.07 -41.54
SE MSE T 39 41.16 -10.24 -40.42
CE MSE T 39 40.13 -10.07 -38.76
N GLN T 40 38.86 -15.49 -40.61
CA GLN T 40 38.20 -16.61 -39.93
C GLN T 40 39.17 -17.69 -39.44
N LEU T 41 40.16 -18.04 -40.26
CA LEU T 41 41.15 -19.04 -39.88
C LEU T 41 41.98 -18.56 -38.68
N HIS T 42 42.53 -17.35 -38.82
CA HIS T 42 43.36 -16.70 -37.83
C HIS T 42 42.70 -16.55 -36.46
N HIS T 43 41.39 -16.33 -36.46
CA HIS T 43 40.68 -16.16 -35.20
C HIS T 43 40.08 -17.43 -34.63
N GLN T 44 39.42 -18.23 -35.47
CA GLN T 44 38.80 -19.47 -35.00
C GLN T 44 39.77 -20.62 -34.89
N LYS T 45 40.84 -20.60 -35.70
CA LYS T 45 41.82 -21.67 -35.68
C LYS T 45 43.05 -21.27 -34.86
N HIS T 46 43.88 -20.43 -35.45
CA HIS T 46 45.10 -19.98 -34.80
C HIS T 46 44.88 -19.34 -33.43
N HIS T 47 44.10 -18.26 -33.38
CA HIS T 47 43.83 -17.59 -32.10
C HIS T 47 43.28 -18.56 -31.05
N GLN T 48 42.26 -19.32 -31.44
CA GLN T 48 41.65 -20.29 -30.54
C GLN T 48 42.70 -21.30 -30.05
N GLY T 49 43.67 -21.61 -30.90
CA GLY T 49 44.70 -22.56 -30.51
C GLY T 49 45.56 -22.12 -29.34
N TYR T 50 45.85 -20.82 -29.27
CA TYR T 50 46.66 -20.28 -28.18
C TYR T 50 45.82 -20.26 -26.91
N VAL T 51 44.52 -20.03 -27.07
CA VAL T 51 43.62 -20.02 -25.91
C VAL T 51 43.69 -21.42 -25.26
N ASN T 52 43.58 -22.46 -26.08
CA ASN T 52 43.64 -23.84 -25.59
C ASN T 52 45.02 -24.15 -25.00
N GLY T 53 46.08 -23.81 -25.74
CA GLY T 53 47.43 -24.06 -25.28
C GLY T 53 47.65 -23.48 -23.90
N ALA T 54 47.27 -22.23 -23.72
CA ALA T 54 47.43 -21.54 -22.44
C ALA T 54 46.73 -22.31 -21.32
N ASN T 55 45.46 -22.64 -21.53
CA ASN T 55 44.67 -23.37 -20.55
C ASN T 55 45.25 -24.75 -20.26
N ALA T 56 45.81 -25.39 -21.29
CA ALA T 56 46.41 -26.72 -21.17
C ALA T 56 47.63 -26.66 -20.26
N ALA T 57 48.37 -25.57 -20.34
CA ALA T 57 49.55 -25.39 -19.50
C ALA T 57 49.12 -25.17 -18.06
N LEU T 58 48.08 -24.36 -17.88
CA LEU T 58 47.56 -24.04 -16.56
C LEU T 58 47.04 -25.27 -15.82
N GLU T 59 46.46 -26.21 -16.56
CA GLU T 59 45.95 -27.41 -15.91
C GLU T 59 47.09 -28.31 -15.45
N LYS T 60 48.25 -28.21 -16.10
CA LYS T 60 49.41 -29.01 -15.69
C LYS T 60 49.99 -28.42 -14.41
N LEU T 61 49.98 -27.09 -14.34
CA LEU T 61 50.49 -26.38 -13.17
C LEU T 61 49.54 -26.55 -12.00
N GLU T 62 48.24 -26.43 -12.27
CA GLU T 62 47.23 -26.58 -11.24
C GLU T 62 47.41 -27.93 -10.54
N LYS T 63 47.41 -29.00 -11.34
CA LYS T 63 47.59 -30.35 -10.82
C LYS T 63 48.90 -30.45 -10.05
N PHE T 64 49.96 -29.85 -10.58
CA PHE T 64 51.24 -29.87 -9.89
C PHE T 64 51.10 -29.15 -8.55
N ARG T 65 50.42 -28.00 -8.58
CA ARG T 65 50.20 -27.21 -7.38
C ARG T 65 49.34 -27.97 -6.37
N LYS T 66 48.39 -28.75 -6.87
CA LYS T 66 47.52 -29.53 -6.01
C LYS T 66 48.20 -30.81 -5.51
N GLY T 67 49.36 -31.11 -6.08
CA GLY T 67 50.11 -32.29 -5.67
C GLY T 67 49.77 -33.53 -6.49
N GLU T 68 48.92 -33.37 -7.49
CA GLU T 68 48.51 -34.48 -8.36
C GLU T 68 49.59 -34.92 -9.35
N ALA T 69 50.73 -34.24 -9.35
CA ALA T 69 51.80 -34.62 -10.28
C ALA T 69 53.02 -33.74 -10.17
N GLN T 70 54.14 -34.25 -10.65
CA GLN T 70 55.40 -33.52 -10.68
C GLN T 70 55.30 -32.62 -11.90
N ILE T 71 56.36 -31.90 -12.24
CA ILE T 71 56.29 -31.03 -13.41
C ILE T 71 57.63 -30.59 -13.98
N ASP T 72 57.77 -30.64 -15.30
CA ASP T 72 58.99 -30.17 -15.96
C ASP T 72 58.69 -28.67 -16.08
N ILE T 73 59.05 -27.93 -15.05
CA ILE T 73 58.77 -26.51 -14.98
C ILE T 73 59.21 -25.67 -16.18
N ARG T 74 60.33 -26.03 -16.79
CA ARG T 74 60.82 -25.27 -17.93
C ARG T 74 59.92 -25.47 -19.14
N ALA T 75 59.55 -26.72 -19.37
CA ALA T 75 58.68 -27.07 -20.49
C ALA T 75 57.34 -26.36 -20.36
N VAL T 76 56.70 -26.53 -19.21
CA VAL T 76 55.38 -25.95 -18.97
C VAL T 76 55.38 -24.42 -19.04
N LEU T 77 56.35 -23.77 -18.39
CA LEU T 77 56.39 -22.33 -18.42
C LEU T 77 56.72 -21.78 -19.81
N ARG T 78 57.44 -22.56 -20.62
CA ARG T 78 57.74 -22.15 -21.98
C ARG T 78 56.45 -22.19 -22.81
N ASP T 79 55.66 -23.25 -22.61
CA ASP T 79 54.37 -23.42 -23.32
C ASP T 79 53.38 -22.33 -22.91
N LEU T 80 53.30 -22.06 -21.61
CA LEU T 80 52.39 -21.04 -21.08
C LEU T 80 52.70 -19.65 -21.61
N SER T 81 53.98 -19.28 -21.56
CA SER T 81 54.39 -17.97 -22.05
C SER T 81 54.03 -17.78 -23.52
N PHE T 82 54.24 -18.81 -24.32
CA PHE T 82 53.93 -18.74 -25.74
C PHE T 82 52.45 -18.54 -26.02
N HIS T 83 51.63 -19.41 -25.46
CA HIS T 83 50.18 -19.36 -25.67
C HIS T 83 49.48 -18.19 -24.97
N LEU T 84 50.00 -17.79 -23.82
CA LEU T 84 49.41 -16.67 -23.09
C LEU T 84 49.63 -15.42 -23.93
N ASN T 85 50.86 -15.21 -24.41
CA ASN T 85 51.14 -14.04 -25.23
C ASN T 85 50.35 -14.13 -26.54
N GLY T 86 50.29 -15.32 -27.13
CA GLY T 86 49.55 -15.49 -28.36
C GLY T 86 48.10 -15.03 -28.19
N HIS T 87 47.55 -15.33 -27.02
CA HIS T 87 46.17 -14.96 -26.69
C HIS T 87 46.05 -13.46 -26.39
N ILE T 88 46.97 -12.93 -25.59
CA ILE T 88 46.96 -11.52 -25.25
C ILE T 88 47.20 -10.61 -26.46
N LEU T 89 48.17 -10.97 -27.31
CA LEU T 89 48.43 -10.13 -28.47
C LEU T 89 47.30 -10.20 -29.50
N HIS T 90 46.69 -11.37 -29.65
CA HIS T 90 45.59 -11.48 -30.60
C HIS T 90 44.37 -10.75 -30.07
N SER T 91 44.18 -10.80 -28.75
CA SER T 91 43.05 -10.12 -28.12
C SER T 91 43.12 -8.65 -28.44
N ILE T 92 44.32 -8.09 -28.38
CA ILE T 92 44.54 -6.68 -28.69
C ILE T 92 44.48 -6.46 -30.20
N PHE T 93 45.00 -7.42 -30.98
CA PHE T 93 45.02 -7.32 -32.43
C PHE T 93 43.66 -7.01 -33.07
N TRP T 94 42.62 -7.71 -32.63
CA TRP T 94 41.28 -7.52 -33.19
C TRP T 94 40.73 -6.08 -33.02
N PRO T 95 40.59 -5.62 -31.77
CA PRO T 95 40.08 -4.26 -31.54
C PRO T 95 41.00 -3.16 -32.07
N ASN T 96 42.25 -3.52 -32.34
CA ASN T 96 43.23 -2.57 -32.89
C ASN T 96 42.86 -2.23 -34.33
N MSE T 97 41.95 -3.01 -34.90
CA MSE T 97 41.50 -2.79 -36.28
C MSE T 97 39.98 -2.54 -36.34
O MSE T 97 39.24 -2.88 -35.43
CB MSE T 97 41.85 -4.01 -37.14
CG MSE T 97 43.34 -4.33 -37.20
SE MSE T 97 43.78 -5.90 -38.29
CE MSE T 97 42.82 -7.23 -37.26
N ALA T 98 39.54 -1.91 -37.42
CA ALA T 98 38.12 -1.61 -37.59
C ALA T 98 37.81 -1.48 -39.08
N PRO T 99 36.54 -1.72 -39.46
CA PRO T 99 36.18 -1.61 -40.87
C PRO T 99 36.62 -0.27 -41.45
N PRO T 100 37.13 -0.27 -42.69
CA PRO T 100 37.59 0.95 -43.37
C PRO T 100 36.67 2.13 -43.08
N GLY T 101 37.25 3.28 -42.77
CA GLY T 101 36.46 4.45 -42.44
C GLY T 101 36.56 4.63 -40.92
N LYS T 102 36.05 3.65 -40.18
CA LYS T 102 36.13 3.69 -38.72
C LYS T 102 37.60 3.41 -38.45
N GLY T 103 38.15 2.47 -39.20
CA GLY T 103 39.56 2.11 -39.06
C GLY T 103 40.30 2.75 -40.21
N GLY T 104 41.56 3.12 -39.99
CA GLY T 104 42.34 3.74 -41.04
C GLY T 104 42.67 5.18 -40.72
N GLY T 105 43.20 5.92 -41.69
CA GLY T 105 43.51 7.32 -41.48
C GLY T 105 44.66 7.56 -40.52
N LYS T 106 44.70 8.74 -39.91
CA LYS T 106 45.76 9.07 -38.98
C LYS T 106 45.30 9.14 -37.54
N PRO T 107 46.26 9.12 -36.59
CA PRO T 107 45.93 9.17 -35.16
C PRO T 107 45.62 10.60 -34.71
N GLY T 108 44.87 10.72 -33.61
CA GLY T 108 44.54 12.03 -33.08
C GLY T 108 44.71 12.02 -31.56
N GLY T 109 44.19 13.04 -30.90
CA GLY T 109 44.28 13.11 -29.45
C GLY T 109 45.66 12.81 -28.91
N LYS T 110 45.71 12.25 -27.69
CA LYS T 110 46.96 11.92 -27.02
C LYS T 110 47.93 11.09 -27.85
N ILE T 111 47.45 10.02 -28.47
CA ILE T 111 48.32 9.15 -29.27
C ILE T 111 49.01 9.92 -30.38
N ALA T 112 48.27 10.80 -31.05
CA ALA T 112 48.83 11.61 -32.13
C ALA T 112 49.89 12.53 -31.52
N ASP T 113 49.61 13.05 -30.34
CA ASP T 113 50.53 13.95 -29.66
C ASP T 113 51.88 13.28 -29.42
N LEU T 114 51.86 12.20 -28.63
CA LEU T 114 53.07 11.47 -28.28
C LEU T 114 53.85 10.92 -29.48
N ILE T 115 53.14 10.44 -30.48
CA ILE T 115 53.84 9.91 -31.64
C ILE T 115 54.71 11.01 -32.24
N ASN T 116 54.17 12.22 -32.35
CA ASN T 116 54.94 13.33 -32.89
C ASN T 116 56.11 13.66 -31.98
N LYS T 117 55.86 13.67 -30.67
CA LYS T 117 56.90 13.97 -29.71
C LYS T 117 58.09 13.03 -29.82
N PHE T 118 57.80 11.74 -29.73
CA PHE T 118 58.81 10.70 -29.78
C PHE T 118 59.35 10.33 -31.13
N PHE T 119 58.52 10.35 -32.17
CA PHE T 119 58.97 9.99 -33.51
C PHE T 119 59.10 11.19 -34.46
N GLY T 120 58.76 12.38 -33.97
CA GLY T 120 58.86 13.56 -34.81
C GLY T 120 57.62 13.80 -35.64
N SER T 121 57.05 12.74 -36.21
CA SER T 121 55.85 12.85 -37.02
C SER T 121 55.21 11.49 -37.19
N PHE T 122 53.94 11.48 -37.60
CA PHE T 122 53.24 10.22 -37.81
C PHE T 122 53.87 9.47 -38.96
N GLU T 123 54.39 10.22 -39.93
CA GLU T 123 55.02 9.61 -41.10
C GLU T 123 56.22 8.77 -40.66
N LYS T 124 57.15 9.41 -39.95
CA LYS T 124 58.34 8.72 -39.46
C LYS T 124 57.94 7.51 -38.63
N PHE T 125 56.95 7.70 -37.74
CA PHE T 125 56.45 6.62 -36.90
C PHE T 125 56.04 5.43 -37.75
N LYS T 126 55.37 5.73 -38.87
CA LYS T 126 54.90 4.71 -39.80
C LYS T 126 56.08 3.96 -40.44
N GLU T 127 57.13 4.70 -40.73
CA GLU T 127 58.32 4.11 -41.33
C GLU T 127 58.98 3.14 -40.34
N GLU T 128 59.17 3.60 -39.11
CA GLU T 128 59.80 2.78 -38.09
C GLU T 128 58.97 1.55 -37.75
N PHE T 129 57.66 1.76 -37.56
CA PHE T 129 56.77 0.66 -37.23
C PHE T 129 56.67 -0.34 -38.37
N SER T 130 56.58 0.19 -39.60
CA SER T 130 56.51 -0.65 -40.80
C SER T 130 57.81 -1.45 -40.98
N GLN T 131 58.93 -0.73 -40.96
CA GLN T 131 60.22 -1.39 -41.11
C GLN T 131 60.40 -2.46 -40.03
N ALA T 132 59.87 -2.20 -38.84
CA ALA T 132 59.98 -3.15 -37.75
C ALA T 132 59.21 -4.43 -38.06
N ALA T 133 58.00 -4.27 -38.59
CA ALA T 133 57.15 -5.41 -38.92
C ALA T 133 57.65 -6.18 -40.16
N LYS T 134 58.14 -5.45 -41.17
CA LYS T 134 58.64 -6.08 -42.39
C LYS T 134 59.97 -6.79 -42.19
N ASN T 135 60.75 -6.35 -41.20
CA ASN T 135 62.04 -6.97 -40.94
C ASN T 135 62.04 -7.95 -39.77
N VAL T 136 60.85 -8.38 -39.36
CA VAL T 136 60.73 -9.37 -38.29
C VAL T 136 61.32 -10.67 -38.87
N GLU T 137 62.36 -11.19 -38.24
CA GLU T 137 62.98 -12.42 -38.71
C GLU T 137 62.17 -13.64 -38.26
N GLY T 138 61.54 -14.32 -39.22
CA GLY T 138 60.70 -15.47 -38.91
C GLY T 138 59.29 -14.96 -38.70
N VAL T 139 58.58 -15.52 -37.73
CA VAL T 139 57.22 -15.04 -37.45
C VAL T 139 57.29 -14.15 -36.20
N GLY T 140 56.37 -13.18 -36.11
CA GLY T 140 56.38 -12.30 -34.97
C GLY T 140 55.39 -11.16 -35.05
N TRP T 141 55.72 -10.07 -34.37
CA TRP T 141 54.88 -8.89 -34.32
C TRP T 141 55.71 -7.61 -34.27
N ALA T 142 55.05 -6.52 -34.61
CA ALA T 142 55.63 -5.18 -34.52
C ALA T 142 54.64 -4.60 -33.53
N ILE T 143 55.12 -4.11 -32.39
CA ILE T 143 54.22 -3.53 -31.40
C ILE T 143 54.68 -2.18 -30.93
N LEU T 144 53.71 -1.33 -30.57
CA LEU T 144 53.99 0.00 -30.04
C LEU T 144 53.60 -0.17 -28.58
N VAL T 145 54.48 0.21 -27.69
CA VAL T 145 54.20 0.06 -26.27
C VAL T 145 54.45 1.35 -25.52
N TYR T 146 53.85 1.45 -24.34
CA TYR T 146 54.07 2.59 -23.46
C TYR T 146 55.00 2.01 -22.40
N GLU T 147 56.22 2.50 -22.35
CA GLU T 147 57.22 2.03 -21.39
C GLU T 147 57.09 2.93 -20.15
N PRO T 148 56.53 2.39 -19.05
CA PRO T 148 56.32 3.11 -17.79
C PRO T 148 57.51 3.54 -16.94
N LEU T 149 58.68 2.94 -17.12
CA LEU T 149 59.81 3.32 -16.28
C LEU T 149 60.27 4.74 -16.59
N GLU T 150 60.44 5.07 -17.88
CA GLU T 150 60.85 6.42 -18.23
C GLU T 150 59.76 7.11 -19.04
N GLU T 151 58.57 6.52 -19.01
CA GLU T 151 57.39 7.09 -19.65
C GLU T 151 57.56 7.57 -21.08
N GLN T 152 57.69 6.63 -22.00
CA GLN T 152 57.85 7.00 -23.39
C GLN T 152 57.35 5.88 -24.28
N LEU T 153 56.97 6.25 -25.49
CA LEU T 153 56.50 5.29 -26.46
C LEU T 153 57.69 4.58 -27.06
N LEU T 154 57.54 3.29 -27.33
CA LEU T 154 58.60 2.49 -27.95
C LEU T 154 57.98 1.45 -28.86
N ILE T 155 58.61 1.24 -30.00
CA ILE T 155 58.16 0.21 -30.93
C ILE T 155 59.11 -0.95 -30.67
N LEU T 156 58.56 -2.16 -30.67
CA LEU T 156 59.37 -3.34 -30.44
C LEU T 156 58.99 -4.45 -31.40
N GLN T 157 59.99 -5.25 -31.75
CA GLN T 157 59.80 -6.40 -32.60
C GLN T 157 59.59 -7.56 -31.62
N ILE T 158 58.64 -8.42 -31.91
CA ILE T 158 58.39 -9.57 -31.07
C ILE T 158 58.56 -10.80 -31.94
N GLU T 159 59.39 -11.76 -31.53
CA GLU T 159 59.56 -12.97 -32.32
C GLU T 159 58.57 -13.96 -31.71
N LYS T 160 57.88 -14.71 -32.56
CA LYS T 160 56.81 -15.62 -32.11
C LYS T 160 55.80 -14.68 -31.42
N HIS T 161 55.34 -15.03 -30.21
CA HIS T 161 54.40 -14.15 -29.51
C HIS T 161 55.03 -13.69 -28.20
N ASN T 162 56.01 -14.45 -27.74
CA ASN T 162 56.63 -14.23 -26.44
C ASN T 162 58.07 -13.76 -26.33
N LEU T 163 58.72 -13.50 -27.46
CA LEU T 163 60.11 -13.10 -27.39
C LEU T 163 60.35 -11.61 -27.59
N MSE T 164 61.02 -11.01 -26.60
CA MSE T 164 61.38 -9.59 -26.57
C MSE T 164 60.38 -8.54 -26.09
O MSE T 164 60.52 -7.36 -26.40
CB MSE T 164 61.97 -9.20 -27.91
CG MSE T 164 63.08 -10.16 -28.31
SE MSE T 164 64.18 -9.46 -29.66
CE MSE T 164 62.96 -9.63 -31.16
N HIS T 165 59.38 -8.98 -25.33
CA HIS T 165 58.41 -8.05 -24.75
C HIS T 165 59.14 -7.27 -23.64
N ALA T 166 58.64 -6.08 -23.34
CA ALA T 166 59.22 -5.26 -22.29
C ALA T 166 58.46 -5.52 -20.98
N ALA T 167 59.20 -5.89 -19.94
CA ALA T 167 58.57 -6.15 -18.64
C ALA T 167 57.79 -4.92 -18.11
N ASP T 168 56.50 -5.13 -17.80
CA ASP T 168 55.59 -4.10 -17.29
C ASP T 168 54.98 -3.18 -18.33
N ALA T 169 55.54 -3.13 -19.54
CA ALA T 169 55.05 -2.24 -20.58
C ALA T 169 53.66 -2.61 -21.06
N GLN T 170 52.93 -1.60 -21.53
CA GLN T 170 51.58 -1.80 -22.04
C GLN T 170 51.55 -1.71 -23.55
N VAL T 171 50.94 -2.71 -24.18
CA VAL T 171 50.84 -2.74 -25.63
C VAL T 171 49.67 -1.86 -26.09
N LEU T 172 49.97 -0.89 -26.95
CA LEU T 172 48.93 0.01 -27.44
C LEU T 172 48.45 -0.37 -28.84
N LEU T 173 49.38 -0.89 -29.65
CA LEU T 173 49.08 -1.26 -31.02
C LEU T 173 49.94 -2.46 -31.40
N ALA T 174 49.33 -3.47 -32.03
CA ALA T 174 50.05 -4.68 -32.43
C ALA T 174 49.71 -5.16 -33.85
N LEU T 175 50.75 -5.41 -34.64
CA LEU T 175 50.60 -5.91 -36.01
C LEU T 175 51.20 -7.31 -36.09
N ASP T 176 50.37 -8.27 -36.44
CA ASP T 176 50.78 -9.67 -36.56
C ASP T 176 51.45 -9.90 -37.91
N VAL T 177 52.74 -10.22 -37.91
CA VAL T 177 53.44 -10.50 -39.17
C VAL T 177 53.73 -11.99 -39.35
N TRP T 178 52.99 -12.83 -38.63
CA TRP T 178 53.11 -14.27 -38.77
C TRP T 178 52.58 -14.52 -40.18
N GLU T 179 53.05 -15.58 -40.83
CA GLU T 179 52.60 -15.88 -42.18
C GLU T 179 51.08 -16.03 -42.31
N HIS T 180 50.49 -16.82 -41.43
CA HIS T 180 49.05 -17.06 -41.47
C HIS T 180 48.16 -15.81 -41.34
N ALA T 181 48.79 -14.64 -41.30
CA ALA T 181 48.05 -13.39 -41.18
C ALA T 181 48.02 -12.66 -42.52
N TYR T 182 48.72 -13.19 -43.51
CA TYR T 182 48.77 -12.53 -44.82
C TYR T 182 49.01 -13.43 -46.02
N TYR T 183 49.74 -14.53 -45.83
CA TYR T 183 50.08 -15.41 -46.95
C TYR T 183 48.96 -15.77 -47.93
N LEU T 184 47.78 -16.10 -47.42
CA LEU T 184 46.67 -16.47 -48.29
C LEU T 184 46.35 -15.38 -49.31
N GLN T 185 46.55 -14.13 -48.91
CA GLN T 185 46.24 -13.00 -49.77
C GLN T 185 47.44 -12.38 -50.48
N TYR T 186 48.51 -12.13 -49.74
CA TYR T 186 49.69 -11.49 -50.31
C TYR T 186 50.85 -12.42 -50.61
N LYS T 187 50.73 -13.67 -50.18
CA LYS T 187 51.80 -14.64 -50.38
C LYS T 187 53.07 -14.14 -49.70
N ASN T 188 54.20 -14.21 -50.39
CA ASN T 188 55.47 -13.78 -49.82
C ASN T 188 55.62 -12.27 -49.62
N ASP T 189 54.72 -11.49 -50.20
CA ASP T 189 54.79 -10.04 -50.07
C ASP T 189 54.21 -9.52 -48.75
N ARG T 190 54.98 -9.69 -47.67
CA ARG T 190 54.57 -9.23 -46.35
C ARG T 190 54.61 -7.71 -46.37
N GLY T 191 55.53 -7.15 -47.15
CA GLY T 191 55.67 -5.71 -47.26
C GLY T 191 54.42 -5.01 -47.77
N SER T 192 53.69 -5.66 -48.67
CA SER T 192 52.45 -5.10 -49.23
C SER T 192 51.34 -5.25 -48.21
N TYR T 193 51.37 -6.34 -47.47
CA TYR T 193 50.39 -6.61 -46.42
C TYR T 193 50.52 -5.52 -45.35
N VAL T 194 51.76 -5.19 -44.98
CA VAL T 194 52.03 -4.19 -43.96
C VAL T 194 51.48 -2.80 -44.32
N ASP T 195 51.72 -2.37 -45.56
CA ASP T 195 51.26 -1.07 -45.99
C ASP T 195 49.73 -1.00 -46.07
N ASN T 196 49.10 -2.06 -46.56
CA ASN T 196 47.65 -2.07 -46.69
C ASN T 196 46.99 -2.08 -45.31
N TRP T 197 47.73 -2.56 -44.32
CA TRP T 197 47.27 -2.64 -42.94
C TRP T 197 46.97 -1.25 -42.36
N TRP T 198 47.73 -0.26 -42.78
CA TRP T 198 47.56 1.12 -42.32
C TRP T 198 46.23 1.74 -42.74
N ASN T 199 45.32 0.92 -43.24
CA ASN T 199 44.01 1.38 -43.68
C ASN T 199 42.88 0.87 -42.78
N VAL T 200 43.22 0.04 -41.80
CA VAL T 200 42.19 -0.49 -40.91
C VAL T 200 42.57 -0.43 -39.44
N VAL T 201 43.55 0.40 -39.10
CA VAL T 201 43.95 0.54 -37.71
C VAL T 201 42.88 1.36 -36.99
N ASN T 202 42.46 0.88 -35.83
CA ASN T 202 41.44 1.56 -35.06
C ASN T 202 42.08 2.50 -34.02
N TRP T 203 42.50 3.68 -34.49
CA TRP T 203 43.15 4.65 -33.62
C TRP T 203 42.35 5.03 -32.38
N ASP T 204 41.04 4.86 -32.41
CA ASP T 204 40.23 5.17 -31.24
C ASP T 204 40.61 4.17 -30.16
N ASP T 205 40.87 2.94 -30.61
CA ASP T 205 41.26 1.85 -29.72
C ASP T 205 42.64 2.09 -29.13
N VAL T 206 43.59 2.47 -29.98
CA VAL T 206 44.95 2.75 -29.53
C VAL T 206 44.94 3.88 -28.50
N GLU T 207 44.16 4.92 -28.80
CA GLU T 207 44.01 6.08 -27.92
C GLU T 207 43.49 5.69 -26.53
N ARG T 208 42.47 4.84 -26.48
CA ARG T 208 41.93 4.40 -25.21
C ARG T 208 42.98 3.61 -24.43
N ARG T 209 43.75 2.79 -25.15
CA ARG T 209 44.79 2.00 -24.50
C ARG T 209 45.87 2.90 -23.96
N LEU T 210 46.21 3.94 -24.71
CA LEU T 210 47.23 4.87 -24.25
C LEU T 210 46.74 5.64 -23.02
N GLN T 211 45.49 6.08 -23.03
CA GLN T 211 44.98 6.82 -21.88
C GLN T 211 45.04 5.97 -20.63
N LYS T 212 44.74 4.68 -20.76
CA LYS T 212 44.83 3.81 -19.60
C LYS T 212 46.29 3.74 -19.14
N ALA T 213 47.21 3.65 -20.10
CA ALA T 213 48.62 3.59 -19.79
C ALA T 213 49.02 4.88 -19.08
N LEU T 214 48.57 6.01 -19.61
CA LEU T 214 48.88 7.31 -19.02
C LEU T 214 48.37 7.42 -17.57
N ASN T 215 47.21 6.83 -17.30
CA ASN T 215 46.62 6.85 -15.96
C ASN T 215 47.36 5.90 -15.03
N GLY T 216 48.43 5.30 -15.55
CA GLY T 216 49.20 4.34 -14.77
C GLY T 216 48.40 3.07 -14.63
N GLN T 217 47.51 2.82 -15.58
CA GLN T 217 46.66 1.62 -15.57
C GLN T 217 47.13 0.62 -16.61
N ILE T 218 46.55 -0.58 -16.59
CA ILE T 218 46.86 -1.64 -17.54
C ILE T 218 45.98 -1.36 -18.77
N ALA T 219 46.57 -1.37 -19.97
CA ALA T 219 45.83 -1.09 -21.20
C ALA T 219 44.95 -2.24 -21.71
N LEU T 220 44.07 -2.74 -20.86
CA LEU T 220 43.15 -3.80 -21.26
C LEU T 220 41.77 -3.48 -20.69
N LYS T 221 40.79 -4.30 -21.05
CA LYS T 221 39.43 -4.14 -20.60
C LYS T 221 38.88 -2.77 -20.97
N LEU T 222 38.42 -2.66 -22.22
CA LEU T 222 37.86 -1.42 -22.78
C LEU T 222 38.96 -0.41 -23.09
N SER U 12 118.74 48.27 -12.16
CA SER U 12 119.73 48.07 -13.26
C SER U 12 120.38 46.70 -13.21
N VAL U 13 119.79 45.76 -13.95
CA VAL U 13 120.30 44.40 -14.00
C VAL U 13 121.14 44.17 -15.25
N THR U 14 122.16 43.34 -15.12
CA THR U 14 123.01 43.02 -16.24
C THR U 14 123.37 41.54 -16.16
N THR U 15 123.62 40.94 -17.31
CA THR U 15 124.00 39.54 -17.33
C THR U 15 125.14 39.42 -18.33
N LYS U 16 126.18 38.67 -17.96
CA LYS U 16 127.30 38.47 -18.87
C LYS U 16 126.86 37.39 -19.84
N ARG U 17 126.93 37.66 -21.13
CA ARG U 17 126.53 36.66 -22.08
C ARG U 17 127.72 35.80 -22.52
N TYR U 18 127.41 34.62 -23.04
CA TYR U 18 128.41 33.67 -23.48
C TYR U 18 128.61 33.71 -24.99
N THR U 19 129.78 33.25 -25.42
CA THR U 19 130.13 33.26 -26.83
C THR U 19 130.86 31.98 -27.23
N LEU U 20 130.77 31.60 -28.50
CA LEU U 20 131.44 30.40 -28.96
C LEU U 20 132.94 30.68 -29.13
N PRO U 21 133.79 29.96 -28.38
CA PRO U 21 135.24 30.20 -28.53
C PRO U 21 135.77 29.52 -29.79
N PRO U 22 136.84 30.06 -30.37
CA PRO U 22 137.44 29.48 -31.58
C PRO U 22 138.27 28.25 -31.23
N LEU U 23 138.36 27.30 -32.16
CA LEU U 23 139.18 26.11 -31.94
C LEU U 23 140.65 26.52 -32.06
N PRO U 24 141.56 25.79 -31.40
CA PRO U 24 143.01 26.06 -31.41
C PRO U 24 143.72 25.46 -32.64
N TYR U 25 142.95 24.79 -33.50
CA TYR U 25 143.50 24.13 -34.69
C TYR U 25 142.39 24.05 -35.71
N ALA U 26 142.71 23.56 -36.90
CA ALA U 26 141.74 23.45 -37.97
C ALA U 26 140.79 22.30 -37.66
N TYR U 27 139.68 22.22 -38.37
CA TYR U 27 138.70 21.16 -38.15
C TYR U 27 139.23 19.76 -38.50
N ASN U 28 140.25 19.68 -39.35
CA ASN U 28 140.82 18.39 -39.73
C ASN U 28 142.12 18.09 -38.99
N ALA U 29 142.51 18.96 -38.08
CA ALA U 29 143.76 18.80 -37.33
C ALA U 29 143.89 17.56 -36.43
N LEU U 30 142.77 16.96 -36.06
CA LEU U 30 142.81 15.79 -35.17
C LEU U 30 142.59 14.44 -35.84
N GLU U 31 142.69 14.38 -37.17
CA GLU U 31 142.52 13.14 -37.89
C GLU U 31 143.78 12.27 -37.75
N PRO U 32 143.63 10.95 -37.89
CA PRO U 32 142.38 10.25 -38.18
C PRO U 32 141.57 9.94 -36.92
N TYR U 33 142.07 10.39 -35.77
CA TYR U 33 141.40 10.12 -34.49
C TYR U 33 139.98 10.66 -34.43
N ILE U 34 139.80 11.93 -34.77
CA ILE U 34 138.46 12.54 -34.81
C ILE U 34 138.36 13.26 -36.15
N SER U 35 137.36 12.91 -36.95
CA SER U 35 137.18 13.49 -38.27
C SER U 35 136.84 14.98 -38.28
N ALA U 36 137.17 15.64 -39.41
CA ALA U 36 136.87 17.06 -39.58
C ALA U 36 135.37 17.20 -39.69
N GLU U 37 134.72 16.17 -40.20
CA GLU U 37 133.28 16.16 -40.33
C GLU U 37 132.68 16.32 -38.94
N ILE U 38 133.11 15.47 -38.01
CA ILE U 38 132.64 15.52 -36.63
C ILE U 38 133.09 16.80 -35.93
N MSE U 39 134.37 17.14 -36.07
CA MSE U 39 134.90 18.34 -35.43
C MSE U 39 134.09 19.58 -35.78
O MSE U 39 133.78 20.39 -34.90
CB MSE U 39 136.36 18.56 -35.82
CG MSE U 39 137.34 17.53 -35.23
SE MSE U 39 137.39 17.51 -33.28
CE MSE U 39 138.03 19.30 -32.94
N GLN U 40 133.75 19.74 -37.04
CA GLN U 40 133.01 20.91 -37.49
C GLN U 40 131.57 20.95 -36.96
N LEU U 41 130.84 19.85 -37.14
CA LEU U 41 129.46 19.79 -36.65
C LEU U 41 129.41 20.02 -35.15
N HIS U 42 130.32 19.35 -34.46
CA HIS U 42 130.38 19.41 -33.00
C HIS U 42 130.62 20.84 -32.51
N HIS U 43 131.44 21.60 -33.23
CA HIS U 43 131.76 22.97 -32.85
C HIS U 43 130.69 23.97 -33.31
N GLN U 44 130.44 23.98 -34.62
CA GLN U 44 129.49 24.90 -35.23
C GLN U 44 128.04 24.79 -34.79
N LYS U 45 127.54 23.58 -34.69
CA LYS U 45 126.15 23.34 -34.32
C LYS U 45 125.96 23.05 -32.84
N HIS U 46 126.47 21.90 -32.40
CA HIS U 46 126.31 21.48 -31.01
C HIS U 46 126.86 22.47 -29.99
N HIS U 47 128.15 22.78 -30.03
CA HIS U 47 128.66 23.71 -29.05
C HIS U 47 127.94 25.04 -29.19
N GLN U 48 127.81 25.55 -30.41
CA GLN U 48 127.12 26.82 -30.63
C GLN U 48 125.74 26.81 -29.98
N GLY U 49 125.01 25.72 -30.18
CA GLY U 49 123.69 25.57 -29.60
C GLY U 49 123.67 25.75 -28.09
N TYR U 50 124.73 25.32 -27.42
CA TYR U 50 124.80 25.45 -25.96
C TYR U 50 125.02 26.90 -25.57
N VAL U 51 125.91 27.59 -26.28
CA VAL U 51 126.14 28.99 -25.97
C VAL U 51 124.79 29.72 -26.13
N ASN U 52 124.09 29.41 -27.22
CA ASN U 52 122.79 30.02 -27.51
C ASN U 52 121.78 29.70 -26.41
N GLY U 53 121.66 28.41 -26.09
CA GLY U 53 120.73 27.98 -25.05
C GLY U 53 121.05 28.67 -23.73
N ALA U 54 122.34 28.83 -23.44
CA ALA U 54 122.79 29.50 -22.22
C ALA U 54 122.34 30.97 -22.23
N ASN U 55 122.57 31.64 -23.36
CA ASN U 55 122.17 33.03 -23.49
C ASN U 55 120.65 33.21 -23.46
N ALA U 56 119.91 32.25 -24.02
CA ALA U 56 118.45 32.34 -24.03
C ALA U 56 117.93 32.32 -22.60
N ALA U 57 118.52 31.48 -21.76
CA ALA U 57 118.10 31.39 -20.37
C ALA U 57 118.43 32.68 -19.60
N LEU U 58 119.57 33.30 -19.91
CA LEU U 58 119.95 34.54 -19.26
C LEU U 58 118.97 35.66 -19.63
N GLU U 59 118.54 35.67 -20.88
CA GLU U 59 117.59 36.67 -21.33
C GLU U 59 116.28 36.58 -20.54
N LYS U 60 115.90 35.38 -20.14
CA LYS U 60 114.68 35.16 -19.36
C LYS U 60 114.89 35.63 -17.93
N LEU U 61 116.05 35.34 -17.37
CA LEU U 61 116.39 35.75 -16.01
C LEU U 61 116.52 37.27 -15.93
N GLU U 62 117.25 37.85 -16.87
CA GLU U 62 117.46 39.30 -16.92
C GLU U 62 116.11 40.04 -16.94
N LYS U 63 115.20 39.61 -17.82
CA LYS U 63 113.87 40.23 -17.91
C LYS U 63 113.10 40.10 -16.60
N PHE U 64 113.20 38.95 -15.96
CA PHE U 64 112.54 38.71 -14.69
C PHE U 64 113.14 39.66 -13.65
N ARG U 65 114.47 39.73 -13.64
CA ARG U 65 115.18 40.59 -12.70
C ARG U 65 114.86 42.06 -12.91
N LYS U 66 114.23 42.38 -14.04
CA LYS U 66 113.88 43.75 -14.35
C LYS U 66 112.38 44.01 -14.27
N GLY U 67 111.67 43.13 -13.57
CA GLY U 67 110.23 43.26 -13.41
C GLY U 67 109.48 43.36 -14.73
N GLU U 68 110.14 42.94 -15.80
CA GLU U 68 109.54 43.00 -17.10
C GLU U 68 108.78 41.70 -17.43
N ALA U 69 109.02 40.66 -16.64
CA ALA U 69 108.36 39.38 -16.87
C ALA U 69 108.44 38.41 -15.67
N GLN U 70 107.60 37.38 -15.70
CA GLN U 70 107.56 36.35 -14.65
C GLN U 70 108.63 35.32 -15.00
N ILE U 71 108.62 34.16 -14.34
CA ILE U 71 109.62 33.13 -14.65
C ILE U 71 109.41 31.78 -13.98
N ASP U 72 109.37 30.71 -14.79
CA ASP U 72 109.25 29.35 -14.27
C ASP U 72 110.70 29.13 -13.83
N ILE U 73 111.01 29.53 -12.61
CA ILE U 73 112.38 29.42 -12.12
C ILE U 73 113.02 28.03 -12.29
N ARG U 74 112.26 26.96 -12.04
CA ARG U 74 112.82 25.62 -12.19
C ARG U 74 113.18 25.32 -13.65
N ALA U 75 112.29 25.69 -14.57
CA ALA U 75 112.52 25.45 -15.99
C ALA U 75 113.75 26.19 -16.52
N VAL U 76 113.86 27.49 -16.22
CA VAL U 76 114.98 28.29 -16.70
C VAL U 76 116.32 27.84 -16.13
N LEU U 77 116.38 27.57 -14.82
CA LEU U 77 117.62 27.15 -14.21
C LEU U 77 118.06 25.76 -14.69
N ARG U 78 117.12 24.87 -15.00
CA ARG U 78 117.48 23.54 -15.51
C ARG U 78 118.11 23.77 -16.88
N ASP U 79 117.52 24.68 -17.65
CA ASP U 79 118.02 25.00 -18.99
C ASP U 79 119.41 25.63 -18.88
N LEU U 80 119.50 26.68 -18.05
CA LEU U 80 120.76 27.39 -17.84
C LEU U 80 121.84 26.41 -17.39
N SER U 81 121.52 25.62 -16.38
CA SER U 81 122.47 24.65 -15.88
C SER U 81 122.95 23.74 -17.02
N PHE U 82 122.03 23.20 -17.80
CA PHE U 82 122.39 22.32 -18.91
C PHE U 82 123.30 22.98 -19.96
N HIS U 83 122.84 24.08 -20.54
CA HIS U 83 123.61 24.75 -21.59
C HIS U 83 124.92 25.36 -21.12
N LEU U 84 124.87 26.05 -19.98
CA LEU U 84 126.08 26.64 -19.43
C LEU U 84 127.15 25.56 -19.34
N ASN U 85 126.77 24.42 -18.75
CA ASN U 85 127.71 23.32 -18.62
C ASN U 85 128.17 22.81 -19.99
N GLY U 86 127.26 22.75 -20.95
CA GLY U 86 127.64 22.28 -22.28
C GLY U 86 128.72 23.18 -22.86
N HIS U 87 128.57 24.49 -22.61
CA HIS U 87 129.51 25.49 -23.09
C HIS U 87 130.85 25.41 -22.34
N ILE U 88 130.79 25.32 -21.01
CA ILE U 88 132.00 25.23 -20.20
C ILE U 88 132.84 23.98 -20.53
N LEU U 89 132.20 22.81 -20.56
CA LEU U 89 132.91 21.58 -20.84
C LEU U 89 133.53 21.58 -22.23
N HIS U 90 132.77 22.02 -23.23
CA HIS U 90 133.31 22.07 -24.59
C HIS U 90 134.47 23.07 -24.69
N SER U 91 134.33 24.21 -23.99
CA SER U 91 135.36 25.25 -24.00
C SER U 91 136.65 24.72 -23.38
N ILE U 92 136.57 23.65 -22.59
CA ILE U 92 137.76 23.06 -21.97
C ILE U 92 138.18 21.90 -22.87
N PHE U 93 137.18 21.22 -23.43
CA PHE U 93 137.36 20.08 -24.32
C PHE U 93 138.24 20.40 -25.54
N TRP U 94 138.03 21.56 -26.17
CA TRP U 94 138.83 21.91 -27.34
C TRP U 94 140.33 22.06 -27.06
N PRO U 95 140.70 22.87 -26.04
CA PRO U 95 142.13 23.01 -25.76
C PRO U 95 142.76 21.79 -25.06
N ASN U 96 141.91 20.89 -24.56
CA ASN U 96 142.37 19.65 -23.91
C ASN U 96 142.98 18.71 -24.95
N MSE U 97 142.79 19.04 -26.22
CA MSE U 97 143.30 18.22 -27.31
C MSE U 97 144.30 19.00 -28.17
O MSE U 97 144.32 20.23 -28.17
CB MSE U 97 142.14 17.72 -28.19
CG MSE U 97 141.12 16.87 -27.45
SE MSE U 97 139.77 16.04 -28.58
CE MSE U 97 138.73 17.63 -28.98
N ALA U 98 145.13 18.26 -28.91
CA ALA U 98 146.13 18.86 -29.78
C ALA U 98 146.41 17.90 -30.93
N PRO U 99 146.67 18.44 -32.13
CA PRO U 99 146.97 17.62 -33.30
C PRO U 99 148.01 16.56 -32.97
N PRO U 100 147.93 15.38 -33.63
CA PRO U 100 148.91 14.33 -33.36
C PRO U 100 150.32 14.91 -33.41
N GLY U 101 151.02 14.82 -32.28
CA GLY U 101 152.36 15.36 -32.16
C GLY U 101 152.39 16.05 -30.80
N LYS U 102 151.87 17.26 -30.72
CA LYS U 102 151.81 17.97 -29.44
C LYS U 102 150.83 17.20 -28.54
N GLY U 103 149.80 16.63 -29.16
CA GLY U 103 148.83 15.86 -28.41
C GLY U 103 149.24 14.40 -28.34
N GLY U 104 148.68 13.68 -27.38
CA GLY U 104 149.00 12.28 -27.24
C GLY U 104 150.21 12.02 -26.37
N GLY U 105 150.54 10.73 -26.22
CA GLY U 105 151.68 10.34 -25.41
C GLY U 105 151.37 10.34 -23.94
N LYS U 106 152.36 9.97 -23.13
CA LYS U 106 152.19 9.95 -21.70
C LYS U 106 152.36 11.37 -21.16
N PRO U 107 151.84 11.64 -19.95
CA PRO U 107 151.97 12.98 -19.39
C PRO U 107 153.31 13.17 -18.64
N GLY U 108 153.67 14.43 -18.38
CA GLY U 108 154.88 14.73 -17.64
C GLY U 108 154.53 15.70 -16.52
N GLY U 109 155.44 16.60 -16.20
CA GLY U 109 155.18 17.60 -15.17
C GLY U 109 154.43 17.12 -13.94
N LYS U 110 153.78 18.05 -13.25
CA LYS U 110 153.04 17.71 -12.04
C LYS U 110 151.85 16.78 -12.30
N ILE U 111 151.31 16.82 -13.52
CA ILE U 111 150.16 15.95 -13.83
C ILE U 111 150.56 14.47 -13.80
N ALA U 112 151.62 14.12 -14.51
CA ALA U 112 152.08 12.73 -14.52
C ALA U 112 152.36 12.24 -13.09
N ASP U 113 152.85 13.15 -12.25
CA ASP U 113 153.17 12.82 -10.85
C ASP U 113 151.93 12.55 -10.02
N LEU U 114 150.98 13.49 -10.02
CA LEU U 114 149.75 13.30 -9.26
C LEU U 114 148.98 12.09 -9.76
N ILE U 115 149.14 11.77 -11.05
CA ILE U 115 148.47 10.61 -11.61
C ILE U 115 149.12 9.37 -11.03
N ASN U 116 150.45 9.38 -10.92
CA ASN U 116 151.16 8.23 -10.35
C ASN U 116 150.76 7.98 -8.90
N LYS U 117 150.69 9.05 -8.11
CA LYS U 117 150.34 8.96 -6.70
C LYS U 117 148.93 8.44 -6.40
N PHE U 118 147.94 8.97 -7.12
CA PHE U 118 146.56 8.57 -6.90
C PHE U 118 146.09 7.34 -7.66
N PHE U 119 146.66 7.07 -8.83
CA PHE U 119 146.24 5.91 -9.62
C PHE U 119 147.35 4.88 -9.80
N GLY U 120 148.41 5.03 -9.04
CA GLY U 120 149.52 4.10 -9.13
C GLY U 120 150.34 4.26 -10.39
N SER U 121 149.70 4.41 -11.54
CA SER U 121 150.41 4.57 -12.80
C SER U 121 149.51 5.16 -13.88
N PHE U 122 150.11 5.56 -15.00
CA PHE U 122 149.34 6.13 -16.09
C PHE U 122 148.39 5.06 -16.64
N GLU U 123 148.86 3.81 -16.70
CA GLU U 123 148.07 2.71 -17.22
C GLU U 123 146.76 2.48 -16.47
N LYS U 124 146.83 2.50 -15.14
CA LYS U 124 145.64 2.31 -14.32
C LYS U 124 144.71 3.50 -14.48
N PHE U 125 145.28 4.69 -14.61
CA PHE U 125 144.51 5.91 -14.78
C PHE U 125 143.72 5.82 -16.10
N LYS U 126 144.40 5.40 -17.16
CA LYS U 126 143.75 5.29 -18.46
C LYS U 126 142.62 4.27 -18.43
N GLU U 127 142.77 3.22 -17.62
CA GLU U 127 141.75 2.20 -17.52
C GLU U 127 140.50 2.75 -16.83
N GLU U 128 140.72 3.44 -15.70
CA GLU U 128 139.62 4.01 -14.94
C GLU U 128 138.97 5.16 -15.75
N PHE U 129 139.77 5.93 -16.47
CA PHE U 129 139.21 7.04 -17.24
C PHE U 129 138.43 6.51 -18.42
N SER U 130 139.02 5.56 -19.12
CA SER U 130 138.39 4.95 -20.28
C SER U 130 137.15 4.16 -19.88
N GLN U 131 137.22 3.41 -18.77
CA GLN U 131 136.06 2.66 -18.33
C GLN U 131 134.94 3.60 -17.88
N ALA U 132 135.33 4.71 -17.25
CA ALA U 132 134.33 5.69 -16.83
C ALA U 132 133.64 6.22 -18.09
N ALA U 133 134.43 6.53 -19.12
CA ALA U 133 133.85 7.05 -20.37
C ALA U 133 132.97 6.03 -21.10
N LYS U 134 133.46 4.82 -21.26
CA LYS U 134 132.68 3.82 -21.98
C LYS U 134 131.37 3.45 -21.27
N ASN U 135 131.35 3.57 -19.95
CA ASN U 135 130.18 3.21 -19.17
C ASN U 135 129.21 4.32 -18.79
N VAL U 136 129.33 5.49 -19.42
CA VAL U 136 128.39 6.56 -19.14
C VAL U 136 127.08 6.04 -19.71
N GLU U 137 126.02 6.11 -18.92
CA GLU U 137 124.73 5.64 -19.39
C GLU U 137 124.07 6.76 -20.18
N GLY U 138 123.88 6.52 -21.47
CA GLY U 138 123.28 7.54 -22.33
C GLY U 138 124.40 8.47 -22.76
N VAL U 139 124.12 9.76 -22.86
CA VAL U 139 125.18 10.68 -23.26
C VAL U 139 125.79 11.38 -22.05
N GLY U 140 127.04 11.79 -22.17
CA GLY U 140 127.69 12.44 -21.06
C GLY U 140 129.18 12.63 -21.26
N TRP U 141 129.91 12.68 -20.15
CA TRP U 141 131.36 12.89 -20.14
C TRP U 141 132.07 12.08 -19.07
N ALA U 142 133.38 11.97 -19.25
CA ALA U 142 134.24 11.36 -18.26
C ALA U 142 135.14 12.57 -17.98
N ILE U 143 135.35 12.93 -16.72
CA ILE U 143 136.20 14.08 -16.42
C ILE U 143 137.21 13.85 -15.30
N LEU U 144 138.40 14.43 -15.49
CA LEU U 144 139.45 14.34 -14.49
C LEU U 144 139.35 15.69 -13.78
N VAL U 145 139.13 15.65 -12.46
CA VAL U 145 138.99 16.88 -11.70
C VAL U 145 140.01 16.89 -10.57
N TYR U 146 140.27 18.08 -10.03
CA TYR U 146 141.14 18.20 -8.87
C TYR U 146 140.12 18.57 -7.82
N GLU U 147 139.98 17.73 -6.79
CA GLU U 147 139.02 18.01 -5.73
C GLU U 147 139.76 18.82 -4.68
N PRO U 148 139.41 20.11 -4.55
CA PRO U 148 140.00 21.09 -3.61
C PRO U 148 139.88 20.85 -2.11
N LEU U 149 138.82 20.15 -1.70
CA LEU U 149 138.64 19.91 -0.27
C LEU U 149 139.75 19.06 0.35
N GLU U 150 139.94 17.84 -0.14
CA GLU U 150 141.00 17.00 0.40
C GLU U 150 142.17 16.95 -0.56
N GLU U 151 142.14 17.84 -1.54
CA GLU U 151 143.21 17.98 -2.51
C GLU U 151 143.70 16.68 -3.14
N GLN U 152 142.87 16.10 -4.01
CA GLN U 152 143.22 14.88 -4.70
C GLN U 152 142.58 14.85 -6.09
N LEU U 153 143.16 14.07 -6.98
CA LEU U 153 142.63 13.94 -8.32
C LEU U 153 141.49 12.93 -8.23
N LEU U 154 140.44 13.16 -9.01
CA LEU U 154 139.31 12.25 -9.04
C LEU U 154 138.77 12.18 -10.45
N ILE U 155 138.26 11.01 -10.83
CA ILE U 155 137.65 10.83 -12.15
C ILE U 155 136.17 10.72 -11.81
N LEU U 156 135.32 11.35 -12.61
CA LEU U 156 133.89 11.33 -12.35
C LEU U 156 133.13 11.16 -13.64
N GLN U 157 131.95 10.55 -13.56
CA GLN U 157 131.06 10.37 -14.71
C GLN U 157 130.02 11.49 -14.69
N ILE U 158 129.87 12.20 -15.81
CA ILE U 158 128.89 13.24 -15.90
C ILE U 158 127.85 12.76 -16.92
N GLU U 159 126.56 12.94 -16.62
CA GLU U 159 125.50 12.57 -17.56
C GLU U 159 125.02 13.88 -18.15
N LYS U 160 124.66 13.86 -19.44
CA LYS U 160 124.29 15.07 -20.18
C LYS U 160 125.51 15.98 -19.95
N HIS U 161 125.32 17.26 -19.59
CA HIS U 161 126.50 18.12 -19.34
C HIS U 161 126.51 18.60 -17.89
N ASN U 162 125.39 18.41 -17.20
CA ASN U 162 125.24 18.97 -15.87
C ASN U 162 124.88 18.04 -14.73
N LEU U 163 125.02 16.73 -14.94
CA LEU U 163 124.67 15.79 -13.89
C LEU U 163 125.89 15.12 -13.28
N MSE U 164 126.03 15.29 -11.96
CA MSE U 164 127.09 14.69 -11.15
C MSE U 164 128.42 15.42 -10.93
O MSE U 164 129.34 14.86 -10.35
CB MSE U 164 127.37 13.27 -11.62
CG MSE U 164 126.14 12.38 -11.50
SE MSE U 164 126.52 10.51 -11.82
CE MSE U 164 126.65 10.53 -13.74
N HIS U 165 128.50 16.67 -11.39
CA HIS U 165 129.71 17.47 -11.19
C HIS U 165 129.98 17.59 -9.70
N ALA U 166 131.23 17.84 -9.34
CA ALA U 166 131.60 18.01 -7.94
C ALA U 166 131.70 19.51 -7.65
N ALA U 167 130.89 20.00 -6.71
CA ALA U 167 130.91 21.41 -6.35
C ALA U 167 132.34 21.87 -6.07
N ASP U 168 132.73 23.00 -6.69
CA ASP U 168 134.06 23.62 -6.55
C ASP U 168 135.25 22.95 -7.26
N ALA U 169 135.18 21.64 -7.48
CA ALA U 169 136.29 20.91 -8.11
C ALA U 169 136.63 21.51 -9.48
N GLN U 170 137.91 21.42 -9.85
CA GLN U 170 138.35 21.95 -11.13
C GLN U 170 138.62 20.84 -12.15
N VAL U 171 138.00 20.98 -13.32
CA VAL U 171 138.15 20.00 -14.37
C VAL U 171 139.55 20.16 -15.00
N LEU U 172 140.27 19.06 -15.14
CA LEU U 172 141.62 19.08 -15.72
C LEU U 172 141.61 18.49 -17.13
N LEU U 173 140.84 17.43 -17.30
CA LEU U 173 140.72 16.74 -18.58
C LEU U 173 139.26 16.30 -18.81
N ALA U 174 138.74 16.51 -20.02
CA ALA U 174 137.36 16.16 -20.31
C ALA U 174 137.21 15.36 -21.61
N LEU U 175 136.36 14.35 -21.58
CA LEU U 175 136.10 13.54 -22.77
C LEU U 175 134.60 13.45 -22.98
N ASP U 176 134.15 13.96 -24.13
CA ASP U 176 132.74 13.97 -24.49
C ASP U 176 132.33 12.63 -25.07
N VAL U 177 131.30 12.00 -24.53
CA VAL U 177 130.81 10.75 -25.10
C VAL U 177 129.37 10.82 -25.57
N TRP U 178 128.91 12.04 -25.92
CA TRP U 178 127.59 12.20 -26.50
C TRP U 178 127.81 11.51 -27.85
N GLU U 179 126.77 10.92 -28.43
CA GLU U 179 126.97 10.22 -29.69
C GLU U 179 127.41 11.14 -30.81
N HIS U 180 127.01 12.41 -30.75
CA HIS U 180 127.40 13.34 -31.81
C HIS U 180 128.89 13.62 -31.75
N ALA U 181 129.55 13.14 -30.70
CA ALA U 181 130.98 13.34 -30.55
C ALA U 181 131.76 12.27 -31.34
N TYR U 182 131.10 11.17 -31.71
CA TYR U 182 131.78 10.08 -32.42
C TYR U 182 130.97 9.23 -33.40
N TYR U 183 129.65 9.31 -33.38
CA TYR U 183 128.86 8.43 -34.25
C TYR U 183 129.11 8.43 -35.75
N LEU U 184 129.29 9.59 -36.37
CA LEU U 184 129.50 9.61 -37.82
C LEU U 184 130.75 8.83 -38.23
N GLN U 185 131.71 8.74 -37.32
CA GLN U 185 132.95 8.04 -37.59
C GLN U 185 132.99 6.63 -37.01
N TYR U 186 132.79 6.54 -35.71
CA TYR U 186 132.84 5.27 -34.99
C TYR U 186 131.52 4.54 -34.82
N LYS U 187 130.43 5.13 -35.27
CA LYS U 187 129.11 4.52 -35.13
C LYS U 187 128.83 4.17 -33.68
N ASN U 188 128.36 2.94 -33.44
CA ASN U 188 128.04 2.49 -32.10
C ASN U 188 129.26 2.16 -31.23
N ASP U 189 130.45 2.13 -31.83
CA ASP U 189 131.65 1.79 -31.10
C ASP U 189 132.26 2.95 -30.30
N ARG U 190 131.61 3.31 -29.20
CA ARG U 190 132.08 4.40 -28.35
C ARG U 190 133.45 4.02 -27.77
N GLY U 191 133.61 2.73 -27.49
CA GLY U 191 134.87 2.25 -26.93
C GLY U 191 136.10 2.56 -27.75
N SER U 192 136.00 2.40 -29.07
CA SER U 192 137.13 2.68 -29.97
C SER U 192 137.41 4.18 -30.07
N TYR U 193 136.35 4.98 -29.95
CA TYR U 193 136.49 6.44 -29.98
C TYR U 193 137.32 6.85 -28.75
N VAL U 194 136.93 6.31 -27.60
CA VAL U 194 137.60 6.57 -26.33
C VAL U 194 139.08 6.14 -26.41
N ASP U 195 139.31 4.92 -26.89
CA ASP U 195 140.67 4.41 -26.99
C ASP U 195 141.52 5.23 -27.96
N ASN U 196 140.93 5.63 -29.09
CA ASN U 196 141.64 6.40 -30.10
C ASN U 196 141.83 7.86 -29.71
N TRP U 197 141.09 8.29 -28.69
CA TRP U 197 141.16 9.68 -28.22
C TRP U 197 142.45 10.03 -27.49
N TRP U 198 143.03 9.08 -26.77
CA TRP U 198 144.26 9.37 -26.04
C TRP U 198 145.39 9.85 -26.92
N ASN U 199 145.30 9.61 -28.24
CA ASN U 199 146.33 10.05 -29.16
C ASN U 199 146.34 11.56 -29.34
N VAL U 200 145.21 12.22 -29.04
CA VAL U 200 145.14 13.67 -29.19
C VAL U 200 145.09 14.49 -27.89
N VAL U 201 145.28 13.84 -26.73
CA VAL U 201 145.27 14.58 -25.47
C VAL U 201 146.43 15.57 -25.41
N ASN U 202 146.12 16.84 -25.14
CA ASN U 202 147.11 17.91 -25.04
C ASN U 202 147.53 17.98 -23.58
N TRP U 203 148.39 17.06 -23.17
CA TRP U 203 148.85 17.00 -21.80
C TRP U 203 149.43 18.30 -21.29
N ASP U 204 149.80 19.20 -22.19
CA ASP U 204 150.37 20.48 -21.81
C ASP U 204 149.24 21.38 -21.29
N ASP U 205 148.03 21.12 -21.77
CA ASP U 205 146.86 21.89 -21.35
C ASP U 205 146.40 21.37 -20.00
N VAL U 206 146.44 20.06 -19.82
CA VAL U 206 146.03 19.48 -18.55
C VAL U 206 147.00 20.00 -17.48
N GLU U 207 148.29 20.05 -17.82
CA GLU U 207 149.31 20.53 -16.88
C GLU U 207 148.99 21.93 -16.39
N ARG U 208 148.77 22.85 -17.31
CA ARG U 208 148.46 24.22 -16.93
C ARG U 208 147.24 24.32 -16.04
N ARG U 209 146.27 23.42 -16.23
CA ARG U 209 145.08 23.42 -15.39
C ARG U 209 145.38 22.88 -13.99
N LEU U 210 146.20 21.83 -13.90
CA LEU U 210 146.56 21.26 -12.61
C LEU U 210 147.44 22.22 -11.79
N GLN U 211 148.38 22.88 -12.45
CA GLN U 211 149.26 23.80 -11.75
C GLN U 211 148.44 24.81 -10.98
N LYS U 212 147.42 25.35 -11.64
CA LYS U 212 146.54 26.33 -11.05
C LYS U 212 145.73 25.69 -9.94
N ALA U 213 145.21 24.49 -10.19
CA ALA U 213 144.44 23.77 -9.19
C ALA U 213 145.27 23.54 -7.93
N LEU U 214 146.50 23.08 -8.12
CA LEU U 214 147.41 22.80 -7.01
C LEU U 214 147.57 24.00 -6.06
N ASN U 215 147.44 25.21 -6.58
CA ASN U 215 147.57 26.40 -5.72
C ASN U 215 146.22 27.00 -5.33
N GLY U 216 145.19 26.15 -5.24
CA GLY U 216 143.88 26.63 -4.83
C GLY U 216 143.23 27.57 -5.82
N GLN U 217 143.61 27.45 -7.09
CA GLN U 217 143.05 28.29 -8.12
C GLN U 217 142.06 27.59 -9.03
N ILE U 218 141.27 28.41 -9.73
CA ILE U 218 140.30 27.96 -10.71
C ILE U 218 141.13 27.73 -11.97
N ALA U 219 140.95 26.57 -12.61
CA ALA U 219 141.72 26.26 -13.81
C ALA U 219 141.00 26.57 -15.11
N LEU U 220 140.56 27.82 -15.28
CA LEU U 220 139.86 28.22 -16.51
C LEU U 220 140.68 29.14 -17.42
N LYS U 221 140.83 30.41 -17.04
CA LYS U 221 141.62 31.35 -17.83
C LYS U 221 143.05 30.83 -17.87
N LEU U 222 143.38 30.11 -18.94
CA LEU U 222 144.69 29.49 -19.15
C LEU U 222 144.75 28.13 -18.45
N SER V 12 87.74 21.69 -30.64
CA SER V 12 87.23 21.27 -29.30
C SER V 12 88.37 20.62 -28.51
N VAL V 13 88.60 21.05 -27.28
CA VAL V 13 89.69 20.49 -26.48
C VAL V 13 89.38 20.25 -25.00
N THR V 14 89.61 19.02 -24.54
CA THR V 14 89.37 18.68 -23.14
C THR V 14 90.51 17.88 -22.55
N THR V 15 90.71 18.05 -21.24
CA THR V 15 91.72 17.33 -20.48
C THR V 15 90.99 16.85 -19.23
N LYS V 16 91.22 15.60 -18.82
CA LYS V 16 90.54 15.09 -17.64
C LYS V 16 91.33 15.51 -16.41
N ARG V 17 90.65 15.98 -15.38
CA ARG V 17 91.35 16.41 -14.19
C ARG V 17 91.37 15.31 -13.13
N TYR V 18 92.28 15.44 -12.20
CA TYR V 18 92.46 14.48 -11.13
C TYR V 18 91.93 15.00 -9.80
N THR V 19 91.66 14.08 -8.89
CA THR V 19 91.15 14.46 -7.57
C THR V 19 91.80 13.57 -6.50
N LEU V 20 91.95 14.11 -5.30
CA LEU V 20 92.53 13.40 -4.17
C LEU V 20 91.57 12.31 -3.69
N PRO V 21 92.04 11.05 -3.67
CA PRO V 21 91.17 9.97 -3.21
C PRO V 21 91.10 9.94 -1.68
N PRO V 22 89.95 9.53 -1.12
CA PRO V 22 89.82 9.45 0.34
C PRO V 22 90.68 8.28 0.80
N LEU V 23 91.19 8.32 2.02
CA LEU V 23 91.99 7.20 2.49
C LEU V 23 91.05 6.02 2.76
N PRO V 24 91.58 4.79 2.77
CA PRO V 24 90.76 3.61 3.03
C PRO V 24 90.49 3.42 4.52
N TYR V 25 91.00 4.34 5.33
CA TYR V 25 90.87 4.23 6.78
C TYR V 25 91.09 5.58 7.46
N ALA V 26 91.00 5.62 8.79
CA ALA V 26 91.21 6.84 9.54
C ALA V 26 92.69 7.17 9.58
N TYR V 27 93.02 8.46 9.66
CA TYR V 27 94.43 8.89 9.70
C TYR V 27 95.29 8.16 10.73
N ASN V 28 94.70 7.77 11.85
CA ASN V 28 95.47 7.08 12.90
C ASN V 28 95.36 5.57 12.87
N ALA V 29 94.80 5.02 11.79
CA ALA V 29 94.61 3.58 11.66
C ALA V 29 95.84 2.72 11.43
N LEU V 30 96.99 3.32 11.14
CA LEU V 30 98.21 2.53 10.90
C LEU V 30 99.21 2.61 12.05
N GLU V 31 98.81 3.26 13.12
CA GLU V 31 99.68 3.37 14.28
C GLU V 31 99.83 1.99 14.91
N PRO V 32 100.96 1.75 15.58
CA PRO V 32 102.08 2.66 15.80
C PRO V 32 103.17 2.59 14.73
N TYR V 33 102.82 2.14 13.54
CA TYR V 33 103.79 2.01 12.44
C TYR V 33 103.97 3.33 11.69
N ILE V 34 102.87 4.03 11.46
CA ILE V 34 102.91 5.32 10.80
C ILE V 34 101.92 6.21 11.56
N SER V 35 102.42 7.31 12.12
CA SER V 35 101.58 8.19 12.92
C SER V 35 100.47 8.91 12.17
N ALA V 36 99.45 9.29 12.94
CA ALA V 36 98.29 10.00 12.42
C ALA V 36 98.70 11.34 11.80
N GLU V 37 99.69 12.00 12.40
CA GLU V 37 100.14 13.29 11.87
C GLU V 37 100.78 13.08 10.50
N ILE V 38 101.69 12.11 10.41
CA ILE V 38 102.34 11.80 9.14
C ILE V 38 101.28 11.46 8.08
N MSE V 39 100.31 10.62 8.45
CA MSE V 39 99.24 10.23 7.51
C MSE V 39 98.42 11.42 7.03
O MSE V 39 98.18 11.58 5.83
CB MSE V 39 98.31 9.20 8.16
CG MSE V 39 98.96 7.87 8.51
SE MSE V 39 99.61 6.86 6.96
CE MSE V 39 97.93 6.66 6.01
N GLN V 40 97.98 12.27 7.95
CA GLN V 40 97.18 13.43 7.56
C GLN V 40 97.99 14.41 6.68
N LEU V 41 99.25 14.66 7.04
CA LEU V 41 100.12 15.56 6.27
C LEU V 41 100.43 14.99 4.89
N HIS V 42 100.78 13.71 4.88
CA HIS V 42 101.13 12.98 3.66
C HIS V 42 99.97 12.98 2.66
N HIS V 43 98.77 12.85 3.20
CA HIS V 43 97.56 12.83 2.40
C HIS V 43 97.06 14.23 2.02
N GLN V 44 96.68 15.02 3.03
CA GLN V 44 96.17 16.37 2.83
C GLN V 44 97.11 17.42 2.27
N LYS V 45 98.38 17.30 2.58
CA LYS V 45 99.35 18.26 2.08
C LYS V 45 100.06 17.75 0.85
N HIS V 46 100.92 16.75 1.07
CA HIS V 46 101.71 16.18 -0.01
C HIS V 46 100.94 15.60 -1.18
N HIS V 47 100.10 14.60 -0.94
CA HIS V 47 99.34 14.00 -2.04
C HIS V 47 98.49 15.04 -2.77
N GLN V 48 97.75 15.85 -2.02
CA GLN V 48 96.92 16.88 -2.61
C GLN V 48 97.76 17.79 -3.52
N GLY V 49 98.97 18.10 -3.05
CA GLY V 49 99.87 18.96 -3.81
C GLY V 49 100.15 18.41 -5.19
N TYR V 50 100.33 17.09 -5.29
CA TYR V 50 100.60 16.45 -6.57
C TYR V 50 99.34 16.44 -7.45
N VAL V 51 98.17 16.36 -6.82
CA VAL V 51 96.92 16.40 -7.57
C VAL V 51 96.84 17.80 -8.20
N ASN V 52 97.11 18.82 -7.39
CA ASN V 52 97.05 20.20 -7.86
C ASN V 52 98.10 20.45 -8.94
N GLY V 53 99.31 19.91 -8.74
CA GLY V 53 100.38 20.09 -9.70
C GLY V 53 100.03 19.46 -11.04
N ALA V 54 99.47 18.26 -10.99
CA ALA V 54 99.06 17.57 -12.21
C ALA V 54 98.01 18.40 -12.96
N ASN V 55 97.02 18.90 -12.23
CA ASN V 55 95.97 19.71 -12.85
C ASN V 55 96.49 21.03 -13.41
N ALA V 56 97.40 21.68 -12.69
CA ALA V 56 97.98 22.94 -13.15
C ALA V 56 98.74 22.73 -14.46
N ALA V 57 99.35 21.55 -14.60
CA ALA V 57 100.09 21.21 -15.81
C ALA V 57 99.10 20.96 -16.96
N LEU V 58 98.01 20.26 -16.65
CA LEU V 58 97.00 19.96 -17.64
C LEU V 58 96.35 21.27 -18.11
N GLU V 59 96.25 22.24 -17.21
CA GLU V 59 95.68 23.52 -17.55
C GLU V 59 96.52 24.20 -18.65
N LYS V 60 97.83 24.25 -18.45
CA LYS V 60 98.75 24.85 -19.43
C LYS V 60 98.66 24.15 -20.77
N LEU V 61 98.65 22.83 -20.73
CA LEU V 61 98.56 22.01 -21.93
C LEU V 61 97.22 22.26 -22.60
N GLU V 62 96.20 22.49 -21.77
CA GLU V 62 94.88 22.75 -22.29
C GLU V 62 94.86 24.08 -23.03
N LYS V 63 95.43 25.11 -22.43
CA LYS V 63 95.49 26.44 -23.04
C LYS V 63 96.33 26.45 -24.31
N PHE V 64 97.43 25.70 -24.29
CA PHE V 64 98.30 25.61 -25.45
C PHE V 64 97.55 24.95 -26.58
N ARG V 65 96.91 23.83 -26.27
CA ARG V 65 96.16 23.07 -27.26
C ARG V 65 95.01 23.88 -27.88
N LYS V 66 94.42 24.77 -27.09
CA LYS V 66 93.33 25.60 -27.60
C LYS V 66 93.90 26.81 -28.34
N GLY V 67 95.21 26.82 -28.55
CA GLY V 67 95.86 27.91 -29.25
C GLY V 67 95.88 29.21 -28.46
N GLU V 68 95.43 29.15 -27.21
CA GLU V 68 95.39 30.32 -26.35
C GLU V 68 96.72 30.70 -25.72
N ALA V 69 97.80 30.06 -26.15
CA ALA V 69 99.13 30.37 -25.62
C ALA V 69 100.22 29.48 -26.21
N GLN V 70 101.47 29.89 -25.99
CA GLN V 70 102.61 29.14 -26.45
C GLN V 70 103.04 28.37 -25.21
N ILE V 71 103.84 27.32 -25.36
CA ILE V 71 104.23 26.56 -24.18
C ILE V 71 105.68 26.06 -24.18
N ASP V 72 106.22 25.95 -22.97
CA ASP V 72 107.56 25.43 -22.74
C ASP V 72 107.24 23.95 -22.52
N ILE V 73 107.12 23.19 -23.60
CA ILE V 73 106.72 21.79 -23.51
C ILE V 73 107.55 20.90 -22.61
N ARG V 74 108.88 20.98 -22.67
CA ARG V 74 109.73 20.15 -21.81
C ARG V 74 109.45 20.41 -20.32
N ALA V 75 109.30 21.67 -19.95
CA ALA V 75 109.04 22.04 -18.56
C ALA V 75 107.70 21.55 -18.08
N VAL V 76 106.68 21.74 -18.89
CA VAL V 76 105.34 21.32 -18.52
C VAL V 76 105.24 19.79 -18.46
N LEU V 77 105.92 19.11 -19.37
CA LEU V 77 105.86 17.65 -19.37
C LEU V 77 106.69 17.08 -18.22
N ARG V 78 107.80 17.75 -17.89
CA ARG V 78 108.60 17.31 -16.75
C ARG V 78 107.73 17.43 -15.50
N ASP V 79 106.99 18.55 -15.40
CA ASP V 79 106.07 18.77 -14.28
C ASP V 79 104.93 17.75 -14.28
N LEU V 80 104.30 17.55 -15.44
CA LEU V 80 103.20 16.58 -15.54
C LEU V 80 103.67 15.20 -15.12
N SER V 81 104.85 14.80 -15.59
CA SER V 81 105.41 13.51 -15.22
C SER V 81 105.53 13.39 -13.71
N PHE V 82 106.26 14.32 -13.11
CA PHE V 82 106.46 14.30 -11.66
C PHE V 82 105.15 14.26 -10.88
N HIS V 83 104.26 15.23 -11.16
CA HIS V 83 102.99 15.33 -10.46
C HIS V 83 102.00 14.20 -10.73
N LEU V 84 101.81 13.82 -11.99
CA LEU V 84 100.89 12.72 -12.30
C LEU V 84 101.34 11.45 -11.58
N ASN V 85 102.66 11.20 -11.58
CA ASN V 85 103.22 10.03 -10.92
C ASN V 85 103.09 10.09 -9.41
N GLY V 86 103.28 11.27 -8.84
CA GLY V 86 103.12 11.41 -7.40
C GLY V 86 101.69 10.99 -7.04
N HIS V 87 100.74 11.37 -7.89
CA HIS V 87 99.31 11.07 -7.70
C HIS V 87 99.00 9.57 -7.81
N ILE V 88 99.47 8.95 -8.89
CA ILE V 88 99.24 7.53 -9.11
C ILE V 88 99.87 6.71 -7.99
N LEU V 89 101.15 6.96 -7.69
CA LEU V 89 101.80 6.17 -6.65
C LEU V 89 101.16 6.32 -5.27
N HIS V 90 100.69 7.51 -4.92
CA HIS V 90 100.05 7.68 -3.62
C HIS V 90 98.68 7.00 -3.60
N SER V 91 97.95 7.08 -4.71
CA SER V 91 96.64 6.44 -4.80
C SER V 91 96.76 4.93 -4.56
N ILE V 92 97.84 4.34 -5.05
CA ILE V 92 98.11 2.91 -4.88
C ILE V 92 98.65 2.67 -3.46
N PHE V 93 99.49 3.59 -2.99
CA PHE V 93 100.11 3.52 -1.66
C PHE V 93 99.12 3.34 -0.49
N TRP V 94 98.09 4.16 -0.44
CA TRP V 94 97.10 4.12 0.64
C TRP V 94 96.41 2.76 0.79
N PRO V 95 95.72 2.27 -0.26
CA PRO V 95 95.03 0.97 -0.15
C PRO V 95 96.01 -0.21 -0.07
N ASN V 96 97.26 0.05 -0.41
CA ASN V 96 98.32 -0.94 -0.36
C ASN V 96 98.55 -1.32 1.11
N MSE V 97 98.04 -0.48 2.01
CA MSE V 97 98.17 -0.70 3.46
C MSE V 97 96.81 -0.83 4.12
O MSE V 97 95.78 -0.47 3.55
CB MSE V 97 98.93 0.46 4.11
CG MSE V 97 100.27 0.80 3.50
SE MSE V 97 101.16 2.31 4.38
CE MSE V 97 100.09 3.77 3.64
N ALA V 98 96.83 -1.34 5.34
CA ALA V 98 95.61 -1.53 6.12
C ALA V 98 95.97 -1.64 7.59
N PRO V 99 95.04 -1.29 8.49
CA PRO V 99 95.30 -1.38 9.95
C PRO V 99 95.86 -2.74 10.30
N PRO V 100 96.69 -2.82 11.35
CA PRO V 100 97.29 -4.09 11.78
C PRO V 100 96.21 -5.15 11.99
N GLY V 101 96.55 -6.40 11.74
CA GLY V 101 95.55 -7.46 11.89
C GLY V 101 95.00 -7.71 10.50
N LYS V 102 94.42 -6.66 9.93
CA LYS V 102 93.89 -6.71 8.58
C LYS V 102 95.14 -6.64 7.70
N GLY V 103 96.08 -5.78 8.08
CA GLY V 103 97.32 -5.64 7.34
C GLY V 103 98.43 -6.43 8.01
N GLY V 104 99.59 -6.50 7.34
CA GLY V 104 100.72 -7.22 7.90
C GLY V 104 100.71 -8.68 7.55
N GLY V 105 101.61 -9.44 8.16
CA GLY V 105 101.66 -10.87 7.89
C GLY V 105 102.19 -11.21 6.52
N LYS V 106 102.19 -12.50 6.20
CA LYS V 106 102.68 -13.01 4.93
C LYS V 106 101.63 -13.06 3.85
N PRO V 107 102.07 -13.06 2.58
CA PRO V 107 101.12 -13.11 1.46
C PRO V 107 100.63 -14.53 1.20
N GLY V 108 99.47 -14.61 0.55
CA GLY V 108 98.90 -15.89 0.17
C GLY V 108 98.45 -15.75 -1.26
N GLY V 109 97.60 -16.66 -1.72
CA GLY V 109 97.11 -16.59 -3.09
C GLY V 109 98.16 -16.60 -4.17
N LYS V 110 97.81 -16.06 -5.34
CA LYS V 110 98.71 -16.01 -6.49
C LYS V 110 99.96 -15.17 -6.24
N ILE V 111 99.81 -14.08 -5.49
CA ILE V 111 100.97 -13.22 -5.19
C ILE V 111 101.99 -14.03 -4.42
N ALA V 112 101.51 -14.85 -3.49
CA ALA V 112 102.40 -15.70 -2.71
C ALA V 112 103.14 -16.66 -3.63
N ASP V 113 102.38 -17.32 -4.51
CA ASP V 113 102.97 -18.27 -5.44
C ASP V 113 103.98 -17.66 -6.41
N LEU V 114 103.68 -16.47 -6.92
CA LEU V 114 104.59 -15.80 -7.83
C LEU V 114 105.82 -15.25 -7.10
N ILE V 115 105.63 -14.81 -5.86
CA ILE V 115 106.75 -14.32 -5.09
C ILE V 115 107.69 -15.51 -4.86
N ASN V 116 107.13 -16.68 -4.55
CA ASN V 116 107.98 -17.86 -4.35
C ASN V 116 108.67 -18.26 -5.65
N LYS V 117 107.96 -18.11 -6.76
CA LYS V 117 108.50 -18.47 -8.06
C LYS V 117 109.69 -17.60 -8.51
N PHE V 118 109.51 -16.29 -8.43
CA PHE V 118 110.55 -15.36 -8.87
C PHE V 118 111.58 -14.97 -7.81
N PHE V 119 111.23 -15.06 -6.53
CA PHE V 119 112.17 -14.70 -5.48
C PHE V 119 112.62 -15.87 -4.59
N GLY V 120 112.01 -17.04 -4.81
CA GLY V 120 112.38 -18.21 -4.02
C GLY V 120 111.62 -18.32 -2.70
N SER V 121 111.36 -17.20 -2.06
CA SER V 121 110.63 -17.21 -0.80
C SER V 121 110.21 -15.78 -0.47
N PHE V 122 109.26 -15.65 0.44
CA PHE V 122 108.79 -14.35 0.84
C PHE V 122 109.93 -13.58 1.50
N GLU V 123 110.72 -14.28 2.32
CA GLU V 123 111.82 -13.68 3.04
C GLU V 123 112.87 -13.04 2.12
N LYS V 124 113.22 -13.74 1.03
CA LYS V 124 114.19 -13.19 0.10
C LYS V 124 113.56 -12.02 -0.65
N PHE V 125 112.28 -12.14 -0.96
CA PHE V 125 111.55 -11.06 -1.63
C PHE V 125 111.54 -9.86 -0.72
N LYS V 126 111.33 -10.10 0.57
CA LYS V 126 111.28 -9.03 1.55
C LYS V 126 112.63 -8.30 1.62
N GLU V 127 113.72 -9.07 1.50
CA GLU V 127 115.05 -8.51 1.57
C GLU V 127 115.33 -7.61 0.36
N GLU V 128 115.01 -8.12 -0.82
CA GLU V 128 115.23 -7.36 -2.06
C GLU V 128 114.40 -6.08 -2.06
N PHE V 129 113.13 -6.21 -1.71
CA PHE V 129 112.25 -5.04 -1.68
C PHE V 129 112.75 -4.08 -0.59
N SER V 130 113.08 -4.64 0.57
CA SER V 130 113.56 -3.88 1.72
C SER V 130 114.83 -3.10 1.37
N GLN V 131 115.79 -3.81 0.80
CA GLN V 131 117.06 -3.22 0.40
C GLN V 131 116.88 -2.10 -0.61
N ALA V 132 116.03 -2.34 -1.60
CA ALA V 132 115.75 -1.36 -2.63
C ALA V 132 115.24 -0.07 -1.99
N ALA V 133 114.28 -0.22 -1.06
CA ALA V 133 113.69 0.92 -0.37
C ALA V 133 114.72 1.67 0.46
N LYS V 134 115.45 0.93 1.29
CA LYS V 134 116.47 1.49 2.16
C LYS V 134 117.57 2.20 1.39
N ASN V 135 117.90 1.68 0.22
CA ASN V 135 118.97 2.27 -0.57
C ASN V 135 118.54 3.20 -1.70
N VAL V 136 117.36 3.80 -1.57
CA VAL V 136 116.91 4.77 -2.55
C VAL V 136 117.75 6.02 -2.26
N GLU V 137 118.40 6.56 -3.28
CA GLU V 137 119.24 7.76 -3.14
C GLU V 137 118.35 8.99 -3.25
N GLY V 138 118.31 9.81 -2.21
CA GLY V 138 117.44 10.96 -2.23
C GLY V 138 116.07 10.45 -1.85
N VAL V 139 115.03 10.99 -2.47
CA VAL V 139 113.66 10.54 -2.17
C VAL V 139 113.21 9.65 -3.31
N GLY V 140 112.31 8.73 -3.01
CA GLY V 140 111.82 7.83 -4.03
C GLY V 140 110.92 6.76 -3.46
N TRP V 141 110.79 5.67 -4.22
CA TRP V 141 109.95 4.54 -3.84
C TRP V 141 110.62 3.24 -4.23
N ALA V 142 110.15 2.18 -3.59
CA ALA V 142 110.56 0.83 -3.93
C ALA V 142 109.19 0.30 -4.37
N ILE V 143 109.14 -0.32 -5.54
CA ILE V 143 107.88 -0.87 -6.04
C ILE V 143 108.03 -2.29 -6.58
N LEU V 144 106.93 -3.04 -6.51
CA LEU V 144 106.90 -4.38 -7.06
C LEU V 144 105.93 -4.25 -8.22
N VAL V 145 106.39 -4.63 -9.41
CA VAL V 145 105.56 -4.54 -10.60
C VAL V 145 105.46 -5.90 -11.29
N TYR V 146 104.45 -6.01 -12.15
CA TYR V 146 104.31 -7.19 -12.96
C TYR V 146 104.79 -6.62 -14.30
N GLU V 147 105.81 -7.24 -14.88
CA GLU V 147 106.39 -6.80 -16.15
C GLU V 147 105.70 -7.63 -17.24
N PRO V 148 104.77 -7.00 -17.97
CA PRO V 148 103.96 -7.58 -19.05
C PRO V 148 104.68 -8.28 -20.20
N LEU V 149 105.83 -7.75 -20.62
CA LEU V 149 106.54 -8.34 -21.75
C LEU V 149 106.93 -9.80 -21.52
N GLU V 150 107.73 -10.05 -20.50
CA GLU V 150 108.13 -11.41 -20.19
C GLU V 150 107.25 -11.97 -19.10
N GLU V 151 106.30 -11.16 -18.62
CA GLU V 151 105.35 -11.61 -17.61
C GLU V 151 105.99 -12.18 -16.33
N GLN V 152 106.62 -11.31 -15.55
CA GLN V 152 107.28 -11.72 -14.32
C GLN V 152 107.24 -10.58 -13.32
N LEU V 153 107.51 -10.89 -12.06
CA LEU V 153 107.54 -9.85 -11.03
C LEU V 153 108.96 -9.32 -10.92
N LEU V 154 109.10 -8.00 -10.79
CA LEU V 154 110.41 -7.36 -10.63
C LEU V 154 110.27 -6.27 -9.59
N ILE V 155 111.36 -5.99 -8.89
CA ILE V 155 111.38 -4.92 -7.90
C ILE V 155 112.18 -3.80 -8.55
N LEU V 156 111.65 -2.59 -8.46
CA LEU V 156 112.32 -1.44 -9.03
C LEU V 156 112.47 -0.32 -8.01
N GLN V 157 113.52 0.47 -8.20
CA GLN V 157 113.78 1.64 -7.38
C GLN V 157 113.29 2.81 -8.22
N ILE V 158 112.54 3.71 -7.61
CA ILE V 158 112.06 4.88 -8.34
C ILE V 158 112.62 6.06 -7.58
N GLU V 159 113.17 7.04 -8.30
CA GLU V 159 113.68 8.25 -7.66
C GLU V 159 112.65 9.35 -7.92
N LYS V 160 112.43 10.18 -6.90
CA LYS V 160 111.38 11.21 -6.92
C LYS V 160 110.10 10.36 -7.06
N HIS V 161 109.22 10.66 -8.01
CA HIS V 161 108.03 9.83 -8.20
C HIS V 161 108.00 9.26 -9.60
N ASN V 162 108.85 9.79 -10.46
CA ASN V 162 108.81 9.45 -11.88
C ASN V 162 110.04 8.93 -12.58
N LEU V 163 111.10 8.68 -11.84
CA LEU V 163 112.33 8.19 -12.44
C LEU V 163 112.54 6.72 -12.25
N MSE V 164 112.70 6.01 -13.36
CA MSE V 164 112.95 4.56 -13.43
C MSE V 164 111.78 3.57 -13.56
O MSE V 164 111.99 2.37 -13.52
CB MSE V 164 113.88 4.14 -12.29
CG MSE V 164 115.17 4.95 -12.31
SE MSE V 164 116.61 4.17 -11.32
CE MSE V 164 116.13 4.81 -9.55
N HIS V 165 110.57 4.07 -13.72
CA HIS V 165 109.44 3.17 -13.92
C HIS V 165 109.67 2.31 -15.18
N ALA V 166 109.05 1.14 -15.19
CA ALA V 166 109.12 0.24 -16.33
C ALA V 166 107.89 0.55 -17.18
N ALA V 167 108.10 1.10 -18.37
CA ALA V 167 106.99 1.42 -19.27
C ALA V 167 105.98 0.25 -19.32
N ASP V 168 104.69 0.59 -19.31
CA ASP V 168 103.60 -0.40 -19.36
C ASP V 168 103.43 -1.29 -18.13
N ALA V 169 104.48 -1.46 -17.34
CA ALA V 169 104.42 -2.33 -16.15
C ALA V 169 103.38 -1.91 -15.11
N GLN V 170 102.78 -2.91 -14.46
CA GLN V 170 101.74 -2.67 -13.47
C GLN V 170 102.28 -2.68 -12.05
N VAL V 171 102.01 -1.61 -11.31
CA VAL V 171 102.46 -1.48 -9.93
C VAL V 171 101.50 -2.26 -9.04
N LEU V 172 102.05 -3.17 -8.23
CA LEU V 172 101.25 -3.99 -7.35
C LEU V 172 101.41 -3.56 -5.89
N LEU V 173 102.63 -3.18 -5.53
CA LEU V 173 102.96 -2.76 -4.17
C LEU V 173 103.96 -1.61 -4.24
N ALA V 174 103.71 -0.56 -3.45
CA ALA V 174 104.58 0.62 -3.44
C ALA V 174 104.92 1.10 -2.03
N LEU V 175 106.21 1.31 -1.77
CA LEU V 175 106.65 1.83 -0.47
C LEU V 175 107.31 3.18 -0.72
N ASP V 176 106.67 4.23 -0.22
CA ASP V 176 107.17 5.58 -0.38
C ASP V 176 108.24 5.84 0.67
N VAL V 177 109.42 6.25 0.23
CA VAL V 177 110.50 6.55 1.15
C VAL V 177 110.96 8.01 1.07
N TRP V 178 110.03 8.90 0.72
CA TRP V 178 110.33 10.32 0.71
C TRP V 178 110.42 10.56 2.21
N GLU V 179 111.13 11.58 2.64
CA GLU V 179 111.26 11.84 4.08
C GLU V 179 109.95 12.14 4.79
N HIS V 180 109.02 12.80 4.11
CA HIS V 180 107.75 13.12 4.75
C HIS V 180 106.87 11.90 5.00
N ALA V 181 107.31 10.74 4.55
CA ALA V 181 106.55 9.50 4.76
C ALA V 181 106.94 8.86 6.08
N TYR V 182 108.04 9.33 6.68
CA TYR V 182 108.51 8.72 7.93
C TYR V 182 109.29 9.59 8.92
N TYR V 183 109.88 10.68 8.43
CA TYR V 183 110.71 11.51 9.30
C TYR V 183 110.14 11.96 10.64
N LEU V 184 108.93 12.49 10.65
CA LEU V 184 108.35 12.95 11.92
C LEU V 184 108.42 11.88 13.01
N GLN V 185 108.21 10.63 12.64
CA GLN V 185 108.25 9.54 13.62
C GLN V 185 109.59 8.83 13.74
N TYR V 186 110.22 8.54 12.61
CA TYR V 186 111.48 7.80 12.59
C TYR V 186 112.74 8.63 12.38
N LYS V 187 112.57 9.89 12.00
CA LYS V 187 113.70 10.77 11.75
C LYS V 187 114.60 10.13 10.68
N ASN V 188 115.90 10.19 10.90
CA ASN V 188 116.88 9.63 9.95
C ASN V 188 116.84 8.11 9.78
N ASP V 189 116.17 7.40 10.68
CA ASP V 189 116.13 5.95 10.59
C ASP V 189 115.12 5.45 9.56
N ARG V 190 115.46 5.61 8.29
CA ARG V 190 114.60 5.15 7.21
C ARG V 190 114.47 3.63 7.29
N GLY V 191 115.55 2.95 7.63
CA GLY V 191 115.51 1.50 7.73
C GLY V 191 114.49 0.98 8.73
N SER V 192 114.31 1.71 9.83
CA SER V 192 113.34 1.31 10.85
C SER V 192 111.91 1.45 10.30
N TYR V 193 111.69 2.51 9.52
CA TYR V 193 110.39 2.76 8.91
C TYR V 193 110.06 1.61 7.94
N VAL V 194 111.02 1.27 7.09
CA VAL V 194 110.86 0.19 6.12
C VAL V 194 110.48 -1.14 6.81
N ASP V 195 111.20 -1.47 7.88
CA ASP V 195 110.94 -2.72 8.61
C ASP V 195 109.53 -2.77 9.21
N ASN V 196 109.09 -1.67 9.80
CA ASN V 196 107.77 -1.62 10.42
C ASN V 196 106.62 -1.63 9.42
N TRP V 197 106.86 -1.00 8.26
CA TRP V 197 105.86 -0.91 7.21
C TRP V 197 105.22 -2.25 6.86
N TRP V 198 106.03 -3.31 6.82
CA TRP V 198 105.51 -4.63 6.50
C TRP V 198 104.33 -5.01 7.39
N ASN V 199 104.26 -4.42 8.59
CA ASN V 199 103.18 -4.73 9.53
C ASN V 199 101.84 -4.14 9.13
N VAL V 200 101.81 -3.35 8.06
CA VAL V 200 100.56 -2.76 7.63
C VAL V 200 100.29 -3.00 6.15
N VAL V 201 101.02 -3.95 5.56
CA VAL V 201 100.85 -4.28 4.16
C VAL V 201 99.57 -5.07 3.91
N ASN V 202 98.69 -4.50 3.09
CA ASN V 202 97.41 -5.10 2.73
C ASN V 202 97.62 -6.03 1.54
N TRP V 203 97.93 -7.29 1.82
CA TRP V 203 98.17 -8.26 0.76
C TRP V 203 96.94 -8.60 -0.07
N ASP V 204 95.75 -8.29 0.44
CA ASP V 204 94.54 -8.56 -0.34
C ASP V 204 94.56 -7.63 -1.54
N ASP V 205 94.93 -6.37 -1.28
CA ASP V 205 94.99 -5.38 -2.34
C ASP V 205 96.07 -5.76 -3.36
N VAL V 206 97.23 -6.21 -2.88
CA VAL V 206 98.31 -6.59 -3.78
C VAL V 206 97.85 -7.75 -4.67
N GLU V 207 97.06 -8.65 -4.08
CA GLU V 207 96.52 -9.81 -4.79
C GLU V 207 95.57 -9.40 -5.91
N ARG V 208 94.69 -8.45 -5.61
CA ARG V 208 93.75 -7.96 -6.60
C ARG V 208 94.48 -7.27 -7.74
N ARG V 209 95.56 -6.57 -7.40
CA ARG V 209 96.32 -5.87 -8.40
C ARG V 209 97.08 -6.85 -9.28
N LEU V 210 97.70 -7.85 -8.67
CA LEU V 210 98.43 -8.84 -9.45
C LEU V 210 97.52 -9.70 -10.31
N GLN V 211 96.31 -9.98 -9.84
CA GLN V 211 95.40 -10.82 -10.63
C GLN V 211 94.95 -10.04 -11.87
N LYS V 212 94.71 -8.75 -11.70
CA LYS V 212 94.34 -7.94 -12.85
C LYS V 212 95.51 -7.91 -13.83
N ALA V 213 96.73 -7.77 -13.31
CA ALA V 213 97.90 -7.74 -14.17
C ALA V 213 98.00 -9.06 -14.93
N LEU V 214 97.81 -10.17 -14.22
CA LEU V 214 97.86 -11.50 -14.84
C LEU V 214 96.79 -11.67 -15.92
N ASN V 215 95.67 -10.95 -15.78
CA ASN V 215 94.56 -10.98 -16.74
C ASN V 215 94.86 -10.06 -17.92
N GLY V 216 95.94 -9.29 -17.80
CA GLY V 216 96.29 -8.36 -18.85
C GLY V 216 95.49 -7.08 -18.73
N GLN V 217 95.11 -6.73 -17.51
CA GLN V 217 94.33 -5.52 -17.23
C GLN V 217 95.14 -4.55 -16.37
N ILE V 218 94.84 -3.26 -16.46
CA ILE V 218 95.54 -2.27 -15.64
C ILE V 218 95.21 -2.58 -14.19
N ALA V 219 96.24 -2.57 -13.33
CA ALA V 219 96.06 -2.88 -11.92
C ALA V 219 95.52 -1.69 -11.12
N LEU V 220 94.45 -1.09 -11.64
CA LEU V 220 93.82 0.05 -11.00
C LEU V 220 92.30 -0.12 -11.10
N LYS V 221 91.57 0.77 -10.42
CA LYS V 221 90.11 0.73 -10.42
C LYS V 221 89.62 -0.61 -9.87
N LEU V 222 89.88 -0.81 -8.58
CA LEU V 222 89.52 -2.02 -7.81
C LEU V 222 90.69 -3.02 -7.76
N SER W 12 112.69 -22.77 -5.40
CA SER W 12 113.43 -22.49 -6.67
C SER W 12 113.25 -21.03 -7.09
N VAL W 13 114.29 -20.49 -7.75
CA VAL W 13 114.28 -19.12 -8.21
C VAL W 13 114.33 -19.12 -9.72
N THR W 14 113.51 -18.29 -10.33
CA THR W 14 113.49 -18.18 -11.78
C THR W 14 113.31 -16.72 -12.19
N THR W 15 113.89 -16.37 -13.34
CA THR W 15 113.77 -15.01 -13.88
C THR W 15 113.63 -15.15 -15.39
N LYS W 16 112.55 -14.63 -15.94
CA LYS W 16 112.33 -14.69 -17.38
C LYS W 16 113.39 -13.82 -18.08
N ARG W 17 113.96 -14.34 -19.17
CA ARG W 17 114.97 -13.58 -19.90
C ARG W 17 114.37 -12.99 -21.17
N TYR W 18 114.91 -11.85 -21.60
CA TYR W 18 114.40 -11.17 -22.79
C TYR W 18 115.14 -11.54 -24.08
N THR W 19 114.50 -11.27 -25.20
CA THR W 19 115.05 -11.58 -26.51
C THR W 19 114.73 -10.46 -27.52
N LEU W 20 115.62 -10.30 -28.51
CA LEU W 20 115.44 -9.28 -29.54
C LEU W 20 114.35 -9.67 -30.54
N PRO W 21 113.29 -8.86 -30.66
CA PRO W 21 112.23 -9.20 -31.61
C PRO W 21 112.71 -8.88 -33.02
N PRO W 22 112.19 -9.62 -34.02
CA PRO W 22 112.62 -9.33 -35.39
C PRO W 22 111.94 -8.04 -35.83
N LEU W 23 112.46 -7.40 -36.87
CA LEU W 23 111.83 -6.19 -37.38
C LEU W 23 110.58 -6.62 -38.13
N PRO W 24 109.53 -5.79 -38.11
CA PRO W 24 108.28 -6.13 -38.81
C PRO W 24 108.42 -5.87 -40.31
N TYR W 25 109.65 -5.59 -40.74
CA TYR W 25 109.93 -5.27 -42.15
C TYR W 25 111.44 -5.28 -42.39
N ALA W 26 111.84 -5.22 -43.65
CA ALA W 26 113.26 -5.24 -44.01
C ALA W 26 113.96 -4.01 -43.45
N TYR W 27 115.27 -4.10 -43.28
CA TYR W 27 116.07 -3.00 -42.74
C TYR W 27 116.07 -1.75 -43.62
N ASN W 28 115.66 -1.91 -44.88
CA ASN W 28 115.62 -0.78 -45.79
C ASN W 28 114.20 -0.47 -46.17
N ALA W 29 113.24 -1.08 -45.49
CA ALA W 29 111.82 -0.88 -45.79
C ALA W 29 111.24 0.47 -45.38
N LEU W 30 112.02 1.31 -44.70
CA LEU W 30 111.51 2.61 -44.26
C LEU W 30 112.18 3.81 -44.94
N GLU W 31 113.03 3.54 -45.93
CA GLU W 31 113.67 4.62 -46.66
C GLU W 31 112.66 5.29 -47.56
N PRO W 32 112.92 6.54 -47.97
CA PRO W 32 114.11 7.34 -47.63
C PRO W 32 114.11 7.94 -46.21
N TYR W 33 112.97 7.90 -45.54
CA TYR W 33 112.82 8.48 -44.20
C TYR W 33 113.84 8.05 -43.15
N ILE W 34 114.18 6.77 -43.12
CA ILE W 34 115.16 6.25 -42.18
C ILE W 34 116.03 5.27 -42.95
N SER W 35 117.34 5.54 -42.97
CA SER W 35 118.27 4.70 -43.70
C SER W 35 118.43 3.28 -43.15
N ALA W 36 118.67 2.34 -44.05
CA ALA W 36 118.86 0.94 -43.67
C ALA W 36 120.07 0.85 -42.75
N GLU W 37 121.04 1.73 -42.98
CA GLU W 37 122.27 1.78 -42.18
C GLU W 37 121.92 2.01 -40.70
N ILE W 38 121.01 2.95 -40.47
CA ILE W 38 120.55 3.26 -39.12
C ILE W 38 119.69 2.12 -38.56
N MSE W 39 118.71 1.66 -39.34
CA MSE W 39 117.84 0.58 -38.88
C MSE W 39 118.67 -0.62 -38.43
O MSE W 39 118.46 -1.13 -37.33
CB MSE W 39 116.90 0.13 -40.01
CG MSE W 39 115.87 1.15 -40.46
SE MSE W 39 114.61 1.78 -39.09
CE MSE W 39 113.65 0.13 -38.71
N GLN W 40 119.59 -1.06 -39.27
CA GLN W 40 120.44 -2.21 -38.97
C GLN W 40 121.19 -2.08 -37.64
N LEU W 41 121.85 -0.95 -37.46
CA LEU W 41 122.62 -0.69 -36.24
C LEU W 41 121.70 -0.55 -35.04
N HIS W 42 120.68 0.27 -35.21
CA HIS W 42 119.73 0.56 -34.16
C HIS W 42 119.03 -0.70 -33.66
N HIS W 43 118.75 -1.62 -34.58
CA HIS W 43 118.10 -2.85 -34.22
C HIS W 43 119.04 -3.97 -33.75
N GLN W 44 120.08 -4.25 -34.53
CA GLN W 44 121.02 -5.32 -34.19
C GLN W 44 122.15 -4.97 -33.21
N LYS W 45 122.38 -3.68 -33.00
CA LYS W 45 123.41 -3.27 -32.07
C LYS W 45 122.80 -2.63 -30.82
N HIS W 46 122.14 -1.48 -31.00
CA HIS W 46 121.57 -0.78 -29.86
C HIS W 46 120.45 -1.52 -29.13
N HIS W 47 119.42 -1.96 -29.86
CA HIS W 47 118.33 -2.67 -29.20
C HIS W 47 118.87 -3.96 -28.59
N GLN W 48 119.69 -4.68 -29.36
CA GLN W 48 120.30 -5.92 -28.89
C GLN W 48 121.00 -5.64 -27.57
N GLY W 49 121.77 -4.56 -27.52
CA GLY W 49 122.48 -4.19 -26.31
C GLY W 49 121.59 -4.01 -25.09
N TYR W 50 120.37 -3.51 -25.29
CA TYR W 50 119.46 -3.33 -24.16
C TYR W 50 118.91 -4.68 -23.69
N VAL W 51 118.79 -5.62 -24.62
CA VAL W 51 118.32 -6.96 -24.28
C VAL W 51 119.40 -7.61 -23.41
N ASN W 52 120.66 -7.47 -23.81
CA ASN W 52 121.77 -8.06 -23.08
C ASN W 52 121.92 -7.43 -21.71
N GLY W 53 121.68 -6.12 -21.65
CA GLY W 53 121.81 -5.39 -20.41
C GLY W 53 120.75 -5.81 -19.42
N ALA W 54 119.52 -5.97 -19.88
CA ALA W 54 118.39 -6.38 -19.03
C ALA W 54 118.66 -7.78 -18.49
N ASN W 55 119.13 -8.66 -19.36
CA ASN W 55 119.45 -10.03 -18.97
C ASN W 55 120.61 -10.08 -17.99
N ALA W 56 121.60 -9.20 -18.22
CA ALA W 56 122.78 -9.13 -17.36
C ALA W 56 122.36 -8.74 -15.95
N ALA W 57 121.48 -7.75 -15.87
CA ALA W 57 120.99 -7.29 -14.57
C ALA W 57 120.17 -8.38 -13.89
N LEU W 58 119.38 -9.12 -14.66
CA LEU W 58 118.56 -10.20 -14.11
C LEU W 58 119.41 -11.36 -13.64
N GLU W 59 120.55 -11.56 -14.28
CA GLU W 59 121.42 -12.65 -13.86
C GLU W 59 121.98 -12.37 -12.46
N LYS W 60 122.30 -11.10 -12.19
CA LYS W 60 122.83 -10.68 -10.89
C LYS W 60 121.77 -10.79 -9.80
N LEU W 61 120.54 -10.41 -10.14
CA LEU W 61 119.45 -10.52 -9.19
C LEU W 61 119.20 -11.99 -8.86
N GLU W 62 119.27 -12.85 -9.87
CA GLU W 62 119.05 -14.28 -9.69
C GLU W 62 120.03 -14.90 -8.70
N LYS W 63 121.32 -14.62 -8.85
CA LYS W 63 122.31 -15.16 -7.92
C LYS W 63 122.06 -14.63 -6.51
N PHE W 64 121.69 -13.36 -6.42
CA PHE W 64 121.40 -12.75 -5.12
C PHE W 64 120.22 -13.45 -4.44
N ARG W 65 119.17 -13.73 -5.21
CA ARG W 65 117.98 -14.39 -4.69
C ARG W 65 118.28 -15.84 -4.34
N LYS W 66 119.18 -16.47 -5.10
CA LYS W 66 119.58 -17.86 -4.84
C LYS W 66 120.50 -17.87 -3.61
N GLY W 67 120.87 -16.68 -3.13
CA GLY W 67 121.75 -16.55 -1.98
C GLY W 67 123.21 -16.83 -2.31
N GLU W 68 123.53 -16.93 -3.60
CA GLU W 68 124.89 -17.22 -4.02
C GLU W 68 125.79 -15.99 -4.11
N ALA W 69 125.18 -14.81 -4.21
CA ALA W 69 125.96 -13.57 -4.31
C ALA W 69 125.21 -12.40 -3.67
N GLN W 70 125.95 -11.40 -3.20
CA GLN W 70 125.32 -10.23 -2.61
C GLN W 70 124.93 -9.33 -3.77
N ILE W 71 124.64 -8.06 -3.50
CA ILE W 71 124.25 -7.18 -4.58
C ILE W 71 124.20 -5.71 -4.19
N ASP W 72 124.58 -4.84 -5.13
CA ASP W 72 124.51 -3.39 -4.93
C ASP W 72 123.14 -3.16 -5.55
N ILE W 73 122.12 -3.28 -4.72
CA ILE W 73 120.75 -3.15 -5.18
C ILE W 73 120.45 -1.90 -6.00
N ARG W 74 120.97 -0.75 -5.56
CA ARG W 74 120.71 0.48 -6.30
C ARG W 74 121.32 0.45 -7.70
N ALA W 75 122.57 0.04 -7.81
CA ALA W 75 123.24 -0.02 -9.10
C ALA W 75 122.56 -1.00 -10.03
N VAL W 76 122.22 -2.18 -9.50
CA VAL W 76 121.58 -3.20 -10.31
C VAL W 76 120.17 -2.82 -10.76
N LEU W 77 119.39 -2.17 -9.89
CA LEU W 77 118.05 -1.79 -10.30
C LEU W 77 118.10 -0.59 -11.27
N ARG W 78 119.14 0.22 -11.18
CA ARG W 78 119.28 1.33 -12.12
C ARG W 78 119.62 0.74 -13.49
N ASP W 79 120.52 -0.25 -13.50
CA ASP W 79 120.93 -0.92 -14.74
C ASP W 79 119.71 -1.60 -15.38
N LEU W 80 118.99 -2.35 -14.56
CA LEU W 80 117.81 -3.09 -15.00
C LEU W 80 116.75 -2.16 -15.57
N SER W 81 116.48 -1.07 -14.87
CA SER W 81 115.49 -0.12 -15.32
C SER W 81 115.84 0.46 -16.67
N PHE W 82 117.09 0.92 -16.81
CA PHE W 82 117.53 1.49 -18.07
C PHE W 82 117.39 0.50 -19.23
N HIS W 83 117.96 -0.70 -19.10
CA HIS W 83 117.90 -1.67 -20.21
C HIS W 83 116.51 -2.22 -20.48
N LEU W 84 115.79 -2.55 -19.42
CA LEU W 84 114.44 -3.07 -19.58
C LEU W 84 113.62 -2.05 -20.36
N ASN W 85 113.72 -0.79 -20.03
CA ASN W 85 112.97 0.23 -20.77
C ASN W 85 113.52 0.38 -22.19
N GLY W 86 114.82 0.18 -22.36
CA GLY W 86 115.34 0.28 -23.72
C GLY W 86 114.63 -0.80 -24.55
N HIS W 87 114.61 -2.00 -24.00
CA HIS W 87 113.99 -3.13 -24.66
C HIS W 87 112.48 -2.93 -24.85
N ILE W 88 111.79 -2.48 -23.82
CA ILE W 88 110.35 -2.27 -23.91
C ILE W 88 109.94 -1.23 -24.96
N LEU W 89 110.62 -0.07 -24.95
CA LEU W 89 110.30 0.99 -25.91
C LEU W 89 110.71 0.65 -27.33
N HIS W 90 111.83 -0.05 -27.50
CA HIS W 90 112.24 -0.43 -28.84
C HIS W 90 111.28 -1.47 -29.41
N SER W 91 110.72 -2.30 -28.54
CA SER W 91 109.78 -3.33 -28.98
C SER W 91 108.49 -2.73 -29.52
N ILE W 92 108.16 -1.53 -29.05
CA ILE W 92 106.95 -0.83 -29.49
C ILE W 92 107.29 0.05 -30.71
N PHE W 93 108.51 0.61 -30.69
CA PHE W 93 109.00 1.48 -31.74
C PHE W 93 108.88 0.87 -33.13
N TRP W 94 109.45 -0.32 -33.31
CA TRP W 94 109.43 -1.00 -34.60
C TRP W 94 108.02 -1.16 -35.19
N PRO W 95 107.11 -1.84 -34.46
CA PRO W 95 105.74 -2.01 -34.99
C PRO W 95 104.96 -0.70 -35.11
N ASN W 96 105.39 0.33 -34.37
CA ASN W 96 104.74 1.64 -34.43
C ASN W 96 104.99 2.22 -35.82
N MSE W 97 105.88 1.56 -36.57
CA MSE W 97 106.19 2.04 -37.92
C MSE W 97 105.90 1.00 -38.98
O MSE W 97 105.83 -0.20 -38.70
CB MSE W 97 107.66 2.47 -38.01
CG MSE W 97 108.06 3.56 -37.02
SE MSE W 97 109.92 4.13 -37.19
CE MSE W 97 110.82 2.59 -36.39
N ALA W 98 105.72 1.49 -40.21
CA ALA W 98 105.41 0.63 -41.35
C ALA W 98 105.71 1.42 -42.62
N PRO W 99 106.05 0.73 -43.72
CA PRO W 99 106.35 1.39 -44.99
C PRO W 99 105.20 2.29 -45.43
N PRO W 100 105.51 3.42 -46.10
CA PRO W 100 104.51 4.37 -46.58
C PRO W 100 103.28 3.67 -47.18
N GLY W 101 102.11 4.25 -46.95
CA GLY W 101 100.87 3.65 -47.40
C GLY W 101 100.24 3.05 -46.16
N LYS W 102 100.85 1.97 -45.66
CA LYS W 102 100.39 1.34 -44.44
C LYS W 102 100.81 2.30 -43.35
N GLY W 103 102.01 2.86 -43.53
CA GLY W 103 102.56 3.82 -42.59
C GLY W 103 102.50 5.20 -43.20
N GLY W 104 102.20 6.20 -42.37
CA GLY W 104 102.12 7.57 -42.86
C GLY W 104 100.70 8.08 -42.92
N GLY W 105 100.52 9.33 -43.31
CA GLY W 105 99.19 9.88 -43.39
C GLY W 105 98.56 10.12 -42.02
N LYS W 106 97.28 10.47 -42.02
CA LYS W 106 96.56 10.71 -40.79
C LYS W 106 95.91 9.44 -40.24
N PRO W 107 95.63 9.41 -38.93
CA PRO W 107 95.00 8.25 -38.27
C PRO W 107 93.48 8.17 -38.44
N GLY W 108 92.93 7.00 -38.15
CA GLY W 108 91.50 6.78 -38.22
C GLY W 108 90.98 6.24 -36.90
N GLY W 109 90.01 5.33 -36.96
CA GLY W 109 89.45 4.72 -35.76
C GLY W 109 89.33 5.58 -34.52
N LYS W 110 89.25 4.93 -33.37
CA LYS W 110 89.12 5.63 -32.11
C LYS W 110 90.33 6.50 -31.81
N ILE W 111 91.49 6.11 -32.33
CA ILE W 111 92.68 6.91 -32.08
C ILE W 111 92.51 8.30 -32.70
N ALA W 112 91.92 8.36 -33.90
CA ALA W 112 91.71 9.66 -34.54
C ALA W 112 90.72 10.48 -33.73
N ASP W 113 89.69 9.82 -33.23
CA ASP W 113 88.66 10.48 -32.42
C ASP W 113 89.19 11.04 -31.11
N LEU W 114 89.88 10.21 -30.33
CA LEU W 114 90.42 10.63 -29.04
C LEU W 114 91.46 11.73 -29.22
N ILE W 115 92.24 11.66 -30.30
CA ILE W 115 93.23 12.70 -30.55
C ILE W 115 92.49 14.03 -30.74
N ASN W 116 91.37 14.00 -31.45
CA ASN W 116 90.61 15.23 -31.64
C ASN W 116 90.01 15.65 -30.30
N LYS W 117 89.59 14.67 -29.52
CA LYS W 117 89.00 14.95 -28.22
C LYS W 117 89.91 15.70 -27.28
N PHE W 118 91.07 15.12 -27.02
CA PHE W 118 92.03 15.71 -26.09
C PHE W 118 92.97 16.78 -26.62
N PHE W 119 93.16 16.85 -27.94
CA PHE W 119 94.05 17.87 -28.49
C PHE W 119 93.33 18.89 -29.37
N GLY W 120 92.11 18.55 -29.79
CA GLY W 120 91.36 19.45 -30.63
C GLY W 120 91.47 19.11 -32.10
N SER W 121 92.64 18.63 -32.52
CA SER W 121 92.85 18.27 -33.92
C SER W 121 94.18 17.54 -34.09
N PHE W 122 94.31 16.79 -35.18
CA PHE W 122 95.55 16.06 -35.46
C PHE W 122 96.72 17.01 -35.55
N GLU W 123 96.47 18.23 -36.05
CA GLU W 123 97.52 19.25 -36.17
C GLU W 123 98.11 19.62 -34.80
N LYS W 124 97.25 19.94 -33.84
CA LYS W 124 97.70 20.30 -32.50
C LYS W 124 98.45 19.13 -31.87
N PHE W 125 97.88 17.94 -31.97
CA PHE W 125 98.53 16.75 -31.43
C PHE W 125 99.93 16.62 -32.04
N LYS W 126 99.96 16.66 -33.36
CA LYS W 126 101.20 16.52 -34.12
C LYS W 126 102.22 17.59 -33.74
N GLU W 127 101.74 18.77 -33.36
CA GLU W 127 102.62 19.87 -32.94
C GLU W 127 103.16 19.56 -31.53
N GLU W 128 102.26 19.16 -30.63
CA GLU W 128 102.65 18.84 -29.26
C GLU W 128 103.63 17.68 -29.18
N PHE W 129 103.39 16.63 -29.97
CA PHE W 129 104.26 15.46 -29.98
C PHE W 129 105.60 15.84 -30.59
N SER W 130 105.56 16.45 -31.77
CA SER W 130 106.76 16.90 -32.48
C SER W 130 107.63 17.79 -31.59
N GLN W 131 106.99 18.73 -30.91
CA GLN W 131 107.71 19.63 -30.01
C GLN W 131 108.25 18.84 -28.82
N ALA W 132 107.44 17.94 -28.27
CA ALA W 132 107.88 17.14 -27.15
C ALA W 132 109.17 16.41 -27.55
N ALA W 133 109.17 15.83 -28.73
CA ALA W 133 110.34 15.11 -29.22
C ALA W 133 111.54 16.01 -29.48
N LYS W 134 111.30 17.12 -30.18
CA LYS W 134 112.37 18.05 -30.51
C LYS W 134 112.95 18.74 -29.27
N ASN W 135 112.17 18.79 -28.19
CA ASN W 135 112.62 19.44 -26.96
C ASN W 135 113.16 18.51 -25.86
N VAL W 136 113.40 17.26 -26.20
CA VAL W 136 113.95 16.33 -25.22
C VAL W 136 115.37 16.84 -24.97
N GLU W 137 115.77 16.96 -23.71
CA GLU W 137 117.11 17.41 -23.37
C GLU W 137 118.00 16.18 -23.29
N GLY W 138 119.02 16.12 -24.15
CA GLY W 138 119.88 14.95 -24.16
C GLY W 138 119.11 13.89 -24.92
N VAL W 139 119.46 12.62 -24.75
CA VAL W 139 118.74 11.57 -25.48
C VAL W 139 117.43 11.22 -24.77
N GLY W 140 116.52 10.58 -25.50
CA GLY W 140 115.26 10.22 -24.89
C GLY W 140 114.20 9.89 -25.92
N TRP W 141 112.94 10.01 -25.51
CA TRP W 141 111.82 9.71 -26.36
C TRP W 141 110.67 10.70 -26.15
N ALA W 142 109.72 10.66 -27.09
CA ALA W 142 108.49 11.42 -26.98
C ALA W 142 107.53 10.23 -27.13
N ILE W 143 106.55 10.12 -26.26
CA ILE W 143 105.61 9.02 -26.40
C ILE W 143 104.19 9.50 -26.16
N LEU W 144 103.25 8.82 -26.80
CA LEU W 144 101.83 9.10 -26.62
C LEU W 144 101.39 7.92 -25.77
N VAL W 145 100.81 8.21 -24.60
CA VAL W 145 100.34 7.15 -23.73
C VAL W 145 98.86 7.31 -23.40
N TYR W 146 98.26 6.23 -22.92
CA TYR W 146 96.88 6.24 -22.46
C TYR W 146 97.05 6.15 -20.95
N GLU W 147 96.55 7.16 -20.24
CA GLU W 147 96.66 7.22 -18.79
C GLU W 147 95.36 6.65 -18.21
N PRO W 148 95.42 5.42 -17.66
CA PRO W 148 94.30 4.67 -17.06
C PRO W 148 93.46 5.29 -15.94
N LEU W 149 94.09 6.00 -15.01
CA LEU W 149 93.36 6.58 -13.87
C LEU W 149 92.20 7.50 -14.22
N GLU W 150 92.40 8.44 -15.13
CA GLU W 150 91.32 9.33 -15.52
C GLU W 150 90.99 9.18 -16.99
N GLU W 151 91.55 8.13 -17.58
CA GLU W 151 91.32 7.78 -18.98
C GLU W 151 91.45 8.92 -19.98
N GLN W 152 92.69 9.32 -20.25
CA GLN W 152 92.92 10.37 -21.24
C GLN W 152 94.26 10.15 -21.92
N LEU W 153 94.40 10.74 -23.10
CA LEU W 153 95.63 10.64 -23.87
C LEU W 153 96.56 11.72 -23.33
N LEU W 154 97.85 11.41 -23.27
CA LEU W 154 98.86 12.36 -22.80
C LEU W 154 100.13 12.10 -23.57
N ILE W 155 100.89 13.16 -23.81
CA ILE W 155 102.17 13.02 -24.49
C ILE W 155 103.18 13.20 -23.37
N LEU W 156 104.19 12.33 -23.36
CA LEU W 156 105.24 12.40 -22.36
C LEU W 156 106.62 12.45 -23.01
N GLN W 157 107.52 13.20 -22.37
CA GLN W 157 108.91 13.30 -22.79
C GLN W 157 109.67 12.30 -21.92
N ILE W 158 110.41 11.39 -22.55
CA ILE W 158 111.20 10.41 -21.81
C ILE W 158 112.67 10.77 -21.97
N GLU W 159 113.41 10.75 -20.87
CA GLU W 159 114.85 11.02 -20.88
C GLU W 159 115.51 9.65 -20.78
N LYS W 160 116.61 9.45 -21.52
CA LYS W 160 117.28 8.15 -21.60
C LYS W 160 116.14 7.23 -22.02
N HIS W 161 115.96 6.08 -21.38
CA HIS W 161 114.83 5.24 -21.76
C HIS W 161 113.82 5.13 -20.63
N ASN W 162 114.29 5.39 -19.41
CA ASN W 162 113.48 5.15 -18.22
C ASN W 162 113.13 6.33 -17.34
N LEU W 163 113.48 7.53 -17.77
CA LEU W 163 113.20 8.71 -16.98
C LEU W 163 111.92 9.41 -17.43
N MSE W 164 110.95 9.43 -16.51
CA MSE W 164 109.64 10.08 -16.66
C MSE W 164 108.45 9.36 -17.33
O MSE W 164 107.60 10.01 -17.93
CB MSE W 164 109.82 11.47 -17.26
CG MSE W 164 110.84 12.26 -16.47
SE MSE W 164 110.71 14.12 -16.86
CE MSE W 164 111.43 14.11 -18.68
N HIS W 165 108.41 8.05 -17.20
CA HIS W 165 107.28 7.27 -17.72
C HIS W 165 106.16 7.49 -16.70
N ALA W 166 104.91 7.28 -17.13
CA ALA W 166 103.79 7.42 -16.22
C ALA W 166 103.56 6.00 -15.72
N ALA W 167 103.57 5.82 -14.39
CA ALA W 167 103.37 4.50 -13.80
C ALA W 167 102.01 3.92 -14.24
N ASP W 168 102.01 2.67 -14.74
CA ASP W 168 100.79 2.00 -15.16
C ASP W 168 100.23 2.39 -16.53
N ALA W 169 100.61 3.58 -17.01
CA ALA W 169 100.10 4.07 -18.31
C ALA W 169 100.60 3.20 -19.45
N GLN W 170 99.85 3.19 -20.54
CA GLN W 170 100.21 2.38 -21.71
C GLN W 170 100.68 3.17 -22.92
N VAL W 171 101.85 2.78 -23.42
CA VAL W 171 102.47 3.44 -24.56
C VAL W 171 101.79 3.09 -25.88
N LEU W 172 101.19 4.08 -26.52
CA LEU W 172 100.50 3.88 -27.78
C LEU W 172 101.38 4.16 -29.00
N LEU W 173 102.22 5.19 -28.90
CA LEU W 173 103.13 5.58 -29.98
C LEU W 173 104.42 6.07 -29.36
N ALA W 174 105.55 5.67 -29.93
CA ALA W 174 106.84 6.09 -29.39
C ALA W 174 107.76 6.55 -30.52
N LEU W 175 108.50 7.62 -30.25
CA LEU W 175 109.45 8.15 -31.23
C LEU W 175 110.77 8.35 -30.53
N ASP W 176 111.76 7.60 -30.99
CA ASP W 176 113.11 7.61 -30.44
C ASP W 176 113.94 8.78 -30.97
N VAL W 177 114.33 9.68 -30.07
CA VAL W 177 115.18 10.79 -30.46
C VAL W 177 116.60 10.67 -29.91
N TRP W 178 117.02 9.46 -29.57
CA TRP W 178 118.40 9.24 -29.16
C TRP W 178 119.19 9.58 -30.43
N GLU W 179 120.40 10.09 -30.28
CA GLU W 179 121.16 10.45 -31.48
C GLU W 179 121.39 9.27 -32.43
N HIS W 180 121.57 8.07 -31.90
CA HIS W 180 121.80 6.93 -32.78
C HIS W 180 120.53 6.55 -33.55
N ALA W 181 119.47 7.32 -33.35
CA ALA W 181 118.19 7.08 -34.03
C ALA W 181 118.14 7.89 -35.33
N TYR W 182 119.01 8.89 -35.45
CA TYR W 182 119.00 9.76 -36.64
C TYR W 182 120.34 10.34 -37.13
N TYR W 183 121.34 10.41 -36.27
CA TYR W 183 122.58 11.06 -36.67
C TYR W 183 123.25 10.74 -38.01
N LEU W 184 123.51 9.47 -38.31
CA LEU W 184 124.16 9.12 -39.58
C LEU W 184 123.47 9.69 -40.81
N GLN W 185 122.18 10.02 -40.69
CA GLN W 185 121.43 10.54 -41.83
C GLN W 185 121.13 12.02 -41.73
N TYR W 186 120.65 12.45 -40.58
CA TYR W 186 120.29 13.85 -40.40
C TYR W 186 121.33 14.65 -39.61
N LYS W 187 122.39 14.01 -39.16
CA LYS W 187 123.40 14.70 -38.35
C LYS W 187 122.69 15.35 -37.16
N ASN W 188 123.01 16.60 -36.85
CA ASN W 188 122.38 17.28 -35.71
C ASN W 188 120.95 17.75 -35.95
N ASP W 189 120.42 17.53 -37.16
CA ASP W 189 119.06 17.98 -37.49
C ASP W 189 117.96 17.02 -37.03
N ARG W 190 117.76 16.96 -35.71
CA ARG W 190 116.74 16.10 -35.12
C ARG W 190 115.38 16.57 -35.59
N GLY W 191 115.28 17.85 -35.92
CA GLY W 191 114.02 18.40 -36.40
C GLY W 191 113.53 17.74 -37.68
N SER W 192 114.39 17.67 -38.69
CA SER W 192 114.03 17.05 -39.97
C SER W 192 113.74 15.56 -39.77
N TYR W 193 114.51 14.92 -38.89
CA TYR W 193 114.29 13.50 -38.61
C TYR W 193 112.86 13.30 -38.12
N VAL W 194 112.51 14.04 -37.08
CA VAL W 194 111.17 13.95 -36.50
C VAL W 194 110.09 14.19 -37.55
N ASP W 195 110.22 15.28 -38.28
CA ASP W 195 109.23 15.61 -39.30
C ASP W 195 109.01 14.49 -40.33
N ASN W 196 110.10 13.91 -40.84
CA ASN W 196 109.97 12.85 -41.82
C ASN W 196 109.40 11.58 -41.21
N TRP W 197 109.65 11.40 -39.91
CA TRP W 197 109.21 10.21 -39.20
C TRP W 197 107.74 9.91 -39.40
N TRP W 198 106.90 10.95 -39.45
CA TRP W 198 105.47 10.75 -39.63
C TRP W 198 105.13 9.96 -40.89
N ASN W 199 106.07 9.86 -41.84
CA ASN W 199 105.82 9.14 -43.09
C ASN W 199 105.86 7.62 -42.95
N VAL W 200 106.36 7.14 -41.81
CA VAL W 200 106.42 5.69 -41.57
C VAL W 200 105.55 5.25 -40.38
N VAL W 201 104.83 6.18 -39.77
CA VAL W 201 103.98 5.86 -38.62
C VAL W 201 102.89 4.83 -38.99
N ASN W 202 102.86 3.73 -38.26
CA ASN W 202 101.90 2.66 -38.51
C ASN W 202 100.70 2.83 -37.58
N TRP W 203 99.69 3.55 -38.06
CA TRP W 203 98.51 3.80 -37.28
C TRP W 203 97.65 2.59 -36.98
N ASP W 204 97.85 1.50 -37.71
CA ASP W 204 97.09 0.28 -37.43
C ASP W 204 97.60 -0.19 -36.07
N ASP W 205 98.92 -0.16 -35.91
CA ASP W 205 99.53 -0.58 -34.68
C ASP W 205 99.13 0.34 -33.52
N VAL W 206 99.15 1.65 -33.76
CA VAL W 206 98.76 2.58 -32.72
C VAL W 206 97.32 2.30 -32.32
N GLU W 207 96.43 2.26 -33.30
CA GLU W 207 95.01 1.98 -33.06
C GLU W 207 94.82 0.66 -32.31
N ARG W 208 95.57 -0.36 -32.72
CA ARG W 208 95.48 -1.68 -32.09
C ARG W 208 95.91 -1.66 -30.61
N ARG W 209 96.77 -0.70 -30.24
CA ARG W 209 97.20 -0.58 -28.87
C ARG W 209 96.16 0.21 -28.07
N LEU W 210 95.63 1.27 -28.66
CA LEU W 210 94.61 2.09 -28.02
C LEU W 210 93.35 1.28 -27.72
N GLN W 211 92.91 0.48 -28.69
CA GLN W 211 91.71 -0.34 -28.47
C GLN W 211 91.82 -1.09 -27.15
N LYS W 212 92.97 -1.71 -26.91
CA LYS W 212 93.19 -2.44 -25.67
C LYS W 212 93.25 -1.49 -24.48
N ALA W 213 93.92 -0.36 -24.67
CA ALA W 213 94.03 0.63 -23.59
C ALA W 213 92.65 1.10 -23.11
N LEU W 214 91.78 1.41 -24.07
CA LEU W 214 90.42 1.87 -23.78
C LEU W 214 89.60 0.85 -23.01
N ASN W 215 89.97 -0.42 -23.13
CA ASN W 215 89.27 -1.50 -22.47
C ASN W 215 89.96 -1.88 -21.15
N GLY W 216 90.74 -0.95 -20.60
CA GLY W 216 91.43 -1.17 -19.34
C GLY W 216 92.46 -2.28 -19.41
N GLN W 217 93.07 -2.44 -20.58
CA GLN W 217 94.07 -3.48 -20.79
C GLN W 217 95.49 -2.95 -21.01
N ILE W 218 96.46 -3.84 -20.84
CA ILE W 218 97.87 -3.54 -21.05
C ILE W 218 98.04 -3.61 -22.57
N ALA W 219 98.46 -2.50 -23.16
CA ALA W 219 98.62 -2.42 -24.61
C ALA W 219 99.87 -3.05 -25.19
N LEU W 220 100.04 -4.35 -24.94
CA LEU W 220 101.17 -5.11 -25.46
C LEU W 220 100.69 -6.41 -26.09
N LYS W 221 101.60 -7.14 -26.70
CA LYS W 221 101.27 -8.42 -27.32
C LYS W 221 100.03 -8.25 -28.20
N LEU W 222 100.00 -7.13 -28.92
CA LEU W 222 98.91 -6.75 -29.83
C LEU W 222 98.95 -5.23 -30.01
N SER X 12 152.16 2.26 -6.89
CA SER X 12 151.72 2.71 -5.53
C SER X 12 150.49 3.59 -5.61
N VAL X 13 149.43 3.20 -4.92
CA VAL X 13 148.16 3.95 -4.92
C VAL X 13 147.81 4.49 -3.53
N THR X 14 147.37 5.74 -3.46
CA THR X 14 146.99 6.36 -2.19
C THR X 14 145.83 7.34 -2.43
N THR X 15 144.75 7.21 -1.68
CA THR X 15 143.60 8.12 -1.82
C THR X 15 143.42 8.93 -0.54
N LYS X 16 142.94 10.16 -0.67
CA LYS X 16 142.71 11.02 0.50
C LYS X 16 141.27 10.79 0.97
N ARG X 17 141.05 10.77 2.28
CA ARG X 17 139.72 10.52 2.84
C ARG X 17 139.14 11.76 3.49
N TYR X 18 137.81 11.79 3.63
CA TYR X 18 137.13 12.96 4.20
C TYR X 18 136.67 12.76 5.66
N THR X 19 136.42 13.86 6.36
CA THR X 19 135.99 13.80 7.76
C THR X 19 134.92 14.85 8.06
N LEU X 20 134.10 14.57 9.05
CA LEU X 20 133.03 15.48 9.46
C LEU X 20 133.61 16.73 10.11
N PRO X 21 133.26 17.92 9.60
CA PRO X 21 133.78 19.15 10.18
C PRO X 21 132.84 19.66 11.28
N PRO X 22 133.41 20.14 12.41
CA PRO X 22 132.61 20.65 13.53
C PRO X 22 131.78 21.84 13.07
N LEU X 23 130.73 22.16 13.82
CA LEU X 23 129.88 23.31 13.51
C LEU X 23 130.55 24.59 14.00
N PRO X 24 130.17 25.75 13.42
CA PRO X 24 130.72 27.06 13.80
C PRO X 24 129.99 27.61 15.02
N TYR X 25 128.98 26.87 15.48
CA TYR X 25 128.17 27.30 16.61
C TYR X 25 127.44 26.14 17.27
N ALA X 26 126.75 26.44 18.36
CA ALA X 26 126.00 25.43 19.11
C ALA X 26 124.82 24.90 18.31
N TYR X 27 124.42 23.66 18.58
CA TYR X 27 123.30 23.04 17.90
C TYR X 27 122.03 23.83 18.06
N ASN X 28 122.01 24.70 19.06
CA ASN X 28 120.86 25.54 19.35
C ASN X 28 121.08 26.99 18.92
N ALA X 29 122.28 27.28 18.42
CA ALA X 29 122.64 28.63 18.00
C ALA X 29 121.75 29.23 16.92
N LEU X 30 120.98 28.42 16.21
CA LEU X 30 120.14 28.97 15.15
C LEU X 30 118.65 29.12 15.48
N GLU X 31 118.26 28.70 16.69
CA GLU X 31 116.89 28.83 17.15
C GLU X 31 116.42 30.29 17.07
N PRO X 32 115.11 30.50 16.85
CA PRO X 32 114.08 29.48 16.67
C PRO X 32 113.91 29.05 15.20
N TYR X 33 114.52 29.81 14.30
CA TYR X 33 114.46 29.56 12.86
C TYR X 33 114.74 28.10 12.50
N ILE X 34 115.87 27.57 12.97
CA ILE X 34 116.21 26.18 12.72
C ILE X 34 116.43 25.54 14.09
N SER X 35 115.51 24.66 14.48
CA SER X 35 115.54 23.97 15.77
C SER X 35 116.84 23.25 16.09
N ALA X 36 117.10 23.14 17.39
CA ALA X 36 118.30 22.48 17.89
C ALA X 36 118.22 20.99 17.56
N GLU X 37 116.99 20.50 17.43
CA GLU X 37 116.73 19.10 17.12
C GLU X 37 117.22 18.80 15.69
N ILE X 38 116.76 19.59 14.73
CA ILE X 38 117.15 19.41 13.35
C ILE X 38 118.67 19.53 13.21
N MSE X 39 119.23 20.63 13.71
CA MSE X 39 120.66 20.85 13.63
C MSE X 39 121.46 19.62 14.04
O MSE X 39 122.35 19.19 13.31
CB MSE X 39 121.08 22.04 14.51
CG MSE X 39 120.60 23.41 14.04
SE MSE X 39 121.14 23.89 12.22
CE MSE X 39 123.07 23.86 12.41
N GLN X 40 121.16 19.07 15.20
CA GLN X 40 121.90 17.91 15.68
C GLN X 40 121.75 16.71 14.74
N LEU X 41 120.52 16.44 14.31
CA LEU X 41 120.30 15.33 13.38
C LEU X 41 121.00 15.60 12.06
N HIS X 42 120.75 16.77 11.51
CA HIS X 42 121.32 17.15 10.23
C HIS X 42 122.85 17.04 10.15
N HIS X 43 123.54 17.48 11.20
CA HIS X 43 125.00 17.43 11.24
C HIS X 43 125.61 16.09 11.64
N GLN X 44 125.19 15.55 12.79
CA GLN X 44 125.73 14.27 13.26
C GLN X 44 125.29 13.02 12.52
N LYS X 45 124.10 13.08 11.92
CA LYS X 45 123.57 11.92 11.21
C LYS X 45 123.68 12.00 9.71
N HIS X 46 122.97 12.96 9.12
CA HIS X 46 122.97 13.14 7.68
C HIS X 46 124.35 13.47 7.11
N HIS X 47 124.91 14.63 7.48
CA HIS X 47 126.24 15.03 6.99
C HIS X 47 127.27 13.92 7.22
N GLN X 48 127.29 13.34 8.41
CA GLN X 48 128.24 12.28 8.72
C GLN X 48 128.07 11.11 7.76
N GLY X 49 126.83 10.84 7.38
CA GLY X 49 126.56 9.74 6.45
C GLY X 49 127.19 9.98 5.10
N TYR X 50 127.18 11.23 4.65
CA TYR X 50 127.76 11.58 3.36
C TYR X 50 129.27 11.42 3.42
N VAL X 51 129.84 11.74 4.57
CA VAL X 51 131.27 11.62 4.76
C VAL X 51 131.63 10.14 4.65
N ASN X 52 130.85 9.31 5.36
CA ASN X 52 131.07 7.88 5.34
C ASN X 52 130.87 7.36 3.91
N GLY X 53 129.86 7.89 3.25
CA GLY X 53 129.57 7.49 1.88
C GLY X 53 130.71 7.83 0.93
N ALA X 54 131.24 9.05 1.06
CA ALA X 54 132.34 9.48 0.21
C ALA X 54 133.56 8.57 0.38
N ASN X 55 133.92 8.30 1.63
CA ASN X 55 135.06 7.43 1.90
C ASN X 55 134.83 5.99 1.47
N ALA X 56 133.59 5.53 1.53
CA ALA X 56 133.25 4.16 1.12
C ALA X 56 133.52 3.98 -0.38
N ALA X 57 133.16 4.97 -1.18
CA ALA X 57 133.40 4.90 -2.62
C ALA X 57 134.92 4.95 -2.91
N LEU X 58 135.61 5.84 -2.22
CA LEU X 58 137.06 6.01 -2.41
C LEU X 58 137.86 4.78 -2.03
N GLU X 59 137.35 3.99 -1.10
CA GLU X 59 138.05 2.78 -0.72
C GLU X 59 137.89 1.76 -1.85
N LYS X 60 136.72 1.76 -2.48
CA LYS X 60 136.45 0.85 -3.58
C LYS X 60 137.33 1.17 -4.78
N LEU X 61 137.53 2.46 -5.02
CA LEU X 61 138.35 2.91 -6.12
C LEU X 61 139.81 2.51 -5.86
N GLU X 62 140.24 2.63 -4.61
CA GLU X 62 141.62 2.30 -4.26
C GLU X 62 141.93 0.80 -4.41
N LYS X 63 141.00 -0.06 -4.01
CA LYS X 63 141.22 -1.49 -4.16
C LYS X 63 141.28 -1.83 -5.64
N PHE X 64 140.55 -1.04 -6.44
CA PHE X 64 140.55 -1.24 -7.88
C PHE X 64 141.85 -0.73 -8.47
N ARG X 65 142.29 0.44 -8.03
CA ARG X 65 143.53 1.03 -8.53
C ARG X 65 144.71 0.15 -8.16
N LYS X 66 144.56 -0.60 -7.07
CA LYS X 66 145.61 -1.51 -6.63
C LYS X 66 145.48 -2.84 -7.37
N GLY X 67 144.71 -2.82 -8.45
CA GLY X 67 144.51 -4.03 -9.24
C GLY X 67 144.10 -5.22 -8.40
N GLU X 68 143.47 -4.96 -7.26
CA GLU X 68 143.04 -6.03 -6.36
C GLU X 68 141.56 -6.37 -6.44
N ALA X 69 140.78 -5.50 -7.09
CA ALA X 69 139.36 -5.75 -7.19
C ALA X 69 138.77 -5.09 -8.44
N GLN X 70 137.83 -5.78 -9.07
CA GLN X 70 137.16 -5.25 -10.25
C GLN X 70 136.25 -4.13 -9.79
N ILE X 71 135.63 -3.41 -10.73
CA ILE X 71 134.77 -2.30 -10.32
C ILE X 71 133.73 -1.89 -11.36
N ASP X 72 132.48 -1.70 -10.92
CA ASP X 72 131.44 -1.20 -11.82
C ASP X 72 131.68 0.29 -11.65
N ILE X 73 132.53 0.82 -12.51
CA ILE X 73 132.89 2.22 -12.44
C ILE X 73 131.69 3.16 -12.40
N ARG X 74 130.64 2.86 -13.17
CA ARG X 74 129.45 3.71 -13.19
C ARG X 74 128.77 3.76 -11.84
N ALA X 75 128.65 2.60 -11.19
CA ALA X 75 128.01 2.54 -9.88
C ALA X 75 128.77 3.34 -8.83
N VAL X 76 130.08 3.08 -8.73
CA VAL X 76 130.93 3.74 -7.75
C VAL X 76 131.06 5.25 -7.94
N LEU X 77 131.15 5.71 -9.19
CA LEU X 77 131.28 7.15 -9.40
C LEU X 77 129.96 7.88 -9.12
N ARG X 78 128.84 7.21 -9.36
CA ARG X 78 127.54 7.82 -9.07
C ARG X 78 127.46 8.04 -7.56
N ASP X 79 127.93 7.04 -6.79
CA ASP X 79 127.92 7.12 -5.33
C ASP X 79 128.87 8.22 -4.83
N LEU X 80 130.09 8.21 -5.38
CA LEU X 80 131.11 9.20 -5.00
C LEU X 80 130.61 10.59 -5.26
N SER X 81 130.04 10.80 -6.43
CA SER X 81 129.53 12.12 -6.79
C SER X 81 128.48 12.58 -5.77
N PHE X 82 127.49 11.73 -5.52
CA PHE X 82 126.43 12.04 -4.58
C PHE X 82 126.98 12.41 -3.20
N HIS X 83 127.75 11.50 -2.62
CA HIS X 83 128.29 11.70 -1.27
C HIS X 83 129.30 12.82 -1.13
N LEU X 84 130.21 12.95 -2.09
CA LEU X 84 131.20 14.01 -2.04
C LEU X 84 130.46 15.35 -2.05
N ASN X 85 129.45 15.48 -2.90
CA ASN X 85 128.70 16.73 -2.96
C ASN X 85 127.89 16.95 -1.70
N GLY X 86 127.33 15.90 -1.13
CA GLY X 86 126.58 16.06 0.10
C GLY X 86 127.52 16.62 1.15
N HIS X 87 128.76 16.13 1.16
CA HIS X 87 129.76 16.57 2.13
C HIS X 87 130.16 18.02 1.82
N ILE X 88 130.65 18.26 0.62
CA ILE X 88 131.07 19.60 0.22
C ILE X 88 130.00 20.65 0.50
N LEU X 89 128.77 20.41 0.06
CA LEU X 89 127.71 21.38 0.28
C LEU X 89 127.36 21.62 1.75
N HIS X 90 127.43 20.57 2.57
CA HIS X 90 127.13 20.77 3.99
C HIS X 90 128.26 21.54 4.66
N SER X 91 129.49 21.30 4.21
CA SER X 91 130.66 21.99 4.77
C SER X 91 130.56 23.49 4.52
N ILE X 92 129.81 23.88 3.50
CA ILE X 92 129.63 25.29 3.17
C ILE X 92 128.38 25.79 3.87
N PHE X 93 127.39 24.92 4.03
CA PHE X 93 126.11 25.25 4.66
C PHE X 93 126.20 25.75 6.11
N TRP X 94 126.96 25.02 6.94
CA TRP X 94 127.09 25.38 8.35
C TRP X 94 127.69 26.78 8.51
N PRO X 95 128.91 27.01 7.99
CA PRO X 95 129.50 28.35 8.13
C PRO X 95 128.75 29.44 7.37
N ASN X 96 127.92 29.04 6.39
CA ASN X 96 127.12 29.99 5.61
C ASN X 96 126.09 30.65 6.53
N MSE X 97 125.95 30.10 7.73
CA MSE X 97 124.98 30.62 8.69
C MSE X 97 125.62 31.11 9.99
O MSE X 97 126.73 30.69 10.37
CB MSE X 97 123.93 29.55 9.02
CG MSE X 97 123.29 28.93 7.78
SE MSE X 97 121.85 27.68 8.19
CE MSE X 97 122.91 26.18 8.81
N ALA X 98 124.91 31.97 10.69
CA ALA X 98 125.37 32.54 11.94
C ALA X 98 124.23 32.81 12.91
N PRO X 99 124.52 32.73 14.23
CA PRO X 99 123.46 33.00 15.22
C PRO X 99 122.88 34.37 14.94
N PRO X 100 121.55 34.52 15.04
CA PRO X 100 120.92 35.83 14.79
C PRO X 100 121.76 36.99 15.33
N GLY X 101 121.74 38.10 14.60
CA GLY X 101 122.52 39.26 15.00
C GLY X 101 123.74 39.25 14.09
N LYS X 102 124.62 38.27 14.32
CA LYS X 102 125.79 38.13 13.47
C LYS X 102 125.24 37.67 12.12
N GLY X 103 124.16 36.90 12.17
CA GLY X 103 123.53 36.42 10.95
C GLY X 103 122.30 37.23 10.64
N GLY X 104 121.87 37.21 9.38
CA GLY X 104 120.70 37.96 8.99
C GLY X 104 121.11 39.28 8.40
N GLY X 105 120.13 40.13 8.11
CA GLY X 105 120.39 41.44 7.54
C GLY X 105 120.76 41.41 6.07
N LYS X 106 121.08 42.58 5.53
CA LYS X 106 121.46 42.71 4.14
C LYS X 106 122.96 42.54 3.95
N PRO X 107 123.39 42.06 2.77
CA PRO X 107 124.81 41.86 2.49
C PRO X 107 125.54 43.18 2.21
N GLY X 108 126.85 43.15 2.35
CA GLY X 108 127.66 44.34 2.10
C GLY X 108 128.81 43.99 1.18
N GLY X 109 129.87 44.78 1.23
CA GLY X 109 131.04 44.54 0.41
C GLY X 109 130.76 44.36 -1.06
N LYS X 110 131.63 43.60 -1.74
CA LYS X 110 131.48 43.35 -3.17
C LYS X 110 130.27 42.45 -3.44
N ILE X 111 129.97 41.54 -2.53
CA ILE X 111 128.81 40.65 -2.72
C ILE X 111 127.55 41.51 -2.84
N ALA X 112 127.44 42.54 -2.01
CA ALA X 112 126.29 43.44 -2.08
C ALA X 112 126.28 44.10 -3.44
N ASP X 113 127.44 44.60 -3.87
CA ASP X 113 127.56 45.28 -5.17
C ASP X 113 127.31 44.38 -6.37
N LEU X 114 127.85 43.16 -6.33
CA LEU X 114 127.63 42.24 -7.45
C LEU X 114 126.16 41.82 -7.48
N ILE X 115 125.55 41.71 -6.30
CA ILE X 115 124.14 41.35 -6.23
C ILE X 115 123.32 42.50 -6.82
N ASN X 116 123.76 43.72 -6.55
CA ASN X 116 123.07 44.89 -7.09
C ASN X 116 123.26 44.93 -8.60
N LYS X 117 124.46 44.60 -9.05
CA LYS X 117 124.77 44.61 -10.47
C LYS X 117 124.03 43.55 -11.29
N PHE X 118 124.03 42.32 -10.80
CA PHE X 118 123.39 41.21 -11.52
C PHE X 118 121.91 41.01 -11.24
N PHE X 119 121.46 41.41 -10.05
CA PHE X 119 120.06 41.24 -9.66
C PHE X 119 119.28 42.56 -9.51
N GLY X 120 119.98 43.68 -9.61
CA GLY X 120 119.33 44.97 -9.50
C GLY X 120 119.13 45.45 -8.08
N SER X 121 119.21 44.51 -7.13
CA SER X 121 119.05 44.83 -5.72
C SER X 121 119.01 43.55 -4.90
N PHE X 122 119.07 43.70 -3.58
CA PHE X 122 119.03 42.57 -2.69
C PHE X 122 117.62 41.99 -2.76
N GLU X 123 116.64 42.89 -2.80
CA GLU X 123 115.24 42.51 -2.86
C GLU X 123 114.97 41.50 -3.98
N LYS X 124 115.31 41.87 -5.22
CA LYS X 124 115.10 40.99 -6.36
C LYS X 124 115.90 39.68 -6.21
N PHE X 125 117.16 39.79 -5.77
CA PHE X 125 118.00 38.62 -5.57
C PHE X 125 117.32 37.65 -4.60
N LYS X 126 116.78 38.22 -3.53
CA LYS X 126 116.12 37.43 -2.49
C LYS X 126 114.92 36.70 -3.08
N GLU X 127 114.26 37.34 -4.05
CA GLU X 127 113.10 36.78 -4.71
C GLU X 127 113.48 35.59 -5.59
N GLU X 128 114.45 35.80 -6.47
CA GLU X 128 114.90 34.74 -7.37
C GLU X 128 115.48 33.58 -6.58
N PHE X 129 116.30 33.88 -5.58
CA PHE X 129 116.90 32.83 -4.78
C PHE X 129 115.83 32.07 -4.00
N SER X 130 114.84 32.81 -3.49
CA SER X 130 113.74 32.19 -2.73
C SER X 130 112.94 31.26 -3.63
N GLN X 131 112.58 31.76 -4.79
CA GLN X 131 111.83 31.01 -5.78
C GLN X 131 112.57 29.75 -6.22
N ALA X 132 113.88 29.85 -6.37
CA ALA X 132 114.68 28.70 -6.78
C ALA X 132 114.57 27.64 -5.69
N ALA X 133 114.85 28.03 -4.45
CA ALA X 133 114.80 27.12 -3.31
C ALA X 133 113.39 26.59 -3.07
N LYS X 134 112.39 27.46 -3.23
CA LYS X 134 111.00 27.07 -3.03
C LYS X 134 110.47 26.07 -4.06
N ASN X 135 110.96 26.15 -5.29
CA ASN X 135 110.49 25.26 -6.34
C ASN X 135 111.42 24.11 -6.73
N VAL X 136 112.26 23.68 -5.81
CA VAL X 136 113.14 22.54 -6.07
C VAL X 136 112.20 21.33 -6.08
N GLU X 137 112.28 20.52 -7.13
CA GLU X 137 111.44 19.33 -7.24
C GLU X 137 112.16 18.21 -6.52
N GLY X 138 111.50 17.63 -5.52
CA GLY X 138 112.13 16.60 -4.74
C GLY X 138 113.04 17.31 -3.76
N VAL X 139 114.14 16.68 -3.38
CA VAL X 139 115.06 17.30 -2.45
C VAL X 139 116.20 17.95 -3.22
N GLY X 140 116.99 18.76 -2.54
CA GLY X 140 118.11 19.41 -3.19
C GLY X 140 118.53 20.71 -2.53
N TRP X 141 119.09 21.62 -3.32
CA TRP X 141 119.56 22.91 -2.82
C TRP X 141 119.29 24.07 -3.77
N ALA X 142 119.55 25.26 -3.25
CA ALA X 142 119.45 26.50 -4.00
C ALA X 142 120.84 27.03 -3.63
N ILE X 143 121.62 27.44 -4.62
CA ILE X 143 122.94 27.96 -4.32
C ILE X 143 123.25 29.21 -5.15
N LEU X 144 124.15 30.02 -4.61
CA LEU X 144 124.58 31.21 -5.32
C LEU X 144 126.02 30.88 -5.68
N VAL X 145 126.34 30.97 -6.95
CA VAL X 145 127.69 30.67 -7.38
C VAL X 145 128.29 31.81 -8.16
N TYR X 146 129.61 31.83 -8.18
CA TYR X 146 130.33 32.82 -8.96
C TYR X 146 130.76 31.97 -10.15
N GLU X 147 130.30 32.36 -11.33
CA GLU X 147 130.60 31.64 -12.56
C GLU X 147 131.86 32.26 -13.16
N PRO X 148 133.02 31.59 -12.99
CA PRO X 148 134.33 32.03 -13.49
C PRO X 148 134.51 32.33 -14.98
N LEU X 149 133.94 31.51 -15.84
CA LEU X 149 134.10 31.72 -17.28
C LEU X 149 133.77 33.15 -17.70
N GLU X 150 132.51 33.58 -17.54
CA GLU X 150 132.15 34.94 -17.91
C GLU X 150 132.01 35.84 -16.68
N GLU X 151 132.59 35.39 -15.57
CA GLU X 151 132.62 36.13 -14.31
C GLU X 151 131.33 36.80 -13.87
N GLN X 152 130.41 36.02 -13.35
CA GLN X 152 129.15 36.59 -12.90
C GLN X 152 128.51 35.72 -11.85
N LEU X 153 127.57 36.30 -11.12
CA LEU X 153 126.86 35.58 -10.09
C LEU X 153 125.67 34.91 -10.77
N LEU X 154 125.40 33.67 -10.37
CA LEU X 154 124.27 32.91 -10.91
C LEU X 154 123.61 32.13 -9.77
N ILE X 155 122.30 31.98 -9.85
CA ILE X 155 121.56 31.21 -8.86
C ILE X 155 121.27 29.88 -9.57
N LEU X 156 121.53 28.77 -8.88
CA LEU X 156 121.30 27.46 -9.47
C LEU X 156 120.49 26.54 -8.57
N GLN X 157 119.63 25.74 -9.20
CA GLN X 157 118.85 24.76 -8.47
C GLN X 157 119.63 23.45 -8.56
N ILE X 158 119.81 22.80 -7.41
CA ILE X 158 120.52 21.54 -7.32
C ILE X 158 119.53 20.47 -6.86
N GLU X 159 119.49 19.33 -7.54
CA GLU X 159 118.62 18.24 -7.12
C GLU X 159 119.55 17.23 -6.43
N LYS X 160 119.05 16.61 -5.36
CA LYS X 160 119.87 15.70 -4.55
C LYS X 160 121.03 16.59 -4.03
N HIS X 161 122.28 16.23 -4.33
CA HIS X 161 123.43 17.05 -3.93
C HIS X 161 124.35 17.30 -5.11
N ASN X 162 124.23 16.42 -6.11
CA ASN X 162 125.12 16.42 -7.27
C ASN X 162 124.52 16.66 -8.65
N LEU X 163 123.26 17.02 -8.74
CA LEU X 163 122.65 17.25 -10.03
C LEU X 163 122.51 18.73 -10.38
N MSE X 164 123.14 19.11 -11.49
CA MSE X 164 123.11 20.47 -12.03
C MSE X 164 124.14 21.50 -11.58
O MSE X 164 123.97 22.70 -11.84
CB MSE X 164 121.70 21.03 -11.92
CG MSE X 164 120.70 20.15 -12.66
SE MSE X 164 119.01 21.01 -12.84
CE MSE X 164 118.30 20.68 -11.05
N HIS X 165 125.19 21.08 -10.90
CA HIS X 165 126.24 22.02 -10.52
C HIS X 165 126.87 22.53 -11.83
N ALA X 166 127.47 23.72 -11.79
CA ALA X 166 128.13 24.28 -12.96
C ALA X 166 129.61 23.95 -12.83
N ALA X 167 130.17 23.27 -13.83
CA ALA X 167 131.58 22.89 -13.79
C ALA X 167 132.48 24.09 -13.47
N ASP X 168 133.40 23.90 -12.52
CA ASP X 168 134.37 24.94 -12.12
C ASP X 168 133.83 26.12 -11.30
N ALA X 169 132.50 26.24 -11.21
CA ALA X 169 131.89 27.36 -10.48
C ALA X 169 132.18 27.29 -8.99
N GLN X 170 132.18 28.45 -8.35
CA GLN X 170 132.43 28.53 -6.91
C GLN X 170 131.15 28.82 -6.13
N VAL X 171 130.87 27.96 -5.15
CA VAL X 171 129.68 28.06 -4.31
C VAL X 171 129.90 29.11 -3.23
N LEU X 172 129.06 30.14 -3.24
CA LEU X 172 129.17 31.23 -2.27
C LEU X 172 128.14 31.12 -1.15
N LEU X 173 126.90 30.78 -1.52
CA LEU X 173 125.79 30.62 -0.57
C LEU X 173 124.96 29.40 -0.95
N ALA X 174 124.65 28.54 0.02
CA ALA X 174 123.89 27.33 -0.25
C ALA X 174 122.77 27.05 0.76
N LEU X 175 121.54 26.94 0.25
CA LEU X 175 120.37 26.65 1.09
C LEU X 175 119.93 25.18 0.90
N ASP X 176 119.93 24.40 1.97
CA ASP X 176 119.55 23.00 1.92
C ASP X 176 118.03 22.84 2.02
N VAL X 177 117.40 22.33 0.96
CA VAL X 177 115.95 22.11 0.98
C VAL X 177 115.55 20.64 1.02
N TRP X 178 116.43 19.77 1.52
CA TRP X 178 116.09 18.37 1.70
C TRP X 178 115.12 18.44 2.89
N GLU X 179 114.13 17.56 2.94
CA GLU X 179 113.19 17.61 4.06
C GLU X 179 113.82 17.43 5.45
N HIS X 180 114.91 16.67 5.55
CA HIS X 180 115.56 16.45 6.85
C HIS X 180 116.25 17.71 7.40
N ALA X 181 116.04 18.83 6.72
CA ALA X 181 116.64 20.10 7.13
C ALA X 181 115.56 21.08 7.61
N TYR X 182 114.30 20.64 7.59
CA TYR X 182 113.22 21.53 8.01
C TYR X 182 111.90 20.88 8.43
N TYR X 183 111.70 19.61 8.07
CA TYR X 183 110.44 18.91 8.39
C TYR X 183 110.05 18.88 9.87
N LEU X 184 110.93 18.37 10.73
CA LEU X 184 110.67 18.27 12.16
C LEU X 184 110.08 19.54 12.76
N GLN X 185 110.39 20.67 12.15
CA GLN X 185 109.91 21.95 12.65
C GLN X 185 108.81 22.56 11.80
N TYR X 186 109.04 22.62 10.49
CA TYR X 186 108.09 23.23 9.56
C TYR X 186 107.20 22.25 8.82
N LYS X 187 107.36 20.96 9.07
CA LYS X 187 106.56 19.96 8.37
C LYS X 187 106.66 20.17 6.86
N ASN X 188 105.51 20.19 6.18
CA ASN X 188 105.49 20.37 4.73
C ASN X 188 105.74 21.81 4.29
N ASP X 189 105.65 22.74 5.23
CA ASP X 189 105.84 24.14 4.91
C ASP X 189 107.29 24.50 4.62
N ARG X 190 107.74 24.17 3.41
CA ARG X 190 109.13 24.48 3.04
C ARG X 190 109.27 26.00 2.92
N GLY X 191 108.17 26.66 2.54
CA GLY X 191 108.19 28.11 2.36
C GLY X 191 108.68 28.90 3.56
N SER X 192 108.04 28.67 4.71
CA SER X 192 108.41 29.38 5.93
C SER X 192 109.86 29.14 6.31
N TYR X 193 110.35 27.92 6.10
CA TYR X 193 111.74 27.58 6.41
C TYR X 193 112.70 28.45 5.58
N VAL X 194 112.42 28.57 4.28
CA VAL X 194 113.24 29.37 3.37
C VAL X 194 113.15 30.87 3.69
N ASP X 195 111.93 31.33 3.99
CA ASP X 195 111.73 32.73 4.33
C ASP X 195 112.53 33.04 5.60
N ASN X 196 112.41 32.17 6.61
CA ASN X 196 113.11 32.34 7.89
C ASN X 196 114.62 32.25 7.77
N TRP X 197 115.08 31.34 6.92
CA TRP X 197 116.50 31.10 6.71
C TRP X 197 117.35 32.38 6.58
N TRP X 198 116.87 33.34 5.81
CA TRP X 198 117.59 34.59 5.60
C TRP X 198 118.10 35.21 6.91
N ASN X 199 117.31 35.07 7.97
CA ASN X 199 117.62 35.62 9.27
C ASN X 199 118.88 35.03 9.91
N VAL X 200 119.45 34.01 9.30
CA VAL X 200 120.65 33.40 9.85
C VAL X 200 121.78 33.33 8.84
N VAL X 201 121.60 33.96 7.69
CA VAL X 201 122.63 33.97 6.65
C VAL X 201 123.84 34.79 7.13
N ASN X 202 125.02 34.17 7.06
CA ASN X 202 126.26 34.82 7.47
C ASN X 202 126.87 35.51 6.24
N TRP X 203 126.34 36.68 5.91
CA TRP X 203 126.83 37.41 4.76
C TRP X 203 128.33 37.71 4.76
N ASP X 204 128.96 37.61 5.93
CA ASP X 204 130.38 37.88 6.02
C ASP X 204 131.14 36.69 5.43
N ASP X 205 130.56 35.50 5.60
CA ASP X 205 131.17 34.28 5.08
C ASP X 205 131.00 34.32 3.57
N VAL X 206 129.78 34.62 3.13
CA VAL X 206 129.47 34.71 1.71
C VAL X 206 130.47 35.65 1.03
N GLU X 207 130.74 36.78 1.69
CA GLU X 207 131.68 37.77 1.18
C GLU X 207 133.08 37.19 1.08
N ARG X 208 133.53 36.49 2.12
CA ARG X 208 134.86 35.88 2.08
C ARG X 208 135.01 34.95 0.89
N ARG X 209 134.02 34.08 0.67
CA ARG X 209 134.06 33.14 -0.45
C ARG X 209 134.04 33.89 -1.78
N LEU X 210 133.22 34.94 -1.86
CA LEU X 210 133.13 35.73 -3.08
C LEU X 210 134.47 36.38 -3.43
N GLN X 211 135.19 36.83 -2.40
CA GLN X 211 136.49 37.44 -2.63
C GLN X 211 137.48 36.46 -3.23
N LYS X 212 137.56 35.27 -2.64
CA LYS X 212 138.47 34.27 -3.14
C LYS X 212 138.15 33.96 -4.60
N ALA X 213 136.86 33.84 -4.90
CA ALA X 213 136.41 33.57 -6.27
C ALA X 213 136.87 34.71 -7.18
N LEU X 214 136.72 35.95 -6.72
CA LEU X 214 137.14 37.11 -7.50
C LEU X 214 138.66 37.09 -7.72
N ASN X 215 139.39 36.43 -6.82
CA ASN X 215 140.85 36.33 -6.92
C ASN X 215 141.28 35.22 -7.87
N GLY X 216 140.30 34.48 -8.39
CA GLY X 216 140.59 33.36 -9.26
C GLY X 216 140.91 32.17 -8.37
N GLN X 217 140.46 32.23 -7.12
CA GLN X 217 140.71 31.18 -6.14
C GLN X 217 139.44 30.36 -5.82
N ILE X 218 139.66 29.20 -5.20
CA ILE X 218 138.57 28.31 -4.78
C ILE X 218 138.02 28.83 -3.46
N ALA X 219 136.70 28.98 -3.41
CA ALA X 219 136.02 29.50 -2.21
C ALA X 219 135.92 28.46 -1.10
N LEU X 220 137.05 27.88 -0.73
CA LEU X 220 137.11 26.85 0.31
C LEU X 220 138.39 27.01 1.14
N LYS X 221 138.43 26.33 2.28
CA LYS X 221 139.57 26.42 3.19
C LYS X 221 140.00 27.88 3.27
N LEU X 222 139.02 28.73 3.55
CA LEU X 222 139.22 30.19 3.65
C LEU X 222 140.49 30.60 4.41
C ACT Y . -142.28 -0.21 19.53
O ACT Y . -142.74 -0.68 20.67
OXT ACT Y . -142.08 1.02 19.26
CH3 ACT Y . -141.94 -1.13 18.40
C1 BME Z . -121.85 -23.56 21.68
C2 BME Z . -121.48 -22.85 20.39
O1 BME Z . -121.14 -23.45 22.69
S2 BME Z . -122.78 -21.82 19.67
C ACT AA . -112.10 -25.93 -9.02
O ACT AA . -111.12 -25.36 -9.70
OXT ACT AA . -112.17 -27.17 -8.69
CH3 ACT AA . -113.28 -25.15 -8.54
C1 BME BA . -111.67 -1.38 8.82
C2 BME BA . -112.98 -2.12 9.14
O1 BME BA . -110.86 -1.09 9.70
S2 BME BA . -113.45 -3.41 7.97
C ACT CA . -79.28 0.02 13.51
O ACT CA . -79.36 -1.15 14.09
OXT ACT CA . -80.25 0.67 12.99
CH3 ACT CA . -77.97 0.74 13.38
C ACT DA . -48.29 30.51 46.25
O ACT DA . -47.35 29.58 46.19
OXT ACT DA . -48.10 31.77 46.12
CH3 ACT DA . -49.72 30.17 46.50
C1 BME EA . -57.55 6.37 28.93
C2 BME EA . -58.92 6.45 29.60
O1 BME EA . -57.13 5.32 28.45
S2 BME EA . -59.09 7.74 30.85
C ACT FA . -90.07 7.08 34.39
O ACT FA . -90.56 6.11 33.65
OXT ACT FA . -89.08 6.97 35.19
CH3 ACT FA . -90.66 8.46 34.39
C1 BME GA . -71.74 28.04 23.42
C2 BME GA . -71.28 27.99 24.88
O1 BME GA . -71.84 29.11 22.81
S2 BME GA . -72.45 27.29 26.08
C1 BME HA . -30.18 -25.00 -0.41
C2 BME HA . -30.03 -24.85 -1.92
O1 BME HA . -29.55 -25.86 0.22
S2 BME HA . -31.25 -23.79 -2.72
C ACT IA . -50.05 -2.11 -2.66
O ACT IA . -50.44 -2.69 -1.56
OXT ACT IA . -49.98 -0.83 -2.87
CH3 ACT IA . -49.60 -2.90 -3.85
C1 BME JA . -19.45 -4.35 -12.05
C2 BME JA . -20.88 -4.69 -12.47
O1 BME JA . -19.20 -3.34 -11.38
S2 BME JA . -21.07 -5.44 -14.10
C ACT KA . -18.34 -27.33 -30.86
O ACT KA . -17.51 -26.46 -31.38
OXT ACT KA . -18.14 -28.59 -30.75
CH3 ACT KA . -19.67 -26.90 -30.33
C ACT LA . 47.76 30.43 0.62
O ACT LA . 46.88 31.39 0.44
OXT ACT LA . 48.69 30.41 1.49
CH3 ACT LA . 47.74 29.20 -0.23
C ACT MA . 2.28 4.09 14.31
O ACT MA . 1.44 4.99 13.86
OXT ACT MA . 2.18 2.82 14.20
CH3 ACT MA . 3.52 4.51 15.05
C1 BME NA . 20.60 25.57 2.19
C2 BME NA . 21.45 25.39 3.43
O1 BME NA . 20.54 26.65 1.61
S2 BME NA . 20.71 24.40 4.73
C ACT OA . 13.09 -2.82 -7.56
O ACT OA . 12.72 -3.80 -6.75
OXT ACT OA . 13.94 -1.90 -7.28
CH3 ACT OA . 12.55 -2.70 -8.95
C ACT PA . 44.76 26.54 24.65
O ACT PA . 43.73 25.75 24.58
OXT ACT PA . 44.73 27.82 24.62
CH3 ACT PA . 46.15 26.00 24.77
C1 BME QA . 34.64 3.09 7.90
C2 BME QA . 33.25 3.10 8.55
O1 BME QA . 35.10 2.07 7.40
S2 BME QA . 32.99 4.37 9.79
C ACT RA . 60.26 0.75 -9.49
O ACT RA . 60.52 1.87 -10.14
OXT ACT RA . 59.10 0.23 -9.33
CH3 ACT RA . 61.34 -0.06 -8.84
C1 BME SA . 72.34 -6.75 -33.28
C2 BME SA . 71.08 -7.58 -33.11
O1 BME SA . 72.98 -6.32 -32.31
S2 BME SA . 70.69 -8.74 -34.45
C ACT TA . 73.59 -30.99 -51.43
O ACT TA . 74.43 -30.20 -52.06
OXT ACT TA . 73.75 -32.24 -51.20
CH3 ACT TA . 72.29 -30.46 -50.89
C ACT UA . 86.56 -34.26 -30.79
O ACT UA . 86.12 -33.24 -30.07
OXT ACT UA . 87.30 -34.20 -31.83
CH3 ACT UA . 86.20 -35.66 -30.41
C ACT VA . 41.42 -6.66 -24.06
O ACT VA . 40.81 -7.67 -23.48
OXT ACT VA . 41.54 -5.48 -23.58
CH3 ACT VA . 42.06 -6.80 -25.41
C1 BME WA . 61.92 -28.55 -21.05
C2 BME WA . 62.22 -28.05 -22.46
O1 BME WA . 62.81 -28.87 -20.28
S2 BME WA . 60.85 -27.19 -23.30
C ACT XA . 138.92 28.41 -20.76
O ACT XA . 139.90 27.67 -20.30
OXT ACT XA . 138.39 28.35 -21.93
CH3 ACT XA . 138.29 29.47 -19.90
C ACT YA . 93.44 2.36 -7.76
O ACT YA . 92.68 3.12 -8.51
OXT ACT YA . 93.44 1.07 -7.74
CH3 ACT YA . 94.42 2.96 -6.79
C1 BME ZA . 112.38 22.36 -18.45
C2 BME ZA . 112.52 22.24 -16.93
O1 BME ZA . 112.89 23.30 -19.08
S2 BME ZA . 111.01 21.88 -16.00
C ACT AB . 104.25 -5.66 -28.01
O ACT AB . 104.68 -6.74 -27.39
OXT ACT AB . 103.04 -5.18 -27.94
CH3 ACT AB . 105.16 -4.85 -28.89
C ACT BB . 135.34 25.48 3.57
O ACT BB . 135.50 26.75 3.24
OXT ACT BB . 136.28 24.65 3.86
CH3 ACT BB . 133.98 24.86 3.60
C1 BME CB . 125.90 1.33 -12.56
C2 BME CB . 124.47 1.46 -12.04
O1 BME CB . 126.30 0.29 -13.09
S2 BME CB . 124.25 2.71 -10.76
#